data_7ZB2
#
_entry.id   7ZB2
#
_cell.length_a   69.860
_cell.length_b   113.430
_cell.length_c   186.320
_cell.angle_alpha   83.970
_cell.angle_beta   82.090
_cell.angle_gamma   76.930
#
_symmetry.space_group_name_H-M   'P 1'
#
loop_
_entity.id
_entity.type
_entity.pdbx_description
1 polymer 'OphP S580A'
2 non-polymer 'SODIUM ION'
3 non-polymer GLYCEROL
4 non-polymer 'MAGNESIUM ION'
5 non-polymer THREONINE
6 non-polymer 1,2-ETHANEDIOL
7 non-polymer 2-AMINO-2-HYDROXYMETHYL-PROPANE-1,3-DIOL
8 non-polymer 2-[3-(2-HYDROXY-1,1-DIHYDROXYMETHYL-ETHYLAMINO)-PROPYLAMINO]-2-HYDROXYMETHYL-PROPANE-1,3-DIOL
9 water water
#
_entity_poly.entity_id   1
_entity_poly.type   'polypeptide(L)'
_entity_poly.pdbx_seq_one_letter_code
;MSFPGWGPYPPVERDETSAITYSSKLHGSVTVRDPYSQLEVPFEDSEETKAFVHSQRKFARTYLDENPDREAWLETLKKS
WNYRRFSALKPESDGHYYFEYNDGLQSQLSLYRVRMGEEDTVLTESGPGGELFFNPNLLSLDGNAALTGFVMSPCGNYWA
YGVSEHGSDWMSIYVRKTSSPHLPSQERGKDPGRMNDKIRHVRFFIVSWTSDSKGFFYSRYPPEDDEGKGNAPAMNCMVY
YHRIGEDQESDVLVHEDPEHPFWISSVQLTPSGRYILFAASRDASHTQLVKIADLHENDIGTNMKWKNLHDPWEARFTIV
GDEGSKIYFMTNLKAKNYKVATFDANHPDEGLTTLIAEDPNAFLVSASIHAQDKLLLVYLRNASHEIHIRDLTTGKPLGR
IFEDLLGQFMVSGRRQDNDIFVLFSSFLSPGTVYRYTFGEEKGYRSLFRAISIPGLNLDDFMTESVFYPSKDGTSVHMFI
TRPKDVLLDGTSPVLQYGYGGFSLAMLPTFSLSTLLFCKIYRAIYAIPNIRGGSEYGESWHREGMLDKKQNVFDDFNAAT
EWLIANKYASKDRIAIRGGANGGVLTTACANQAPGLYRCVITIEGIIDMLRFPKFTFGASWRSEYGDPEDPEDFDFIFKY
SPYHNIPPPGDTVMPAMLFFTAAYDDRVSPLHTFKHVAALQHNFPKGPNPCLMRIDLNSGHFAGKSTQEMLEETADEYSF
IGKSMGLTMQTQGSVDSSRWSCVTV
;
_entity_poly.pdbx_strand_id   AAA,BBB,CCC,DDD,EEE,FFF,GGG,HHH
#
loop_
_chem_comp.id
_chem_comp.type
_chem_comp.name
_chem_comp.formula
B3P non-polymer 2-[3-(2-HYDROXY-1,1-DIHYDROXYMETHYL-ETHYLAMINO)-PROPYLAMINO]-2-HYDROXYMETHYL-PROPANE-1,3-DIOL 'C11 H26 N2 O6'
EDO non-polymer 1,2-ETHANEDIOL 'C2 H6 O2'
GOL non-polymer GLYCEROL 'C3 H8 O3'
MG non-polymer 'MAGNESIUM ION' 'Mg 2'
NA non-polymer 'SODIUM ION' 'Na 1'
TRS non-polymer 2-AMINO-2-HYDROXYMETHYL-PROPANE-1,3-DIOL 'C4 H12 N O3 1'
#
# COMPACT_ATOMS: atom_id res chain seq x y z
N SER A 2 -20.09 16.61 -76.03
CA SER A 2 -19.11 17.00 -77.09
C SER A 2 -18.41 15.72 -77.60
N PHE A 3 -18.40 15.49 -78.92
CA PHE A 3 -17.88 14.25 -79.57
C PHE A 3 -16.48 14.52 -80.12
N PRO A 4 -15.43 13.76 -79.72
CA PRO A 4 -14.08 14.02 -80.22
C PRO A 4 -13.89 13.58 -81.68
N GLY A 5 -13.08 14.32 -82.44
CA GLY A 5 -12.80 14.11 -83.87
C GLY A 5 -12.19 12.75 -84.18
N TRP A 6 -11.57 12.08 -83.20
CA TRP A 6 -10.90 10.75 -83.38
C TRP A 6 -11.92 9.60 -83.27
N GLY A 7 -13.09 9.84 -82.68
CA GLY A 7 -14.16 8.84 -82.51
C GLY A 7 -14.97 8.65 -83.80
N PRO A 8 -15.95 7.73 -83.83
CA PRO A 8 -16.23 6.83 -82.72
C PRO A 8 -15.31 5.61 -82.68
N TYR A 9 -15.31 4.90 -81.55
CA TYR A 9 -14.59 3.62 -81.36
C TYR A 9 -15.13 2.60 -82.34
N PRO A 10 -14.31 1.62 -82.79
CA PRO A 10 -14.83 0.49 -83.55
C PRO A 10 -15.84 -0.28 -82.69
N PRO A 11 -16.90 -0.85 -83.31
CA PRO A 11 -17.91 -1.57 -82.54
C PRO A 11 -17.34 -2.91 -82.04
N VAL A 12 -17.78 -3.34 -80.86
CA VAL A 12 -17.43 -4.64 -80.23
C VAL A 12 -18.73 -5.30 -79.79
N GLU A 13 -18.99 -6.49 -80.31
CA GLU A 13 -20.18 -7.32 -79.97
C GLU A 13 -20.16 -7.58 -78.46
N ARG A 14 -21.32 -7.49 -77.82
CA ARG A 14 -21.51 -7.83 -76.39
C ARG A 14 -22.35 -9.10 -76.31
N ASP A 15 -22.06 -9.96 -75.35
CA ASP A 15 -22.95 -11.07 -74.91
C ASP A 15 -23.56 -10.65 -73.56
N GLU A 16 -24.79 -10.13 -73.58
CA GLU A 16 -25.47 -9.57 -72.38
C GLU A 16 -25.85 -10.69 -71.41
N THR A 17 -25.88 -11.95 -71.86
CA THR A 17 -26.31 -13.12 -71.05
C THR A 17 -25.09 -13.78 -70.35
N SER A 18 -23.87 -13.53 -70.81
CA SER A 18 -22.65 -14.22 -70.30
C SER A 18 -22.37 -13.81 -68.84
N ALA A 19 -22.39 -14.77 -67.91
CA ALA A 19 -22.09 -14.56 -66.49
C ALA A 19 -21.55 -15.84 -65.86
N ILE A 20 -20.74 -15.68 -64.81
CA ILE A 20 -20.21 -16.77 -63.95
C ILE A 20 -20.57 -16.39 -62.51
N THR A 21 -21.02 -17.36 -61.72
CA THR A 21 -21.29 -17.17 -60.27
C THR A 21 -20.07 -17.69 -59.50
N TYR A 22 -19.60 -16.90 -58.54
CA TYR A 22 -18.40 -17.17 -57.70
C TYR A 22 -18.88 -17.28 -56.25
N SER A 23 -18.35 -18.24 -55.52
CA SER A 23 -18.58 -18.34 -54.06
C SER A 23 -17.91 -17.10 -53.42
N SER A 24 -18.52 -16.57 -52.36
CA SER A 24 -18.07 -15.35 -51.65
C SER A 24 -18.32 -15.54 -50.15
N LYS A 25 -17.29 -15.32 -49.34
CA LYS A 25 -17.39 -15.43 -47.85
C LYS A 25 -18.39 -14.40 -47.33
N LEU A 26 -18.37 -13.18 -47.86
CA LEU A 26 -19.16 -12.04 -47.33
C LEU A 26 -20.61 -12.10 -47.86
N HIS A 27 -20.83 -12.54 -49.10
CA HIS A 27 -22.11 -12.43 -49.83
C HIS A 27 -22.73 -13.81 -50.12
N GLY A 28 -22.05 -14.90 -49.79
CA GLY A 28 -22.47 -16.27 -50.15
C GLY A 28 -22.12 -16.59 -51.60
N SER A 29 -22.73 -15.89 -52.55
CA SER A 29 -22.45 -16.00 -54.00
C SER A 29 -22.50 -14.60 -54.63
N VAL A 30 -21.70 -14.39 -55.68
CA VAL A 30 -21.71 -13.14 -56.50
C VAL A 30 -21.71 -13.56 -57.97
N THR A 31 -22.68 -13.07 -58.73
CA THR A 31 -22.80 -13.32 -60.19
C THR A 31 -22.09 -12.16 -60.88
N VAL A 32 -21.11 -12.49 -61.72
CA VAL A 32 -20.26 -11.50 -62.44
C VAL A 32 -20.62 -11.62 -63.92
N ARG A 33 -21.13 -10.55 -64.51
CA ARG A 33 -21.44 -10.47 -65.96
C ARG A 33 -20.09 -10.27 -66.68
N ASP A 34 -19.87 -10.96 -67.78
CA ASP A 34 -18.72 -10.70 -68.67
C ASP A 34 -19.23 -10.58 -70.10
N PRO A 35 -19.69 -9.38 -70.51
CA PRO A 35 -20.19 -9.19 -71.88
C PRO A 35 -19.16 -9.44 -73.00
N TYR A 36 -17.87 -9.53 -72.68
CA TYR A 36 -16.78 -9.68 -73.68
C TYR A 36 -16.10 -11.05 -73.56
N SER A 37 -16.78 -12.04 -72.96
CA SER A 37 -16.25 -13.41 -72.75
C SER A 37 -15.86 -14.06 -74.09
N GLN A 38 -16.49 -13.71 -75.21
CA GLN A 38 -16.13 -14.28 -76.54
C GLN A 38 -14.67 -13.96 -76.89
N LEU A 39 -14.15 -12.83 -76.39
CA LEU A 39 -12.77 -12.39 -76.70
C LEU A 39 -11.73 -13.24 -75.95
N GLU A 40 -12.17 -14.19 -75.10
CA GLU A 40 -11.33 -15.24 -74.47
C GLU A 40 -10.95 -16.30 -75.51
N VAL A 41 -11.67 -16.38 -76.64
CA VAL A 41 -11.34 -17.36 -77.72
C VAL A 41 -10.19 -16.79 -78.53
N PRO A 42 -9.09 -17.56 -78.73
CA PRO A 42 -7.92 -17.06 -79.45
C PRO A 42 -8.18 -16.53 -80.86
N PHE A 43 -7.38 -15.55 -81.27
CA PHE A 43 -7.38 -14.88 -82.61
C PHE A 43 -7.55 -15.94 -83.72
N GLU A 44 -6.74 -17.00 -83.70
CA GLU A 44 -6.66 -18.03 -84.78
C GLU A 44 -7.94 -18.88 -84.83
N ASP A 45 -8.78 -18.89 -83.79
CA ASP A 45 -9.94 -19.80 -83.62
C ASP A 45 -11.28 -19.07 -83.75
N SER A 46 -11.33 -17.74 -83.67
CA SER A 46 -12.60 -16.96 -83.68
C SER A 46 -12.52 -15.84 -84.72
N GLU A 47 -13.48 -15.80 -85.64
CA GLU A 47 -13.66 -14.70 -86.63
C GLU A 47 -14.02 -13.42 -85.86
N GLU A 48 -14.72 -13.56 -84.72
CA GLU A 48 -15.12 -12.42 -83.85
C GLU A 48 -13.86 -11.81 -83.22
N THR A 49 -12.98 -12.63 -82.67
CA THR A 49 -11.70 -12.16 -82.08
C THR A 49 -10.87 -11.52 -83.21
N LYS A 50 -10.80 -12.15 -84.38
CA LYS A 50 -10.10 -11.62 -85.58
C LYS A 50 -10.62 -10.21 -85.92
N ALA A 51 -11.93 -10.04 -86.06
CA ALA A 51 -12.58 -8.76 -86.43
C ALA A 51 -12.26 -7.69 -85.36
N PHE A 52 -12.27 -8.06 -84.07
CA PHE A 52 -11.94 -7.17 -82.94
C PHE A 52 -10.50 -6.69 -83.09
N VAL A 53 -9.54 -7.63 -83.23
CA VAL A 53 -8.09 -7.33 -83.32
C VAL A 53 -7.83 -6.42 -84.52
N HIS A 54 -8.32 -6.77 -85.71
CA HIS A 54 -8.07 -6.02 -86.97
C HIS A 54 -8.64 -4.59 -86.85
N SER A 55 -9.89 -4.44 -86.39
CA SER A 55 -10.56 -3.12 -86.26
C SER A 55 -9.85 -2.26 -85.20
N GLN A 56 -9.54 -2.85 -84.03
CA GLN A 56 -8.86 -2.11 -82.94
C GLN A 56 -7.45 -1.71 -83.39
N ARG A 57 -6.74 -2.61 -84.06
N ARG A 57 -6.74 -2.61 -84.06
CA ARG A 57 -5.35 -2.38 -84.55
CA ARG A 57 -5.35 -2.38 -84.55
C ARG A 57 -5.35 -1.21 -85.54
C ARG A 57 -5.35 -1.21 -85.54
N LYS A 58 -6.28 -1.21 -86.50
CA LYS A 58 -6.38 -0.18 -87.57
C LYS A 58 -6.71 1.19 -86.93
N PHE A 59 -7.61 1.17 -85.94
CA PHE A 59 -8.06 2.40 -85.23
C PHE A 59 -6.90 3.04 -84.46
N ALA A 60 -6.16 2.23 -83.71
CA ALA A 60 -4.97 2.68 -82.94
C ALA A 60 -3.92 3.26 -83.90
N ARG A 61 -3.61 2.53 -84.98
CA ARG A 61 -2.54 2.90 -85.96
C ARG A 61 -2.89 4.27 -86.57
N THR A 62 -4.16 4.49 -86.93
CA THR A 62 -4.63 5.76 -87.54
C THR A 62 -4.33 6.91 -86.56
N TYR A 63 -4.72 6.77 -85.29
CA TYR A 63 -4.50 7.82 -84.26
C TYR A 63 -3.00 8.06 -84.05
N LEU A 64 -2.23 6.99 -83.83
CA LEU A 64 -0.76 7.07 -83.53
C LEU A 64 -0.01 7.71 -84.71
N ASP A 65 -0.34 7.29 -85.94
CA ASP A 65 0.36 7.73 -87.18
C ASP A 65 -0.06 9.14 -87.59
N GLU A 66 -1.22 9.63 -87.13
CA GLU A 66 -1.68 11.01 -87.43
C GLU A 66 -0.76 12.02 -86.73
N ASN A 67 -0.12 11.62 -85.62
CA ASN A 67 0.79 12.48 -84.82
C ASN A 67 2.16 12.53 -85.48
N PRO A 68 2.64 13.70 -85.96
CA PRO A 68 3.95 13.78 -86.62
C PRO A 68 5.11 13.45 -85.67
N ASP A 69 4.90 13.60 -84.35
CA ASP A 69 5.91 13.28 -83.30
C ASP A 69 6.18 11.78 -83.27
N ARG A 70 5.33 10.96 -83.87
CA ARG A 70 5.55 9.49 -83.93
C ARG A 70 6.80 9.22 -84.78
N GLU A 71 6.83 9.71 -86.02
CA GLU A 71 8.00 9.58 -86.94
C GLU A 71 9.21 10.31 -86.36
N ALA A 72 9.02 11.48 -85.74
CA ALA A 72 10.11 12.25 -85.09
C ALA A 72 10.74 11.38 -84.00
N TRP A 73 9.93 10.71 -83.18
CA TRP A 73 10.44 9.82 -82.10
C TRP A 73 11.17 8.62 -82.72
N LEU A 74 10.62 8.01 -83.78
CA LEU A 74 11.22 6.81 -84.40
C LEU A 74 12.62 7.16 -84.92
N GLU A 75 12.76 8.31 -85.58
CA GLU A 75 14.04 8.79 -86.16
C GLU A 75 15.04 9.06 -85.03
N THR A 76 14.64 9.82 -84.00
CA THR A 76 15.48 10.11 -82.80
C THR A 76 15.96 8.79 -82.18
N LEU A 77 15.06 7.82 -81.99
CA LEU A 77 15.39 6.52 -81.35
C LEU A 77 16.36 5.72 -82.24
N LYS A 78 16.10 5.62 -83.55
CA LYS A 78 16.96 4.88 -84.52
C LYS A 78 18.40 5.42 -84.43
N LYS A 79 18.57 6.73 -84.51
CA LYS A 79 19.90 7.42 -84.51
C LYS A 79 20.65 7.08 -83.22
N SER A 80 19.99 7.24 -82.06
CA SER A 80 20.64 7.12 -80.72
C SER A 80 20.92 5.65 -80.39
N TRP A 81 20.02 4.73 -80.78
CA TRP A 81 20.14 3.28 -80.46
C TRP A 81 21.23 2.62 -81.32
N ASN A 82 21.79 3.30 -82.31
CA ASN A 82 22.86 2.78 -83.18
C ASN A 82 24.21 2.92 -82.44
N TYR A 83 24.37 2.17 -81.35
CA TYR A 83 25.59 2.10 -80.51
C TYR A 83 25.90 0.63 -80.23
N ARG A 84 27.20 0.32 -80.12
CA ARG A 84 27.69 -1.08 -79.93
C ARG A 84 27.33 -1.53 -78.51
N ARG A 85 26.74 -2.71 -78.39
CA ARG A 85 26.34 -3.32 -77.09
C ARG A 85 26.96 -4.72 -76.99
N PHE A 86 27.37 -5.12 -75.79
CA PHE A 86 28.02 -6.44 -75.56
C PHE A 86 27.78 -6.88 -74.11
N SER A 87 27.85 -8.18 -73.88
CA SER A 87 27.88 -8.82 -72.53
C SER A 87 29.32 -8.90 -72.03
N ALA A 88 29.49 -9.28 -70.77
CA ALA A 88 30.76 -9.73 -70.17
C ALA A 88 31.23 -11.00 -70.91
N LEU A 89 32.53 -11.22 -70.99
CA LEU A 89 33.11 -12.47 -71.53
C LEU A 89 32.67 -13.65 -70.66
N LYS A 90 32.24 -14.74 -71.29
CA LYS A 90 31.75 -15.97 -70.61
C LYS A 90 32.69 -17.12 -70.97
N PRO A 91 33.45 -17.68 -70.02
CA PRO A 91 34.40 -18.75 -70.32
C PRO A 91 33.65 -20.08 -70.51
N GLU A 92 33.99 -20.85 -71.54
CA GLU A 92 33.32 -22.14 -71.86
C GLU A 92 34.35 -23.27 -71.92
N SER A 93 33.88 -24.52 -71.93
CA SER A 93 34.71 -25.75 -71.81
C SER A 93 35.55 -26.00 -73.08
N ASP A 94 35.36 -25.24 -74.17
CA ASP A 94 36.21 -25.31 -75.39
C ASP A 94 37.39 -24.33 -75.32
N GLY A 95 37.68 -23.78 -74.14
CA GLY A 95 38.80 -22.83 -73.92
C GLY A 95 38.63 -21.51 -74.66
N HIS A 96 37.37 -21.11 -74.94
CA HIS A 96 37.03 -19.81 -75.56
C HIS A 96 36.15 -19.02 -74.60
N TYR A 97 36.30 -17.69 -74.62
CA TYR A 97 35.31 -16.74 -74.09
C TYR A 97 34.26 -16.52 -75.17
N TYR A 98 32.98 -16.53 -74.78
CA TYR A 98 31.83 -16.17 -75.65
C TYR A 98 31.25 -14.86 -75.12
N PHE A 99 30.80 -14.01 -76.03
CA PHE A 99 30.16 -12.71 -75.66
C PHE A 99 29.07 -12.38 -76.67
N GLU A 100 27.99 -11.79 -76.18
CA GLU A 100 26.90 -11.21 -77.00
C GLU A 100 27.39 -9.88 -77.57
N TYR A 101 27.05 -9.60 -78.83
CA TYR A 101 27.42 -8.34 -79.51
C TYR A 101 26.28 -7.90 -80.44
N ASN A 102 26.02 -6.59 -80.44
CA ASN A 102 25.16 -5.94 -81.44
C ASN A 102 25.87 -4.68 -81.93
N ASP A 103 26.12 -4.58 -83.25
CA ASP A 103 26.74 -3.41 -83.91
C ASP A 103 25.97 -2.13 -83.60
N GLY A 104 24.65 -2.24 -83.42
CA GLY A 104 23.76 -1.10 -83.11
C GLY A 104 22.32 -1.41 -83.43
N LEU A 105 22.02 -1.67 -84.71
CA LEU A 105 20.63 -1.84 -85.21
C LEU A 105 20.43 -3.23 -85.85
N GLN A 106 21.18 -4.24 -85.43
CA GLN A 106 20.85 -5.66 -85.77
C GLN A 106 19.61 -6.04 -84.96
N SER A 107 18.72 -6.85 -85.53
CA SER A 107 17.46 -7.31 -84.88
C SER A 107 17.76 -8.00 -83.54
N GLN A 108 18.76 -8.89 -83.51
CA GLN A 108 19.12 -9.74 -82.36
C GLN A 108 20.61 -9.61 -82.09
N LEU A 109 21.01 -9.83 -80.83
CA LEU A 109 22.43 -10.04 -80.40
C LEU A 109 23.01 -11.23 -81.16
N SER A 110 24.25 -11.13 -81.61
CA SER A 110 25.05 -12.25 -82.15
C SER A 110 25.98 -12.76 -81.05
N LEU A 111 26.38 -14.02 -81.12
CA LEU A 111 27.33 -14.63 -80.17
C LEU A 111 28.68 -14.74 -80.88
N TYR A 112 29.69 -14.06 -80.32
CA TYR A 112 31.10 -14.09 -80.77
C TYR A 112 31.92 -14.89 -79.76
N ARG A 113 33.11 -15.34 -80.17
CA ARG A 113 34.05 -16.04 -79.27
C ARG A 113 35.49 -15.64 -79.59
N VAL A 114 36.36 -15.84 -78.61
CA VAL A 114 37.82 -15.58 -78.71
C VAL A 114 38.52 -16.60 -77.80
N ARG A 115 39.65 -17.14 -78.26
CA ARG A 115 40.51 -18.04 -77.46
C ARG A 115 40.82 -17.34 -76.12
N MET A 116 40.67 -18.04 -75.00
CA MET A 116 41.10 -17.51 -73.68
C MET A 116 42.60 -17.16 -73.79
N GLY A 117 42.99 -15.97 -73.32
CA GLY A 117 44.35 -15.42 -73.50
C GLY A 117 44.44 -14.40 -74.64
N GLU A 118 43.51 -14.43 -75.61
CA GLU A 118 43.50 -13.48 -76.76
C GLU A 118 42.41 -12.42 -76.59
N GLU A 119 41.77 -12.35 -75.42
CA GLU A 119 40.56 -11.52 -75.19
C GLU A 119 40.88 -10.03 -75.35
N ASP A 120 42.15 -9.62 -75.23
CA ASP A 120 42.49 -8.16 -75.31
C ASP A 120 42.29 -7.66 -76.76
N THR A 121 42.07 -8.55 -77.73
CA THR A 121 41.87 -8.22 -79.16
C THR A 121 40.38 -8.06 -79.53
N VAL A 122 39.44 -8.29 -78.61
CA VAL A 122 37.98 -8.12 -78.88
C VAL A 122 37.50 -6.73 -78.46
N LEU A 123 36.36 -6.31 -79.03
CA LEU A 123 35.58 -5.11 -78.61
C LEU A 123 36.51 -3.89 -78.65
N THR A 124 37.16 -3.66 -79.79
CA THR A 124 38.00 -2.46 -80.06
C THR A 124 37.27 -1.59 -81.09
N GLU A 125 37.86 -0.47 -81.48
CA GLU A 125 37.29 0.45 -82.48
C GLU A 125 37.20 -0.28 -83.84
N SER A 126 38.05 -1.27 -84.07
CA SER A 126 38.08 -2.10 -85.31
C SER A 126 36.83 -2.99 -85.41
N GLY A 127 36.11 -3.19 -84.30
CA GLY A 127 34.86 -4.00 -84.28
C GLY A 127 34.88 -5.04 -83.17
N PRO A 128 34.00 -6.08 -83.23
CA PRO A 128 33.89 -7.03 -82.13
C PRO A 128 35.17 -7.86 -81.97
N GLY A 129 35.90 -8.08 -83.06
CA GLY A 129 37.06 -8.98 -83.12
C GLY A 129 36.63 -10.42 -82.91
N GLY A 130 37.56 -11.26 -82.47
CA GLY A 130 37.32 -12.70 -82.28
C GLY A 130 36.72 -13.32 -83.53
N GLU A 131 35.76 -14.22 -83.34
CA GLU A 131 35.14 -15.05 -84.41
C GLU A 131 33.62 -15.03 -84.18
N LEU A 132 32.82 -14.78 -85.21
CA LEU A 132 31.34 -14.98 -85.10
C LEU A 132 31.09 -16.46 -84.81
N PHE A 133 30.28 -16.79 -83.81
CA PHE A 133 29.88 -18.20 -83.55
C PHE A 133 28.45 -18.47 -84.02
N PHE A 134 27.51 -17.62 -83.61
CA PHE A 134 26.05 -17.83 -83.84
C PHE A 134 25.37 -16.48 -84.08
N ASN A 135 24.69 -16.36 -85.22
CA ASN A 135 23.97 -15.15 -85.66
C ASN A 135 22.48 -15.48 -85.75
N PRO A 136 21.70 -15.18 -84.69
CA PRO A 136 20.25 -15.42 -84.69
C PRO A 136 19.51 -14.72 -85.83
N ASN A 137 20.06 -13.62 -86.33
CA ASN A 137 19.47 -12.83 -87.47
C ASN A 137 19.34 -13.71 -88.70
N LEU A 138 20.16 -14.76 -88.84
CA LEU A 138 20.12 -15.72 -89.98
C LEU A 138 18.93 -16.68 -89.87
N LEU A 139 18.33 -16.84 -88.69
CA LEU A 139 17.29 -17.88 -88.43
C LEU A 139 16.00 -17.52 -89.18
N SER A 140 15.54 -16.26 -89.11
CA SER A 140 14.25 -15.82 -89.70
C SER A 140 14.48 -14.71 -90.73
N LEU A 141 13.55 -14.56 -91.66
CA LEU A 141 13.59 -13.52 -92.72
C LEU A 141 13.42 -12.13 -92.09
N ASP A 142 12.64 -12.05 -90.99
CA ASP A 142 12.18 -10.77 -90.39
C ASP A 142 13.00 -10.41 -89.14
N GLY A 143 13.81 -11.35 -88.61
CA GLY A 143 14.65 -11.11 -87.42
C GLY A 143 13.88 -11.22 -86.12
N ASN A 144 12.78 -11.98 -86.10
CA ASN A 144 11.90 -12.15 -84.92
C ASN A 144 12.19 -13.49 -84.23
N ALA A 145 12.86 -14.42 -84.92
CA ALA A 145 13.33 -15.70 -84.34
C ALA A 145 14.48 -15.41 -83.36
N ALA A 146 14.40 -16.04 -82.19
CA ALA A 146 15.24 -15.73 -81.03
C ALA A 146 15.89 -17.01 -80.52
N LEU A 147 17.16 -16.89 -80.14
CA LEU A 147 17.92 -17.79 -79.25
C LEU A 147 17.30 -17.69 -77.86
N THR A 148 16.75 -18.78 -77.32
CA THR A 148 16.05 -18.79 -76.00
C THR A 148 16.98 -19.32 -74.91
N GLY A 149 18.16 -19.81 -75.28
CA GLY A 149 19.17 -20.32 -74.36
C GLY A 149 20.16 -21.21 -75.09
N PHE A 150 21.26 -21.54 -74.43
CA PHE A 150 22.32 -22.43 -74.95
C PHE A 150 23.12 -22.96 -73.77
N VAL A 151 23.67 -24.17 -73.93
CA VAL A 151 24.60 -24.81 -72.95
C VAL A 151 25.59 -25.64 -73.77
N MET A 152 26.88 -25.46 -73.49
CA MET A 152 27.97 -26.21 -74.16
C MET A 152 28.11 -27.56 -73.44
N SER A 153 28.39 -28.62 -74.19
CA SER A 153 28.72 -29.96 -73.65
C SER A 153 29.97 -29.83 -72.77
N PRO A 154 30.09 -30.61 -71.67
CA PRO A 154 31.31 -30.57 -70.84
C PRO A 154 32.61 -30.79 -71.62
N CYS A 155 32.59 -31.58 -72.70
CA CYS A 155 33.75 -31.90 -73.56
C CYS A 155 34.12 -30.68 -74.44
N GLY A 156 33.20 -29.75 -74.63
CA GLY A 156 33.43 -28.52 -75.43
C GLY A 156 33.27 -28.74 -76.93
N ASN A 157 32.78 -29.91 -77.37
CA ASN A 157 32.59 -30.22 -78.81
C ASN A 157 31.17 -29.90 -79.31
N TYR A 158 30.19 -29.82 -78.39
CA TYR A 158 28.76 -29.69 -78.76
C TYR A 158 28.16 -28.50 -78.01
N TRP A 159 27.13 -27.92 -78.63
CA TRP A 159 26.44 -26.70 -78.18
C TRP A 159 24.94 -26.91 -78.42
N ALA A 160 24.18 -27.12 -77.34
CA ALA A 160 22.70 -27.29 -77.37
C ALA A 160 22.07 -25.91 -77.26
N TYR A 161 21.07 -25.59 -78.07
CA TYR A 161 20.49 -24.23 -78.07
C TYR A 161 19.01 -24.28 -78.44
N GLY A 162 18.27 -23.32 -77.90
CA GLY A 162 16.82 -23.19 -78.15
C GLY A 162 16.53 -22.10 -79.15
N VAL A 163 15.63 -22.36 -80.09
CA VAL A 163 15.12 -21.33 -81.04
C VAL A 163 13.60 -21.31 -80.92
N SER A 164 13.03 -20.12 -80.66
CA SER A 164 11.58 -19.86 -80.59
C SER A 164 10.93 -19.98 -81.98
N GLU A 165 9.91 -20.84 -82.08
CA GLU A 165 9.16 -21.14 -83.33
C GLU A 165 8.40 -19.88 -83.77
N HIS A 166 8.12 -19.75 -85.07
CA HIS A 166 7.84 -18.46 -85.76
C HIS A 166 6.43 -17.93 -85.46
N GLY A 167 5.60 -18.65 -84.72
CA GLY A 167 4.23 -18.23 -84.38
C GLY A 167 4.09 -17.93 -82.89
N SER A 168 4.90 -18.57 -82.02
CA SER A 168 4.54 -18.87 -80.59
C SER A 168 5.71 -18.66 -79.63
N ASP A 169 5.49 -18.93 -78.34
CA ASP A 169 6.49 -18.99 -77.24
C ASP A 169 6.77 -20.47 -76.96
N TRP A 170 6.54 -21.33 -77.94
CA TRP A 170 7.15 -22.70 -78.02
C TRP A 170 8.52 -22.60 -78.69
N MET A 171 9.38 -23.59 -78.44
CA MET A 171 10.75 -23.62 -79.01
C MET A 171 11.10 -25.07 -79.34
N SER A 172 12.17 -25.21 -80.11
CA SER A 172 12.85 -26.49 -80.38
C SER A 172 14.27 -26.39 -79.83
N ILE A 173 14.82 -27.49 -79.33
CA ILE A 173 16.26 -27.56 -78.94
C ILE A 173 16.99 -28.12 -80.15
N TYR A 174 18.09 -27.48 -80.55
CA TYR A 174 19.01 -27.93 -81.62
C TYR A 174 20.38 -28.20 -81.00
N VAL A 175 21.23 -28.87 -81.75
CA VAL A 175 22.65 -29.14 -81.37
C VAL A 175 23.51 -28.81 -82.58
N ARG A 176 24.65 -28.18 -82.35
CA ARG A 176 25.67 -28.00 -83.40
C ARG A 176 27.05 -28.26 -82.77
N LYS A 177 28.02 -28.62 -83.61
CA LYS A 177 29.44 -28.75 -83.20
C LYS A 177 29.99 -27.35 -82.95
N THR A 178 30.84 -27.19 -81.93
CA THR A 178 31.57 -25.92 -81.66
C THR A 178 32.55 -25.64 -82.80
N SER A 179 32.86 -26.64 -83.64
CA SER A 179 33.67 -26.50 -84.88
C SER A 179 32.80 -26.05 -86.06
N SER A 180 31.48 -25.83 -85.87
CA SER A 180 30.53 -25.38 -86.93
C SER A 180 29.93 -24.02 -86.57
N PRO A 181 30.74 -22.94 -86.54
CA PRO A 181 30.17 -21.62 -86.32
C PRO A 181 29.35 -21.20 -87.55
N HIS A 182 28.38 -20.30 -87.36
CA HIS A 182 27.78 -19.53 -88.48
C HIS A 182 28.91 -18.77 -89.18
N LEU A 183 28.83 -18.66 -90.50
CA LEU A 183 29.77 -17.84 -91.31
C LEU A 183 29.12 -16.48 -91.61
N PRO A 184 29.92 -15.39 -91.65
CA PRO A 184 29.35 -14.06 -91.80
C PRO A 184 28.54 -13.85 -93.09
N SER A 185 28.74 -14.68 -94.12
CA SER A 185 28.14 -14.51 -95.46
C SER A 185 27.05 -15.57 -95.75
N GLN A 186 26.54 -16.26 -94.73
CA GLN A 186 25.39 -17.20 -94.89
C GLN A 186 24.11 -16.38 -95.12
N GLU A 187 23.12 -16.98 -95.79
CA GLU A 187 21.83 -16.34 -96.20
C GLU A 187 20.80 -16.52 -95.09
N ARG A 188 19.84 -15.59 -94.96
CA ARG A 188 18.78 -15.59 -93.92
C ARG A 188 17.76 -16.72 -94.18
N GLY A 189 17.01 -17.10 -93.14
CA GLY A 189 15.83 -17.97 -93.23
C GLY A 189 16.12 -19.43 -92.93
N LYS A 190 17.39 -19.79 -92.77
CA LYS A 190 17.83 -21.16 -92.40
C LYS A 190 18.82 -21.11 -91.23
N ASP A 191 19.09 -22.24 -90.58
CA ASP A 191 20.19 -22.42 -89.59
C ASP A 191 21.23 -23.37 -90.20
N PRO A 192 22.23 -22.85 -90.94
CA PRO A 192 23.24 -23.69 -91.56
C PRO A 192 24.17 -24.32 -90.51
N GLY A 193 24.70 -25.51 -90.77
CA GLY A 193 25.80 -26.12 -90.00
C GLY A 193 25.34 -26.83 -88.74
N ARG A 194 24.03 -26.97 -88.52
CA ARG A 194 23.51 -27.66 -87.31
C ARG A 194 23.48 -29.17 -87.57
N MET A 195 23.51 -29.97 -86.50
CA MET A 195 23.34 -31.44 -86.54
C MET A 195 21.85 -31.76 -86.71
N ASN A 196 21.52 -33.03 -86.94
CA ASN A 196 20.17 -33.51 -87.31
C ASN A 196 19.20 -33.36 -86.12
N ASP A 197 19.73 -33.43 -84.89
CA ASP A 197 18.93 -33.43 -83.63
C ASP A 197 17.94 -32.26 -83.67
N LYS A 198 16.65 -32.54 -83.44
CA LYS A 198 15.62 -31.50 -83.23
C LYS A 198 14.70 -32.00 -82.12
N ILE A 199 14.70 -31.31 -80.97
CA ILE A 199 13.86 -31.63 -79.80
C ILE A 199 12.67 -30.68 -79.80
N ARG A 200 11.49 -31.17 -80.18
CA ARG A 200 10.27 -30.34 -80.34
C ARG A 200 9.47 -30.35 -79.02
N HIS A 201 8.49 -29.45 -78.93
CA HIS A 201 7.43 -29.43 -77.88
C HIS A 201 8.01 -28.93 -76.55
N VAL A 202 8.91 -27.97 -76.62
CA VAL A 202 9.58 -27.37 -75.43
C VAL A 202 9.00 -25.97 -75.22
N ARG A 203 8.72 -25.59 -73.97
CA ARG A 203 8.15 -24.26 -73.64
C ARG A 203 9.12 -23.46 -72.76
N PHE A 204 10.19 -24.05 -72.25
CA PHE A 204 11.24 -23.33 -71.49
C PHE A 204 12.56 -24.09 -71.60
N PHE A 205 13.66 -23.36 -71.75
CA PHE A 205 15.02 -23.90 -71.95
C PHE A 205 15.66 -24.18 -70.59
N ILE A 206 15.59 -25.42 -70.14
CA ILE A 206 16.40 -25.91 -68.98
C ILE A 206 17.04 -27.23 -69.43
N VAL A 207 18.30 -27.13 -69.85
CA VAL A 207 19.05 -28.25 -70.51
C VAL A 207 20.28 -28.54 -69.66
N SER A 208 20.51 -29.81 -69.33
CA SER A 208 21.64 -30.26 -68.48
C SER A 208 22.31 -31.47 -69.15
N TRP A 209 23.56 -31.30 -69.58
CA TRP A 209 24.40 -32.36 -70.20
C TRP A 209 24.85 -33.31 -69.09
N THR A 210 24.92 -34.61 -69.39
CA THR A 210 25.66 -35.59 -68.56
C THR A 210 27.17 -35.37 -68.77
N SER A 211 27.99 -35.76 -67.78
CA SER A 211 29.46 -35.49 -67.76
C SER A 211 30.15 -36.21 -68.93
N ASP A 212 29.53 -37.24 -69.49
CA ASP A 212 30.06 -38.03 -70.64
C ASP A 212 29.79 -37.33 -71.98
N SER A 213 29.06 -36.20 -71.98
CA SER A 213 28.70 -35.44 -73.19
C SER A 213 27.89 -36.29 -74.19
N LYS A 214 27.24 -37.36 -73.75
CA LYS A 214 26.48 -38.27 -74.66
C LYS A 214 25.04 -37.78 -74.85
N GLY A 215 24.56 -36.91 -73.95
CA GLY A 215 23.18 -36.45 -74.00
C GLY A 215 22.87 -35.39 -72.96
N PHE A 216 21.63 -34.90 -72.96
CA PHE A 216 21.17 -33.85 -72.04
C PHE A 216 19.73 -34.11 -71.63
N PHE A 217 19.41 -33.72 -70.41
CA PHE A 217 18.04 -33.66 -69.86
C PHE A 217 17.39 -32.38 -70.33
N TYR A 218 16.06 -32.44 -70.52
CA TYR A 218 15.25 -31.26 -70.89
C TYR A 218 13.81 -31.53 -70.45
N SER A 219 13.02 -30.47 -70.36
CA SER A 219 11.57 -30.51 -70.05
C SER A 219 10.78 -30.26 -71.33
N ARG A 220 9.73 -31.03 -71.57
CA ARG A 220 8.85 -30.86 -72.74
C ARG A 220 7.39 -31.13 -72.35
N TYR A 221 6.50 -30.87 -73.30
CA TYR A 221 5.03 -30.97 -73.15
C TYR A 221 4.50 -31.90 -74.24
N PRO A 222 3.23 -32.33 -74.17
CA PRO A 222 2.64 -33.10 -75.27
C PRO A 222 2.59 -32.21 -76.50
N PRO A 223 2.53 -32.78 -77.72
CA PRO A 223 2.53 -31.96 -78.95
C PRO A 223 1.38 -30.94 -78.95
N GLU A 224 1.61 -29.79 -79.60
CA GLU A 224 0.77 -28.57 -79.45
C GLU A 224 -0.59 -28.76 -80.15
N ASP A 225 -0.69 -29.58 -81.21
CA ASP A 225 -1.99 -30.07 -81.75
C ASP A 225 -2.75 -30.81 -80.65
N ASN A 231 -4.70 -21.02 -75.95
CA ASN A 231 -5.08 -20.30 -74.70
C ASN A 231 -5.11 -21.25 -73.49
N ALA A 232 -5.22 -22.55 -73.71
CA ALA A 232 -5.53 -23.56 -72.67
C ALA A 232 -4.42 -23.56 -71.62
N PRO A 233 -4.72 -23.97 -70.37
CA PRO A 233 -3.68 -24.11 -69.36
C PRO A 233 -2.53 -24.99 -69.88
N ALA A 234 -1.28 -24.64 -69.53
CA ALA A 234 -0.08 -25.46 -69.84
C ALA A 234 -0.10 -26.74 -69.02
N MET A 235 -0.11 -27.91 -69.66
CA MET A 235 -0.37 -29.19 -68.93
C MET A 235 0.61 -30.29 -69.33
N ASN A 236 0.98 -31.10 -68.34
CA ASN A 236 1.68 -32.41 -68.53
C ASN A 236 3.14 -32.16 -68.93
N CYS A 237 3.82 -31.32 -68.17
CA CYS A 237 5.29 -31.11 -68.25
C CYS A 237 5.99 -32.44 -67.94
N MET A 238 6.92 -32.85 -68.79
CA MET A 238 7.67 -34.12 -68.63
C MET A 238 9.17 -33.86 -68.73
N VAL A 239 9.97 -34.62 -67.99
CA VAL A 239 11.46 -34.58 -68.12
C VAL A 239 11.88 -35.78 -68.97
N TYR A 240 12.65 -35.50 -70.02
CA TYR A 240 13.24 -36.51 -70.93
C TYR A 240 14.75 -36.37 -70.95
N TYR A 241 15.41 -37.43 -71.42
CA TYR A 241 16.87 -37.47 -71.71
C TYR A 241 17.06 -37.75 -73.20
N HIS A 242 17.75 -36.85 -73.89
CA HIS A 242 18.12 -36.96 -75.33
C HIS A 242 19.58 -37.38 -75.46
N ARG A 243 19.83 -38.48 -76.18
CA ARG A 243 21.20 -38.90 -76.60
C ARG A 243 21.50 -38.28 -77.97
N ILE A 244 22.63 -37.57 -78.09
CA ILE A 244 23.06 -36.89 -79.35
C ILE A 244 23.08 -37.93 -80.46
N GLY A 245 22.60 -37.57 -81.65
CA GLY A 245 22.65 -38.43 -82.85
C GLY A 245 21.43 -39.35 -82.98
N GLU A 246 20.62 -39.49 -81.92
CA GLU A 246 19.33 -40.22 -81.95
C GLU A 246 18.23 -39.23 -82.35
N ASP A 247 17.09 -39.75 -82.80
CA ASP A 247 15.86 -38.95 -83.05
C ASP A 247 15.15 -38.74 -81.70
N GLN A 248 14.37 -37.67 -81.57
CA GLN A 248 13.56 -37.35 -80.36
C GLN A 248 12.72 -38.57 -79.94
N GLU A 249 12.24 -39.35 -80.90
CA GLU A 249 11.35 -40.53 -80.67
C GLU A 249 12.04 -41.54 -79.74
N SER A 250 13.37 -41.60 -79.75
CA SER A 250 14.19 -42.52 -78.90
C SER A 250 14.44 -41.93 -77.51
N ASP A 251 14.12 -40.66 -77.27
CA ASP A 251 14.40 -39.99 -75.97
C ASP A 251 13.74 -40.79 -74.85
N VAL A 252 14.41 -40.92 -73.71
CA VAL A 252 13.96 -41.72 -72.55
C VAL A 252 13.18 -40.82 -71.59
N LEU A 253 11.97 -41.22 -71.23
CA LEU A 253 11.12 -40.52 -70.23
C LEU A 253 11.78 -40.67 -68.87
N VAL A 254 11.97 -39.56 -68.16
CA VAL A 254 12.60 -39.52 -66.81
C VAL A 254 11.52 -39.25 -65.77
N HIS A 255 10.58 -38.35 -66.04
CA HIS A 255 9.50 -37.99 -65.08
C HIS A 255 8.27 -37.46 -65.80
N GLU A 256 7.12 -37.96 -65.38
CA GLU A 256 5.78 -37.37 -65.64
C GLU A 256 4.96 -37.51 -64.36
N ASP A 257 3.96 -36.67 -64.18
CA ASP A 257 3.03 -36.73 -63.03
C ASP A 257 1.64 -36.39 -63.57
N PRO A 258 0.94 -37.37 -64.19
CA PRO A 258 -0.36 -37.11 -64.82
C PRO A 258 -1.43 -36.66 -63.81
N GLU A 259 -1.22 -36.95 -62.51
CA GLU A 259 -2.18 -36.55 -61.45
C GLU A 259 -2.22 -35.02 -61.32
N HIS A 260 -1.09 -34.35 -61.57
CA HIS A 260 -0.90 -32.90 -61.34
C HIS A 260 -0.44 -32.24 -62.63
N PRO A 261 -1.31 -32.15 -63.66
CA PRO A 261 -0.91 -31.64 -64.97
C PRO A 261 -0.43 -30.18 -64.98
N PHE A 262 -0.81 -29.36 -63.99
CA PHE A 262 -0.43 -27.92 -63.95
C PHE A 262 0.99 -27.76 -63.42
N TRP A 263 1.51 -28.76 -62.70
CA TRP A 263 2.87 -28.67 -62.10
C TRP A 263 3.91 -28.56 -63.22
N ILE A 264 4.94 -27.75 -62.98
CA ILE A 264 6.12 -27.57 -63.89
C ILE A 264 7.28 -28.33 -63.24
N SER A 265 8.04 -29.07 -64.03
CA SER A 265 9.17 -29.91 -63.53
C SER A 265 10.41 -29.72 -64.39
N SER A 266 11.58 -29.86 -63.78
CA SER A 266 12.88 -29.77 -64.47
C SER A 266 13.93 -30.49 -63.62
N VAL A 267 15.08 -30.78 -64.22
CA VAL A 267 16.27 -31.34 -63.52
C VAL A 267 17.44 -30.39 -63.71
N GLN A 268 18.31 -30.31 -62.70
CA GLN A 268 19.62 -29.61 -62.69
C GLN A 268 20.67 -30.65 -62.27
N LEU A 269 21.82 -30.70 -62.94
CA LEU A 269 22.97 -31.56 -62.50
C LEU A 269 23.96 -30.71 -61.71
N THR A 270 24.62 -31.28 -60.69
CA THR A 270 25.80 -30.65 -60.05
C THR A 270 26.86 -30.44 -61.13
N PRO A 271 27.77 -29.44 -60.99
CA PRO A 271 28.84 -29.22 -61.96
C PRO A 271 29.67 -30.47 -62.30
N SER A 272 29.88 -31.38 -61.34
CA SER A 272 30.60 -32.67 -61.54
C SER A 272 29.79 -33.62 -62.44
N GLY A 273 28.48 -33.42 -62.58
CA GLY A 273 27.59 -34.30 -63.36
C GLY A 273 27.22 -35.56 -62.61
N ARG A 274 27.57 -35.64 -61.33
CA ARG A 274 27.35 -36.86 -60.50
C ARG A 274 25.89 -36.94 -60.01
N TYR A 275 25.35 -35.84 -59.49
CA TYR A 275 24.01 -35.81 -58.85
C TYR A 275 23.02 -35.04 -59.74
N ILE A 276 21.79 -35.54 -59.81
CA ILE A 276 20.65 -34.90 -60.53
C ILE A 276 19.63 -34.45 -59.48
N LEU A 277 19.27 -33.17 -59.52
CA LEU A 277 18.20 -32.59 -58.67
C LEU A 277 16.92 -32.47 -59.50
N PHE A 278 15.90 -33.22 -59.12
CA PHE A 278 14.53 -33.06 -59.67
C PHE A 278 13.82 -32.01 -58.83
N ALA A 279 13.19 -31.04 -59.49
CA ALA A 279 12.39 -29.98 -58.84
C ALA A 279 11.04 -29.87 -59.56
N ALA A 280 9.95 -29.93 -58.80
CA ALA A 280 8.60 -29.61 -59.31
C ALA A 280 8.10 -28.34 -58.63
N SER A 281 7.38 -27.52 -59.39
CA SER A 281 6.72 -26.26 -59.01
C SER A 281 5.21 -26.41 -59.23
N ARG A 282 4.37 -26.01 -58.28
CA ARG A 282 2.88 -26.08 -58.41
C ARG A 282 2.28 -24.69 -58.46
N ASP A 283 3.09 -23.64 -58.33
CA ASP A 283 2.63 -22.23 -58.33
C ASP A 283 3.86 -21.34 -58.51
N ALA A 284 3.72 -20.03 -58.42
CA ALA A 284 4.83 -19.05 -58.65
C ALA A 284 5.64 -18.87 -57.36
N SER A 285 5.27 -19.52 -56.24
CA SER A 285 5.96 -19.36 -54.95
C SER A 285 7.32 -20.07 -55.01
N HIS A 286 8.25 -19.64 -54.17
CA HIS A 286 9.63 -20.18 -54.09
C HIS A 286 9.60 -21.41 -53.17
N THR A 287 8.89 -22.45 -53.60
CA THR A 287 8.73 -23.74 -52.89
C THR A 287 8.71 -24.83 -53.96
N GLN A 288 9.32 -25.96 -53.65
CA GLN A 288 9.49 -27.08 -54.61
C GLN A 288 9.22 -28.40 -53.91
N LEU A 289 8.81 -29.39 -54.70
CA LEU A 289 9.00 -30.82 -54.38
C LEU A 289 10.34 -31.22 -55.00
N VAL A 290 11.27 -31.74 -54.19
CA VAL A 290 12.68 -31.95 -54.64
C VAL A 290 13.10 -33.39 -54.35
N LYS A 291 13.83 -34.00 -55.27
CA LYS A 291 14.44 -35.34 -55.12
C LYS A 291 15.86 -35.32 -55.72
N ILE A 292 16.80 -36.08 -55.14
CA ILE A 292 18.22 -36.18 -55.59
C ILE A 292 18.48 -37.62 -55.99
N ALA A 293 19.15 -37.84 -57.12
CA ALA A 293 19.66 -39.19 -57.49
C ALA A 293 21.16 -39.08 -57.82
N ASP A 294 21.86 -40.17 -57.58
CA ASP A 294 23.31 -40.34 -57.93
C ASP A 294 23.34 -41.04 -59.30
N LEU A 295 23.78 -40.34 -60.36
CA LEU A 295 23.75 -40.86 -61.74
C LEU A 295 24.73 -42.04 -61.91
N HIS A 296 25.60 -42.28 -60.93
CA HIS A 296 26.56 -43.42 -60.93
C HIS A 296 25.87 -44.70 -60.40
N GLU A 297 24.67 -44.59 -59.81
CA GLU A 297 23.91 -45.73 -59.21
C GLU A 297 22.83 -46.26 -60.16
N ASN A 298 22.51 -45.53 -61.24
CA ASN A 298 21.23 -45.65 -61.99
C ASN A 298 21.45 -45.59 -63.49
N ASP A 299 20.70 -46.38 -64.27
CA ASP A 299 20.45 -46.10 -65.70
C ASP A 299 19.45 -44.95 -65.79
N ILE A 300 19.59 -44.10 -66.82
CA ILE A 300 18.68 -42.94 -67.04
C ILE A 300 17.31 -43.51 -67.42
N GLY A 301 16.26 -43.15 -66.69
CA GLY A 301 14.89 -43.64 -66.95
C GLY A 301 13.98 -43.38 -65.77
N THR A 302 12.82 -44.04 -65.71
CA THR A 302 11.80 -43.88 -64.64
C THR A 302 12.15 -44.77 -63.44
N ASN A 303 13.17 -45.61 -63.56
CA ASN A 303 13.61 -46.57 -62.52
C ASN A 303 14.92 -46.10 -61.88
N MET A 304 15.00 -44.81 -61.52
CA MET A 304 16.17 -44.20 -60.83
C MET A 304 15.90 -44.15 -59.33
N LYS A 305 16.93 -44.29 -58.49
CA LYS A 305 16.81 -44.35 -57.01
C LYS A 305 16.76 -42.92 -56.47
N TRP A 306 15.60 -42.28 -56.53
CA TRP A 306 15.37 -40.91 -56.01
C TRP A 306 15.36 -40.93 -54.48
N LYS A 307 16.12 -40.03 -53.86
CA LYS A 307 16.13 -39.80 -52.40
C LYS A 307 15.56 -38.40 -52.13
N ASN A 308 14.81 -38.25 -51.03
CA ASN A 308 14.19 -36.96 -50.63
C ASN A 308 15.28 -36.03 -50.11
N LEU A 309 15.38 -34.84 -50.70
CA LEU A 309 16.28 -33.76 -50.23
C LEU A 309 15.67 -33.13 -48.97
N HIS A 310 14.37 -32.88 -48.99
CA HIS A 310 13.58 -32.24 -47.92
C HIS A 310 12.10 -32.48 -48.19
N ASP A 311 11.27 -32.31 -47.16
CA ASP A 311 9.78 -32.35 -47.26
C ASP A 311 9.34 -31.41 -48.37
N PRO A 312 8.33 -31.79 -49.16
CA PRO A 312 7.91 -30.97 -50.30
C PRO A 312 7.22 -29.67 -49.89
N TRP A 313 7.32 -28.65 -50.75
CA TRP A 313 6.55 -27.36 -50.73
C TRP A 313 6.94 -26.49 -49.55
N GLU A 314 8.14 -26.67 -48.97
CA GLU A 314 8.61 -25.81 -47.86
C GLU A 314 9.65 -24.81 -48.35
N ALA A 315 10.39 -25.13 -49.41
CA ALA A 315 11.56 -24.34 -49.84
C ALA A 315 11.96 -24.66 -51.27
N ARG A 316 12.77 -23.77 -51.82
CA ARG A 316 13.42 -23.87 -53.14
C ARG A 316 14.90 -24.19 -52.91
N PHE A 317 15.51 -24.97 -53.80
CA PHE A 317 16.93 -25.41 -53.72
C PHE A 317 17.56 -25.24 -55.10
N THR A 318 18.62 -24.45 -55.18
CA THR A 318 19.41 -24.18 -56.40
C THR A 318 20.83 -24.69 -56.14
N ILE A 319 21.36 -25.53 -57.02
CA ILE A 319 22.75 -26.06 -56.92
C ILE A 319 23.72 -24.91 -57.18
N VAL A 320 24.70 -24.73 -56.29
CA VAL A 320 25.79 -23.71 -56.35
C VAL A 320 27.12 -24.41 -56.65
N GLY A 321 27.28 -25.68 -56.26
CA GLY A 321 28.51 -26.45 -56.51
C GLY A 321 28.47 -27.80 -55.82
N ASP A 322 29.59 -28.52 -55.86
CA ASP A 322 29.70 -29.88 -55.29
C ASP A 322 31.17 -30.11 -54.89
N GLU A 323 31.36 -31.01 -53.93
CA GLU A 323 32.68 -31.50 -53.47
C GLU A 323 32.47 -32.97 -53.11
N GLY A 324 32.65 -33.87 -54.07
CA GLY A 324 32.31 -35.30 -53.91
C GLY A 324 30.83 -35.45 -53.61
N SER A 325 30.50 -35.99 -52.44
CA SER A 325 29.09 -36.27 -52.02
C SER A 325 28.44 -35.00 -51.43
N LYS A 326 29.23 -33.96 -51.16
CA LYS A 326 28.73 -32.68 -50.57
C LYS A 326 28.20 -31.79 -51.70
N ILE A 327 26.93 -31.37 -51.61
CA ILE A 327 26.33 -30.44 -52.60
C ILE A 327 26.07 -29.10 -51.90
N TYR A 328 26.48 -28.00 -52.53
CA TYR A 328 26.21 -26.63 -52.05
C TYR A 328 24.89 -26.16 -52.67
N PHE A 329 23.98 -25.70 -51.82
CA PHE A 329 22.64 -25.20 -52.24
C PHE A 329 22.47 -23.75 -51.80
N MET A 330 21.94 -22.93 -52.69
CA MET A 330 21.24 -21.68 -52.30
C MET A 330 19.79 -22.05 -52.09
N THR A 331 19.28 -21.82 -50.88
CA THR A 331 17.93 -22.27 -50.47
C THR A 331 17.29 -21.22 -49.56
N ASN A 332 15.96 -21.18 -49.53
CA ASN A 332 15.18 -20.35 -48.59
C ASN A 332 14.61 -21.24 -47.48
N LEU A 333 15.11 -22.47 -47.32
CA LEU A 333 14.65 -23.38 -46.23
C LEU A 333 14.85 -22.68 -44.88
N LYS A 334 13.76 -22.35 -44.20
CA LYS A 334 13.72 -21.61 -42.91
C LYS A 334 14.55 -20.31 -43.00
N ALA A 335 14.60 -19.72 -44.18
CA ALA A 335 15.43 -18.51 -44.48
C ALA A 335 14.81 -17.79 -45.69
N LYS A 336 13.81 -16.94 -45.44
CA LYS A 336 13.00 -16.32 -46.52
C LYS A 336 13.89 -15.46 -47.41
N ASN A 337 14.97 -14.86 -46.88
CA ASN A 337 15.93 -14.05 -47.67
C ASN A 337 17.02 -14.92 -48.31
N TYR A 338 16.90 -16.25 -48.19
CA TYR A 338 17.81 -17.25 -48.80
C TYR A 338 19.13 -17.29 -48.01
N LYS A 339 19.83 -18.42 -48.15
CA LYS A 339 21.10 -18.71 -47.48
C LYS A 339 21.85 -19.73 -48.32
N VAL A 340 23.08 -20.08 -47.93
CA VAL A 340 23.86 -21.18 -48.56
C VAL A 340 23.97 -22.28 -47.52
N ALA A 341 23.58 -23.50 -47.90
CA ALA A 341 23.62 -24.69 -47.03
C ALA A 341 24.19 -25.87 -47.84
N THR A 342 24.75 -26.83 -47.14
CA THR A 342 25.37 -28.04 -47.74
C THR A 342 24.54 -29.25 -47.36
N PHE A 343 24.46 -30.19 -48.29
CA PHE A 343 23.82 -31.51 -48.11
C PHE A 343 24.88 -32.57 -48.44
N ASP A 344 25.00 -33.56 -47.56
CA ASP A 344 25.88 -34.73 -47.81
C ASP A 344 24.99 -35.86 -48.34
N ALA A 345 25.07 -36.16 -49.63
CA ALA A 345 24.30 -37.23 -50.31
C ALA A 345 24.58 -38.60 -49.65
N ASN A 346 25.71 -38.76 -48.93
CA ASN A 346 26.05 -40.02 -48.22
C ASN A 346 25.32 -40.10 -46.87
N HIS A 347 24.80 -38.98 -46.35
CA HIS A 347 24.06 -38.91 -45.06
C HIS A 347 22.77 -38.10 -45.25
N PRO A 348 21.82 -38.55 -46.10
CA PRO A 348 20.64 -37.76 -46.43
C PRO A 348 19.83 -37.31 -45.21
N ASP A 349 19.61 -38.24 -44.26
CA ASP A 349 18.82 -38.01 -43.02
C ASP A 349 19.45 -36.96 -42.11
N GLU A 350 20.69 -36.55 -42.37
CA GLU A 350 21.36 -35.49 -41.54
C GLU A 350 20.87 -34.11 -42.00
N GLY A 351 20.23 -34.03 -43.17
CA GLY A 351 19.59 -32.80 -43.67
C GLY A 351 20.61 -31.80 -44.19
N LEU A 352 20.28 -30.51 -44.14
CA LEU A 352 21.10 -29.39 -44.68
C LEU A 352 21.85 -28.73 -43.52
N THR A 353 23.14 -28.43 -43.72
CA THR A 353 23.99 -27.68 -42.77
C THR A 353 24.24 -26.27 -43.33
N THR A 354 24.00 -25.25 -42.53
CA THR A 354 24.18 -23.82 -42.91
C THR A 354 25.67 -23.55 -43.15
N LEU A 355 26.03 -23.04 -44.33
CA LEU A 355 27.39 -22.52 -44.62
C LEU A 355 27.38 -21.00 -44.46
N ILE A 356 26.46 -20.32 -45.15
CA ILE A 356 26.26 -18.85 -45.04
C ILE A 356 24.85 -18.63 -44.47
N ALA A 357 24.74 -18.11 -43.27
CA ALA A 357 23.45 -17.84 -42.58
C ALA A 357 22.63 -16.85 -43.41
N GLU A 358 21.31 -16.92 -43.28
CA GLU A 358 20.37 -15.92 -43.84
C GLU A 358 20.80 -14.55 -43.34
N ASP A 359 20.86 -13.55 -44.23
CA ASP A 359 20.96 -12.13 -43.81
C ASP A 359 19.54 -11.62 -43.62
N PRO A 360 19.12 -11.26 -42.39
CA PRO A 360 17.75 -10.82 -42.15
C PRO A 360 17.41 -9.53 -42.93
N ASN A 361 18.41 -8.78 -43.39
CA ASN A 361 18.19 -7.44 -44.01
C ASN A 361 18.68 -7.39 -45.46
N ALA A 362 18.94 -8.52 -46.08
CA ALA A 362 19.45 -8.59 -47.47
C ALA A 362 19.04 -9.92 -48.11
N PHE A 363 18.37 -9.81 -49.24
CA PHE A 363 17.93 -10.90 -50.11
C PHE A 363 19.14 -11.44 -50.86
N LEU A 364 19.46 -12.71 -50.71
CA LEU A 364 20.57 -13.36 -51.47
C LEU A 364 20.04 -13.72 -52.85
N VAL A 365 20.60 -13.09 -53.88
CA VAL A 365 20.19 -13.23 -55.31
C VAL A 365 20.92 -14.41 -55.93
N SER A 366 22.24 -14.53 -55.68
CA SER A 366 23.04 -15.63 -56.29
C SER A 366 24.26 -15.93 -55.44
N ALA A 367 24.77 -17.14 -55.62
CA ALA A 367 26.00 -17.64 -54.99
C ALA A 367 26.73 -18.44 -56.07
N SER A 368 28.02 -18.20 -56.24
CA SER A 368 28.85 -18.89 -57.26
C SER A 368 30.26 -19.06 -56.71
N ILE A 369 30.95 -20.11 -57.15
CA ILE A 369 32.31 -20.46 -56.67
C ILE A 369 33.32 -20.04 -57.75
N HIS A 370 34.44 -19.46 -57.31
CA HIS A 370 35.49 -18.89 -58.19
C HIS A 370 36.86 -19.19 -57.56
N ALA A 371 37.90 -19.24 -58.39
CA ALA A 371 39.31 -19.38 -57.93
C ALA A 371 39.36 -20.52 -56.90
N GLN A 372 38.71 -21.66 -57.21
CA GLN A 372 38.72 -22.94 -56.45
C GLN A 372 37.89 -22.85 -55.16
N ASP A 373 38.10 -21.87 -54.28
CA ASP A 373 37.47 -21.87 -52.93
C ASP A 373 36.99 -20.47 -52.51
N LYS A 374 36.69 -19.59 -53.47
CA LYS A 374 36.09 -18.27 -53.16
C LYS A 374 34.59 -18.35 -53.50
N LEU A 375 33.74 -18.09 -52.50
CA LEU A 375 32.27 -18.06 -52.64
C LEU A 375 31.82 -16.60 -52.83
N LEU A 376 31.29 -16.28 -54.00
CA LEU A 376 30.84 -14.91 -54.34
C LEU A 376 29.32 -14.85 -54.17
N LEU A 377 28.85 -13.98 -53.30
CA LEU A 377 27.42 -13.75 -53.00
C LEU A 377 27.01 -12.41 -53.60
N VAL A 378 25.90 -12.39 -54.35
CA VAL A 378 25.23 -11.12 -54.76
C VAL A 378 24.02 -10.94 -53.85
N TYR A 379 24.04 -9.88 -53.04
CA TYR A 379 22.93 -9.49 -52.14
C TYR A 379 22.20 -8.29 -52.76
N LEU A 380 20.88 -8.25 -52.57
CA LEU A 380 19.99 -7.11 -52.84
C LEU A 380 19.78 -6.42 -51.49
N ARG A 381 20.30 -5.20 -51.36
CA ARG A 381 20.14 -4.33 -50.18
C ARG A 381 19.93 -2.91 -50.71
N ASN A 382 18.95 -2.18 -50.17
CA ASN A 382 18.66 -0.78 -50.58
C ASN A 382 18.42 -0.72 -52.10
N ALA A 383 17.69 -1.71 -52.62
CA ALA A 383 17.20 -1.79 -54.02
C ALA A 383 18.36 -1.78 -55.02
N SER A 384 19.57 -2.22 -54.63
CA SER A 384 20.71 -2.42 -55.54
C SER A 384 21.57 -3.64 -55.10
N HIS A 385 22.50 -4.06 -55.95
CA HIS A 385 23.33 -5.26 -55.75
C HIS A 385 24.57 -4.92 -54.92
N GLU A 386 24.96 -5.83 -54.04
CA GLU A 386 26.26 -5.83 -53.32
C GLU A 386 26.96 -7.16 -53.60
N ILE A 387 28.28 -7.14 -53.85
CA ILE A 387 29.08 -8.39 -54.01
C ILE A 387 29.88 -8.62 -52.74
N HIS A 388 29.65 -9.75 -52.07
CA HIS A 388 30.38 -10.21 -50.86
C HIS A 388 31.21 -11.44 -51.23
N ILE A 389 32.46 -11.50 -50.76
CA ILE A 389 33.35 -12.69 -50.96
C ILE A 389 33.44 -13.42 -49.63
N ARG A 390 33.26 -14.74 -49.67
CA ARG A 390 33.33 -15.64 -48.50
C ARG A 390 34.34 -16.78 -48.79
N ASP A 391 34.94 -17.33 -47.74
CA ASP A 391 35.73 -18.58 -47.86
C ASP A 391 34.76 -19.74 -48.02
N LEU A 392 34.89 -20.52 -49.09
CA LEU A 392 34.01 -21.68 -49.38
C LEU A 392 34.05 -22.69 -48.21
N THR A 393 35.25 -22.95 -47.65
CA THR A 393 35.44 -24.04 -46.66
C THR A 393 34.75 -23.67 -45.33
N THR A 394 35.05 -22.49 -44.79
CA THR A 394 34.61 -22.05 -43.43
C THR A 394 33.37 -21.17 -43.52
N GLY A 395 33.15 -20.48 -44.64
CA GLY A 395 32.07 -19.47 -44.78
C GLY A 395 32.48 -18.11 -44.26
N LYS A 396 33.71 -17.98 -43.76
CA LYS A 396 34.24 -16.74 -43.14
C LYS A 396 34.19 -15.59 -44.15
N PRO A 397 33.83 -14.35 -43.75
CA PRO A 397 33.84 -13.20 -44.66
C PRO A 397 35.25 -12.78 -45.08
N LEU A 398 35.47 -12.54 -46.38
CA LEU A 398 36.75 -12.06 -46.96
C LEU A 398 36.60 -10.63 -47.50
N GLY A 399 35.41 -10.03 -47.32
CA GLY A 399 35.15 -8.61 -47.58
C GLY A 399 34.29 -8.39 -48.81
N ARG A 400 34.24 -7.14 -49.23
CA ARG A 400 33.35 -6.63 -50.30
C ARG A 400 34.20 -6.28 -51.51
N ILE A 401 33.64 -6.37 -52.71
CA ILE A 401 34.27 -5.86 -53.95
C ILE A 401 33.23 -5.04 -54.70
N PHE A 402 33.71 -4.06 -55.47
CA PHE A 402 32.86 -3.12 -56.24
C PHE A 402 31.89 -2.38 -55.31
N GLU A 403 32.29 -2.13 -54.06
CA GLU A 403 31.47 -1.45 -53.01
C GLU A 403 31.05 -0.05 -53.49
N ASP A 404 31.89 0.58 -54.31
CA ASP A 404 31.73 1.99 -54.78
C ASP A 404 30.70 2.07 -55.92
N LEU A 405 30.32 0.94 -56.53
CA LEU A 405 29.37 0.91 -57.68
C LEU A 405 27.97 0.60 -57.17
N LEU A 406 27.01 1.47 -57.50
CA LEU A 406 25.59 1.36 -57.05
C LEU A 406 24.74 1.08 -58.28
N GLY A 407 24.23 -0.15 -58.38
CA GLY A 407 23.50 -0.61 -59.57
C GLY A 407 23.25 -2.10 -59.51
N GLN A 408 23.37 -2.77 -60.65
CA GLN A 408 23.25 -4.24 -60.71
C GLN A 408 24.51 -4.83 -61.38
N PHE A 409 24.77 -6.10 -61.08
CA PHE A 409 25.95 -6.86 -61.58
C PHE A 409 25.46 -8.14 -62.25
N MET A 410 26.10 -8.52 -63.36
CA MET A 410 26.08 -9.90 -63.89
C MET A 410 27.53 -10.42 -63.77
N VAL A 411 27.73 -11.51 -63.02
CA VAL A 411 29.06 -12.13 -62.79
C VAL A 411 29.23 -13.33 -63.72
N SER A 412 30.31 -13.39 -64.50
CA SER A 412 30.70 -14.59 -65.28
C SER A 412 32.07 -15.09 -64.82
N GLY A 413 32.25 -16.41 -64.83
CA GLY A 413 33.48 -17.09 -64.38
C GLY A 413 33.14 -18.38 -63.69
N ARG A 414 34.04 -19.36 -63.73
CA ARG A 414 33.79 -20.72 -63.20
C ARG A 414 34.72 -20.97 -62.00
N ARG A 415 34.45 -22.06 -61.29
CA ARG A 415 35.24 -22.46 -60.10
C ARG A 415 36.72 -22.58 -60.48
N GLN A 416 37.03 -23.06 -61.68
CA GLN A 416 38.42 -23.35 -62.14
C GLN A 416 39.14 -22.07 -62.58
N ASP A 417 38.45 -20.94 -62.75
CA ASP A 417 39.07 -19.67 -63.22
C ASP A 417 39.43 -18.81 -62.00
N ASN A 418 40.57 -18.12 -62.03
CA ASN A 418 41.02 -17.22 -60.95
C ASN A 418 40.38 -15.83 -61.12
N ASP A 419 39.83 -15.57 -62.32
CA ASP A 419 39.28 -14.26 -62.74
C ASP A 419 37.76 -14.35 -62.91
N ILE A 420 37.07 -13.23 -62.72
CA ILE A 420 35.63 -13.05 -63.11
C ILE A 420 35.57 -11.84 -64.04
N PHE A 421 34.60 -11.84 -64.95
CA PHE A 421 34.15 -10.66 -65.71
C PHE A 421 32.79 -10.25 -65.12
N VAL A 422 32.66 -8.97 -64.74
CA VAL A 422 31.49 -8.39 -64.05
C VAL A 422 30.93 -7.28 -64.93
N LEU A 423 29.71 -7.44 -65.43
CA LEU A 423 28.94 -6.41 -66.16
C LEU A 423 28.20 -5.57 -65.12
N PHE A 424 28.61 -4.33 -64.94
CA PHE A 424 27.94 -3.35 -64.06
C PHE A 424 27.07 -2.42 -64.91
N SER A 425 25.84 -2.18 -64.47
CA SER A 425 24.91 -1.22 -65.11
C SER A 425 24.05 -0.54 -64.04
N SER A 426 23.47 0.60 -64.41
CA SER A 426 22.56 1.42 -63.56
C SER A 426 21.68 2.27 -64.49
N PHE A 427 20.88 3.18 -63.95
CA PHE A 427 20.08 4.12 -64.78
C PHE A 427 21.01 4.98 -65.65
N LEU A 428 22.24 5.20 -65.17
CA LEU A 428 23.21 6.15 -65.77
C LEU A 428 24.43 5.45 -66.37
N SER A 429 24.64 4.16 -66.12
CA SER A 429 25.80 3.37 -66.65
C SER A 429 25.28 2.30 -67.60
N PRO A 430 25.47 2.46 -68.92
CA PRO A 430 24.97 1.49 -69.90
C PRO A 430 25.55 0.09 -69.84
N GLY A 431 26.77 -0.06 -69.29
CA GLY A 431 27.40 -1.39 -69.22
C GLY A 431 28.90 -1.28 -69.22
N THR A 432 29.52 -1.47 -68.07
CA THR A 432 31.00 -1.54 -67.94
C THR A 432 31.36 -2.98 -67.55
N VAL A 433 32.21 -3.61 -68.36
CA VAL A 433 32.73 -4.98 -68.05
C VAL A 433 34.06 -4.78 -67.30
N TYR A 434 34.08 -5.16 -66.03
CA TYR A 434 35.27 -5.17 -65.16
C TYR A 434 35.82 -6.61 -65.15
N ARG A 435 37.13 -6.73 -65.11
CA ARG A 435 37.83 -7.97 -64.73
C ARG A 435 38.18 -7.85 -63.25
N TYR A 436 37.90 -8.89 -62.45
CA TYR A 436 38.41 -9.00 -61.07
C TYR A 436 39.23 -10.29 -60.97
N THR A 437 40.45 -10.15 -60.46
CA THR A 437 41.41 -11.25 -60.24
C THR A 437 41.52 -11.49 -58.74
N PHE A 438 41.17 -12.70 -58.30
CA PHE A 438 41.19 -13.10 -56.87
C PHE A 438 42.64 -13.20 -56.39
N GLY A 439 42.90 -12.79 -55.15
CA GLY A 439 44.23 -12.93 -54.52
C GLY A 439 44.17 -13.64 -53.18
N GLU A 440 45.20 -13.49 -52.38
CA GLU A 440 45.34 -14.13 -51.04
C GLU A 440 44.47 -13.36 -50.03
N GLU A 441 44.73 -12.06 -49.89
CA GLU A 441 44.07 -11.17 -48.89
C GLU A 441 43.11 -10.22 -49.62
N LYS A 442 43.55 -9.59 -50.71
CA LYS A 442 42.72 -8.76 -51.62
C LYS A 442 43.00 -9.16 -53.08
N GLY A 443 42.11 -8.74 -53.97
CA GLY A 443 42.24 -8.97 -55.42
C GLY A 443 42.47 -7.66 -56.12
N TYR A 444 42.47 -7.67 -57.46
N TYR A 444 42.44 -7.66 -57.45
CA TYR A 444 42.66 -6.45 -58.29
CA TYR A 444 42.66 -6.47 -58.31
C TYR A 444 41.56 -6.40 -59.37
C TYR A 444 41.56 -6.41 -59.35
N ARG A 445 41.00 -5.21 -59.51
CA ARG A 445 39.89 -4.90 -60.45
C ARG A 445 40.46 -4.03 -61.58
N SER A 446 40.12 -4.36 -62.81
CA SER A 446 40.54 -3.63 -64.03
C SER A 446 39.29 -3.38 -64.89
N LEU A 447 39.18 -2.21 -65.48
CA LEU A 447 38.13 -1.89 -66.47
C LEU A 447 38.52 -2.57 -67.79
N PHE A 448 37.75 -3.54 -68.25
CA PHE A 448 38.02 -4.28 -69.50
C PHE A 448 37.47 -3.47 -70.67
N ARG A 449 36.14 -3.29 -70.73
CA ARG A 449 35.47 -2.55 -71.84
C ARG A 449 34.22 -1.86 -71.27
N ALA A 450 33.88 -0.69 -71.83
CA ALA A 450 32.69 0.10 -71.44
C ALA A 450 31.85 0.34 -72.69
N ILE A 451 30.54 0.15 -72.58
CA ILE A 451 29.57 0.61 -73.61
C ILE A 451 29.57 2.14 -73.54
N SER A 452 29.68 2.81 -74.69
CA SER A 452 29.50 4.28 -74.81
C SER A 452 28.36 4.54 -75.79
N ILE A 453 27.59 5.60 -75.54
CA ILE A 453 26.43 5.99 -76.39
C ILE A 453 26.73 7.35 -76.99
N PRO A 454 27.01 7.42 -78.32
CA PRO A 454 27.21 8.70 -78.97
C PRO A 454 25.91 9.53 -78.90
N GLY A 455 26.06 10.82 -78.63
CA GLY A 455 24.92 11.76 -78.55
C GLY A 455 24.15 11.61 -77.25
N LEU A 456 24.67 10.87 -76.28
CA LEU A 456 24.21 10.98 -74.88
C LEU A 456 25.38 11.30 -73.95
N ASN A 457 25.19 12.37 -73.19
CA ASN A 457 26.19 12.86 -72.21
C ASN A 457 25.66 12.42 -70.86
N LEU A 458 26.23 11.36 -70.28
CA LEU A 458 25.70 10.71 -69.04
C LEU A 458 25.85 11.69 -67.85
N ASP A 459 26.78 12.63 -67.93
CA ASP A 459 27.04 13.64 -66.88
C ASP A 459 25.90 14.65 -66.79
N ASP A 460 25.00 14.70 -67.79
CA ASP A 460 23.84 15.65 -67.81
C ASP A 460 22.72 15.14 -66.91
N PHE A 461 22.80 13.91 -66.40
CA PHE A 461 21.72 13.24 -65.64
C PHE A 461 22.18 12.93 -64.22
N MET A 462 21.20 12.75 -63.35
CA MET A 462 21.40 12.23 -61.98
C MET A 462 20.26 11.27 -61.66
N THR A 463 20.51 10.39 -60.70
CA THR A 463 19.52 9.51 -60.07
C THR A 463 19.52 9.86 -58.59
N GLU A 464 18.38 10.35 -58.08
CA GLU A 464 18.19 10.63 -56.63
C GLU A 464 17.61 9.37 -55.96
N SER A 465 17.93 9.17 -54.69
CA SER A 465 17.30 8.18 -53.80
C SER A 465 16.51 8.96 -52.76
N VAL A 466 15.18 8.81 -52.78
CA VAL A 466 14.28 9.45 -51.79
C VAL A 466 13.49 8.34 -51.10
N PHE A 467 12.92 8.66 -49.95
CA PHE A 467 11.97 7.82 -49.18
C PHE A 467 10.70 8.64 -49.00
N TYR A 468 9.56 8.02 -49.25
CA TYR A 468 8.22 8.65 -49.10
C TYR A 468 7.32 7.74 -48.27
N PRO A 469 6.40 8.31 -47.46
CA PRO A 469 5.43 7.50 -46.72
C PRO A 469 4.25 7.08 -47.63
N SER A 470 3.89 5.80 -47.58
CA SER A 470 2.67 5.26 -48.24
C SER A 470 1.47 5.59 -47.34
N LYS A 471 0.26 5.30 -47.82
CA LYS A 471 -1.00 5.56 -47.10
C LYS A 471 -0.91 5.03 -45.66
N ASP A 472 -0.35 3.84 -45.45
CA ASP A 472 -0.31 3.16 -44.11
C ASP A 472 0.92 3.61 -43.32
N GLY A 473 1.71 4.56 -43.85
CA GLY A 473 2.86 5.14 -43.11
C GLY A 473 4.16 4.41 -43.40
N THR A 474 4.14 3.31 -44.14
CA THR A 474 5.34 2.55 -44.54
C THR A 474 6.24 3.45 -45.40
N SER A 475 7.53 3.47 -45.07
CA SER A 475 8.56 4.22 -45.81
C SER A 475 8.95 3.42 -47.06
N VAL A 476 8.83 4.02 -48.23
CA VAL A 476 9.09 3.37 -49.55
C VAL A 476 10.24 4.11 -50.20
N HIS A 477 11.22 3.38 -50.74
CA HIS A 477 12.36 3.96 -51.49
C HIS A 477 11.91 4.25 -52.91
N MET A 478 12.43 5.33 -53.50
CA MET A 478 12.16 5.67 -54.91
C MET A 478 13.42 6.23 -55.55
N PHE A 479 13.75 5.73 -56.73
CA PHE A 479 14.77 6.28 -57.64
C PHE A 479 14.11 7.34 -58.52
N ILE A 480 14.75 8.50 -58.67
CA ILE A 480 14.29 9.57 -59.59
C ILE A 480 15.44 9.95 -60.50
N THR A 481 15.39 9.59 -61.78
CA THR A 481 16.38 9.95 -62.80
C THR A 481 15.87 11.16 -63.59
N ARG A 482 16.71 12.17 -63.75
CA ARG A 482 16.34 13.45 -64.39
C ARG A 482 17.57 14.16 -64.91
N PRO A 483 17.39 15.10 -65.87
CA PRO A 483 18.47 16.01 -66.23
C PRO A 483 18.77 16.88 -65.00
N LYS A 484 20.05 17.12 -64.72
CA LYS A 484 20.52 17.96 -63.59
C LYS A 484 19.93 19.37 -63.71
N ASP A 485 19.70 19.86 -64.93
CA ASP A 485 19.28 21.28 -65.19
C ASP A 485 17.75 21.42 -65.23
N VAL A 486 16.98 20.32 -65.04
CA VAL A 486 15.51 20.43 -64.93
C VAL A 486 15.21 21.02 -63.55
N LEU A 487 14.34 22.04 -63.48
CA LEU A 487 13.99 22.75 -62.23
C LEU A 487 12.91 21.96 -61.51
N LEU A 488 13.02 21.86 -60.18
CA LEU A 488 11.97 21.31 -59.30
C LEU A 488 10.98 22.41 -58.94
N ASP A 489 10.20 22.88 -59.92
CA ASP A 489 9.24 24.00 -59.78
C ASP A 489 7.82 23.50 -60.09
N GLY A 490 7.60 22.19 -60.07
CA GLY A 490 6.29 21.56 -60.25
C GLY A 490 5.76 21.67 -61.68
N THR A 491 6.63 21.70 -62.69
CA THR A 491 6.26 21.82 -64.13
C THR A 491 6.63 20.57 -64.95
N SER A 492 7.59 19.77 -64.50
CA SER A 492 8.17 18.65 -65.28
C SER A 492 7.13 17.54 -65.48
N PRO A 493 7.09 16.92 -66.67
CA PRO A 493 6.39 15.66 -66.84
C PRO A 493 7.11 14.53 -66.08
N VAL A 494 6.38 13.46 -65.76
CA VAL A 494 6.91 12.22 -65.13
C VAL A 494 6.53 11.02 -65.98
N LEU A 495 7.48 10.12 -66.23
CA LEU A 495 7.21 8.71 -66.61
C LEU A 495 7.53 7.85 -65.39
N GLN A 496 6.51 7.26 -64.79
CA GLN A 496 6.60 6.48 -63.53
C GLN A 496 6.31 5.01 -63.83
N TYR A 497 7.32 4.16 -63.63
CA TYR A 497 7.31 2.72 -63.98
C TYR A 497 7.24 1.91 -62.70
N GLY A 498 6.37 0.91 -62.66
CA GLY A 498 6.20 0.01 -61.49
C GLY A 498 5.91 -1.41 -61.91
N TYR A 499 6.09 -2.33 -60.99
CA TYR A 499 5.75 -3.76 -61.17
C TYR A 499 4.98 -4.18 -59.92
N GLY A 500 5.70 -4.38 -58.82
CA GLY A 500 5.13 -4.71 -57.50
C GLY A 500 4.62 -6.13 -57.44
N GLY A 501 5.52 -7.11 -57.28
CA GLY A 501 5.10 -8.52 -57.15
C GLY A 501 6.19 -9.53 -57.41
N PHE A 502 5.92 -10.78 -57.00
CA PHE A 502 6.68 -11.99 -57.38
C PHE A 502 8.13 -11.86 -56.92
N SER A 503 8.39 -11.07 -55.88
CA SER A 503 9.75 -10.86 -55.30
C SER A 503 10.70 -10.33 -56.37
N LEU A 504 10.18 -9.65 -57.40
CA LEU A 504 11.01 -9.07 -58.50
C LEU A 504 11.35 -7.63 -58.11
N ALA A 505 12.63 -7.34 -57.90
CA ALA A 505 13.13 -5.99 -57.53
C ALA A 505 13.18 -5.12 -58.79
N MET A 506 12.81 -3.84 -58.69
CA MET A 506 13.06 -2.84 -59.76
C MET A 506 14.43 -2.21 -59.47
N LEU A 507 15.46 -2.76 -60.10
CA LEU A 507 16.88 -2.42 -59.90
C LEU A 507 17.23 -1.26 -60.81
N PRO A 508 18.27 -0.46 -60.48
CA PRO A 508 18.86 0.45 -61.45
C PRO A 508 19.20 -0.37 -62.70
N THR A 509 18.63 0.08 -63.82
CA THR A 509 18.66 -0.66 -65.10
C THR A 509 18.85 0.38 -66.18
N PHE A 510 19.68 0.09 -67.17
CA PHE A 510 19.96 1.08 -68.24
C PHE A 510 18.93 0.94 -69.35
N SER A 511 18.25 2.04 -69.68
CA SER A 511 17.44 2.16 -70.90
C SER A 511 17.76 3.50 -71.57
N LEU A 512 18.36 3.46 -72.76
CA LEU A 512 18.65 4.68 -73.53
C LEU A 512 17.33 5.45 -73.75
N SER A 513 16.27 4.72 -74.11
CA SER A 513 14.95 5.32 -74.46
C SER A 513 14.48 6.24 -73.32
N THR A 514 14.55 5.77 -72.09
CA THR A 514 14.08 6.49 -70.89
C THR A 514 14.85 7.80 -70.72
N LEU A 515 16.17 7.79 -70.95
CA LEU A 515 17.01 9.01 -70.83
C LEU A 515 16.65 9.98 -71.97
N LEU A 516 16.35 9.48 -73.17
CA LEU A 516 15.90 10.33 -74.31
C LEU A 516 14.54 10.94 -73.95
N PHE A 517 13.65 10.20 -73.29
CA PHE A 517 12.36 10.74 -72.80
C PHE A 517 12.67 11.92 -71.86
N CYS A 518 13.58 11.72 -70.91
CA CYS A 518 13.96 12.75 -69.91
C CYS A 518 14.53 14.00 -70.61
N LYS A 519 15.40 13.80 -71.60
CA LYS A 519 16.09 14.89 -72.33
C LYS A 519 15.07 15.65 -73.19
N ILE A 520 14.35 14.93 -74.05
CA ILE A 520 13.47 15.51 -75.11
C ILE A 520 12.27 16.21 -74.45
N TYR A 521 11.73 15.72 -73.33
CA TYR A 521 10.53 16.30 -72.68
C TYR A 521 10.90 16.98 -71.36
N ARG A 522 12.17 17.10 -71.02
CA ARG A 522 12.63 17.80 -69.78
C ARG A 522 11.90 17.14 -68.62
N ALA A 523 11.91 15.80 -68.60
CA ALA A 523 11.03 14.97 -67.75
C ALA A 523 11.86 14.22 -66.72
N ILE A 524 11.16 13.69 -65.70
CA ILE A 524 11.75 12.80 -64.67
C ILE A 524 11.25 11.37 -64.92
N TYR A 525 12.11 10.40 -64.63
CA TYR A 525 11.84 8.95 -64.69
C TYR A 525 11.86 8.41 -63.27
N ALA A 526 10.69 8.04 -62.75
CA ALA A 526 10.50 7.65 -61.33
C ALA A 526 10.29 6.15 -61.23
N ILE A 527 11.04 5.51 -60.34
CA ILE A 527 10.96 4.05 -60.05
C ILE A 527 10.73 3.91 -58.56
N PRO A 528 9.46 3.92 -58.08
CA PRO A 528 9.18 3.65 -56.68
C PRO A 528 9.30 2.14 -56.44
N ASN A 529 10.07 1.76 -55.42
CA ASN A 529 10.34 0.33 -55.08
C ASN A 529 9.21 -0.12 -54.18
N ILE A 530 8.02 -0.20 -54.77
CA ILE A 530 6.75 -0.50 -54.04
C ILE A 530 6.79 -1.94 -53.54
N ARG A 531 5.93 -2.23 -52.56
CA ARG A 531 5.81 -3.61 -52.00
C ARG A 531 5.42 -4.58 -53.13
N GLY A 532 5.65 -5.87 -52.88
CA GLY A 532 5.53 -6.93 -53.89
C GLY A 532 6.90 -7.39 -54.40
N GLY A 533 7.87 -6.47 -54.42
CA GLY A 533 9.25 -6.77 -54.86
C GLY A 533 10.08 -7.32 -53.72
N SER A 534 11.36 -7.61 -53.98
CA SER A 534 12.31 -8.14 -52.98
C SER A 534 13.29 -7.05 -52.53
N GLU A 535 13.05 -5.78 -52.84
CA GLU A 535 14.00 -4.67 -52.55
C GLU A 535 14.39 -4.66 -51.07
N TYR A 536 13.46 -4.88 -50.15
CA TYR A 536 13.74 -4.94 -48.68
C TYR A 536 13.54 -6.35 -48.17
N GLY A 537 13.94 -7.34 -48.97
CA GLY A 537 13.86 -8.77 -48.59
C GLY A 537 12.50 -9.35 -48.94
N GLU A 538 12.33 -10.64 -48.66
CA GLU A 538 11.11 -11.40 -48.98
C GLU A 538 9.92 -10.82 -48.22
N SER A 539 10.10 -10.24 -47.03
CA SER A 539 8.98 -9.61 -46.26
C SER A 539 8.35 -8.45 -47.08
N TRP A 540 9.12 -7.81 -47.96
CA TRP A 540 8.64 -6.73 -48.83
C TRP A 540 7.64 -7.29 -49.86
N HIS A 541 7.89 -8.52 -50.33
CA HIS A 541 6.95 -9.29 -51.21
C HIS A 541 5.69 -9.67 -50.43
N ARG A 542 5.85 -10.24 -49.23
CA ARG A 542 4.71 -10.73 -48.41
C ARG A 542 3.76 -9.58 -48.09
N GLU A 543 4.27 -8.34 -47.97
CA GLU A 543 3.44 -7.15 -47.63
C GLU A 543 2.73 -6.59 -48.87
N GLY A 544 2.90 -7.21 -50.04
CA GLY A 544 2.33 -6.72 -51.31
C GLY A 544 1.77 -7.86 -52.16
N MET A 545 1.14 -8.84 -51.51
CA MET A 545 0.53 -10.01 -52.21
C MET A 545 -0.77 -10.43 -51.52
N LEU A 546 -1.57 -11.24 -52.20
CA LEU A 546 -2.85 -11.82 -51.68
C LEU A 546 -3.75 -10.67 -51.20
N ASP A 547 -4.22 -10.72 -49.96
CA ASP A 547 -5.13 -9.69 -49.37
C ASP A 547 -4.40 -8.35 -49.20
N LYS A 548 -3.08 -8.28 -49.40
CA LYS A 548 -2.30 -7.03 -49.24
C LYS A 548 -1.81 -6.52 -50.61
N LYS A 549 -2.31 -7.09 -51.71
CA LYS A 549 -1.99 -6.55 -53.07
C LYS A 549 -2.35 -5.05 -53.13
N GLN A 550 -3.42 -4.62 -52.46
CA GLN A 550 -3.88 -3.20 -52.44
C GLN A 550 -2.73 -2.30 -51.96
N ASN A 551 -1.83 -2.80 -51.09
CA ASN A 551 -0.65 -2.03 -50.60
C ASN A 551 0.21 -1.58 -51.79
N VAL A 552 0.32 -2.41 -52.81
CA VAL A 552 1.16 -2.17 -54.01
C VAL A 552 0.61 -0.93 -54.72
N PHE A 553 -0.70 -0.89 -54.95
CA PHE A 553 -1.40 0.22 -55.64
C PHE A 553 -1.27 1.48 -54.80
N ASP A 554 -1.46 1.37 -53.48
CA ASP A 554 -1.38 2.50 -52.53
C ASP A 554 0.05 3.07 -52.56
N ASP A 555 1.07 2.21 -52.57
CA ASP A 555 2.48 2.64 -52.65
C ASP A 555 2.67 3.47 -53.92
N PHE A 556 2.15 2.99 -55.05
CA PHE A 556 2.38 3.60 -56.38
C PHE A 556 1.69 4.98 -56.45
N ASN A 557 0.44 5.04 -55.97
N ASN A 557 0.43 5.05 -55.97
CA ASN A 557 -0.37 6.28 -55.91
CA ASN A 557 -0.38 6.28 -55.91
C ASN A 557 0.37 7.30 -55.03
C ASN A 557 0.37 7.30 -55.03
N ALA A 558 0.83 6.88 -53.85
CA ALA A 558 1.53 7.77 -52.88
C ALA A 558 2.83 8.30 -53.50
N ALA A 559 3.51 7.53 -54.35
CA ALA A 559 4.71 7.98 -55.08
C ALA A 559 4.35 9.18 -55.94
N THR A 560 3.29 9.07 -56.74
CA THR A 560 2.81 10.15 -57.63
C THR A 560 2.47 11.38 -56.78
N GLU A 561 1.71 11.21 -55.69
CA GLU A 561 1.28 12.34 -54.82
C GLU A 561 2.51 13.01 -54.21
N TRP A 562 3.54 12.24 -53.87
CA TRP A 562 4.80 12.77 -53.29
C TRP A 562 5.53 13.62 -54.34
N LEU A 563 5.66 13.12 -55.58
CA LEU A 563 6.34 13.83 -56.69
C LEU A 563 5.66 15.18 -56.93
N ILE A 564 4.32 15.23 -56.90
CA ILE A 564 3.53 16.49 -57.10
C ILE A 564 3.77 17.42 -55.89
N ALA A 565 3.64 16.90 -54.66
CA ALA A 565 3.69 17.67 -53.41
C ALA A 565 5.07 18.31 -53.22
N ASN A 566 6.14 17.64 -53.68
CA ASN A 566 7.54 18.10 -53.49
C ASN A 566 8.04 18.79 -54.78
N LYS A 567 7.14 19.10 -55.71
CA LYS A 567 7.36 19.96 -56.91
C LYS A 567 8.38 19.32 -57.87
N TYR A 568 8.49 17.99 -57.85
CA TYR A 568 9.25 17.24 -58.89
C TYR A 568 8.44 17.28 -60.19
N ALA A 569 7.11 17.27 -60.10
CA ALA A 569 6.23 16.97 -61.26
C ALA A 569 4.98 17.86 -61.23
N SER A 570 4.50 18.25 -62.41
CA SER A 570 3.16 18.87 -62.60
C SER A 570 2.07 17.82 -62.33
N LYS A 571 1.06 18.19 -61.55
CA LYS A 571 -0.16 17.35 -61.32
C LYS A 571 -0.79 16.93 -62.66
N ASP A 572 -0.53 17.66 -63.74
CA ASP A 572 -1.23 17.45 -65.05
C ASP A 572 -0.38 16.63 -66.02
N ARG A 573 0.81 16.18 -65.63
CA ARG A 573 1.74 15.52 -66.57
C ARG A 573 2.32 14.24 -65.99
N ILE A 574 1.52 13.43 -65.30
CA ILE A 574 1.95 12.11 -64.77
C ILE A 574 1.58 11.03 -65.80
N ALA A 575 2.59 10.38 -66.38
CA ALA A 575 2.42 9.16 -67.18
C ALA A 575 2.88 7.95 -66.36
N ILE A 576 2.08 6.89 -66.31
CA ILE A 576 2.46 5.63 -65.62
C ILE A 576 2.55 4.49 -66.62
N ARG A 577 3.39 3.51 -66.27
CA ARG A 577 3.83 2.42 -67.17
C ARG A 577 3.98 1.15 -66.34
N GLY A 578 3.59 0.01 -66.92
CA GLY A 578 3.71 -1.30 -66.27
C GLY A 578 3.42 -2.41 -67.27
N GLY A 579 4.01 -3.58 -67.04
CA GLY A 579 3.89 -4.75 -67.93
C GLY A 579 3.59 -6.01 -67.13
N ALA A 580 2.68 -6.85 -67.65
CA ALA A 580 2.33 -8.17 -67.09
C ALA A 580 1.70 -7.96 -65.70
N ASN A 581 2.35 -8.38 -64.61
CA ASN A 581 1.87 -8.07 -63.25
C ASN A 581 1.81 -6.54 -63.05
N GLY A 582 2.70 -5.81 -63.72
CA GLY A 582 2.71 -4.33 -63.73
C GLY A 582 1.47 -3.76 -64.39
N GLY A 583 0.80 -4.52 -65.26
CA GLY A 583 -0.48 -4.16 -65.88
C GLY A 583 -1.63 -4.24 -64.89
N VAL A 584 -1.52 -5.09 -63.87
CA VAL A 584 -2.50 -5.09 -62.73
C VAL A 584 -2.39 -3.72 -62.06
N LEU A 585 -1.15 -3.28 -61.83
CA LEU A 585 -0.82 -2.00 -61.17
C LEU A 585 -1.40 -0.82 -61.96
N THR A 586 -1.12 -0.74 -63.27
CA THR A 586 -1.51 0.43 -64.10
C THR A 586 -3.03 0.50 -64.22
N THR A 587 -3.70 -0.63 -64.46
CA THR A 587 -5.17 -0.69 -64.65
C THR A 587 -5.86 -0.43 -63.30
N ALA A 588 -5.36 -0.98 -62.19
CA ALA A 588 -5.95 -0.76 -60.85
C ALA A 588 -5.81 0.71 -60.45
N CYS A 589 -4.63 1.30 -60.60
CA CYS A 589 -4.36 2.72 -60.23
C CYS A 589 -5.21 3.67 -61.09
N ALA A 590 -5.37 3.36 -62.39
CA ALA A 590 -6.23 4.15 -63.31
C ALA A 590 -7.68 4.12 -62.80
N ASN A 591 -8.15 2.95 -62.36
CA ASN A 591 -9.53 2.78 -61.81
C ASN A 591 -9.68 3.54 -60.50
N GLN A 592 -8.69 3.49 -59.61
CA GLN A 592 -8.86 3.94 -58.20
C GLN A 592 -8.53 5.44 -58.04
N ALA A 593 -7.74 6.02 -58.94
CA ALA A 593 -7.32 7.43 -58.88
C ALA A 593 -7.15 7.96 -60.30
N PRO A 594 -8.20 7.93 -61.13
CA PRO A 594 -8.10 8.35 -62.53
C PRO A 594 -7.60 9.80 -62.67
N GLY A 595 -7.94 10.65 -61.68
CA GLY A 595 -7.58 12.09 -61.65
C GLY A 595 -6.10 12.34 -61.43
N LEU A 596 -5.32 11.39 -60.90
CA LEU A 596 -3.86 11.55 -60.66
C LEU A 596 -3.10 11.50 -61.98
N TYR A 597 -3.59 10.71 -62.95
CA TYR A 597 -2.80 10.25 -64.11
C TYR A 597 -3.32 10.93 -65.36
N ARG A 598 -2.40 11.32 -66.23
CA ARG A 598 -2.73 11.93 -67.55
C ARG A 598 -2.51 10.90 -68.68
N CYS A 599 -1.74 9.84 -68.42
CA CYS A 599 -1.46 8.84 -69.47
C CYS A 599 -1.06 7.54 -68.79
N VAL A 600 -1.64 6.43 -69.28
CA VAL A 600 -1.42 5.09 -68.69
C VAL A 600 -1.00 4.15 -69.81
N ILE A 601 0.22 3.61 -69.70
CA ILE A 601 0.81 2.63 -70.66
C ILE A 601 0.78 1.25 -69.99
N THR A 602 0.09 0.30 -70.60
CA THR A 602 -0.01 -1.10 -70.11
C THR A 602 0.57 -2.03 -71.18
N ILE A 603 1.56 -2.85 -70.81
CA ILE A 603 2.25 -3.80 -71.71
C ILE A 603 1.82 -5.20 -71.29
N GLU A 604 1.19 -5.97 -72.19
CA GLU A 604 0.83 -7.40 -71.95
C GLU A 604 0.24 -7.53 -70.54
N GLY A 605 -0.77 -6.72 -70.24
CA GLY A 605 -1.31 -6.60 -68.88
C GLY A 605 -2.07 -7.83 -68.44
N ILE A 606 -1.93 -8.19 -67.16
CA ILE A 606 -2.88 -9.07 -66.43
C ILE A 606 -3.95 -8.15 -65.84
N ILE A 607 -5.22 -8.37 -66.18
CA ILE A 607 -6.30 -7.38 -65.88
C ILE A 607 -7.55 -8.10 -65.33
N ASP A 608 -7.95 -9.23 -65.92
CA ASP A 608 -9.08 -10.05 -65.37
C ASP A 608 -8.54 -10.93 -64.24
N MET A 609 -8.71 -10.50 -62.99
CA MET A 609 -8.14 -11.19 -61.80
C MET A 609 -9.08 -12.30 -61.31
N LEU A 610 -10.20 -12.55 -61.99
CA LEU A 610 -11.10 -13.69 -61.70
C LEU A 610 -10.80 -14.85 -62.66
N ARG A 611 -10.48 -14.56 -63.93
CA ARG A 611 -10.39 -15.57 -65.00
C ARG A 611 -8.93 -16.00 -65.24
N PHE A 612 -7.95 -15.33 -64.63
CA PHE A 612 -6.51 -15.53 -64.96
C PHE A 612 -6.10 -17.01 -64.85
N PRO A 613 -6.59 -17.82 -63.89
CA PRO A 613 -6.15 -19.22 -63.78
C PRO A 613 -6.50 -20.13 -64.97
N LYS A 614 -7.46 -19.74 -65.80
CA LYS A 614 -8.04 -20.62 -66.85
C LYS A 614 -7.16 -20.63 -68.10
N PHE A 615 -6.11 -19.81 -68.16
CA PHE A 615 -5.31 -19.60 -69.40
C PHE A 615 -3.82 -19.82 -69.14
N THR A 616 -3.17 -20.52 -70.09
CA THR A 616 -1.72 -20.89 -70.15
C THR A 616 -1.16 -21.06 -68.74
N PHE A 617 -0.34 -20.13 -68.26
CA PHE A 617 0.47 -20.27 -67.02
C PHE A 617 -0.20 -19.54 -65.86
N GLY A 618 -1.41 -19.04 -66.06
CA GLY A 618 -2.10 -18.16 -65.09
C GLY A 618 -2.37 -18.85 -63.75
N ALA A 619 -2.66 -20.15 -63.75
CA ALA A 619 -2.99 -20.90 -62.52
C ALA A 619 -1.83 -20.77 -61.51
N SER A 620 -0.59 -20.72 -61.99
CA SER A 620 0.61 -20.56 -61.13
C SER A 620 0.57 -19.24 -60.34
N TRP A 621 -0.14 -18.21 -60.83
CA TRP A 621 -0.20 -16.87 -60.19
C TRP A 621 -1.12 -16.86 -58.97
N ARG A 622 -1.82 -17.96 -58.69
CA ARG A 622 -2.75 -18.06 -57.54
C ARG A 622 -2.01 -17.89 -56.22
N SER A 623 -0.72 -18.23 -56.14
CA SER A 623 0.12 -18.03 -54.93
C SER A 623 0.30 -16.53 -54.68
N GLU A 624 0.27 -15.71 -55.73
CA GLU A 624 0.49 -14.24 -55.63
C GLU A 624 -0.83 -13.49 -55.39
N TYR A 625 -1.83 -13.74 -56.22
CA TYR A 625 -3.10 -12.95 -56.26
C TYR A 625 -4.17 -13.59 -55.36
N GLY A 626 -4.07 -14.90 -55.13
CA GLY A 626 -5.12 -15.68 -54.46
C GLY A 626 -5.85 -16.54 -55.48
N ASP A 627 -6.74 -17.39 -55.00
CA ASP A 627 -7.56 -18.29 -55.85
C ASP A 627 -8.95 -17.65 -55.97
N PRO A 628 -9.33 -17.14 -57.16
CA PRO A 628 -10.63 -16.50 -57.31
C PRO A 628 -11.83 -17.44 -57.05
N GLU A 629 -11.62 -18.77 -57.14
CA GLU A 629 -12.65 -19.79 -56.87
C GLU A 629 -12.65 -20.19 -55.39
N ASP A 630 -11.84 -19.56 -54.54
CA ASP A 630 -11.95 -19.69 -53.07
C ASP A 630 -12.80 -18.53 -52.56
N PRO A 631 -13.80 -18.77 -51.69
CA PRO A 631 -14.72 -17.72 -51.24
C PRO A 631 -14.06 -16.54 -50.51
N GLU A 632 -13.06 -16.81 -49.66
CA GLU A 632 -12.34 -15.75 -48.90
C GLU A 632 -11.49 -14.91 -49.85
N ASP A 633 -10.75 -15.57 -50.74
CA ASP A 633 -9.86 -14.92 -51.74
C ASP A 633 -10.72 -14.08 -52.70
N PHE A 634 -11.86 -14.60 -53.13
CA PHE A 634 -12.74 -13.90 -54.10
C PHE A 634 -12.98 -12.46 -53.61
N ASP A 635 -13.33 -12.28 -52.34
CA ASP A 635 -13.77 -10.96 -51.81
C ASP A 635 -12.64 -9.93 -51.95
N PHE A 636 -11.41 -10.27 -51.58
CA PHE A 636 -10.29 -9.28 -51.65
C PHE A 636 -9.83 -9.11 -53.10
N ILE A 637 -9.91 -10.14 -53.94
CA ILE A 637 -9.53 -10.03 -55.39
C ILE A 637 -10.56 -9.12 -56.09
N PHE A 638 -11.84 -9.37 -55.85
CA PHE A 638 -12.97 -8.67 -56.54
C PHE A 638 -12.91 -7.17 -56.22
N LYS A 639 -12.45 -6.78 -55.04
CA LYS A 639 -12.34 -5.35 -54.64
C LYS A 639 -11.46 -4.56 -55.62
N TYR A 640 -10.39 -5.14 -56.16
CA TYR A 640 -9.43 -4.39 -57.02
C TYR A 640 -9.43 -4.91 -58.46
N SER A 641 -9.85 -6.16 -58.74
CA SER A 641 -9.77 -6.74 -60.10
C SER A 641 -10.07 -5.65 -61.12
N PRO A 642 -9.05 -5.11 -61.83
CA PRO A 642 -9.28 -3.91 -62.64
C PRO A 642 -10.38 -4.10 -63.69
N TYR A 643 -10.51 -5.28 -64.28
CA TYR A 643 -11.55 -5.58 -65.31
C TYR A 643 -12.95 -5.36 -64.72
N HIS A 644 -13.12 -5.53 -63.40
CA HIS A 644 -14.42 -5.51 -62.71
C HIS A 644 -14.64 -4.22 -61.93
N ASN A 645 -13.75 -3.25 -62.04
CA ASN A 645 -13.83 -2.01 -61.21
C ASN A 645 -13.60 -0.76 -62.07
N ILE A 646 -13.85 -0.84 -63.38
CA ILE A 646 -13.84 0.38 -64.25
C ILE A 646 -14.86 1.35 -63.63
N PRO A 647 -14.50 2.62 -63.37
CA PRO A 647 -15.42 3.49 -62.62
C PRO A 647 -16.63 3.84 -63.48
N PRO A 648 -17.81 4.05 -62.85
CA PRO A 648 -19.00 4.48 -63.60
C PRO A 648 -18.74 5.75 -64.38
N PRO A 649 -19.23 5.89 -65.64
CA PRO A 649 -18.82 7.01 -66.50
C PRO A 649 -19.27 8.38 -65.98
N GLY A 650 -20.34 8.44 -65.17
CA GLY A 650 -21.04 9.68 -64.81
C GLY A 650 -20.18 10.71 -64.10
N ASP A 651 -19.24 10.29 -63.26
CA ASP A 651 -18.45 11.22 -62.40
C ASP A 651 -16.97 10.83 -62.42
N THR A 652 -16.47 10.34 -63.57
CA THR A 652 -15.04 10.04 -63.81
C THR A 652 -14.61 10.50 -65.21
N VAL A 653 -13.48 11.16 -65.33
CA VAL A 653 -12.74 11.37 -66.61
C VAL A 653 -11.53 10.39 -66.60
N MET A 654 -11.58 9.36 -67.43
CA MET A 654 -10.46 8.38 -67.57
C MET A 654 -9.27 9.06 -68.22
N PRO A 655 -8.03 8.85 -67.76
CA PRO A 655 -6.85 9.29 -68.49
C PRO A 655 -6.82 8.61 -69.87
N ALA A 656 -6.05 9.19 -70.79
CA ALA A 656 -5.64 8.52 -72.05
C ALA A 656 -4.91 7.22 -71.70
N MET A 657 -5.21 6.14 -72.44
CA MET A 657 -4.67 4.80 -72.12
C MET A 657 -4.24 4.11 -73.41
N LEU A 658 -3.02 3.56 -73.41
CA LEU A 658 -2.49 2.79 -74.56
C LEU A 658 -2.10 1.41 -74.04
N PHE A 659 -2.67 0.38 -74.64
CA PHE A 659 -2.41 -1.05 -74.29
C PHE A 659 -1.59 -1.67 -75.41
N PHE A 660 -0.42 -2.22 -75.07
CA PHE A 660 0.43 -3.02 -75.99
C PHE A 660 0.12 -4.49 -75.76
N THR A 661 -0.10 -5.24 -76.83
CA THR A 661 -0.19 -6.72 -76.79
C THR A 661 0.09 -7.28 -78.17
N ALA A 662 0.57 -8.52 -78.23
CA ALA A 662 0.54 -9.37 -79.43
C ALA A 662 -0.86 -9.98 -79.58
N ALA A 663 -1.20 -10.48 -80.77
CA ALA A 663 -2.45 -11.24 -81.03
C ALA A 663 -2.35 -12.63 -80.39
N TYR A 664 -1.15 -13.22 -80.35
CA TYR A 664 -0.80 -14.49 -79.66
C TYR A 664 0.30 -14.21 -78.62
N ASP A 665 0.12 -14.65 -77.38
CA ASP A 665 1.13 -14.55 -76.29
C ASP A 665 0.82 -15.63 -75.25
N ASP A 666 1.77 -16.53 -74.99
CA ASP A 666 1.64 -17.64 -74.00
C ASP A 666 1.84 -17.10 -72.58
N ARG A 667 2.70 -16.09 -72.42
CA ARG A 667 3.15 -15.56 -71.09
C ARG A 667 1.94 -14.90 -70.41
N VAL A 668 1.28 -13.96 -71.09
CA VAL A 668 -0.01 -13.35 -70.65
C VAL A 668 -0.98 -13.37 -71.84
N SER A 669 -2.06 -14.14 -71.71
CA SER A 669 -3.10 -14.27 -72.77
C SER A 669 -3.62 -12.88 -73.12
N PRO A 670 -3.60 -12.50 -74.41
CA PRO A 670 -4.03 -11.17 -74.83
C PRO A 670 -5.50 -10.85 -74.49
N LEU A 671 -6.31 -11.87 -74.17
CA LEU A 671 -7.74 -11.69 -73.77
C LEU A 671 -7.85 -10.67 -72.63
N HIS A 672 -6.84 -10.59 -71.74
CA HIS A 672 -6.84 -9.61 -70.63
C HIS A 672 -6.99 -8.19 -71.20
N THR A 673 -6.15 -7.86 -72.17
CA THR A 673 -6.17 -6.54 -72.88
C THR A 673 -7.45 -6.41 -73.71
N PHE A 674 -7.78 -7.42 -74.51
CA PHE A 674 -8.95 -7.41 -75.43
C PHE A 674 -10.21 -6.98 -74.68
N LYS A 675 -10.51 -7.67 -73.57
CA LYS A 675 -11.78 -7.47 -72.82
C LYS A 675 -11.74 -6.10 -72.13
N HIS A 676 -10.62 -5.72 -71.50
CA HIS A 676 -10.53 -4.45 -70.75
C HIS A 676 -10.66 -3.26 -71.70
N VAL A 677 -10.05 -3.34 -72.88
CA VAL A 677 -10.14 -2.26 -73.92
C VAL A 677 -11.60 -2.15 -74.37
N ALA A 678 -12.26 -3.28 -74.65
CA ALA A 678 -13.70 -3.32 -75.05
C ALA A 678 -14.52 -2.63 -73.96
N ALA A 679 -14.31 -3.02 -72.68
CA ALA A 679 -15.13 -2.54 -71.55
C ALA A 679 -14.86 -1.04 -71.32
N LEU A 680 -13.61 -0.59 -71.43
CA LEU A 680 -13.28 0.85 -71.25
C LEU A 680 -13.96 1.68 -72.35
N GLN A 681 -13.88 1.23 -73.60
CA GLN A 681 -14.47 1.93 -74.78
C GLN A 681 -16.00 1.96 -74.65
N HIS A 682 -16.59 0.90 -74.12
CA HIS A 682 -18.06 0.81 -73.90
C HIS A 682 -18.46 1.79 -72.80
N ASN A 683 -17.71 1.84 -71.71
CA ASN A 683 -17.98 2.67 -70.51
C ASN A 683 -17.78 4.15 -70.84
N PHE A 684 -16.79 4.47 -71.67
CA PHE A 684 -16.37 5.87 -72.00
C PHE A 684 -16.35 6.05 -73.51
N PRO A 685 -17.51 5.93 -74.20
CA PRO A 685 -17.52 5.93 -75.67
C PRO A 685 -17.16 7.29 -76.30
N LYS A 686 -17.22 8.37 -75.53
CA LYS A 686 -16.96 9.76 -75.99
C LYS A 686 -15.61 10.26 -75.45
N GLY A 687 -14.78 9.39 -74.85
CA GLY A 687 -13.53 9.82 -74.21
C GLY A 687 -13.81 10.64 -72.94
N PRO A 688 -13.30 11.89 -72.83
CA PRO A 688 -12.65 12.61 -73.93
C PRO A 688 -11.25 12.12 -74.35
N ASN A 689 -10.62 11.27 -73.52
CA ASN A 689 -9.23 10.78 -73.75
C ASN A 689 -9.29 9.36 -74.32
N PRO A 690 -8.61 9.08 -75.45
CA PRO A 690 -8.73 7.81 -76.12
C PRO A 690 -8.14 6.63 -75.32
N CYS A 691 -8.78 5.47 -75.48
CA CYS A 691 -8.32 4.16 -74.98
C CYS A 691 -8.03 3.27 -76.18
N LEU A 692 -6.74 3.01 -76.45
CA LEU A 692 -6.28 2.39 -77.72
C LEU A 692 -5.56 1.07 -77.43
N MET A 693 -5.67 0.13 -78.37
CA MET A 693 -4.90 -1.14 -78.33
C MET A 693 -3.94 -1.16 -79.51
N ARG A 694 -2.65 -1.14 -79.20
CA ARG A 694 -1.52 -1.22 -80.16
C ARG A 694 -1.12 -2.69 -80.30
N ILE A 695 -1.46 -3.31 -81.43
CA ILE A 695 -1.31 -4.78 -81.68
C ILE A 695 -0.12 -5.04 -82.63
N ASP A 696 0.79 -5.93 -82.22
CA ASP A 696 1.76 -6.62 -83.11
C ASP A 696 1.14 -7.94 -83.59
N LEU A 697 1.01 -8.15 -84.90
CA LEU A 697 0.46 -9.41 -85.48
C LEU A 697 1.54 -10.48 -85.65
N ASN A 698 2.81 -10.15 -85.38
CA ASN A 698 3.99 -11.03 -85.63
C ASN A 698 4.40 -11.73 -84.33
N SER A 699 3.68 -11.49 -83.23
CA SER A 699 3.90 -12.10 -81.89
C SER A 699 5.30 -11.77 -81.39
N GLY A 700 5.91 -10.70 -81.91
CA GLY A 700 7.30 -10.30 -81.60
C GLY A 700 7.60 -10.57 -80.13
N HIS A 701 8.18 -11.74 -79.84
CA HIS A 701 8.19 -12.37 -78.48
C HIS A 701 8.77 -11.39 -77.46
N PHE A 702 8.17 -11.32 -76.26
CA PHE A 702 8.81 -10.79 -75.02
C PHE A 702 9.75 -11.94 -74.58
N ALA A 703 11.07 -11.67 -74.60
CA ALA A 703 12.14 -12.69 -74.75
C ALA A 703 12.23 -13.06 -76.25
N GLY A 704 12.60 -12.08 -77.07
CA GLY A 704 13.03 -12.28 -78.47
C GLY A 704 12.59 -11.18 -79.43
N LYS A 705 12.36 -9.96 -78.94
CA LYS A 705 11.80 -8.83 -79.73
C LYS A 705 12.92 -8.20 -80.56
N SER A 706 12.75 -8.07 -81.88
CA SER A 706 13.74 -7.43 -82.79
C SER A 706 13.94 -5.95 -82.38
N THR A 707 15.15 -5.43 -82.60
CA THR A 707 15.49 -4.01 -82.30
C THR A 707 14.45 -3.09 -82.96
N GLN A 708 14.10 -3.35 -84.23
CA GLN A 708 13.24 -2.44 -85.03
C GLN A 708 11.83 -2.43 -84.41
N GLU A 709 11.32 -3.57 -83.95
CA GLU A 709 9.97 -3.65 -83.32
C GLU A 709 9.98 -2.88 -82.00
N MET A 710 11.04 -3.01 -81.20
CA MET A 710 11.20 -2.33 -79.90
C MET A 710 11.15 -0.82 -80.14
N LEU A 711 11.82 -0.32 -81.19
CA LEU A 711 11.89 1.12 -81.50
C LEU A 711 10.50 1.64 -81.90
N GLU A 712 9.79 0.89 -82.76
CA GLU A 712 8.44 1.25 -83.26
C GLU A 712 7.46 1.31 -82.07
N GLU A 713 7.53 0.34 -81.16
CA GLU A 713 6.71 0.29 -79.94
C GLU A 713 7.01 1.51 -79.07
N THR A 714 8.28 1.86 -78.88
CA THR A 714 8.71 2.99 -78.03
C THR A 714 8.28 4.31 -78.67
N ALA A 715 8.36 4.43 -79.99
CA ALA A 715 7.95 5.64 -80.73
C ALA A 715 6.43 5.85 -80.57
N ASP A 716 5.64 4.77 -80.66
CA ASP A 716 4.18 4.79 -80.40
C ASP A 716 3.94 5.22 -78.94
N GLU A 717 4.66 4.64 -77.98
CA GLU A 717 4.45 4.93 -76.54
C GLU A 717 4.78 6.40 -76.26
N TYR A 718 5.95 6.89 -76.69
CA TYR A 718 6.44 8.24 -76.30
C TYR A 718 5.59 9.31 -77.03
N SER A 719 5.26 9.11 -78.31
CA SER A 719 4.45 10.08 -79.09
C SER A 719 3.02 10.15 -78.48
N PHE A 720 2.47 9.02 -78.06
CA PHE A 720 1.15 8.95 -77.39
C PHE A 720 1.22 9.68 -76.04
N ILE A 721 2.28 9.47 -75.24
CA ILE A 721 2.43 10.19 -73.94
C ILE A 721 2.51 11.70 -74.23
N GLY A 722 3.34 12.07 -75.22
CA GLY A 722 3.54 13.48 -75.64
C GLY A 722 2.22 14.14 -76.02
N LYS A 723 1.42 13.50 -76.88
CA LYS A 723 0.09 13.99 -77.32
C LYS A 723 -0.82 14.08 -76.09
N SER A 724 -0.91 13.01 -75.29
CA SER A 724 -1.86 12.88 -74.15
C SER A 724 -1.58 13.96 -73.10
N MET A 725 -0.33 14.35 -72.89
CA MET A 725 0.04 15.25 -71.76
C MET A 725 0.41 16.65 -72.27
N GLY A 726 0.21 16.92 -73.57
CA GLY A 726 0.45 18.24 -74.21
C GLY A 726 1.93 18.62 -74.22
N LEU A 727 2.83 17.67 -74.48
CA LEU A 727 4.30 17.91 -74.45
C LEU A 727 4.80 18.23 -75.86
N THR A 728 5.75 19.15 -75.96
CA THR A 728 6.50 19.47 -77.20
C THR A 728 7.90 18.86 -77.08
N MET A 729 8.38 18.21 -78.14
CA MET A 729 9.75 17.67 -78.23
C MET A 729 10.74 18.84 -78.33
N GLN A 730 11.76 18.87 -77.47
CA GLN A 730 12.81 19.92 -77.44
C GLN A 730 13.92 19.59 -78.45
N SER B 2 35.58 -7.73 21.01
CA SER B 2 35.64 -8.38 19.66
C SER B 2 35.10 -7.44 18.57
N PHE B 3 35.16 -7.87 17.31
CA PHE B 3 34.69 -7.13 16.11
C PHE B 3 33.31 -7.62 15.70
N PRO B 4 32.27 -6.76 15.64
CA PRO B 4 30.93 -7.22 15.26
C PRO B 4 30.81 -7.54 13.77
N GLY B 5 30.00 -8.57 13.44
CA GLY B 5 29.81 -9.11 12.07
C GLY B 5 29.29 -8.09 11.08
N TRP B 6 28.63 -7.04 11.54
CA TRP B 6 28.01 -5.96 10.70
C TRP B 6 29.05 -4.90 10.28
N GLY B 7 30.19 -4.82 10.97
CA GLY B 7 31.27 -3.86 10.67
C GLY B 7 32.13 -4.31 9.49
N PRO B 8 33.15 -3.52 9.07
CA PRO B 8 33.42 -2.21 9.65
C PRO B 8 32.54 -1.10 9.07
N TYR B 9 32.52 0.06 9.72
CA TYR B 9 31.83 1.28 9.23
C TYR B 9 32.47 1.71 7.92
N PRO B 10 31.72 2.33 6.98
CA PRO B 10 32.30 2.97 5.81
C PRO B 10 33.26 4.07 6.26
N PRO B 11 34.37 4.30 5.53
CA PRO B 11 35.33 5.34 5.88
C PRO B 11 34.73 6.73 5.64
N VAL B 12 35.10 7.70 6.48
CA VAL B 12 34.75 9.14 6.36
C VAL B 12 36.03 9.95 6.49
N GLU B 13 36.35 10.73 5.45
CA GLU B 13 37.51 11.65 5.41
C GLU B 13 37.43 12.61 6.60
N ARG B 14 38.56 12.86 7.25
CA ARG B 14 38.67 13.83 8.36
C ARG B 14 39.57 14.99 7.90
N ASP B 15 39.23 16.21 8.30
CA ASP B 15 40.13 17.39 8.19
C ASP B 15 40.64 17.68 9.61
N GLU B 16 41.84 17.23 9.93
CA GLU B 16 42.43 17.31 11.29
C GLU B 16 42.78 18.76 11.65
N THR B 17 42.86 19.65 10.66
CA THR B 17 43.28 21.08 10.85
C THR B 17 42.04 21.98 11.04
N SER B 18 40.84 21.54 10.67
CA SER B 18 39.61 22.39 10.67
C SER B 18 39.22 22.78 12.09
N ALA B 19 39.19 24.06 12.42
CA ALA B 19 38.80 24.58 13.75
C ALA B 19 38.24 26.01 13.63
N ILE B 20 37.38 26.37 14.58
CA ILE B 20 36.77 27.72 14.74
C ILE B 20 37.00 28.12 16.19
N THR B 21 37.39 29.37 16.43
CA THR B 21 37.57 29.93 17.79
C THR B 21 36.30 30.73 18.12
N TYR B 22 35.76 30.51 19.32
CA TYR B 22 34.53 31.14 19.83
C TYR B 22 34.90 31.96 21.06
N SER B 23 34.34 33.17 21.18
CA SER B 23 34.47 33.97 22.41
C SER B 23 33.75 33.22 23.53
N SER B 24 34.29 33.30 24.76
CA SER B 24 33.79 32.60 25.96
C SER B 24 33.94 33.52 27.17
N LYS B 25 32.86 33.71 27.94
CA LYS B 25 32.84 34.55 29.16
C LYS B 25 33.81 33.95 30.18
N LEU B 26 33.82 32.63 30.32
CA LEU B 26 34.57 31.94 31.41
C LEU B 26 36.04 31.76 31.02
N HIS B 27 36.35 31.52 29.74
CA HIS B 27 37.68 31.08 29.25
C HIS B 27 38.33 32.13 28.33
N GLY B 28 37.64 33.24 28.02
CA GLY B 28 38.09 34.25 27.04
C GLY B 28 37.82 33.78 25.62
N SER B 29 38.52 32.72 25.18
CA SER B 29 38.31 32.07 23.87
C SER B 29 38.39 30.55 24.02
N VAL B 30 37.67 29.82 23.17
CA VAL B 30 37.74 28.33 23.09
C VAL B 30 37.82 27.97 21.61
N THR B 31 38.84 27.19 21.24
CA THR B 31 39.04 26.68 19.86
C THR B 31 38.37 25.32 19.80
N VAL B 32 37.44 25.14 18.85
CA VAL B 32 36.65 23.90 18.66
C VAL B 32 37.12 23.27 17.35
N ARG B 33 37.66 22.07 17.40
CA ARG B 33 38.04 21.28 16.20
C ARG B 33 36.75 20.72 15.59
N ASP B 34 36.60 20.77 14.27
CA ASP B 34 35.50 20.08 13.56
C ASP B 34 36.10 19.28 12.40
N PRO B 35 36.56 18.04 12.65
CA PRO B 35 37.14 17.22 11.58
C PRO B 35 36.19 16.87 10.43
N TYR B 36 34.88 17.07 10.58
CA TYR B 36 33.85 16.70 9.57
C TYR B 36 33.20 17.94 8.96
N SER B 37 33.87 19.10 9.03
CA SER B 37 33.35 20.39 8.50
C SER B 37 33.07 20.28 6.99
N GLN B 38 33.78 19.42 6.24
CA GLN B 38 33.53 19.26 4.78
C GLN B 38 32.09 18.77 4.54
N LEU B 39 31.50 18.03 5.48
CA LEU B 39 30.13 17.49 5.32
C LEU B 39 29.07 18.59 5.50
N GLU B 40 29.49 19.84 5.81
CA GLU B 40 28.62 21.04 5.76
C GLU B 40 28.37 21.45 4.30
N VAL B 41 29.16 20.96 3.34
CA VAL B 41 28.93 21.27 1.90
C VAL B 41 27.81 20.35 1.41
N PRO B 42 26.76 20.90 0.78
CA PRO B 42 25.61 20.10 0.32
C PRO B 42 25.96 18.94 -0.62
N PHE B 43 25.17 17.87 -0.54
CA PHE B 43 25.23 16.64 -1.39
C PHE B 43 25.49 17.01 -2.85
N GLU B 44 24.70 17.95 -3.40
CA GLU B 44 24.69 18.32 -4.84
C GLU B 44 25.99 19.05 -5.23
N ASP B 45 26.76 19.57 -4.28
CA ASP B 45 27.93 20.46 -4.53
C ASP B 45 29.27 19.78 -4.22
N SER B 46 29.30 18.66 -3.49
CA SER B 46 30.55 17.99 -3.03
C SER B 46 30.52 16.50 -3.41
N GLU B 47 31.56 16.03 -4.10
CA GLU B 47 31.78 14.59 -4.40
C GLU B 47 32.04 13.85 -3.08
N GLU B 48 32.66 14.54 -2.10
CA GLU B 48 32.98 14.00 -0.75
C GLU B 48 31.66 13.76 -0.01
N THR B 49 30.75 14.74 0.00
CA THR B 49 29.44 14.60 0.66
C THR B 49 28.65 13.49 -0.06
N LYS B 50 28.70 13.46 -1.39
CA LYS B 50 28.07 12.40 -2.22
C LYS B 50 28.56 11.01 -1.79
N ALA B 51 29.88 10.81 -1.73
CA ALA B 51 30.50 9.51 -1.37
C ALA B 51 30.09 9.11 0.05
N PHE B 52 30.03 10.07 0.99
CA PHE B 52 29.59 9.84 2.38
C PHE B 52 28.14 9.34 2.39
N VAL B 53 27.23 10.07 1.74
CA VAL B 53 25.76 9.76 1.71
C VAL B 53 25.55 8.38 1.09
N HIS B 54 26.13 8.11 -0.07
CA HIS B 54 25.95 6.83 -0.81
C HIS B 54 26.47 5.65 0.02
N SER B 55 27.67 5.76 0.60
CA SER B 55 28.31 4.67 1.39
C SER B 55 27.51 4.44 2.68
N GLN B 56 27.14 5.53 3.39
CA GLN B 56 26.37 5.42 4.67
C GLN B 56 24.99 4.84 4.37
N ARG B 57 24.35 5.27 3.29
CA ARG B 57 22.99 4.83 2.88
C ARG B 57 23.02 3.32 2.60
N LYS B 58 24.00 2.86 1.84
CA LYS B 58 24.15 1.45 1.40
C LYS B 58 24.41 0.58 2.65
N PHE B 59 25.23 1.08 3.57
CA PHE B 59 25.63 0.37 4.81
C PHE B 59 24.41 0.17 5.71
N ALA B 60 23.63 1.23 5.92
CA ALA B 60 22.38 1.19 6.72
C ALA B 60 21.40 0.20 6.07
N ARG B 61 21.17 0.31 4.76
CA ARG B 61 20.18 -0.54 4.02
C ARG B 61 20.55 -2.01 4.18
N THR B 62 21.84 -2.36 4.06
CA THR B 62 22.31 -3.76 4.20
C THR B 62 21.93 -4.28 5.59
N TYR B 63 22.22 -3.53 6.65
CA TYR B 63 21.92 -3.94 8.05
C TYR B 63 20.40 -4.07 8.24
N LEU B 64 19.64 -3.05 7.83
CA LEU B 64 18.16 -3.00 8.05
C LEU B 64 17.48 -4.14 7.28
N ASP B 65 17.89 -4.38 6.03
CA ASP B 65 17.28 -5.39 5.11
C ASP B 65 17.70 -6.81 5.50
N GLU B 66 18.82 -6.98 6.21
CA GLU B 66 19.28 -8.32 6.67
C GLU B 66 18.30 -8.87 7.72
N ASN B 67 17.60 -8.00 8.44
CA ASN B 67 16.62 -8.34 9.51
C ASN B 67 15.29 -8.74 8.86
N PRO B 68 14.83 -10.01 9.00
CA PRO B 68 13.57 -10.41 8.38
C PRO B 68 12.35 -9.67 8.97
N ASP B 69 12.47 -9.15 10.20
CA ASP B 69 11.41 -8.35 10.88
C ASP B 69 11.15 -7.05 10.12
N ARG B 70 12.06 -6.62 9.24
CA ARG B 70 11.86 -5.37 8.46
C ARG B 70 10.67 -5.59 7.50
N GLU B 71 10.71 -6.65 6.68
CA GLU B 71 9.61 -7.00 5.74
C GLU B 71 8.35 -7.37 6.52
N ALA B 72 8.48 -8.07 7.66
CA ALA B 72 7.33 -8.42 8.53
C ALA B 72 6.65 -7.14 9.01
N TRP B 73 7.43 -6.12 9.42
CA TRP B 73 6.88 -4.82 9.88
C TRP B 73 6.20 -4.12 8.70
N LEU B 74 6.83 -4.10 7.52
CA LEU B 74 6.28 -3.38 6.35
C LEU B 74 4.91 -3.98 5.99
N GLU B 75 4.79 -5.31 5.97
CA GLU B 75 3.52 -6.03 5.67
C GLU B 75 2.45 -5.70 6.71
N THR B 76 2.78 -5.83 8.00
CA THR B 76 1.88 -5.48 9.14
C THR B 76 1.39 -4.03 8.99
N LEU B 77 2.29 -3.10 8.70
CA LEU B 77 1.96 -1.66 8.58
C LEU B 77 1.05 -1.42 7.36
N LYS B 78 1.38 -1.99 6.19
CA LYS B 78 0.58 -1.88 4.94
C LYS B 78 -0.86 -2.32 5.20
N LYS B 79 -1.04 -3.50 5.80
CA LYS B 79 -2.36 -4.11 6.07
C LYS B 79 -3.18 -3.19 6.97
N SER B 80 -2.60 -2.72 8.08
CA SER B 80 -3.32 -1.96 9.14
C SER B 80 -3.61 -0.53 8.67
N TRP B 81 -2.68 0.08 7.92
CA TRP B 81 -2.80 1.48 7.43
C TRP B 81 -3.85 1.59 6.31
N ASN B 82 -4.38 0.47 5.80
CA ASN B 82 -5.42 0.45 4.73
C ASN B 82 -6.79 0.68 5.39
N TYR B 83 -7.01 1.88 5.91
CA TYR B 83 -8.27 2.33 6.55
C TYR B 83 -8.59 3.73 6.02
N ARG B 84 -9.88 4.04 5.90
CA ARG B 84 -10.39 5.31 5.35
C ARG B 84 -10.11 6.43 6.34
N ARG B 85 -9.52 7.53 5.86
CA ARG B 85 -9.16 8.71 6.69
C ARG B 85 -9.77 9.95 6.04
N PHE B 86 -10.23 10.88 6.86
CA PHE B 86 -10.90 12.12 6.38
C PHE B 86 -10.74 13.22 7.43
N SER B 87 -10.83 14.47 6.96
CA SER B 87 -10.93 15.69 7.80
C SER B 87 -12.39 15.96 8.16
N ALA B 88 -12.62 16.89 9.08
CA ALA B 88 -13.93 17.53 9.35
C ALA B 88 -14.36 18.26 8.08
N LEU B 89 -15.67 18.38 7.87
CA LEU B 89 -16.22 19.18 6.76
C LEU B 89 -15.83 20.65 6.95
N LYS B 90 -15.39 21.28 5.85
CA LYS B 90 -14.93 22.69 5.86
C LYS B 90 -15.85 23.49 4.95
N PRO B 91 -16.66 24.43 5.51
CA PRO B 91 -17.60 25.19 4.68
C PRO B 91 -16.85 26.28 3.90
N GLU B 92 -17.16 26.43 2.61
CA GLU B 92 -16.48 27.39 1.71
C GLU B 92 -17.53 28.31 1.08
N SER B 93 -17.06 29.41 0.48
CA SER B 93 -17.88 30.53 -0.05
C SER B 93 -18.65 30.11 -1.32
N ASP B 94 -18.40 28.92 -1.89
CA ASP B 94 -19.17 28.39 -3.04
C ASP B 94 -20.35 27.53 -2.57
N GLY B 95 -20.72 27.60 -1.28
CA GLY B 95 -21.84 26.85 -0.68
C GLY B 95 -21.61 25.35 -0.67
N HIS B 96 -20.36 24.90 -0.67
CA HIS B 96 -19.97 23.47 -0.55
C HIS B 96 -19.14 23.27 0.71
N TYR B 97 -19.29 22.11 1.34
CA TYR B 97 -18.32 21.56 2.31
C TYR B 97 -17.20 20.87 1.51
N TYR B 98 -15.95 21.11 1.89
CA TYR B 98 -14.76 20.41 1.34
C TYR B 98 -14.18 19.56 2.46
N PHE B 99 -13.67 18.38 2.09
CA PHE B 99 -13.07 17.45 3.07
C PHE B 99 -11.94 16.66 2.39
N GLU B 100 -10.88 16.41 3.17
CA GLU B 100 -9.74 15.56 2.77
C GLU B 100 -10.18 14.10 2.93
N TYR B 101 -9.78 13.25 1.99
CA TYR B 101 -10.10 11.80 2.04
C TYR B 101 -8.94 10.96 1.49
N ASN B 102 -8.68 9.84 2.16
CA ASN B 102 -7.78 8.78 1.65
C ASN B 102 -8.50 7.43 1.84
N ASP B 103 -8.69 6.67 0.75
CA ASP B 103 -9.28 5.31 0.74
C ASP B 103 -8.55 4.38 1.72
N GLY B 104 -7.23 4.59 1.89
CA GLY B 104 -6.37 3.77 2.77
C GLY B 104 -4.90 3.91 2.39
N LEU B 105 -4.56 3.48 1.18
CA LEU B 105 -3.15 3.37 0.69
C LEU B 105 -2.94 4.23 -0.57
N GLN B 106 -3.71 5.31 -0.74
CA GLN B 106 -3.34 6.37 -1.74
C GLN B 106 -2.12 7.11 -1.20
N SER B 107 -1.23 7.55 -2.08
CA SER B 107 0.00 8.31 -1.73
C SER B 107 -0.36 9.54 -0.90
N GLN B 108 -1.37 10.31 -1.35
CA GLN B 108 -1.74 11.64 -0.80
C GLN B 108 -3.25 11.69 -0.53
N LEU B 109 -3.68 12.56 0.38
CA LEU B 109 -5.12 12.95 0.57
C LEU B 109 -5.67 13.55 -0.73
N SER B 110 -6.90 13.21 -1.09
CA SER B 110 -7.68 13.88 -2.15
C SER B 110 -8.66 14.86 -1.49
N LEU B 111 -9.07 15.89 -2.23
CA LEU B 111 -10.04 16.88 -1.74
C LEU B 111 -11.38 16.61 -2.43
N TYR B 112 -12.41 16.30 -1.63
CA TYR B 112 -13.80 16.09 -2.10
C TYR B 112 -14.64 17.28 -1.64
N ARG B 113 -15.81 17.45 -2.26
CA ARG B 113 -16.80 18.47 -1.84
C ARG B 113 -18.21 17.92 -1.97
N VAL B 114 -19.14 18.54 -1.24
CA VAL B 114 -20.59 18.24 -1.25
C VAL B 114 -21.33 19.54 -0.98
N ARG B 115 -22.44 19.77 -1.68
CA ARG B 115 -23.34 20.93 -1.46
C ARG B 115 -23.69 20.97 0.03
N MET B 116 -23.61 22.13 0.67
CA MET B 116 -24.12 22.33 2.05
C MET B 116 -25.60 21.91 2.07
N GLY B 117 -26.01 21.11 3.04
CA GLY B 117 -27.35 20.51 3.11
C GLY B 117 -27.37 19.06 2.62
N GLU B 118 -26.42 18.63 1.81
CA GLU B 118 -26.34 17.24 1.27
C GLU B 118 -25.24 16.43 1.98
N GLU B 119 -24.67 16.98 3.06
CA GLU B 119 -23.47 16.40 3.72
C GLU B 119 -23.80 15.02 4.33
N ASP B 120 -25.08 14.71 4.57
CA ASP B 120 -25.44 13.43 5.23
C ASP B 120 -25.19 12.25 4.27
N THR B 121 -24.89 12.52 2.99
CA THR B 121 -24.60 11.48 1.96
C THR B 121 -23.10 11.17 1.84
N VAL B 122 -22.19 11.87 2.55
CA VAL B 122 -20.73 11.68 2.39
C VAL B 122 -20.21 10.73 3.46
N LEU B 123 -19.03 10.14 3.21
CA LEU B 123 -18.25 9.37 4.21
C LEU B 123 -19.09 8.24 4.78
N THR B 124 -19.69 7.42 3.91
CA THR B 124 -20.45 6.19 4.27
C THR B 124 -19.63 4.99 3.83
N GLU B 125 -20.14 3.78 4.05
CA GLU B 125 -19.47 2.52 3.64
C GLU B 125 -19.41 2.48 2.11
N SER B 126 -20.32 3.17 1.41
CA SER B 126 -20.36 3.27 -0.08
C SER B 126 -19.15 4.07 -0.61
N GLY B 127 -18.47 4.84 0.25
CA GLY B 127 -17.23 5.58 -0.09
C GLY B 127 -17.35 7.04 0.33
N PRO B 128 -16.49 7.94 -0.22
CA PRO B 128 -16.45 9.33 0.24
C PRO B 128 -17.75 10.08 -0.10
N GLY B 129 -18.41 9.70 -1.19
CA GLY B 129 -19.57 10.42 -1.76
C GLY B 129 -19.17 11.80 -2.25
N GLY B 130 -20.12 12.72 -2.32
CA GLY B 130 -19.93 14.04 -2.93
C GLY B 130 -19.27 13.94 -4.29
N GLU B 131 -18.35 14.85 -4.57
CA GLU B 131 -17.68 15.02 -5.87
C GLU B 131 -16.17 15.17 -5.60
N LEU B 132 -15.33 14.45 -6.34
CA LEU B 132 -13.87 14.70 -6.30
C LEU B 132 -13.63 16.13 -6.79
N PHE B 133 -12.84 16.94 -6.06
CA PHE B 133 -12.47 18.29 -6.53
C PHE B 133 -11.02 18.30 -7.03
N PHE B 134 -10.10 17.77 -6.22
CA PHE B 134 -8.64 17.85 -6.49
C PHE B 134 -7.96 16.57 -6.01
N ASN B 135 -7.23 15.92 -6.93
CA ASN B 135 -6.51 14.66 -6.66
C ASN B 135 -5.01 14.90 -6.84
N PRO B 136 -4.28 15.18 -5.75
CA PRO B 136 -2.82 15.33 -5.79
C PRO B 136 -2.06 14.16 -6.42
N ASN B 137 -2.60 12.95 -6.31
CA ASN B 137 -1.94 11.69 -6.73
C ASN B 137 -1.53 11.74 -8.21
N LEU B 138 -2.28 12.44 -9.04
CA LEU B 138 -1.96 12.40 -10.50
C LEU B 138 -1.04 13.57 -10.87
N LEU B 139 -0.66 14.45 -9.93
CA LEU B 139 0.21 15.63 -10.20
C LEU B 139 1.62 15.19 -10.64
N SER B 140 2.21 14.19 -9.97
CA SER B 140 3.56 13.65 -10.25
C SER B 140 3.48 12.18 -10.68
N LEU B 141 4.52 11.70 -11.37
CA LEU B 141 4.64 10.29 -11.83
C LEU B 141 4.80 9.36 -10.61
N ASP B 142 5.42 9.84 -9.52
CA ASP B 142 5.81 8.99 -8.35
C ASP B 142 4.84 9.16 -7.18
N GLY B 143 3.96 10.18 -7.21
CA GLY B 143 3.00 10.48 -6.11
C GLY B 143 3.66 11.21 -4.94
N ASN B 144 4.75 11.93 -5.21
CA ASN B 144 5.56 12.65 -4.19
C ASN B 144 5.21 14.15 -4.22
N ALA B 145 4.54 14.63 -5.27
CA ALA B 145 3.96 16.00 -5.35
C ALA B 145 2.79 16.06 -4.38
N ALA B 146 2.75 17.14 -3.60
CA ALA B 146 1.81 17.34 -2.48
C ALA B 146 1.16 18.72 -2.65
N LEU B 147 -0.15 18.76 -2.36
CA LEU B 147 -0.93 19.98 -2.08
C LEU B 147 -0.42 20.56 -0.75
N THR B 148 0.14 21.77 -0.75
CA THR B 148 0.78 22.37 0.45
C THR B 148 -0.19 23.36 1.13
N GLY B 149 -1.31 23.64 0.49
CA GLY B 149 -2.34 24.56 1.02
C GLY B 149 -3.25 25.01 -0.10
N PHE B 150 -4.38 25.59 0.27
CA PHE B 150 -5.39 26.12 -0.67
C PHE B 150 -6.25 27.13 0.09
N VAL B 151 -6.76 28.12 -0.65
CA VAL B 151 -7.72 29.14 -0.14
C VAL B 151 -8.66 29.48 -1.29
N MET B 152 -9.96 29.44 -1.04
CA MET B 152 -11.00 29.81 -2.02
C MET B 152 -11.17 31.33 -2.02
N SER B 153 -11.39 31.92 -3.19
CA SER B 153 -11.72 33.35 -3.35
C SER B 153 -13.00 33.65 -2.58
N PRO B 154 -13.16 34.86 -1.98
CA PRO B 154 -14.40 35.22 -1.30
C PRO B 154 -15.66 35.04 -2.16
N CYS B 155 -15.57 35.24 -3.48
CA CYS B 155 -16.70 35.11 -4.45
C CYS B 155 -17.06 33.63 -4.66
N GLY B 156 -16.15 32.70 -4.35
CA GLY B 156 -16.38 31.25 -4.48
C GLY B 156 -16.14 30.73 -5.89
N ASN B 157 -15.61 31.55 -6.80
CA ASN B 157 -15.36 31.13 -8.21
C ASN B 157 -13.92 30.65 -8.42
N TYR B 158 -12.98 31.02 -7.54
CA TYR B 158 -11.53 30.75 -7.74
C TYR B 158 -10.95 30.06 -6.51
N TRP B 159 -9.88 29.31 -6.74
CA TRP B 159 -9.24 28.41 -5.76
C TRP B 159 -7.72 28.51 -5.97
N ALA B 160 -7.01 29.17 -5.06
CA ALA B 160 -5.53 29.32 -5.08
C ALA B 160 -4.95 28.14 -4.32
N TYR B 161 -3.91 27.50 -4.83
CA TYR B 161 -3.34 26.30 -4.16
C TYR B 161 -1.86 26.16 -4.42
N GLY B 162 -1.17 25.54 -3.46
CA GLY B 162 0.28 25.31 -3.51
C GLY B 162 0.57 23.86 -3.89
N VAL B 163 1.54 23.66 -4.79
CA VAL B 163 2.07 22.30 -5.10
C VAL B 163 3.58 22.33 -4.87
N SER B 164 4.08 21.42 -4.04
CA SER B 164 5.52 21.22 -3.71
C SER B 164 6.28 20.70 -4.93
N GLU B 165 7.34 21.41 -5.32
CA GLU B 165 8.23 21.06 -6.47
C GLU B 165 8.97 19.75 -6.15
N HIS B 166 9.34 18.97 -7.18
CA HIS B 166 9.68 17.53 -7.05
C HIS B 166 11.12 17.37 -6.50
N GLY B 167 11.21 17.15 -5.20
CA GLY B 167 12.46 16.89 -4.46
C GLY B 167 12.87 18.05 -3.57
N SER B 168 11.94 18.94 -3.22
CA SER B 168 12.20 20.29 -2.63
C SER B 168 11.12 20.61 -1.58
N ASP B 169 11.43 21.54 -0.66
CA ASP B 169 10.50 22.17 0.31
C ASP B 169 10.01 23.51 -0.25
N TRP B 170 10.34 23.80 -1.51
CA TRP B 170 9.82 24.96 -2.29
C TRP B 170 8.53 24.53 -2.99
N MET B 171 7.69 25.51 -3.31
CA MET B 171 6.37 25.28 -3.97
C MET B 171 6.09 26.39 -4.97
N SER B 172 5.10 26.14 -5.83
CA SER B 172 4.49 27.15 -6.72
C SER B 172 3.03 27.29 -6.32
N ILE B 173 2.49 28.51 -6.44
CA ILE B 173 1.05 28.78 -6.24
C ILE B 173 0.39 28.73 -7.62
N TYR B 174 -0.72 28.00 -7.73
CA TYR B 174 -1.55 27.91 -8.95
C TYR B 174 -2.96 28.44 -8.61
N VAL B 175 -3.76 28.69 -9.64
CA VAL B 175 -5.18 29.09 -9.49
C VAL B 175 -6.01 28.27 -10.46
N ARG B 176 -7.18 27.81 -10.02
CA ARG B 176 -8.18 27.15 -10.90
C ARG B 176 -9.57 27.67 -10.54
N LYS B 177 -10.51 27.57 -11.46
CA LYS B 177 -11.96 27.85 -11.21
C LYS B 177 -12.51 26.71 -10.34
N THR B 178 -13.40 27.02 -9.39
CA THR B 178 -14.16 26.01 -8.60
C THR B 178 -15.10 25.21 -9.52
N SER B 179 -15.35 25.70 -10.74
CA SER B 179 -16.11 24.98 -11.79
C SER B 179 -15.18 24.06 -12.59
N SER B 180 -13.88 23.97 -12.25
CA SER B 180 -12.89 23.08 -12.92
C SER B 180 -12.34 22.05 -11.93
N PRO B 181 -13.15 21.08 -11.48
CA PRO B 181 -12.61 19.99 -10.67
C PRO B 181 -11.71 19.10 -11.50
N HIS B 182 -10.76 18.40 -10.87
CA HIS B 182 -10.09 17.22 -11.48
C HIS B 182 -11.14 16.21 -11.93
N LEU B 183 -10.95 15.68 -13.14
CA LEU B 183 -11.92 14.85 -13.88
C LEU B 183 -11.48 13.40 -13.77
N PRO B 184 -12.38 12.42 -14.04
CA PRO B 184 -11.96 11.03 -14.22
C PRO B 184 -10.86 10.82 -15.28
N SER B 185 -10.64 11.76 -16.20
CA SER B 185 -9.67 11.64 -17.32
C SER B 185 -8.36 12.42 -17.11
N GLN B 186 -8.11 12.96 -15.92
CA GLN B 186 -6.81 13.61 -15.58
C GLN B 186 -5.70 12.57 -15.71
N GLU B 187 -4.68 12.84 -16.54
CA GLU B 187 -3.54 11.91 -16.81
C GLU B 187 -2.48 12.17 -15.76
N ARG B 188 -1.71 11.14 -15.36
CA ARG B 188 -0.67 11.30 -14.31
C ARG B 188 0.51 12.10 -14.86
N GLY B 189 1.12 12.94 -14.00
CA GLY B 189 2.19 13.88 -14.38
C GLY B 189 1.67 15.27 -14.75
N LYS B 190 0.34 15.48 -14.73
CA LYS B 190 -0.25 16.75 -15.23
C LYS B 190 -1.25 17.32 -14.20
N ASP B 191 -1.47 18.64 -14.24
CA ASP B 191 -2.58 19.32 -13.52
C ASP B 191 -3.54 19.90 -14.56
N PRO B 192 -4.51 19.11 -15.05
CA PRO B 192 -5.46 19.62 -16.06
C PRO B 192 -6.43 20.63 -15.42
N GLY B 193 -6.91 21.60 -16.22
CA GLY B 193 -8.04 22.48 -15.85
C GLY B 193 -7.61 23.69 -15.03
N ARG B 194 -6.30 23.90 -14.83
CA ARG B 194 -5.81 25.08 -14.07
C ARG B 194 -5.69 26.27 -15.02
N MET B 195 -5.73 27.48 -14.47
CA MET B 195 -5.49 28.75 -15.19
C MET B 195 -3.97 28.92 -15.39
N ASN B 196 -3.55 29.90 -16.19
CA ASN B 196 -2.15 30.13 -16.62
C ASN B 196 -1.26 30.55 -15.45
N ASP B 197 -1.82 31.15 -14.41
CA ASP B 197 -1.08 31.70 -13.23
C ASP B 197 -0.09 30.65 -12.71
N LYS B 198 1.17 31.04 -12.55
CA LYS B 198 2.18 30.21 -11.83
C LYS B 198 3.03 31.15 -10.99
N ILE B 199 2.91 31.07 -9.67
CA ILE B 199 3.66 31.92 -8.71
C ILE B 199 4.82 31.09 -8.15
N ARG B 200 6.04 31.35 -8.60
CA ARG B 200 7.25 30.55 -8.24
C ARG B 200 7.95 31.20 -7.03
N HIS B 201 8.89 30.46 -6.44
CA HIS B 201 9.86 30.97 -5.43
C HIS B 201 9.17 31.13 -4.08
N VAL B 202 8.24 30.24 -3.76
CA VAL B 202 7.45 30.28 -2.50
C VAL B 202 7.95 29.15 -1.61
N ARG B 203 8.14 29.43 -0.31
CA ARG B 203 8.65 28.44 0.68
C ARG B 203 7.60 28.11 1.74
N PHE B 204 6.52 28.88 1.83
CA PHE B 204 5.42 28.65 2.79
C PHE B 204 4.14 29.24 2.22
N PHE B 205 3.03 28.49 2.36
CA PHE B 205 1.70 28.85 1.81
C PHE B 205 0.97 29.76 2.81
N ILE B 206 1.09 31.08 2.62
CA ILE B 206 0.32 32.09 3.40
C ILE B 206 -0.25 33.05 2.37
N VAL B 207 -1.48 32.77 1.95
CA VAL B 207 -2.15 33.38 0.77
C VAL B 207 -3.46 33.98 1.30
N SER B 208 -3.70 35.25 0.97
CA SER B 208 -4.89 36.02 1.44
C SER B 208 -5.49 36.76 0.25
N TRP B 209 -6.72 36.40 -0.13
CA TRP B 209 -7.48 37.04 -1.22
C TRP B 209 -7.98 38.40 -0.74
N THR B 210 -7.98 39.41 -1.61
CA THR B 210 -8.73 40.67 -1.39
C THR B 210 -10.23 40.38 -1.55
N SER B 211 -11.10 41.19 -0.94
CA SER B 211 -12.58 41.01 -0.89
C SER B 211 -13.18 41.08 -2.29
N ASP B 212 -12.49 41.72 -3.25
CA ASP B 212 -12.93 41.86 -4.66
C ASP B 212 -12.62 40.59 -5.47
N SER B 213 -11.94 39.59 -4.89
CA SER B 213 -11.54 38.34 -5.55
C SER B 213 -10.65 38.60 -6.78
N LYS B 214 -9.96 39.73 -6.87
CA LYS B 214 -9.14 40.09 -8.06
C LYS B 214 -7.71 39.53 -7.92
N GLY B 215 -7.31 39.19 -6.70
CA GLY B 215 -5.92 38.80 -6.44
C GLY B 215 -5.72 38.40 -4.99
N PHE B 216 -4.49 37.98 -4.69
CA PHE B 216 -4.12 37.49 -3.35
C PHE B 216 -2.69 37.94 -3.03
N PHE B 217 -2.47 38.18 -1.75
CA PHE B 217 -1.13 38.42 -1.17
C PHE B 217 -0.45 37.06 -0.93
N TYR B 218 0.87 37.04 -1.06
CA TYR B 218 1.69 35.85 -0.77
C TYR B 218 3.10 36.32 -0.43
N SER B 219 3.86 35.44 0.22
CA SER B 219 5.29 35.65 0.57
C SER B 219 6.16 34.83 -0.37
N ARG B 220 7.23 35.41 -0.89
CA ARG B 220 8.18 34.69 -1.77
C ARG B 220 9.61 35.13 -1.48
N TYR B 221 10.55 34.46 -2.15
CA TYR B 221 12.01 34.64 -1.98
C TYR B 221 12.60 34.97 -3.35
N PRO B 222 13.86 35.44 -3.44
CA PRO B 222 14.49 35.63 -4.75
C PRO B 222 14.65 34.26 -5.39
N PRO B 223 14.80 34.16 -6.73
CA PRO B 223 14.95 32.86 -7.37
C PRO B 223 16.18 32.10 -6.82
N GLU B 224 16.15 30.77 -6.83
CA GLU B 224 17.27 29.91 -6.38
C GLU B 224 18.39 29.96 -7.43
N GLY B 230 22.35 24.88 -1.54
CA GLY B 230 21.02 24.77 -0.91
C GLY B 230 21.12 24.61 0.60
N ASN B 231 22.19 25.13 1.21
CA ASN B 231 22.45 25.13 2.66
C ASN B 231 22.41 26.54 3.27
N ALA B 232 22.56 27.56 2.42
CA ALA B 232 22.76 28.97 2.83
C ALA B 232 21.54 29.42 3.64
N PRO B 233 21.72 30.44 4.53
CA PRO B 233 20.59 31.02 5.24
C PRO B 233 19.48 31.42 4.26
N ALA B 234 18.23 31.22 4.65
CA ALA B 234 17.02 31.65 3.89
C ALA B 234 16.93 33.19 3.95
N MET B 235 16.95 33.88 2.82
CA MET B 235 17.15 35.36 2.83
C MET B 235 16.16 36.08 1.90
N ASN B 236 15.75 37.28 2.32
CA ASN B 236 15.05 38.29 1.50
C ASN B 236 13.62 37.81 1.20
N CYS B 237 12.89 37.43 2.24
CA CYS B 237 11.43 37.17 2.20
C CYS B 237 10.73 38.47 1.81
N MET B 238 9.86 38.41 0.80
CA MET B 238 9.14 39.59 0.28
C MET B 238 7.65 39.28 0.25
N VAL B 239 6.82 40.29 0.48
CA VAL B 239 5.34 40.16 0.29
C VAL B 239 5.00 40.78 -1.05
N TYR B 240 4.29 40.02 -1.89
CA TYR B 240 3.79 40.46 -3.21
C TYR B 240 2.27 40.31 -3.24
N TYR B 241 1.67 40.99 -4.22
CA TYR B 241 0.23 40.87 -4.56
C TYR B 241 0.13 40.40 -6.01
N HIS B 242 -0.54 39.26 -6.21
CA HIS B 242 -0.79 38.67 -7.54
C HIS B 242 -2.24 38.94 -7.96
N ARG B 243 -2.42 39.54 -9.14
CA ARG B 243 -3.75 39.70 -9.79
C ARG B 243 -3.99 38.47 -10.68
N ILE B 244 -5.13 37.80 -10.49
CA ILE B 244 -5.45 36.55 -11.23
C ILE B 244 -5.45 36.87 -12.73
N GLY B 245 -4.92 35.98 -13.55
CA GLY B 245 -4.83 36.12 -15.02
C GLY B 245 -3.53 36.74 -15.47
N GLU B 246 -2.79 37.43 -14.59
CA GLU B 246 -1.51 38.11 -14.96
C GLU B 246 -0.33 37.14 -14.76
N ASP B 247 0.81 37.44 -15.38
CA ASP B 247 2.09 36.73 -15.18
C ASP B 247 2.72 37.20 -13.87
N GLN B 248 3.53 36.35 -13.21
CA GLN B 248 4.16 36.67 -11.90
C GLN B 248 4.99 37.96 -12.03
N GLU B 249 5.57 38.23 -13.20
CA GLU B 249 6.44 39.41 -13.48
C GLU B 249 5.67 40.70 -13.19
N SER B 250 4.34 40.70 -13.34
CA SER B 250 3.46 41.88 -13.12
C SER B 250 3.08 42.01 -11.63
N ASP B 251 3.36 41.02 -10.80
CA ASP B 251 3.01 41.06 -9.35
C ASP B 251 3.61 42.31 -8.73
N VAL B 252 2.85 42.97 -7.84
CA VAL B 252 3.22 44.26 -7.20
C VAL B 252 3.90 43.93 -5.87
N LEU B 253 5.09 44.49 -5.66
CA LEU B 253 5.84 44.37 -4.39
C LEU B 253 5.08 45.14 -3.31
N VAL B 254 4.84 44.50 -2.18
CA VAL B 254 4.09 45.08 -1.02
C VAL B 254 5.08 45.38 0.11
N HIS B 255 6.05 44.49 0.35
CA HIS B 255 7.08 44.70 1.39
C HIS B 255 8.36 43.93 1.08
N GLU B 256 9.48 44.62 1.24
CA GLU B 256 10.84 44.01 1.36
C GLU B 256 11.58 44.78 2.44
N ASP B 257 12.57 44.12 3.05
CA ASP B 257 13.44 44.74 4.09
C ASP B 257 14.85 44.25 3.82
N PRO B 258 15.58 44.85 2.84
CA PRO B 258 16.92 44.39 2.49
C PRO B 258 17.93 44.50 3.63
N GLU B 259 17.67 45.35 4.63
CA GLU B 259 18.56 45.54 5.80
C GLU B 259 18.59 44.27 6.64
N HIS B 260 17.47 43.53 6.69
CA HIS B 260 17.28 42.37 7.59
C HIS B 260 16.89 41.15 6.77
N PRO B 261 17.81 40.60 5.94
CA PRO B 261 17.47 39.48 5.06
C PRO B 261 17.01 38.20 5.76
N PHE B 262 17.33 37.99 7.03
CA PHE B 262 16.95 36.74 7.75
C PHE B 262 15.49 36.82 8.21
N TRP B 263 14.93 38.01 8.31
CA TRP B 263 13.53 38.19 8.82
C TRP B 263 12.56 37.50 7.87
N ILE B 264 11.52 36.88 8.42
CA ILE B 264 10.41 36.25 7.65
C ILE B 264 9.19 37.13 7.80
N SER B 265 8.45 37.36 6.72
CA SER B 265 7.32 38.31 6.69
C SER B 265 6.12 37.67 5.97
N SER B 266 4.92 38.08 6.37
CA SER B 266 3.66 37.66 5.73
C SER B 266 2.58 38.69 6.03
N VAL B 267 1.48 38.62 5.30
CA VAL B 267 0.26 39.43 5.57
C VAL B 267 -0.91 38.48 5.81
N GLN B 268 -1.84 38.92 6.65
CA GLN B 268 -3.14 38.25 6.92
C GLN B 268 -4.22 39.33 6.76
N LEU B 269 -5.33 39.01 6.10
CA LEU B 269 -6.49 39.95 5.98
C LEU B 269 -7.53 39.57 7.03
N THR B 270 -8.25 40.55 7.58
CA THR B 270 -9.47 40.29 8.38
C THR B 270 -10.46 39.52 7.51
N PRO B 271 -11.38 38.71 8.08
CA PRO B 271 -12.40 38.00 7.30
C PRO B 271 -13.18 38.87 6.30
N SER B 272 -13.45 40.14 6.65
CA SER B 272 -14.14 41.13 5.77
C SER B 272 -13.26 41.53 4.57
N GLY B 273 -11.95 41.31 4.65
CA GLY B 273 -11.00 41.70 3.59
C GLY B 273 -10.65 43.17 3.64
N ARG B 274 -11.10 43.89 4.67
CA ARG B 274 -10.95 45.36 4.79
C ARG B 274 -9.54 45.72 5.27
N TYR B 275 -9.03 45.06 6.30
CA TYR B 275 -7.73 45.38 6.94
C TYR B 275 -6.69 44.32 6.62
N ILE B 276 -5.45 44.77 6.39
CA ILE B 276 -4.27 43.89 6.15
C ILE B 276 -3.32 44.05 7.34
N LEU B 277 -2.94 42.92 7.95
CA LEU B 277 -1.94 42.88 9.03
C LEU B 277 -0.62 42.41 8.44
N PHE B 278 0.39 43.28 8.44
CA PHE B 278 1.79 42.88 8.12
C PHE B 278 2.44 42.40 9.41
N ALA B 279 3.10 41.25 9.37
CA ALA B 279 3.85 40.68 10.50
C ALA B 279 5.23 40.25 10.02
N ALA B 280 6.29 40.69 10.69
CA ALA B 280 7.67 40.19 10.46
C ALA B 280 8.14 39.47 11.72
N SER B 281 8.89 38.39 11.50
CA SER B 281 9.54 37.53 12.53
C SER B 281 11.06 37.60 12.31
N ARG B 282 11.83 37.80 13.38
CA ARG B 282 13.32 37.83 13.31
C ARG B 282 13.95 36.64 14.02
N ASP B 283 13.13 35.81 14.65
CA ASP B 283 13.60 34.65 15.44
C ASP B 283 12.39 33.74 15.64
N ALA B 284 12.56 32.66 16.39
CA ALA B 284 11.50 31.65 16.62
C ALA B 284 10.61 32.07 17.79
N SER B 285 10.88 33.21 18.45
CA SER B 285 10.07 33.69 19.60
C SER B 285 8.70 34.19 19.10
N HIS B 286 7.73 34.22 20.00
CA HIS B 286 6.33 34.65 19.74
C HIS B 286 6.27 36.18 19.88
N THR B 287 7.00 36.88 19.01
CA THR B 287 7.12 38.35 18.97
C THR B 287 7.21 38.75 17.50
N GLN B 288 6.58 39.87 17.14
CA GLN B 288 6.50 40.34 15.75
C GLN B 288 6.73 41.85 15.71
N LEU B 289 7.19 42.31 14.55
CA LEU B 289 7.01 43.71 14.09
C LEU B 289 5.70 43.72 13.29
N VAL B 290 4.74 44.56 13.66
CA VAL B 290 3.35 44.49 13.10
C VAL B 290 2.92 45.86 12.61
N LYS B 291 2.23 45.92 11.46
CA LYS B 291 1.59 47.15 10.93
C LYS B 291 0.21 46.80 10.37
N ILE B 292 -0.77 47.70 10.46
CA ILE B 292 -2.16 47.51 9.93
C ILE B 292 -2.42 48.56 8.86
N ALA B 293 -3.03 48.20 7.74
CA ALA B 293 -3.52 49.16 6.71
C ALA B 293 -4.97 48.85 6.37
N ASP B 294 -5.72 49.89 6.01
CA ASP B 294 -7.13 49.83 5.53
C ASP B 294 -7.09 49.74 4.00
N LEU B 295 -7.45 48.60 3.43
CA LEU B 295 -7.35 48.38 1.96
C LEU B 295 -8.35 49.25 1.20
N HIS B 296 -9.29 49.89 1.89
CA HIS B 296 -10.27 50.84 1.28
C HIS B 296 -9.66 52.25 1.16
N GLU B 297 -8.49 52.51 1.76
CA GLU B 297 -7.81 53.83 1.76
C GLU B 297 -6.67 53.88 0.73
N ASN B 298 -6.26 52.74 0.18
CA ASN B 298 -4.94 52.54 -0.47
C ASN B 298 -5.05 51.71 -1.75
N ASP B 299 -4.26 52.04 -2.77
CA ASP B 299 -3.90 51.11 -3.86
C ASP B 299 -2.87 50.12 -3.30
N ILE B 300 -2.89 48.87 -3.77
CA ILE B 300 -1.96 47.81 -3.31
C ILE B 300 -0.56 48.19 -3.81
N GLY B 301 0.43 48.31 -2.93
CA GLY B 301 1.82 48.60 -3.30
C GLY B 301 2.67 48.93 -2.08
N THR B 302 3.83 49.55 -2.26
CA THR B 302 4.73 49.98 -1.16
C THR B 302 4.30 51.36 -0.63
N ASN B 303 3.31 52.00 -1.28
CA ASN B 303 2.80 53.34 -0.91
C ASN B 303 1.43 53.23 -0.24
N MET B 304 1.29 52.32 0.72
CA MET B 304 0.06 52.12 1.54
C MET B 304 0.23 52.86 2.87
N LYS B 305 -0.87 53.33 3.48
CA LYS B 305 -0.86 54.08 4.76
C LYS B 305 -0.84 53.09 5.93
N TRP B 306 0.33 52.56 6.26
CA TRP B 306 0.54 51.63 7.40
C TRP B 306 0.41 52.40 8.71
N LYS B 307 -0.36 51.86 9.66
CA LYS B 307 -0.48 52.35 11.04
C LYS B 307 0.12 51.30 11.99
N ASN B 308 0.70 51.78 13.09
CA ASN B 308 1.36 50.95 14.12
C ASN B 308 0.27 50.20 14.89
N LEU B 309 0.35 48.88 14.96
CA LEU B 309 -0.53 48.08 15.86
C LEU B 309 0.04 48.18 17.27
N HIS B 310 1.36 48.04 17.38
CA HIS B 310 2.09 48.05 18.67
C HIS B 310 3.59 48.17 18.39
N ASP B 311 4.37 48.55 19.41
CA ASP B 311 5.85 48.57 19.37
C ASP B 311 6.34 47.20 18.92
N PRO B 312 7.42 47.14 18.10
CA PRO B 312 7.92 45.87 17.59
C PRO B 312 8.54 44.97 18.67
N TRP B 313 8.46 43.66 18.44
CA TRP B 313 9.21 42.59 19.15
C TRP B 313 8.74 42.43 20.59
N GLU B 314 7.50 42.85 20.92
CA GLU B 314 6.94 42.65 22.28
C GLU B 314 5.92 41.52 22.28
N ALA B 315 5.25 41.26 21.17
CA ALA B 315 4.10 40.34 21.13
C ALA B 315 3.80 39.87 19.72
N ARG B 316 3.01 38.79 19.65
CA ARG B 316 2.46 38.19 18.42
C ARG B 316 0.97 38.54 18.37
N PHE B 317 0.42 38.73 17.17
CA PHE B 317 -1.00 39.10 16.94
C PHE B 317 -1.55 38.23 15.82
N THR B 318 -2.62 37.48 16.12
CA THR B 318 -3.36 36.64 15.16
C THR B 318 -4.78 37.18 15.05
N ILE B 319 -5.24 37.49 13.83
CA ILE B 319 -6.63 37.97 13.58
C ILE B 319 -7.59 36.83 13.86
N VAL B 320 -8.62 37.10 14.66
CA VAL B 320 -9.72 36.15 15.03
C VAL B 320 -11.02 36.59 14.34
N GLY B 321 -11.19 37.89 14.06
CA GLY B 321 -12.39 38.41 13.37
C GLY B 321 -12.36 39.92 13.30
N ASP B 322 -13.47 40.51 12.83
CA ASP B 322 -13.61 41.98 12.63
C ASP B 322 -15.09 42.34 12.78
N GLU B 323 -15.37 43.59 13.13
CA GLU B 323 -16.73 44.19 13.24
C GLU B 323 -16.55 45.64 12.81
N GLY B 324 -16.67 45.92 11.52
CA GLY B 324 -16.31 47.22 10.93
C GLY B 324 -14.86 47.56 11.23
N SER B 325 -14.60 48.64 12.00
CA SER B 325 -13.23 49.11 12.30
C SER B 325 -12.61 48.34 13.47
N LYS B 326 -13.41 47.55 14.19
CA LYS B 326 -12.95 46.76 15.36
C LYS B 326 -12.36 45.43 14.86
N ILE B 327 -11.11 45.13 15.22
CA ILE B 327 -10.45 43.84 14.89
C ILE B 327 -10.26 43.05 16.18
N TYR B 328 -10.61 41.75 16.15
CA TYR B 328 -10.40 40.81 17.27
C TYR B 328 -9.04 40.13 17.08
N PHE B 329 -8.20 40.18 18.09
CA PHE B 329 -6.83 39.57 18.05
C PHE B 329 -6.68 38.55 19.17
N MET B 330 -6.10 37.40 18.84
CA MET B 330 -5.46 36.54 19.86
C MET B 330 -4.00 36.98 19.93
N THR B 331 -3.55 37.38 21.11
CA THR B 331 -2.23 38.02 21.29
C THR B 331 -1.66 37.63 22.65
N ASN B 332 -0.33 37.67 22.77
CA ASN B 332 0.38 37.49 24.06
C ASN B 332 0.86 38.86 24.57
N LEU B 333 0.35 39.96 24.02
CA LEU B 333 0.70 41.33 24.50
C LEU B 333 0.35 41.44 25.99
N LYS B 334 1.37 41.56 26.85
CA LYS B 334 1.27 41.63 28.32
C LYS B 334 0.45 40.45 28.85
N ALA B 335 0.55 39.30 28.17
CA ALA B 335 -0.22 38.07 28.50
C ALA B 335 0.52 36.87 27.90
N LYS B 336 1.51 36.33 28.61
CA LYS B 336 2.40 35.28 28.06
C LYS B 336 1.59 34.02 27.72
N ASN B 337 0.49 33.75 28.43
CA ASN B 337 -0.43 32.60 28.16
C ASN B 337 -1.48 32.95 27.11
N TYR B 338 -1.37 34.14 26.51
CA TYR B 338 -2.23 34.64 25.41
C TYR B 338 -3.61 35.04 25.95
N LYS B 339 -4.28 35.91 25.19
CA LYS B 339 -5.59 36.49 25.54
C LYS B 339 -6.28 36.91 24.25
N VAL B 340 -7.53 37.38 24.34
CA VAL B 340 -8.27 37.96 23.20
C VAL B 340 -8.45 39.44 23.52
N ALA B 341 -8.05 40.31 22.59
CA ALA B 341 -8.13 41.77 22.71
C ALA B 341 -8.65 42.35 21.41
N THR B 342 -9.24 43.54 21.49
CA THR B 342 -9.84 44.24 20.33
C THR B 342 -9.03 45.51 20.09
N PHE B 343 -8.92 45.87 18.81
CA PHE B 343 -8.26 47.09 18.31
C PHE B 343 -9.24 47.84 17.43
N ASP B 344 -9.37 49.15 17.62
CA ASP B 344 -10.18 50.02 16.75
C ASP B 344 -9.24 50.69 15.75
N ALA B 345 -9.26 50.25 14.51
CA ALA B 345 -8.43 50.78 13.40
C ALA B 345 -8.74 52.25 13.16
N ASN B 346 -9.88 52.79 13.62
CA ASN B 346 -10.21 54.24 13.51
C ASN B 346 -9.51 55.04 14.62
N HIS B 347 -9.03 54.38 15.68
CA HIS B 347 -8.32 55.03 16.82
C HIS B 347 -7.06 54.22 17.16
N PRO B 348 -6.08 54.12 16.23
CA PRO B 348 -4.92 53.24 16.44
C PRO B 348 -4.16 53.49 17.74
N ASP B 349 -3.93 54.77 18.05
CA ASP B 349 -3.15 55.23 19.24
C ASP B 349 -3.85 54.83 20.55
N GLU B 350 -5.11 54.38 20.52
CA GLU B 350 -5.85 53.96 21.73
C GLU B 350 -5.40 52.54 22.12
N GLY B 351 -4.75 51.81 21.19
CA GLY B 351 -4.18 50.48 21.46
C GLY B 351 -5.26 49.41 21.61
N LEU B 352 -4.93 48.32 22.31
CA LEU B 352 -5.74 47.08 22.40
C LEU B 352 -6.51 47.07 23.72
N THR B 353 -7.78 46.67 23.68
CA THR B 353 -8.67 46.48 24.86
C THR B 353 -8.89 44.98 25.08
N THR B 354 -8.72 44.51 26.32
CA THR B 354 -8.95 43.10 26.72
C THR B 354 -10.41 42.72 26.54
N LEU B 355 -10.68 41.65 25.78
CA LEU B 355 -12.02 41.02 25.72
C LEU B 355 -12.04 39.78 26.62
N ILE B 356 -11.07 38.88 26.43
CA ILE B 356 -10.85 37.69 27.29
C ILE B 356 -9.50 37.85 27.96
N ALA B 357 -9.48 38.00 29.29
CA ALA B 357 -8.24 38.18 30.07
C ALA B 357 -7.34 36.95 29.90
N GLU B 358 -6.03 37.12 30.05
CA GLU B 358 -5.08 35.99 30.16
C GLU B 358 -5.55 35.09 31.30
N ASP B 359 -5.57 33.77 31.08
CA ASP B 359 -5.72 32.78 32.18
C ASP B 359 -4.33 32.47 32.68
N PRO B 360 -3.98 32.82 33.95
CA PRO B 360 -2.63 32.57 34.45
C PRO B 360 -2.29 31.07 34.52
N ASN B 361 -3.29 30.18 34.46
CA ASN B 361 -3.11 28.72 34.67
C ASN B 361 -3.53 27.91 33.46
N ALA B 362 -3.66 28.54 32.28
CA ALA B 362 -4.05 27.83 31.03
C ALA B 362 -3.59 28.65 29.83
N PHE B 363 -2.84 27.99 28.95
CA PHE B 363 -2.34 28.54 27.67
C PHE B 363 -3.51 28.56 26.69
N LEU B 364 -3.83 29.74 26.15
CA LEU B 364 -4.87 29.88 25.09
C LEU B 364 -4.24 29.48 23.76
N VAL B 365 -4.74 28.41 23.16
CA VAL B 365 -4.23 27.79 21.89
C VAL B 365 -4.89 28.48 20.70
N SER B 366 -6.21 28.68 20.74
CA SER B 366 -6.95 29.29 19.60
C SER B 366 -8.24 29.96 20.07
N ALA B 367 -8.70 30.89 19.26
CA ALA B 367 -9.96 31.63 19.42
C ALA B 367 -10.58 31.74 18.03
N SER B 368 -11.87 31.44 17.90
CA SER B 368 -12.61 31.56 16.63
C SER B 368 -14.05 31.98 16.91
N ILE B 369 -14.67 32.68 15.96
CA ILE B 369 -16.05 33.20 16.11
C ILE B 369 -17.01 32.32 15.30
N HIS B 370 -18.16 32.01 15.89
CA HIS B 370 -19.19 31.10 15.31
C HIS B 370 -20.58 31.65 15.63
N ALA B 371 -21.56 31.30 14.80
CA ALA B 371 -22.99 31.60 15.06
C ALA B 371 -23.12 33.08 15.40
N GLN B 372 -22.46 33.93 14.62
CA GLN B 372 -22.49 35.42 14.68
C GLN B 372 -21.76 35.99 15.91
N ASP B 373 -22.05 35.54 17.13
CA ASP B 373 -21.52 36.20 18.36
C ASP B 373 -21.08 35.17 19.42
N LYS B 374 -20.70 33.97 19.02
CA LYS B 374 -20.14 32.94 19.95
C LYS B 374 -18.64 32.87 19.74
N LEU B 375 -17.87 33.12 20.80
CA LEU B 375 -16.38 33.06 20.79
C LEU B 375 -15.96 31.70 21.37
N LEU B 376 -15.35 30.86 20.56
CA LEU B 376 -14.88 29.51 20.96
C LEU B 376 -13.37 29.59 21.28
N LEU B 377 -13.01 29.28 22.52
CA LEU B 377 -11.61 29.28 23.01
C LEU B 377 -11.18 27.83 23.22
N VAL B 378 -10.01 27.47 22.71
CA VAL B 378 -9.31 26.19 23.03
C VAL B 378 -8.19 26.53 24.00
N TYR B 379 -8.28 26.00 25.23
CA TYR B 379 -7.26 26.10 26.28
C TYR B 379 -6.50 24.77 26.40
N LEU B 380 -5.22 24.87 26.74
CA LEU B 380 -4.36 23.73 27.12
C LEU B 380 -4.30 23.67 28.63
N ARG B 381 -4.85 22.60 29.21
CA ARG B 381 -4.86 22.35 30.68
C ARG B 381 -4.76 20.84 30.89
N ASN B 382 -3.92 20.40 31.82
CA ASN B 382 -3.55 18.96 32.01
C ASN B 382 -3.03 18.37 30.68
N ALA B 383 -2.28 19.16 29.90
CA ALA B 383 -1.63 18.81 28.63
C ALA B 383 -2.61 18.20 27.62
N SER B 384 -3.89 18.61 27.67
CA SER B 384 -4.93 18.32 26.63
C SER B 384 -5.85 19.53 26.43
N HIS B 385 -6.67 19.51 25.40
CA HIS B 385 -7.48 20.67 24.97
C HIS B 385 -8.78 20.72 25.77
N GLU B 386 -9.22 21.93 26.12
CA GLU B 386 -10.57 22.23 26.65
C GLU B 386 -11.21 23.27 25.74
N ILE B 387 -12.49 23.11 25.42
CA ILE B 387 -13.26 24.10 24.62
C ILE B 387 -14.17 24.87 25.56
N HIS B 388 -13.98 26.19 25.63
CA HIS B 388 -14.82 27.15 26.38
C HIS B 388 -15.58 28.01 25.36
N ILE B 389 -16.87 28.24 25.62
CA ILE B 389 -17.71 29.17 24.81
C ILE B 389 -17.89 30.46 25.60
N ARG B 390 -17.66 31.59 24.93
CA ARG B 390 -17.81 32.96 25.49
C ARG B 390 -18.78 33.77 24.63
N ASP B 391 -19.44 34.75 25.23
CA ASP B 391 -20.21 35.77 24.48
C ASP B 391 -19.19 36.73 23.83
N LEU B 392 -19.22 36.89 22.51
CA LEU B 392 -18.30 37.76 21.76
C LEU B 392 -18.40 39.20 22.27
N THR B 393 -19.61 39.69 22.55
CA THR B 393 -19.87 41.13 22.87
C THR B 393 -19.27 41.46 24.25
N THR B 394 -19.61 40.69 25.28
CA THR B 394 -19.28 40.98 26.70
C THR B 394 -18.03 40.19 27.14
N GLY B 395 -17.76 39.04 26.52
CA GLY B 395 -16.68 38.11 26.94
C GLY B 395 -17.16 37.17 28.04
N LYS B 396 -18.42 37.28 28.46
CA LYS B 396 -19.01 36.50 29.57
C LYS B 396 -18.93 35.00 29.24
N PRO B 397 -18.62 34.12 30.23
CA PRO B 397 -18.61 32.67 30.00
C PRO B 397 -20.01 32.09 29.75
N LEU B 398 -20.15 31.24 28.72
CA LEU B 398 -21.40 30.51 28.37
C LEU B 398 -21.22 29.01 28.62
N GLY B 399 -20.06 28.59 29.13
CA GLY B 399 -19.81 27.22 29.60
C GLY B 399 -18.89 26.44 28.69
N ARG B 400 -18.83 25.13 28.92
CA ARG B 400 -17.86 24.20 28.31
C ARG B 400 -18.62 23.28 27.35
N ILE B 401 -17.96 22.81 26.30
CA ILE B 401 -18.50 21.75 25.41
C ILE B 401 -17.40 20.69 25.21
N PHE B 402 -17.81 19.45 24.96
CA PHE B 402 -16.90 18.30 24.75
C PHE B 402 -16.02 18.10 25.98
N GLU B 403 -16.51 18.44 27.16
CA GLU B 403 -15.80 18.31 28.47
C GLU B 403 -15.37 16.86 28.71
N ASP B 404 -16.15 15.90 28.20
CA ASP B 404 -15.99 14.44 28.44
C ASP B 404 -14.87 13.87 27.55
N LEU B 405 -14.43 14.60 26.52
CA LEU B 405 -13.40 14.13 25.55
C LEU B 405 -12.03 14.65 25.97
N LEU B 406 -11.06 13.74 26.13
CA LEU B 406 -9.68 14.04 26.59
C LEU B 406 -8.74 13.80 25.42
N GLY B 407 -8.21 14.87 24.84
CA GLY B 407 -7.41 14.81 23.61
C GLY B 407 -7.23 16.19 23.01
N GLN B 408 -7.24 16.26 21.69
CA GLN B 408 -7.07 17.55 20.96
C GLN B 408 -8.22 17.73 19.96
N PHE B 409 -8.51 18.98 19.61
CA PHE B 409 -9.66 19.35 18.74
C PHE B 409 -9.15 20.20 17.59
N MET B 410 -9.70 19.98 16.41
CA MET B 410 -9.57 20.89 15.24
C MET B 410 -10.99 21.34 14.91
N VAL B 411 -11.25 22.65 14.98
CA VAL B 411 -12.62 23.24 14.82
C VAL B 411 -12.75 23.81 13.42
N SER B 412 -13.78 23.43 12.66
CA SER B 412 -14.11 24.06 11.35
C SER B 412 -15.51 24.68 11.42
N GLY B 413 -15.68 25.81 10.74
CA GLY B 413 -16.91 26.61 10.80
C GLY B 413 -16.56 28.08 10.85
N ARG B 414 -17.43 28.91 10.28
CA ARG B 414 -17.17 30.36 10.12
C ARG B 414 -18.15 31.12 11.00
N ARG B 415 -17.90 32.42 11.15
CA ARG B 415 -18.74 33.33 11.95
C ARG B 415 -20.19 33.25 11.46
N GLN B 416 -20.40 33.11 10.15
CA GLN B 416 -21.75 33.13 9.50
C GLN B 416 -22.49 31.79 9.69
N ASP B 417 -21.83 30.72 10.11
CA ASP B 417 -22.45 29.38 10.28
C ASP B 417 -22.89 29.19 11.73
N ASN B 418 -24.06 28.59 11.97
CA ASN B 418 -24.58 28.29 13.32
C ASN B 418 -23.97 27.00 13.86
N ASP B 419 -23.34 26.21 12.99
CA ASP B 419 -22.78 24.88 13.29
C ASP B 419 -21.24 24.91 13.20
N ILE B 420 -20.60 24.03 13.96
CA ILE B 420 -19.15 23.68 13.79
C ILE B 420 -19.07 22.18 13.56
N PHE B 421 -18.05 21.76 12.83
CA PHE B 421 -17.55 20.37 12.76
C PHE B 421 -16.25 20.36 13.56
N VAL B 422 -16.14 19.45 14.53
CA VAL B 422 -15.01 19.33 15.48
C VAL B 422 -14.40 17.94 15.27
N LEU B 423 -13.14 17.91 14.81
CA LEU B 423 -12.34 16.67 14.70
C LEU B 423 -11.64 16.48 16.03
N PHE B 424 -12.06 15.45 16.76
CA PHE B 424 -11.45 15.04 18.05
C PHE B 424 -10.52 13.86 17.78
N SER B 425 -9.32 13.91 18.36
CA SER B 425 -8.32 12.82 18.28
C SER B 425 -7.55 12.77 19.59
N SER B 426 -6.94 11.61 19.84
CA SER B 426 -6.11 11.32 21.03
C SER B 426 -5.15 10.18 20.66
N PHE B 427 -4.41 9.65 21.64
CA PHE B 427 -3.54 8.47 21.41
C PHE B 427 -4.40 7.27 20.96
N LEU B 428 -5.69 7.25 21.32
CA LEU B 428 -6.59 6.08 21.17
C LEU B 428 -7.68 6.34 20.13
N SER B 429 -7.97 7.60 19.80
CA SER B 429 -9.08 7.99 18.89
C SER B 429 -8.49 8.59 17.61
N PRO B 430 -8.58 7.88 16.47
CA PRO B 430 -7.99 8.33 15.21
C PRO B 430 -8.60 9.59 14.61
N GLY B 431 -9.85 9.89 14.94
CA GLY B 431 -10.59 11.01 14.36
C GLY B 431 -12.07 10.77 14.42
N THR B 432 -12.76 11.46 15.32
CA THR B 432 -14.23 11.51 15.34
C THR B 432 -14.64 12.93 14.99
N VAL B 433 -15.45 13.10 13.94
CA VAL B 433 -16.01 14.42 13.55
C VAL B 433 -17.36 14.54 14.26
N TYR B 434 -17.46 15.48 15.19
CA TYR B 434 -18.72 15.86 15.88
C TYR B 434 -19.27 17.11 15.19
N ARG B 435 -20.59 17.17 15.08
CA ARG B 435 -21.30 18.43 14.74
C ARG B 435 -21.76 19.05 16.07
N TYR B 436 -21.51 20.34 16.27
CA TYR B 436 -22.11 21.10 17.37
C TYR B 436 -22.91 22.27 16.79
N THR B 437 -24.17 22.36 17.20
CA THR B 437 -25.12 23.41 16.79
C THR B 437 -25.34 24.35 17.99
N PHE B 438 -25.00 25.62 17.81
CA PHE B 438 -25.10 26.66 18.86
C PHE B 438 -26.58 26.97 19.13
N GLY B 439 -26.90 27.23 20.40
CA GLY B 439 -28.25 27.66 20.82
C GLY B 439 -28.20 28.93 21.65
N GLU B 440 -29.28 29.22 22.37
CA GLU B 440 -29.45 30.43 23.21
C GLU B 440 -28.68 30.21 24.51
N GLU B 441 -29.03 29.15 25.25
CA GLU B 441 -28.46 28.83 26.59
C GLU B 441 -27.51 27.63 26.46
N LYS B 442 -27.94 26.56 25.78
CA LYS B 442 -27.07 25.39 25.43
C LYS B 442 -27.27 25.04 23.95
N GLY B 443 -26.33 24.26 23.42
CA GLY B 443 -26.33 23.75 22.03
C GLY B 443 -26.58 22.26 22.04
N TYR B 444 -26.46 21.63 20.88
N TYR B 444 -26.50 21.62 20.87
CA TYR B 444 -26.65 20.16 20.71
CA TYR B 444 -26.64 20.15 20.73
C TYR B 444 -25.46 19.61 19.90
C TYR B 444 -25.47 19.61 19.90
N ARG B 445 -24.92 18.50 20.41
CA ARG B 445 -23.76 17.79 19.83
C ARG B 445 -24.26 16.48 19.23
N SER B 446 -23.83 16.17 18.01
CA SER B 446 -24.09 14.87 17.36
C SER B 446 -22.76 14.31 16.84
N LEU B 447 -22.58 13.00 16.89
CA LEU B 447 -21.47 12.30 16.21
C LEU B 447 -21.80 12.26 14.72
N PHE B 448 -21.02 12.95 13.88
CA PHE B 448 -21.23 12.99 12.41
C PHE B 448 -20.60 11.73 11.80
N ARG B 449 -19.28 11.59 11.89
CA ARG B 449 -18.54 10.43 11.31
C ARG B 449 -17.32 10.13 12.17
N ALA B 450 -16.97 8.85 12.29
CA ALA B 450 -15.80 8.38 13.06
C ALA B 450 -14.90 7.60 12.11
N ILE B 451 -13.60 7.85 12.17
CA ILE B 451 -12.60 6.95 11.53
C ILE B 451 -12.63 5.64 12.31
N SER B 452 -12.70 4.51 11.60
CA SER B 452 -12.58 3.16 12.17
C SER B 452 -11.38 2.47 11.52
N ILE B 453 -10.67 1.65 12.28
CA ILE B 453 -9.44 0.95 11.79
C ILE B 453 -9.71 -0.56 11.85
N PRO B 454 -9.99 -1.22 10.70
CA PRO B 454 -10.39 -2.63 10.75
C PRO B 454 -9.21 -3.50 11.19
N GLY B 455 -7.95 -3.16 10.89
CA GLY B 455 -6.80 -4.01 11.23
C GLY B 455 -6.46 -4.02 12.70
N LEU B 456 -7.03 -3.12 13.51
CA LEU B 456 -6.59 -2.89 14.91
C LEU B 456 -7.81 -2.77 15.82
N ASN B 457 -7.80 -3.36 17.01
CA ASN B 457 -8.81 -3.16 18.06
C ASN B 457 -8.38 -2.05 19.03
N LEU B 458 -8.93 -0.84 18.87
CA LEU B 458 -8.57 0.36 19.66
C LEU B 458 -8.96 0.17 21.13
N ASP B 459 -9.90 -0.73 21.43
CA ASP B 459 -10.37 -1.02 22.80
C ASP B 459 -9.29 -1.80 23.57
N ASP B 460 -8.25 -2.29 22.89
CA ASP B 460 -7.10 -3.00 23.53
C ASP B 460 -6.15 -2.01 24.23
N PHE B 461 -6.31 -0.71 24.02
CA PHE B 461 -5.34 0.32 24.47
C PHE B 461 -5.96 1.29 25.47
N MET B 462 -5.11 1.92 26.29
CA MET B 462 -5.52 2.92 27.31
C MET B 462 -4.39 3.94 27.44
N THR B 463 -4.71 5.15 27.96
CA THR B 463 -3.75 6.22 28.26
C THR B 463 -3.84 6.57 29.74
N GLU B 464 -2.75 6.46 30.50
CA GLU B 464 -2.67 6.94 31.91
C GLU B 464 -2.03 8.33 31.94
N SER B 465 -2.33 9.10 32.97
CA SER B 465 -1.67 10.38 33.35
C SER B 465 -0.95 10.15 34.67
N VAL B 466 0.37 10.32 34.69
CA VAL B 466 1.19 10.25 35.92
C VAL B 466 1.99 11.55 36.07
N PHE B 467 2.50 11.80 37.27
CA PHE B 467 3.35 12.96 37.61
C PHE B 467 4.63 12.42 38.25
N TYR B 468 5.78 12.94 37.84
CA TYR B 468 7.10 12.50 38.37
C TYR B 468 7.93 13.73 38.70
N PRO B 469 8.78 13.68 39.75
CA PRO B 469 9.72 14.76 40.04
C PRO B 469 10.96 14.69 39.12
N SER B 470 11.34 15.83 38.55
CA SER B 470 12.62 15.99 37.80
C SER B 470 13.75 16.17 38.83
N LYS B 471 15.00 16.19 38.36
CA LYS B 471 16.21 16.33 39.21
C LYS B 471 16.02 17.49 40.20
N ASP B 472 15.50 18.64 39.77
CA ASP B 472 15.37 19.87 40.60
C ASP B 472 14.08 19.85 41.41
N GLY B 473 13.31 18.76 41.38
CA GLY B 473 12.11 18.58 42.21
C GLY B 473 10.83 19.03 41.51
N THR B 474 10.93 19.63 40.32
CA THR B 474 9.76 20.09 39.53
C THR B 474 8.90 18.88 39.15
N SER B 475 7.58 18.99 39.38
CA SER B 475 6.58 17.96 39.02
C SER B 475 6.29 18.05 37.51
N VAL B 476 6.50 16.95 36.79
CA VAL B 476 6.29 16.86 35.32
C VAL B 476 5.16 15.86 35.06
N HIS B 477 4.22 16.22 34.20
CA HIS B 477 3.12 15.32 33.74
C HIS B 477 3.68 14.38 32.67
N MET B 478 3.19 13.15 32.62
CA MET B 478 3.54 12.19 31.54
C MET B 478 2.30 11.37 31.17
N PHE B 479 2.06 11.25 29.86
CA PHE B 479 1.08 10.30 29.27
C PHE B 479 1.78 8.97 29.06
N ILE B 480 1.10 7.87 29.43
CA ILE B 480 1.57 6.48 29.16
C ILE B 480 0.44 5.74 28.43
N THR B 481 0.63 5.45 27.15
CA THR B 481 -0.32 4.70 26.30
C THR B 481 0.21 3.26 26.18
N ARG B 482 -0.66 2.28 26.40
CA ARG B 482 -0.23 0.87 26.51
C ARG B 482 -1.42 -0.05 26.22
N PRO B 483 -1.14 -1.32 25.88
CA PRO B 483 -2.17 -2.35 25.90
C PRO B 483 -2.67 -2.49 27.35
N LYS B 484 -3.98 -2.62 27.51
CA LYS B 484 -4.64 -2.78 28.83
C LYS B 484 -4.08 -4.00 29.56
N ASP B 485 -3.65 -5.04 28.85
CA ASP B 485 -3.24 -6.34 29.43
C ASP B 485 -1.73 -6.40 29.67
N VAL B 486 -0.97 -5.35 29.37
CA VAL B 486 0.50 -5.35 29.63
C VAL B 486 0.72 -5.21 31.14
N LEU B 487 1.56 -6.08 31.72
CA LEU B 487 1.79 -6.16 33.17
C LEU B 487 2.87 -5.14 33.53
N LEU B 488 2.65 -4.41 34.64
CA LEU B 488 3.64 -3.45 35.17
C LEU B 488 4.56 -4.21 36.15
N ASP B 489 5.40 -5.10 35.62
CA ASP B 489 6.30 -6.00 36.40
C ASP B 489 7.75 -5.72 36.01
N GLY B 490 8.03 -4.57 35.40
CA GLY B 490 9.38 -4.12 35.05
C GLY B 490 10.01 -4.91 33.91
N THR B 491 9.22 -5.45 32.98
CA THR B 491 9.69 -6.26 31.82
C THR B 491 9.39 -5.59 30.48
N SER B 492 8.40 -4.68 30.41
CA SER B 492 7.89 -4.11 29.14
C SER B 492 8.96 -3.23 28.49
N PRO B 493 9.10 -3.27 27.16
CA PRO B 493 9.83 -2.24 26.43
C PRO B 493 9.08 -0.90 26.50
N VAL B 494 9.81 0.20 26.32
CA VAL B 494 9.24 1.58 26.22
C VAL B 494 9.71 2.22 24.91
N LEU B 495 8.81 2.87 24.18
CA LEU B 495 9.13 3.90 23.17
C LEU B 495 8.77 5.25 23.79
N GLN B 496 9.78 6.06 24.08
CA GLN B 496 9.63 7.34 24.83
C GLN B 496 9.97 8.48 23.86
N TYR B 497 8.97 9.32 23.55
CA TYR B 497 9.04 10.39 22.53
C TYR B 497 9.07 11.72 23.27
N GLY B 498 9.97 12.60 22.85
CA GLY B 498 10.08 13.95 23.43
C GLY B 498 10.42 14.97 22.36
N TYR B 499 10.18 16.22 22.71
CA TYR B 499 10.54 17.40 21.89
C TYR B 499 11.22 18.38 22.84
N GLY B 500 10.43 19.08 23.67
CA GLY B 500 10.93 20.01 24.69
C GLY B 500 11.46 21.29 24.07
N GLY B 501 10.57 22.20 23.67
CA GLY B 501 11.00 23.50 23.12
C GLY B 501 9.94 24.22 22.34
N PHE B 502 10.19 25.51 22.08
CA PHE B 502 9.47 26.36 21.11
C PHE B 502 7.99 26.45 21.50
N SER B 503 7.67 26.30 22.78
CA SER B 503 6.29 26.39 23.33
C SER B 503 5.39 25.38 22.62
N LEU B 504 5.94 24.29 22.08
CA LEU B 504 5.17 23.23 21.38
C LEU B 504 4.77 22.17 22.41
N ALA B 505 3.47 22.01 22.67
CA ALA B 505 2.90 21.02 23.61
C ALA B 505 2.89 19.65 22.93
N MET B 506 3.22 18.58 23.67
CA MET B 506 3.05 17.19 23.20
C MET B 506 1.66 16.73 23.64
N LEU B 507 0.70 16.87 22.73
CA LEU B 507 -0.75 16.61 22.97
C LEU B 507 -1.01 15.13 22.70
N PRO B 508 -2.10 14.56 23.28
CA PRO B 508 -2.61 13.28 22.80
C PRO B 508 -2.83 13.40 21.28
N THR B 509 -2.18 12.53 20.52
CA THR B 509 -2.06 12.59 19.06
C THR B 509 -2.15 11.16 18.53
N PHE B 510 -2.88 10.92 17.46
CA PHE B 510 -3.10 9.54 16.96
C PHE B 510 -1.98 9.15 16.01
N SER B 511 -1.32 8.04 16.30
CA SER B 511 -0.46 7.32 15.34
C SER B 511 -0.80 5.83 15.38
N LEU B 512 -1.32 5.30 14.28
CA LEU B 512 -1.62 3.84 14.16
C LEU B 512 -0.33 3.07 14.46
N SER B 513 0.77 3.52 13.86
CA SER B 513 2.08 2.85 13.93
C SER B 513 2.47 2.64 15.40
N THR B 514 2.34 3.67 16.24
CA THR B 514 2.74 3.62 17.67
C THR B 514 1.92 2.55 18.40
N LEU B 515 0.62 2.45 18.13
CA LEU B 515 -0.25 1.43 18.78
C LEU B 515 0.16 0.03 18.30
N LEU B 516 0.52 -0.14 17.02
CA LEU B 516 1.03 -1.43 16.50
C LEU B 516 2.35 -1.78 17.19
N PHE B 517 3.21 -0.79 17.44
CA PHE B 517 4.46 -1.00 18.21
C PHE B 517 4.09 -1.56 19.59
N CYS B 518 3.13 -0.92 20.27
CA CYS B 518 2.68 -1.29 21.63
C CYS B 518 2.13 -2.73 21.61
N LYS B 519 1.31 -3.07 20.62
CA LYS B 519 0.62 -4.38 20.51
C LYS B 519 1.65 -5.46 20.21
N ILE B 520 2.43 -5.27 19.15
CA ILE B 520 3.35 -6.30 18.58
C ILE B 520 4.51 -6.57 19.57
N TYR B 521 4.97 -5.57 20.33
CA TYR B 521 6.12 -5.73 21.26
C TYR B 521 5.68 -5.65 22.73
N ARG B 522 4.37 -5.64 23.00
CA ARG B 522 3.85 -5.61 24.39
C ARG B 522 4.51 -4.43 25.10
N ALA B 523 4.55 -3.27 24.44
CA ALA B 523 5.37 -2.11 24.84
C ALA B 523 4.46 -0.96 25.31
N ILE B 524 5.05 -0.01 26.03
CA ILE B 524 4.38 1.25 26.48
C ILE B 524 4.93 2.41 25.64
N TYR B 525 4.08 3.39 25.33
CA TYR B 525 4.42 4.62 24.59
C TYR B 525 4.30 5.80 25.55
N ALA B 526 5.44 6.36 25.93
CA ALA B 526 5.57 7.36 27.02
C ALA B 526 5.83 8.74 26.41
N ILE B 527 5.03 9.72 26.83
CA ILE B 527 5.12 11.14 26.37
C ILE B 527 5.25 11.98 27.63
N PRO B 528 6.47 12.22 28.13
CA PRO B 528 6.67 13.14 29.26
C PRO B 528 6.56 14.57 28.73
N ASN B 529 5.72 15.39 29.38
CA ASN B 529 5.45 16.79 28.99
C ASN B 529 6.54 17.67 29.60
N ILE B 530 7.77 17.47 29.13
CA ILE B 530 9.00 18.09 29.69
C ILE B 530 8.97 19.59 29.42
N ARG B 531 9.79 20.33 30.16
CA ARG B 531 9.92 21.80 29.98
C ARG B 531 10.40 22.09 28.55
N GLY B 532 10.18 23.32 28.10
CA GLY B 532 10.39 23.74 26.70
C GLY B 532 9.07 23.87 25.97
N GLY B 533 8.08 23.03 26.33
CA GLY B 533 6.73 23.06 25.74
C GLY B 533 5.86 24.08 26.43
N SER B 534 4.59 24.18 26.01
CA SER B 534 3.60 25.13 26.57
C SER B 534 2.60 24.42 27.48
N GLU B 535 2.85 23.16 27.86
CA GLU B 535 1.84 22.34 28.61
C GLU B 535 1.39 23.07 29.87
N TYR B 536 2.28 23.72 30.62
CA TYR B 536 1.93 24.47 31.85
C TYR B 536 2.15 25.98 31.60
N GLY B 537 1.83 26.43 30.39
CA GLY B 537 1.86 27.84 30.01
C GLY B 537 3.22 28.24 29.47
N GLU B 538 3.37 29.52 29.13
CA GLU B 538 4.60 30.02 28.48
C GLU B 538 5.78 29.92 29.47
N SER B 539 5.55 29.99 30.78
CA SER B 539 6.61 29.84 31.81
C SER B 539 7.26 28.44 31.70
N TRP B 540 6.52 27.44 31.23
CA TRP B 540 7.03 26.06 31.03
C TRP B 540 8.08 26.05 29.91
N HIS B 541 7.89 26.88 28.89
CA HIS B 541 8.87 27.11 27.79
C HIS B 541 10.10 27.84 28.33
N ARG B 542 9.88 28.92 29.09
CA ARG B 542 10.99 29.77 29.61
C ARG B 542 11.91 28.94 30.52
N GLU B 543 11.37 27.94 31.22
CA GLU B 543 12.13 27.07 32.16
C GLU B 543 12.88 25.96 31.40
N GLY B 544 12.81 25.92 30.07
CA GLY B 544 13.41 24.87 29.23
C GLY B 544 14.02 25.42 27.96
N MET B 545 14.63 26.59 28.05
CA MET B 545 15.29 27.27 26.90
C MET B 545 16.54 28.01 27.39
N LEU B 546 17.41 28.40 26.45
CA LEU B 546 18.63 29.19 26.71
C LEU B 546 19.48 28.46 27.78
N ASP B 547 19.86 29.13 28.87
CA ASP B 547 20.71 28.55 29.94
C ASP B 547 19.97 27.47 30.72
N LYS B 548 18.67 27.27 30.48
CA LYS B 548 17.85 26.25 31.19
C LYS B 548 17.46 25.12 30.23
N LYS B 549 18.03 25.06 29.03
CA LYS B 549 17.79 23.94 28.09
C LYS B 549 18.14 22.62 28.79
N GLN B 550 19.16 22.58 29.66
CA GLN B 550 19.58 21.35 30.39
C GLN B 550 18.37 20.79 31.16
N ASN B 551 17.45 21.64 31.65
CA ASN B 551 16.23 21.19 32.37
C ASN B 551 15.44 20.20 31.50
N VAL B 552 15.38 20.44 30.20
CA VAL B 552 14.62 19.61 29.22
C VAL B 552 15.18 18.18 29.25
N PHE B 553 16.52 18.06 29.16
CA PHE B 553 17.22 16.76 29.13
C PHE B 553 17.04 16.08 30.49
N ASP B 554 17.15 16.84 31.59
CA ASP B 554 16.98 16.33 32.97
C ASP B 554 15.56 15.79 33.13
N ASP B 555 14.55 16.52 32.64
CA ASP B 555 13.13 16.09 32.70
C ASP B 555 13.00 14.73 31.98
N PHE B 556 13.60 14.60 30.79
CA PHE B 556 13.45 13.41 29.91
C PHE B 556 14.12 12.20 30.58
N ASN B 557 15.34 12.39 31.10
N ASN B 557 15.34 12.39 31.10
CA ASN B 557 16.12 11.35 31.80
CA ASN B 557 16.12 11.35 31.81
C ASN B 557 15.32 10.90 33.03
C ASN B 557 15.33 10.89 33.03
N ALA B 558 14.78 11.83 33.82
CA ALA B 558 14.02 11.53 35.06
C ALA B 558 12.74 10.73 34.70
N ALA B 559 12.14 10.98 33.55
CA ALA B 559 10.96 10.22 33.07
C ALA B 559 11.37 8.75 32.91
N THR B 560 12.49 8.48 32.24
CA THR B 560 13.01 7.11 32.02
C THR B 560 13.28 6.45 33.38
N GLU B 561 13.96 7.14 34.29
CA GLU B 561 14.31 6.60 35.63
C GLU B 561 13.02 6.29 36.40
N TRP B 562 12.00 7.12 36.25
CA TRP B 562 10.69 6.92 36.94
C TRP B 562 10.01 5.67 36.39
N LEU B 563 9.98 5.50 35.06
CA LEU B 563 9.35 4.32 34.39
C LEU B 563 10.01 3.03 34.89
N ILE B 564 11.34 3.02 35.02
CA ILE B 564 12.11 1.84 35.51
C ILE B 564 11.78 1.60 37.00
N ALA B 565 11.86 2.65 37.81
CA ALA B 565 11.70 2.57 39.29
C ALA B 565 10.29 2.11 39.67
N ASN B 566 9.28 2.46 38.88
CA ASN B 566 7.84 2.15 39.17
C ASN B 566 7.38 0.94 38.34
N LYS B 567 8.34 0.23 37.72
CA LYS B 567 8.17 -1.10 37.09
C LYS B 567 7.22 -1.01 35.88
N TYR B 568 7.12 0.16 35.25
CA TYR B 568 6.46 0.29 33.93
C TYR B 568 7.33 -0.36 32.85
N ALA B 569 8.65 -0.29 33.01
CA ALA B 569 9.62 -0.62 31.94
C ALA B 569 10.85 -1.36 32.48
N SER B 570 11.39 -2.28 31.67
CA SER B 570 12.72 -2.91 31.90
C SER B 570 13.81 -1.86 31.69
N LYS B 571 14.79 -1.79 32.60
CA LYS B 571 16.00 -0.94 32.47
C LYS B 571 16.72 -1.26 31.15
N ASP B 572 16.51 -2.43 30.55
CA ASP B 572 17.27 -2.90 29.36
C ASP B 572 16.51 -2.65 28.05
N ARG B 573 15.32 -2.06 28.10
CA ARG B 573 14.45 -1.98 26.88
C ARG B 573 13.86 -0.57 26.75
N ILE B 574 14.65 0.48 27.01
CA ILE B 574 14.20 1.90 26.79
C ILE B 574 14.65 2.33 25.39
N ALA B 575 13.69 2.61 24.50
CA ALA B 575 13.94 3.26 23.20
C ALA B 575 13.46 4.70 23.29
N ILE B 576 14.30 5.65 22.87
CA ILE B 576 13.90 7.10 22.83
C ILE B 576 13.88 7.58 21.38
N ARG B 577 13.04 8.58 21.16
CA ARG B 577 12.66 9.07 19.81
C ARG B 577 12.49 10.58 19.89
N GLY B 578 12.95 11.28 18.87
CA GLY B 578 12.82 12.75 18.77
C GLY B 578 13.16 13.22 17.39
N GLY B 579 12.58 14.35 16.98
CA GLY B 579 12.78 14.93 15.64
C GLY B 579 13.06 16.42 15.73
N ALA B 580 14.00 16.91 14.91
CA ALA B 580 14.36 18.35 14.79
C ALA B 580 14.90 18.84 16.14
N ASN B 581 14.21 19.73 16.84
CA ASN B 581 14.59 20.14 18.22
C ASN B 581 14.60 18.91 19.14
N GLY B 582 13.73 17.92 18.86
CA GLY B 582 13.71 16.64 19.58
C GLY B 582 14.98 15.83 19.36
N GLY B 583 15.69 16.06 18.26
CA GLY B 583 17.02 15.47 17.99
C GLY B 583 18.11 16.05 18.90
N VAL B 584 17.95 17.29 19.37
CA VAL B 584 18.85 17.85 20.40
C VAL B 584 18.67 16.99 21.65
N LEU B 585 17.42 16.71 21.99
CA LEU B 585 17.02 15.92 23.19
C LEU B 585 17.62 14.50 23.11
N THR B 586 17.43 13.79 22.00
CA THR B 586 17.84 12.38 21.87
C THR B 586 19.38 12.28 21.90
N THR B 587 20.07 13.14 21.17
CA THR B 587 21.56 13.11 21.08
C THR B 587 22.16 13.57 22.43
N ALA B 588 21.60 14.58 23.09
CA ALA B 588 22.10 15.06 24.40
C ALA B 588 21.91 13.98 25.46
N CYS B 589 20.73 13.37 25.53
CA CYS B 589 20.41 12.32 26.54
C CYS B 589 21.28 11.08 26.31
N ALA B 590 21.53 10.70 25.05
CA ALA B 590 22.43 9.58 24.68
C ALA B 590 23.84 9.88 25.20
N ASN B 591 24.32 11.12 25.05
CA ASN B 591 25.65 11.57 25.52
C ASN B 591 25.70 11.54 27.05
N GLN B 592 24.66 12.01 27.74
CA GLN B 592 24.74 12.31 29.20
C GLN B 592 24.36 11.08 30.03
N ALA B 593 23.62 10.12 29.49
CA ALA B 593 23.17 8.91 30.22
C ALA B 593 23.08 7.75 29.24
N PRO B 594 24.19 7.38 28.56
CA PRO B 594 24.14 6.33 27.54
C PRO B 594 23.63 4.99 28.11
N GLY B 595 23.90 4.74 29.40
CA GLY B 595 23.52 3.50 30.11
C GLY B 595 22.01 3.36 30.32
N LEU B 596 21.22 4.44 30.29
CA LEU B 596 19.74 4.39 30.47
C LEU B 596 19.07 3.78 29.23
N TYR B 597 19.64 4.01 28.05
CA TYR B 597 18.92 3.84 26.76
C TYR B 597 19.50 2.63 26.02
N ARG B 598 18.64 1.87 25.37
CA ARG B 598 19.02 0.70 24.56
C ARG B 598 18.87 1.03 23.07
N CYS B 599 18.11 2.06 22.71
CA CYS B 599 17.94 2.44 21.29
C CYS B 599 17.53 3.90 21.23
N VAL B 600 18.15 4.64 20.31
CA VAL B 600 17.91 6.09 20.11
C VAL B 600 17.57 6.31 18.65
N ILE B 601 16.36 6.82 18.39
CA ILE B 601 15.86 7.22 17.05
C ILE B 601 15.89 8.75 16.97
N THR B 602 16.64 9.29 16.01
CA THR B 602 16.73 10.75 15.76
C THR B 602 16.22 11.01 14.34
N ILE B 603 15.22 11.88 14.21
CA ILE B 603 14.61 12.28 12.91
C ILE B 603 15.05 13.71 12.61
N GLU B 604 15.75 13.95 11.50
CA GLU B 604 16.11 15.32 11.04
C GLU B 604 16.63 16.12 12.24
N GLY B 605 17.62 15.57 12.95
CA GLY B 605 18.09 16.13 14.23
C GLY B 605 18.84 17.43 14.06
N ILE B 606 18.63 18.36 14.99
CA ILE B 606 19.54 19.51 15.26
C ILE B 606 20.54 19.00 16.30
N ILE B 607 21.83 19.05 15.99
CA ILE B 607 22.88 18.36 16.80
C ILE B 607 24.08 19.29 17.01
N ASP B 608 24.56 19.98 15.97
CA ASP B 608 25.66 20.97 16.11
C ASP B 608 25.07 22.30 16.63
N MET B 609 25.15 22.53 17.93
CA MET B 609 24.52 23.71 18.58
C MET B 609 25.44 24.93 18.52
N LEU B 610 26.61 24.83 17.87
CA LEU B 610 27.51 25.98 17.61
C LEU B 610 27.28 26.49 16.19
N ARG B 611 27.05 25.62 15.21
CA ARG B 611 27.05 25.98 13.77
C ARG B 611 25.63 26.19 13.25
N PHE B 612 24.59 25.90 14.04
CA PHE B 612 23.18 25.88 13.57
C PHE B 612 22.80 27.20 12.90
N PRO B 613 23.23 28.40 13.37
CA PRO B 613 22.79 29.65 12.74
C PRO B 613 23.22 29.87 11.28
N LYS B 614 24.23 29.12 10.79
CA LYS B 614 24.87 29.38 9.48
C LYS B 614 24.06 28.77 8.35
N PHE B 615 23.00 28.00 8.65
CA PHE B 615 22.29 27.18 7.63
C PHE B 615 20.78 27.44 7.64
N THR B 616 20.21 27.55 6.44
CA THR B 616 18.76 27.77 6.12
C THR B 616 18.09 28.62 7.21
N PHE B 617 17.25 28.03 8.07
CA PHE B 617 16.37 28.74 9.02
C PHE B 617 16.97 28.73 10.42
N GLY B 618 18.20 28.26 10.57
CA GLY B 618 18.83 28.01 11.88
C GLY B 618 19.01 29.27 12.70
N ALA B 619 19.31 30.41 12.07
CA ALA B 619 19.59 31.67 12.79
C ALA B 619 18.37 32.04 13.65
N SER B 620 17.16 31.73 13.20
CA SER B 620 15.91 32.00 13.95
C SER B 620 15.89 31.25 15.29
N TRP B 621 16.62 30.13 15.41
CA TRP B 621 16.60 29.28 16.66
C TRP B 621 17.45 29.92 17.76
N ARG B 622 18.17 31.01 17.49
CA ARG B 622 19.02 31.70 18.51
C ARG B 622 18.17 32.20 19.68
N SER B 623 16.88 32.52 19.48
CA SER B 623 15.98 32.93 20.59
C SER B 623 15.78 31.76 21.56
N GLU B 624 15.87 30.51 21.08
CA GLU B 624 15.58 29.29 21.85
C GLU B 624 16.87 28.77 22.52
N TYR B 625 17.94 28.59 21.74
CA TYR B 625 19.18 27.91 22.19
C TYR B 625 20.20 28.91 22.72
N GLY B 626 20.11 30.16 22.25
CA GLY B 626 21.13 31.18 22.49
C GLY B 626 21.94 31.42 21.24
N ASP B 627 22.81 32.43 21.28
CA ASP B 627 23.69 32.81 20.16
C ASP B 627 25.07 32.23 20.46
N PRO B 628 25.52 31.19 19.71
CA PRO B 628 26.83 30.59 19.99
C PRO B 628 28.01 31.57 19.83
N GLU B 629 27.82 32.67 19.09
CA GLU B 629 28.85 33.73 18.88
C GLU B 629 28.78 34.79 19.98
N ASP B 630 27.87 34.64 20.96
CA ASP B 630 27.87 35.48 22.18
C ASP B 630 28.65 34.76 23.27
N PRO B 631 29.58 35.44 23.98
CA PRO B 631 30.45 34.78 24.94
C PRO B 631 29.74 34.08 26.11
N GLU B 632 28.68 34.71 26.64
CA GLU B 632 27.88 34.14 27.78
C GLU B 632 27.12 32.90 27.30
N ASP B 633 26.45 33.02 26.16
CA ASP B 633 25.63 31.94 25.55
C ASP B 633 26.53 30.76 25.18
N PHE B 634 27.72 31.02 24.64
CA PHE B 634 28.66 29.96 24.20
C PHE B 634 28.84 28.95 25.35
N ASP B 635 29.10 29.43 26.58
CA ASP B 635 29.50 28.57 27.72
C ASP B 635 28.36 27.58 28.02
N PHE B 636 27.11 28.03 28.10
CA PHE B 636 25.99 27.12 28.48
C PHE B 636 25.61 26.23 27.28
N ILE B 637 25.75 26.70 26.04
CA ILE B 637 25.47 25.88 24.82
C ILE B 637 26.53 24.78 24.73
N PHE B 638 27.81 25.13 24.89
CA PHE B 638 28.95 24.20 24.71
C PHE B 638 28.85 23.05 25.70
N LYS B 639 28.31 23.29 26.91
CA LYS B 639 28.15 22.24 27.96
C LYS B 639 27.33 21.04 27.44
N TYR B 640 26.30 21.25 26.62
CA TYR B 640 25.40 20.16 26.18
C TYR B 640 25.48 19.91 24.66
N SER B 641 25.95 20.85 23.84
CA SER B 641 25.95 20.70 22.36
C SER B 641 26.31 19.26 22.03
N PRO B 642 25.32 18.42 21.63
CA PRO B 642 25.58 16.99 21.51
C PRO B 642 26.75 16.64 20.58
N TYR B 643 26.93 17.39 19.49
CA TYR B 643 28.03 17.14 18.51
C TYR B 643 29.39 17.28 19.21
N HIS B 644 29.48 18.06 20.29
CA HIS B 644 30.75 18.41 20.97
C HIS B 644 30.89 17.68 22.31
N ASN B 645 29.98 16.77 22.65
CA ASN B 645 30.00 16.10 23.97
C ASN B 645 29.83 14.58 23.82
N ILE B 646 30.15 14.01 22.67
CA ILE B 646 30.17 12.52 22.50
C ILE B 646 31.13 11.98 23.58
N PRO B 647 30.72 10.99 24.41
CA PRO B 647 31.58 10.58 25.52
C PRO B 647 32.83 9.88 25.01
N PRO B 648 33.97 9.99 25.73
CA PRO B 648 35.18 9.25 25.37
C PRO B 648 34.91 7.74 25.31
N PRO B 649 35.48 7.01 24.31
CA PRO B 649 35.09 5.62 24.07
C PRO B 649 35.42 4.66 25.21
N GLY B 650 36.44 4.97 26.02
CA GLY B 650 37.08 3.99 26.92
C GLY B 650 36.16 3.41 27.97
N ASP B 651 35.21 4.20 28.50
CA ASP B 651 34.36 3.78 29.65
C ASP B 651 32.90 4.17 29.38
N THR B 652 32.47 4.07 28.11
CA THR B 652 31.05 4.24 27.68
C THR B 652 30.69 3.17 26.65
N VAL B 653 29.53 2.53 26.81
CA VAL B 653 28.86 1.73 25.75
C VAL B 653 27.70 2.58 25.20
N MET B 654 27.82 3.09 23.98
CA MET B 654 26.76 3.87 23.30
C MET B 654 25.60 2.93 22.98
N PRO B 655 24.33 3.35 23.19
CA PRO B 655 23.20 2.58 22.71
C PRO B 655 23.26 2.49 21.17
N ALA B 656 22.56 1.53 20.60
CA ALA B 656 22.25 1.50 19.15
C ALA B 656 21.53 2.81 18.76
N MET B 657 21.90 3.39 17.63
CA MET B 657 21.38 4.71 17.22
C MET B 657 21.05 4.67 15.73
N LEU B 658 19.84 5.11 15.36
CA LEU B 658 19.40 5.22 13.96
C LEU B 658 19.01 6.68 13.70
N PHE B 659 19.65 7.31 12.72
CA PHE B 659 19.40 8.70 12.30
C PHE B 659 18.66 8.68 10.96
N PHE B 660 17.48 9.30 10.91
CA PHE B 660 16.71 9.53 9.66
C PHE B 660 17.01 10.94 9.16
N THR B 661 17.31 11.05 7.86
CA THR B 661 17.45 12.36 7.20
C THR B 661 17.28 12.15 5.69
N ALA B 662 16.85 13.20 5.00
CA ALA B 662 16.98 13.34 3.54
C ALA B 662 18.40 13.81 3.21
N ALA B 663 18.83 13.66 1.95
CA ALA B 663 20.10 14.21 1.44
C ALA B 663 19.98 15.73 1.29
N TYR B 664 18.78 16.23 0.94
CA TYR B 664 18.41 17.67 0.90
C TYR B 664 17.23 17.90 1.85
N ASP B 665 17.34 18.85 2.76
CA ASP B 665 16.26 19.26 3.70
C ASP B 665 16.51 20.71 4.09
N ASP B 666 15.54 21.59 3.82
CA ASP B 666 15.59 23.05 4.13
C ASP B 666 15.32 23.27 5.62
N ARG B 667 14.45 22.45 6.22
CA ARG B 667 13.92 22.64 7.59
C ARG B 667 15.05 22.45 8.59
N VAL B 668 15.77 21.32 8.51
CA VAL B 668 17.03 21.07 9.27
C VAL B 668 18.06 20.54 8.28
N SER B 669 19.15 21.29 8.09
CA SER B 669 20.25 20.90 7.18
C SER B 669 20.77 19.53 7.60
N PRO B 670 20.83 18.56 6.65
CA PRO B 670 21.29 17.21 6.96
C PRO B 670 22.70 17.13 7.53
N LEU B 671 23.52 18.17 7.36
CA LEU B 671 24.91 18.23 7.89
C LEU B 671 24.91 17.90 9.39
N HIS B 672 23.85 18.27 10.13
CA HIS B 672 23.76 17.97 11.59
C HIS B 672 23.92 16.44 11.79
N THR B 673 23.12 15.67 11.06
CA THR B 673 23.15 14.18 11.10
C THR B 673 24.48 13.67 10.52
N PHE B 674 24.89 14.16 9.35
CA PHE B 674 26.11 13.70 8.63
C PHE B 674 27.30 13.72 9.59
N LYS B 675 27.55 14.86 10.23
CA LYS B 675 28.75 15.10 11.06
C LYS B 675 28.65 14.24 12.32
N HIS B 676 27.48 14.20 12.99
CA HIS B 676 27.32 13.46 14.27
C HIS B 676 27.49 11.96 14.03
N VAL B 677 26.96 11.43 12.91
CA VAL B 677 27.09 9.99 12.55
C VAL B 677 28.56 9.69 12.29
N ALA B 678 29.26 10.55 11.55
CA ALA B 678 30.71 10.42 11.28
C ALA B 678 31.47 10.36 12.61
N ALA B 679 31.19 11.30 13.51
CA ALA B 679 31.92 11.46 14.80
C ALA B 679 31.62 10.27 15.71
N LEU B 680 30.37 9.80 15.75
CA LEU B 680 30.00 8.63 16.59
C LEU B 680 30.73 7.38 16.07
N GLN B 681 30.73 7.16 14.76
CA GLN B 681 31.37 5.98 14.11
C GLN B 681 32.89 6.04 14.34
N HIS B 682 33.48 7.23 14.30
CA HIS B 682 34.93 7.44 14.55
C HIS B 682 35.25 7.13 16.02
N ASN B 683 34.42 7.61 16.94
CA ASN B 683 34.61 7.46 18.41
C ASN B 683 34.39 6.01 18.84
N PHE B 684 33.45 5.31 18.20
CA PHE B 684 33.01 3.94 18.57
C PHE B 684 33.08 3.03 17.34
N PRO B 685 34.28 2.82 16.77
CA PRO B 685 34.40 2.10 15.49
C PRO B 685 34.04 0.60 15.57
N LYS B 686 34.01 0.03 16.79
CA LYS B 686 33.75 -1.41 17.02
C LYS B 686 32.35 -1.60 17.64
N GLY B 687 31.51 -0.56 17.67
CA GLY B 687 30.22 -0.64 18.37
C GLY B 687 30.40 -0.72 19.89
N PRO B 688 29.85 -1.76 20.58
CA PRO B 688 29.25 -2.93 19.94
C PRO B 688 27.87 -2.72 19.26
N ASN B 689 27.23 -1.58 19.52
CA ASN B 689 25.85 -1.27 19.01
C ASN B 689 25.99 -0.32 17.83
N PRO B 690 25.36 -0.63 16.68
CA PRO B 690 25.56 0.16 15.46
C PRO B 690 24.98 1.58 15.57
N CYS B 691 25.65 2.50 14.90
CA CYS B 691 25.20 3.89 14.62
C CYS B 691 25.00 4.03 13.12
N LEU B 692 23.73 4.12 12.69
CA LEU B 692 23.34 4.05 11.26
C LEU B 692 22.66 5.35 10.83
N MET B 693 22.84 5.70 9.56
CA MET B 693 22.11 6.79 8.89
C MET B 693 21.22 6.19 7.81
N ARG B 694 19.91 6.32 8.00
CA ARG B 694 18.86 5.91 7.05
C ARG B 694 18.50 7.12 6.17
N ILE B 695 18.94 7.11 4.91
CA ILE B 695 18.83 8.26 3.95
C ILE B 695 17.72 8.02 2.94
N ASP B 696 16.81 8.99 2.79
CA ASP B 696 15.89 9.17 1.64
C ASP B 696 16.58 10.08 0.61
N LEU B 697 16.74 9.62 -0.63
CA LEU B 697 17.38 10.40 -1.74
C LEU B 697 16.36 11.32 -2.45
N ASN B 698 15.11 11.39 -2.00
CA ASN B 698 14.10 12.39 -2.45
C ASN B 698 14.04 13.58 -1.48
N LYS B 705 5.16 13.71 1.79
CA LYS B 705 5.72 12.32 1.87
C LYS B 705 4.59 11.33 1.56
N SER B 706 4.78 10.48 0.56
CA SER B 706 3.78 9.45 0.14
C SER B 706 3.54 8.46 1.29
N THR B 707 2.33 7.88 1.32
CA THR B 707 1.99 6.82 2.31
C THR B 707 3.09 5.73 2.33
N GLN B 708 3.52 5.28 1.15
CA GLN B 708 4.43 4.11 0.99
C GLN B 708 5.79 4.46 1.61
N GLU B 709 6.28 5.70 1.44
CA GLU B 709 7.59 6.13 1.99
C GLU B 709 7.51 6.14 3.52
N MET B 710 6.39 6.66 4.05
CA MET B 710 6.15 6.73 5.52
C MET B 710 6.20 5.31 6.10
N LEU B 711 5.60 4.34 5.42
CA LEU B 711 5.53 2.93 5.90
C LEU B 711 6.94 2.32 5.91
N GLU B 712 7.72 2.54 4.85
CA GLU B 712 9.10 2.03 4.71
C GLU B 712 10.00 2.60 5.82
N GLU B 713 9.86 3.91 6.09
CA GLU B 713 10.62 4.57 7.19
C GLU B 713 10.24 3.94 8.54
N THR B 714 8.95 3.71 8.77
CA THR B 714 8.43 3.14 10.05
C THR B 714 8.91 1.69 10.21
N ALA B 715 8.92 0.92 9.12
CA ALA B 715 9.36 -0.49 9.11
C ALA B 715 10.86 -0.56 9.49
N ASP B 716 11.67 0.35 8.93
CA ASP B 716 13.10 0.50 9.28
C ASP B 716 13.23 0.85 10.77
N GLU B 717 12.45 1.82 11.25
CA GLU B 717 12.54 2.28 12.66
C GLU B 717 12.21 1.13 13.61
N TYR B 718 11.06 0.48 13.40
CA TYR B 718 10.54 -0.53 14.37
C TYR B 718 11.40 -1.79 14.34
N SER B 719 11.83 -2.24 13.16
CA SER B 719 12.68 -3.46 13.02
C SER B 719 14.04 -3.21 13.69
N PHE B 720 14.59 -2.00 13.52
CA PHE B 720 15.85 -1.58 14.18
C PHE B 720 15.66 -1.56 15.71
N ILE B 721 14.56 -1.01 16.22
CA ILE B 721 14.32 -0.97 17.69
C ILE B 721 14.21 -2.42 18.18
N GLY B 722 13.44 -3.25 17.46
CA GLY B 722 13.25 -4.68 17.78
C GLY B 722 14.58 -5.41 17.90
N LYS B 723 15.43 -5.28 16.88
CA LYS B 723 16.78 -5.91 16.86
C LYS B 723 17.61 -5.36 18.02
N SER B 724 17.66 -4.03 18.18
CA SER B 724 18.53 -3.34 19.17
C SER B 724 18.17 -3.75 20.59
N MET B 725 16.90 -4.02 20.88
CA MET B 725 16.43 -4.24 22.28
C MET B 725 16.08 -5.72 22.52
N GLY B 726 16.36 -6.60 21.54
CA GLY B 726 16.14 -8.06 21.63
C GLY B 726 14.66 -8.43 21.68
N LEU B 727 13.81 -7.75 20.94
CA LEU B 727 12.32 -7.97 20.98
C LEU B 727 11.93 -8.95 19.88
N THR B 728 10.97 -9.83 20.18
CA THR B 728 10.29 -10.72 19.21
C THR B 728 8.90 -10.14 18.91
N MET B 729 8.52 -10.12 17.63
CA MET B 729 7.16 -9.72 17.18
C MET B 729 6.15 -10.78 17.61
N GLN B 730 5.08 -10.38 18.30
CA GLN B 730 3.97 -11.26 18.77
C GLN B 730 2.97 -11.50 17.62
N PHE C 3 23.37 -11.69 -13.89
CA PHE C 3 22.35 -11.91 -12.82
C PHE C 3 21.45 -10.68 -12.72
N PRO C 4 20.11 -10.81 -12.90
CA PRO C 4 19.23 -9.65 -12.83
C PRO C 4 19.03 -9.15 -11.39
N GLY C 5 18.90 -7.83 -11.21
CA GLY C 5 18.84 -7.14 -9.90
C GLY C 5 17.65 -7.56 -9.06
N TRP C 6 16.58 -8.10 -9.67
CA TRP C 6 15.34 -8.55 -9.00
C TRP C 6 15.48 -9.95 -8.38
N GLY C 7 16.48 -10.73 -8.80
CA GLY C 7 16.74 -12.08 -8.28
C GLY C 7 17.47 -12.05 -6.95
N PRO C 8 17.77 -13.21 -6.32
CA PRO C 8 17.35 -14.51 -6.84
C PRO C 8 15.91 -14.88 -6.46
N TYR C 9 15.36 -15.90 -7.11
CA TYR C 9 14.04 -16.48 -6.78
C TYR C 9 14.07 -17.03 -5.36
N PRO C 10 12.94 -17.03 -4.63
CA PRO C 10 12.84 -17.76 -3.37
C PRO C 10 13.07 -19.26 -3.62
N PRO C 11 13.71 -19.97 -2.68
CA PRO C 11 13.97 -21.40 -2.85
C PRO C 11 12.68 -22.21 -2.76
N VAL C 12 12.60 -23.30 -3.52
CA VAL C 12 11.45 -24.27 -3.50
C VAL C 12 12.05 -25.67 -3.37
N GLU C 13 11.68 -26.38 -2.30
CA GLU C 13 12.08 -27.79 -2.04
C GLU C 13 11.67 -28.66 -3.24
N ARG C 14 12.56 -29.56 -3.66
CA ARG C 14 12.30 -30.55 -4.71
C ARG C 14 12.26 -31.94 -4.08
N ASP C 15 11.35 -32.81 -4.54
CA ASP C 15 11.40 -34.27 -4.28
C ASP C 15 11.89 -34.94 -5.56
N GLU C 16 13.19 -35.27 -5.64
CA GLU C 16 13.85 -35.80 -6.85
C GLU C 16 13.35 -37.21 -7.17
N THR C 17 12.76 -37.90 -6.20
CA THR C 17 12.33 -39.34 -6.33
C THR C 17 10.85 -39.42 -6.75
N SER C 18 10.07 -38.34 -6.60
CA SER C 18 8.59 -38.35 -6.85
C SER C 18 8.30 -38.58 -8.33
N ALA C 19 7.58 -39.66 -8.66
CA ALA C 19 7.15 -39.98 -10.05
C ALA C 19 5.85 -40.78 -10.04
N ILE C 20 5.12 -40.71 -11.14
CA ILE C 20 3.92 -41.55 -11.45
C ILE C 20 4.16 -42.19 -12.81
N THR C 21 3.81 -43.47 -12.96
CA THR C 21 3.87 -44.19 -14.25
C THR C 21 2.47 -44.19 -14.86
N TYR C 22 2.37 -43.85 -16.14
CA TYR C 22 1.11 -43.73 -16.92
C TYR C 22 1.18 -44.76 -18.04
N SER C 23 0.07 -45.45 -18.29
CA SER C 23 -0.06 -46.32 -19.49
C SER C 23 0.00 -45.42 -20.73
N SER C 24 0.61 -45.91 -21.80
CA SER C 24 0.83 -45.18 -23.08
C SER C 24 0.65 -46.15 -24.24
N LYS C 25 -0.17 -45.78 -25.22
CA LYS C 25 -0.43 -46.61 -26.44
C LYS C 25 0.87 -46.76 -27.22
N LEU C 26 1.67 -45.70 -27.33
CA LEU C 26 2.86 -45.66 -28.21
C LEU C 26 4.07 -46.31 -27.51
N HIS C 27 4.20 -46.14 -26.19
CA HIS C 27 5.42 -46.48 -25.40
C HIS C 27 5.17 -47.60 -24.40
N GLY C 28 3.92 -48.08 -24.26
CA GLY C 28 3.53 -49.06 -23.23
C GLY C 28 3.32 -48.39 -21.89
N SER C 29 4.39 -47.86 -21.29
CA SER C 29 4.34 -47.06 -20.04
C SER C 29 5.30 -45.88 -20.16
N VAL C 30 5.00 -44.77 -19.47
CA VAL C 30 5.88 -43.58 -19.36
C VAL C 30 5.89 -43.16 -17.90
N THR C 31 7.07 -43.05 -17.32
CA THR C 31 7.28 -42.58 -15.93
C THR C 31 7.52 -41.08 -15.99
N VAL C 32 6.70 -40.32 -15.27
CA VAL C 32 6.73 -38.83 -15.27
C VAL C 32 7.23 -38.40 -13.89
N ARG C 33 8.35 -37.71 -13.83
CA ARG C 33 8.90 -37.14 -12.57
C ARG C 33 8.08 -35.90 -12.23
N ASP C 34 7.71 -35.71 -10.97
CA ASP C 34 7.09 -34.46 -10.49
C ASP C 34 7.83 -34.02 -9.23
N PRO C 35 8.95 -33.28 -9.37
CA PRO C 35 9.69 -32.81 -8.20
C PRO C 35 8.92 -31.87 -7.26
N TYR C 36 7.76 -31.34 -7.69
CA TYR C 36 6.98 -30.35 -6.89
C TYR C 36 5.64 -30.95 -6.45
N SER C 37 5.53 -32.29 -6.40
CA SER C 37 4.29 -33.01 -6.02
C SER C 37 3.82 -32.60 -4.62
N GLN C 38 4.74 -32.21 -3.71
CA GLN C 38 4.37 -31.78 -2.34
C GLN C 38 3.43 -30.56 -2.40
N LEU C 39 3.55 -29.73 -3.44
CA LEU C 39 2.74 -28.49 -3.57
C LEU C 39 1.29 -28.81 -3.98
N GLU C 40 0.97 -30.10 -4.21
CA GLU C 40 -0.43 -30.59 -4.37
C GLU C 40 -1.14 -30.63 -3.02
N VAL C 41 -0.40 -30.59 -1.90
CA VAL C 41 -1.02 -30.55 -0.54
C VAL C 41 -1.48 -29.12 -0.27
N PRO C 42 -2.75 -28.91 0.10
CA PRO C 42 -3.29 -27.57 0.34
C PRO C 42 -2.51 -26.72 1.36
N PHE C 43 -2.54 -25.40 1.13
CA PHE C 43 -1.93 -24.35 1.99
C PHE C 43 -2.18 -24.66 3.48
N GLU C 44 -3.43 -24.92 3.85
CA GLU C 44 -3.89 -25.06 5.26
C GLU C 44 -3.35 -26.36 5.89
N ASP C 45 -2.85 -27.32 5.09
CA ASP C 45 -2.47 -28.68 5.56
C ASP C 45 -0.95 -28.90 5.52
N SER C 46 -0.17 -28.06 4.84
CA SER C 46 1.30 -28.26 4.66
C SER C 46 2.05 -26.99 5.04
N GLU C 47 3.02 -27.09 5.94
CA GLU C 47 3.97 -26.00 6.30
C GLU C 47 4.84 -25.69 5.07
N GLU C 48 5.12 -26.70 4.25
CA GLU C 48 5.93 -26.56 3.00
C GLU C 48 5.13 -25.72 1.99
N THR C 49 3.86 -26.02 1.79
CA THR C 49 2.99 -25.23 0.86
C THR C 49 2.87 -23.81 1.42
N LYS C 50 2.68 -23.66 2.74
CA LYS C 50 2.62 -22.35 3.43
C LYS C 50 3.89 -21.52 3.13
N ALA C 51 5.07 -22.11 3.35
CA ALA C 51 6.38 -21.43 3.16
C ALA C 51 6.52 -21.01 1.68
N PHE C 52 6.11 -21.86 0.74
CA PHE C 52 6.13 -21.58 -0.71
C PHE C 52 5.24 -20.37 -1.02
N VAL C 53 3.97 -20.40 -0.59
CA VAL C 53 2.96 -19.33 -0.86
C VAL C 53 3.47 -17.99 -0.28
N HIS C 54 3.88 -17.98 0.99
CA HIS C 54 4.32 -16.73 1.69
C HIS C 54 5.56 -16.14 0.99
N SER C 55 6.57 -16.95 0.69
CA SER C 55 7.83 -16.49 0.06
C SER C 55 7.55 -16.00 -1.36
N GLN C 56 6.78 -16.76 -2.15
CA GLN C 56 6.45 -16.39 -3.55
C GLN C 56 5.61 -15.12 -3.56
N ARG C 57 4.63 -15.01 -2.64
CA ARG C 57 3.72 -13.84 -2.54
C ARG C 57 4.54 -12.58 -2.23
N LYS C 58 5.45 -12.67 -1.26
CA LYS C 58 6.29 -11.52 -0.81
C LYS C 58 7.21 -11.08 -1.96
N PHE C 59 7.77 -12.05 -2.69
CA PHE C 59 8.71 -11.82 -3.82
C PHE C 59 7.98 -11.08 -4.95
N ALA C 60 6.80 -11.56 -5.34
CA ALA C 60 5.97 -10.93 -6.39
C ALA C 60 5.59 -9.51 -5.98
N ARG C 61 5.11 -9.32 -4.74
CA ARG C 61 4.63 -8.00 -4.24
C ARG C 61 5.78 -7.00 -4.28
N THR C 62 6.99 -7.40 -3.88
CA THR C 62 8.20 -6.53 -3.88
C THR C 62 8.46 -6.04 -5.30
N TYR C 63 8.46 -6.94 -6.30
CA TYR C 63 8.74 -6.57 -7.71
C TYR C 63 7.62 -5.65 -8.23
N LEU C 64 6.35 -6.03 -8.03
CA LEU C 64 5.17 -5.26 -8.55
C LEU C 64 5.14 -3.86 -7.93
N ASP C 65 5.38 -3.75 -6.62
CA ASP C 65 5.28 -2.49 -5.84
C ASP C 65 6.50 -1.60 -6.08
N GLU C 66 7.63 -2.15 -6.52
CA GLU C 66 8.84 -1.36 -6.84
C GLU C 66 8.57 -0.47 -8.07
N ASN C 67 7.64 -0.87 -8.93
CA ASN C 67 7.28 -0.14 -10.18
C ASN C 67 6.31 0.99 -9.83
N PRO C 68 6.67 2.28 -10.01
CA PRO C 68 5.76 3.38 -9.68
C PRO C 68 4.49 3.38 -10.54
N ASP C 69 4.53 2.76 -11.73
CA ASP C 69 3.37 2.63 -12.65
C ASP C 69 2.28 1.77 -12.00
N ARG C 70 2.59 1.00 -10.96
CA ARG C 70 1.57 0.17 -10.26
C ARG C 70 0.56 1.10 -9.59
N GLU C 71 1.02 2.02 -8.75
CA GLU C 71 0.16 3.03 -8.06
C GLU C 71 -0.49 3.94 -9.11
N ALA C 72 0.23 4.34 -10.14
CA ALA C 72 -0.30 5.19 -11.23
C ALA C 72 -1.48 4.46 -11.90
N TRP C 73 -1.35 3.16 -12.18
CA TRP C 73 -2.43 2.35 -12.80
C TRP C 73 -3.61 2.26 -11.83
N LEU C 74 -3.36 2.01 -10.54
CA LEU C 74 -4.46 1.82 -9.55
C LEU C 74 -5.28 3.11 -9.47
N GLU C 75 -4.61 4.27 -9.41
CA GLU C 75 -5.26 5.60 -9.36
C GLU C 75 -6.07 5.85 -10.62
N THR C 76 -5.48 5.67 -11.80
CA THR C 76 -6.14 5.83 -13.12
C THR C 76 -7.38 4.94 -13.17
N LEU C 77 -7.27 3.68 -12.76
CA LEU C 77 -8.40 2.70 -12.79
C LEU C 77 -9.50 3.16 -11.82
N LYS C 78 -9.16 3.50 -10.57
CA LYS C 78 -10.13 3.96 -9.53
C LYS C 78 -10.96 5.15 -10.07
N LYS C 79 -10.29 6.15 -10.62
CA LYS C 79 -10.92 7.42 -11.14
C LYS C 79 -11.90 7.07 -12.25
N SER C 80 -11.48 6.27 -13.23
CA SER C 80 -12.27 5.98 -14.47
C SER C 80 -13.40 5.01 -14.15
N TRP C 81 -13.19 4.03 -13.26
CA TRP C 81 -14.18 2.98 -12.91
C TRP C 81 -15.30 3.57 -12.05
N ASN C 82 -15.18 4.82 -11.58
CA ASN C 82 -16.20 5.50 -10.75
C ASN C 82 -17.29 6.04 -11.66
N TYR C 83 -18.02 5.14 -12.32
CA TYR C 83 -19.15 5.42 -13.23
C TYR C 83 -20.30 4.49 -12.86
N ARG C 84 -21.53 5.00 -13.01
CA ARG C 84 -22.77 4.31 -12.61
C ARG C 84 -23.02 3.16 -13.59
N ARG C 85 -23.29 1.97 -13.05
CA ARG C 85 -23.55 0.72 -13.82
C ARG C 85 -24.89 0.15 -13.35
N PHE C 86 -25.65 -0.44 -14.26
CA PHE C 86 -26.97 -1.05 -13.96
C PHE C 86 -27.27 -2.14 -14.98
N SER C 87 -28.12 -3.08 -14.57
CA SER C 87 -28.73 -4.14 -15.43
C SER C 87 -30.00 -3.59 -16.08
N ALA C 88 -30.57 -4.36 -17.02
CA ALA C 88 -31.93 -4.21 -17.54
C ALA C 88 -32.93 -4.40 -16.38
N LEU C 89 -34.08 -3.75 -16.44
CA LEU C 89 -35.17 -3.98 -15.47
C LEU C 89 -35.67 -5.43 -15.61
N LYS C 90 -35.85 -6.12 -14.48
CA LYS C 90 -36.31 -7.52 -14.41
C LYS C 90 -37.67 -7.55 -13.72
N PRO C 91 -38.76 -7.92 -14.42
CA PRO C 91 -40.08 -7.96 -13.80
C PRO C 91 -40.22 -9.19 -12.89
N GLU C 92 -40.77 -9.01 -11.69
CA GLU C 92 -40.93 -10.08 -10.68
C GLU C 92 -42.42 -10.21 -10.29
N SER C 93 -42.76 -11.29 -9.61
CA SER C 93 -44.16 -11.70 -9.27
C SER C 93 -44.78 -10.75 -8.22
N ASP C 94 -44.01 -9.84 -7.61
CA ASP C 94 -44.54 -8.82 -6.65
C ASP C 94 -44.92 -7.53 -7.38
N GLY C 95 -45.02 -7.54 -8.71
CA GLY C 95 -45.38 -6.38 -9.55
C GLY C 95 -44.35 -5.26 -9.49
N HIS C 96 -43.08 -5.59 -9.21
CA HIS C 96 -41.95 -4.62 -9.24
C HIS C 96 -40.95 -5.06 -10.29
N TYR C 97 -40.29 -4.09 -10.93
CA TYR C 97 -39.03 -4.30 -11.67
C TYR C 97 -37.89 -4.23 -10.65
N TYR C 98 -36.95 -5.17 -10.76
CA TYR C 98 -35.68 -5.19 -9.96
C TYR C 98 -34.54 -4.92 -10.93
N PHE C 99 -33.53 -4.19 -10.47
CA PHE C 99 -32.33 -3.89 -11.29
C PHE C 99 -31.10 -3.82 -10.39
N GLU C 100 -29.99 -4.30 -10.92
CA GLU C 100 -28.66 -4.19 -10.27
C GLU C 100 -28.13 -2.77 -10.50
N TYR C 101 -27.48 -2.20 -9.49
CA TYR C 101 -26.91 -0.84 -9.56
C TYR C 101 -25.60 -0.79 -8.78
N ASN C 102 -24.62 -0.10 -9.36
CA ASN C 102 -23.37 0.28 -8.65
C ASN C 102 -23.12 1.75 -8.93
N ASP C 103 -23.02 2.56 -7.87
CA ASP C 103 -22.71 4.01 -7.94
C ASP C 103 -21.38 4.25 -8.67
N GLY C 104 -20.44 3.30 -8.54
CA GLY C 104 -19.14 3.35 -9.22
C GLY C 104 -18.13 2.43 -8.56
N LEU C 105 -17.83 2.66 -7.29
CA LEU C 105 -16.73 1.98 -6.55
C LEU C 105 -17.29 1.27 -5.31
N GLN C 106 -18.57 0.87 -5.33
CA GLN C 106 -19.10 -0.06 -4.30
C GLN C 106 -18.51 -1.44 -4.61
N SER C 107 -18.20 -2.21 -3.56
CA SER C 107 -17.54 -3.54 -3.67
C SER C 107 -18.41 -4.47 -4.53
N GLN C 108 -19.73 -4.47 -4.29
CA GLN C 108 -20.72 -5.34 -4.94
C GLN C 108 -21.87 -4.50 -5.52
N LEU C 109 -22.54 -4.99 -6.56
CA LEU C 109 -23.84 -4.47 -7.08
C LEU C 109 -24.89 -4.52 -5.97
N SER C 110 -25.71 -3.49 -5.85
CA SER C 110 -26.93 -3.45 -5.01
C SER C 110 -28.15 -3.77 -5.88
N LEU C 111 -29.20 -4.31 -5.28
CA LEU C 111 -30.47 -4.62 -5.98
C LEU C 111 -31.49 -3.55 -5.57
N TYR C 112 -31.99 -2.79 -6.55
CA TYR C 112 -33.06 -1.78 -6.40
C TYR C 112 -34.35 -2.32 -7.02
N ARG C 113 -35.48 -1.72 -6.68
CA ARG C 113 -36.77 -2.07 -7.30
C ARG C 113 -37.64 -0.82 -7.46
N VAL C 114 -38.62 -0.93 -8.36
CA VAL C 114 -39.61 0.14 -8.65
C VAL C 114 -40.90 -0.56 -9.08
N ARG C 115 -42.05 -0.05 -8.64
CA ARG C 115 -43.38 -0.55 -9.05
C ARG C 115 -43.43 -0.55 -10.58
N MET C 116 -43.90 -1.63 -11.19
CA MET C 116 -44.16 -1.66 -12.65
C MET C 116 -45.12 -0.49 -12.98
N GLY C 117 -44.80 0.29 -14.02
CA GLY C 117 -45.51 1.53 -14.36
C GLY C 117 -44.82 2.79 -13.85
N GLU C 118 -43.96 2.71 -12.84
CA GLU C 118 -43.22 3.88 -12.27
C GLU C 118 -41.75 3.87 -12.73
N GLU C 119 -41.38 3.00 -13.67
CA GLU C 119 -39.97 2.74 -14.04
C GLU C 119 -39.33 3.98 -14.65
N ASP C 120 -40.11 4.93 -15.16
CA ASP C 120 -39.56 6.12 -15.85
C ASP C 120 -38.90 7.06 -14.82
N THR C 121 -39.05 6.80 -13.51
CA THR C 121 -38.44 7.60 -12.42
C THR C 121 -37.07 7.06 -11.96
N VAL C 122 -36.60 5.92 -12.48
CA VAL C 122 -35.30 5.30 -12.00
C VAL C 122 -34.15 5.71 -12.92
N LEU C 123 -32.91 5.56 -12.43
CA LEU C 123 -31.66 5.66 -13.24
C LEU C 123 -31.62 7.02 -13.94
N THR C 124 -31.74 8.08 -13.17
CA THR C 124 -31.59 9.50 -13.64
C THR C 124 -30.30 10.05 -13.06
N GLU C 125 -29.96 11.31 -13.36
CA GLU C 125 -28.74 11.97 -12.84
C GLU C 125 -28.86 12.11 -11.32
N SER C 126 -30.09 12.13 -10.76
CA SER C 126 -30.36 12.19 -9.31
C SER C 126 -29.93 10.91 -8.59
N GLY C 127 -29.73 9.81 -9.34
CA GLY C 127 -29.28 8.52 -8.80
C GLY C 127 -30.19 7.38 -9.24
N PRO C 128 -30.15 6.22 -8.54
CA PRO C 128 -30.83 5.02 -9.02
C PRO C 128 -32.36 5.19 -8.96
N GLY C 129 -32.85 6.00 -8.03
CA GLY C 129 -34.30 6.16 -7.75
C GLY C 129 -34.89 4.87 -7.21
N GLY C 130 -36.19 4.67 -7.38
CA GLY C 130 -36.91 3.50 -6.84
C GLY C 130 -36.62 3.33 -5.37
N GLU C 131 -36.44 2.09 -4.93
CA GLU C 131 -36.26 1.71 -3.50
C GLU C 131 -35.09 0.71 -3.45
N LEU C 132 -34.14 0.90 -2.53
CA LEU C 132 -33.11 -0.14 -2.26
C LEU C 132 -33.81 -1.40 -1.78
N PHE C 133 -33.50 -2.56 -2.35
CA PHE C 133 -34.06 -3.84 -1.85
C PHE C 133 -33.01 -4.63 -1.06
N PHE C 134 -31.82 -4.80 -1.64
CA PHE C 134 -30.74 -5.65 -1.07
C PHE C 134 -29.38 -5.03 -1.38
N ASN C 135 -28.60 -4.78 -0.34
CA ASN C 135 -27.23 -4.21 -0.42
C ASN C 135 -26.25 -5.26 0.12
N PRO C 136 -25.62 -6.05 -0.77
CA PRO C 136 -24.63 -7.05 -0.36
C PRO C 136 -23.44 -6.48 0.44
N ASN C 137 -23.13 -5.21 0.22
CA ASN C 137 -22.02 -4.49 0.91
C ASN C 137 -22.26 -4.48 2.41
N LEU C 138 -23.52 -4.57 2.87
CA LEU C 138 -23.90 -4.61 4.32
C LEU C 138 -23.58 -5.97 4.94
N LEU C 139 -23.37 -7.03 4.16
CA LEU C 139 -23.21 -8.42 4.66
C LEU C 139 -21.86 -8.54 5.41
N SER C 140 -20.77 -8.04 4.81
CA SER C 140 -19.39 -8.13 5.37
C SER C 140 -18.82 -6.73 5.60
N LEU C 141 -17.85 -6.62 6.50
CA LEU C 141 -17.17 -5.33 6.82
C LEU C 141 -16.30 -4.91 5.62
N ASP C 142 -15.78 -5.87 4.85
CA ASP C 142 -14.76 -5.62 3.79
C ASP C 142 -15.40 -5.62 2.39
N GLY C 143 -16.65 -6.08 2.25
CA GLY C 143 -17.36 -6.13 0.97
C GLY C 143 -16.96 -7.33 0.11
N ASN C 144 -16.49 -8.40 0.73
CA ASN C 144 -16.02 -9.63 0.03
C ASN C 144 -17.11 -10.71 0.09
N ALA C 145 -18.10 -10.56 0.97
CA ALA C 145 -19.37 -11.35 0.94
C ALA C 145 -20.18 -10.91 -0.29
N ALA C 146 -20.69 -11.87 -1.04
CA ALA C 146 -21.29 -11.67 -2.38
C ALA C 146 -22.64 -12.40 -2.44
N LEU C 147 -23.62 -11.75 -3.05
CA LEU C 147 -24.89 -12.35 -3.53
C LEU C 147 -24.55 -13.28 -4.69
N THR C 148 -24.83 -14.58 -4.59
CA THR C 148 -24.48 -15.60 -5.61
C THR C 148 -25.69 -15.93 -6.47
N GLY C 149 -26.87 -15.41 -6.13
CA GLY C 149 -28.12 -15.71 -6.86
C GLY C 149 -29.34 -15.40 -6.00
N PHE C 150 -30.49 -15.30 -6.64
CA PHE C 150 -31.79 -15.04 -5.95
C PHE C 150 -32.93 -15.48 -6.86
N VAL C 151 -34.04 -15.92 -6.25
CA VAL C 151 -35.30 -16.28 -6.96
C VAL C 151 -36.45 -15.88 -6.04
N MET C 152 -37.42 -15.15 -6.59
CA MET C 152 -38.64 -14.73 -5.85
C MET C 152 -39.64 -15.89 -5.87
N SER C 153 -40.37 -16.08 -4.78
CA SER C 153 -41.48 -17.06 -4.69
C SER C 153 -42.53 -16.70 -5.72
N PRO C 154 -43.25 -17.68 -6.32
CA PRO C 154 -44.33 -17.36 -7.25
C PRO C 154 -45.39 -16.39 -6.70
N CYS C 155 -45.65 -16.42 -5.39
CA CYS C 155 -46.65 -15.56 -4.71
C CYS C 155 -46.13 -14.11 -4.61
N GLY C 156 -44.82 -13.90 -4.72
CA GLY C 156 -44.20 -12.57 -4.65
C GLY C 156 -43.95 -12.10 -3.22
N ASN C 157 -44.16 -12.93 -2.20
CA ASN C 157 -43.95 -12.55 -0.77
C ASN C 157 -42.56 -12.92 -0.26
N TYR C 158 -41.88 -13.86 -0.90
CA TYR C 158 -40.59 -14.42 -0.40
C TYR C 158 -39.54 -14.33 -1.49
N TRP C 159 -38.29 -14.24 -1.03
CA TRP C 159 -37.08 -14.02 -1.86
C TRP C 159 -35.98 -14.91 -1.29
N ALA C 160 -35.65 -15.99 -2.00
CA ALA C 160 -34.55 -16.92 -1.63
C ALA C 160 -33.27 -16.41 -2.28
N TYR C 161 -32.16 -16.37 -1.54
CA TYR C 161 -30.90 -15.82 -2.07
C TYR C 161 -29.69 -16.51 -1.47
N GLY C 162 -28.61 -16.56 -2.25
CA GLY C 162 -27.33 -17.17 -1.88
C GLY C 162 -26.33 -16.11 -1.44
N VAL C 163 -25.61 -16.36 -0.34
CA VAL C 163 -24.47 -15.51 0.10
C VAL C 163 -23.23 -16.40 0.26
N SER C 164 -22.17 -16.10 -0.47
CA SER C 164 -20.81 -16.69 -0.23
C SER C 164 -20.11 -15.72 0.72
N GLU C 165 -19.63 -16.18 1.88
CA GLU C 165 -18.71 -15.41 2.75
C GLU C 165 -17.35 -15.29 2.03
N HIS C 166 -16.60 -14.22 2.34
CA HIS C 166 -15.15 -14.08 2.04
C HIS C 166 -14.32 -15.09 2.87
N GLY C 167 -13.92 -16.16 2.22
CA GLY C 167 -13.18 -17.27 2.85
C GLY C 167 -13.48 -18.56 2.15
N SER C 168 -14.64 -18.66 1.46
CA SER C 168 -15.13 -19.90 0.83
C SER C 168 -15.68 -19.64 -0.59
N ASP C 169 -15.65 -20.67 -1.44
CA ASP C 169 -16.37 -20.73 -2.76
C ASP C 169 -17.71 -21.44 -2.59
N TRP C 170 -18.04 -21.78 -1.35
CA TRP C 170 -19.31 -22.37 -0.86
C TRP C 170 -20.25 -21.21 -0.50
N MET C 171 -21.54 -21.49 -0.34
CA MET C 171 -22.57 -20.47 -0.01
C MET C 171 -23.61 -21.09 0.91
N SER C 172 -24.44 -20.23 1.49
CA SER C 172 -25.66 -20.59 2.25
C SER C 172 -26.85 -19.94 1.51
N ILE C 173 -28.00 -20.61 1.52
CA ILE C 173 -29.27 -20.03 0.99
C ILE C 173 -30.01 -19.42 2.17
N TYR C 174 -30.47 -18.18 2.01
CA TYR C 174 -31.30 -17.45 3.00
C TYR C 174 -32.66 -17.15 2.35
N VAL C 175 -33.63 -16.75 3.17
CA VAL C 175 -34.98 -16.29 2.71
C VAL C 175 -35.31 -15.01 3.46
N ARG C 176 -35.91 -14.04 2.75
CA ARG C 176 -36.47 -12.83 3.39
C ARG C 176 -37.81 -12.52 2.72
N LYS C 177 -38.67 -11.79 3.42
CA LYS C 177 -39.93 -11.25 2.87
C LYS C 177 -39.58 -10.13 1.89
N THR C 178 -40.32 -10.02 0.78
CA THR C 178 -40.22 -8.90 -0.19
C THR C 178 -40.68 -7.60 0.49
N SER C 179 -41.38 -7.68 1.62
CA SER C 179 -41.76 -6.52 2.47
C SER C 179 -40.63 -6.15 3.44
N SER C 180 -39.48 -6.84 3.41
CA SER C 180 -38.29 -6.57 4.26
C SER C 180 -37.09 -6.18 3.43
N PRO C 181 -37.10 -5.00 2.77
CA PRO C 181 -35.91 -4.55 2.06
C PRO C 181 -34.82 -4.15 3.08
N HIS C 182 -33.55 -4.21 2.68
CA HIS C 182 -32.46 -3.48 3.37
C HIS C 182 -32.81 -1.99 3.39
N LEU C 183 -32.54 -1.31 4.48
CA LEU C 183 -32.72 0.16 4.60
C LEU C 183 -31.40 0.88 4.33
N PRO C 184 -31.44 2.06 3.68
CA PRO C 184 -30.21 2.74 3.27
C PRO C 184 -29.28 3.11 4.42
N SER C 185 -29.75 3.14 5.67
CA SER C 185 -28.98 3.59 6.86
C SER C 185 -28.61 2.42 7.79
N GLN C 186 -28.69 1.17 7.34
CA GLN C 186 -28.29 -0.01 8.15
C GLN C 186 -26.76 -0.05 8.24
N GLU C 187 -26.22 -0.65 9.32
CA GLU C 187 -24.76 -0.77 9.59
C GLU C 187 -24.27 -2.09 8.99
N ARG C 188 -23.00 -2.16 8.60
CA ARG C 188 -22.34 -3.30 7.94
C ARG C 188 -22.17 -4.47 8.91
N GLY C 189 -21.93 -5.67 8.37
CA GLY C 189 -21.47 -6.87 9.10
C GLY C 189 -22.61 -7.80 9.48
N LYS C 190 -23.85 -7.41 9.22
CA LYS C 190 -25.08 -8.22 9.47
C LYS C 190 -25.96 -8.24 8.22
N ASP C 191 -26.92 -9.17 8.15
CA ASP C 191 -28.05 -9.17 7.17
C ASP C 191 -29.35 -8.91 7.94
N PRO C 192 -29.75 -7.64 8.15
CA PRO C 192 -30.98 -7.32 8.86
C PRO C 192 -32.23 -7.74 8.06
N GLY C 193 -33.31 -8.12 8.74
CA GLY C 193 -34.64 -8.32 8.13
C GLY C 193 -34.82 -9.67 7.46
N ARG C 194 -33.87 -10.60 7.59
CA ARG C 194 -34.00 -11.95 6.98
C ARG C 194 -34.78 -12.86 7.93
N MET C 195 -35.41 -13.89 7.39
CA MET C 195 -36.10 -14.95 8.17
C MET C 195 -35.05 -15.94 8.71
N ASN C 196 -35.47 -16.89 9.55
CA ASN C 196 -34.59 -17.82 10.30
C ASN C 196 -33.88 -18.80 9.36
N ASP C 197 -34.48 -19.11 8.20
CA ASP C 197 -34.02 -20.16 7.27
C ASP C 197 -32.54 -19.96 6.96
N LYS C 198 -31.73 -21.01 7.11
CA LYS C 198 -30.31 -21.01 6.67
C LYS C 198 -30.01 -22.39 6.09
N ILE C 199 -29.78 -22.47 4.78
CA ILE C 199 -29.48 -23.74 4.05
C ILE C 199 -27.97 -23.76 3.79
N ARG C 200 -27.22 -24.59 4.52
CA ARG C 200 -25.75 -24.66 4.41
C ARG C 200 -25.33 -25.74 3.40
N HIS C 201 -24.04 -25.74 3.04
CA HIS C 201 -23.34 -26.81 2.29
C HIS C 201 -23.74 -26.78 0.81
N VAL C 202 -23.91 -25.58 0.27
CA VAL C 202 -24.32 -25.36 -1.15
C VAL C 202 -23.10 -24.84 -1.92
N ARG C 203 -22.86 -25.33 -3.13
CA ARG C 203 -21.71 -24.96 -3.98
C ARG C 203 -22.16 -24.26 -5.26
N PHE C 204 -23.45 -24.30 -5.59
CA PHE C 204 -24.01 -23.62 -6.79
C PHE C 204 -25.49 -23.33 -6.51
N PHE C 205 -25.94 -22.13 -6.91
CA PHE C 205 -27.30 -21.61 -6.67
C PHE C 205 -28.22 -22.07 -7.82
N ILE C 206 -28.93 -23.17 -7.60
CA ILE C 206 -30.03 -23.65 -8.49
C ILE C 206 -31.20 -23.96 -7.56
N VAL C 207 -32.10 -22.99 -7.46
CA VAL C 207 -33.21 -22.96 -6.48
C VAL C 207 -34.51 -22.85 -7.30
N SER C 208 -35.47 -23.72 -7.02
CA SER C 208 -36.79 -23.75 -7.72
C SER C 208 -37.89 -23.86 -6.69
N TRP C 209 -38.74 -22.83 -6.60
CA TRP C 209 -39.92 -22.78 -5.71
C TRP C 209 -41.00 -23.69 -6.28
N THR C 210 -41.75 -24.38 -5.41
CA THR C 210 -43.04 -25.01 -5.78
C THR C 210 -44.10 -23.90 -5.97
N SER C 211 -45.13 -24.17 -6.77
CA SER C 211 -46.19 -23.21 -7.15
C SER C 211 -46.96 -22.70 -5.93
N ASP C 212 -46.94 -23.45 -4.83
CA ASP C 212 -47.62 -23.11 -3.55
C ASP C 212 -46.79 -22.15 -2.71
N SER C 213 -45.56 -21.81 -3.13
CA SER C 213 -44.63 -20.92 -2.41
C SER C 213 -44.30 -21.45 -0.99
N LYS C 214 -44.46 -22.74 -0.73
CA LYS C 214 -44.24 -23.32 0.63
C LYS C 214 -42.78 -23.77 0.79
N GLY C 215 -42.05 -23.89 -0.31
CA GLY C 215 -40.66 -24.38 -0.26
C GLY C 215 -39.98 -24.34 -1.61
N PHE C 216 -38.70 -24.72 -1.63
CA PHE C 216 -37.88 -24.72 -2.86
C PHE C 216 -36.93 -25.92 -2.84
N PHE C 217 -36.65 -26.42 -4.04
CA PHE C 217 -35.61 -27.43 -4.31
C PHE C 217 -34.25 -26.73 -4.39
N TYR C 218 -33.20 -27.43 -3.98
CA TYR C 218 -31.81 -26.95 -4.07
C TYR C 218 -30.88 -28.17 -4.09
N SER C 219 -29.64 -27.95 -4.54
CA SER C 219 -28.56 -28.96 -4.57
C SER C 219 -27.56 -28.62 -3.47
N ARG C 220 -27.13 -29.64 -2.72
CA ARG C 220 -26.12 -29.45 -1.66
C ARG C 220 -25.16 -30.64 -1.64
N TYR C 221 -24.13 -30.52 -0.80
CA TYR C 221 -23.04 -31.50 -0.63
C TYR C 221 -22.97 -31.88 0.83
N PRO C 222 -22.21 -32.94 1.20
CA PRO C 222 -22.00 -33.26 2.61
C PRO C 222 -21.24 -32.10 3.24
N PRO C 223 -21.30 -31.91 4.58
CA PRO C 223 -20.57 -30.80 5.22
C PRO C 223 -19.05 -30.91 4.94
N GLU C 224 -18.35 -29.78 4.92
CA GLU C 224 -16.84 -29.77 4.89
C GLU C 224 -16.30 -28.96 6.08
N GLY C 228 -15.60 -25.94 2.99
CA GLY C 228 -14.16 -26.02 3.34
C GLY C 228 -13.28 -25.34 2.32
N LYS C 229 -11.98 -25.67 2.31
CA LYS C 229 -10.95 -25.11 1.39
C LYS C 229 -10.02 -26.21 0.88
N GLY C 230 -10.49 -27.46 0.87
CA GLY C 230 -9.70 -28.66 0.52
C GLY C 230 -9.35 -28.73 -0.96
N ASN C 231 -8.76 -29.86 -1.36
CA ASN C 231 -8.30 -30.17 -2.74
C ASN C 231 -9.05 -31.36 -3.34
N ALA C 232 -9.69 -32.17 -2.51
CA ALA C 232 -10.23 -33.50 -2.91
C ALA C 232 -11.30 -33.32 -3.97
N PRO C 233 -11.56 -34.34 -4.81
CA PRO C 233 -12.68 -34.29 -5.75
C PRO C 233 -13.99 -33.89 -5.04
N ALA C 234 -14.81 -33.07 -5.69
CA ALA C 234 -16.15 -32.65 -5.23
C ALA C 234 -17.09 -33.86 -5.36
N MET C 235 -17.72 -34.30 -4.27
CA MET C 235 -18.41 -35.62 -4.24
C MET C 235 -19.76 -35.53 -3.55
N ASN C 236 -20.72 -36.33 -4.04
CA ASN C 236 -21.99 -36.65 -3.34
C ASN C 236 -22.93 -35.44 -3.35
N CYS C 237 -23.12 -34.85 -4.53
CA CYS C 237 -24.15 -33.83 -4.80
C CYS C 237 -25.53 -34.46 -4.54
N MET C 238 -26.38 -33.79 -3.77
CA MET C 238 -27.73 -34.29 -3.42
C MET C 238 -28.77 -33.20 -3.71
N VAL C 239 -29.97 -33.59 -4.12
CA VAL C 239 -31.11 -32.65 -4.27
C VAL C 239 -32.00 -32.79 -3.03
N TYR C 240 -32.29 -31.66 -2.38
CA TYR C 240 -33.19 -31.56 -1.21
C TYR C 240 -34.34 -30.59 -1.51
N TYR C 241 -35.39 -30.68 -0.71
CA TYR C 241 -36.54 -29.75 -0.70
C TYR C 241 -36.62 -29.12 0.69
N HIS C 242 -36.55 -27.79 0.75
CA HIS C 242 -36.68 -26.99 1.99
C HIS C 242 -38.07 -26.35 2.06
N ARG C 243 -38.78 -26.60 3.15
CA ARG C 243 -40.05 -25.91 3.50
C ARG C 243 -39.72 -24.67 4.33
N ILE C 244 -40.23 -23.52 3.91
CA ILE C 244 -39.98 -22.20 4.58
C ILE C 244 -40.38 -22.34 6.06
N GLY C 245 -39.57 -21.79 6.97
CA GLY C 245 -39.87 -21.77 8.42
C GLY C 245 -39.32 -22.97 9.16
N GLU C 246 -38.93 -24.05 8.44
CA GLU C 246 -38.34 -25.26 9.06
C GLU C 246 -36.81 -25.09 9.11
N ASP C 247 -36.16 -25.88 9.97
CA ASP C 247 -34.69 -25.99 10.07
C ASP C 247 -34.19 -26.89 8.92
N GLN C 248 -32.95 -26.71 8.47
CA GLN C 248 -32.37 -27.51 7.34
C GLN C 248 -32.46 -29.01 7.65
N GLU C 249 -32.36 -29.38 8.93
CA GLU C 249 -32.39 -30.79 9.40
C GLU C 249 -33.69 -31.49 8.96
N SER C 250 -34.77 -30.73 8.79
CA SER C 250 -36.10 -31.24 8.38
C SER C 250 -36.21 -31.35 6.85
N ASP C 251 -35.25 -30.79 6.10
CA ASP C 251 -35.30 -30.81 4.61
C ASP C 251 -35.42 -32.26 4.14
N VAL C 252 -36.22 -32.48 3.10
CA VAL C 252 -36.54 -33.84 2.55
C VAL C 252 -35.56 -34.12 1.42
N LEU C 253 -34.89 -35.27 1.48
CA LEU C 253 -33.98 -35.77 0.44
C LEU C 253 -34.82 -36.12 -0.79
N VAL C 254 -34.43 -35.62 -1.96
CA VAL C 254 -35.14 -35.84 -3.24
C VAL C 254 -34.30 -36.77 -4.12
N HIS C 255 -32.98 -36.61 -4.15
CA HIS C 255 -32.08 -37.51 -4.92
C HIS C 255 -30.67 -37.52 -4.35
N GLU C 256 -30.10 -38.72 -4.25
CA GLU C 256 -28.64 -38.95 -4.06
C GLU C 256 -28.25 -40.14 -4.95
N ASP C 257 -26.98 -40.22 -5.32
CA ASP C 257 -26.45 -41.35 -6.13
C ASP C 257 -25.07 -41.69 -5.59
N PRO C 258 -24.98 -42.44 -4.47
CA PRO C 258 -23.69 -42.78 -3.85
C PRO C 258 -22.78 -43.62 -4.76
N GLU C 259 -23.34 -44.30 -5.76
CA GLU C 259 -22.57 -45.12 -6.73
C GLU C 259 -21.68 -44.22 -7.59
N HIS C 260 -22.13 -43.00 -7.88
CA HIS C 260 -21.47 -42.07 -8.84
C HIS C 260 -21.22 -40.74 -8.13
N PRO C 261 -20.30 -40.69 -7.14
CA PRO C 261 -20.13 -39.48 -6.34
C PRO C 261 -19.65 -38.24 -7.11
N PHE C 262 -19.06 -38.40 -8.30
CA PHE C 262 -18.51 -37.28 -9.11
C PHE C 262 -19.66 -36.59 -9.86
N TRP C 263 -20.79 -37.28 -10.07
CA TRP C 263 -21.93 -36.72 -10.84
C TRP C 263 -22.49 -35.51 -10.10
N ILE C 264 -22.87 -34.48 -10.85
CA ILE C 264 -23.52 -33.23 -10.34
C ILE C 264 -24.99 -33.31 -10.74
N SER C 265 -25.90 -32.96 -9.84
CA SER C 265 -27.36 -33.10 -10.06
C SER C 265 -28.09 -31.83 -9.62
N SER C 266 -29.21 -31.54 -10.27
CA SER C 266 -30.11 -30.40 -9.96
C SER C 266 -31.50 -30.71 -10.49
N VAL C 267 -32.50 -29.94 -10.03
CA VAL C 267 -33.88 -29.98 -10.57
C VAL C 267 -34.24 -28.57 -11.07
N GLN C 268 -35.09 -28.52 -12.09
CA GLN C 268 -35.72 -27.30 -12.65
C GLN C 268 -37.23 -27.58 -12.71
N LEU C 269 -38.08 -26.62 -12.32
CA LEU C 269 -39.56 -26.74 -12.46
C LEU C 269 -40.00 -25.98 -13.70
N THR C 270 -41.03 -26.45 -14.41
CA THR C 270 -41.73 -25.65 -15.45
C THR C 270 -42.27 -24.39 -14.78
N PRO C 271 -42.44 -23.28 -15.53
CA PRO C 271 -43.01 -22.05 -14.96
C PRO C 271 -44.34 -22.24 -14.21
N SER C 272 -45.20 -23.18 -14.66
CA SER C 272 -46.48 -23.53 -13.99
C SER C 272 -46.24 -24.21 -12.65
N GLY C 273 -45.05 -24.77 -12.41
CA GLY C 273 -44.73 -25.50 -11.18
C GLY C 273 -45.28 -26.91 -11.18
N ARG C 274 -45.82 -27.37 -12.32
CA ARG C 274 -46.47 -28.70 -12.43
C ARG C 274 -45.43 -29.81 -12.58
N TYR C 275 -44.43 -29.66 -13.44
CA TYR C 275 -43.44 -30.71 -13.77
C TYR C 275 -42.06 -30.34 -13.17
N ILE C 276 -41.36 -31.36 -12.67
CA ILE C 276 -39.96 -31.23 -12.16
C ILE C 276 -39.05 -32.03 -13.11
N LEU C 277 -38.00 -31.39 -13.62
CA LEU C 277 -36.95 -32.03 -14.45
C LEU C 277 -35.73 -32.27 -13.57
N PHE C 278 -35.40 -33.55 -13.36
CA PHE C 278 -34.12 -33.97 -12.73
C PHE C 278 -33.08 -34.08 -13.84
N ALA C 279 -31.90 -33.49 -13.62
CA ALA C 279 -30.76 -33.56 -14.56
C ALA C 279 -29.50 -33.94 -13.76
N ALA C 280 -28.77 -34.96 -14.21
CA ALA C 280 -27.43 -35.29 -13.70
C ALA C 280 -26.40 -35.08 -14.82
N SER C 281 -25.22 -34.59 -14.43
CA SER C 281 -24.02 -34.35 -15.27
C SER C 281 -22.88 -35.22 -14.75
N ARG C 282 -22.15 -35.93 -15.62
CA ARG C 282 -21.00 -36.78 -15.22
C ARG C 282 -19.68 -36.20 -15.78
N ASP C 283 -19.75 -35.12 -16.54
CA ASP C 283 -18.55 -34.49 -17.15
C ASP C 283 -18.95 -33.07 -17.61
N ALA C 284 -18.06 -32.36 -18.28
CA ALA C 284 -18.27 -30.97 -18.72
C ALA C 284 -19.02 -30.93 -20.05
N SER C 285 -19.34 -32.09 -20.65
CA SER C 285 -20.04 -32.15 -21.95
C SER C 285 -21.51 -31.75 -21.75
N HIS C 286 -22.15 -31.31 -22.82
CA HIS C 286 -23.58 -30.84 -22.83
C HIS C 286 -24.47 -32.07 -23.01
N THR C 287 -24.43 -32.99 -22.04
CA THR C 287 -25.19 -34.25 -22.02
C THR C 287 -25.63 -34.51 -20.58
N GLN C 288 -26.84 -35.03 -20.41
CA GLN C 288 -27.46 -35.26 -19.09
C GLN C 288 -28.12 -36.62 -19.06
N LEU C 289 -28.25 -37.16 -17.85
CA LEU C 289 -29.27 -38.16 -17.49
C LEU C 289 -30.46 -37.36 -16.96
N VAL C 290 -31.64 -37.55 -17.55
CA VAL C 290 -32.82 -36.67 -17.29
C VAL C 290 -34.04 -37.53 -16.93
N LYS C 291 -34.83 -37.07 -15.97
CA LYS C 291 -36.13 -37.70 -15.56
C LYS C 291 -37.14 -36.59 -15.29
N ILE C 292 -38.43 -36.82 -15.59
CA ILE C 292 -39.55 -35.84 -15.39
C ILE C 292 -40.54 -36.45 -14.40
N ALA C 293 -41.01 -35.69 -13.43
CA ALA C 293 -42.15 -36.09 -12.55
C ALA C 293 -43.22 -35.00 -12.57
N ASP C 294 -44.47 -35.42 -12.41
CA ASP C 294 -45.67 -34.55 -12.31
C ASP C 294 -45.93 -34.30 -10.82
N LEU C 295 -45.71 -33.09 -10.32
CA LEU C 295 -45.79 -32.77 -8.87
C LEU C 295 -47.24 -32.82 -8.39
N HIS C 296 -48.22 -32.96 -9.30
CA HIS C 296 -49.66 -33.16 -8.93
C HIS C 296 -49.94 -34.65 -8.64
N GLU C 297 -49.01 -35.57 -8.93
CA GLU C 297 -49.15 -37.04 -8.72
C GLU C 297 -48.45 -37.50 -7.43
N ASN C 298 -47.60 -36.67 -6.84
CA ASN C 298 -46.53 -37.10 -5.91
C ASN C 298 -46.40 -36.16 -4.71
N ASP C 299 -46.18 -36.71 -3.51
CA ASP C 299 -45.57 -35.98 -2.37
C ASP C 299 -44.08 -35.83 -2.65
N ILE C 300 -43.48 -34.71 -2.20
CA ILE C 300 -42.04 -34.42 -2.42
C ILE C 300 -41.23 -35.43 -1.59
N GLY C 301 -40.34 -36.19 -2.24
CA GLY C 301 -39.40 -37.11 -1.57
C GLY C 301 -38.68 -38.00 -2.57
N THR C 302 -38.15 -39.14 -2.11
CA THR C 302 -37.47 -40.15 -2.96
C THR C 302 -38.50 -41.11 -3.56
N ASN C 303 -39.78 -40.98 -3.19
CA ASN C 303 -40.90 -41.86 -3.63
C ASN C 303 -41.78 -41.12 -4.64
N MET C 304 -41.16 -40.42 -5.61
CA MET C 304 -41.85 -39.69 -6.71
C MET C 304 -41.87 -40.58 -7.97
N LYS C 305 -42.90 -40.46 -8.81
CA LYS C 305 -43.07 -41.28 -10.03
C LYS C 305 -42.26 -40.68 -11.18
N TRP C 306 -40.95 -40.92 -11.23
CA TRP C 306 -40.04 -40.41 -12.28
C TRP C 306 -40.30 -41.16 -13.60
N LYS C 307 -40.45 -40.42 -14.70
CA LYS C 307 -40.56 -40.96 -16.07
C LYS C 307 -39.32 -40.50 -16.87
N ASN C 308 -38.83 -41.34 -17.78
CA ASN C 308 -37.64 -41.02 -18.62
C ASN C 308 -38.04 -40.00 -19.68
N LEU C 309 -37.35 -38.87 -19.76
CA LEU C 309 -37.49 -37.85 -20.83
C LEU C 309 -36.84 -38.41 -22.11
N HIS C 310 -35.66 -39.00 -21.98
CA HIS C 310 -34.81 -39.46 -23.10
C HIS C 310 -33.72 -40.36 -22.55
N ASP C 311 -33.12 -41.19 -23.42
CA ASP C 311 -31.93 -42.01 -23.09
C ASP C 311 -30.87 -41.12 -22.48
N PRO C 312 -30.14 -41.58 -21.45
CA PRO C 312 -29.14 -40.76 -20.78
C PRO C 312 -27.91 -40.48 -21.66
N TRP C 313 -27.26 -39.34 -21.40
CA TRP C 313 -25.92 -38.93 -21.91
C TRP C 313 -25.95 -38.66 -23.42
N GLU C 314 -27.10 -38.33 -24.00
CA GLU C 314 -27.19 -37.97 -25.44
C GLU C 314 -27.36 -36.46 -25.61
N ALA C 315 -27.94 -35.76 -24.63
CA ALA C 315 -28.35 -34.36 -24.80
C ALA C 315 -28.59 -33.67 -23.47
N ARG C 316 -28.61 -32.34 -23.54
CA ARG C 316 -28.95 -31.42 -22.44
C ARG C 316 -30.34 -30.86 -22.71
N PHE C 317 -31.12 -30.61 -21.65
CA PHE C 317 -32.52 -30.09 -21.76
C PHE C 317 -32.70 -28.94 -20.78
N THR C 318 -33.08 -27.77 -21.30
CA THR C 318 -33.39 -26.56 -20.51
C THR C 318 -34.87 -26.23 -20.76
N ILE C 319 -35.66 -26.12 -19.69
CA ILE C 319 -37.10 -25.74 -19.76
C ILE C 319 -37.20 -24.28 -20.20
N VAL C 320 -38.01 -24.01 -21.23
CA VAL C 320 -38.28 -22.67 -21.81
C VAL C 320 -39.71 -22.24 -21.46
N GLY C 321 -40.63 -23.19 -21.25
CA GLY C 321 -42.03 -22.89 -20.94
C GLY C 321 -42.88 -24.16 -20.88
N ASP C 322 -44.18 -24.01 -20.70
CA ASP C 322 -45.14 -25.12 -20.57
C ASP C 322 -46.51 -24.64 -21.07
N GLU C 323 -47.34 -25.57 -21.50
CA GLU C 323 -48.77 -25.37 -21.86
C GLU C 323 -49.50 -26.63 -21.43
N GLY C 324 -49.97 -26.68 -20.19
CA GLY C 324 -50.54 -27.91 -19.59
C GLY C 324 -49.50 -29.01 -19.57
N SER C 325 -49.73 -30.10 -20.30
CA SER C 325 -48.84 -31.30 -20.32
C SER C 325 -47.68 -31.09 -21.30
N LYS C 326 -47.74 -30.06 -22.16
CA LYS C 326 -46.70 -29.77 -23.17
C LYS C 326 -45.58 -28.94 -22.52
N ILE C 327 -44.34 -29.40 -22.60
CA ILE C 327 -43.16 -28.66 -22.08
C ILE C 327 -42.29 -28.22 -23.26
N TYR C 328 -41.88 -26.96 -23.28
CA TYR C 328 -40.95 -26.40 -24.29
C TYR C 328 -39.52 -26.55 -23.77
N PHE C 329 -38.65 -27.16 -24.57
CA PHE C 329 -37.23 -27.38 -24.20
C PHE C 329 -36.32 -26.69 -25.23
N MET C 330 -35.28 -26.02 -24.75
CA MET C 330 -34.07 -25.74 -25.55
C MET C 330 -33.13 -26.92 -25.30
N THR C 331 -32.75 -27.62 -26.36
CA THR C 331 -32.03 -28.91 -26.27
C THR C 331 -31.08 -29.03 -27.44
N ASN C 332 -30.02 -29.81 -27.27
CA ASN C 332 -29.10 -30.21 -28.36
C ASN C 332 -29.39 -31.65 -28.79
N LEU C 333 -30.53 -32.22 -28.39
CA LEU C 333 -30.97 -33.57 -28.82
C LEU C 333 -31.04 -33.60 -30.34
N LYS C 334 -30.14 -34.37 -30.97
CA LYS C 334 -30.01 -34.51 -32.45
C LYS C 334 -29.87 -33.13 -33.10
N ALA C 335 -29.24 -32.19 -32.39
CA ALA C 335 -29.05 -30.80 -32.84
C ALA C 335 -27.87 -30.18 -32.08
N LYS C 336 -26.64 -30.39 -32.54
CA LYS C 336 -25.42 -29.95 -31.82
C LYS C 336 -25.43 -28.41 -31.63
N ASN C 337 -26.03 -27.65 -32.55
CA ASN C 337 -26.15 -26.17 -32.46
C ASN C 337 -27.39 -25.77 -31.64
N TYR C 338 -28.09 -26.74 -31.06
CA TYR C 338 -29.29 -26.56 -30.19
C TYR C 338 -30.51 -26.18 -31.04
N LYS C 339 -31.68 -26.41 -30.47
CA LYS C 339 -32.99 -26.20 -31.14
C LYS C 339 -34.05 -26.04 -30.05
N VAL C 340 -35.29 -25.76 -30.44
CA VAL C 340 -36.45 -25.75 -29.51
C VAL C 340 -37.33 -26.94 -29.90
N ALA C 341 -37.66 -27.77 -28.92
CA ALA C 341 -38.52 -28.98 -29.11
C ALA C 341 -39.53 -29.04 -27.98
N THR C 342 -40.65 -29.71 -28.23
CA THR C 342 -41.74 -29.89 -27.25
C THR C 342 -41.81 -31.36 -26.85
N PHE C 343 -42.17 -31.60 -25.60
CA PHE C 343 -42.45 -32.92 -25.04
C PHE C 343 -43.86 -32.89 -24.44
N ASP C 344 -44.67 -33.89 -24.77
CA ASP C 344 -46.01 -34.04 -24.16
C ASP C 344 -45.89 -35.08 -23.05
N ALA C 345 -45.94 -34.64 -21.79
CA ALA C 345 -45.85 -35.51 -20.59
C ALA C 345 -46.99 -36.55 -20.58
N ASN C 346 -48.07 -36.34 -21.33
CA ASN C 346 -49.20 -37.31 -21.44
C ASN C 346 -48.89 -38.39 -22.48
N HIS C 347 -47.89 -38.19 -23.34
CA HIS C 347 -47.43 -39.17 -24.37
C HIS C 347 -45.91 -39.29 -24.34
N PRO C 348 -45.31 -39.75 -23.22
CA PRO C 348 -43.85 -39.74 -23.10
C PRO C 348 -43.13 -40.49 -24.23
N ASP C 349 -43.62 -41.68 -24.59
CA ASP C 349 -43.03 -42.57 -25.62
C ASP C 349 -43.06 -41.92 -27.01
N GLU C 350 -43.80 -40.83 -27.21
CA GLU C 350 -43.83 -40.11 -28.52
C GLU C 350 -42.57 -39.25 -28.67
N GLY C 351 -41.84 -39.02 -27.57
CA GLY C 351 -40.54 -38.32 -27.58
C GLY C 351 -40.72 -36.82 -27.74
N LEU C 352 -39.69 -36.18 -28.28
CA LEU C 352 -39.61 -34.71 -28.49
C LEU C 352 -39.97 -34.40 -29.95
N THR C 353 -40.76 -33.35 -30.14
CA THR C 353 -41.15 -32.81 -31.47
C THR C 353 -40.43 -31.48 -31.68
N THR C 354 -39.78 -31.32 -32.82
CA THR C 354 -39.07 -30.08 -33.23
C THR C 354 -40.09 -28.94 -33.38
N LEU C 355 -39.88 -27.83 -32.68
CA LEU C 355 -40.65 -26.58 -32.90
C LEU C 355 -39.79 -25.65 -33.77
N ILE C 356 -38.55 -25.38 -33.33
CA ILE C 356 -37.56 -24.59 -34.10
C ILE C 356 -36.40 -25.52 -34.44
N ALA C 357 -36.20 -25.80 -35.73
CA ALA C 357 -35.14 -26.70 -36.22
C ALA C 357 -33.78 -26.14 -35.82
N GLU C 358 -32.78 -27.02 -35.67
CA GLU C 358 -31.37 -26.61 -35.54
C GLU C 358 -31.02 -25.70 -36.73
N ASP C 359 -30.34 -24.60 -36.46
CA ASP C 359 -29.70 -23.78 -37.53
C ASP C 359 -28.30 -24.34 -37.75
N PRO C 360 -27.99 -24.89 -38.94
CA PRO C 360 -26.67 -25.49 -39.17
C PRO C 360 -25.54 -24.46 -39.06
N ASN C 361 -25.84 -23.15 -39.15
CA ASN C 361 -24.80 -22.09 -39.26
C ASN C 361 -24.91 -21.09 -38.10
N ALA C 362 -25.62 -21.45 -37.03
CA ALA C 362 -25.81 -20.55 -35.87
C ALA C 362 -26.13 -21.38 -34.63
N PHE C 363 -25.33 -21.15 -33.60
CA PHE C 363 -25.48 -21.74 -32.25
C PHE C 363 -26.62 -21.02 -31.54
N LEU C 364 -27.66 -21.75 -31.11
CA LEU C 364 -28.77 -21.17 -30.33
C LEU C 364 -28.31 -21.02 -28.88
N VAL C 365 -28.24 -19.78 -28.40
CA VAL C 365 -27.75 -19.39 -27.05
C VAL C 365 -28.92 -19.45 -26.06
N SER C 366 -30.07 -18.89 -26.43
CA SER C 366 -31.25 -18.87 -25.53
C SER C 366 -32.56 -18.81 -26.33
N ALA C 367 -33.62 -19.25 -25.69
CA ALA C 367 -35.02 -19.20 -26.18
C ALA C 367 -35.88 -18.82 -24.98
N SER C 368 -36.76 -17.84 -25.17
CA SER C 368 -37.66 -17.36 -24.10
C SER C 368 -38.99 -16.96 -24.74
N ILE C 369 -40.07 -17.09 -23.99
CA ILE C 369 -41.44 -16.80 -24.46
C ILE C 369 -41.85 -15.44 -23.88
N HIS C 370 -42.50 -14.62 -24.71
CA HIS C 370 -42.91 -13.23 -24.39
C HIS C 370 -44.26 -12.96 -25.03
N ALA C 371 -45.02 -12.02 -24.45
CA ALA C 371 -46.29 -11.52 -25.02
C ALA C 371 -47.16 -12.73 -25.39
N GLN C 372 -47.23 -13.71 -24.48
CA GLN C 372 -48.08 -14.93 -24.54
C GLN C 372 -47.56 -15.96 -25.55
N ASP C 373 -47.30 -15.57 -26.80
CA ASP C 373 -47.04 -16.55 -27.90
C ASP C 373 -45.93 -16.06 -28.84
N LYS C 374 -45.01 -15.22 -28.36
CA LYS C 374 -43.82 -14.80 -29.14
C LYS C 374 -42.60 -15.56 -28.58
N LEU C 375 -41.92 -16.32 -29.42
CA LEU C 375 -40.68 -17.05 -29.07
C LEU C 375 -39.48 -16.23 -29.53
N LEU C 376 -38.67 -15.75 -28.57
CA LEU C 376 -37.47 -14.95 -28.84
C LEU C 376 -36.23 -15.86 -28.76
N LEU C 377 -35.50 -15.95 -29.87
CA LEU C 377 -34.26 -16.76 -29.99
C LEU C 377 -33.06 -15.82 -30.07
N VAL C 378 -32.02 -16.08 -29.27
CA VAL C 378 -30.69 -15.43 -29.40
C VAL C 378 -29.76 -16.44 -30.06
N TYR C 379 -29.30 -16.11 -31.26
CA TYR C 379 -28.33 -16.90 -32.06
C TYR C 379 -26.95 -16.23 -31.99
N LEU C 380 -25.90 -17.05 -31.96
CA LEU C 380 -24.50 -16.64 -32.14
C LEU C 380 -24.13 -16.88 -33.62
N ARG C 381 -23.87 -15.82 -34.37
CA ARG C 381 -23.45 -15.85 -35.79
C ARG C 381 -22.43 -14.74 -36.00
N ASN C 382 -21.32 -15.03 -36.68
CA ASN C 382 -20.16 -14.09 -36.83
C ASN C 382 -19.69 -13.60 -35.45
N ALA C 383 -19.69 -14.49 -34.46
CA ALA C 383 -19.17 -14.27 -33.08
C ALA C 383 -19.86 -13.08 -32.41
N SER C 384 -21.11 -12.78 -32.78
CA SER C 384 -22.01 -11.81 -32.09
C SER C 384 -23.46 -12.31 -32.06
N HIS C 385 -24.30 -11.70 -31.24
CA HIS C 385 -25.69 -12.14 -30.96
C HIS C 385 -26.61 -11.57 -32.02
N GLU C 386 -27.59 -12.37 -32.45
CA GLU C 386 -28.75 -11.97 -33.27
C GLU C 386 -30.02 -12.36 -32.52
N ILE C 387 -31.03 -11.49 -32.50
CA ILE C 387 -32.36 -11.78 -31.91
C ILE C 387 -33.35 -12.04 -33.05
N HIS C 388 -33.92 -13.25 -33.08
CA HIS C 388 -34.97 -13.69 -34.02
C HIS C 388 -36.27 -13.88 -33.25
N ILE C 389 -37.39 -13.43 -33.82
CA ILE C 389 -38.75 -13.62 -33.24
C ILE C 389 -39.48 -14.69 -34.06
N ARG C 390 -40.08 -15.66 -33.36
CA ARG C 390 -40.84 -16.78 -33.97
C ARG C 390 -42.25 -16.83 -33.36
N ASP C 391 -43.22 -17.37 -34.10
CA ASP C 391 -44.56 -17.69 -33.57
C ASP C 391 -44.41 -18.96 -32.70
N LEU C 392 -44.81 -18.89 -31.43
CA LEU C 392 -44.71 -20.04 -30.49
C LEU C 392 -45.51 -21.23 -31.02
N THR C 393 -46.71 -21.01 -31.60
CA THR C 393 -47.63 -22.10 -32.00
C THR C 393 -47.04 -22.89 -33.18
N THR C 394 -46.68 -22.18 -34.26
CA THR C 394 -46.28 -22.79 -35.56
C THR C 394 -44.75 -22.85 -35.68
N GLY C 395 -44.02 -21.97 -35.00
CA GLY C 395 -42.55 -21.82 -35.14
C GLY C 395 -42.18 -20.93 -36.32
N LYS C 396 -43.17 -20.39 -37.03
CA LYS C 396 -42.98 -19.56 -38.25
C LYS C 396 -42.14 -18.33 -37.90
N PRO C 397 -41.20 -17.89 -38.77
CA PRO C 397 -40.43 -16.66 -38.54
C PRO C 397 -41.28 -15.39 -38.60
N LEU C 398 -41.12 -14.48 -37.62
CA LEU C 398 -41.79 -13.16 -37.55
C LEU C 398 -40.76 -12.03 -37.73
N GLY C 399 -39.50 -12.39 -37.98
CA GLY C 399 -38.43 -11.43 -38.36
C GLY C 399 -37.41 -11.22 -37.26
N ARG C 400 -36.56 -10.22 -37.46
CA ARG C 400 -35.39 -9.89 -36.62
C ARG C 400 -35.67 -8.59 -35.89
N ILE C 401 -35.07 -8.40 -34.71
CA ILE C 401 -35.10 -7.10 -33.98
C ILE C 401 -33.67 -6.78 -33.52
N PHE C 402 -33.37 -5.49 -33.36
CA PHE C 402 -32.02 -5.01 -32.95
C PHE C 402 -30.96 -5.47 -33.95
N GLU C 403 -31.33 -5.64 -35.23
CA GLU C 403 -30.44 -6.10 -36.33
C GLU C 403 -29.23 -5.18 -36.47
N ASP C 404 -29.41 -3.89 -36.16
CA ASP C 404 -28.41 -2.80 -36.35
C ASP C 404 -27.36 -2.83 -35.23
N LEU C 405 -27.61 -3.54 -34.13
CA LEU C 405 -26.69 -3.60 -32.96
C LEU C 405 -25.80 -4.85 -33.06
N LEU C 406 -24.49 -4.67 -33.02
CA LEU C 406 -23.49 -5.77 -33.15
C LEU C 406 -22.76 -5.91 -31.82
N GLY C 407 -23.05 -6.98 -31.09
CA GLY C 407 -22.52 -7.20 -29.73
C GLY C 407 -23.21 -8.36 -29.06
N GLN C 408 -23.52 -8.23 -27.77
CA GLN C 408 -24.24 -9.27 -27.01
C GLN C 408 -25.48 -8.65 -26.36
N PHE C 409 -26.48 -9.49 -26.07
CA PHE C 409 -27.77 -9.09 -25.48
C PHE C 409 -28.03 -9.92 -24.23
N MET C 410 -28.59 -9.30 -23.19
CA MET C 410 -29.29 -10.00 -22.08
C MET C 410 -30.75 -9.55 -22.15
N VAL C 411 -31.68 -10.50 -22.35
CA VAL C 411 -33.13 -10.23 -22.50
C VAL C 411 -33.82 -10.51 -21.16
N SER C 412 -34.59 -9.55 -20.63
CA SER C 412 -35.47 -9.77 -19.46
C SER C 412 -36.94 -9.53 -19.87
N GLY C 413 -37.85 -10.30 -19.27
CA GLY C 413 -39.30 -10.25 -19.53
C GLY C 413 -39.87 -11.64 -19.48
N ARG C 414 -41.14 -11.78 -19.12
CA ARG C 414 -41.79 -13.09 -18.91
C ARG C 414 -42.87 -13.29 -19.98
N ARG C 415 -43.38 -14.52 -20.05
CA ARG C 415 -44.44 -14.91 -21.02
C ARG C 415 -45.64 -13.97 -20.89
N GLN C 416 -45.98 -13.57 -19.67
CA GLN C 416 -47.19 -12.75 -19.36
C GLN C 416 -46.98 -11.27 -19.69
N ASP C 417 -45.76 -10.81 -19.96
CA ASP C 417 -45.46 -9.38 -20.25
C ASP C 417 -45.44 -9.16 -21.77
N ASN C 418 -45.97 -8.03 -22.25
CA ASN C 418 -45.95 -7.67 -23.69
C ASN C 418 -44.62 -7.00 -24.05
N ASP C 419 -43.84 -6.61 -23.04
CA ASP C 419 -42.58 -5.82 -23.17
C ASP C 419 -41.38 -6.68 -22.74
N ILE C 420 -40.22 -6.41 -23.33
CA ILE C 420 -38.90 -6.90 -22.85
C ILE C 420 -38.00 -5.69 -22.61
N PHE C 421 -37.08 -5.82 -21.66
CA PHE C 421 -35.90 -4.95 -21.50
C PHE C 421 -34.68 -5.72 -21.98
N VAL C 422 -33.90 -5.12 -22.89
CA VAL C 422 -32.73 -5.74 -23.55
C VAL C 422 -31.51 -4.90 -23.18
N LEU C 423 -30.55 -5.50 -22.47
CA LEU C 423 -29.21 -4.91 -22.21
C LEU C 423 -28.31 -5.29 -23.37
N PHE C 424 -27.94 -4.30 -24.18
CA PHE C 424 -26.95 -4.43 -25.27
C PHE C 424 -25.60 -3.93 -24.79
N SER C 425 -24.53 -4.68 -25.07
CA SER C 425 -23.12 -4.28 -24.79
C SER C 425 -22.21 -4.82 -25.89
N SER C 426 -21.04 -4.21 -26.02
CA SER C 426 -19.96 -4.61 -26.96
C SER C 426 -18.61 -4.13 -26.40
N PHE C 427 -17.53 -4.23 -27.18
CA PHE C 427 -16.21 -3.69 -26.76
C PHE C 427 -16.30 -2.17 -26.56
N LEU C 428 -17.24 -1.51 -27.25
CA LEU C 428 -17.35 -0.03 -27.29
C LEU C 428 -18.59 0.50 -26.58
N SER C 429 -19.59 -0.35 -26.30
CA SER C 429 -20.87 0.07 -25.66
C SER C 429 -20.95 -0.54 -24.27
N PRO C 430 -20.82 0.27 -23.20
CA PRO C 430 -20.81 -0.25 -21.83
C PRO C 430 -22.12 -0.88 -21.36
N GLY C 431 -23.25 -0.53 -21.98
CA GLY C 431 -24.57 -1.05 -21.58
C GLY C 431 -25.67 -0.08 -21.91
N THR C 432 -26.48 -0.40 -22.92
CA THR C 432 -27.69 0.35 -23.26
C THR C 432 -28.88 -0.57 -23.00
N VAL C 433 -29.82 -0.12 -22.16
CA VAL C 433 -31.10 -0.84 -21.89
C VAL C 433 -32.14 -0.31 -22.86
N TYR C 434 -32.59 -1.16 -23.77
CA TYR C 434 -33.71 -0.87 -24.71
C TYR C 434 -34.97 -1.52 -24.18
N ARG C 435 -36.11 -0.87 -24.38
CA ARG C 435 -37.44 -1.47 -24.22
C ARG C 435 -37.90 -1.89 -25.61
N TYR C 436 -38.44 -3.10 -25.74
CA TYR C 436 -39.14 -3.54 -26.96
C TYR C 436 -40.55 -4.01 -26.58
N THR C 437 -41.55 -3.47 -27.28
CA THR C 437 -42.99 -3.78 -27.12
C THR C 437 -43.45 -4.59 -28.33
N PHE C 438 -43.91 -5.81 -28.09
CA PHE C 438 -44.39 -6.74 -29.14
C PHE C 438 -45.71 -6.23 -29.71
N GLY C 439 -45.90 -6.40 -31.02
CA GLY C 439 -47.15 -6.13 -31.74
C GLY C 439 -47.63 -7.32 -32.53
N GLU C 440 -48.52 -7.09 -33.51
CA GLU C 440 -49.14 -8.15 -34.35
C GLU C 440 -48.11 -8.54 -35.43
N GLU C 441 -47.67 -7.57 -36.22
CA GLU C 441 -46.76 -7.78 -37.37
C GLU C 441 -45.37 -7.25 -37.03
N LYS C 442 -45.28 -6.04 -36.47
CA LYS C 442 -44.00 -5.47 -35.94
C LYS C 442 -44.23 -4.88 -34.54
N GLY C 443 -43.15 -4.65 -33.82
CA GLY C 443 -43.12 -4.06 -32.47
C GLY C 443 -42.48 -2.69 -32.54
N TYR C 444 -42.23 -2.09 -31.38
N TYR C 444 -42.25 -2.08 -31.37
CA TYR C 444 -41.60 -0.76 -31.24
CA TYR C 444 -41.57 -0.75 -31.27
C TYR C 444 -40.49 -0.83 -30.20
C TYR C 444 -40.49 -0.83 -30.19
N ARG C 445 -39.34 -0.27 -30.53
CA ARG C 445 -38.13 -0.23 -29.69
C ARG C 445 -37.91 1.20 -29.20
N SER C 446 -37.59 1.38 -27.92
CA SER C 446 -37.19 2.69 -27.35
C SER C 446 -35.91 2.49 -26.53
N LEU C 447 -35.01 3.49 -26.55
CA LEU C 447 -33.84 3.55 -25.66
C LEU C 447 -34.33 3.98 -24.28
N PHE C 448 -34.21 3.09 -23.28
CA PHE C 448 -34.65 3.36 -21.90
C PHE C 448 -33.54 4.14 -21.17
N ARG C 449 -32.37 3.51 -20.98
CA ARG C 449 -31.23 4.12 -20.26
C ARG C 449 -29.91 3.59 -20.84
N ALA C 450 -28.89 4.44 -20.86
CA ALA C 450 -27.55 4.11 -21.36
C ALA C 450 -26.54 4.39 -20.25
N ILE C 451 -25.60 3.47 -20.05
CA ILE C 451 -24.42 3.72 -19.17
C ILE C 451 -23.56 4.77 -19.89
N SER C 452 -23.10 5.78 -19.17
CA SER C 452 -22.07 6.75 -19.65
C SER C 452 -20.82 6.64 -18.76
N ILE C 453 -19.64 6.85 -19.33
CA ILE C 453 -18.35 6.82 -18.58
C ILE C 453 -17.73 8.20 -18.67
N PRO C 454 -17.76 9.01 -17.58
CA PRO C 454 -17.12 10.32 -17.60
C PRO C 454 -15.60 10.14 -17.75
N GLY C 455 -15.00 10.97 -18.60
CA GLY C 455 -13.53 10.99 -18.78
C GLY C 455 -13.01 9.81 -19.59
N LEU C 456 -13.89 9.04 -20.23
CA LEU C 456 -13.53 8.25 -21.43
C LEU C 456 -14.44 8.65 -22.58
N ASN C 457 -13.85 8.98 -23.73
CA ASN C 457 -14.57 9.30 -24.98
C ASN C 457 -14.61 8.04 -25.84
N LEU C 458 -15.73 7.32 -25.85
CA LEU C 458 -15.88 6.03 -26.55
C LEU C 458 -15.77 6.22 -28.07
N ASP C 459 -16.01 7.43 -28.57
CA ASP C 459 -15.89 7.77 -30.02
C ASP C 459 -14.41 7.77 -30.45
N ASP C 460 -13.46 7.75 -29.52
CA ASP C 460 -12.00 7.70 -29.81
C ASP C 460 -11.57 6.28 -30.22
N PHE C 461 -12.42 5.27 -30.07
CA PHE C 461 -12.08 3.83 -30.26
C PHE C 461 -12.91 3.24 -31.39
N MET C 462 -12.43 2.13 -31.95
CA MET C 462 -13.13 1.36 -33.02
C MET C 462 -12.83 -0.13 -32.82
N THR C 463 -13.72 -0.98 -33.34
CA THR C 463 -13.59 -2.45 -33.33
C THR C 463 -13.64 -2.93 -34.79
N GLU C 464 -12.58 -3.59 -35.27
CA GLU C 464 -12.52 -4.23 -36.60
C GLU C 464 -12.85 -5.72 -36.43
N SER C 465 -13.33 -6.35 -37.50
CA SER C 465 -13.44 -7.81 -37.69
C SER C 465 -12.47 -8.18 -38.81
N VAL C 466 -11.49 -9.03 -38.51
CA VAL C 466 -10.54 -9.58 -39.52
C VAL C 466 -10.60 -11.10 -39.48
N PHE C 467 -10.11 -11.74 -40.55
CA PHE C 467 -10.02 -13.21 -40.69
C PHE C 467 -8.57 -13.56 -41.00
N TYR C 468 -8.02 -14.57 -40.34
CA TYR C 468 -6.61 -15.01 -40.53
C TYR C 468 -6.55 -16.52 -40.67
N PRO C 469 -5.60 -17.06 -41.47
CA PRO C 469 -5.44 -18.50 -41.60
C PRO C 469 -4.62 -19.09 -40.44
N SER C 470 -5.11 -20.18 -39.86
CA SER C 470 -4.36 -20.98 -38.85
C SER C 470 -3.36 -21.87 -39.58
N LYS C 471 -2.50 -22.55 -38.84
CA LYS C 471 -1.44 -23.45 -39.40
C LYS C 471 -2.07 -24.40 -40.44
N ASP C 472 -3.25 -24.98 -40.16
CA ASP C 472 -3.90 -26.00 -41.01
C ASP C 472 -4.76 -25.33 -42.10
N GLY C 473 -4.72 -24.00 -42.22
CA GLY C 473 -5.40 -23.26 -43.30
C GLY C 473 -6.80 -22.81 -42.91
N THR C 474 -7.29 -23.21 -41.73
CA THR C 474 -8.64 -22.83 -41.24
C THR C 474 -8.71 -21.31 -41.07
N SER C 475 -9.77 -20.69 -41.57
CA SER C 475 -10.03 -19.23 -41.43
C SER C 475 -10.61 -18.97 -40.04
N VAL C 476 -9.95 -18.11 -39.26
CA VAL C 476 -10.37 -17.77 -37.86
C VAL C 476 -10.73 -16.29 -37.84
N HIS C 477 -11.86 -15.96 -37.22
CA HIS C 477 -12.30 -14.58 -36.99
C HIS C 477 -11.53 -13.99 -35.80
N MET C 478 -11.23 -12.69 -35.86
CA MET C 478 -10.63 -11.96 -34.73
C MET C 478 -11.22 -10.55 -34.65
N PHE C 479 -11.60 -10.14 -33.45
CA PHE C 479 -11.98 -8.75 -33.11
C PHE C 479 -10.70 -7.98 -32.73
N ILE C 480 -10.54 -6.78 -33.27
CA ILE C 480 -9.44 -5.85 -32.90
C ILE C 480 -10.04 -4.52 -32.48
N THR C 481 -9.94 -4.19 -31.18
CA THR C 481 -10.34 -2.88 -30.62
C THR C 481 -9.09 -2.03 -30.43
N ARG C 482 -9.13 -0.78 -30.88
CA ARG C 482 -7.98 0.16 -30.80
C ARG C 482 -8.45 1.60 -30.81
N PRO C 483 -7.60 2.56 -30.39
CA PRO C 483 -7.86 3.98 -30.65
C PRO C 483 -7.81 4.18 -32.17
N LYS C 484 -8.73 4.98 -32.70
CA LYS C 484 -8.82 5.31 -34.15
C LYS C 484 -7.50 5.93 -34.63
N ASP C 485 -6.80 6.68 -33.77
CA ASP C 485 -5.62 7.49 -34.14
C ASP C 485 -4.31 6.71 -33.94
N VAL C 486 -4.36 5.45 -33.49
CA VAL C 486 -3.12 4.61 -33.40
C VAL C 486 -2.76 4.21 -34.83
N LEU C 487 -1.48 4.35 -35.20
CA LEU C 487 -0.98 4.01 -36.55
C LEU C 487 -0.70 2.51 -36.61
N LEU C 488 -1.09 1.86 -37.71
CA LEU C 488 -0.76 0.44 -38.00
C LEU C 488 0.58 0.43 -38.75
N ASP C 489 1.67 0.71 -38.04
CA ASP C 489 3.04 0.83 -38.61
C ASP C 489 3.96 -0.18 -37.92
N GLY C 490 3.39 -1.20 -37.28
CA GLY C 490 4.12 -2.32 -36.64
C GLY C 490 4.84 -1.90 -35.38
N THR C 491 4.34 -0.89 -34.65
CA THR C 491 4.98 -0.38 -33.40
C THR C 491 4.09 -0.59 -32.17
N SER C 492 2.76 -0.76 -32.35
CA SER C 492 1.80 -0.79 -31.24
C SER C 492 1.99 -2.04 -30.39
N PRO C 493 1.87 -1.92 -29.05
CA PRO C 493 1.70 -3.09 -28.19
C PRO C 493 0.34 -3.76 -28.44
N VAL C 494 0.24 -5.04 -28.10
CA VAL C 494 -1.02 -5.84 -28.16
C VAL C 494 -1.27 -6.48 -26.80
N LEU C 495 -2.51 -6.40 -26.31
CA LEU C 495 -3.06 -7.32 -25.29
C LEU C 495 -4.01 -8.28 -26.01
N GLN C 496 -3.64 -9.55 -26.07
CA GLN C 496 -4.36 -10.61 -26.82
C GLN C 496 -4.91 -11.62 -25.80
N TYR C 497 -6.25 -11.72 -25.73
CA TYR C 497 -7.00 -12.51 -24.73
C TYR C 497 -7.63 -13.71 -25.46
N GLY C 498 -7.52 -14.90 -24.88
CA GLY C 498 -8.08 -16.13 -25.46
C GLY C 498 -8.57 -17.08 -24.37
N TYR C 499 -9.42 -18.03 -24.77
CA TYR C 499 -9.93 -19.09 -23.88
C TYR C 499 -9.77 -20.40 -24.66
N GLY C 500 -10.65 -20.64 -25.64
CA GLY C 500 -10.57 -21.81 -26.54
C GLY C 500 -10.98 -23.08 -25.83
N GLY C 501 -12.29 -23.30 -25.64
CA GLY C 501 -12.78 -24.56 -25.05
C GLY C 501 -14.19 -24.47 -24.53
N PHE C 502 -14.77 -25.63 -24.25
CA PHE C 502 -16.02 -25.82 -23.47
C PHE C 502 -17.18 -25.11 -24.18
N SER C 503 -17.09 -24.92 -25.51
CA SER C 503 -18.16 -24.28 -26.32
C SER C 503 -18.44 -22.87 -25.81
N LEU C 504 -17.47 -22.23 -25.15
CA LEU C 504 -17.61 -20.85 -24.61
C LEU C 504 -17.13 -19.85 -25.69
N ALA C 505 -18.01 -19.02 -26.20
CA ALA C 505 -17.72 -17.97 -27.20
C ALA C 505 -17.06 -16.75 -26.51
N MET C 506 -16.06 -16.16 -27.14
CA MET C 506 -15.46 -14.85 -26.70
C MET C 506 -16.22 -13.74 -27.43
N LEU C 507 -17.24 -13.21 -26.76
CA LEU C 507 -18.20 -12.22 -27.34
C LEU C 507 -17.65 -10.81 -27.20
N PRO C 508 -18.10 -9.85 -28.04
CA PRO C 508 -17.90 -8.44 -27.74
C PRO C 508 -18.43 -8.17 -26.33
N THR C 509 -17.56 -7.68 -25.47
CA THR C 509 -17.78 -7.57 -24.01
C THR C 509 -17.17 -6.24 -23.59
N PHE C 510 -17.84 -5.48 -22.73
CA PHE C 510 -17.32 -4.17 -22.33
C PHE C 510 -16.40 -4.36 -21.11
N SER C 511 -15.17 -3.88 -21.24
CA SER C 511 -14.23 -3.73 -20.11
C SER C 511 -13.58 -2.35 -20.23
N LEU C 512 -13.90 -1.47 -19.29
CA LEU C 512 -13.26 -0.13 -19.23
C LEU C 512 -11.75 -0.31 -19.16
N SER C 513 -11.27 -1.26 -18.36
CA SER C 513 -9.81 -1.50 -18.12
C SER C 513 -9.09 -1.70 -19.46
N THR C 514 -9.64 -2.52 -20.33
CA THR C 514 -9.04 -2.84 -21.65
C THR C 514 -8.92 -1.58 -22.51
N LEU C 515 -9.94 -0.71 -22.50
CA LEU C 515 -9.92 0.55 -23.29
C LEU C 515 -8.88 1.50 -22.68
N LEU C 516 -8.73 1.54 -21.36
CA LEU C 516 -7.68 2.36 -20.70
C LEU C 516 -6.30 1.81 -21.08
N PHE C 517 -6.15 0.50 -21.18
CA PHE C 517 -4.88 -0.13 -21.65
C PHE C 517 -4.59 0.41 -23.06
N CYS C 518 -5.59 0.37 -23.95
CA CYS C 518 -5.47 0.82 -25.35
C CYS C 518 -5.07 2.30 -25.40
N LYS C 519 -5.70 3.13 -24.58
CA LYS C 519 -5.50 4.61 -24.57
C LYS C 519 -4.12 4.92 -24.01
N ILE C 520 -3.82 4.40 -22.82
CA ILE C 520 -2.60 4.76 -22.02
C ILE C 520 -1.35 4.22 -22.73
N TYR C 521 -1.40 3.07 -23.40
CA TYR C 521 -0.21 2.45 -24.05
C TYR C 521 -0.32 2.51 -25.57
N ARG C 522 -1.32 3.20 -26.12
CA ARG C 522 -1.48 3.35 -27.59
C ARG C 522 -1.50 1.94 -28.18
N ALA C 523 -2.28 1.05 -27.59
CA ALA C 523 -2.22 -0.41 -27.80
C ALA C 523 -3.50 -0.89 -28.48
N ILE C 524 -3.45 -2.11 -28.98
CA ILE C 524 -4.58 -2.86 -29.63
C ILE C 524 -5.02 -3.96 -28.67
N TYR C 525 -6.33 -4.23 -28.62
CA TYR C 525 -6.92 -5.33 -27.83
C TYR C 525 -7.51 -6.35 -28.79
N ALA C 526 -6.87 -7.52 -28.88
CA ALA C 526 -7.17 -8.56 -29.88
C ALA C 526 -7.88 -9.73 -29.20
N ILE C 527 -8.99 -10.16 -29.80
CA ILE C 527 -9.81 -11.31 -29.34
C ILE C 527 -9.96 -12.24 -30.53
N PRO C 528 -9.01 -13.20 -30.74
CA PRO C 528 -9.16 -14.20 -31.78
C PRO C 528 -10.15 -15.27 -31.31
N ASN C 529 -11.16 -15.56 -32.13
CA ASN C 529 -12.26 -16.51 -31.82
C ASN C 529 -11.76 -17.92 -32.20
N ILE C 530 -10.75 -18.39 -31.46
CA ILE C 530 -10.03 -19.66 -31.76
C ILE C 530 -10.96 -20.86 -31.53
N ARG C 531 -10.59 -22.00 -32.09
CA ARG C 531 -11.36 -23.27 -31.92
C ARG C 531 -11.43 -23.63 -30.44
N GLY C 532 -12.39 -24.47 -30.08
CA GLY C 532 -12.73 -24.78 -28.68
C GLY C 532 -14.00 -24.06 -28.25
N GLY C 533 -14.24 -22.86 -28.80
CA GLY C 533 -15.44 -22.07 -28.52
C GLY C 533 -16.60 -22.49 -29.40
N SER C 534 -17.75 -21.80 -29.26
CA SER C 534 -18.97 -22.07 -30.04
C SER C 534 -19.18 -21.00 -31.13
N GLU C 535 -18.20 -20.16 -31.41
CA GLU C 535 -18.35 -19.01 -32.34
C GLU C 535 -18.88 -19.49 -33.70
N TYR C 536 -18.41 -20.61 -34.25
CA TYR C 536 -18.90 -21.16 -35.54
C TYR C 536 -19.64 -22.48 -35.27
N GLY C 537 -20.41 -22.52 -34.19
CA GLY C 537 -21.25 -23.67 -33.83
C GLY C 537 -20.49 -24.69 -33.01
N GLU C 538 -21.17 -25.77 -32.63
CA GLU C 538 -20.59 -26.83 -31.77
C GLU C 538 -19.41 -27.50 -32.50
N SER C 539 -19.39 -27.57 -33.83
CA SER C 539 -18.26 -28.17 -34.59
C SER C 539 -16.97 -27.39 -34.33
N TRP C 540 -17.06 -26.09 -34.01
CA TRP C 540 -15.89 -25.23 -33.67
C TRP C 540 -15.27 -25.71 -32.35
N HIS C 541 -16.10 -26.16 -31.40
CA HIS C 541 -15.67 -26.80 -30.13
C HIS C 541 -15.00 -28.14 -30.42
N ARG C 542 -15.64 -28.99 -31.22
CA ARG C 542 -15.16 -30.36 -31.51
C ARG C 542 -13.77 -30.29 -32.17
N GLU C 543 -13.50 -29.25 -32.96
CA GLU C 543 -12.21 -29.07 -33.68
C GLU C 543 -11.12 -28.50 -32.76
N GLY C 544 -11.42 -28.27 -31.48
CA GLY C 544 -10.49 -27.67 -30.51
C GLY C 544 -10.56 -28.35 -29.15
N MET C 545 -10.73 -29.68 -29.14
CA MET C 545 -10.79 -30.49 -27.90
C MET C 545 -10.12 -31.85 -28.12
N LEU C 546 -9.83 -32.55 -27.02
CA LEU C 546 -9.24 -33.92 -27.03
C LEU C 546 -7.95 -33.90 -27.87
N ASP C 547 -7.82 -34.78 -28.86
CA ASP C 547 -6.62 -34.90 -29.72
C ASP C 547 -6.45 -33.67 -30.61
N LYS C 548 -7.42 -32.75 -30.66
CA LYS C 548 -7.35 -31.53 -31.51
C LYS C 548 -7.22 -30.28 -30.63
N LYS C 549 -6.95 -30.43 -29.33
CA LYS C 549 -6.67 -29.28 -28.44
C LYS C 549 -5.52 -28.44 -29.03
N GLN C 550 -4.53 -29.10 -29.66
CA GLN C 550 -3.35 -28.41 -30.27
C GLN C 550 -3.84 -27.34 -31.26
N ASN C 551 -4.98 -27.56 -31.93
CA ASN C 551 -5.54 -26.58 -32.91
C ASN C 551 -5.78 -25.23 -32.22
N VAL C 552 -6.20 -25.26 -30.96
CA VAL C 552 -6.53 -24.04 -30.15
C VAL C 552 -5.25 -23.20 -30.03
N PHE C 553 -4.14 -23.84 -29.65
CA PHE C 553 -2.83 -23.16 -29.47
C PHE C 553 -2.33 -22.64 -30.81
N ASP C 554 -2.48 -23.44 -31.87
CA ASP C 554 -2.07 -23.07 -33.24
C ASP C 554 -2.87 -21.85 -33.69
N ASP C 555 -4.19 -21.83 -33.43
CA ASP C 555 -5.05 -20.68 -33.80
C ASP C 555 -4.52 -19.42 -33.09
N PHE C 556 -4.18 -19.52 -31.81
CA PHE C 556 -3.79 -18.35 -30.98
C PHE C 556 -2.45 -17.82 -31.46
N ASN C 557 -1.49 -18.72 -31.72
CA ASN C 557 -0.14 -18.37 -32.23
C ASN C 557 -0.31 -17.67 -33.58
N ALA C 558 -1.12 -18.21 -34.49
CA ALA C 558 -1.34 -17.68 -35.85
C ALA C 558 -1.97 -16.28 -35.77
N ALA C 559 -2.80 -16.00 -34.77
CA ALA C 559 -3.38 -14.67 -34.53
C ALA C 559 -2.24 -13.66 -34.30
N THR C 560 -1.32 -14.00 -33.39
CA THR C 560 -0.15 -13.15 -33.06
C THR C 560 0.69 -12.92 -34.33
N GLU C 561 0.99 -13.99 -35.08
CA GLU C 561 1.83 -13.91 -36.30
C GLU C 561 1.14 -13.01 -37.32
N TRP C 562 -0.19 -13.08 -37.41
CA TRP C 562 -0.96 -12.24 -38.36
C TRP C 562 -0.87 -10.76 -37.94
N LEU C 563 -1.04 -10.46 -36.65
CA LEU C 563 -0.98 -9.07 -36.11
C LEU C 563 0.39 -8.45 -36.44
N ILE C 564 1.48 -9.22 -36.29
CA ILE C 564 2.86 -8.76 -36.59
C ILE C 564 3.02 -8.57 -38.10
N ALA C 565 2.60 -9.54 -38.91
CA ALA C 565 2.79 -9.56 -40.38
C ALA C 565 2.03 -8.42 -41.05
N ASN C 566 0.87 -8.03 -40.51
CA ASN C 566 0.00 -6.98 -41.09
C ASN C 566 0.21 -5.64 -40.37
N LYS C 567 1.24 -5.55 -39.53
CA LYS C 567 1.77 -4.29 -38.94
C LYS C 567 0.74 -3.68 -37.97
N TYR C 568 -0.14 -4.49 -37.39
CA TYR C 568 -1.00 -4.08 -36.26
C TYR C 568 -0.13 -3.92 -35.02
N ALA C 569 0.89 -4.75 -34.87
CA ALA C 569 1.64 -4.92 -33.61
C ALA C 569 3.15 -5.09 -33.87
N SER C 570 3.97 -4.56 -32.95
CA SER C 570 5.43 -4.85 -32.87
C SER C 570 5.64 -6.30 -32.44
N LYS C 571 6.53 -7.03 -33.13
CA LYS C 571 7.00 -8.38 -32.74
C LYS C 571 7.47 -8.40 -31.28
N ASP C 572 7.88 -7.25 -30.73
CA ASP C 572 8.51 -7.18 -29.38
C ASP C 572 7.51 -6.77 -28.30
N ARG C 573 6.24 -6.56 -28.62
CA ARG C 573 5.27 -6.01 -27.65
C ARG C 573 3.95 -6.80 -27.66
N ILE C 574 4.02 -8.14 -27.75
CA ILE C 574 2.80 -9.00 -27.65
C ILE C 574 2.64 -9.46 -26.21
N ALA C 575 1.56 -9.04 -25.55
CA ALA C 575 1.15 -9.58 -24.24
C ALA C 575 -0.07 -10.49 -24.44
N ILE C 576 -0.04 -11.69 -23.85
CA ILE C 576 -1.20 -12.63 -23.93
C ILE C 576 -1.75 -12.87 -22.53
N ARG C 577 -3.05 -13.19 -22.51
CA ARG C 577 -3.86 -13.28 -21.28
C ARG C 577 -4.85 -14.43 -21.43
N GLY C 578 -5.08 -15.16 -20.34
CA GLY C 578 -6.04 -16.27 -20.29
C GLY C 578 -6.25 -16.72 -18.87
N GLY C 579 -7.42 -17.28 -18.59
CA GLY C 579 -7.85 -17.73 -17.26
C GLY C 579 -8.46 -19.11 -17.30
N ALA C 580 -8.14 -19.97 -16.32
CA ALA C 580 -8.71 -21.32 -16.14
C ALA C 580 -8.31 -22.19 -17.35
N ASN C 581 -9.25 -22.60 -18.19
CA ASN C 581 -8.92 -23.29 -19.46
C ASN C 581 -8.04 -22.40 -20.33
N GLY C 582 -8.22 -21.08 -20.24
CA GLY C 582 -7.38 -20.07 -20.94
C GLY C 582 -5.94 -20.09 -20.43
N GLY C 583 -5.70 -20.59 -19.22
CA GLY C 583 -4.35 -20.82 -18.66
C GLY C 583 -3.65 -22.00 -19.33
N VAL C 584 -4.40 -22.97 -19.83
CA VAL C 584 -3.81 -24.06 -20.67
C VAL C 584 -3.23 -23.38 -21.91
N LEU C 585 -4.02 -22.48 -22.50
CA LEU C 585 -3.67 -21.73 -23.74
C LEU C 585 -2.40 -20.90 -23.50
N THR C 586 -2.35 -20.08 -22.45
CA THR C 586 -1.23 -19.13 -22.22
C THR C 586 0.06 -19.92 -21.93
N THR C 587 -0.01 -20.94 -21.08
CA THR C 587 1.17 -21.74 -20.67
C THR C 587 1.65 -22.59 -21.86
N ALA C 588 0.75 -23.19 -22.64
CA ALA C 588 1.12 -24.01 -23.82
C ALA C 588 1.78 -23.12 -24.88
N CYS C 589 1.19 -21.97 -25.19
CA CYS C 589 1.73 -21.03 -26.23
C CYS C 589 3.09 -20.49 -25.80
N ALA C 590 3.28 -20.19 -24.51
CA ALA C 590 4.56 -19.72 -23.95
C ALA C 590 5.62 -20.82 -24.16
N ASN C 591 5.26 -22.08 -23.93
CA ASN C 591 6.16 -23.24 -24.13
C ASN C 591 6.50 -23.42 -25.60
N GLN C 592 5.53 -23.30 -26.50
CA GLN C 592 5.67 -23.76 -27.91
C GLN C 592 6.21 -22.65 -28.81
N ALA C 593 6.06 -21.38 -28.42
CA ALA C 593 6.52 -20.23 -29.23
C ALA C 593 6.93 -19.09 -28.29
N PRO C 594 7.90 -19.32 -27.40
CA PRO C 594 8.28 -18.32 -26.40
C PRO C 594 8.73 -17.01 -27.05
N GLY C 595 9.30 -17.07 -28.26
CA GLY C 595 9.84 -15.92 -29.01
C GLY C 595 8.77 -14.97 -29.52
N LEU C 596 7.51 -15.41 -29.63
CA LEU C 596 6.38 -14.58 -30.12
C LEU C 596 5.96 -13.57 -29.05
N TYR C 597 6.09 -13.94 -27.77
CA TYR C 597 5.40 -13.27 -26.66
C TYR C 597 6.43 -12.54 -25.80
N ARG C 598 6.06 -11.35 -25.33
CA ARG C 598 6.90 -10.54 -24.42
C ARG C 598 6.32 -10.57 -23.01
N CYS C 599 5.07 -10.93 -22.84
CA CYS C 599 4.45 -10.98 -21.50
C CYS C 599 3.26 -11.94 -21.54
N VAL C 600 3.16 -12.78 -20.52
CA VAL C 600 2.12 -13.84 -20.43
C VAL C 600 1.44 -13.69 -19.07
N ILE C 601 0.14 -13.42 -19.09
CA ILE C 601 -0.73 -13.30 -17.89
C ILE C 601 -1.60 -14.56 -17.82
N THR C 602 -1.50 -15.30 -16.74
CA THR C 602 -2.29 -16.54 -16.49
C THR C 602 -3.09 -16.33 -15.22
N ILE C 603 -4.42 -16.48 -15.29
CA ILE C 603 -5.36 -16.32 -14.16
C ILE C 603 -5.89 -17.70 -13.80
N GLU C 604 -5.68 -18.17 -12.57
CA GLU C 604 -6.25 -19.45 -12.06
C GLU C 604 -6.06 -20.52 -13.14
N GLY C 605 -4.84 -20.70 -13.63
CA GLY C 605 -4.56 -21.56 -14.79
C GLY C 605 -4.72 -23.03 -14.48
N ILE C 606 -5.25 -23.78 -15.45
CA ILE C 606 -5.13 -25.26 -15.54
C ILE C 606 -3.85 -25.53 -16.33
N ILE C 607 -2.90 -26.26 -15.75
CA ILE C 607 -1.51 -26.37 -16.30
C ILE C 607 -1.02 -27.82 -16.26
N ASP C 608 -1.22 -28.54 -15.16
CA ASP C 608 -0.88 -29.99 -15.07
C ASP C 608 -2.02 -30.80 -15.72
N MET C 609 -1.86 -31.17 -16.98
CA MET C 609 -2.91 -31.86 -17.77
C MET C 609 -2.87 -33.38 -17.54
N LEU C 610 -1.99 -33.87 -16.66
CA LEU C 610 -1.99 -35.30 -16.24
C LEU C 610 -2.73 -35.45 -14.90
N ARG C 611 -2.59 -34.49 -13.99
CA ARG C 611 -3.07 -34.63 -12.58
C ARG C 611 -4.44 -33.96 -12.38
N PHE C 612 -4.94 -33.22 -13.37
CA PHE C 612 -6.15 -32.36 -13.21
C PHE C 612 -7.33 -33.17 -12.67
N PRO C 613 -7.59 -34.45 -13.06
CA PRO C 613 -8.76 -35.17 -12.56
C PRO C 613 -8.81 -35.44 -11.05
N LYS C 614 -7.68 -35.35 -10.35
CA LYS C 614 -7.55 -35.79 -8.92
C LYS C 614 -8.06 -34.70 -7.97
N PHE C 615 -8.42 -33.51 -8.48
CA PHE C 615 -8.70 -32.32 -7.63
C PHE C 615 -10.05 -31.68 -7.99
N THR C 616 -10.80 -31.32 -6.94
CA THR C 616 -12.14 -30.68 -6.94
C THR C 616 -12.96 -31.12 -8.16
N PHE C 617 -13.14 -30.24 -9.16
CA PHE C 617 -14.09 -30.46 -10.28
C PHE C 617 -13.33 -30.93 -11.53
N GLY C 618 -12.05 -31.23 -11.40
CA GLY C 618 -11.17 -31.53 -12.53
C GLY C 618 -11.59 -32.75 -13.31
N ALA C 619 -12.11 -33.79 -12.64
CA ALA C 619 -12.50 -35.06 -13.30
C ALA C 619 -13.51 -34.77 -14.42
N SER C 620 -14.39 -33.80 -14.21
CA SER C 620 -15.42 -33.40 -15.22
C SER C 620 -14.77 -32.92 -16.51
N TRP C 621 -13.53 -32.40 -16.48
CA TRP C 621 -12.83 -31.83 -17.67
C TRP C 621 -12.30 -32.93 -18.59
N ARG C 622 -12.40 -34.20 -18.19
CA ARG C 622 -11.90 -35.34 -19.01
C ARG C 622 -12.64 -35.41 -20.36
N SER C 623 -13.89 -34.93 -20.44
CA SER C 623 -14.66 -34.86 -21.72
C SER C 623 -14.00 -33.86 -22.68
N GLU C 624 -13.31 -32.85 -22.15
CA GLU C 624 -12.67 -31.76 -22.94
C GLU C 624 -11.23 -32.14 -23.32
N TYR C 625 -10.40 -32.51 -22.32
CA TYR C 625 -8.94 -32.69 -22.49
C TYR C 625 -8.59 -34.16 -22.80
N GLY C 626 -9.45 -35.09 -22.40
CA GLY C 626 -9.18 -36.53 -22.45
C GLY C 626 -8.90 -37.05 -21.06
N ASP C 627 -8.77 -38.37 -20.94
CA ASP C 627 -8.47 -39.05 -19.65
C ASP C 627 -6.98 -39.37 -19.63
N PRO C 628 -6.17 -38.69 -18.80
CA PRO C 628 -4.73 -38.96 -18.78
C PRO C 628 -4.37 -40.40 -18.36
N GLU C 629 -5.28 -41.11 -17.70
CA GLU C 629 -5.09 -42.53 -17.28
C GLU C 629 -5.56 -43.50 -18.37
N ASP C 630 -6.01 -42.99 -19.53
CA ASP C 630 -6.28 -43.82 -20.73
C ASP C 630 -5.02 -43.77 -21.60
N PRO C 631 -4.53 -44.93 -22.10
CA PRO C 631 -3.27 -44.98 -22.84
C PRO C 631 -3.24 -44.14 -24.12
N GLU C 632 -4.33 -44.11 -24.89
CA GLU C 632 -4.42 -43.34 -26.16
C GLU C 632 -4.43 -41.84 -25.85
N ASP C 633 -5.24 -41.44 -24.88
CA ASP C 633 -5.40 -40.02 -24.45
C ASP C 633 -4.08 -39.52 -23.87
N PHE C 634 -3.39 -40.34 -23.09
CA PHE C 634 -2.10 -39.94 -22.46
C PHE C 634 -1.17 -39.34 -23.52
N ASP C 635 -1.02 -40.02 -24.66
CA ASP C 635 0.01 -39.66 -25.68
C ASP C 635 -0.28 -38.24 -26.21
N PHE C 636 -1.52 -37.92 -26.57
CA PHE C 636 -1.83 -36.58 -27.16
C PHE C 636 -1.83 -35.52 -26.04
N ILE C 637 -2.23 -35.85 -24.81
CA ILE C 637 -2.22 -34.88 -23.67
C ILE C 637 -0.77 -34.54 -23.34
N PHE C 638 0.09 -35.57 -23.23
CA PHE C 638 1.50 -35.42 -22.78
C PHE C 638 2.26 -34.52 -23.75
N LYS C 639 1.92 -34.55 -25.04
CA LYS C 639 2.59 -33.73 -26.08
C LYS C 639 2.49 -32.22 -25.76
N TYR C 640 1.38 -31.73 -25.18
CA TYR C 640 1.19 -30.28 -24.93
C TYR C 640 1.14 -29.94 -23.43
N SER C 641 0.82 -30.88 -22.55
CA SER C 641 0.64 -30.61 -21.10
C SER C 641 1.68 -29.58 -20.68
N PRO C 642 1.31 -28.29 -20.48
CA PRO C 642 2.32 -27.25 -20.31
C PRO C 642 3.28 -27.52 -19.14
N TYR C 643 2.80 -28.12 -18.05
CA TYR C 643 3.64 -28.43 -16.86
C TYR C 643 4.78 -29.38 -17.26
N HIS C 644 4.60 -30.19 -18.31
CA HIS C 644 5.55 -31.26 -18.72
C HIS C 644 6.33 -30.87 -19.96
N ASN C 645 6.19 -29.64 -20.48
CA ASN C 645 6.82 -29.24 -21.77
C ASN C 645 7.51 -27.88 -21.65
N ILE C 646 7.91 -27.46 -20.45
CA ILE C 646 8.72 -26.22 -20.27
C ILE C 646 9.99 -26.40 -21.12
N PRO C 647 10.35 -25.45 -22.01
CA PRO C 647 11.47 -25.68 -22.91
C PRO C 647 12.80 -25.71 -22.15
N PRO C 648 13.80 -26.50 -22.60
CA PRO C 648 15.11 -26.51 -21.96
C PRO C 648 15.73 -25.11 -21.97
N PRO C 649 16.41 -24.69 -20.88
CA PRO C 649 16.83 -23.30 -20.72
C PRO C 649 17.86 -22.83 -21.75
N GLY C 650 18.66 -23.74 -22.33
CA GLY C 650 19.89 -23.41 -23.07
C GLY C 650 19.64 -22.59 -24.32
N ASP C 651 18.53 -22.80 -25.02
CA ASP C 651 18.26 -22.14 -26.34
C ASP C 651 16.81 -21.64 -26.38
N THR C 652 16.30 -21.15 -25.25
CA THR C 652 15.00 -20.45 -25.11
C THR C 652 15.15 -19.23 -24.20
N VAL C 653 14.60 -18.09 -24.60
CA VAL C 653 14.34 -16.92 -23.71
C VAL C 653 12.83 -16.91 -23.41
N MET C 654 12.45 -17.28 -22.17
CA MET C 654 11.06 -17.30 -21.72
C MET C 654 10.58 -15.86 -21.62
N PRO C 655 9.34 -15.55 -22.07
CA PRO C 655 8.77 -14.23 -21.81
C PRO C 655 8.61 -14.05 -20.29
N ALA C 656 8.49 -12.79 -19.86
CA ALA C 656 8.02 -12.43 -18.50
C ALA C 656 6.64 -13.04 -18.29
N MET C 657 6.39 -13.61 -17.11
CA MET C 657 5.14 -14.35 -16.82
C MET C 657 4.63 -13.97 -15.44
N LEU C 658 3.33 -13.63 -15.37
CA LEU C 658 2.65 -13.32 -14.09
C LEU C 658 1.47 -14.27 -13.96
N PHE C 659 1.44 -15.02 -12.86
CA PHE C 659 0.37 -15.99 -12.53
C PHE C 659 -0.43 -15.42 -11.36
N PHE C 660 -1.75 -15.26 -11.57
CA PHE C 660 -2.72 -14.88 -10.52
C PHE C 660 -3.34 -16.17 -9.98
N THR C 661 -3.41 -16.31 -8.66
CA THR C 661 -4.19 -17.40 -7.99
C THR C 661 -4.48 -16.98 -6.55
N ALA C 662 -5.53 -17.52 -5.96
CA ALA C 662 -5.79 -17.54 -4.51
C ALA C 662 -4.98 -18.68 -3.89
N ALA C 663 -4.79 -18.68 -2.57
CA ALA C 663 -4.16 -19.80 -1.82
C ALA C 663 -5.15 -20.97 -1.76
N TYR C 664 -6.45 -20.70 -1.68
CA TYR C 664 -7.57 -21.67 -1.74
C TYR C 664 -8.48 -21.29 -2.91
N ASP C 665 -8.79 -22.24 -3.78
CA ASP C 665 -9.71 -22.06 -4.94
C ASP C 665 -10.28 -23.43 -5.31
N ASP C 666 -11.60 -23.57 -5.26
CA ASP C 666 -12.35 -24.82 -5.58
C ASP C 666 -12.44 -25.00 -7.09
N ARG C 667 -12.55 -23.90 -7.84
CA ARG C 667 -12.83 -23.89 -9.30
C ARG C 667 -11.63 -24.49 -10.04
N VAL C 668 -10.43 -23.96 -9.78
CA VAL C 668 -9.14 -24.53 -10.27
C VAL C 668 -8.18 -24.58 -9.08
N SER C 669 -7.75 -25.79 -8.68
CA SER C 669 -6.81 -25.98 -7.55
C SER C 669 -5.55 -25.18 -7.81
N PRO C 670 -5.12 -24.33 -6.85
CA PRO C 670 -3.93 -23.50 -7.04
C PRO C 670 -2.63 -24.29 -7.29
N LEU C 671 -2.61 -25.58 -6.96
CA LEU C 671 -1.43 -26.46 -7.19
C LEU C 671 -0.97 -26.38 -8.65
N HIS C 672 -1.88 -26.14 -9.60
CA HIS C 672 -1.52 -26.00 -11.04
C HIS C 672 -0.49 -24.88 -11.17
N THR C 673 -0.82 -23.71 -10.62
CA THR C 673 0.05 -22.50 -10.62
C THR C 673 1.30 -22.76 -9.78
N PHE C 674 1.14 -23.27 -8.55
CA PHE C 674 2.24 -23.50 -7.58
C PHE C 674 3.37 -24.27 -8.27
N LYS C 675 3.04 -25.42 -8.84
CA LYS C 675 4.04 -26.36 -9.41
C LYS C 675 4.67 -25.73 -10.66
N HIS C 676 3.88 -25.13 -11.55
CA HIS C 676 4.40 -24.57 -12.82
C HIS C 676 5.34 -23.38 -12.53
N VAL C 677 5.00 -22.55 -11.55
CA VAL C 677 5.85 -21.39 -11.13
C VAL C 677 7.18 -21.93 -10.58
N ALA C 678 7.11 -22.95 -9.71
CA ALA C 678 8.32 -23.62 -9.15
C ALA C 678 9.18 -24.14 -10.30
N ALA C 679 8.59 -24.85 -11.25
CA ALA C 679 9.31 -25.51 -12.37
C ALA C 679 9.91 -24.45 -13.30
N LEU C 680 9.18 -23.38 -13.59
CA LEU C 680 9.69 -22.29 -14.47
C LEU C 680 10.88 -21.59 -13.80
N GLN C 681 10.79 -21.30 -12.50
CA GLN C 681 11.85 -20.62 -11.73
C GLN C 681 13.09 -21.54 -11.64
N HIS C 682 12.88 -22.84 -11.51
CA HIS C 682 13.97 -23.84 -11.46
C HIS C 682 14.65 -23.91 -12.83
N ASN C 683 13.89 -23.94 -13.91
CA ASN C 683 14.37 -24.07 -15.30
C ASN C 683 15.09 -22.79 -15.75
N PHE C 684 14.62 -21.63 -15.30
CA PHE C 684 15.12 -20.29 -15.72
C PHE C 684 15.47 -19.47 -14.48
N PRO C 685 16.47 -19.90 -13.68
CA PRO C 685 16.75 -19.24 -12.40
C PRO C 685 17.32 -17.82 -12.55
N LYS C 686 17.86 -17.48 -13.74
CA LYS C 686 18.52 -16.19 -14.03
C LYS C 686 17.63 -15.33 -14.94
N GLY C 687 16.36 -15.71 -15.17
CA GLY C 687 15.51 -15.01 -16.11
C GLY C 687 15.97 -15.21 -17.55
N PRO C 688 16.23 -14.12 -18.33
CA PRO C 688 16.29 -12.76 -17.80
C PRO C 688 14.94 -12.10 -17.42
N ASN C 689 13.82 -12.70 -17.81
CA ASN C 689 12.45 -12.16 -17.59
C ASN C 689 11.81 -12.88 -16.40
N PRO C 690 11.28 -12.15 -15.41
CA PRO C 690 10.78 -12.78 -14.18
C PRO C 690 9.51 -13.62 -14.41
N CYS C 691 9.40 -14.69 -13.63
CA CYS C 691 8.20 -15.53 -13.47
C CYS C 691 7.66 -15.36 -12.05
N LEU C 692 6.52 -14.69 -11.90
CA LEU C 692 5.99 -14.25 -10.59
C LEU C 692 4.64 -14.89 -10.31
N MET C 693 4.36 -15.17 -9.04
CA MET C 693 3.03 -15.61 -8.58
C MET C 693 2.43 -14.52 -7.68
N ARG C 694 1.35 -13.90 -8.15
CA ARG C 694 0.57 -12.85 -7.45
C ARG C 694 -0.56 -13.55 -6.69
N ILE C 695 -0.45 -13.65 -5.36
CA ILE C 695 -1.36 -14.44 -4.48
C ILE C 695 -2.30 -13.51 -3.71
N ASP C 696 -3.62 -13.78 -3.77
CA ASP C 696 -4.64 -13.26 -2.83
C ASP C 696 -4.81 -14.27 -1.69
N LEU C 697 -4.58 -13.87 -0.43
CA LEU C 697 -4.80 -14.73 0.77
C LEU C 697 -6.25 -14.55 1.23
N GLY C 704 -17.75 -13.41 -7.11
CA GLY C 704 -18.09 -12.45 -6.04
C GLY C 704 -16.92 -11.57 -5.62
N LYS C 705 -16.03 -11.24 -6.58
CA LYS C 705 -14.80 -10.43 -6.36
C LYS C 705 -15.20 -8.95 -6.21
N SER C 706 -14.78 -8.31 -5.12
CA SER C 706 -15.04 -6.88 -4.84
C SER C 706 -14.41 -6.00 -5.93
N THR C 707 -15.02 -4.84 -6.20
CA THR C 707 -14.50 -3.85 -7.18
C THR C 707 -13.02 -3.55 -6.87
N GLN C 708 -12.70 -3.31 -5.60
CA GLN C 708 -11.35 -2.85 -5.18
C GLN C 708 -10.32 -3.96 -5.46
N GLU C 709 -10.68 -5.23 -5.25
CA GLU C 709 -9.76 -6.38 -5.51
C GLU C 709 -9.50 -6.47 -7.02
N MET C 710 -10.55 -6.33 -7.83
CA MET C 710 -10.47 -6.39 -9.31
C MET C 710 -9.50 -5.29 -9.79
N LEU C 711 -9.59 -4.09 -9.21
CA LEU C 711 -8.74 -2.93 -9.63
C LEU C 711 -7.28 -3.20 -9.26
N GLU C 712 -7.02 -3.72 -8.05
CA GLU C 712 -5.65 -4.03 -7.56
C GLU C 712 -5.01 -5.11 -8.44
N GLU C 713 -5.79 -6.13 -8.81
CA GLU C 713 -5.32 -7.22 -9.71
C GLU C 713 -4.98 -6.62 -11.09
N THR C 714 -5.83 -5.74 -11.61
CA THR C 714 -5.65 -5.12 -12.95
C THR C 714 -4.44 -4.18 -12.93
N ALA C 715 -4.22 -3.44 -11.83
CA ALA C 715 -3.08 -2.52 -11.68
C ALA C 715 -1.77 -3.33 -11.68
N ASP C 716 -1.75 -4.47 -10.97
CA ASP C 716 -0.60 -5.42 -10.97
C ASP C 716 -0.39 -5.93 -12.40
N GLU C 717 -1.45 -6.37 -13.08
CA GLU C 717 -1.34 -6.94 -14.43
C GLU C 717 -0.81 -5.90 -15.42
N TYR C 718 -1.40 -4.71 -15.47
CA TYR C 718 -1.06 -3.68 -16.49
C TYR C 718 0.34 -3.12 -16.22
N SER C 719 0.70 -2.85 -14.95
CA SER C 719 2.04 -2.32 -14.60
C SER C 719 3.12 -3.36 -14.94
N PHE C 720 2.84 -4.63 -14.70
CA PHE C 720 3.75 -5.76 -15.05
C PHE C 720 3.89 -5.84 -16.57
N ILE C 721 2.80 -5.74 -17.34
CA ILE C 721 2.89 -5.77 -18.83
C ILE C 721 3.73 -4.57 -19.29
N GLY C 722 3.45 -3.39 -18.74
CA GLY C 722 4.17 -2.14 -19.05
C GLY C 722 5.67 -2.30 -18.83
N LYS C 723 6.07 -2.78 -17.65
CA LYS C 723 7.50 -3.02 -17.30
C LYS C 723 8.07 -4.07 -18.27
N SER C 724 7.39 -5.20 -18.45
CA SER C 724 7.87 -6.38 -19.24
C SER C 724 8.11 -5.98 -20.70
N MET C 725 7.30 -5.07 -21.26
CA MET C 725 7.34 -4.78 -22.72
C MET C 725 7.94 -3.40 -22.97
N GLY C 726 8.47 -2.73 -21.94
CA GLY C 726 9.18 -1.43 -22.04
C GLY C 726 8.25 -0.29 -22.42
N LEU C 727 7.02 -0.28 -21.90
CA LEU C 727 5.99 0.73 -22.27
C LEU C 727 6.02 1.88 -21.25
N THR C 728 5.84 3.11 -21.72
CA THR C 728 5.59 4.32 -20.88
C THR C 728 4.09 4.64 -20.92
N MET C 729 3.50 4.96 -19.78
CA MET C 729 2.10 5.47 -19.68
C MET C 729 2.01 6.88 -20.30
N GLN C 730 1.15 7.07 -21.31
CA GLN C 730 1.23 8.25 -22.23
C GLN C 730 0.29 9.34 -21.75
N THR C 731 0.66 10.60 -22.01
CA THR C 731 -0.21 11.77 -22.24
C THR C 731 -0.86 12.20 -20.92
N PRO D 4 -48.75 -3.51 20.59
CA PRO D 4 -47.35 -3.17 20.28
C PRO D 4 -46.92 -3.69 18.89
N GLY D 5 -46.06 -2.92 18.21
CA GLY D 5 -45.59 -3.18 16.84
C GLY D 5 -44.83 -4.49 16.70
N TRP D 6 -44.30 -5.06 17.79
CA TRP D 6 -43.51 -6.33 17.80
C TRP D 6 -44.42 -7.57 17.82
N GLY D 7 -45.70 -7.40 18.17
CA GLY D 7 -46.69 -8.49 18.20
C GLY D 7 -47.20 -8.86 16.80
N PRO D 8 -48.14 -9.83 16.69
CA PRO D 8 -48.64 -10.55 17.86
C PRO D 8 -47.76 -11.74 18.24
N TYR D 9 -47.97 -12.33 19.43
CA TYR D 9 -47.31 -13.59 19.84
C TYR D 9 -47.73 -14.70 18.90
N PRO D 10 -46.85 -15.70 18.63
CA PRO D 10 -47.26 -16.89 17.89
C PRO D 10 -48.34 -17.63 18.68
N PRO D 11 -49.29 -18.29 17.99
CA PRO D 11 -50.37 -18.99 18.66
C PRO D 11 -49.86 -20.25 19.38
N VAL D 12 -50.45 -20.58 20.52
CA VAL D 12 -50.16 -21.82 21.29
C VAL D 12 -51.49 -22.50 21.61
N GLU D 13 -51.65 -23.73 21.13
CA GLU D 13 -52.83 -24.60 21.41
C GLU D 13 -52.98 -24.77 22.92
N ARG D 14 -54.20 -24.71 23.42
CA ARG D 14 -54.55 -24.95 24.84
C ARG D 14 -55.38 -26.24 24.91
N ASP D 15 -55.16 -27.05 25.93
CA ASP D 15 -56.04 -28.20 26.31
C ASP D 15 -56.81 -27.77 27.56
N GLU D 16 -58.06 -27.31 27.39
CA GLU D 16 -58.86 -26.71 28.50
C GLU D 16 -59.32 -27.81 29.48
N THR D 17 -59.23 -29.09 29.09
CA THR D 17 -59.70 -30.25 29.92
C THR D 17 -58.55 -30.81 30.77
N SER D 18 -57.29 -30.51 30.45
CA SER D 18 -56.11 -31.08 31.16
C SER D 18 -56.04 -30.56 32.60
N ALA D 19 -56.09 -31.45 33.59
CA ALA D 19 -55.95 -31.12 35.03
C ALA D 19 -55.43 -32.33 35.81
N ILE D 20 -54.75 -32.07 36.93
CA ILE D 20 -54.31 -33.09 37.92
C ILE D 20 -54.81 -32.63 39.29
N THR D 21 -55.29 -33.55 40.11
CA THR D 21 -55.72 -33.29 41.50
C THR D 21 -54.57 -33.70 42.43
N TYR D 22 -54.23 -32.82 43.38
CA TYR D 22 -53.13 -32.99 44.36
C TYR D 22 -53.74 -33.03 45.74
N SER D 23 -53.29 -33.95 46.60
CA SER D 23 -53.66 -33.95 48.03
C SER D 23 -53.10 -32.67 48.67
N SER D 24 -53.82 -32.09 49.62
CA SER D 24 -53.48 -30.82 50.30
C SER D 24 -53.88 -30.92 51.78
N LYS D 25 -52.95 -30.60 52.68
CA LYS D 25 -53.20 -30.64 54.14
C LYS D 25 -54.29 -29.61 54.49
N LEU D 26 -54.26 -28.43 53.88
CA LEU D 26 -55.14 -27.29 54.25
C LEU D 26 -56.51 -27.44 53.58
N HIS D 27 -56.57 -27.96 52.36
CA HIS D 27 -57.78 -27.95 51.48
C HIS D 27 -58.33 -29.35 51.22
N GLY D 28 -57.65 -30.41 51.70
CA GLY D 28 -57.99 -31.81 51.39
C GLY D 28 -57.47 -32.21 50.02
N SER D 29 -57.99 -31.60 48.96
CA SER D 29 -57.53 -31.79 47.56
C SER D 29 -57.60 -30.45 46.82
N VAL D 30 -56.74 -30.28 45.81
CA VAL D 30 -56.74 -29.07 44.93
C VAL D 30 -56.56 -29.59 43.49
N THR D 31 -57.47 -29.20 42.60
CA THR D 31 -57.40 -29.54 41.16
C THR D 31 -56.66 -28.40 40.47
N VAL D 32 -55.59 -28.71 39.76
CA VAL D 32 -54.72 -27.73 39.04
C VAL D 32 -54.91 -27.96 37.56
N ARG D 33 -55.41 -26.94 36.85
CA ARG D 33 -55.56 -26.99 35.37
C ARG D 33 -54.17 -26.77 34.77
N ASP D 34 -53.80 -27.52 33.74
CA ASP D 34 -52.57 -27.25 32.97
C ASP D 34 -52.92 -27.23 31.48
N PRO D 35 -53.39 -26.09 30.94
CA PRO D 35 -53.74 -26.01 29.52
C PRO D 35 -52.57 -26.27 28.55
N TYR D 36 -51.32 -26.27 29.02
CA TYR D 36 -50.12 -26.43 28.15
C TYR D 36 -49.42 -27.77 28.44
N SER D 37 -50.12 -28.74 29.02
CA SER D 37 -49.57 -30.07 29.38
C SER D 37 -49.06 -30.79 28.11
N GLN D 38 -49.60 -30.52 26.91
CA GLN D 38 -49.10 -31.12 25.64
C GLN D 38 -47.64 -30.75 25.41
N LEU D 39 -47.18 -29.61 25.90
CA LEU D 39 -45.77 -29.15 25.70
C LEU D 39 -44.81 -29.94 26.62
N GLU D 40 -45.33 -30.82 27.47
CA GLU D 40 -44.53 -31.83 28.23
C GLU D 40 -44.09 -32.95 27.29
N VAL D 41 -44.69 -33.11 26.11
CA VAL D 41 -44.24 -34.13 25.12
C VAL D 41 -43.03 -33.57 24.40
N PRO D 42 -41.90 -34.32 24.35
CA PRO D 42 -40.68 -33.84 23.70
C PRO D 42 -40.83 -33.40 22.23
N PHE D 43 -40.02 -32.43 21.84
CA PHE D 43 -39.88 -31.84 20.48
C PHE D 43 -39.94 -32.95 19.42
N GLU D 44 -39.13 -34.00 19.58
CA GLU D 44 -38.93 -35.08 18.57
C GLU D 44 -40.18 -35.96 18.44
N ASP D 45 -41.11 -35.92 19.40
CA ASP D 45 -42.27 -36.87 19.50
C ASP D 45 -43.61 -36.19 19.20
N SER D 46 -43.69 -34.85 19.18
CA SER D 46 -44.96 -34.09 19.02
C SER D 46 -44.81 -33.05 17.91
N GLU D 47 -45.70 -33.09 16.91
CA GLU D 47 -45.81 -32.05 15.86
C GLU D 47 -46.23 -30.72 16.51
N GLU D 48 -47.03 -30.80 17.58
CA GLU D 48 -47.53 -29.63 18.35
C GLU D 48 -46.33 -28.96 19.05
N THR D 49 -45.48 -29.74 19.74
CA THR D 49 -44.27 -29.21 20.40
C THR D 49 -43.34 -28.63 19.33
N LYS D 50 -43.17 -29.33 18.20
CA LYS D 50 -42.36 -28.85 17.05
C LYS D 50 -42.85 -27.48 16.57
N ALA D 51 -44.16 -27.34 16.31
CA ALA D 51 -44.78 -26.09 15.81
C ALA D 51 -44.56 -24.95 16.83
N PHE D 52 -44.70 -25.25 18.13
CA PHE D 52 -44.48 -24.28 19.23
C PHE D 52 -43.02 -23.81 19.20
N VAL D 53 -42.05 -24.74 19.21
CA VAL D 53 -40.59 -24.42 19.26
C VAL D 53 -40.22 -23.59 18.03
N HIS D 54 -40.59 -24.02 16.83
CA HIS D 54 -40.21 -23.34 15.56
C HIS D 54 -40.79 -21.92 15.53
N SER D 55 -42.08 -21.75 15.86
CA SER D 55 -42.76 -20.43 15.81
C SER D 55 -42.18 -19.51 16.89
N GLN D 56 -42.00 -20.00 18.12
CA GLN D 56 -41.44 -19.20 19.24
C GLN D 56 -39.99 -18.81 18.92
N ARG D 57 -39.21 -19.74 18.37
CA ARG D 57 -37.77 -19.53 18.02
C ARG D 57 -37.66 -18.42 16.97
N LYS D 58 -38.49 -18.49 15.91
CA LYS D 58 -38.48 -17.53 14.78
C LYS D 58 -38.88 -16.15 15.32
N PHE D 59 -39.89 -16.10 16.19
CA PHE D 59 -40.43 -14.84 16.78
C PHE D 59 -39.36 -14.15 17.63
N ALA D 60 -38.69 -14.91 18.50
CA ALA D 60 -37.60 -14.38 19.36
C ALA D 60 -36.47 -13.83 18.48
N ARG D 61 -36.02 -14.62 17.49
CA ARG D 61 -34.89 -14.25 16.61
C ARG D 61 -35.20 -12.93 15.89
N THR D 62 -36.42 -12.80 15.37
CA THR D 62 -36.85 -11.57 14.63
C THR D 62 -36.74 -10.35 15.55
N TYR D 63 -37.26 -10.43 16.78
CA TYR D 63 -37.22 -9.30 17.75
C TYR D 63 -35.76 -8.98 18.10
N LEU D 64 -34.98 -9.99 18.47
CA LEU D 64 -33.57 -9.80 18.95
C LEU D 64 -32.72 -9.23 17.81
N ASP D 65 -32.88 -9.74 16.58
CA ASP D 65 -32.07 -9.34 15.40
C ASP D 65 -32.50 -7.96 14.86
N GLU D 66 -33.72 -7.52 15.13
CA GLU D 66 -34.22 -6.18 14.71
C GLU D 66 -33.43 -5.08 15.43
N ASN D 67 -32.91 -5.36 16.63
CA ASN D 67 -32.15 -4.40 17.47
C ASN D 67 -30.72 -4.33 16.97
N PRO D 68 -30.24 -3.17 16.46
CA PRO D 68 -28.87 -3.07 15.94
C PRO D 68 -27.80 -3.28 17.03
N ASP D 69 -28.16 -3.06 18.30
CA ASP D 69 -27.27 -3.28 19.47
C ASP D 69 -26.93 -4.77 19.62
N ARG D 70 -27.69 -5.67 18.99
CA ARG D 70 -27.41 -7.12 19.05
C ARG D 70 -26.08 -7.38 18.35
N GLU D 71 -25.94 -6.96 17.09
CA GLU D 71 -24.69 -7.11 16.31
C GLU D 71 -23.55 -6.30 16.96
N ALA D 72 -23.85 -5.11 17.47
CA ALA D 72 -22.85 -4.27 18.18
C ALA D 72 -22.31 -5.05 19.40
N TRP D 73 -23.19 -5.70 20.17
CA TRP D 73 -22.78 -6.51 21.35
C TRP D 73 -21.96 -7.72 20.87
N LEU D 74 -22.37 -8.41 19.81
CA LEU D 74 -21.68 -9.64 19.34
C LEU D 74 -20.26 -9.26 18.92
N GLU D 75 -20.08 -8.14 18.21
CA GLU D 75 -18.75 -7.66 17.74
C GLU D 75 -17.89 -7.30 18.95
N THR D 76 -18.41 -6.49 19.89
CA THR D 76 -17.71 -6.11 21.16
C THR D 76 -17.28 -7.38 21.90
N LEU D 77 -18.17 -8.35 22.04
CA LEU D 77 -17.87 -9.62 22.79
C LEU D 77 -16.80 -10.43 22.06
N LYS D 78 -16.92 -10.62 20.74
CA LYS D 78 -15.94 -11.37 19.90
C LYS D 78 -14.53 -10.78 20.08
N LYS D 79 -14.41 -9.46 19.94
CA LYS D 79 -13.10 -8.72 20.03
C LYS D 79 -12.48 -8.95 21.41
N SER D 80 -13.25 -8.76 22.48
CA SER D 80 -12.75 -8.77 23.88
C SER D 80 -12.45 -10.21 24.32
N TRP D 81 -13.28 -11.18 23.92
CA TRP D 81 -13.16 -12.61 24.33
C TRP D 81 -11.97 -13.27 23.61
N ASN D 82 -11.32 -12.61 22.64
CA ASN D 82 -10.14 -13.11 21.91
C ASN D 82 -8.90 -12.89 22.77
N TYR D 83 -8.84 -13.58 23.91
CA TYR D 83 -7.74 -13.56 24.90
C TYR D 83 -7.43 -15.01 25.27
N ARG D 84 -6.15 -15.27 25.55
CA ARG D 84 -5.62 -16.62 25.84
C ARG D 84 -6.09 -17.03 27.23
N ARG D 85 -6.66 -18.23 27.35
CA ARG D 85 -7.20 -18.81 28.61
C ARG D 85 -6.55 -20.17 28.84
N PHE D 86 -6.28 -20.51 30.09
CA PHE D 86 -5.61 -21.78 30.46
C PHE D 86 -5.97 -22.17 31.88
N SER D 87 -5.87 -23.47 32.18
CA SER D 87 -5.96 -24.04 33.55
C SER D 87 -4.56 -24.00 34.21
N ALA D 88 -4.50 -24.29 35.50
CA ALA D 88 -3.28 -24.66 36.25
C ALA D 88 -2.71 -25.95 35.64
N LEU D 89 -1.41 -26.14 35.70
CA LEU D 89 -0.75 -27.38 35.24
C LEU D 89 -1.22 -28.56 36.10
N LYS D 90 -1.57 -29.67 35.47
CA LYS D 90 -2.09 -30.88 36.14
C LYS D 90 -1.10 -32.03 35.92
N PRO D 91 -0.43 -32.52 36.98
CA PRO D 91 0.59 -33.56 36.83
C PRO D 91 -0.06 -34.93 36.61
N GLU D 92 0.42 -35.72 35.65
CA GLU D 92 -0.15 -37.04 35.30
C GLU D 92 0.94 -38.13 35.38
N SER D 93 0.53 -39.39 35.35
CA SER D 93 1.38 -40.59 35.60
C SER D 93 2.35 -40.84 34.44
N ASP D 94 2.26 -40.12 33.32
CA ASP D 94 3.22 -40.21 32.18
C ASP D 94 4.34 -39.17 32.34
N GLY D 95 4.48 -38.56 33.52
CA GLY D 95 5.54 -37.56 33.83
C GLY D 95 5.37 -36.27 33.03
N HIS D 96 4.14 -35.94 32.61
CA HIS D 96 3.82 -34.68 31.92
C HIS D 96 2.82 -33.89 32.75
N TYR D 97 2.92 -32.56 32.70
CA TYR D 97 1.83 -31.64 33.09
C TYR D 97 0.90 -31.51 31.89
N TYR D 98 -0.42 -31.56 32.14
CA TYR D 98 -1.46 -31.30 31.14
C TYR D 98 -2.16 -30.01 31.54
N PHE D 99 -2.54 -29.22 30.56
CA PHE D 99 -3.24 -27.94 30.81
C PHE D 99 -4.24 -27.68 29.69
N GLU D 100 -5.38 -27.10 30.07
CA GLU D 100 -6.41 -26.62 29.11
C GLU D 100 -5.91 -25.30 28.52
N TYR D 101 -6.13 -25.08 27.24
CA TYR D 101 -5.74 -23.83 26.54
C TYR D 101 -6.77 -23.47 25.49
N ASN D 102 -7.08 -22.18 25.40
CA ASN D 102 -7.85 -21.59 24.28
C ASN D 102 -7.12 -20.33 23.81
N ASP D 103 -6.76 -20.30 22.52
CA ASP D 103 -6.08 -19.13 21.88
C ASP D 103 -6.91 -17.86 22.05
N GLY D 104 -8.23 -18.02 22.07
CA GLY D 104 -9.19 -16.91 22.26
C GLY D 104 -10.57 -17.29 21.80
N LEU D 105 -10.72 -17.61 20.51
CA LEU D 105 -12.04 -17.84 19.86
C LEU D 105 -12.13 -19.25 19.26
N GLN D 106 -11.40 -20.22 19.81
CA GLN D 106 -11.65 -21.66 19.49
C GLN D 106 -12.97 -22.03 20.19
N SER D 107 -13.78 -22.89 19.56
CA SER D 107 -15.09 -23.36 20.08
C SER D 107 -14.91 -23.99 21.47
N GLN D 108 -13.89 -24.85 21.64
CA GLN D 108 -13.62 -25.65 22.86
C GLN D 108 -12.17 -25.46 23.29
N LEU D 109 -11.91 -25.60 24.60
CA LEU D 109 -10.56 -25.74 25.20
C LEU D 109 -9.85 -26.94 24.57
N SER D 110 -8.56 -26.79 24.24
CA SER D 110 -7.67 -27.88 23.80
C SER D 110 -6.84 -28.33 25.01
N LEU D 111 -6.39 -29.58 24.99
CA LEU D 111 -5.53 -30.12 26.07
C LEU D 111 -4.11 -30.19 25.54
N TYR D 112 -3.19 -29.46 26.18
CA TYR D 112 -1.75 -29.44 25.87
C TYR D 112 -1.00 -30.18 26.99
N ARG D 113 0.25 -30.56 26.73
CA ARG D 113 1.11 -31.19 27.76
C ARG D 113 2.56 -30.73 27.58
N VAL D 114 3.32 -30.85 28.66
CA VAL D 114 4.77 -30.53 28.70
C VAL D 114 5.40 -31.48 29.72
N ARG D 115 6.59 -31.99 29.42
CA ARG D 115 7.38 -32.83 30.35
C ARG D 115 7.51 -32.07 31.68
N MET D 116 7.28 -32.73 32.81
CA MET D 116 7.55 -32.15 34.15
C MET D 116 9.03 -31.72 34.19
N GLY D 117 9.30 -30.49 34.65
CA GLY D 117 10.64 -29.88 34.60
C GLY D 117 10.83 -28.92 33.43
N GLU D 118 10.02 -29.03 32.36
CA GLU D 118 10.11 -28.14 31.16
C GLU D 118 8.97 -27.11 31.16
N GLU D 119 8.21 -27.02 32.26
CA GLU D 119 6.95 -26.23 32.32
C GLU D 119 7.26 -24.73 32.15
N ASP D 120 8.50 -24.28 32.37
CA ASP D 120 8.84 -22.84 32.29
C ASP D 120 8.78 -22.38 30.83
N THR D 121 8.63 -23.28 29.85
CA THR D 121 8.57 -22.96 28.40
C THR D 121 7.12 -22.81 27.91
N VAL D 122 6.10 -23.06 28.74
CA VAL D 122 4.66 -23.03 28.28
C VAL D 122 4.05 -21.67 28.60
N LEU D 123 2.96 -21.34 27.90
CA LEU D 123 2.06 -20.19 28.24
C LEU D 123 2.87 -18.89 28.25
N THR D 124 3.61 -18.63 27.17
CA THR D 124 4.37 -17.38 26.95
C THR D 124 3.65 -16.59 25.84
N GLU D 125 4.18 -15.42 25.50
CA GLU D 125 3.64 -14.56 24.42
C GLU D 125 3.77 -15.29 23.08
N SER D 126 4.71 -16.23 22.95
CA SER D 126 4.94 -17.08 21.74
C SER D 126 3.77 -18.06 21.53
N GLY D 127 2.96 -18.31 22.57
CA GLY D 127 1.81 -19.23 22.50
C GLY D 127 1.83 -20.27 23.61
N PRO D 128 1.08 -21.38 23.46
CA PRO D 128 0.90 -22.31 24.58
C PRO D 128 2.20 -23.05 24.91
N GLY D 129 3.06 -23.26 23.90
CA GLY D 129 4.24 -24.14 24.01
C GLY D 129 3.83 -25.58 24.21
N GLY D 130 4.73 -26.38 24.79
CA GLY D 130 4.53 -27.82 24.99
C GLY D 130 4.08 -28.50 23.70
N GLU D 131 3.14 -29.42 23.81
CA GLU D 131 2.68 -30.31 22.71
C GLU D 131 1.16 -30.37 22.78
N LEU D 132 0.45 -30.19 21.66
CA LEU D 132 -1.01 -30.43 21.61
C LEU D 132 -1.23 -31.92 21.92
N PHE D 133 -2.14 -32.25 22.82
CA PHE D 133 -2.51 -33.67 23.09
C PHE D 133 -3.88 -34.00 22.48
N PHE D 134 -4.89 -33.17 22.76
CA PHE D 134 -6.29 -33.44 22.36
C PHE D 134 -6.99 -32.12 22.02
N ASN D 135 -7.55 -32.06 20.81
CA ASN D 135 -8.25 -30.89 20.27
C ASN D 135 -9.71 -31.27 20.03
N PRO D 136 -10.61 -30.96 20.98
CA PRO D 136 -12.03 -31.26 20.84
C PRO D 136 -12.68 -30.62 19.61
N ASN D 137 -12.12 -29.53 19.11
CA ASN D 137 -12.62 -28.80 17.91
C ASN D 137 -12.61 -29.72 16.69
N LEU D 138 -11.74 -30.74 16.67
CA LEU D 138 -11.65 -31.72 15.56
C LEU D 138 -12.83 -32.72 15.57
N LEU D 139 -13.51 -32.88 16.71
CA LEU D 139 -14.51 -33.96 16.94
C LEU D 139 -15.76 -33.70 16.09
N SER D 140 -16.28 -32.47 16.03
CA SER D 140 -17.50 -32.11 15.28
C SER D 140 -17.18 -31.03 14.23
N LEU D 141 -17.99 -30.94 13.18
CA LEU D 141 -17.84 -29.93 12.11
C LEU D 141 -18.14 -28.53 12.66
N ASP D 142 -19.04 -28.44 13.65
CA ASP D 142 -19.60 -27.16 14.17
C ASP D 142 -18.93 -26.72 15.47
N GLY D 143 -18.17 -27.60 16.13
CA GLY D 143 -17.48 -27.31 17.41
C GLY D 143 -18.41 -27.40 18.60
N ASN D 144 -19.46 -28.19 18.52
CA ASN D 144 -20.49 -28.35 19.58
C ASN D 144 -20.24 -29.65 20.36
N ALA D 145 -19.45 -30.58 19.81
CA ALA D 145 -18.97 -31.79 20.51
C ALA D 145 -17.94 -31.37 21.56
N ALA D 146 -18.08 -31.89 22.79
CA ALA D 146 -17.35 -31.40 23.98
C ALA D 146 -16.75 -32.59 24.73
N LEU D 147 -15.51 -32.40 25.19
CA LEU D 147 -14.82 -33.26 26.17
C LEU D 147 -15.53 -33.12 27.52
N THR D 148 -16.09 -34.19 28.07
CA THR D 148 -16.89 -34.14 29.33
C THR D 148 -16.05 -34.60 30.52
N GLY D 149 -14.84 -35.11 30.27
CA GLY D 149 -13.94 -35.58 31.32
C GLY D 149 -12.88 -36.49 30.73
N PHE D 150 -11.83 -36.75 31.51
CA PHE D 150 -10.72 -37.63 31.11
C PHE D 150 -9.98 -38.10 32.37
N VAL D 151 -9.42 -39.31 32.31
CA VAL D 151 -8.59 -39.90 33.40
C VAL D 151 -7.52 -40.73 32.71
N MET D 152 -6.26 -40.50 33.09
CA MET D 152 -5.10 -41.27 32.60
C MET D 152 -4.99 -42.57 33.39
N SER D 153 -4.62 -43.66 32.71
CA SER D 153 -4.33 -44.96 33.35
C SER D 153 -3.16 -44.78 34.32
N PRO D 154 -3.13 -45.52 35.46
CA PRO D 154 -1.99 -45.45 36.38
C PRO D 154 -0.61 -45.67 35.72
N CYS D 155 -0.54 -46.51 34.67
CA CYS D 155 0.72 -46.83 33.93
C CYS D 155 1.14 -45.64 33.06
N GLY D 156 0.22 -44.71 32.75
CA GLY D 156 0.52 -43.51 31.95
C GLY D 156 0.47 -43.78 30.45
N ASN D 157 0.05 -44.98 30.00
CA ASN D 157 0.00 -45.33 28.56
C ASN D 157 -1.38 -45.08 27.94
N TYR D 158 -2.43 -44.99 28.74
CA TYR D 158 -3.84 -44.92 28.25
C TYR D 158 -4.54 -43.71 28.88
N TRP D 159 -5.52 -43.21 28.14
CA TRP D 159 -6.28 -41.98 28.45
C TRP D 159 -7.73 -42.25 28.09
N ALA D 160 -8.59 -42.41 29.11
CA ALA D 160 -10.05 -42.60 28.94
C ALA D 160 -10.70 -41.22 28.94
N TYR D 161 -11.62 -40.96 28.02
CA TYR D 161 -12.24 -39.62 27.92
C TYR D 161 -13.67 -39.70 27.41
N GLY D 162 -14.48 -38.73 27.84
CA GLY D 162 -15.91 -38.63 27.48
C GLY D 162 -16.14 -37.59 26.41
N VAL D 163 -16.95 -37.91 25.41
CA VAL D 163 -17.39 -36.93 24.37
C VAL D 163 -18.91 -36.92 24.32
N SER D 164 -19.52 -35.76 24.57
CA SER D 164 -20.97 -35.51 24.29
C SER D 164 -21.02 -34.97 22.86
N GLU D 165 -21.80 -35.57 21.96
CA GLU D 165 -21.93 -35.08 20.56
C GLU D 165 -22.54 -33.69 20.46
N HIS D 166 -23.80 -33.43 20.88
CA HIS D 166 -24.51 -32.14 20.66
C HIS D 166 -24.63 -31.35 21.96
N GLY D 167 -24.16 -31.90 23.09
CA GLY D 167 -24.46 -31.41 24.45
C GLY D 167 -25.46 -32.33 25.16
N SER D 168 -26.47 -32.78 24.43
CA SER D 168 -27.41 -33.89 24.80
C SER D 168 -27.48 -34.09 26.31
N ASP D 169 -26.31 -34.29 26.93
CA ASP D 169 -26.06 -34.70 28.34
C ASP D 169 -25.89 -36.23 28.37
N TRP D 170 -26.09 -36.92 27.24
CA TRP D 170 -25.51 -38.27 27.01
C TRP D 170 -24.11 -38.13 26.39
N MET D 171 -23.26 -39.12 26.67
CA MET D 171 -21.87 -39.15 26.19
C MET D 171 -21.48 -40.61 25.92
N SER D 172 -20.36 -40.77 25.22
CA SER D 172 -19.65 -42.06 25.06
C SER D 172 -18.26 -41.90 25.71
N ILE D 173 -17.74 -42.96 26.30
CA ILE D 173 -16.34 -43.02 26.81
C ILE D 173 -15.49 -43.63 25.71
N TYR D 174 -14.37 -42.99 25.38
CA TYR D 174 -13.36 -43.48 24.42
C TYR D 174 -12.04 -43.71 25.16
N VAL D 175 -11.11 -44.40 24.52
CA VAL D 175 -9.73 -44.63 25.04
C VAL D 175 -8.76 -44.35 23.89
N ARG D 176 -7.65 -43.68 24.21
CA ARG D 176 -6.53 -43.54 23.26
C ARG D 176 -5.22 -43.75 24.03
N LYS D 177 -4.15 -44.10 23.30
CA LYS D 177 -2.78 -44.16 23.86
C LYS D 177 -2.29 -42.72 24.09
N THR D 178 -1.56 -42.48 25.17
CA THR D 178 -0.87 -41.20 25.45
C THR D 178 0.23 -40.94 24.39
N SER D 179 0.62 -41.98 23.65
CA SER D 179 1.54 -41.87 22.49
C SER D 179 0.78 -41.53 21.21
N SER D 180 -0.54 -41.34 21.27
CA SER D 180 -1.39 -40.94 20.10
C SER D 180 -2.04 -39.58 20.34
N PRO D 181 -1.26 -38.48 20.39
CA PRO D 181 -1.85 -37.15 20.48
C PRO D 181 -2.57 -36.83 19.17
N HIS D 182 -3.57 -35.94 19.21
CA HIS D 182 -4.07 -35.25 18.00
C HIS D 182 -2.90 -34.50 17.38
N LEU D 183 -2.84 -34.54 16.04
CA LEU D 183 -1.89 -33.81 15.19
C LEU D 183 -2.69 -32.66 14.59
N PRO D 184 -2.04 -31.58 14.08
CA PRO D 184 -2.75 -30.62 13.22
C PRO D 184 -3.37 -31.26 11.96
N SER D 185 -4.70 -31.28 11.92
CA SER D 185 -5.56 -31.79 10.82
C SER D 185 -6.51 -30.64 10.51
N GLN D 186 -6.79 -30.31 9.24
CA GLN D 186 -7.88 -29.35 8.91
C GLN D 186 -9.17 -30.14 8.67
N GLU D 187 -9.12 -31.48 8.68
CA GLU D 187 -10.32 -32.35 8.55
C GLU D 187 -10.99 -32.58 9.92
N ARG D 188 -11.98 -31.74 10.21
CA ARG D 188 -12.89 -31.85 11.38
C ARG D 188 -13.86 -33.02 11.16
N GLY D 189 -14.56 -33.43 12.21
CA GLY D 189 -15.70 -34.36 12.15
C GLY D 189 -15.31 -35.78 12.50
N LYS D 190 -14.01 -36.03 12.74
CA LYS D 190 -13.49 -37.35 13.17
C LYS D 190 -12.63 -37.20 14.44
N ASP D 191 -12.40 -38.30 15.16
CA ASP D 191 -11.41 -38.41 16.27
C ASP D 191 -10.31 -39.37 15.81
N PRO D 192 -9.24 -38.87 15.14
CA PRO D 192 -8.16 -39.72 14.68
C PRO D 192 -7.32 -40.26 15.86
N GLY D 193 -6.76 -41.47 15.72
CA GLY D 193 -5.75 -42.01 16.65
C GLY D 193 -6.35 -42.66 17.89
N ARG D 194 -7.68 -42.78 17.99
CA ARG D 194 -8.33 -43.43 19.16
C ARG D 194 -8.35 -44.94 18.94
N MET D 195 -8.40 -45.69 20.03
CA MET D 195 -8.54 -47.17 20.02
C MET D 195 -10.01 -47.52 19.76
N ASN D 196 -10.32 -48.81 19.59
CA ASN D 196 -11.65 -49.32 19.15
C ASN D 196 -12.72 -49.09 20.22
N ASP D 197 -12.33 -49.03 21.49
CA ASP D 197 -13.24 -48.95 22.67
C ASP D 197 -14.26 -47.83 22.45
N LYS D 198 -15.55 -48.14 22.58
CA LYS D 198 -16.63 -47.13 22.63
C LYS D 198 -17.64 -47.58 23.70
N ILE D 199 -17.72 -46.83 24.80
CA ILE D 199 -18.65 -47.13 25.93
C ILE D 199 -19.84 -46.18 25.81
N ARG D 200 -20.99 -46.69 25.37
CA ARG D 200 -22.21 -45.87 25.09
C ARG D 200 -23.10 -45.87 26.33
N HIS D 201 -24.10 -44.98 26.33
CA HIS D 201 -25.23 -44.96 27.28
C HIS D 201 -24.76 -44.40 28.64
N VAL D 202 -23.85 -43.43 28.61
CA VAL D 202 -23.28 -42.80 29.83
C VAL D 202 -23.87 -41.40 29.93
N ARG D 203 -24.25 -40.97 31.13
CA ARG D 203 -24.88 -39.65 31.39
C ARG D 203 -24.00 -38.78 32.28
N PHE D 204 -22.96 -39.34 32.90
CA PHE D 204 -22.00 -38.58 33.74
C PHE D 204 -20.67 -39.35 33.74
N PHE D 205 -19.57 -38.61 33.66
CA PHE D 205 -18.18 -39.13 33.57
C PHE D 205 -17.65 -39.38 34.98
N ILE D 206 -17.75 -40.62 35.45
CA ILE D 206 -17.09 -41.05 36.72
C ILE D 206 -16.37 -42.36 36.41
N VAL D 207 -15.09 -42.26 36.10
CA VAL D 207 -14.27 -43.37 35.53
C VAL D 207 -13.09 -43.61 36.47
N SER D 208 -12.87 -44.86 36.87
CA SER D 208 -11.83 -45.27 37.83
C SER D 208 -11.07 -46.48 37.28
N TRP D 209 -9.79 -46.28 36.96
CA TRP D 209 -8.90 -47.35 36.45
C TRP D 209 -8.51 -48.26 37.62
N THR D 210 -8.41 -49.57 37.37
CA THR D 210 -7.72 -50.52 38.28
C THR D 210 -6.22 -50.27 38.20
N SER D 211 -5.48 -50.61 39.26
CA SER D 211 -4.02 -50.37 39.42
C SER D 211 -3.22 -51.11 38.33
N ASP D 212 -3.79 -52.14 37.71
CA ASP D 212 -3.15 -52.93 36.63
C ASP D 212 -3.30 -52.25 35.26
N SER D 213 -4.04 -51.14 35.17
CA SER D 213 -4.31 -50.39 33.91
C SER D 213 -5.00 -51.28 32.86
N LYS D 214 -5.68 -52.36 33.26
CA LYS D 214 -6.34 -53.30 32.31
C LYS D 214 -7.77 -52.82 32.00
N GLY D 215 -8.32 -51.95 32.84
CA GLY D 215 -9.73 -51.54 32.68
C GLY D 215 -10.13 -50.48 33.65
N PHE D 216 -11.37 -50.01 33.52
CA PHE D 216 -11.93 -48.93 34.38
C PHE D 216 -13.40 -49.23 34.67
N PHE D 217 -13.82 -48.80 35.85
CA PHE D 217 -15.23 -48.76 36.28
C PHE D 217 -15.88 -47.50 35.70
N TYR D 218 -17.17 -47.60 35.40
CA TYR D 218 -17.99 -46.47 34.92
C TYR D 218 -19.45 -46.75 35.26
N SER D 219 -20.27 -45.69 35.24
CA SER D 219 -21.73 -45.76 35.44
C SER D 219 -22.42 -45.55 34.09
N ARG D 220 -23.43 -46.35 33.79
CA ARG D 220 -24.22 -46.21 32.55
C ARG D 220 -25.70 -46.51 32.82
N TYR D 221 -26.52 -46.30 31.80
CA TYR D 221 -27.99 -46.44 31.82
C TYR D 221 -28.38 -47.41 30.73
N PRO D 222 -29.65 -47.91 30.70
CA PRO D 222 -30.13 -48.70 29.57
C PRO D 222 -30.12 -47.83 28.32
N PRO D 223 -30.07 -48.43 27.12
CA PRO D 223 -30.01 -47.64 25.87
C PRO D 223 -31.17 -46.64 25.76
N GLU D 224 -30.92 -45.52 25.08
CA GLU D 224 -31.60 -44.22 25.30
C GLU D 224 -33.02 -44.24 24.74
N ASP D 225 -33.30 -44.98 23.65
CA ASP D 225 -34.47 -44.76 22.74
C ASP D 225 -35.44 -45.93 22.84
N GLY D 230 -37.45 -38.67 25.32
CA GLY D 230 -36.23 -38.11 25.95
C GLY D 230 -36.55 -37.16 27.10
N ASN D 231 -37.69 -37.35 27.76
CA ASN D 231 -38.17 -36.54 28.92
C ASN D 231 -38.29 -37.39 30.19
N ALA D 232 -38.37 -38.71 30.05
CA ALA D 232 -38.76 -39.64 31.12
C ALA D 232 -37.73 -39.54 32.25
N PRO D 233 -38.11 -39.92 33.49
CA PRO D 233 -37.16 -39.98 34.59
C PRO D 233 -35.93 -40.80 34.19
N ALA D 234 -34.74 -40.38 34.64
CA ALA D 234 -33.47 -41.14 34.51
C ALA D 234 -33.54 -42.39 35.39
N MET D 235 -33.48 -43.58 34.78
CA MET D 235 -33.77 -44.83 35.52
C MET D 235 -32.71 -45.89 35.25
N ASN D 236 -32.38 -46.66 36.29
CA ASN D 236 -31.63 -47.94 36.20
C ASN D 236 -30.16 -47.64 35.92
N CYS D 237 -29.57 -46.76 36.72
CA CYS D 237 -28.10 -46.48 36.75
C CYS D 237 -27.39 -47.78 37.15
N MET D 238 -26.40 -48.19 36.37
CA MET D 238 -25.65 -49.44 36.62
C MET D 238 -24.16 -49.13 36.64
N VAL D 239 -23.41 -49.85 37.46
CA VAL D 239 -21.92 -49.77 37.47
C VAL D 239 -21.41 -50.98 36.69
N TYR D 240 -20.56 -50.72 35.70
CA TYR D 240 -19.88 -51.74 34.86
C TYR D 240 -18.36 -51.57 34.99
N TYR D 241 -17.65 -52.63 34.59
CA TYR D 241 -16.18 -52.65 34.44
C TYR D 241 -15.84 -52.96 32.99
N HIS D 242 -15.11 -52.06 32.33
CA HIS D 242 -14.65 -52.21 30.92
C HIS D 242 -13.17 -52.58 30.92
N ARG D 243 -12.83 -53.69 30.24
CA ARG D 243 -11.43 -54.11 29.96
C ARG D 243 -11.03 -53.51 28.61
N ILE D 244 -9.91 -52.81 28.57
CA ILE D 244 -9.37 -52.14 27.35
C ILE D 244 -9.26 -53.17 26.23
N GLY D 245 -9.65 -52.80 25.00
CA GLY D 245 -9.52 -53.66 23.81
C GLY D 245 -10.75 -54.52 23.57
N GLU D 246 -11.63 -54.68 24.57
CA GLU D 246 -12.89 -55.48 24.45
C GLU D 246 -14.01 -54.57 23.96
N ASP D 247 -15.07 -55.17 23.42
CA ASP D 247 -16.33 -54.48 23.04
C ASP D 247 -17.15 -54.25 24.32
N GLN D 248 -18.00 -53.22 24.34
CA GLN D 248 -18.86 -52.88 25.52
C GLN D 248 -19.69 -54.09 25.94
N GLU D 249 -20.09 -54.94 24.98
CA GLU D 249 -20.91 -56.16 25.19
C GLU D 249 -20.24 -57.08 26.23
N SER D 250 -18.91 -57.08 26.29
CA SER D 250 -18.12 -57.95 27.21
C SER D 250 -17.98 -57.30 28.59
N ASP D 251 -18.35 -56.03 28.76
CA ASP D 251 -18.22 -55.32 30.06
C ASP D 251 -18.96 -56.12 31.14
N VAL D 252 -18.38 -56.19 32.33
CA VAL D 252 -18.89 -56.99 33.48
C VAL D 252 -19.76 -56.07 34.34
N LEU D 253 -20.99 -56.51 34.62
CA LEU D 253 -21.93 -55.80 35.52
C LEU D 253 -21.37 -55.89 36.95
N VAL D 254 -21.29 -54.76 37.64
CA VAL D 254 -20.77 -54.67 39.02
C VAL D 254 -21.92 -54.38 39.97
N HIS D 255 -22.85 -53.49 39.60
CA HIS D 255 -24.01 -53.14 40.47
C HIS D 255 -25.20 -52.66 39.63
N GLU D 256 -26.36 -53.18 39.97
CA GLU D 256 -27.71 -52.65 39.59
C GLU D 256 -28.62 -52.81 40.80
N ASP D 257 -29.67 -52.02 40.89
CA ASP D 257 -30.67 -52.03 41.97
C ASP D 257 -32.02 -51.77 41.31
N PRO D 258 -32.64 -52.81 40.71
CA PRO D 258 -33.90 -52.66 39.98
C PRO D 258 -35.06 -52.16 40.86
N GLU D 259 -34.95 -52.34 42.19
CA GLU D 259 -36.00 -51.92 43.15
C GLU D 259 -36.07 -50.40 43.18
N HIS D 260 -34.94 -49.71 42.99
CA HIS D 260 -34.83 -48.24 43.17
C HIS D 260 -34.27 -47.62 41.90
N PRO D 261 -35.04 -47.62 40.79
CA PRO D 261 -34.52 -47.13 39.51
C PRO D 261 -34.12 -45.64 39.49
N PHE D 262 -34.63 -44.81 40.40
CA PHE D 262 -34.31 -43.35 40.42
C PHE D 262 -32.94 -43.11 41.04
N TRP D 263 -32.43 -44.06 41.83
CA TRP D 263 -31.13 -43.88 42.54
C TRP D 263 -30.02 -43.73 41.51
N ILE D 264 -29.04 -42.87 41.81
CA ILE D 264 -27.80 -42.69 40.99
C ILE D 264 -26.65 -43.34 41.75
N SER D 265 -25.80 -44.10 41.06
CA SER D 265 -24.72 -44.88 41.70
C SER D 265 -23.41 -44.69 40.94
N SER D 266 -22.30 -44.80 41.66
CA SER D 266 -20.94 -44.78 41.07
C SER D 266 -19.98 -45.49 42.02
N VAL D 267 -18.78 -45.79 41.53
CA VAL D 267 -17.65 -46.27 42.36
C VAL D 267 -16.48 -45.30 42.22
N GLN D 268 -15.69 -45.18 43.29
CA GLN D 268 -14.43 -44.41 43.38
C GLN D 268 -13.39 -45.40 43.94
N LEU D 269 -12.17 -45.43 43.40
CA LEU D 269 -11.05 -46.25 43.97
C LEU D 269 -10.17 -45.33 44.81
N THR D 270 -9.60 -45.84 45.90
CA THR D 270 -8.52 -45.13 46.65
C THR D 270 -7.36 -44.91 45.69
N PRO D 271 -6.50 -43.88 45.90
CA PRO D 271 -5.32 -43.65 45.05
C PRO D 271 -4.44 -44.90 44.82
N SER D 272 -4.32 -45.78 45.81
CA SER D 272 -3.54 -47.05 45.73
C SER D 272 -4.22 -48.05 44.77
N GLY D 273 -5.52 -47.88 44.48
CA GLY D 273 -6.27 -48.80 43.62
C GLY D 273 -6.70 -50.07 44.35
N ARG D 274 -6.49 -50.12 45.67
CA ARG D 274 -6.76 -51.34 46.46
C ARG D 274 -8.25 -51.46 46.83
N TYR D 275 -8.84 -50.36 47.29
CA TYR D 275 -10.23 -50.34 47.83
C TYR D 275 -11.18 -49.61 46.87
N ILE D 276 -12.39 -50.15 46.73
CA ILE D 276 -13.47 -49.58 45.86
C ILE D 276 -14.60 -49.11 46.79
N LEU D 277 -14.99 -47.84 46.67
CA LEU D 277 -16.13 -47.25 47.41
C LEU D 277 -17.33 -47.18 46.46
N PHE D 278 -18.37 -47.94 46.76
CA PHE D 278 -19.70 -47.83 46.10
C PHE D 278 -20.50 -46.75 46.83
N ALA D 279 -21.07 -45.82 46.08
CA ALA D 279 -21.96 -44.76 46.62
C ALA D 279 -23.23 -44.69 45.79
N ALA D 280 -24.39 -44.75 46.45
CA ALA D 280 -25.70 -44.48 45.80
C ALA D 280 -26.29 -43.20 46.41
N SER D 281 -26.93 -42.40 45.56
CA SER D 281 -27.72 -41.18 45.88
C SER D 281 -29.18 -41.40 45.49
N ARG D 282 -30.13 -41.02 46.36
CA ARG D 282 -31.59 -41.17 46.08
C ARG D 282 -32.27 -39.81 45.93
N ASP D 283 -31.53 -38.72 46.11
CA ASP D 283 -32.05 -37.33 46.04
C ASP D 283 -30.84 -36.39 45.94
N ALA D 284 -31.05 -35.07 45.97
CA ALA D 284 -29.98 -34.06 45.82
C ALA D 284 -29.31 -33.80 47.17
N SER D 285 -29.77 -34.43 48.26
CA SER D 285 -29.20 -34.21 49.62
C SER D 285 -27.82 -34.90 49.70
N HIS D 286 -26.99 -34.41 50.60
CA HIS D 286 -25.60 -34.91 50.81
C HIS D 286 -25.67 -36.11 51.76
N THR D 287 -26.31 -37.18 51.29
CA THR D 287 -26.48 -38.48 52.02
C THR D 287 -26.33 -39.59 50.99
N GLN D 288 -25.70 -40.69 51.39
CA GLN D 288 -25.39 -41.82 50.50
C GLN D 288 -25.67 -43.14 51.21
N LEU D 289 -25.96 -44.16 50.41
CA LEU D 289 -25.74 -45.57 50.78
C LEU D 289 -24.32 -45.91 50.30
N VAL D 290 -23.46 -46.38 51.20
CA VAL D 290 -22.00 -46.55 50.90
C VAL D 290 -21.55 -47.95 51.28
N LYS D 291 -20.74 -48.58 50.44
CA LYS D 291 -20.15 -49.93 50.66
C LYS D 291 -18.69 -49.89 50.21
N ILE D 292 -17.80 -50.60 50.90
CA ILE D 292 -16.33 -50.70 50.60
C ILE D 292 -16.02 -52.17 50.29
N ALA D 293 -15.24 -52.43 49.25
CA ALA D 293 -14.67 -53.76 48.97
C ALA D 293 -13.16 -53.63 48.76
N ASP D 294 -12.43 -54.69 49.08
CA ASP D 294 -10.97 -54.84 48.87
C ASP D 294 -10.81 -55.58 47.53
N LEU D 295 -10.29 -54.92 46.50
CA LEU D 295 -10.18 -55.52 45.14
C LEU D 295 -9.19 -56.70 45.11
N HIS D 296 -8.40 -56.88 46.18
CA HIS D 296 -7.45 -58.02 46.32
C HIS D 296 -8.16 -59.26 46.89
N GLU D 297 -9.42 -59.14 47.35
CA GLU D 297 -10.22 -60.24 47.96
C GLU D 297 -11.20 -60.86 46.94
N ASN D 298 -11.40 -60.20 45.79
CA ASN D 298 -12.60 -60.40 44.91
C ASN D 298 -12.21 -60.40 43.43
N ASP D 299 -12.88 -61.20 42.61
CA ASP D 299 -12.96 -60.98 41.14
C ASP D 299 -13.93 -59.82 40.90
N ILE D 300 -13.69 -58.99 39.88
CA ILE D 300 -14.58 -57.86 39.49
C ILE D 300 -15.88 -58.48 38.98
N GLY D 301 -17.02 -58.14 39.59
CA GLY D 301 -18.33 -58.71 39.21
C GLY D 301 -19.37 -58.47 40.29
N THR D 302 -20.51 -59.19 40.23
CA THR D 302 -21.63 -59.03 41.20
C THR D 302 -21.40 -59.91 42.43
N ASN D 303 -20.32 -60.70 42.44
CA ASN D 303 -19.95 -61.60 43.57
C ASN D 303 -18.80 -61.01 44.40
N MET D 304 -18.82 -59.72 44.69
CA MET D 304 -17.76 -59.02 45.48
C MET D 304 -18.20 -58.89 46.94
N LYS D 305 -17.25 -58.95 47.88
CA LYS D 305 -17.55 -58.97 49.35
C LYS D 305 -17.67 -57.52 49.83
N TRP D 306 -18.83 -56.91 49.62
CA TRP D 306 -19.11 -55.50 50.06
C TRP D 306 -19.29 -55.45 51.57
N LYS D 307 -18.61 -54.51 52.24
CA LYS D 307 -18.82 -54.21 53.68
C LYS D 307 -19.42 -52.80 53.80
N ASN D 308 -20.32 -52.59 54.77
CA ASN D 308 -20.95 -51.28 55.05
C ASN D 308 -19.90 -50.36 55.68
N LEU D 309 -19.70 -49.18 55.09
CA LEU D 309 -18.87 -48.07 55.64
C LEU D 309 -19.62 -47.43 56.81
N HIS D 310 -20.92 -47.21 56.65
CA HIS D 310 -21.80 -46.60 57.70
C HIS D 310 -23.24 -46.94 57.34
N ASP D 311 -24.17 -46.74 58.29
CA ASP D 311 -25.64 -46.83 58.05
C ASP D 311 -25.99 -45.96 56.86
N PRO D 312 -26.90 -46.43 55.97
CA PRO D 312 -27.22 -45.66 54.76
C PRO D 312 -27.99 -44.37 55.06
N TRP D 313 -27.84 -43.38 54.19
CA TRP D 313 -28.67 -42.13 54.10
C TRP D 313 -28.44 -41.20 55.28
N GLU D 314 -27.30 -41.31 55.98
CA GLU D 314 -26.98 -40.39 57.11
C GLU D 314 -25.93 -39.35 56.67
N ALA D 315 -25.09 -39.67 55.69
CA ALA D 315 -23.91 -38.86 55.36
C ALA D 315 -23.38 -39.20 53.96
N ARG D 316 -22.55 -38.31 53.45
CA ARG D 316 -21.79 -38.44 52.18
C ARG D 316 -20.32 -38.70 52.56
N PHE D 317 -19.61 -39.50 51.75
CA PHE D 317 -18.20 -39.89 51.97
C PHE D 317 -17.43 -39.77 50.65
N THR D 318 -16.39 -38.95 50.64
CA THR D 318 -15.48 -38.72 49.49
C THR D 318 -14.08 -39.18 49.90
N ILE D 319 -13.46 -40.05 49.11
CA ILE D 319 -12.06 -40.52 49.36
C ILE D 319 -11.11 -39.35 49.14
N VAL D 320 -10.22 -39.10 50.11
CA VAL D 320 -9.16 -38.06 50.09
C VAL D 320 -7.78 -38.73 49.92
N GLY D 321 -7.62 -39.96 50.41
CA GLY D 321 -6.36 -40.70 50.31
C GLY D 321 -6.42 -42.03 51.02
N ASP D 322 -5.27 -42.73 51.08
CA ASP D 322 -5.16 -44.05 51.75
C ASP D 322 -3.74 -44.18 52.29
N GLU D 323 -3.57 -45.00 53.32
CA GLU D 323 -2.27 -45.41 53.93
C GLU D 323 -2.44 -46.88 54.30
N GLY D 324 -2.13 -47.78 53.36
CA GLY D 324 -2.47 -49.21 53.44
C GLY D 324 -3.97 -49.38 53.61
N SER D 325 -4.39 -49.95 54.75
CA SER D 325 -5.81 -50.27 55.04
C SER D 325 -6.55 -49.03 55.57
N LYS D 326 -5.84 -47.95 55.92
CA LYS D 326 -6.44 -46.71 56.46
C LYS D 326 -6.88 -45.82 55.29
N ILE D 327 -8.17 -45.45 55.24
CA ILE D 327 -8.71 -44.60 54.15
C ILE D 327 -9.10 -43.25 54.77
N TYR D 328 -8.67 -42.16 54.14
CA TYR D 328 -9.02 -40.78 54.54
C TYR D 328 -10.31 -40.38 53.79
N PHE D 329 -11.30 -39.91 54.54
CA PHE D 329 -12.61 -39.50 53.98
C PHE D 329 -12.87 -38.04 54.35
N MET D 330 -13.35 -37.27 53.38
CA MET D 330 -14.12 -36.03 53.66
C MET D 330 -15.58 -36.45 53.77
N THR D 331 -16.21 -36.17 54.91
CA THR D 331 -17.58 -36.62 55.20
C THR D 331 -18.32 -35.56 56.01
N ASN D 332 -19.66 -35.56 55.92
CA ASN D 332 -20.54 -34.71 56.75
C ASN D 332 -21.19 -35.57 57.85
N LEU D 333 -20.67 -36.77 58.11
CA LEU D 333 -21.19 -37.65 59.19
C LEU D 333 -21.11 -36.89 60.53
N LYS D 334 -22.26 -36.55 61.11
CA LYS D 334 -22.40 -35.76 62.36
C LYS D 334 -21.62 -34.44 62.26
N ALA D 335 -21.51 -33.90 61.05
CA ALA D 335 -20.71 -32.68 60.75
C ALA D 335 -21.26 -32.03 59.48
N LYS D 336 -22.30 -31.20 59.60
CA LYS D 336 -23.03 -30.64 58.43
C LYS D 336 -22.08 -29.78 57.57
N ASN D 337 -21.06 -29.15 58.18
CA ASN D 337 -20.05 -28.35 57.44
C ASN D 337 -18.88 -29.22 56.97
N TYR D 338 -18.97 -30.54 57.15
CA TYR D 338 -17.98 -31.55 56.66
C TYR D 338 -16.74 -31.54 57.57
N LYS D 339 -16.01 -32.64 57.53
CA LYS D 339 -14.78 -32.89 58.34
C LYS D 339 -13.95 -33.94 57.61
N VAL D 340 -12.77 -34.24 58.13
CA VAL D 340 -11.89 -35.33 57.63
C VAL D 340 -11.85 -36.40 58.71
N ALA D 341 -12.17 -37.64 58.34
CA ALA D 341 -12.12 -38.81 59.24
C ALA D 341 -11.45 -39.98 58.53
N THR D 342 -10.96 -40.95 59.31
CA THR D 342 -10.27 -42.14 58.78
C THR D 342 -11.10 -43.36 59.12
N PHE D 343 -11.06 -44.35 58.21
CA PHE D 343 -11.69 -45.69 58.38
C PHE D 343 -10.61 -46.74 58.10
N ASP D 344 -10.71 -47.87 58.79
CA ASP D 344 -9.92 -49.10 58.49
C ASP D 344 -10.74 -50.01 57.56
N ALA D 345 -10.35 -50.06 56.29
CA ALA D 345 -11.21 -50.47 55.16
C ALA D 345 -11.57 -51.94 55.29
N ASN D 346 -10.76 -52.74 56.01
CA ASN D 346 -11.01 -54.20 56.15
C ASN D 346 -11.95 -54.44 57.34
N HIS D 347 -12.10 -53.43 58.23
CA HIS D 347 -12.99 -53.52 59.43
C HIS D 347 -13.86 -52.29 59.54
N PRO D 348 -14.79 -52.09 58.58
CA PRO D 348 -15.70 -50.94 58.59
C PRO D 348 -16.45 -50.75 59.92
N ASP D 349 -16.93 -51.83 60.52
CA ASP D 349 -17.68 -51.85 61.82
C ASP D 349 -16.87 -51.25 62.97
N GLU D 350 -15.56 -51.04 62.82
CA GLU D 350 -14.71 -50.36 63.86
C GLU D 350 -14.98 -48.84 63.85
N GLY D 351 -15.62 -48.33 62.80
CA GLY D 351 -16.12 -46.95 62.72
C GLY D 351 -15.07 -46.00 62.20
N LEU D 352 -15.44 -44.72 62.17
CA LEU D 352 -14.63 -43.58 61.63
C LEU D 352 -13.96 -42.88 62.82
N THR D 353 -12.68 -42.51 62.67
CA THR D 353 -11.93 -41.67 63.63
C THR D 353 -11.75 -40.26 63.04
N THR D 354 -12.09 -39.22 63.80
CA THR D 354 -11.95 -37.81 63.38
C THR D 354 -10.46 -37.47 63.25
N LEU D 355 -10.03 -36.97 62.09
CA LEU D 355 -8.67 -36.40 61.91
C LEU D 355 -8.76 -34.88 62.01
N ILE D 356 -9.64 -34.26 61.22
CA ILE D 356 -9.91 -32.79 61.26
C ILE D 356 -11.36 -32.60 61.67
N ALA D 357 -11.61 -32.03 62.84
CA ALA D 357 -12.97 -31.77 63.37
C ALA D 357 -13.72 -30.83 62.42
N GLU D 358 -15.05 -30.91 62.42
CA GLU D 358 -15.94 -29.95 61.74
C GLU D 358 -15.57 -28.54 62.21
N ASP D 359 -15.43 -27.59 61.30
CA ASP D 359 -15.44 -26.15 61.65
C ASP D 359 -16.89 -25.67 61.68
N PRO D 360 -17.43 -25.27 62.85
CA PRO D 360 -18.83 -24.86 62.94
C PRO D 360 -19.12 -23.60 62.10
N ASN D 361 -18.09 -22.84 61.71
CA ASN D 361 -18.26 -21.52 61.03
C ASN D 361 -17.65 -21.51 59.63
N ALA D 362 -17.35 -22.67 59.06
CA ALA D 362 -16.74 -22.77 57.72
C ALA D 362 -17.05 -24.14 57.10
N PHE D 363 -17.63 -24.11 55.92
CA PHE D 363 -17.96 -25.25 55.06
C PHE D 363 -16.67 -25.77 54.45
N LEU D 364 -16.33 -27.03 54.68
CA LEU D 364 -15.13 -27.69 54.07
C LEU D 364 -15.52 -28.12 52.66
N VAL D 365 -14.88 -27.53 51.65
CA VAL D 365 -15.16 -27.72 50.21
C VAL D 365 -14.36 -28.92 49.71
N SER D 366 -13.07 -29.00 50.05
CA SER D 366 -12.19 -30.10 49.61
C SER D 366 -11.05 -30.32 50.61
N ALA D 367 -10.51 -31.53 50.53
CA ALA D 367 -9.33 -31.98 51.29
C ALA D 367 -8.50 -32.80 50.30
N SER D 368 -7.20 -32.54 50.24
CA SER D 368 -6.27 -33.26 49.33
C SER D 368 -4.91 -33.37 50.03
N ILE D 369 -4.16 -34.41 49.70
CA ILE D 369 -2.83 -34.70 50.31
C ILE D 369 -1.75 -34.30 49.30
N HIS D 370 -0.68 -33.66 49.80
CA HIS D 370 0.44 -33.11 48.99
C HIS D 370 1.75 -33.33 49.74
N ALA D 371 2.85 -33.41 48.99
CA ALA D 371 4.22 -33.49 49.56
C ALA D 371 4.23 -34.56 50.66
N GLN D 372 3.61 -35.72 50.36
CA GLN D 372 3.61 -36.96 51.20
C GLN D 372 2.69 -36.83 52.42
N ASP D 373 2.81 -35.78 53.25
CA ASP D 373 2.08 -35.73 54.55
C ASP D 373 1.52 -34.34 54.85
N LYS D 374 1.26 -33.53 53.82
CA LYS D 374 0.59 -32.21 53.99
C LYS D 374 -0.87 -32.36 53.56
N LEU D 375 -1.81 -32.06 54.45
CA LEU D 375 -3.27 -32.09 54.18
C LEU D 375 -3.72 -30.67 53.90
N LEU D 376 -4.17 -30.42 52.65
CA LEU D 376 -4.62 -29.08 52.21
C LEU D 376 -6.16 -29.07 52.24
N LEU D 377 -6.72 -28.15 53.03
CA LEU D 377 -8.19 -27.96 53.18
C LEU D 377 -8.57 -26.65 52.48
N VAL D 378 -9.60 -26.70 51.64
CA VAL D 378 -10.25 -25.47 51.10
C VAL D 378 -11.56 -25.27 51.87
N TYR D 379 -11.64 -24.19 52.65
CA TYR D 379 -12.82 -23.77 53.41
C TYR D 379 -13.53 -22.62 52.66
N LEU D 380 -14.85 -22.61 52.77
CA LEU D 380 -15.74 -21.49 52.35
C LEU D 380 -16.06 -20.71 53.62
N ARG D 381 -15.58 -19.47 53.70
CA ARG D 381 -15.87 -18.52 54.81
C ARG D 381 -16.01 -17.14 54.18
N ASN D 382 -17.04 -16.38 54.58
CA ASN D 382 -17.34 -15.04 54.03
C ASN D 382 -17.46 -15.10 52.50
N ALA D 383 -18.10 -16.16 52.00
CA ALA D 383 -18.49 -16.32 50.57
C ALA D 383 -17.24 -16.34 49.67
N SER D 384 -16.07 -16.72 50.21
CA SER D 384 -14.83 -16.95 49.42
C SER D 384 -14.03 -18.13 50.00
N HIS D 385 -13.03 -18.58 49.25
CA HIS D 385 -12.19 -19.76 49.59
C HIS D 385 -11.03 -19.34 50.49
N GLU D 386 -10.70 -20.19 51.46
CA GLU D 386 -9.48 -20.11 52.30
C GLU D 386 -8.73 -21.44 52.16
N ILE D 387 -7.41 -21.40 52.04
CA ILE D 387 -6.56 -22.63 52.02
C ILE D 387 -5.87 -22.75 53.38
N HIS D 388 -6.14 -23.85 54.10
CA HIS D 388 -5.51 -24.23 55.38
C HIS D 388 -4.61 -25.45 55.15
N ILE D 389 -3.41 -25.47 55.72
CA ILE D 389 -2.48 -26.62 55.68
C ILE D 389 -2.49 -27.29 57.04
N ARG D 390 -2.62 -28.62 57.06
CA ARG D 390 -2.61 -29.47 58.28
C ARG D 390 -1.53 -30.55 58.13
N ASP D 391 -1.01 -31.03 59.25
CA ASP D 391 -0.15 -32.25 59.29
C ASP D 391 -1.09 -33.46 59.10
N LEU D 392 -0.84 -34.28 58.08
CA LEU D 392 -1.68 -35.47 57.78
C LEU D 392 -1.70 -36.41 58.98
N THR D 393 -0.56 -36.63 59.66
CA THR D 393 -0.43 -37.67 60.71
C THR D 393 -1.24 -37.27 61.95
N THR D 394 -1.02 -36.05 62.46
CA THR D 394 -1.59 -35.56 63.75
C THR D 394 -2.87 -34.74 63.50
N GLY D 395 -3.00 -34.11 62.34
CA GLY D 395 -4.10 -33.17 62.05
C GLY D 395 -3.80 -31.76 62.54
N LYS D 396 -2.63 -31.55 63.15
CA LYS D 396 -2.20 -30.27 63.75
C LYS D 396 -2.18 -29.18 62.67
N PRO D 397 -2.62 -27.94 62.98
CA PRO D 397 -2.55 -26.83 62.00
C PRO D 397 -1.12 -26.39 61.70
N LEU D 398 -0.80 -26.20 60.41
CA LEU D 398 0.52 -25.71 59.93
C LEU D 398 0.37 -24.31 59.31
N GLY D 399 -0.84 -23.74 59.36
CA GLY D 399 -1.10 -22.34 59.00
C GLY D 399 -1.89 -22.22 57.71
N ARG D 400 -1.97 -20.99 57.23
CA ARG D 400 -2.76 -20.56 56.06
C ARG D 400 -1.79 -20.21 54.93
N ILE D 401 -2.22 -20.36 53.69
CA ILE D 401 -1.48 -19.86 52.49
C ILE D 401 -2.48 -19.12 51.60
N PHE D 402 -1.98 -18.16 50.84
CA PHE D 402 -2.77 -17.31 49.91
C PHE D 402 -3.86 -16.55 50.70
N GLU D 403 -3.60 -16.24 51.98
CA GLU D 403 -4.51 -15.51 52.91
C GLU D 403 -4.93 -14.16 52.31
N ASP D 404 -4.04 -13.54 51.53
CA ASP D 404 -4.18 -12.17 50.96
C ASP D 404 -5.10 -12.18 49.73
N LEU D 405 -5.38 -13.36 49.15
CA LEU D 405 -6.21 -13.48 47.92
C LEU D 405 -7.66 -13.80 48.31
N LEU D 406 -8.61 -12.99 47.84
CA LEU D 406 -10.05 -13.10 48.16
C LEU D 406 -10.78 -13.47 46.87
N GLY D 407 -11.24 -14.71 46.79
CA GLY D 407 -11.83 -15.28 45.56
C GLY D 407 -12.04 -16.77 45.67
N GLN D 408 -11.77 -17.48 44.59
CA GLN D 408 -11.86 -18.98 44.58
C GLN D 408 -10.53 -19.56 44.08
N PHE D 409 -10.26 -20.80 44.47
CA PHE D 409 -9.03 -21.54 44.13
C PHE D 409 -9.39 -22.86 43.47
N MET D 410 -8.63 -23.26 42.45
CA MET D 410 -8.53 -24.67 41.98
C MET D 410 -7.10 -25.14 42.30
N VAL D 411 -6.96 -26.19 43.11
CA VAL D 411 -5.64 -26.76 43.50
C VAL D 411 -5.34 -27.99 42.64
N SER D 412 -4.18 -28.03 41.98
CA SER D 412 -3.68 -29.24 41.29
C SER D 412 -2.36 -29.70 41.90
N GLY D 413 -2.16 -31.01 41.97
CA GLY D 413 -1.00 -31.66 42.56
C GLY D 413 -1.41 -32.93 43.28
N ARG D 414 -0.54 -33.91 43.36
CA ARG D 414 -0.82 -35.25 43.95
C ARG D 414 0.01 -35.41 45.22
N ARG D 415 -0.30 -36.46 45.99
CA ARG D 415 0.40 -36.79 47.25
C ARG D 415 1.91 -36.88 47.00
N GLN D 416 2.31 -37.43 45.86
CA GLN D 416 3.74 -37.73 45.53
C GLN D 416 4.49 -36.47 45.07
N ASP D 417 3.80 -35.36 44.79
CA ASP D 417 4.44 -34.10 44.30
C ASP D 417 4.69 -33.17 45.50
N ASN D 418 5.83 -32.49 45.52
CA ASN D 418 6.20 -31.54 46.60
C ASN D 418 5.57 -30.17 46.33
N ASP D 419 5.09 -29.96 45.10
CA ASP D 419 4.56 -28.66 44.62
C ASP D 419 3.06 -28.77 44.33
N ILE D 420 2.33 -27.65 44.43
CA ILE D 420 0.96 -27.51 43.87
C ILE D 420 0.96 -26.32 42.91
N PHE D 421 0.09 -26.38 41.92
CA PHE D 421 -0.32 -25.23 41.08
C PHE D 421 -1.72 -24.83 41.53
N VAL D 422 -1.90 -23.55 41.85
CA VAL D 422 -3.16 -22.98 42.40
C VAL D 422 -3.65 -21.92 41.42
N LEU D 423 -4.81 -22.16 40.81
CA LEU D 423 -5.52 -21.17 39.94
C LEU D 423 -6.41 -20.34 40.85
N PHE D 424 -6.06 -19.07 41.00
CA PHE D 424 -6.88 -18.06 41.73
C PHE D 424 -7.69 -17.25 40.73
N SER D 425 -8.97 -17.03 41.01
CA SER D 425 -9.85 -16.15 40.22
C SER D 425 -10.85 -15.43 41.15
N SER D 426 -11.40 -14.33 40.64
CA SER D 426 -12.41 -13.48 41.33
C SER D 426 -13.22 -12.73 40.25
N PHE D 427 -14.09 -11.80 40.65
CA PHE D 427 -14.83 -10.96 39.67
C PHE D 427 -13.84 -10.13 38.86
N LEU D 428 -12.65 -9.84 39.40
CA LEU D 428 -11.66 -8.91 38.82
C LEU D 428 -10.40 -9.62 38.34
N SER D 429 -10.15 -10.87 38.76
CA SER D 429 -8.92 -11.65 38.40
C SER D 429 -9.33 -12.80 37.50
N PRO D 430 -9.02 -12.77 36.19
CA PRO D 430 -9.42 -13.82 35.26
C PRO D 430 -8.78 -15.20 35.52
N GLY D 431 -7.62 -15.24 36.18
CA GLY D 431 -6.91 -16.50 36.43
C GLY D 431 -5.43 -16.25 36.60
N THR D 432 -4.95 -16.34 37.84
CA THR D 432 -3.50 -16.34 38.13
C THR D 432 -3.12 -17.74 38.64
N VAL D 433 -2.16 -18.39 37.99
CA VAL D 433 -1.62 -19.71 38.41
C VAL D 433 -0.40 -19.42 39.27
N TYR D 434 -0.49 -19.75 40.57
CA TYR D 434 0.64 -19.68 41.54
C TYR D 434 1.20 -21.09 41.69
N ARG D 435 2.52 -21.16 41.86
CA ARG D 435 3.21 -22.40 42.31
C ARG D 435 3.43 -22.24 43.81
N TYR D 436 3.10 -23.27 44.58
CA TYR D 436 3.46 -23.33 46.02
C TYR D 436 4.28 -24.60 46.25
N THR D 437 5.46 -24.43 46.85
CA THR D 437 6.42 -25.52 47.14
C THR D 437 6.41 -25.73 48.66
N PHE D 438 6.09 -26.94 49.08
CA PHE D 438 6.01 -27.31 50.52
C PHE D 438 7.43 -27.46 51.05
N GLY D 439 7.65 -27.03 52.30
CA GLY D 439 8.97 -27.10 52.97
C GLY D 439 8.88 -27.81 54.31
N GLU D 440 9.88 -27.60 55.17
CA GLU D 440 10.00 -28.23 56.50
C GLU D 440 9.05 -27.50 57.47
N GLU D 441 9.23 -26.19 57.62
CA GLU D 441 8.48 -25.34 58.59
C GLU D 441 7.47 -24.46 57.83
N LYS D 442 7.89 -23.81 56.74
CA LYS D 442 7.01 -23.05 55.81
C LYS D 442 7.37 -23.40 54.36
N GLY D 443 6.49 -23.04 53.42
CA GLY D 443 6.70 -23.21 51.97
C GLY D 443 7.03 -21.88 51.30
N TYR D 444 7.13 -21.88 49.97
CA TYR D 444 7.34 -20.64 49.19
C TYR D 444 6.39 -20.63 47.98
N ARG D 445 5.81 -19.44 47.75
CA ARG D 445 4.81 -19.17 46.69
C ARG D 445 5.48 -18.32 45.61
N SER D 446 5.27 -18.67 44.34
CA SER D 446 5.72 -17.88 43.18
C SER D 446 4.56 -17.74 42.20
N LEU D 447 4.45 -16.60 41.53
CA LEU D 447 3.48 -16.39 40.41
C LEU D 447 4.03 -17.10 39.17
N PHE D 448 3.36 -18.13 38.70
CA PHE D 448 3.77 -18.91 37.49
C PHE D 448 3.29 -18.17 36.23
N ARG D 449 1.97 -18.04 36.05
CA ARG D 449 1.37 -17.40 34.86
C ARG D 449 0.05 -16.72 35.22
N ALA D 450 -0.26 -15.64 34.53
CA ALA D 450 -1.49 -14.86 34.72
C ALA D 450 -2.19 -14.76 33.37
N ILE D 451 -3.51 -14.99 33.35
CA ILE D 451 -4.36 -14.66 32.17
C ILE D 451 -4.37 -13.13 32.07
N SER D 452 -4.14 -12.61 30.86
CA SER D 452 -4.25 -11.17 30.56
C SER D 452 -5.34 -10.95 29.51
N ILE D 453 -6.11 -9.87 29.64
CA ILE D 453 -7.21 -9.54 28.70
C ILE D 453 -6.88 -8.21 28.03
N PRO D 454 -6.47 -8.23 26.74
CA PRO D 454 -6.12 -7.01 26.05
C PRO D 454 -7.32 -6.07 25.93
N GLY D 455 -8.58 -6.53 25.82
CA GLY D 455 -9.72 -5.64 25.58
C GLY D 455 -10.12 -4.83 26.81
N LEU D 456 -9.60 -5.14 28.00
CA LEU D 456 -10.20 -4.68 29.27
C LEU D 456 -9.14 -4.20 30.24
N ASN D 457 -9.34 -3.04 30.87
CA ASN D 457 -8.47 -2.52 31.96
C ASN D 457 -9.12 -2.89 33.30
N LEU D 458 -8.63 -3.96 33.94
CA LEU D 458 -9.24 -4.53 35.17
C LEU D 458 -9.10 -3.54 36.33
N ASP D 459 -8.16 -2.59 36.26
CA ASP D 459 -7.94 -1.56 37.31
C ASP D 459 -9.11 -0.54 37.30
N ASP D 460 -9.93 -0.51 36.25
CA ASP D 460 -11.08 0.41 36.13
C ASP D 460 -12.27 -0.07 36.99
N PHE D 461 -12.21 -1.28 37.53
CA PHE D 461 -13.33 -1.96 38.22
C PHE D 461 -12.97 -2.23 39.69
N MET D 462 -14.00 -2.38 40.50
CA MET D 462 -13.88 -2.73 41.94
C MET D 462 -15.04 -3.64 42.29
N THR D 463 -14.86 -4.43 43.34
CA THR D 463 -15.88 -5.31 43.94
C THR D 463 -16.03 -4.85 45.40
N GLU D 464 -17.24 -4.39 45.78
CA GLU D 464 -17.58 -4.07 47.18
C GLU D 464 -18.18 -5.29 47.86
N SER D 465 -17.99 -5.39 49.16
CA SER D 465 -18.67 -6.35 50.07
C SER D 465 -19.57 -5.52 50.98
N VAL D 466 -20.88 -5.70 50.86
CA VAL D 466 -21.87 -5.02 51.73
C VAL D 466 -22.71 -6.12 52.40
N PHE D 467 -23.38 -5.72 53.47
CA PHE D 467 -24.36 -6.56 54.22
C PHE D 467 -25.68 -5.79 54.25
N TYR D 468 -26.78 -6.47 53.95
CA TYR D 468 -28.15 -5.87 53.94
C TYR D 468 -29.08 -6.77 54.73
N PRO D 469 -30.09 -6.19 55.43
CA PRO D 469 -31.10 -6.98 56.12
C PRO D 469 -32.18 -7.48 55.14
N SER D 470 -32.52 -8.77 55.22
CA SER D 470 -33.66 -9.37 54.50
C SER D 470 -34.94 -9.04 55.28
N LYS D 471 -36.10 -9.38 54.72
CA LYS D 471 -37.44 -9.09 55.32
C LYS D 471 -37.45 -9.52 56.79
N ASP D 472 -36.90 -10.70 57.13
CA ASP D 472 -36.96 -11.29 58.50
C ASP D 472 -35.80 -10.78 59.36
N GLY D 473 -34.99 -9.84 58.85
CA GLY D 473 -33.93 -9.18 59.62
C GLY D 473 -32.57 -9.87 59.47
N THR D 474 -32.53 -11.02 58.79
CA THR D 474 -31.27 -11.78 58.55
C THR D 474 -30.32 -10.92 57.73
N SER D 475 -29.05 -10.85 58.17
CA SER D 475 -27.98 -10.11 57.47
C SER D 475 -27.47 -10.97 56.31
N VAL D 476 -27.52 -10.44 55.10
CA VAL D 476 -27.11 -11.16 53.85
C VAL D 476 -25.91 -10.40 53.28
N HIS D 477 -24.86 -11.13 52.90
CA HIS D 477 -23.68 -10.57 52.21
C HIS D 477 -24.02 -10.37 50.74
N MET D 478 -23.47 -9.32 50.13
CA MET D 478 -23.62 -9.08 48.68
C MET D 478 -22.31 -8.51 48.12
N PHE D 479 -21.88 -9.09 47.00
CA PHE D 479 -20.79 -8.56 46.15
C PHE D 479 -21.40 -7.58 45.16
N ILE D 480 -20.77 -6.42 44.99
CA ILE D 480 -21.18 -5.41 43.97
C ILE D 480 -19.94 -5.05 43.15
N THR D 481 -19.89 -5.47 41.89
CA THR D 481 -18.81 -5.14 40.93
C THR D 481 -19.28 -3.98 40.04
N ARG D 482 -18.44 -2.96 39.88
CA ARG D 482 -18.79 -1.72 39.16
C ARG D 482 -17.52 -1.02 38.68
N PRO D 483 -17.63 -0.12 37.70
CA PRO D 483 -16.55 0.80 37.37
C PRO D 483 -16.34 1.71 38.58
N LYS D 484 -15.09 1.98 38.92
CA LYS D 484 -14.70 2.86 40.05
C LYS D 484 -15.29 4.26 39.86
N ASP D 485 -15.44 4.71 38.61
CA ASP D 485 -15.86 6.10 38.27
C ASP D 485 -17.38 6.21 38.09
N VAL D 486 -18.15 5.12 38.27
CA VAL D 486 -19.64 5.22 38.25
C VAL D 486 -20.06 5.87 39.57
N LEU D 487 -20.96 6.87 39.50
CA LEU D 487 -21.46 7.61 40.67
C LEU D 487 -22.60 6.81 41.30
N LEU D 488 -22.62 6.77 42.64
CA LEU D 488 -23.74 6.22 43.42
C LEU D 488 -24.79 7.32 43.65
N ASP D 489 -25.49 7.72 42.59
CA ASP D 489 -26.48 8.82 42.59
C ASP D 489 -27.85 8.27 42.16
N GLY D 490 -28.04 6.95 42.22
CA GLY D 490 -29.32 6.29 41.97
C GLY D 490 -29.74 6.32 40.50
N THR D 491 -28.77 6.30 39.57
CA THR D 491 -29.03 6.36 38.11
C THR D 491 -28.56 5.08 37.38
N SER D 492 -27.62 4.33 37.97
CA SER D 492 -26.95 3.19 37.30
C SER D 492 -27.94 2.05 37.07
N PRO D 493 -27.88 1.37 35.91
CA PRO D 493 -28.54 0.08 35.74
C PRO D 493 -27.85 -0.99 36.61
N VAL D 494 -28.58 -2.06 36.93
CA VAL D 494 -28.10 -3.25 37.70
C VAL D 494 -28.37 -4.50 36.89
N LEU D 495 -27.37 -5.38 36.78
CA LEU D 495 -27.57 -6.81 36.45
C LEU D 495 -27.33 -7.59 37.75
N GLN D 496 -28.40 -8.18 38.29
CA GLN D 496 -28.39 -8.89 39.59
C GLN D 496 -28.62 -10.38 39.35
N TYR D 497 -27.62 -11.20 39.68
CA TYR D 497 -27.58 -12.66 39.42
C TYR D 497 -27.73 -13.39 40.75
N GLY D 498 -28.58 -14.42 40.77
CA GLY D 498 -28.81 -15.24 41.99
C GLY D 498 -29.03 -16.69 41.62
N TYR D 499 -28.91 -17.56 42.60
CA TYR D 499 -29.19 -19.01 42.48
C TYR D 499 -30.06 -19.38 43.68
N GLY D 500 -29.45 -19.50 44.86
CA GLY D 500 -30.14 -19.77 46.13
C GLY D 500 -30.62 -21.21 46.22
N GLY D 501 -29.72 -22.15 46.52
CA GLY D 501 -30.12 -23.55 46.71
C GLY D 501 -28.98 -24.54 46.60
N PHE D 502 -29.25 -25.78 47.05
CA PHE D 502 -28.43 -26.98 46.81
C PHE D 502 -27.03 -26.80 47.39
N SER D 503 -26.88 -25.94 48.41
CA SER D 503 -25.60 -25.68 49.10
C SER D 503 -24.57 -25.17 48.08
N LEU D 504 -25.00 -24.56 46.98
CA LEU D 504 -24.10 -24.00 45.94
C LEU D 504 -23.82 -22.54 46.27
N ALA D 505 -22.58 -22.20 46.59
CA ALA D 505 -22.14 -20.82 46.91
C ALA D 505 -21.98 -20.02 45.61
N MET D 506 -22.39 -18.75 45.61
CA MET D 506 -22.09 -17.81 44.50
C MET D 506 -20.76 -17.12 44.87
N LEU D 507 -19.67 -17.67 44.38
CA LEU D 507 -18.28 -17.26 44.69
C LEU D 507 -17.89 -16.14 43.74
N PRO D 508 -16.90 -15.30 44.10
CA PRO D 508 -16.26 -14.43 43.14
C PRO D 508 -15.78 -15.32 41.97
N THR D 509 -16.26 -14.97 40.78
CA THR D 509 -16.12 -15.79 39.55
C THR D 509 -15.84 -14.82 38.42
N PHE D 510 -14.89 -15.14 37.55
CA PHE D 510 -14.53 -14.20 36.46
C PHE D 510 -15.45 -14.43 35.27
N SER D 511 -16.11 -13.35 34.81
CA SER D 511 -16.80 -13.31 33.51
C SER D 511 -16.44 -12.00 32.83
N LEU D 512 -15.72 -12.08 31.71
CA LEU D 512 -15.39 -10.90 30.90
C LEU D 512 -16.69 -10.19 30.50
N SER D 513 -17.70 -10.96 30.10
CA SER D 513 -18.99 -10.42 29.59
C SER D 513 -19.59 -9.45 30.61
N THR D 514 -19.63 -9.85 31.88
CA THR D 514 -20.21 -9.06 32.98
C THR D 514 -19.49 -7.72 33.14
N LEU D 515 -18.16 -7.72 33.04
CA LEU D 515 -17.35 -6.47 33.15
C LEU D 515 -17.63 -5.58 31.94
N LEU D 516 -17.79 -6.15 30.74
CA LEU D 516 -18.17 -5.38 29.52
C LEU D 516 -19.57 -4.78 29.72
N PHE D 517 -20.48 -5.51 30.34
CA PHE D 517 -21.84 -4.99 30.67
C PHE D 517 -21.67 -3.75 31.55
N CYS D 518 -20.85 -3.86 32.60
CA CYS D 518 -20.59 -2.77 33.57
C CYS D 518 -19.99 -1.55 32.85
N LYS D 519 -19.02 -1.78 31.96
CA LYS D 519 -18.29 -0.70 31.24
C LYS D 519 -19.24 -0.01 30.24
N ILE D 520 -19.87 -0.81 29.37
CA ILE D 520 -20.66 -0.32 28.20
C ILE D 520 -21.93 0.38 28.70
N TYR D 521 -22.55 -0.05 29.80
CA TYR D 521 -23.82 0.54 30.30
C TYR D 521 -23.60 1.30 31.60
N ARG D 522 -22.35 1.48 32.04
CA ARG D 522 -22.04 2.25 33.29
C ARG D 522 -22.86 1.62 34.41
N ALA D 523 -22.84 0.29 34.49
CA ALA D 523 -23.78 -0.52 35.30
C ALA D 523 -23.05 -1.21 36.43
N ILE D 524 -23.82 -1.69 37.41
CA ILE D 524 -23.33 -2.50 38.55
C ILE D 524 -23.77 -3.95 38.35
N TYR D 525 -22.91 -4.88 38.77
CA TYR D 525 -23.15 -6.34 38.75
C TYR D 525 -23.23 -6.81 40.20
N ALA D 526 -24.43 -7.19 40.64
CA ALA D 526 -24.74 -7.51 42.05
C ALA D 526 -24.92 -9.02 42.20
N ILE D 527 -24.26 -9.60 43.19
CA ILE D 527 -24.33 -11.04 43.58
C ILE D 527 -24.67 -11.09 45.05
N PRO D 528 -25.97 -11.08 45.41
CA PRO D 528 -26.38 -11.27 46.79
C PRO D 528 -26.25 -12.77 47.12
N ASN D 529 -25.56 -13.07 48.24
CA ASN D 529 -25.28 -14.45 48.71
C ASN D 529 -26.49 -14.90 49.52
N ILE D 530 -27.61 -15.07 48.82
CA ILE D 530 -28.94 -15.35 49.44
C ILE D 530 -28.92 -16.76 50.04
N ARG D 531 -29.86 -17.02 50.95
CA ARG D 531 -30.01 -18.35 51.58
C ARG D 531 -30.26 -19.41 50.50
N GLY D 532 -30.01 -20.67 50.84
CA GLY D 532 -30.03 -21.79 49.89
C GLY D 532 -28.61 -22.22 49.53
N GLY D 533 -27.66 -21.29 49.53
CA GLY D 533 -26.23 -21.58 49.25
C GLY D 533 -25.50 -22.05 50.49
N SER D 534 -24.20 -22.32 50.37
CA SER D 534 -23.34 -22.77 51.49
C SER D 534 -22.44 -21.64 51.97
N GLU D 535 -22.66 -20.38 51.54
CA GLU D 535 -21.75 -19.25 51.85
C GLU D 535 -21.50 -19.16 53.37
N TYR D 536 -22.53 -19.34 54.21
CA TYR D 536 -22.38 -19.29 55.69
C TYR D 536 -22.61 -20.68 56.27
N GLY D 537 -22.12 -21.70 55.59
CA GLY D 537 -22.18 -23.11 56.06
C GLY D 537 -23.47 -23.77 55.62
N GLU D 538 -23.64 -25.04 55.95
CA GLU D 538 -24.80 -25.85 55.56
C GLU D 538 -26.10 -25.25 56.14
N SER D 539 -26.05 -24.60 57.30
CA SER D 539 -27.23 -23.95 57.92
C SER D 539 -27.81 -22.86 57.00
N TRP D 540 -26.96 -22.26 56.16
CA TRP D 540 -27.40 -21.22 55.17
C TRP D 540 -28.29 -21.87 54.11
N HIS D 541 -27.98 -23.12 53.73
CA HIS D 541 -28.80 -23.96 52.82
C HIS D 541 -30.14 -24.31 53.48
N ARG D 542 -30.07 -24.80 54.73
CA ARG D 542 -31.27 -25.29 55.46
C ARG D 542 -32.28 -24.13 55.62
N GLU D 543 -31.81 -22.88 55.73
CA GLU D 543 -32.69 -21.70 55.92
C GLU D 543 -33.31 -21.22 54.59
N GLY D 544 -33.00 -21.90 53.47
CA GLY D 544 -33.45 -21.51 52.12
C GLY D 544 -33.93 -22.69 51.31
N MET D 545 -34.58 -23.67 51.95
CA MET D 545 -35.10 -24.88 51.25
C MET D 545 -36.45 -25.30 51.83
N LEU D 546 -37.17 -26.18 51.13
CA LEU D 546 -38.48 -26.76 51.55
C LEU D 546 -39.45 -25.61 51.87
N ASP D 547 -40.04 -25.59 53.07
CA ASP D 547 -41.02 -24.56 53.50
C ASP D 547 -40.34 -23.20 53.67
N LYS D 548 -39.01 -23.11 53.58
CA LYS D 548 -38.27 -21.81 53.74
C LYS D 548 -37.67 -21.37 52.40
N LYS D 549 -38.04 -22.02 51.29
CA LYS D 549 -37.63 -21.55 49.94
C LYS D 549 -38.01 -20.07 49.76
N GLN D 550 -39.15 -19.62 50.31
CA GLN D 550 -39.63 -18.21 50.18
C GLN D 550 -38.54 -17.27 50.71
N ASN D 551 -37.74 -17.68 51.70
CA ASN D 551 -36.62 -16.85 52.26
C ASN D 551 -35.66 -16.44 51.13
N VAL D 552 -35.42 -17.34 50.18
CA VAL D 552 -34.49 -17.13 49.04
C VAL D 552 -35.00 -15.96 48.21
N PHE D 553 -36.28 -15.97 47.86
CA PHE D 553 -36.93 -14.91 47.03
C PHE D 553 -36.90 -13.61 47.82
N ASP D 554 -37.21 -13.66 49.12
CA ASP D 554 -37.24 -12.47 50.01
C ASP D 554 -35.83 -11.87 50.08
N ASP D 555 -34.80 -12.70 50.20
CA ASP D 555 -33.39 -12.23 50.24
C ASP D 555 -33.09 -11.48 48.94
N PHE D 556 -33.50 -12.02 47.79
CA PHE D 556 -33.17 -11.48 46.46
C PHE D 556 -33.89 -10.13 46.25
N ASN D 557 -35.18 -10.08 46.60
CA ASN D 557 -36.03 -8.86 46.52
C ASN D 557 -35.41 -7.78 47.40
N ALA D 558 -35.03 -8.11 48.64
CA ALA D 558 -34.46 -7.16 49.61
C ALA D 558 -33.13 -6.61 49.09
N ALA D 559 -32.36 -7.42 48.35
CA ALA D 559 -31.09 -6.97 47.70
C ALA D 559 -31.41 -5.84 46.73
N THR D 560 -32.40 -6.03 45.86
CA THR D 560 -32.83 -5.00 44.87
C THR D 560 -33.27 -3.73 45.61
N GLU D 561 -34.11 -3.87 46.63
CA GLU D 561 -34.64 -2.70 47.39
C GLU D 561 -33.48 -1.96 48.06
N TRP D 562 -32.49 -2.70 48.55
CA TRP D 562 -31.29 -2.10 49.22
C TRP D 562 -30.48 -1.31 48.18
N LEU D 563 -30.24 -1.86 47.00
CA LEU D 563 -29.47 -1.21 45.91
C LEU D 563 -30.14 0.11 45.53
N ILE D 564 -31.46 0.14 45.44
CA ILE D 564 -32.25 1.37 45.11
C ILE D 564 -32.14 2.36 46.27
N ALA D 565 -32.37 1.92 47.49
CA ALA D 565 -32.44 2.78 48.71
C ALA D 565 -31.09 3.44 48.99
N ASN D 566 -29.98 2.76 48.67
CA ASN D 566 -28.60 3.25 48.95
C ASN D 566 -27.99 3.87 47.69
N LYS D 567 -28.81 4.08 46.66
CA LYS D 567 -28.50 4.88 45.44
C LYS D 567 -27.40 4.22 44.62
N TYR D 568 -27.25 2.90 44.72
CA TYR D 568 -26.40 2.12 43.78
C TYR D 568 -27.11 2.06 42.42
N ALA D 569 -28.44 2.02 42.40
CA ALA D 569 -29.23 1.66 41.20
C ALA D 569 -30.49 2.52 41.07
N SER D 570 -30.87 2.84 39.83
CA SER D 570 -32.20 3.42 39.47
C SER D 570 -33.28 2.36 39.68
N LYS D 571 -34.38 2.72 40.35
CA LYS D 571 -35.60 1.89 40.51
C LYS D 571 -36.10 1.41 39.13
N ASP D 572 -35.76 2.09 38.03
CA ASP D 572 -36.31 1.79 36.69
C ASP D 572 -35.37 0.91 35.86
N ARG D 573 -34.19 0.52 36.39
N ARG D 573 -34.19 0.52 36.39
CA ARG D 573 -33.18 -0.18 35.56
CA ARG D 573 -33.17 -0.17 35.55
C ARG D 573 -32.62 -1.40 36.28
C ARG D 573 -32.62 -1.40 36.29
N ILE D 574 -33.48 -2.19 36.94
CA ILE D 574 -33.07 -3.47 37.59
C ILE D 574 -33.30 -4.60 36.60
N ALA D 575 -32.23 -5.27 36.16
CA ALA D 575 -32.29 -6.54 35.42
C ALA D 575 -31.89 -7.69 36.36
N ILE D 576 -32.65 -8.78 36.39
CA ILE D 576 -32.30 -9.98 37.19
C ILE D 576 -32.06 -11.18 36.27
N ARG D 577 -31.23 -12.10 36.74
CA ARG D 577 -30.67 -13.22 35.96
C ARG D 577 -30.58 -14.45 36.88
N GLY D 578 -30.89 -15.63 36.34
CA GLY D 578 -30.80 -16.90 37.05
C GLY D 578 -30.92 -18.06 36.11
N GLY D 579 -30.33 -19.20 36.48
CA GLY D 579 -30.33 -20.42 35.65
C GLY D 579 -30.68 -21.65 36.48
N ALA D 580 -31.52 -22.55 35.93
CA ALA D 580 -31.89 -23.84 36.53
C ALA D 580 -32.65 -23.56 37.83
N ASN D 581 -32.13 -23.91 39.00
CA ASN D 581 -32.74 -23.52 40.29
C ASN D 581 -32.84 -22.00 40.39
N GLY D 582 -31.91 -21.28 39.77
CA GLY D 582 -31.95 -19.80 39.67
C GLY D 582 -33.13 -19.30 38.86
N GLY D 583 -33.68 -20.13 37.97
CA GLY D 583 -34.92 -19.85 37.21
C GLY D 583 -36.15 -19.91 38.10
N VAL D 584 -36.12 -20.69 39.18
CA VAL D 584 -37.21 -20.66 40.19
C VAL D 584 -37.20 -19.25 40.79
N LEU D 585 -36.00 -18.76 41.11
CA LEU D 585 -35.77 -17.43 41.73
C LEU D 585 -36.29 -16.31 40.81
N THR D 586 -35.90 -16.31 39.53
CA THR D 586 -36.23 -15.20 38.60
C THR D 586 -37.73 -15.19 38.33
N THR D 587 -38.33 -16.35 38.08
CA THR D 587 -39.78 -16.46 37.76
C THR D 587 -40.61 -16.15 39.00
N ALA D 588 -40.21 -16.62 40.20
CA ALA D 588 -40.95 -16.33 41.45
C ALA D 588 -40.90 -14.82 41.76
N CYS D 589 -39.71 -14.20 41.69
CA CYS D 589 -39.53 -12.76 42.00
C CYS D 589 -40.31 -11.90 41.00
N ALA D 590 -40.33 -12.28 39.71
CA ALA D 590 -41.10 -11.59 38.65
C ALA D 590 -42.59 -11.64 39.00
N ASN D 591 -43.07 -12.80 39.47
CA ASN D 591 -44.50 -12.98 39.87
C ASN D 591 -44.82 -12.15 41.12
N GLN D 592 -43.92 -12.11 42.10
CA GLN D 592 -44.26 -11.57 43.46
C GLN D 592 -44.01 -10.05 43.53
N ALA D 593 -43.16 -9.49 42.67
CA ALA D 593 -42.81 -8.05 42.68
C ALA D 593 -42.49 -7.61 41.26
N PRO D 594 -43.47 -7.73 40.33
CA PRO D 594 -43.20 -7.41 38.92
C PRO D 594 -42.74 -5.95 38.74
N GLY D 595 -43.19 -5.06 39.61
CA GLY D 595 -42.88 -3.62 39.59
C GLY D 595 -41.44 -3.28 39.93
N LEU D 596 -40.71 -4.18 40.62
CA LEU D 596 -39.29 -3.93 41.01
C LEU D 596 -38.38 -4.05 39.79
N TYR D 597 -38.73 -4.93 38.86
CA TYR D 597 -37.81 -5.45 37.83
C TYR D 597 -38.20 -4.88 36.48
N ARG D 598 -37.20 -4.51 35.69
CA ARG D 598 -37.39 -3.98 34.32
C ARG D 598 -36.99 -5.04 33.29
N CYS D 599 -36.23 -6.06 33.68
CA CYS D 599 -35.85 -7.15 32.74
C CYS D 599 -35.49 -8.39 33.55
N VAL D 600 -35.95 -9.56 33.08
CA VAL D 600 -35.76 -10.86 33.76
C VAL D 600 -35.19 -11.83 32.73
N ILE D 601 -33.98 -12.33 33.00
CA ILE D 601 -33.27 -13.35 32.19
C ILE D 601 -33.34 -14.69 32.93
N THR D 602 -33.94 -15.70 32.30
CA THR D 602 -34.07 -17.07 32.87
C THR D 602 -33.35 -18.03 31.92
N ILE D 603 -32.38 -18.79 32.44
CA ILE D 603 -31.58 -19.78 31.67
C ILE D 603 -32.01 -21.18 32.14
N GLU D 604 -32.51 -22.03 31.23
CA GLU D 604 -32.87 -23.43 31.53
C GLU D 604 -33.62 -23.49 32.86
N GLY D 605 -34.68 -22.69 33.01
CA GLY D 605 -35.37 -22.50 34.29
C GLY D 605 -36.13 -23.74 34.74
N ILE D 606 -36.12 -24.02 36.04
CA ILE D 606 -37.11 -24.88 36.74
C ILE D 606 -38.24 -23.95 37.16
N ILE D 607 -39.47 -24.23 36.72
CA ILE D 607 -40.61 -23.26 36.84
C ILE D 607 -41.88 -23.97 37.31
N ASP D 608 -42.21 -25.15 36.75
CA ASP D 608 -43.37 -25.95 37.23
C ASP D 608 -42.92 -26.75 38.47
N MET D 609 -43.23 -26.25 39.66
CA MET D 609 -42.76 -26.86 40.94
C MET D 609 -43.72 -27.98 41.40
N LEU D 610 -44.76 -28.30 40.61
CA LEU D 610 -45.64 -29.46 40.89
C LEU D 610 -45.22 -30.65 40.03
N ARG D 611 -44.78 -30.43 38.79
CA ARG D 611 -44.55 -31.51 37.80
C ARG D 611 -43.07 -31.89 37.73
N PHE D 612 -42.18 -31.16 38.40
CA PHE D 612 -40.71 -31.32 38.22
C PHE D 612 -40.28 -32.76 38.46
N PRO D 613 -40.83 -33.55 39.43
CA PRO D 613 -40.36 -34.92 39.66
C PRO D 613 -40.55 -35.91 38.51
N LYS D 614 -41.43 -35.60 37.56
CA LYS D 614 -41.86 -36.57 36.50
C LYS D 614 -40.86 -36.61 35.36
N PHE D 615 -39.84 -35.75 35.35
CA PHE D 615 -38.94 -35.57 34.18
C PHE D 615 -37.47 -35.69 34.57
N THR D 616 -36.71 -36.41 33.73
CA THR D 616 -35.25 -36.72 33.84
C THR D 616 -34.82 -36.81 35.31
N PHE D 617 -34.09 -35.82 35.82
CA PHE D 617 -33.41 -35.87 37.14
C PHE D 617 -34.24 -35.12 38.19
N GLY D 618 -35.44 -34.68 37.84
CA GLY D 618 -36.26 -33.80 38.69
C GLY D 618 -36.62 -34.42 40.03
N ALA D 619 -36.87 -35.73 40.09
CA ALA D 619 -37.30 -36.43 41.32
C ALA D 619 -36.27 -36.19 42.43
N SER D 620 -34.99 -36.13 42.07
CA SER D 620 -33.88 -35.90 43.03
C SER D 620 -34.04 -34.53 43.73
N TRP D 621 -34.72 -33.56 43.10
CA TRP D 621 -34.88 -32.18 43.66
C TRP D 621 -35.91 -32.14 44.79
N ARG D 622 -36.63 -33.24 45.05
CA ARG D 622 -37.66 -33.30 46.11
C ARG D 622 -37.04 -33.04 47.50
N SER D 623 -35.76 -33.35 47.71
CA SER D 623 -35.06 -33.07 48.99
C SER D 623 -34.93 -31.55 49.17
N GLU D 624 -34.89 -30.79 48.08
CA GLU D 624 -34.70 -29.31 48.10
C GLU D 624 -36.05 -28.57 48.17
N TYR D 625 -36.97 -28.89 47.26
CA TYR D 625 -38.24 -28.15 47.06
C TYR D 625 -39.37 -28.75 47.89
N GLY D 626 -39.28 -30.04 48.20
CA GLY D 626 -40.36 -30.82 48.81
C GLY D 626 -40.97 -31.74 47.78
N ASP D 627 -41.88 -32.60 48.22
CA ASP D 627 -42.59 -33.56 47.34
C ASP D 627 -43.96 -32.99 47.05
N PRO D 628 -44.24 -32.54 45.81
CA PRO D 628 -45.55 -31.96 45.49
C PRO D 628 -46.72 -32.94 45.69
N GLU D 629 -46.46 -34.25 45.70
CA GLU D 629 -47.48 -35.32 45.92
C GLU D 629 -47.62 -35.63 47.42
N ASP D 630 -46.92 -34.92 48.30
CA ASP D 630 -47.16 -34.98 49.77
C ASP D 630 -48.09 -33.82 50.12
N PRO D 631 -49.15 -34.06 50.92
CA PRO D 631 -50.14 -33.02 51.21
C PRO D 631 -49.59 -31.76 51.92
N GLU D 632 -48.67 -31.95 52.88
CA GLU D 632 -48.05 -30.82 53.64
C GLU D 632 -47.16 -29.98 52.70
N ASP D 633 -46.32 -30.67 51.94
CA ASP D 633 -45.37 -30.05 50.99
C ASP D 633 -46.13 -29.31 49.90
N PHE D 634 -47.21 -29.90 49.39
CA PHE D 634 -48.03 -29.29 48.31
C PHE D 634 -48.35 -27.83 48.66
N ASP D 635 -48.82 -27.59 49.89
CA ASP D 635 -49.36 -26.25 50.29
C ASP D 635 -48.26 -25.20 50.19
N PHE D 636 -47.05 -25.47 50.71
CA PHE D 636 -45.98 -24.43 50.71
C PHE D 636 -45.38 -24.33 49.29
N ILE D 637 -45.33 -25.41 48.51
CA ILE D 637 -44.81 -25.37 47.11
C ILE D 637 -45.79 -24.55 46.25
N PHE D 638 -47.09 -24.83 46.36
CA PHE D 638 -48.14 -24.22 45.52
C PHE D 638 -48.17 -22.70 45.73
N LYS D 639 -47.84 -22.21 46.94
CA LYS D 639 -47.82 -20.76 47.26
C LYS D 639 -46.87 -20.00 46.33
N TYR D 640 -45.72 -20.57 45.93
CA TYR D 640 -44.71 -19.83 45.13
C TYR D 640 -44.54 -20.44 43.73
N SER D 641 -44.89 -21.70 43.49
CA SER D 641 -44.66 -22.39 42.19
C SER D 641 -44.88 -21.38 41.07
N PRO D 642 -43.82 -20.84 40.44
CA PRO D 642 -43.98 -19.72 39.53
C PRO D 642 -44.95 -20.00 38.38
N TYR D 643 -45.00 -21.22 37.85
CA TYR D 643 -45.93 -21.60 36.75
C TYR D 643 -47.39 -21.40 37.18
N HIS D 644 -47.68 -21.48 38.48
CA HIS D 644 -49.06 -21.46 39.04
C HIS D 644 -49.38 -20.13 39.71
N ASN D 645 -48.49 -19.13 39.63
CA ASN D 645 -48.68 -17.85 40.35
C ASN D 645 -48.40 -16.67 39.41
N ILE D 646 -48.52 -16.84 38.08
CA ILE D 646 -48.43 -15.68 37.15
C ILE D 646 -49.53 -14.71 37.57
N PRO D 647 -49.25 -13.40 37.76
CA PRO D 647 -50.26 -12.45 38.22
C PRO D 647 -51.43 -12.32 37.24
N PRO D 648 -52.65 -12.05 37.77
CA PRO D 648 -53.87 -12.11 36.96
C PRO D 648 -53.77 -11.19 35.75
N PRO D 649 -54.34 -11.57 34.58
CA PRO D 649 -54.38 -10.67 33.42
C PRO D 649 -55.19 -9.37 33.69
N GLY D 650 -54.85 -8.25 33.07
CA GLY D 650 -55.27 -6.92 33.51
C GLY D 650 -54.11 -5.95 33.46
N ASP D 651 -54.00 -5.02 34.41
CA ASP D 651 -53.07 -3.88 34.27
C ASP D 651 -51.69 -4.25 34.85
N THR D 652 -51.48 -5.44 35.44
CA THR D 652 -50.11 -5.84 35.87
C THR D 652 -49.20 -5.50 34.69
N VAL D 653 -48.10 -4.79 34.98
CA VAL D 653 -47.01 -4.61 33.99
C VAL D 653 -45.92 -5.62 34.32
N MET D 654 -45.88 -6.70 33.54
CA MET D 654 -44.82 -7.75 33.65
C MET D 654 -43.57 -7.12 33.11
N PRO D 655 -42.38 -7.32 33.74
CA PRO D 655 -41.14 -6.89 33.13
C PRO D 655 -40.94 -7.62 31.81
N ALA D 656 -40.10 -7.10 30.92
CA ALA D 656 -39.61 -7.82 29.74
C ALA D 656 -38.91 -9.09 30.24
N MET D 657 -39.14 -10.22 29.55
CA MET D 657 -38.62 -11.52 30.01
C MET D 657 -38.01 -12.26 28.81
N LEU D 658 -36.78 -12.76 28.99
CA LEU D 658 -36.12 -13.58 27.96
C LEU D 658 -35.75 -14.92 28.60
N PHE D 659 -36.25 -16.00 28.02
CA PHE D 659 -36.01 -17.39 28.48
C PHE D 659 -35.08 -18.06 27.47
N PHE D 660 -33.94 -18.54 27.96
CA PHE D 660 -32.96 -19.36 27.19
C PHE D 660 -33.26 -20.83 27.48
N THR D 661 -33.32 -21.66 26.45
CA THR D 661 -33.41 -23.13 26.58
C THR D 661 -32.99 -23.78 25.27
N ALA D 662 -32.51 -25.02 25.33
CA ALA D 662 -32.37 -25.93 24.17
C ALA D 662 -33.74 -26.59 23.92
N ALA D 663 -33.95 -27.16 22.73
CA ALA D 663 -35.16 -27.96 22.42
C ALA D 663 -35.09 -29.31 23.14
N TYR D 664 -33.86 -29.86 23.30
CA TYR D 664 -33.56 -31.07 24.11
C TYR D 664 -32.55 -30.68 25.20
N ASP D 665 -32.87 -31.00 26.46
CA ASP D 665 -31.99 -30.76 27.62
C ASP D 665 -32.37 -31.76 28.71
N ASP D 666 -31.41 -32.61 29.11
CA ASP D 666 -31.59 -33.67 30.15
C ASP D 666 -31.55 -33.04 31.54
N ARG D 667 -30.73 -32.00 31.72
CA ARG D 667 -30.45 -31.38 33.05
C ARG D 667 -31.74 -30.73 33.58
N VAL D 668 -32.37 -29.86 32.79
CA VAL D 668 -33.72 -29.29 33.08
C VAL D 668 -34.57 -29.44 31.81
N SER D 669 -35.64 -30.23 31.87
CA SER D 669 -36.56 -30.46 30.74
C SER D 669 -37.07 -29.12 30.24
N PRO D 670 -36.93 -28.83 28.93
CA PRO D 670 -37.37 -27.55 28.37
C PRO D 670 -38.86 -27.25 28.57
N LEU D 671 -39.68 -28.26 28.87
CA LEU D 671 -41.14 -28.10 29.10
C LEU D 671 -41.38 -27.01 30.16
N HIS D 672 -40.48 -26.85 31.14
CA HIS D 672 -40.61 -25.81 32.19
C HIS D 672 -40.74 -24.43 31.51
N THR D 673 -39.80 -24.13 30.62
CA THR D 673 -39.76 -22.87 29.84
C THR D 673 -40.96 -22.82 28.87
N PHE D 674 -41.18 -23.88 28.10
CA PHE D 674 -42.24 -23.96 27.06
C PHE D 674 -43.58 -23.51 27.66
N LYS D 675 -43.97 -24.15 28.76
CA LYS D 675 -45.32 -23.96 29.37
C LYS D 675 -45.39 -22.55 29.98
N HIS D 676 -44.36 -22.09 30.69
CA HIS D 676 -44.39 -20.78 31.38
C HIS D 676 -44.45 -19.64 30.35
N VAL D 677 -43.70 -19.78 29.24
CA VAL D 677 -43.70 -18.77 28.14
C VAL D 677 -45.10 -18.74 27.52
N ALA D 678 -45.69 -19.91 27.24
CA ALA D 678 -47.09 -20.02 26.71
C ALA D 678 -48.05 -19.29 27.66
N ALA D 679 -47.99 -19.58 28.96
CA ALA D 679 -48.92 -19.05 29.97
C ALA D 679 -48.73 -17.53 30.12
N LEU D 680 -47.48 -17.04 30.11
CA LEU D 680 -47.21 -15.58 30.22
C LEU D 680 -47.80 -14.87 29.00
N GLN D 681 -47.55 -15.41 27.79
CA GLN D 681 -48.01 -14.82 26.51
C GLN D 681 -49.54 -14.85 26.45
N HIS D 682 -50.18 -15.90 26.99
CA HIS D 682 -51.65 -16.04 27.03
C HIS D 682 -52.23 -14.99 27.97
N ASN D 683 -51.62 -14.79 29.14
CA ASN D 683 -52.14 -13.88 30.19
C ASN D 683 -51.95 -12.43 29.74
N PHE D 684 -50.83 -12.14 29.05
CA PHE D 684 -50.41 -10.77 28.68
C PHE D 684 -50.13 -10.72 27.18
N PRO D 685 -51.16 -10.93 26.32
CA PRO D 685 -50.94 -11.01 24.88
C PRO D 685 -50.49 -9.67 24.24
N LYS D 686 -50.71 -8.53 24.92
CA LYS D 686 -50.30 -7.19 24.41
C LYS D 686 -49.07 -6.65 25.16
N GLY D 687 -48.38 -7.46 25.94
CA GLY D 687 -47.21 -6.98 26.71
C GLY D 687 -47.65 -6.11 27.90
N PRO D 688 -47.22 -4.85 28.04
CA PRO D 688 -46.47 -4.11 26.99
C PRO D 688 -45.02 -4.56 26.74
N ASN D 689 -44.44 -5.34 27.66
CA ASN D 689 -43.04 -5.80 27.56
C ASN D 689 -43.03 -7.24 27.04
N PRO D 690 -42.22 -7.54 26.01
CA PRO D 690 -42.25 -8.86 25.39
C PRO D 690 -41.70 -9.96 26.31
N CYS D 691 -42.29 -11.14 26.16
CA CYS D 691 -41.87 -12.41 26.79
C CYS D 691 -41.43 -13.36 25.69
N LEU D 692 -40.11 -13.61 25.59
CA LEU D 692 -39.50 -14.29 24.43
C LEU D 692 -38.83 -15.59 24.88
N MET D 693 -38.86 -16.58 24.00
CA MET D 693 -38.09 -17.84 24.20
C MET D 693 -37.00 -17.93 23.14
N ARG D 694 -35.75 -17.86 23.58
CA ARG D 694 -34.54 -17.91 22.73
C ARG D 694 -34.05 -19.37 22.73
N ILE D 695 -34.27 -20.08 21.61
CA ILE D 695 -34.06 -21.56 21.48
C ILE D 695 -32.78 -21.83 20.68
N ASP D 696 -31.88 -22.66 21.23
CA ASP D 696 -30.79 -23.35 20.49
C ASP D 696 -31.30 -24.73 20.04
N LEU D 697 -31.28 -25.01 18.74
CA LEU D 697 -31.70 -26.35 18.20
C LEU D 697 -30.54 -27.36 18.22
N ASN D 698 -29.32 -26.92 18.55
CA ASN D 698 -28.08 -27.74 18.65
C ASN D 698 -27.75 -28.10 20.11
N LYS D 705 -20.76 -26.23 25.45
CA LYS D 705 -21.27 -25.10 24.64
C LYS D 705 -20.09 -24.38 23.98
N SER D 706 -20.11 -24.26 22.65
CA SER D 706 -19.01 -23.60 21.87
C SER D 706 -18.88 -22.14 22.27
N THR D 707 -17.68 -21.57 22.15
CA THR D 707 -17.41 -20.13 22.41
C THR D 707 -18.40 -19.29 21.60
N GLN D 708 -18.62 -19.63 20.32
CA GLN D 708 -19.43 -18.80 19.39
C GLN D 708 -20.89 -18.81 19.87
N GLU D 709 -21.41 -19.94 20.35
CA GLU D 709 -22.81 -20.04 20.85
C GLU D 709 -22.94 -19.20 22.13
N MET D 710 -21.96 -19.27 23.03
CA MET D 710 -21.93 -18.50 24.30
C MET D 710 -21.98 -17.02 23.97
N LEU D 711 -21.23 -16.56 22.96
CA LEU D 711 -21.16 -15.12 22.59
C LEU D 711 -22.50 -14.68 22.02
N GLU D 712 -23.11 -15.49 21.14
CA GLU D 712 -24.42 -15.19 20.51
C GLU D 712 -25.50 -15.10 21.58
N GLU D 713 -25.50 -16.02 22.55
CA GLU D 713 -26.46 -16.03 23.68
C GLU D 713 -26.27 -14.75 24.52
N THR D 714 -25.02 -14.36 24.80
CA THR D 714 -24.70 -13.17 25.62
C THR D 714 -25.12 -11.90 24.87
N ALA D 715 -24.90 -11.85 23.56
CA ALA D 715 -25.27 -10.69 22.71
C ALA D 715 -26.79 -10.52 22.71
N ASP D 716 -27.53 -11.63 22.61
CA ASP D 716 -29.02 -11.64 22.74
C ASP D 716 -29.41 -11.12 24.11
N GLU D 717 -28.79 -11.63 25.17
CA GLU D 717 -29.14 -11.26 26.57
C GLU D 717 -28.87 -9.76 26.78
N TYR D 718 -27.69 -9.27 26.45
CA TYR D 718 -27.28 -7.88 26.79
C TYR D 718 -28.07 -6.88 25.92
N SER D 719 -28.27 -7.17 24.63
CA SER D 719 -29.02 -6.27 23.71
C SER D 719 -30.48 -6.20 24.17
N PHE D 720 -31.04 -7.32 24.60
CA PHE D 720 -32.42 -7.40 25.14
C PHE D 720 -32.50 -6.59 26.44
N ILE D 721 -31.52 -6.71 27.35
CA ILE D 721 -31.55 -5.91 28.61
C ILE D 721 -31.48 -4.42 28.25
N GLY D 722 -30.57 -4.07 27.32
CA GLY D 722 -30.37 -2.69 26.84
C GLY D 722 -31.67 -2.10 26.30
N LYS D 723 -32.35 -2.82 25.40
CA LYS D 723 -33.65 -2.41 24.81
C LYS D 723 -34.68 -2.28 25.93
N SER D 724 -34.81 -3.31 26.77
CA SER D 724 -35.86 -3.42 27.82
C SER D 724 -35.74 -2.27 28.83
N MET D 725 -34.54 -1.80 29.13
CA MET D 725 -34.31 -0.84 30.24
C MET D 725 -33.95 0.55 29.68
N GLY D 726 -34.01 0.73 28.36
CA GLY D 726 -33.76 2.03 27.67
C GLY D 726 -32.32 2.48 27.77
N LEU D 727 -31.36 1.55 27.66
CA LEU D 727 -29.91 1.86 27.83
C LEU D 727 -29.29 2.13 26.45
N THR D 728 -28.36 3.08 26.38
CA THR D 728 -27.49 3.33 25.21
C THR D 728 -26.09 2.74 25.50
N MET D 729 -25.50 2.06 24.53
CA MET D 729 -24.10 1.56 24.60
C MET D 729 -23.14 2.75 24.54
N GLN D 730 -22.21 2.87 25.50
CA GLN D 730 -21.19 3.95 25.58
C GLN D 730 -19.99 3.59 24.71
N SER E 2 -3.35 18.76 -23.64
CA SER E 2 -2.99 19.16 -22.24
C SER E 2 -1.56 19.75 -22.18
N PHE E 3 -1.17 20.18 -20.98
CA PHE E 3 0.08 20.88 -20.62
C PHE E 3 1.11 19.85 -20.15
N PRO E 4 2.33 19.78 -20.76
CA PRO E 4 3.34 18.81 -20.33
C PRO E 4 3.96 19.17 -18.97
N GLY E 5 4.25 18.16 -18.14
CA GLY E 5 4.60 18.31 -16.70
C GLY E 5 5.89 19.09 -16.49
N TRP E 6 6.79 19.09 -17.50
CA TRP E 6 8.13 19.73 -17.42
C TRP E 6 8.04 21.24 -17.76
N GLY E 7 6.96 21.67 -18.42
CA GLY E 7 6.76 23.08 -18.81
C GLY E 7 6.24 23.91 -17.63
N PRO E 8 6.03 25.23 -17.81
CA PRO E 8 6.36 25.92 -19.06
C PRO E 8 7.83 26.31 -19.16
N TYR E 9 8.27 26.67 -20.37
CA TYR E 9 9.62 27.22 -20.64
C TYR E 9 9.79 28.52 -19.86
N PRO E 10 11.03 28.86 -19.44
CA PRO E 10 11.30 30.19 -18.89
C PRO E 10 11.01 31.26 -19.94
N PRO E 11 10.50 32.44 -19.51
CA PRO E 11 10.17 33.50 -20.46
C PRO E 11 11.43 34.11 -21.07
N VAL E 12 11.37 34.51 -22.34
CA VAL E 12 12.44 35.24 -23.06
C VAL E 12 11.83 36.47 -23.71
N GLU E 13 12.32 37.65 -23.33
CA GLU E 13 11.93 38.96 -23.91
C GLU E 13 12.11 38.93 -25.42
N ARG E 14 11.14 39.48 -26.16
CA ARG E 14 11.22 39.63 -27.63
C ARG E 14 11.32 41.11 -27.96
N ASP E 15 12.14 41.47 -28.93
CA ASP E 15 12.12 42.81 -29.59
C ASP E 15 11.44 42.66 -30.95
N GLU E 16 10.15 42.97 -31.03
CA GLU E 16 9.32 42.74 -32.24
C GLU E 16 9.73 43.70 -33.37
N THR E 17 10.45 44.78 -33.05
CA THR E 17 10.84 45.86 -34.00
C THR E 17 12.23 45.59 -34.60
N SER E 18 13.04 44.72 -33.98
CA SER E 18 14.43 44.41 -34.43
C SER E 18 14.41 43.70 -35.79
N ALA E 19 15.02 44.31 -36.81
CA ALA E 19 15.11 43.73 -38.17
C ALA E 19 16.33 44.30 -38.90
N ILE E 20 16.87 43.53 -39.85
CA ILE E 20 17.97 43.93 -40.77
C ILE E 20 17.48 43.62 -42.18
N THR E 21 17.75 44.51 -43.13
CA THR E 21 17.44 44.30 -44.56
C THR E 21 18.72 43.82 -45.25
N TYR E 22 18.61 42.77 -46.06
CA TYR E 22 19.71 42.12 -46.79
C TYR E 22 19.43 42.26 -48.28
N SER E 23 20.45 42.60 -49.07
CA SER E 23 20.36 42.56 -50.54
C SER E 23 20.13 41.11 -50.97
N SER E 24 19.34 40.89 -52.02
CA SER E 24 18.95 39.57 -52.54
C SER E 24 18.91 39.63 -54.07
N LYS E 25 19.58 38.70 -54.74
CA LYS E 25 19.61 38.62 -56.22
C LYS E 25 18.20 38.36 -56.74
N LEU E 26 17.44 37.48 -56.07
CA LEU E 26 16.12 37.00 -56.56
C LEU E 26 15.02 38.01 -56.21
N HIS E 27 15.10 38.68 -55.05
CA HIS E 27 14.01 39.49 -54.46
C HIS E 27 14.37 40.99 -54.38
N GLY E 28 15.59 41.37 -54.75
CA GLY E 28 16.10 42.75 -54.60
C GLY E 28 16.55 43.00 -53.17
N SER E 29 15.62 43.00 -52.22
CA SER E 29 15.88 43.12 -50.75
C SER E 29 14.96 42.17 -49.99
N VAL E 30 15.41 41.70 -48.82
CA VAL E 30 14.61 40.87 -47.88
C VAL E 30 14.87 41.43 -46.48
N THR E 31 13.81 41.78 -45.77
CA THR E 31 13.87 42.27 -44.36
C THR E 31 13.69 41.04 -43.47
N VAL E 32 14.64 40.80 -42.58
CA VAL E 32 14.66 39.63 -41.66
C VAL E 32 14.44 40.18 -40.25
N ARG E 33 13.37 39.75 -39.60
CA ARG E 33 13.07 40.09 -38.19
C ARG E 33 13.99 39.22 -37.32
N ASP E 34 14.59 39.80 -36.28
CA ASP E 34 15.33 39.02 -35.26
C ASP E 34 14.83 39.45 -33.88
N PRO E 35 13.72 38.86 -33.39
CA PRO E 35 13.20 39.20 -32.06
C PRO E 35 14.14 38.94 -30.89
N TYR E 36 15.22 38.17 -31.08
CA TYR E 36 16.16 37.78 -29.99
C TYR E 36 17.53 38.43 -30.19
N SER E 37 17.61 39.51 -30.96
CA SER E 37 18.88 40.22 -31.27
C SER E 37 19.55 40.71 -29.97
N GLN E 38 18.81 41.00 -28.90
CA GLN E 38 19.39 41.42 -27.60
C GLN E 38 20.33 40.34 -27.06
N LEU E 39 20.09 39.07 -27.36
CA LEU E 39 20.92 37.94 -26.87
C LEU E 39 22.27 37.87 -27.60
N GLU E 40 22.50 38.75 -28.58
CA GLU E 40 23.82 38.98 -29.22
C GLU E 40 24.73 39.78 -28.28
N VAL E 41 24.19 40.43 -27.25
CA VAL E 41 25.01 41.16 -26.24
C VAL E 41 25.56 40.13 -25.27
N PRO E 42 26.89 40.09 -25.03
CA PRO E 42 27.49 39.11 -24.14
C PRO E 42 26.92 39.05 -22.71
N PHE E 43 26.94 37.86 -22.13
CA PHE E 43 26.53 37.55 -20.73
C PHE E 43 27.02 38.64 -19.77
N GLU E 44 28.31 38.98 -19.83
CA GLU E 44 28.99 39.90 -18.86
C GLU E 44 28.51 41.35 -19.02
N ASP E 45 27.86 41.70 -20.13
CA ASP E 45 27.51 43.10 -20.52
C ASP E 45 26.01 43.37 -20.43
N SER E 46 25.14 42.35 -20.38
CA SER E 46 23.67 42.52 -20.42
C SER E 46 23.02 41.76 -19.26
N GLU E 47 22.22 42.46 -18.46
CA GLU E 47 21.36 41.86 -17.39
C GLU E 47 20.32 40.95 -18.05
N GLU E 48 19.87 41.30 -19.27
CA GLU E 48 18.88 40.53 -20.06
C GLU E 48 19.51 39.19 -20.47
N THR E 49 20.73 39.22 -21.01
CA THR E 49 21.46 37.98 -21.39
C THR E 49 21.71 37.15 -20.12
N LYS E 50 22.12 37.79 -19.02
CA LYS E 50 22.32 37.13 -17.71
C LYS E 50 21.05 36.40 -17.27
N ALA E 51 19.90 37.08 -17.27
CA ALA E 51 18.60 36.52 -16.83
C ALA E 51 18.22 35.33 -17.72
N PHE E 52 18.45 35.43 -19.04
CA PHE E 52 18.20 34.34 -20.02
C PHE E 52 19.06 33.13 -19.67
N VAL E 53 20.38 33.31 -19.53
CA VAL E 53 21.35 32.22 -19.26
C VAL E 53 20.99 31.53 -17.94
N HIS E 54 20.80 32.29 -16.86
CA HIS E 54 20.52 31.74 -15.50
C HIS E 54 19.21 30.95 -15.51
N SER E 55 18.13 31.50 -16.08
CA SER E 55 16.79 30.84 -16.11
C SER E 55 16.86 29.59 -17.00
N GLN E 56 17.46 29.67 -18.18
CA GLN E 56 17.58 28.52 -19.12
C GLN E 56 18.45 27.44 -18.47
N ARG E 57 19.56 27.82 -17.84
CA ARG E 57 20.51 26.89 -17.16
C ARG E 57 19.78 26.12 -16.06
N LYS E 58 19.03 26.83 -15.22
CA LYS E 58 18.31 26.26 -14.05
C LYS E 58 17.22 25.31 -14.55
N PHE E 59 16.53 25.68 -15.63
CA PHE E 59 15.43 24.88 -16.24
C PHE E 59 15.99 23.57 -16.79
N ALA E 60 17.08 23.63 -17.55
CA ALA E 60 17.76 22.44 -18.11
C ALA E 60 18.22 21.52 -16.97
N ARG E 61 18.88 22.08 -15.96
CA ARG E 61 19.45 21.30 -14.81
C ARG E 61 18.32 20.57 -14.10
N THR E 62 17.19 21.21 -13.86
CA THR E 62 16.02 20.61 -13.17
C THR E 62 15.55 19.38 -13.96
N TYR E 63 15.37 19.50 -15.27
CA TYR E 63 14.89 18.40 -16.14
C TYR E 63 15.93 17.27 -16.14
N LEU E 64 17.20 17.58 -16.38
CA LEU E 64 18.30 16.57 -16.52
C LEU E 64 18.46 15.82 -15.18
N ASP E 65 18.43 16.55 -14.05
CA ASP E 65 18.69 16.00 -12.69
C ASP E 65 17.47 15.23 -12.17
N GLU E 66 16.27 15.48 -12.70
CA GLU E 66 15.04 14.74 -12.30
C GLU E 66 15.15 13.28 -12.75
N ASN E 67 15.91 13.01 -13.82
CA ASN E 67 16.11 11.66 -14.38
C ASN E 67 17.16 10.90 -13.55
N PRO E 68 16.82 9.79 -12.86
CA PRO E 68 17.80 9.07 -12.06
C PRO E 68 18.92 8.45 -12.90
N ASP E 69 18.68 8.22 -14.20
CA ASP E 69 19.68 7.69 -15.16
C ASP E 69 20.84 8.68 -15.34
N ARG E 70 20.67 9.95 -14.95
CA ARG E 70 21.75 10.96 -15.03
C ARG E 70 22.89 10.56 -14.09
N GLU E 71 22.58 10.35 -12.81
CA GLU E 71 23.57 9.92 -11.78
C GLU E 71 24.09 8.51 -12.12
N ALA E 72 23.22 7.62 -12.61
CA ALA E 72 23.62 6.25 -13.03
C ALA E 72 24.66 6.36 -14.14
N TRP E 73 24.44 7.24 -15.12
CA TRP E 73 25.41 7.44 -16.25
C TRP E 73 26.72 8.02 -15.69
N LEU E 74 26.65 9.00 -14.80
CA LEU E 74 27.87 9.68 -14.27
C LEU E 74 28.73 8.64 -13.54
N GLU E 75 28.12 7.77 -12.73
CA GLU E 75 28.83 6.71 -11.97
C GLU E 75 29.45 5.70 -12.94
N THR E 76 28.69 5.19 -13.91
CA THR E 76 29.18 4.26 -14.97
C THR E 76 30.37 4.88 -15.69
N LEU E 77 30.27 6.15 -16.08
CA LEU E 77 31.33 6.86 -16.84
C LEU E 77 32.58 7.03 -15.94
N LYS E 78 32.42 7.49 -14.70
CA LYS E 78 33.53 7.69 -13.73
C LYS E 78 34.33 6.39 -13.57
N LYS E 79 33.64 5.27 -13.32
CA LYS E 79 34.27 3.94 -13.08
C LYS E 79 35.09 3.54 -14.30
N SER E 80 34.52 3.61 -15.51
CA SER E 80 35.12 3.09 -16.75
C SER E 80 36.23 4.01 -17.23
N TRP E 81 36.08 5.33 -17.08
CA TRP E 81 37.06 6.35 -17.56
C TRP E 81 38.32 6.36 -16.67
N ASN E 82 38.32 5.64 -15.55
CA ASN E 82 39.48 5.56 -14.63
C ASN E 82 40.46 4.52 -15.18
N TYR E 83 41.07 4.82 -16.34
CA TYR E 83 42.09 4.01 -17.05
C TYR E 83 43.21 4.94 -17.46
N ARG E 84 44.44 4.40 -17.48
CA ARG E 84 45.67 5.18 -17.76
C ARG E 84 45.71 5.49 -19.26
N ARG E 85 45.96 6.76 -19.60
CA ARG E 85 46.03 7.25 -20.99
C ARG E 85 47.35 7.97 -21.19
N PHE E 86 47.95 7.84 -22.37
CA PHE E 86 49.25 8.47 -22.70
C PHE E 86 49.36 8.71 -24.20
N SER E 87 50.20 9.66 -24.58
CA SER E 87 50.62 9.93 -25.98
C SER E 87 51.84 9.07 -26.31
N ALA E 88 52.24 9.07 -27.59
CA ALA E 88 53.54 8.59 -28.08
C ALA E 88 54.65 9.45 -27.45
N LEU E 89 55.83 8.88 -27.25
CA LEU E 89 57.02 9.63 -26.77
C LEU E 89 57.40 10.67 -27.83
N LYS E 90 57.69 11.90 -27.41
CA LYS E 90 58.08 13.04 -28.28
C LYS E 90 59.51 13.45 -27.93
N PRO E 91 60.49 13.27 -28.85
CA PRO E 91 61.88 13.62 -28.56
C PRO E 91 62.07 15.15 -28.63
N GLU E 92 62.80 15.71 -27.65
CA GLU E 92 63.05 17.17 -27.55
C GLU E 92 64.56 17.43 -27.49
N SER E 93 64.97 18.68 -27.66
CA SER E 93 66.38 19.13 -27.84
C SER E 93 67.17 19.02 -26.53
N ASP E 94 66.51 18.73 -25.39
CA ASP E 94 67.19 18.52 -24.08
C ASP E 94 67.52 17.04 -23.87
N GLY E 95 67.45 16.22 -24.93
CA GLY E 95 67.79 14.77 -24.88
C GLY E 95 66.81 13.99 -24.03
N HIS E 96 65.56 14.45 -23.88
CA HIS E 96 64.47 13.73 -23.19
C HIS E 96 63.34 13.46 -24.17
N TYR E 97 62.66 12.33 -23.98
CA TYR E 97 61.30 12.09 -24.52
C TYR E 97 60.29 12.72 -23.57
N TYR E 98 59.29 13.42 -24.09
CA TYR E 98 58.14 13.96 -23.33
C TYR E 98 56.89 13.19 -23.77
N PHE E 99 55.99 12.92 -22.84
CA PHE E 99 54.72 12.22 -23.13
C PHE E 99 53.61 12.77 -22.22
N GLU E 100 52.42 12.84 -22.76
CA GLU E 100 51.18 13.18 -22.01
C GLU E 100 50.75 11.94 -21.22
N TYR E 101 50.28 12.14 -20.00
CA TYR E 101 49.80 11.04 -19.13
C TYR E 101 48.62 11.51 -18.29
N ASN E 102 47.62 10.63 -18.16
CA ASN E 102 46.54 10.79 -17.18
C ASN E 102 46.35 9.45 -16.46
N ASP E 103 46.46 9.44 -15.12
CA ASP E 103 46.24 8.25 -14.25
C ASP E 103 44.87 7.65 -14.49
N GLY E 104 43.89 8.49 -14.81
CA GLY E 104 42.51 8.06 -15.10
C GLY E 104 41.55 9.24 -14.98
N LEU E 105 41.45 9.83 -13.79
CA LEU E 105 40.43 10.87 -13.46
C LEU E 105 41.08 12.18 -13.01
N GLN E 106 42.32 12.46 -13.44
CA GLN E 106 42.92 13.81 -13.28
C GLN E 106 42.21 14.76 -14.25
N SER E 107 42.00 16.01 -13.85
CA SER E 107 41.27 17.04 -14.64
C SER E 107 41.93 17.23 -16.02
N GLN E 108 43.25 17.33 -16.05
CA GLN E 108 44.08 17.61 -17.25
C GLN E 108 45.16 16.53 -17.38
N LEU E 109 45.58 16.27 -18.63
CA LEU E 109 46.82 15.53 -18.97
C LEU E 109 48.02 16.24 -18.32
N SER E 110 48.94 15.46 -17.74
CA SER E 110 50.25 15.96 -17.25
C SER E 110 51.30 15.64 -18.30
N LEU E 111 52.37 16.43 -18.34
CA LEU E 111 53.51 16.18 -19.24
C LEU E 111 54.63 15.56 -18.40
N TYR E 112 55.04 14.35 -18.75
CA TYR E 112 56.17 13.60 -18.14
C TYR E 112 57.32 13.59 -19.13
N ARG E 113 58.52 13.31 -18.64
CA ARG E 113 59.70 13.14 -19.50
C ARG E 113 60.59 12.02 -18.96
N VAL E 114 61.43 11.51 -19.84
CA VAL E 114 62.43 10.44 -19.52
C VAL E 114 63.62 10.69 -20.43
N ARG E 115 64.83 10.55 -19.88
CA ARG E 115 66.10 10.65 -20.65
C ARG E 115 66.00 9.68 -21.83
N MET E 116 66.36 10.12 -23.03
CA MET E 116 66.45 9.23 -24.21
C MET E 116 67.43 8.10 -23.84
N GLY E 117 67.06 6.85 -24.12
CA GLY E 117 67.78 5.64 -23.69
C GLY E 117 67.19 4.99 -22.45
N GLU E 118 66.41 5.71 -21.64
CA GLU E 118 65.77 5.17 -20.41
C GLU E 118 64.27 4.93 -20.64
N GLU E 119 63.79 5.06 -21.88
CA GLU E 119 62.33 5.10 -22.17
C GLU E 119 61.67 3.77 -21.85
N ASP E 120 62.42 2.68 -21.78
CA ASP E 120 61.86 1.32 -21.58
C ASP E 120 61.37 1.20 -20.12
N THR E 121 61.65 2.17 -19.25
CA THR E 121 61.23 2.19 -17.81
C THR E 121 59.92 2.97 -17.61
N VAL E 122 59.33 3.58 -18.64
CA VAL E 122 58.09 4.41 -18.47
C VAL E 122 56.85 3.57 -18.76
N LEU E 123 55.68 4.02 -18.29
CA LEU E 123 54.35 3.49 -18.69
C LEU E 123 54.29 1.99 -18.40
N THR E 124 54.59 1.61 -17.16
CA THR E 124 54.44 0.22 -16.64
C THR E 124 53.27 0.20 -15.66
N GLU E 125 52.95 -0.96 -15.10
CA GLU E 125 51.85 -1.11 -14.11
C GLU E 125 52.18 -0.31 -12.85
N SER E 126 53.47 -0.06 -12.58
CA SER E 126 53.97 0.76 -11.43
C SER E 126 53.60 2.24 -11.60
N GLY E 127 53.26 2.67 -12.82
CA GLY E 127 52.81 4.04 -13.11
C GLY E 127 53.59 4.65 -14.28
N PRO E 128 53.57 6.00 -14.43
CA PRO E 128 54.10 6.63 -15.64
C PRO E 128 55.63 6.46 -15.73
N GLY E 129 56.30 6.38 -14.58
CA GLY E 129 57.78 6.41 -14.49
C GLY E 129 58.31 7.77 -14.92
N GLY E 130 59.57 7.80 -15.37
CA GLY E 130 60.25 9.04 -15.76
C GLY E 130 60.12 10.10 -14.67
N GLU E 131 59.90 11.34 -15.07
CA GLU E 131 59.89 12.53 -14.18
C GLU E 131 58.70 13.39 -14.59
N LEU E 132 57.88 13.86 -13.65
CA LEU E 132 56.83 14.88 -13.97
C LEU E 132 57.55 16.13 -14.45
N PHE E 133 57.12 16.71 -15.58
CA PHE E 133 57.67 18.01 -16.04
C PHE E 133 56.70 19.16 -15.77
N PHE E 134 55.43 18.98 -16.18
CA PHE E 134 54.40 20.07 -16.11
C PHE E 134 53.05 19.44 -15.81
N ASN E 135 52.44 19.92 -14.73
CA ASN E 135 51.13 19.44 -14.24
C ASN E 135 50.15 20.61 -14.30
N PRO E 136 49.35 20.71 -15.39
CA PRO E 136 48.38 21.79 -15.54
C PRO E 136 47.36 21.84 -14.40
N ASN E 137 47.08 20.69 -13.73
CA ASN E 137 46.16 20.60 -12.59
C ASN E 137 46.59 21.55 -11.46
N LEU E 138 47.87 21.87 -11.35
CA LEU E 138 48.43 22.78 -10.31
C LEU E 138 48.13 24.25 -10.62
N LEU E 139 47.78 24.59 -11.85
CA LEU E 139 47.61 26.01 -12.30
C LEU E 139 46.37 26.62 -11.64
N SER E 140 45.24 25.91 -11.62
CA SER E 140 43.94 26.43 -11.12
C SER E 140 43.42 25.57 -9.95
N LEU E 141 42.59 26.15 -9.09
CA LEU E 141 41.99 25.45 -7.93
C LEU E 141 40.99 24.39 -8.42
N ASP E 142 40.34 24.62 -9.56
CA ASP E 142 39.20 23.79 -10.06
C ASP E 142 39.65 22.82 -11.16
N GLY E 143 40.86 22.99 -11.71
CA GLY E 143 41.40 22.10 -12.77
C GLY E 143 40.87 22.46 -14.16
N ASN E 144 40.45 23.72 -14.37
CA ASN E 144 39.87 24.19 -15.65
C ASN E 144 40.92 24.97 -16.45
N ALA E 145 42.03 25.38 -15.82
CA ALA E 145 43.16 26.06 -16.48
C ALA E 145 43.89 25.05 -17.39
N ALA E 146 44.20 25.48 -18.61
CA ALA E 146 44.70 24.58 -19.67
C ALA E 146 46.02 25.12 -20.24
N LEU E 147 46.94 24.18 -20.44
CA LEU E 147 48.11 24.28 -21.34
C LEU E 147 47.59 24.35 -22.78
N THR E 148 47.84 25.44 -23.51
CA THR E 148 47.30 25.66 -24.88
C THR E 148 48.36 25.34 -25.93
N GLY E 149 49.60 25.07 -25.51
CA GLY E 149 50.72 24.77 -26.41
C GLY E 149 52.05 24.96 -25.70
N PHE E 150 53.11 24.43 -26.29
CA PHE E 150 54.50 24.54 -25.76
C PHE E 150 55.48 24.28 -26.88
N VAL E 151 56.65 24.91 -26.81
CA VAL E 151 57.78 24.71 -27.76
C VAL E 151 59.07 24.88 -26.94
N MET E 152 59.97 23.90 -27.06
CA MET E 152 61.29 23.94 -26.40
C MET E 152 62.24 24.79 -27.24
N SER E 153 63.11 25.57 -26.60
CA SER E 153 64.20 26.32 -27.26
C SER E 153 65.11 25.34 -27.98
N PRO E 154 65.71 25.69 -29.14
CA PRO E 154 66.66 24.80 -29.82
C PRO E 154 67.81 24.29 -28.92
N CYS E 155 68.26 25.11 -27.96
CA CYS E 155 69.36 24.78 -27.02
C CYS E 155 68.89 23.75 -25.98
N GLY E 156 67.57 23.62 -25.77
CA GLY E 156 66.98 22.66 -24.81
C GLY E 156 66.98 23.17 -23.39
N ASN E 157 67.31 24.43 -23.14
CA ASN E 157 67.33 25.02 -21.76
C ASN E 157 66.01 25.71 -21.41
N TYR E 158 65.21 26.10 -22.41
CA TYR E 158 64.00 26.92 -22.20
C TYR E 158 62.80 26.24 -22.85
N TRP E 159 61.64 26.50 -22.26
CA TRP E 159 60.33 25.91 -22.63
C TRP E 159 59.29 27.04 -22.57
N ALA E 160 58.84 27.49 -23.75
CA ALA E 160 57.77 28.50 -23.89
C ALA E 160 56.43 27.76 -23.91
N TYR E 161 55.44 28.25 -23.17
CA TYR E 161 54.13 27.56 -23.07
C TYR E 161 53.01 28.56 -22.87
N GLY E 162 51.82 28.18 -23.36
CA GLY E 162 50.60 28.99 -23.26
C GLY E 162 49.70 28.47 -22.15
N VAL E 163 49.14 29.38 -21.35
CA VAL E 163 48.10 29.03 -20.35
C VAL E 163 46.89 29.92 -20.61
N SER E 164 45.72 29.31 -20.77
CA SER E 164 44.41 29.96 -20.99
C SER E 164 43.95 30.69 -19.72
N GLU E 165 43.65 31.99 -19.86
CA GLU E 165 43.35 32.94 -18.75
C GLU E 165 42.06 32.49 -18.02
N HIS E 166 41.33 31.52 -18.58
CA HIS E 166 40.45 30.56 -17.85
C HIS E 166 39.10 31.22 -17.50
N GLY E 167 38.88 32.50 -17.78
CA GLY E 167 37.54 33.10 -18.02
C GLY E 167 37.23 33.24 -19.50
N SER E 168 38.24 33.05 -20.37
CA SER E 168 38.27 33.41 -21.81
C SER E 168 39.06 32.35 -22.62
N ASP E 169 39.07 32.49 -23.96
CA ASP E 169 39.93 31.72 -24.90
C ASP E 169 41.09 32.64 -25.31
N TRP E 170 41.42 33.62 -24.49
CA TRP E 170 42.71 34.35 -24.49
C TRP E 170 43.72 33.58 -23.62
N MET E 171 45.00 33.78 -23.88
CA MET E 171 46.09 33.09 -23.16
C MET E 171 47.25 34.06 -22.96
N SER E 172 48.17 33.67 -22.09
CA SER E 172 49.49 34.31 -21.90
C SER E 172 50.55 33.28 -22.27
N ILE E 173 51.68 33.73 -22.82
CA ILE E 173 52.86 32.86 -23.06
C ILE E 173 53.77 33.05 -21.85
N TYR E 174 54.23 31.94 -21.27
CA TYR E 174 55.22 31.91 -20.16
C TYR E 174 56.47 31.18 -20.66
N VAL E 175 57.56 31.32 -19.92
CA VAL E 175 58.84 30.61 -20.18
C VAL E 175 59.31 30.04 -18.84
N ARG E 176 59.81 28.81 -18.88
CA ARG E 176 60.50 28.19 -17.71
C ARG E 176 61.75 27.48 -18.22
N LYS E 177 62.72 27.29 -17.33
CA LYS E 177 63.92 26.45 -17.61
C LYS E 177 63.48 25.00 -17.63
N THR E 178 64.04 24.19 -18.54
CA THR E 178 63.83 22.72 -18.58
C THR E 178 64.41 22.07 -17.33
N SER E 179 65.28 22.79 -16.59
CA SER E 179 65.81 22.36 -15.27
C SER E 179 64.84 22.72 -14.14
N SER E 180 63.69 23.35 -14.44
CA SER E 180 62.64 23.74 -13.45
C SER E 180 61.33 23.01 -13.73
N PRO E 181 61.27 21.67 -13.58
CA PRO E 181 60.00 20.96 -13.71
C PRO E 181 59.08 21.32 -12.55
N HIS E 182 57.78 21.16 -12.72
CA HIS E 182 56.82 21.08 -11.58
C HIS E 182 57.26 19.93 -10.68
N LEU E 183 57.18 20.16 -9.36
CA LEU E 183 57.53 19.18 -8.31
C LEU E 183 56.22 18.58 -7.78
N PRO E 184 56.23 17.29 -7.37
CA PRO E 184 54.98 16.57 -7.19
C PRO E 184 54.04 17.17 -6.13
N SER E 185 54.56 17.97 -5.17
CA SER E 185 53.77 18.46 -4.02
C SER E 185 53.52 19.98 -4.09
N GLN E 186 53.68 20.61 -5.26
CA GLN E 186 53.70 22.10 -5.34
C GLN E 186 52.28 22.65 -5.16
N GLU E 187 52.18 23.93 -4.77
CA GLU E 187 50.92 24.67 -4.47
C GLU E 187 49.96 24.70 -5.68
N ARG E 188 48.71 24.37 -5.41
CA ARG E 188 47.67 23.99 -6.40
C ARG E 188 47.20 25.17 -7.26
N GLY E 189 47.16 26.40 -6.73
CA GLY E 189 46.63 27.56 -7.49
C GLY E 189 47.72 28.44 -8.07
N LYS E 190 48.94 27.92 -8.21
CA LYS E 190 50.14 28.66 -8.64
C LYS E 190 50.84 27.94 -9.81
N ASP E 191 51.73 28.64 -10.52
CA ASP E 191 52.72 28.04 -11.45
C ASP E 191 54.13 28.28 -10.89
N PRO E 192 54.63 27.39 -9.99
CA PRO E 192 55.95 27.58 -9.41
C PRO E 192 57.05 27.31 -10.43
N GLY E 193 58.21 27.97 -10.27
CA GLY E 193 59.45 27.62 -11.01
C GLY E 193 59.52 28.27 -12.40
N ARG E 194 58.58 29.15 -12.75
CA ARG E 194 58.60 29.83 -14.07
C ARG E 194 59.50 31.06 -13.97
N MET E 195 60.02 31.51 -15.11
CA MET E 195 60.79 32.78 -15.24
C MET E 195 59.82 33.96 -15.25
N ASN E 196 60.35 35.19 -15.27
CA ASN E 196 59.56 36.45 -15.13
C ASN E 196 58.70 36.69 -16.37
N ASP E 197 59.14 36.19 -17.54
CA ASP E 197 58.52 36.50 -18.86
C ASP E 197 57.01 36.21 -18.79
N LYS E 198 56.20 37.18 -19.20
CA LYS E 198 54.74 37.00 -19.37
C LYS E 198 54.32 37.78 -20.62
N ILE E 199 53.90 37.05 -21.67
CA ILE E 199 53.46 37.64 -22.96
C ILE E 199 51.94 37.60 -23.00
N ARG E 200 51.28 38.75 -22.82
CA ARG E 200 49.80 38.86 -22.73
C ARG E 200 49.21 39.12 -24.11
N HIS E 201 47.88 38.98 -24.21
CA HIS E 201 47.04 39.43 -25.37
C HIS E 201 47.22 38.47 -26.54
N VAL E 202 47.35 37.18 -26.26
CA VAL E 202 47.54 36.12 -27.29
C VAL E 202 46.22 35.34 -27.39
N ARG E 203 45.79 35.01 -28.61
CA ARG E 203 44.53 34.25 -28.85
C ARG E 203 44.80 32.90 -29.52
N PHE E 204 46.02 32.64 -29.96
CA PHE E 204 46.42 31.31 -30.52
C PHE E 204 47.93 31.15 -30.33
N PHE E 205 48.35 29.94 -29.99
CA PHE E 205 49.76 29.61 -29.69
C PHE E 205 50.47 29.22 -30.99
N ILE E 206 51.18 30.18 -31.58
CA ILE E 206 52.13 29.89 -32.70
C ILE E 206 53.44 30.60 -32.34
N VAL E 207 54.36 29.85 -31.76
CA VAL E 207 55.63 30.35 -31.16
C VAL E 207 56.80 29.69 -31.87
N SER E 208 57.76 30.49 -32.33
CA SER E 208 58.95 30.05 -33.11
C SER E 208 60.20 30.68 -32.52
N TRP E 209 61.06 29.88 -31.92
CA TRP E 209 62.37 30.29 -31.35
C TRP E 209 63.34 30.58 -32.48
N THR E 210 64.18 31.61 -32.35
CA THR E 210 65.39 31.79 -33.19
C THR E 210 66.44 30.74 -32.80
N SER E 211 67.34 30.40 -33.72
CA SER E 211 68.38 29.35 -33.57
C SER E 211 69.31 29.66 -32.39
N ASP E 212 69.42 30.93 -31.98
CA ASP E 212 70.30 31.40 -30.87
C ASP E 212 69.61 31.20 -29.52
N SER E 213 68.35 30.76 -29.49
CA SER E 213 67.55 30.54 -28.26
C SER E 213 67.41 31.84 -27.44
N LYS E 214 67.57 33.02 -28.05
CA LYS E 214 67.54 34.32 -27.32
C LYS E 214 66.11 34.86 -27.30
N GLY E 215 65.22 34.34 -28.14
CA GLY E 215 63.84 34.85 -28.21
C GLY E 215 62.97 34.03 -29.14
N PHE E 216 61.70 34.40 -29.22
CA PHE E 216 60.70 33.69 -30.06
C PHE E 216 59.73 34.70 -30.66
N PHE E 217 59.28 34.38 -31.87
CA PHE E 217 58.17 35.06 -32.56
C PHE E 217 56.86 34.53 -32.01
N TYR E 218 55.84 35.39 -31.98
CA TYR E 218 54.48 35.04 -31.55
C TYR E 218 53.52 36.03 -32.19
N SER E 219 52.25 35.66 -32.24
CA SER E 219 51.12 36.48 -32.74
C SER E 219 50.32 36.98 -31.54
N ARG E 220 49.96 38.26 -31.52
CA ARG E 220 49.13 38.85 -30.45
C ARG E 220 48.15 39.88 -31.04
N TYR E 221 47.27 40.35 -30.18
CA TYR E 221 46.17 41.29 -30.50
C TYR E 221 46.32 42.51 -29.61
N PRO E 222 45.58 43.62 -29.88
CA PRO E 222 45.56 44.74 -28.95
C PRO E 222 44.93 44.28 -27.65
N PRO E 223 45.19 44.95 -26.49
CA PRO E 223 44.64 44.51 -25.21
C PRO E 223 43.11 44.45 -25.26
N GLU E 224 42.51 43.58 -24.45
CA GLU E 224 41.05 43.55 -24.13
C GLU E 224 40.59 44.87 -23.43
N ASP E 225 39.61 45.53 -24.03
CA ASP E 225 38.89 46.72 -23.47
C ASP E 225 38.60 46.48 -21.97
N LYS E 229 31.75 44.32 -25.31
CA LYS E 229 32.22 44.00 -26.67
C LYS E 229 33.08 42.73 -26.67
N GLY E 230 32.87 41.82 -25.70
CA GLY E 230 33.54 40.51 -25.63
C GLY E 230 33.14 39.56 -26.75
N ASN E 231 32.41 40.05 -27.75
CA ASN E 231 31.80 39.32 -28.89
C ASN E 231 32.36 39.81 -30.23
N ALA E 232 33.00 40.98 -30.23
CA ALA E 232 33.35 41.75 -31.44
C ALA E 232 34.27 40.91 -32.33
N PRO E 233 34.33 41.20 -33.64
CA PRO E 233 35.26 40.51 -34.53
C PRO E 233 36.68 40.62 -33.96
N ALA E 234 37.47 39.55 -34.11
CA ALA E 234 38.92 39.52 -33.76
C ALA E 234 39.68 40.40 -34.75
N MET E 235 40.37 41.42 -34.26
CA MET E 235 40.94 42.46 -35.14
C MET E 235 42.38 42.77 -34.75
N ASN E 236 43.21 43.03 -35.77
CA ASN E 236 44.54 43.66 -35.64
C ASN E 236 45.52 42.65 -35.03
N CYS E 237 45.57 41.45 -35.62
CA CYS E 237 46.58 40.41 -35.34
C CYS E 237 47.95 40.97 -35.71
N MET E 238 48.93 40.88 -34.81
CA MET E 238 50.28 41.41 -35.05
C MET E 238 51.29 40.31 -34.74
N VAL E 239 52.40 40.29 -35.47
CA VAL E 239 53.56 39.40 -35.15
C VAL E 239 54.60 40.23 -34.40
N TYR E 240 55.02 39.74 -33.25
CA TYR E 240 56.08 40.34 -32.39
C TYR E 240 57.21 39.33 -32.19
N TYR E 241 58.36 39.85 -31.77
CA TYR E 241 59.54 39.05 -31.32
C TYR E 241 59.83 39.41 -29.86
N HIS E 242 59.83 38.40 -28.99
CA HIS E 242 60.16 38.52 -27.54
C HIS E 242 61.57 38.00 -27.29
N ARG E 243 62.42 38.83 -26.68
CA ARG E 243 63.76 38.41 -26.18
C ARG E 243 63.59 37.98 -24.71
N ILE E 244 64.06 36.76 -24.39
CA ILE E 244 63.96 36.16 -23.03
C ILE E 244 64.57 37.14 -22.03
N GLY E 245 63.94 37.33 -20.86
CA GLY E 245 64.45 38.19 -19.77
C GLY E 245 64.00 39.65 -19.89
N GLU E 246 63.48 40.07 -21.05
CA GLU E 246 62.92 41.44 -21.25
C GLU E 246 61.44 41.46 -20.90
N ASP E 247 60.90 42.64 -20.63
CA ASP E 247 59.44 42.89 -20.42
C ASP E 247 58.75 42.92 -21.79
N GLN E 248 57.46 42.56 -21.85
CA GLN E 248 56.69 42.49 -23.13
C GLN E 248 56.75 43.86 -23.84
N GLU E 249 56.80 44.95 -23.07
CA GLU E 249 56.83 46.35 -23.59
C GLU E 249 58.01 46.53 -24.55
N SER E 250 59.12 45.80 -24.36
CA SER E 250 60.34 45.88 -25.20
C SER E 250 60.22 44.99 -26.45
N ASP E 251 59.20 44.13 -26.55
CA ASP E 251 59.04 43.23 -27.71
C ASP E 251 59.02 44.06 -29.00
N VAL E 252 59.67 43.56 -30.05
CA VAL E 252 59.82 44.27 -31.35
C VAL E 252 58.68 43.85 -32.28
N LEU E 253 57.96 44.82 -32.83
CA LEU E 253 56.90 44.61 -33.83
C LEU E 253 57.54 44.09 -35.12
N VAL E 254 57.02 42.99 -35.66
CA VAL E 254 57.54 42.32 -36.89
C VAL E 254 56.55 42.56 -38.04
N HIS E 255 55.25 42.48 -37.78
CA HIS E 255 54.20 42.71 -38.81
C HIS E 255 52.90 43.16 -38.19
N GLU E 256 52.31 44.19 -38.79
CA GLU E 256 50.89 44.58 -38.59
C GLU E 256 50.33 44.97 -39.96
N ASP E 257 49.02 44.88 -40.12
CA ASP E 257 48.33 45.28 -41.37
C ASP E 257 47.03 45.96 -40.96
N PRO E 258 47.07 47.25 -40.54
CA PRO E 258 45.89 47.97 -40.05
C PRO E 258 44.79 48.10 -41.12
N GLU E 259 45.14 47.99 -42.40
CA GLU E 259 44.19 48.10 -43.52
C GLU E 259 43.23 46.91 -43.50
N HIS E 260 43.68 45.74 -43.05
CA HIS E 260 42.93 44.46 -43.09
C HIS E 260 42.87 43.88 -41.69
N PRO E 261 42.10 44.49 -40.77
CA PRO E 261 42.08 44.05 -39.37
C PRO E 261 41.55 42.62 -39.14
N PHE E 262 40.78 42.07 -40.07
CA PHE E 262 40.18 40.70 -39.91
C PHE E 262 41.23 39.63 -40.22
N TRP E 263 42.28 39.99 -40.98
CA TRP E 263 43.31 39.00 -41.41
C TRP E 263 44.03 38.48 -40.18
N ILE E 264 44.37 37.18 -40.18
CA ILE E 264 45.16 36.50 -39.12
C ILE E 264 46.56 36.26 -39.71
N SER E 265 47.59 36.49 -38.93
CA SER E 265 48.99 36.38 -39.39
C SER E 265 49.84 35.63 -38.36
N SER E 266 50.85 34.93 -38.85
CA SER E 266 51.82 34.20 -38.02
C SER E 266 53.11 34.00 -38.81
N VAL E 267 54.18 33.63 -38.13
CA VAL E 267 55.46 33.23 -38.76
C VAL E 267 55.79 31.80 -38.31
N GLN E 268 56.45 31.06 -39.20
CA GLN E 268 57.07 29.74 -38.94
C GLN E 268 58.54 29.83 -39.38
N LEU E 269 59.46 29.29 -38.60
CA LEU E 269 60.90 29.18 -38.98
C LEU E 269 61.15 27.78 -39.54
N THR E 270 62.03 27.65 -40.53
CA THR E 270 62.58 26.34 -40.94
C THR E 270 63.27 25.70 -39.74
N PRO E 271 63.39 24.36 -39.66
CA PRO E 271 64.07 23.69 -38.55
C PRO E 271 65.48 24.24 -38.23
N SER E 272 66.24 24.68 -39.25
CA SER E 272 67.58 25.30 -39.10
C SER E 272 67.49 26.68 -38.42
N GLY E 273 66.32 27.31 -38.42
CA GLY E 273 66.13 28.66 -37.85
C GLY E 273 66.61 29.76 -38.78
N ARG E 274 66.99 29.41 -40.01
CA ARG E 274 67.61 30.35 -40.97
C ARG E 274 66.55 31.21 -41.66
N TYR E 275 65.46 30.58 -42.14
CA TYR E 275 64.40 31.26 -42.93
C TYR E 275 63.13 31.40 -42.09
N ILE E 276 62.47 32.54 -42.24
CA ILE E 276 61.15 32.86 -41.61
C ILE E 276 60.09 32.94 -42.71
N LEU E 277 59.01 32.18 -42.57
CA LEU E 277 57.84 32.20 -43.47
C LEU E 277 56.75 33.02 -42.78
N PHE E 278 56.40 34.16 -43.37
CA PHE E 278 55.22 34.95 -42.96
C PHE E 278 54.01 34.41 -43.74
N ALA E 279 52.91 34.14 -43.04
CA ALA E 279 51.65 33.70 -43.65
C ALA E 279 50.51 34.54 -43.09
N ALA E 280 49.69 35.13 -43.97
CA ALA E 280 48.43 35.79 -43.59
C ALA E 280 47.26 34.97 -44.15
N SER E 281 46.19 34.89 -43.36
CA SER E 281 44.90 34.26 -43.67
C SER E 281 43.81 35.34 -43.65
N ARG E 282 42.93 35.39 -44.65
CA ARG E 282 41.79 36.36 -44.71
C ARG E 282 40.46 35.59 -44.59
N ASP E 283 40.49 34.26 -44.53
CA ASP E 283 39.28 33.42 -44.45
C ASP E 283 39.70 32.01 -44.00
N ALA E 284 38.78 31.06 -43.94
CA ALA E 284 39.02 29.69 -43.46
C ALA E 284 39.53 28.82 -44.60
N SER E 285 39.68 29.35 -45.82
CA SER E 285 40.14 28.57 -47.00
C SER E 285 41.64 28.31 -46.84
N HIS E 286 42.12 27.27 -47.52
CA HIS E 286 43.54 26.83 -47.50
C HIS E 286 44.28 27.67 -48.55
N THR E 287 44.37 28.99 -48.32
CA THR E 287 45.03 29.99 -49.18
C THR E 287 45.65 31.04 -48.26
N GLN E 288 46.84 31.50 -48.63
CA GLN E 288 47.63 32.44 -47.80
C GLN E 288 48.24 33.53 -48.70
N LEU E 289 48.51 34.66 -48.08
CA LEU E 289 49.54 35.62 -48.54
C LEU E 289 50.83 35.23 -47.82
N VAL E 290 51.90 34.95 -48.56
CA VAL E 290 53.15 34.34 -48.00
C VAL E 290 54.37 35.16 -48.40
N LYS E 291 55.32 35.33 -47.49
CA LYS E 291 56.63 36.00 -47.74
C LYS E 291 57.73 35.25 -46.98
N ILE E 292 58.95 35.17 -47.53
CA ILE E 292 60.13 34.47 -46.92
C ILE E 292 61.22 35.51 -46.66
N ALA E 293 61.87 35.48 -45.51
CA ALA E 293 63.08 36.26 -45.23
C ALA E 293 64.19 35.36 -44.69
N ASP E 294 65.43 35.74 -44.94
CA ASP E 294 66.67 35.09 -44.44
C ASP E 294 67.08 35.82 -43.16
N LEU E 295 66.94 35.18 -41.99
CA LEU E 295 67.19 35.85 -40.69
C LEU E 295 68.68 36.17 -40.52
N HIS E 296 69.55 35.66 -41.40
CA HIS E 296 71.01 35.98 -41.39
C HIS E 296 71.29 37.30 -42.13
N GLU E 297 70.30 37.85 -42.86
CA GLU E 297 70.45 39.08 -43.69
C GLU E 297 69.89 40.32 -42.97
N ASN E 298 69.17 40.14 -41.87
CA ASN E 298 68.23 41.15 -41.31
C ASN E 298 68.35 41.24 -39.78
N ASP E 299 68.22 42.44 -39.22
CA ASP E 299 67.80 42.63 -37.80
C ASP E 299 66.30 42.32 -37.70
N ILE E 300 65.86 41.75 -36.58
CA ILE E 300 64.43 41.42 -36.34
C ILE E 300 63.68 42.74 -36.20
N GLY E 301 62.65 42.96 -37.02
CA GLY E 301 61.86 44.20 -36.99
C GLY E 301 60.98 44.33 -38.24
N THR E 302 60.47 45.53 -38.51
CA THR E 302 59.60 45.82 -39.68
C THR E 302 60.45 46.13 -40.92
N ASN E 303 61.78 46.20 -40.76
CA ASN E 303 62.76 46.54 -41.83
C ASN E 303 63.51 45.27 -42.28
N MET E 304 62.79 44.16 -42.49
CA MET E 304 63.38 42.87 -42.95
C MET E 304 63.18 42.73 -44.46
N LYS E 305 64.10 42.06 -45.16
CA LYS E 305 64.09 41.92 -46.64
C LYS E 305 63.18 40.75 -47.02
N TRP E 306 61.86 40.97 -47.03
CA TRP E 306 60.86 39.94 -47.41
C TRP E 306 60.92 39.70 -48.93
N LYS E 307 60.94 38.44 -49.34
CA LYS E 307 60.80 38.01 -50.75
C LYS E 307 59.48 37.24 -50.90
N ASN E 308 58.81 37.40 -52.04
N ASN E 308 58.80 37.41 -52.04
CA ASN E 308 57.52 36.75 -52.35
CA ASN E 308 57.50 36.76 -52.30
C ASN E 308 57.77 35.26 -52.60
C ASN E 308 57.75 35.28 -52.61
N LEU E 309 57.08 34.38 -51.88
CA LEU E 309 57.12 32.92 -52.11
C LEU E 309 56.27 32.60 -53.34
N HIS E 310 55.10 33.21 -53.42
CA HIS E 310 54.09 32.98 -54.50
C HIS E 310 53.06 34.10 -54.45
N ASP E 311 52.30 34.29 -55.55
CA ASP E 311 51.15 35.22 -55.62
C ASP E 311 50.21 34.92 -54.46
N PRO E 312 49.62 35.95 -53.83
CA PRO E 312 48.77 35.76 -52.66
C PRO E 312 47.43 35.07 -53.00
N TRP E 313 46.89 34.34 -52.03
CA TRP E 313 45.51 33.79 -51.99
C TRP E 313 45.31 32.67 -53.01
N GLU E 314 46.38 32.00 -53.46
CA GLU E 314 46.25 30.87 -54.41
C GLU E 314 46.46 29.54 -53.69
N ALA E 315 47.24 29.51 -52.60
CA ALA E 315 47.66 28.25 -51.96
C ALA E 315 48.13 28.47 -50.54
N ARG E 316 48.23 27.37 -49.80
CA ARG E 316 48.77 27.28 -48.43
C ARG E 316 50.14 26.61 -48.54
N PHE E 317 51.08 27.01 -47.69
CA PHE E 317 52.48 26.49 -47.66
C PHE E 317 52.85 26.19 -46.21
N THR E 318 53.17 24.94 -45.93
CA THR E 318 53.62 24.45 -44.60
C THR E 318 55.05 23.94 -44.75
N ILE E 319 55.96 24.46 -43.92
CA ILE E 319 57.39 24.04 -43.91
C ILE E 319 57.46 22.59 -43.39
N VAL E 320 58.15 21.73 -44.14
CA VAL E 320 58.39 20.30 -43.81
C VAL E 320 59.87 20.10 -43.43
N GLY E 321 60.78 20.93 -43.96
CA GLY E 321 62.22 20.87 -43.65
C GLY E 321 63.01 21.85 -44.49
N ASP E 322 64.35 21.78 -44.38
CA ASP E 322 65.28 22.68 -45.10
C ASP E 322 66.59 21.91 -45.34
N GLU E 323 67.34 22.31 -46.37
CA GLU E 323 68.67 21.78 -46.74
C GLU E 323 69.45 22.98 -47.28
N GLY E 324 70.14 23.71 -46.41
CA GLY E 324 70.72 25.03 -46.72
C GLY E 324 69.64 25.99 -47.20
N SER E 325 69.73 26.44 -48.45
CA SER E 325 68.80 27.43 -49.06
C SER E 325 67.54 26.73 -49.59
N LYS E 326 67.53 25.40 -49.67
CA LYS E 326 66.37 24.61 -50.19
C LYS E 326 65.36 24.41 -49.05
N ILE E 327 64.10 24.81 -49.24
CA ILE E 327 63.02 24.61 -48.24
C ILE E 327 62.01 23.60 -48.81
N TYR E 328 61.64 22.61 -48.00
CA TYR E 328 60.61 21.60 -48.34
C TYR E 328 59.25 22.12 -47.86
N PHE E 329 58.27 22.16 -48.75
CA PHE E 329 56.89 22.63 -48.45
C PHE E 329 55.87 21.53 -48.72
N MET E 330 54.92 21.35 -47.81
CA MET E 330 53.62 20.70 -48.13
C MET E 330 52.69 21.85 -48.56
N THR E 331 52.14 21.76 -49.77
CA THR E 331 51.36 22.86 -50.39
C THR E 331 50.24 22.27 -51.24
N ASN E 332 49.18 23.05 -51.43
CA ASN E 332 48.08 22.71 -52.36
C ASN E 332 48.21 23.58 -53.63
N LEU E 333 49.36 24.23 -53.85
CA LEU E 333 49.59 25.05 -55.08
C LEU E 333 49.40 24.16 -56.31
N LYS E 334 48.35 24.43 -57.10
CA LYS E 334 47.95 23.66 -58.31
C LYS E 334 47.81 22.17 -57.97
N ALA E 335 47.44 21.85 -56.73
CA ALA E 335 47.31 20.47 -56.22
C ALA E 335 46.33 20.47 -55.04
N LYS E 336 45.03 20.37 -55.33
CA LYS E 336 43.98 20.54 -54.29
C LYS E 336 44.10 19.44 -53.24
N ASN E 337 44.59 18.25 -53.59
CA ASN E 337 44.82 17.13 -52.62
C ASN E 337 46.19 17.25 -51.94
N TYR E 338 46.92 18.33 -52.20
CA TYR E 338 48.23 18.70 -51.58
C TYR E 338 49.33 17.83 -52.18
N LYS E 339 50.56 18.33 -52.09
CA LYS E 339 51.78 17.71 -52.63
C LYS E 339 52.98 18.21 -51.82
N VAL E 340 54.17 17.70 -52.12
CA VAL E 340 55.44 18.18 -51.52
C VAL E 340 56.23 18.83 -52.65
N ALA E 341 56.68 20.07 -52.44
CA ALA E 341 57.49 20.85 -53.41
C ALA E 341 58.65 21.53 -52.68
N THR E 342 59.70 21.87 -53.43
CA THR E 342 60.91 22.51 -52.88
C THR E 342 61.02 23.91 -53.48
N PHE E 343 61.56 24.84 -52.69
CA PHE E 343 61.84 26.24 -53.07
C PHE E 343 63.30 26.51 -52.74
N ASP E 344 64.04 27.13 -53.67
CA ASP E 344 65.43 27.58 -53.41
C ASP E 344 65.38 29.07 -53.07
N ALA E 345 65.57 29.41 -51.80
CA ALA E 345 65.57 30.80 -51.29
C ALA E 345 66.63 31.66 -51.98
N ASN E 346 67.66 31.03 -52.58
CA ASN E 346 68.72 31.77 -53.33
C ASN E 346 68.26 32.11 -54.76
N HIS E 347 67.20 31.45 -55.26
CA HIS E 347 66.62 31.66 -56.61
C HIS E 347 65.11 31.77 -56.52
N PRO E 348 64.57 32.79 -55.82
CA PRO E 348 63.12 32.89 -55.61
C PRO E 348 62.28 32.82 -56.89
N ASP E 349 62.71 33.54 -57.93
CA ASP E 349 62.04 33.67 -59.25
C ASP E 349 61.94 32.30 -59.95
N GLU E 350 62.69 31.28 -59.52
CA GLU E 350 62.64 29.94 -60.14
C GLU E 350 61.40 29.18 -59.64
N GLY E 351 60.78 29.66 -58.56
CA GLY E 351 59.49 29.13 -58.07
C GLY E 351 59.65 27.80 -57.34
N LEU E 352 58.59 26.99 -57.33
CA LEU E 352 58.51 25.71 -56.57
C LEU E 352 58.73 24.55 -57.56
N THR E 353 59.52 23.55 -57.15
CA THR E 353 59.72 22.28 -57.90
C THR E 353 59.00 21.15 -57.18
N THR E 354 58.20 20.37 -57.90
CA THR E 354 57.46 19.19 -57.37
C THR E 354 58.47 18.13 -56.92
N LEU E 355 58.39 17.69 -55.67
CA LEU E 355 59.15 16.52 -55.16
C LEU E 355 58.22 15.31 -55.14
N ILE E 356 57.06 15.43 -54.51
CA ILE E 356 55.99 14.38 -54.48
C ILE E 356 54.77 14.97 -55.18
N ALA E 357 54.38 14.42 -56.33
CA ALA E 357 53.21 14.88 -57.12
C ALA E 357 51.93 14.72 -56.29
N GLU E 358 50.93 15.54 -56.57
CA GLU E 358 49.56 15.37 -56.03
C GLU E 358 49.09 13.95 -56.34
N ASP E 359 48.51 13.25 -55.37
CA ASP E 359 47.76 12.00 -55.63
C ASP E 359 46.31 12.39 -55.94
N PRO E 360 45.82 12.14 -57.16
CA PRO E 360 44.46 12.55 -57.51
C PRO E 360 43.39 11.81 -56.67
N ASN E 361 43.74 10.71 -56.01
CA ASN E 361 42.76 9.83 -55.31
C ASN E 361 43.07 9.72 -53.82
N ALA E 362 43.90 10.62 -53.28
CA ALA E 362 44.26 10.59 -51.84
C ALA E 362 44.70 11.97 -51.40
N PHE E 363 44.05 12.47 -50.36
CA PHE E 363 44.37 13.75 -49.68
C PHE E 363 45.64 13.54 -48.86
N LEU E 364 46.68 14.35 -49.11
CA LEU E 364 47.91 14.32 -48.29
C LEU E 364 47.64 15.14 -47.02
N VAL E 365 47.68 14.46 -45.87
CA VAL E 365 47.36 15.03 -44.53
C VAL E 365 48.63 15.66 -43.94
N SER E 366 49.76 14.96 -44.02
CA SER E 366 51.04 15.46 -43.44
C SER E 366 52.25 14.84 -44.15
N ALA E 367 53.36 15.55 -44.03
CA ALA E 367 54.67 15.17 -44.58
C ALA E 367 55.69 15.57 -43.53
N SER E 368 56.60 14.66 -43.17
CA SER E 368 57.65 14.90 -42.16
C SER E 368 58.91 14.12 -42.55
N ILE E 369 60.06 14.64 -42.15
CA ILE E 369 61.38 14.03 -42.50
C ILE E 369 61.91 13.30 -41.26
N HIS E 370 62.46 12.11 -41.47
CA HIS E 370 62.96 11.20 -40.41
C HIS E 370 64.24 10.52 -40.89
N ALA E 371 65.10 10.10 -39.95
CA ALA E 371 66.31 9.33 -40.24
C ALA E 371 67.07 9.99 -41.39
N GLN E 372 67.22 11.32 -41.30
CA GLN E 372 68.02 12.19 -42.21
C GLN E 372 67.35 12.38 -43.57
N ASP E 373 66.95 11.32 -44.29
CA ASP E 373 66.51 11.45 -45.71
C ASP E 373 65.29 10.55 -46.01
N LYS E 374 64.48 10.21 -45.00
CA LYS E 374 63.23 9.47 -45.20
C LYS E 374 62.06 10.47 -45.08
N LEU E 375 61.25 10.58 -46.13
CA LEU E 375 60.04 11.46 -46.17
C LEU E 375 58.81 10.58 -45.88
N LEU E 376 58.16 10.83 -44.74
CA LEU E 376 56.97 10.07 -44.29
C LEU E 376 55.72 10.88 -44.65
N LEU E 377 54.85 10.30 -45.47
CA LEU E 377 53.59 10.91 -45.94
C LEU E 377 52.44 10.17 -45.25
N VAL E 378 51.49 10.91 -44.66
CA VAL E 378 50.19 10.36 -44.20
C VAL E 378 49.14 10.77 -45.24
N TYR E 379 48.55 9.78 -45.91
CA TYR E 379 47.46 9.95 -46.89
C TYR E 379 46.14 9.51 -46.24
N LEU E 380 45.06 10.18 -46.63
CA LEU E 380 43.67 9.80 -46.32
C LEU E 380 43.11 9.06 -47.53
N ARG E 381 42.82 7.78 -47.39
CA ARG E 381 42.18 6.93 -48.44
C ARG E 381 41.22 5.97 -47.75
N ASN E 382 40.01 5.81 -48.29
CA ASN E 382 38.91 5.00 -47.68
C ASN E 382 38.64 5.50 -46.25
N ALA E 383 38.68 6.82 -46.04
CA ALA E 383 38.36 7.52 -44.78
C ALA E 383 39.20 7.00 -43.60
N SER E 384 40.42 6.50 -43.87
CA SER E 384 41.44 6.16 -42.84
C SER E 384 42.86 6.51 -43.33
N HIS E 385 43.83 6.49 -42.41
CA HIS E 385 45.22 6.95 -42.68
C HIS E 385 46.03 5.82 -43.30
N GLU E 386 46.89 6.18 -44.26
CA GLU E 386 47.96 5.31 -44.81
C GLU E 386 49.29 6.03 -44.61
N ILE E 387 50.34 5.32 -44.19
CA ILE E 387 51.72 5.88 -44.08
C ILE E 387 52.53 5.36 -45.26
N HIS E 388 53.02 6.27 -46.09
CA HIS E 388 53.94 5.99 -47.23
C HIS E 388 55.32 6.56 -46.91
N ILE E 389 56.38 5.81 -47.20
CA ILE E 389 57.79 6.26 -47.04
C ILE E 389 58.35 6.56 -48.43
N ARG E 390 58.98 7.72 -48.57
CA ARG E 390 59.61 8.20 -49.82
C ARG E 390 61.08 8.56 -49.56
N ASP E 391 61.92 8.46 -50.59
CA ASP E 391 63.31 8.99 -50.53
C ASP E 391 63.23 10.51 -50.63
N LEU E 392 63.78 11.22 -49.66
CA LEU E 392 63.76 12.72 -49.63
C LEU E 392 64.43 13.28 -50.88
N THR E 393 65.55 12.70 -51.32
CA THR E 393 66.37 13.27 -52.42
C THR E 393 65.63 13.17 -53.76
N THR E 394 65.16 11.97 -54.12
CA THR E 394 64.58 11.65 -55.45
C THR E 394 63.05 11.72 -55.40
N GLY E 395 62.43 11.49 -54.24
CA GLY E 395 60.96 11.36 -54.09
C GLY E 395 60.47 9.96 -54.40
N LYS E 396 61.38 9.05 -54.74
CA LYS E 396 61.07 7.64 -55.14
C LYS E 396 60.35 6.94 -53.99
N PRO E 397 59.32 6.10 -54.28
CA PRO E 397 58.65 5.32 -53.24
C PRO E 397 59.54 4.23 -52.61
N LEU E 398 59.55 4.13 -51.28
CA LEU E 398 60.29 3.10 -50.50
C LEU E 398 59.31 2.15 -49.81
N GLY E 399 58.02 2.32 -50.05
CA GLY E 399 56.96 1.38 -49.62
C GLY E 399 56.10 1.94 -48.51
N ARG E 400 55.28 1.07 -47.94
CA ARG E 400 54.23 1.38 -46.94
C ARG E 400 54.67 0.81 -45.59
N ILE E 401 54.24 1.42 -44.49
CA ILE E 401 54.41 0.85 -43.13
C ILE E 401 53.06 0.93 -42.41
N PHE E 402 52.84 0.00 -41.48
CA PHE E 402 51.59 -0.11 -40.69
C PHE E 402 50.39 -0.29 -41.63
N GLU E 403 50.60 -0.94 -42.80
CA GLU E 403 49.55 -1.22 -43.82
C GLU E 403 48.38 -1.99 -43.22
N ASP E 404 48.66 -2.83 -42.21
CA ASP E 404 47.70 -3.77 -41.58
C ASP E 404 46.80 -3.05 -40.58
N LEU E 405 47.15 -1.82 -40.18
CA LEU E 405 46.37 -1.04 -39.17
C LEU E 405 45.43 -0.07 -39.88
N LEU E 406 44.14 -0.14 -39.58
CA LEU E 406 43.06 0.66 -40.20
C LEU E 406 42.50 1.60 -39.13
N GLY E 407 42.81 2.89 -39.26
CA GLY E 407 42.46 3.91 -38.25
C GLY E 407 43.19 5.20 -38.53
N GLN E 408 43.68 5.85 -37.47
CA GLN E 408 44.44 7.12 -37.62
C GLN E 408 45.77 6.99 -36.87
N PHE E 409 46.76 7.77 -37.29
CA PHE E 409 48.13 7.76 -36.73
C PHE E 409 48.49 9.18 -36.28
N MET E 410 49.18 9.28 -35.15
CA MET E 410 50.00 10.46 -34.77
C MET E 410 51.46 10.01 -34.76
N VAL E 411 52.29 10.61 -35.61
CA VAL E 411 53.73 10.27 -35.77
C VAL E 411 54.56 11.30 -34.99
N SER E 412 55.45 10.85 -34.11
CA SER E 412 56.44 11.73 -33.42
C SER E 412 57.85 11.25 -33.77
N GLY E 413 58.76 12.22 -33.91
CA GLY E 413 60.16 11.98 -34.31
C GLY E 413 60.65 13.08 -35.21
N ARG E 414 61.95 13.37 -35.17
CA ARG E 414 62.56 14.51 -35.91
C ARG E 414 63.48 13.97 -37.01
N ARG E 415 63.93 14.86 -37.89
CA ARG E 415 64.83 14.52 -39.02
C ARG E 415 66.08 13.81 -38.48
N GLN E 416 66.58 14.24 -37.32
CA GLN E 416 67.86 13.77 -36.74
C GLN E 416 67.70 12.41 -36.05
N ASP E 417 66.48 11.93 -35.81
CA ASP E 417 66.23 10.64 -35.11
C ASP E 417 66.04 9.54 -36.15
N ASN E 418 66.57 8.34 -35.89
CA ASN E 418 66.42 7.16 -36.78
C ASN E 418 65.09 6.47 -36.52
N ASP E 419 64.44 6.79 -35.39
CA ASP E 419 63.22 6.15 -34.88
C ASP E 419 62.03 7.13 -34.92
N ILE E 420 60.83 6.59 -35.07
CA ILE E 420 59.55 7.30 -34.80
C ILE E 420 58.78 6.51 -33.75
N PHE E 421 57.99 7.21 -32.95
CA PHE E 421 56.90 6.63 -32.13
C PHE E 421 55.58 7.00 -32.83
N VAL E 422 54.74 6.00 -33.06
CA VAL E 422 53.45 6.13 -33.81
C VAL E 422 52.33 5.70 -32.86
N LEU E 423 51.44 6.64 -32.51
CA LEU E 423 50.17 6.37 -31.80
C LEU E 423 49.12 5.99 -32.84
N PHE E 424 48.70 4.73 -32.83
CA PHE E 424 47.57 4.22 -33.63
C PHE E 424 46.30 4.17 -32.77
N SER E 425 45.18 4.63 -33.33
CA SER E 425 43.84 4.50 -32.69
C SER E 425 42.76 4.29 -33.77
N SER E 426 41.62 3.77 -33.35
CA SER E 426 40.40 3.58 -34.17
C SER E 426 39.17 3.59 -33.26
N PHE E 427 37.99 3.27 -33.78
CA PHE E 427 36.75 3.15 -32.96
C PHE E 427 36.95 2.06 -31.88
N LEU E 428 37.80 1.07 -32.17
CA LEU E 428 37.95 -0.14 -31.34
C LEU E 428 39.33 -0.21 -30.64
N SER E 429 40.32 0.60 -31.07
CA SER E 429 41.69 0.59 -30.50
C SER E 429 41.93 1.91 -29.76
N PRO E 430 41.99 1.89 -28.41
CA PRO E 430 42.14 3.10 -27.61
C PRO E 430 43.45 3.86 -27.79
N GLY E 431 44.52 3.18 -28.21
CA GLY E 431 45.84 3.83 -28.36
C GLY E 431 46.97 2.84 -28.19
N THR E 432 47.60 2.45 -29.29
CA THR E 432 48.82 1.63 -29.27
C THR E 432 49.98 2.48 -29.76
N VAL E 433 51.05 2.61 -28.96
CA VAL E 433 52.30 3.30 -29.36
C VAL E 433 53.24 2.24 -29.93
N TYR E 434 53.54 2.34 -31.22
CA TYR E 434 54.54 1.52 -31.93
C TYR E 434 55.83 2.33 -32.05
N ARG E 435 56.96 1.65 -31.94
CA ARG E 435 58.28 2.21 -32.34
C ARG E 435 58.57 1.67 -33.74
N TYR E 436 59.00 2.53 -34.66
CA TYR E 436 59.50 2.11 -35.99
C TYR E 436 60.91 2.68 -36.16
N THR E 437 61.84 1.79 -36.50
CA THR E 437 63.28 2.10 -36.71
C THR E 437 63.54 1.98 -38.22
N PHE E 438 63.96 3.08 -38.85
CA PHE E 438 64.25 3.15 -40.29
C PHE E 438 65.52 2.37 -40.58
N GLY E 439 65.54 1.71 -41.74
CA GLY E 439 66.69 1.12 -42.43
C GLY E 439 66.84 1.74 -43.81
N GLU E 440 67.48 1.06 -44.77
CA GLU E 440 67.80 1.67 -46.09
C GLU E 440 66.55 1.61 -46.98
N GLU E 441 66.03 0.39 -47.17
CA GLU E 441 64.77 0.10 -47.89
C GLU E 441 63.68 -0.25 -46.88
N LYS E 442 63.96 -1.14 -45.90
CA LYS E 442 62.94 -1.60 -44.92
C LYS E 442 63.47 -1.49 -43.47
N GLY E 443 62.54 -1.35 -42.56
CA GLY E 443 62.77 -0.96 -41.14
C GLY E 443 62.25 -2.05 -40.26
N TYR E 444 62.16 -1.82 -38.96
CA TYR E 444 61.63 -2.78 -37.95
C TYR E 444 60.64 -2.04 -37.05
N ARG E 445 59.49 -2.68 -36.83
CA ARG E 445 58.37 -2.15 -36.02
C ARG E 445 58.28 -2.98 -34.73
N SER E 446 58.10 -2.33 -33.59
CA SER E 446 57.91 -2.98 -32.27
C SER E 446 56.71 -2.30 -31.58
N LEU E 447 55.89 -3.08 -30.88
CA LEU E 447 54.82 -2.55 -30.01
C LEU E 447 55.49 -2.05 -28.72
N PHE E 448 55.45 -0.74 -28.47
CA PHE E 448 56.07 -0.12 -27.26
C PHE E 448 55.09 -0.25 -26.08
N ARG E 449 53.92 0.40 -26.16
CA ARG E 449 52.92 0.37 -25.07
C ARG E 449 51.50 0.48 -25.68
N ALA E 450 50.54 -0.16 -25.03
CA ALA E 450 49.12 -0.16 -25.43
C ALA E 450 48.28 0.34 -24.26
N ILE E 451 47.33 1.23 -24.53
CA ILE E 451 46.28 1.61 -23.56
C ILE E 451 45.38 0.38 -23.39
N SER E 452 45.06 0.00 -22.16
CA SER E 452 44.05 -1.04 -21.83
C SER E 452 42.96 -0.41 -20.97
N ILE E 453 41.71 -0.86 -21.14
CA ILE E 453 40.54 -0.32 -20.40
C ILE E 453 39.97 -1.46 -19.55
N PRO E 454 40.17 -1.42 -18.22
CA PRO E 454 39.54 -2.42 -17.35
C PRO E 454 38.00 -2.30 -17.41
N GLY E 455 37.33 -3.44 -17.48
CA GLY E 455 35.86 -3.50 -17.45
C GLY E 455 35.22 -3.06 -18.76
N LEU E 456 36.00 -2.93 -19.84
CA LEU E 456 35.47 -2.97 -21.22
C LEU E 456 36.22 -4.04 -22.01
N ASN E 457 35.45 -4.94 -22.64
CA ASN E 457 35.97 -6.02 -23.51
C ASN E 457 35.82 -5.54 -24.96
N LEU E 458 36.90 -5.09 -25.58
CA LEU E 458 36.89 -4.49 -26.94
C LEU E 458 36.52 -5.55 -27.98
N ASP E 459 36.70 -6.83 -27.67
CA ASP E 459 36.34 -7.96 -28.57
C ASP E 459 34.82 -8.11 -28.69
N ASP E 460 34.04 -7.44 -27.83
CA ASP E 460 32.56 -7.46 -27.87
C ASP E 460 32.01 -6.56 -28.98
N PHE E 461 32.85 -5.74 -29.61
CA PHE E 461 32.44 -4.69 -30.57
C PHE E 461 33.04 -4.96 -31.96
N MET E 462 32.43 -4.37 -32.98
CA MET E 462 32.89 -4.46 -34.39
C MET E 462 32.57 -3.13 -35.08
N THR E 463 33.32 -2.83 -36.13
CA THR E 463 33.11 -1.64 -37.01
C THR E 463 32.88 -2.15 -38.43
N GLU E 464 31.73 -1.83 -39.03
CA GLU E 464 31.42 -2.12 -40.46
C GLU E 464 31.75 -0.86 -41.28
N SER E 465 32.05 -1.05 -42.55
CA SER E 465 32.11 -0.03 -43.62
C SER E 465 30.97 -0.33 -44.58
N VAL E 466 30.03 0.60 -44.74
CA VAL E 466 28.94 0.50 -45.76
C VAL E 466 29.02 1.72 -46.68
N PHE E 467 28.37 1.62 -47.84
CA PHE E 467 28.21 2.72 -48.81
C PHE E 467 26.72 2.89 -49.09
N TYR E 468 26.23 4.14 -49.05
CA TYR E 468 24.79 4.45 -49.26
C TYR E 468 24.68 5.58 -50.28
N PRO E 469 23.61 5.58 -51.11
CA PRO E 469 23.35 6.70 -52.02
C PRO E 469 22.70 7.88 -51.28
N SER E 470 23.22 9.08 -51.53
CA SER E 470 22.62 10.35 -51.03
C SER E 470 21.40 10.70 -51.89
N LYS E 471 20.68 11.75 -51.52
CA LYS E 471 19.54 12.32 -52.29
C LYS E 471 19.93 12.44 -53.77
N ASP E 472 21.12 12.94 -54.10
CA ASP E 472 21.52 13.20 -55.52
C ASP E 472 22.16 11.96 -56.13
N GLY E 473 22.20 10.83 -55.41
CA GLY E 473 22.69 9.54 -55.95
C GLY E 473 24.17 9.31 -55.67
N THR E 474 24.88 10.31 -55.14
CA THR E 474 26.32 10.20 -54.77
C THR E 474 26.50 9.08 -53.73
N SER E 475 27.50 8.22 -53.93
CA SER E 475 27.89 7.15 -52.99
C SER E 475 28.66 7.74 -51.81
N VAL E 476 28.17 7.51 -50.59
CA VAL E 476 28.80 8.04 -49.34
C VAL E 476 29.22 6.84 -48.50
N HIS E 477 30.43 6.87 -47.97
CA HIS E 477 30.96 5.86 -47.01
C HIS E 477 30.41 6.15 -45.62
N MET E 478 30.13 5.10 -44.84
CA MET E 478 29.72 5.24 -43.43
C MET E 478 30.36 4.13 -42.60
N PHE E 479 30.93 4.50 -41.46
CA PHE E 479 31.39 3.58 -40.39
C PHE E 479 30.22 3.31 -39.45
N ILE E 480 30.00 2.04 -39.09
CA ILE E 480 28.97 1.61 -38.11
C ILE E 480 29.66 0.76 -37.04
N THR E 481 29.78 1.27 -35.82
CA THR E 481 30.35 0.54 -34.66
C THR E 481 29.20 0.06 -33.77
N ARG E 482 29.24 -1.21 -33.36
CA ARG E 482 28.14 -1.82 -32.55
C ARG E 482 28.65 -3.03 -31.77
N PRO E 483 27.92 -3.47 -30.73
CA PRO E 483 28.19 -4.78 -30.12
C PRO E 483 27.89 -5.85 -31.18
N LYS E 484 28.75 -6.87 -31.26
CA LYS E 484 28.62 -8.00 -32.22
C LYS E 484 27.27 -8.69 -32.04
N ASP E 485 26.74 -8.74 -30.81
CA ASP E 485 25.54 -9.53 -30.44
C ASP E 485 24.25 -8.69 -30.57
N VAL E 486 24.33 -7.42 -30.97
CA VAL E 486 23.11 -6.60 -31.24
C VAL E 486 22.50 -7.10 -32.55
N LEU E 487 21.19 -7.34 -32.57
CA LEU E 487 20.46 -7.84 -33.77
C LEU E 487 20.10 -6.65 -34.65
N LEU E 488 20.30 -6.77 -35.97
CA LEU E 488 19.84 -5.78 -36.98
C LEU E 488 18.40 -6.15 -37.37
N ASP E 489 17.45 -5.91 -36.47
CA ASP E 489 16.02 -6.28 -36.63
C ASP E 489 15.17 -5.00 -36.56
N GLY E 490 15.78 -3.84 -36.78
CA GLY E 490 15.09 -2.53 -36.83
C GLY E 490 14.62 -2.07 -35.48
N THR E 491 15.28 -2.45 -34.38
CA THR E 491 14.90 -2.07 -32.98
C THR E 491 15.98 -1.22 -32.31
N SER E 492 17.24 -1.30 -32.75
CA SER E 492 18.41 -0.68 -32.05
C SER E 492 18.30 0.84 -32.10
N PRO E 493 18.65 1.54 -31.00
CA PRO E 493 18.91 2.97 -31.05
C PRO E 493 20.19 3.25 -31.86
N VAL E 494 20.30 4.46 -32.41
CA VAL E 494 21.49 4.97 -33.14
C VAL E 494 21.93 6.28 -32.49
N LEU E 495 23.23 6.43 -32.24
CA LEU E 495 23.89 7.74 -32.06
C LEU E 495 24.69 8.02 -33.34
N GLN E 496 24.26 9.02 -34.12
CA GLN E 496 24.83 9.35 -35.44
C GLN E 496 25.52 10.72 -35.34
N TYR E 497 26.83 10.75 -35.54
CA TYR E 497 27.70 11.94 -35.37
C TYR E 497 28.17 12.42 -36.75
N GLY E 498 28.10 13.73 -36.98
CA GLY E 498 28.52 14.34 -38.25
C GLY E 498 29.13 15.71 -38.05
N TYR E 499 29.87 16.18 -39.04
CA TYR E 499 30.48 17.54 -39.06
C TYR E 499 30.15 18.13 -40.43
N GLY E 500 30.85 17.67 -41.47
CA GLY E 500 30.62 18.06 -42.87
C GLY E 500 31.08 19.48 -43.14
N GLY E 501 32.39 19.70 -43.32
CA GLY E 501 32.90 21.04 -43.68
C GLY E 501 34.39 21.21 -43.43
N PHE E 502 34.95 22.28 -44.00
CA PHE E 502 36.30 22.81 -43.70
C PHE E 502 37.35 21.73 -43.98
N SER E 503 37.08 20.80 -44.90
CA SER E 503 38.01 19.73 -45.31
C SER E 503 38.43 18.89 -44.09
N LEU E 504 37.62 18.83 -43.04
CA LEU E 504 37.88 18.04 -41.83
C LEU E 504 37.26 16.63 -41.99
N ALA E 505 38.10 15.60 -42.05
CA ALA E 505 37.66 14.18 -42.18
C ALA E 505 37.17 13.65 -40.83
N MET E 506 36.10 12.84 -40.83
CA MET E 506 35.65 12.09 -39.63
C MET E 506 36.34 10.72 -39.64
N LEU E 507 37.46 10.63 -38.94
CA LEU E 507 38.36 9.44 -38.91
C LEU E 507 37.89 8.47 -37.84
N PRO E 508 38.21 7.17 -37.97
CA PRO E 508 38.10 6.24 -36.85
C PRO E 508 38.83 6.85 -35.65
N THR E 509 38.10 7.03 -34.56
CA THR E 509 38.53 7.81 -33.37
C THR E 509 38.04 7.04 -32.14
N PHE E 510 38.86 6.91 -31.11
CA PHE E 510 38.47 6.14 -29.91
C PHE E 510 37.74 7.07 -28.95
N SER E 511 36.52 6.69 -28.56
CA SER E 511 35.81 7.30 -27.42
C SER E 511 35.22 6.18 -26.56
N LEU E 512 35.73 6.05 -25.33
CA LEU E 512 35.19 5.07 -24.36
C LEU E 512 33.68 5.32 -24.20
N SER E 513 33.28 6.58 -24.08
CA SER E 513 31.87 6.99 -23.82
C SER E 513 30.96 6.37 -24.87
N THR E 514 31.32 6.49 -26.14
CA THR E 514 30.53 6.00 -27.29
C THR E 514 30.32 4.48 -27.20
N LEU E 515 31.36 3.73 -26.82
CA LEU E 515 31.28 2.25 -26.69
C LEU E 515 30.37 1.91 -25.49
N LEU E 516 30.45 2.68 -24.39
CA LEU E 516 29.53 2.49 -23.22
C LEU E 516 28.09 2.78 -23.66
N PHE E 517 27.87 3.78 -24.50
CA PHE E 517 26.52 4.08 -25.07
C PHE E 517 26.04 2.82 -25.81
N CYS E 518 26.88 2.26 -26.67
CA CYS E 518 26.57 1.07 -27.51
C CYS E 518 26.22 -0.12 -26.59
N LYS E 519 27.02 -0.34 -25.54
CA LYS E 519 26.88 -1.49 -24.62
C LYS E 519 25.60 -1.32 -23.79
N ILE E 520 25.47 -0.19 -23.11
CA ILE E 520 24.41 0.08 -22.09
C ILE E 520 23.03 0.17 -22.78
N TYR E 521 22.93 0.67 -24.01
CA TYR E 521 21.64 0.85 -24.72
C TYR E 521 21.51 -0.10 -25.91
N ARG E 522 22.45 -1.04 -26.06
CA ARG E 522 22.38 -2.05 -27.15
C ARG E 522 22.25 -1.28 -28.47
N ALA E 523 23.08 -0.27 -28.65
CA ALA E 523 22.93 0.77 -29.69
C ALA E 523 24.06 0.68 -30.71
N ILE E 524 23.88 1.35 -31.84
CA ILE E 524 24.86 1.49 -32.95
C ILE E 524 25.40 2.92 -32.96
N TYR E 525 26.68 3.08 -33.29
CA TYR E 525 27.36 4.40 -33.43
C TYR E 525 27.73 4.59 -34.89
N ALA E 526 27.05 5.51 -35.58
CA ALA E 526 27.18 5.72 -37.04
C ALA E 526 27.95 7.01 -37.34
N ILE E 527 28.93 6.91 -38.21
CA ILE E 527 29.78 8.04 -38.69
C ILE E 527 29.71 8.05 -40.22
N PRO E 528 28.72 8.75 -40.81
CA PRO E 528 28.67 8.92 -42.26
C PRO E 528 29.70 9.97 -42.68
N ASN E 529 30.55 9.64 -43.65
CA ASN E 529 31.64 10.51 -44.16
C ASN E 529 31.04 11.45 -45.22
N ILE E 530 30.16 12.34 -44.76
CA ILE E 530 29.35 13.25 -45.62
C ILE E 530 30.27 14.28 -46.29
N ARG E 531 29.76 14.89 -47.36
CA ARG E 531 30.49 15.97 -48.09
C ARG E 531 30.78 17.11 -47.14
N GLY E 532 31.73 17.97 -47.51
CA GLY E 532 32.28 19.05 -46.65
C GLY E 532 33.63 18.64 -46.07
N GLY E 533 33.83 17.34 -45.80
CA GLY E 533 35.08 16.79 -45.29
C GLY E 533 36.06 16.54 -46.42
N SER E 534 37.25 16.02 -46.08
CA SER E 534 38.32 15.71 -47.05
C SER E 534 38.42 14.19 -47.32
N GLU E 535 37.43 13.39 -46.89
CA GLU E 535 37.51 11.91 -46.96
C GLU E 535 37.83 11.46 -48.39
N TYR E 536 37.23 12.06 -49.41
CA TYR E 536 37.48 11.70 -50.84
C TYR E 536 38.17 12.88 -51.52
N GLY E 537 39.10 13.52 -50.81
CA GLY E 537 39.94 14.61 -51.34
C GLY E 537 39.26 15.95 -51.20
N GLU E 538 39.92 17.01 -51.70
CA GLU E 538 39.44 18.38 -51.55
C GLU E 538 38.13 18.58 -52.32
N SER E 539 37.90 17.84 -53.41
CA SER E 539 36.64 17.91 -54.19
C SER E 539 35.45 17.51 -53.31
N TRP E 540 35.66 16.66 -52.30
CA TRP E 540 34.60 16.25 -51.33
C TRP E 540 34.17 17.44 -50.49
N HIS E 541 35.11 18.33 -50.14
CA HIS E 541 34.85 19.62 -49.45
C HIS E 541 34.09 20.57 -50.38
N ARG E 542 34.56 20.73 -51.62
CA ARG E 542 33.98 21.68 -52.60
C ARG E 542 32.52 21.31 -52.87
N GLU E 543 32.17 20.03 -52.82
CA GLU E 543 30.79 19.54 -53.09
C GLU E 543 29.89 19.68 -51.87
N GLY E 544 30.39 20.25 -50.77
CA GLY E 544 29.66 20.41 -49.50
C GLY E 544 29.89 21.77 -48.87
N MET E 545 30.01 22.82 -49.69
CA MET E 545 30.23 24.20 -49.20
C MET E 545 29.48 25.20 -50.10
N LEU E 546 29.32 26.43 -49.63
CA LEU E 546 28.70 27.56 -50.37
C LEU E 546 27.29 27.13 -50.82
N ASP E 547 26.97 27.24 -52.11
CA ASP E 547 25.64 26.90 -52.67
C ASP E 547 25.39 25.38 -52.60
N LYS E 548 26.38 24.57 -52.22
CA LYS E 548 26.25 23.09 -52.15
C LYS E 548 26.28 22.63 -50.69
N LYS E 549 26.22 23.55 -49.72
CA LYS E 549 26.15 23.17 -48.28
C LYS E 549 24.98 22.22 -48.06
N GLN E 550 23.87 22.42 -48.79
CA GLN E 550 22.65 21.57 -48.68
C GLN E 550 23.03 20.10 -48.90
N ASN E 551 24.03 19.79 -49.73
CA ASN E 551 24.48 18.40 -49.99
C ASN E 551 24.88 17.72 -48.68
N VAL E 552 25.49 18.47 -47.76
CA VAL E 552 25.98 17.96 -46.45
C VAL E 552 24.77 17.44 -45.66
N PHE E 553 23.71 18.25 -45.58
CA PHE E 553 22.47 17.91 -44.84
C PHE E 553 21.80 16.71 -45.51
N ASP E 554 21.74 16.71 -46.84
CA ASP E 554 21.13 15.62 -47.65
C ASP E 554 21.90 14.32 -47.38
N ASP E 555 23.24 14.37 -47.35
CA ASP E 555 24.08 13.18 -47.07
C ASP E 555 23.71 12.62 -45.70
N PHE E 556 23.57 13.50 -44.69
CA PHE E 556 23.36 13.09 -43.29
C PHE E 556 21.96 12.46 -43.14
N ASN E 557 20.95 13.11 -43.73
N ASN E 557 20.95 13.11 -43.74
CA ASN E 557 19.54 12.65 -43.73
CA ASN E 557 19.54 12.65 -43.73
C ASN E 557 19.48 11.27 -44.40
C ASN E 557 19.47 11.27 -44.41
N ALA E 558 20.12 11.11 -45.57
CA ALA E 558 20.12 9.85 -46.34
C ALA E 558 20.78 8.73 -45.52
N ALA E 559 21.79 9.05 -44.72
CA ALA E 559 22.44 8.06 -43.81
C ALA E 559 21.39 7.51 -42.85
N THR E 560 20.63 8.39 -42.20
CA THR E 560 19.56 7.99 -41.24
C THR E 560 18.51 7.14 -41.97
N GLU E 561 18.05 7.57 -43.14
CA GLU E 561 17.01 6.84 -43.92
C GLU E 561 17.55 5.46 -44.27
N TRP E 562 18.83 5.36 -44.61
CA TRP E 562 19.46 4.06 -44.97
C TRP E 562 19.49 3.14 -43.74
N LEU E 563 19.89 3.65 -42.57
CA LEU E 563 19.98 2.86 -41.32
C LEU E 563 18.61 2.28 -40.98
N ILE E 564 17.53 3.07 -41.14
CA ILE E 564 16.13 2.63 -40.87
C ILE E 564 15.71 1.59 -41.91
N ALA E 565 15.94 1.86 -43.19
CA ALA E 565 15.48 1.02 -44.34
C ALA E 565 16.16 -0.35 -44.30
N ASN E 566 17.41 -0.43 -43.82
CA ASN E 566 18.20 -1.68 -43.81
C ASN E 566 18.17 -2.31 -42.39
N LYS E 567 17.30 -1.81 -41.51
CA LYS E 567 16.94 -2.42 -40.19
C LYS E 567 18.13 -2.40 -39.24
N TYR E 568 19.08 -1.48 -39.43
CA TYR E 568 20.14 -1.22 -38.43
C TYR E 568 19.51 -0.55 -37.21
N ALA E 569 18.51 0.30 -37.43
CA ALA E 569 17.96 1.21 -36.42
C ALA E 569 16.44 1.27 -36.49
N SER E 570 15.81 1.46 -35.32
CA SER E 570 14.37 1.82 -35.21
C SER E 570 14.16 3.25 -35.73
N LYS E 571 13.15 3.48 -36.56
CA LYS E 571 12.70 4.84 -36.99
C LYS E 571 12.46 5.75 -35.78
N ASP E 572 12.21 5.20 -34.59
CA ASP E 572 11.81 5.96 -33.38
C ASP E 572 13.00 6.22 -32.46
N ARG E 573 14.21 5.79 -32.80
CA ARG E 573 15.35 5.84 -31.85
C ARG E 573 16.62 6.38 -32.54
N ILE E 574 16.49 7.39 -33.41
CA ILE E 574 17.67 8.07 -34.04
C ILE E 574 18.05 9.28 -33.19
N ALA E 575 19.24 9.25 -32.60
CA ALA E 575 19.87 10.44 -31.96
C ALA E 575 20.99 10.95 -32.87
N ILE E 576 21.02 12.25 -33.14
CA ILE E 576 22.10 12.88 -33.95
C ILE E 576 22.87 13.88 -33.08
N ARG E 577 24.13 14.08 -33.46
CA ARG E 577 25.13 14.81 -32.65
C ARG E 577 26.05 15.58 -33.59
N GLY E 578 26.43 16.79 -33.20
CA GLY E 578 27.32 17.66 -34.00
C GLY E 578 27.77 18.84 -33.18
N GLY E 579 28.95 19.37 -33.49
CA GLY E 579 29.56 20.51 -32.76
C GLY E 579 30.09 21.57 -33.72
N ALA E 580 29.88 22.85 -33.41
CA ALA E 580 30.41 24.01 -34.15
C ALA E 580 29.80 24.01 -35.57
N ASN E 581 30.58 23.78 -36.61
CA ASN E 581 30.03 23.61 -37.98
C ASN E 581 29.07 22.41 -38.00
N GLY E 582 29.31 21.40 -37.15
CA GLY E 582 28.41 20.24 -36.98
C GLY E 582 27.06 20.64 -36.39
N GLY E 583 27.01 21.78 -35.68
CA GLY E 583 25.75 22.39 -35.19
C GLY E 583 24.91 22.97 -36.31
N VAL E 584 25.54 23.41 -37.41
CA VAL E 584 24.78 23.82 -38.63
C VAL E 584 24.04 22.57 -39.12
N LEU E 585 24.76 21.44 -39.16
CA LEU E 585 24.24 20.13 -39.62
C LEU E 585 23.05 19.69 -38.75
N THR E 586 23.20 19.67 -37.43
CA THR E 586 22.16 19.12 -36.51
C THR E 586 20.92 20.01 -36.56
N THR E 587 21.08 21.32 -36.52
CA THR E 587 19.94 22.28 -36.51
C THR E 587 19.24 22.29 -37.88
N ALA E 588 20.00 22.24 -38.98
CA ALA E 588 19.41 22.21 -40.35
C ALA E 588 18.62 20.91 -40.55
N CYS E 589 19.20 19.76 -40.19
CA CYS E 589 18.55 18.44 -40.36
C CYS E 589 17.29 18.35 -39.50
N ALA E 590 17.31 18.89 -38.27
CA ALA E 590 16.14 18.94 -37.37
C ALA E 590 15.03 19.75 -38.03
N ASN E 591 15.38 20.87 -38.66
CA ASN E 591 14.41 21.75 -39.38
C ASN E 591 13.84 21.03 -40.61
N GLN E 592 14.66 20.33 -41.38
CA GLN E 592 14.28 19.86 -42.73
C GLN E 592 13.62 18.47 -42.69
N ALA E 593 13.87 17.68 -41.64
CA ALA E 593 13.34 16.31 -41.50
C ALA E 593 13.13 16.01 -40.02
N PRO E 594 12.29 16.80 -39.33
CA PRO E 594 12.12 16.62 -37.89
C PRO E 594 11.62 15.22 -37.51
N GLY E 595 10.86 14.60 -38.41
CA GLY E 595 10.25 13.26 -38.22
C GLY E 595 11.26 12.13 -38.24
N LEU E 596 12.47 12.33 -38.79
CA LEU E 596 13.52 11.28 -38.82
C LEU E 596 14.14 11.09 -37.44
N TYR E 597 14.21 12.16 -36.64
CA TYR E 597 15.11 12.22 -35.46
C TYR E 597 14.25 12.21 -34.21
N ARG E 598 14.72 11.51 -33.18
CA ARG E 598 14.08 11.48 -31.85
C ARG E 598 14.89 12.32 -30.86
N CYS E 599 16.14 12.63 -31.15
CA CYS E 599 17.00 13.40 -30.21
C CYS E 599 18.12 14.05 -31.00
N VAL E 600 18.38 15.31 -30.72
CA VAL E 600 19.38 16.15 -31.43
C VAL E 600 20.26 16.81 -30.37
N ILE E 601 21.55 16.47 -30.40
CA ILE E 601 22.60 17.03 -29.52
C ILE E 601 23.43 18.02 -30.35
N THR E 602 23.46 19.27 -29.94
CA THR E 602 24.22 20.36 -30.61
C THR E 602 25.23 20.90 -29.59
N ILE E 603 26.52 20.87 -29.95
CA ILE E 603 27.65 21.36 -29.10
C ILE E 603 28.16 22.67 -29.73
N GLU E 604 28.11 23.78 -29.01
CA GLU E 604 28.67 25.09 -29.46
C GLU E 604 28.31 25.31 -30.93
N GLY E 605 27.02 25.24 -31.25
CA GLY E 605 26.53 25.28 -32.62
C GLY E 605 26.71 26.64 -33.29
N ILE E 606 27.05 26.63 -34.58
CA ILE E 606 26.86 27.76 -35.52
C ILE E 606 25.46 27.58 -36.12
N ILE E 607 24.58 28.57 -35.96
CA ILE E 607 23.12 28.41 -36.26
C ILE E 607 22.59 29.62 -37.02
N ASP E 608 22.93 30.85 -36.62
CA ASP E 608 22.55 32.07 -37.38
C ASP E 608 23.53 32.28 -38.54
N MET E 609 23.17 31.84 -39.73
CA MET E 609 24.04 31.84 -40.92
C MET E 609 23.96 33.20 -41.65
N LEU E 610 23.21 34.18 -41.12
CA LEU E 610 23.21 35.58 -41.65
C LEU E 610 24.14 36.45 -40.80
N ARG E 611 24.19 36.24 -39.49
CA ARG E 611 24.86 37.17 -38.54
C ARG E 611 26.27 36.65 -38.18
N PHE E 612 26.65 35.45 -38.59
CA PHE E 612 27.91 34.78 -38.12
C PHE E 612 29.13 35.68 -38.35
N PRO E 613 29.27 36.46 -39.47
CA PRO E 613 30.46 37.27 -39.69
C PRO E 613 30.73 38.39 -38.66
N LYS E 614 29.71 38.79 -37.90
CA LYS E 614 29.77 39.99 -37.02
C LYS E 614 30.46 39.66 -35.70
N PHE E 615 30.81 38.41 -35.43
CA PHE E 615 31.28 37.96 -34.10
C PHE E 615 32.60 37.18 -34.20
N THR E 616 33.52 37.51 -33.28
CA THR E 616 34.90 36.95 -33.11
C THR E 616 35.47 36.52 -34.46
N PHE E 617 35.56 35.21 -34.73
CA PHE E 617 36.31 34.64 -35.88
C PHE E 617 35.35 34.26 -37.00
N GLY E 618 34.08 34.65 -36.88
CA GLY E 618 33.01 34.22 -37.81
C GLY E 618 33.25 34.71 -39.23
N ALA E 619 33.80 35.90 -39.42
CA ALA E 619 34.00 36.50 -40.77
C ALA E 619 34.85 35.54 -41.62
N SER E 620 35.79 34.83 -41.01
CA SER E 620 36.66 33.86 -41.71
C SER E 620 35.82 32.73 -42.33
N TRP E 621 34.63 32.42 -41.80
CA TRP E 621 33.79 31.28 -42.29
C TRP E 621 33.08 31.64 -43.60
N ARG E 622 33.19 32.89 -44.07
CA ARG E 622 32.52 33.34 -45.32
C ARG E 622 33.02 32.54 -46.53
N SER E 623 34.25 32.03 -46.51
CA SER E 623 34.80 31.17 -47.60
C SER E 623 34.03 29.84 -47.65
N GLU E 624 33.47 29.39 -46.52
CA GLU E 624 32.79 28.07 -46.38
C GLU E 624 31.29 28.23 -46.69
N TYR E 625 30.62 29.17 -46.00
CA TYR E 625 29.15 29.32 -46.01
C TYR E 625 28.70 30.32 -47.08
N GLY E 626 29.58 31.26 -47.45
CA GLY E 626 29.25 32.39 -48.33
C GLY E 626 29.17 33.66 -47.52
N ASP E 627 29.01 34.80 -48.20
CA ASP E 627 28.89 36.13 -47.56
C ASP E 627 27.42 36.49 -47.52
N PRO E 628 26.77 36.50 -46.33
CA PRO E 628 25.36 36.83 -46.24
C PRO E 628 25.01 38.25 -46.74
N GLU E 629 25.98 39.15 -46.79
CA GLU E 629 25.82 40.55 -47.29
C GLU E 629 26.08 40.62 -48.80
N ASP E 630 26.34 39.49 -49.47
CA ASP E 630 26.38 39.41 -50.95
C ASP E 630 25.01 38.95 -51.42
N PRO E 631 24.40 39.61 -52.43
CA PRO E 631 23.05 39.29 -52.85
C PRO E 631 22.84 37.85 -53.36
N GLU E 632 23.80 37.30 -54.11
CA GLU E 632 23.74 35.92 -54.65
C GLU E 632 23.84 34.90 -53.51
N ASP E 633 24.81 35.10 -52.62
CA ASP E 633 25.09 34.21 -51.46
C ASP E 633 23.90 34.24 -50.50
N PHE E 634 23.31 35.41 -50.27
CA PHE E 634 22.15 35.57 -49.34
C PHE E 634 21.09 34.52 -49.68
N ASP E 635 20.73 34.38 -50.96
CA ASP E 635 19.57 33.54 -51.40
C ASP E 635 19.83 32.07 -51.01
N PHE E 636 21.02 31.53 -51.28
CA PHE E 636 21.27 30.10 -50.98
C PHE E 636 21.51 29.90 -49.47
N ILE E 637 22.08 30.89 -48.76
CA ILE E 637 22.28 30.80 -47.28
C ILE E 637 20.91 30.82 -46.60
N PHE E 638 20.05 31.76 -47.00
CA PHE E 638 18.73 31.99 -46.38
C PHE E 638 17.86 30.73 -46.49
N LYS E 639 18.00 29.96 -47.56
CA LYS E 639 17.23 28.71 -47.78
C LYS E 639 17.43 27.72 -46.63
N TYR E 640 18.62 27.60 -46.05
CA TYR E 640 18.91 26.57 -45.01
C TYR E 640 19.21 27.18 -43.64
N SER E 641 19.63 28.46 -43.56
CA SER E 641 20.06 29.08 -42.27
C SER E 641 19.14 28.57 -41.16
N PRO E 642 19.60 27.63 -40.30
CA PRO E 642 18.68 26.97 -39.38
C PRO E 642 17.91 27.95 -38.49
N TYR E 643 18.53 29.05 -38.05
CA TYR E 643 17.87 30.07 -37.19
C TYR E 643 16.65 30.66 -37.89
N HIS E 644 16.62 30.68 -39.23
CA HIS E 644 15.59 31.35 -40.05
C HIS E 644 14.63 30.34 -40.68
N ASN E 645 14.75 29.04 -40.38
CA ASN E 645 13.95 28.00 -41.07
C ASN E 645 13.35 27.02 -40.07
N ILE E 646 13.15 27.44 -38.81
CA ILE E 646 12.39 26.60 -37.82
C ILE E 646 11.02 26.35 -38.45
N PRO E 647 10.52 25.10 -38.52
CA PRO E 647 9.26 24.85 -39.21
C PRO E 647 8.08 25.50 -38.49
N PRO E 648 7.05 25.98 -39.24
CA PRO E 648 5.90 26.60 -38.61
C PRO E 648 5.23 25.64 -37.63
N PRO E 649 4.72 26.10 -36.47
CA PRO E 649 4.10 25.20 -35.50
C PRO E 649 2.80 24.59 -36.04
N GLY E 650 2.41 23.39 -35.62
CA GLY E 650 1.22 22.70 -36.14
C GLY E 650 1.50 21.28 -36.61
N ASP E 651 1.73 21.08 -37.91
CA ASP E 651 2.01 19.75 -38.50
C ASP E 651 3.52 19.46 -38.41
N THR E 652 4.16 19.90 -37.33
CA THR E 652 5.57 19.51 -37.02
C THR E 652 5.68 19.12 -35.55
N VAL E 653 6.22 17.93 -35.30
CA VAL E 653 6.71 17.49 -33.97
C VAL E 653 8.23 17.60 -34.00
N MET E 654 8.80 18.59 -33.31
CA MET E 654 10.25 18.79 -33.18
C MET E 654 10.80 17.66 -32.33
N PRO E 655 11.96 17.06 -32.69
CA PRO E 655 12.62 16.13 -31.78
C PRO E 655 13.01 16.85 -30.50
N ALA E 656 13.25 16.08 -29.43
CA ALA E 656 13.93 16.56 -28.21
C ALA E 656 15.29 17.11 -28.62
N MET E 657 15.69 18.26 -28.07
CA MET E 657 16.93 18.93 -28.47
C MET E 657 17.67 19.40 -27.22
N LEU E 658 18.96 19.08 -27.13
CA LEU E 658 19.84 19.54 -26.04
C LEU E 658 21.00 20.30 -26.66
N PHE E 659 21.15 21.56 -26.27
CA PHE E 659 22.23 22.45 -26.75
C PHE E 659 23.25 22.64 -25.62
N PHE E 660 24.50 22.29 -25.88
CA PHE E 660 25.64 22.54 -24.96
C PHE E 660 26.32 23.83 -25.41
N THR E 661 26.59 24.73 -24.47
CA THR E 661 27.41 25.95 -24.72
C THR E 661 27.94 26.45 -23.38
N ALA E 662 29.07 27.15 -23.42
CA ALA E 662 29.56 28.01 -22.33
C ALA E 662 28.81 29.35 -22.40
N ALA E 663 28.85 30.15 -21.32
CA ALA E 663 28.31 31.53 -21.31
C ALA E 663 29.23 32.45 -22.11
N TYR E 664 30.55 32.19 -22.08
CA TYR E 664 31.60 32.87 -22.89
C TYR E 664 32.32 31.82 -23.73
N ASP E 665 32.47 32.06 -25.04
CA ASP E 665 33.23 31.21 -25.97
C ASP E 665 33.65 32.08 -27.17
N ASP E 666 34.94 32.19 -27.44
CA ASP E 666 35.51 32.99 -28.57
C ASP E 666 35.37 32.22 -29.88
N ARG E 667 35.46 30.89 -29.83
CA ARG E 667 35.51 30.00 -31.03
C ARG E 667 34.16 30.08 -31.75
N VAL E 668 33.06 29.85 -31.03
CA VAL E 668 31.67 30.07 -31.53
C VAL E 668 30.90 30.88 -30.47
N SER E 669 30.52 32.10 -30.81
CA SER E 669 29.77 33.00 -29.89
C SER E 669 28.50 32.29 -29.45
N PRO E 670 28.25 32.19 -28.13
CA PRO E 670 27.09 31.46 -27.60
C PRO E 670 25.74 32.03 -28.08
N LEU E 671 25.71 33.26 -28.59
CA LEU E 671 24.49 33.90 -29.13
C LEU E 671 23.80 32.98 -30.15
N HIS E 672 24.56 32.18 -30.90
CA HIS E 672 23.98 31.23 -31.89
C HIS E 672 23.01 30.31 -31.17
N THR E 673 23.46 29.68 -30.08
CA THR E 673 22.63 28.77 -29.24
C THR E 673 21.51 29.56 -28.56
N PHE E 674 21.85 30.69 -27.91
CA PHE E 674 20.90 31.51 -27.13
C PHE E 674 19.65 31.81 -27.97
N LYS E 675 19.86 32.36 -29.18
CA LYS E 675 18.75 32.86 -30.03
C LYS E 675 17.95 31.66 -30.55
N HIS E 676 18.62 30.60 -31.01
CA HIS E 676 17.92 29.43 -31.60
C HIS E 676 17.07 28.73 -30.53
N VAL E 677 17.57 28.60 -29.30
CA VAL E 677 16.84 27.99 -28.17
C VAL E 677 15.59 28.85 -27.87
N ALA E 678 15.76 30.18 -27.80
CA ALA E 678 14.65 31.13 -27.60
C ALA E 678 13.59 30.92 -28.68
N ALA E 679 14.00 30.88 -29.95
CA ALA E 679 13.10 30.80 -31.12
C ALA E 679 12.40 29.44 -31.15
N LEU E 680 13.10 28.34 -30.83
CA LEU E 680 12.49 26.99 -30.80
C LEU E 680 11.42 26.93 -29.70
N GLN E 681 11.74 27.45 -28.50
CA GLN E 681 10.82 27.46 -27.33
C GLN E 681 9.60 28.34 -27.63
N HIS E 682 9.79 29.44 -28.36
CA HIS E 682 8.70 30.36 -28.76
C HIS E 682 7.79 29.65 -29.76
N ASN E 683 8.38 28.98 -30.75
CA ASN E 683 7.66 28.32 -31.86
C ASN E 683 6.90 27.09 -31.35
N PHE E 684 7.48 26.37 -30.38
CA PHE E 684 6.95 25.08 -29.85
C PHE E 684 6.86 25.17 -28.33
N PRO E 685 6.01 26.05 -27.79
CA PRO E 685 5.97 26.27 -26.34
C PRO E 685 5.45 25.07 -25.52
N LYS E 686 4.77 24.12 -26.16
CA LYS E 686 4.20 22.91 -25.50
C LYS E 686 5.01 21.65 -25.82
N GLY E 687 6.14 21.77 -26.50
CA GLY E 687 6.90 20.59 -26.95
C GLY E 687 6.19 19.90 -28.11
N PRO E 688 5.81 18.60 -28.03
CA PRO E 688 5.86 17.82 -26.80
C PRO E 688 7.25 17.42 -26.27
N ASN E 689 8.29 17.57 -27.09
CA ASN E 689 9.68 17.18 -26.73
C ASN E 689 10.46 18.43 -26.34
N PRO E 690 11.14 18.42 -25.16
CA PRO E 690 11.79 19.61 -24.66
C PRO E 690 13.00 20.05 -25.49
N CYS E 691 13.20 21.37 -25.57
CA CYS E 691 14.37 22.04 -26.15
C CYS E 691 15.12 22.75 -25.01
N LEU E 692 16.29 22.23 -24.64
CA LEU E 692 17.01 22.63 -23.40
C LEU E 692 18.38 23.20 -23.77
N MET E 693 18.85 24.16 -22.97
CA MET E 693 20.23 24.69 -23.06
C MET E 693 20.99 24.31 -21.80
N ARG E 694 22.00 23.48 -21.96
CA ARG E 694 22.90 22.99 -20.88
C ARG E 694 24.14 23.91 -20.86
N ILE E 695 24.23 24.80 -19.88
CA ILE E 695 25.24 25.89 -19.79
C ILE E 695 26.32 25.52 -18.75
N ASP E 696 27.59 25.60 -19.15
CA ASP E 696 28.76 25.67 -18.23
C ASP E 696 29.10 27.16 -17.97
N LEU E 697 29.06 27.62 -16.72
CA LEU E 697 29.42 29.03 -16.37
C LEU E 697 30.94 29.11 -16.09
N ASN E 698 31.59 27.96 -15.87
CA ASN E 698 32.97 27.82 -15.35
C ASN E 698 33.97 27.54 -16.49
N GLY E 704 40.48 22.66 -23.41
CA GLY E 704 41.01 22.62 -22.03
C GLY E 704 39.96 22.22 -20.99
N LYS E 705 39.04 21.35 -21.38
CA LYS E 705 37.89 20.90 -20.54
C LYS E 705 38.37 19.86 -19.54
N SER E 706 38.11 20.06 -18.24
CA SER E 706 38.46 19.08 -17.17
C SER E 706 37.78 17.73 -17.41
N THR E 707 38.39 16.62 -17.01
CA THR E 707 37.82 15.25 -17.10
C THR E 707 36.46 15.24 -16.44
N GLN E 708 36.32 15.86 -15.26
CA GLN E 708 35.06 15.82 -14.46
C GLN E 708 33.94 16.53 -15.23
N GLU E 709 34.25 17.67 -15.88
CA GLU E 709 33.25 18.43 -16.67
C GLU E 709 32.83 17.59 -17.88
N MET E 710 33.78 16.94 -18.56
CA MET E 710 33.53 16.09 -19.75
C MET E 710 32.57 14.97 -19.34
N LEU E 711 32.77 14.35 -18.16
CA LEU E 711 31.92 13.22 -17.67
C LEU E 711 30.51 13.73 -17.38
N GLU E 712 30.39 14.88 -16.71
CA GLU E 712 29.09 15.50 -16.35
C GLU E 712 28.32 15.85 -17.62
N GLU E 713 28.99 16.43 -18.62
CA GLU E 713 28.39 16.77 -19.93
C GLU E 713 27.91 15.50 -20.62
N THR E 714 28.70 14.43 -20.61
CA THR E 714 28.36 13.14 -21.27
C THR E 714 27.19 12.48 -20.54
N ALA E 715 27.15 12.56 -19.21
CA ALA E 715 26.07 11.99 -18.37
C ALA E 715 24.76 12.72 -18.71
N ASP E 716 24.79 14.04 -18.83
CA ASP E 716 23.65 14.87 -19.28
C ASP E 716 23.22 14.45 -20.68
N GLU E 717 24.16 14.31 -21.61
CA GLU E 717 23.87 13.97 -23.02
C GLU E 717 23.21 12.57 -23.09
N TYR E 718 23.82 11.57 -22.47
CA TYR E 718 23.37 10.15 -22.61
C TYR E 718 22.05 9.96 -21.87
N SER E 719 21.88 10.53 -20.67
CA SER E 719 20.63 10.39 -19.87
C SER E 719 19.49 11.09 -20.62
N PHE E 720 19.75 12.24 -21.24
CA PHE E 720 18.77 12.98 -22.07
C PHE E 720 18.41 12.14 -23.30
N ILE E 721 19.37 11.53 -23.99
CA ILE E 721 19.07 10.68 -25.17
C ILE E 721 18.21 9.50 -24.68
N GLY E 722 18.60 8.86 -23.58
CA GLY E 722 17.88 7.73 -22.96
C GLY E 722 16.42 8.08 -22.67
N LYS E 723 16.19 9.20 -21.99
CA LYS E 723 14.83 9.70 -21.66
C LYS E 723 14.08 10.00 -22.96
N SER E 724 14.69 10.75 -23.87
CA SER E 724 14.06 11.25 -25.13
C SER E 724 13.61 10.08 -26.01
N MET E 725 14.34 8.97 -26.01
CA MET E 725 14.11 7.87 -26.98
C MET E 725 13.51 6.64 -26.26
N GLY E 726 13.18 6.76 -24.97
CA GLY E 726 12.52 5.71 -24.16
C GLY E 726 13.41 4.52 -23.91
N LEU E 727 14.70 4.72 -23.66
CA LEU E 727 15.69 3.62 -23.50
C LEU E 727 15.85 3.30 -22.02
N THR E 728 16.02 2.03 -21.69
CA THR E 728 16.43 1.53 -20.35
C THR E 728 17.91 1.16 -20.37
N MET E 729 18.66 1.55 -19.35
CA MET E 729 20.09 1.14 -19.17
C MET E 729 20.15 -0.34 -18.81
N GLN E 730 20.96 -1.12 -19.53
CA GLN E 730 21.15 -2.58 -19.34
C GLN E 730 22.22 -2.81 -18.28
N PHE F 3 43.89 65.07 55.67
CA PHE F 3 42.83 64.84 56.69
C PHE F 3 41.92 66.07 56.76
N PRO F 4 40.59 65.94 56.52
CA PRO F 4 39.71 67.12 56.55
C PRO F 4 39.47 67.64 57.96
N GLY F 5 39.33 68.97 58.10
CA GLY F 5 39.16 69.70 59.38
C GLY F 5 37.94 69.27 60.18
N TRP F 6 36.93 68.71 59.52
CA TRP F 6 35.64 68.27 60.14
C TRP F 6 35.77 66.89 60.79
N GLY F 7 36.78 66.10 60.41
CA GLY F 7 37.02 64.75 60.95
C GLY F 7 37.68 64.78 62.32
N PRO F 8 37.92 63.62 62.97
CA PRO F 8 37.49 62.33 62.43
C PRO F 8 36.03 62.00 62.75
N TYR F 9 35.49 60.98 62.08
CA TYR F 9 34.15 60.43 62.36
C TYR F 9 34.11 59.89 63.79
N PRO F 10 32.95 59.90 64.47
CA PRO F 10 32.79 59.18 65.74
C PRO F 10 33.03 57.70 65.51
N PRO F 11 33.65 57.00 66.50
CA PRO F 11 33.93 55.57 66.33
C PRO F 11 32.63 54.75 66.40
N VAL F 12 32.56 53.67 65.62
CA VAL F 12 31.42 52.71 65.64
C VAL F 12 32.00 51.31 65.81
N GLU F 13 31.58 50.64 66.89
CA GLU F 13 31.98 49.25 67.23
C GLU F 13 31.62 48.34 66.05
N ARG F 14 32.52 47.43 65.69
CA ARG F 14 32.27 46.41 64.65
C ARG F 14 32.21 45.05 65.32
N ASP F 15 31.30 44.19 64.86
CA ASP F 15 31.30 42.73 65.19
C ASP F 15 31.81 41.99 63.95
N GLU F 16 33.09 41.64 63.94
CA GLU F 16 33.77 41.04 62.76
C GLU F 16 33.27 39.60 62.54
N THR F 17 32.64 38.98 63.54
CA THR F 17 32.17 37.56 63.50
C THR F 17 30.70 37.49 63.02
N SER F 18 29.94 38.57 63.06
CA SER F 18 28.49 38.60 62.73
C SER F 18 28.29 38.31 61.23
N ALA F 19 27.58 37.23 60.89
CA ALA F 19 27.27 36.86 59.49
C ALA F 19 25.97 36.05 59.42
N ILE F 20 25.32 36.09 58.26
CA ILE F 20 24.16 35.23 57.90
C ILE F 20 24.50 34.54 56.57
N THR F 21 24.15 33.27 56.44
CA THR F 21 24.31 32.50 55.17
C THR F 21 22.96 32.49 54.47
N TYR F 22 22.97 32.80 53.17
CA TYR F 22 21.78 32.94 52.30
C TYR F 22 21.91 31.89 51.21
N SER F 23 20.81 31.21 50.90
CA SER F 23 20.75 30.29 49.74
C SER F 23 20.93 31.14 48.47
N SER F 24 21.61 30.60 47.46
CA SER F 24 21.93 31.29 46.19
C SER F 24 21.82 30.29 45.04
N LYS F 25 21.07 30.64 44.00
CA LYS F 25 20.89 29.78 42.81
C LYS F 25 22.24 29.61 42.11
N LEU F 26 23.05 30.67 42.02
CA LEU F 26 24.30 30.69 41.23
C LEU F 26 25.46 30.04 42.01
N HIS F 27 25.50 30.24 43.34
CA HIS F 27 26.66 29.90 44.21
C HIS F 27 26.32 28.80 45.23
N GLY F 28 25.07 28.34 45.28
CA GLY F 28 24.59 27.39 46.32
C GLY F 28 24.29 28.10 47.63
N SER F 29 25.33 28.64 48.29
CA SER F 29 25.21 29.47 49.50
C SER F 29 26.18 30.66 49.41
N VAL F 30 25.83 31.78 50.06
CA VAL F 30 26.71 32.97 50.19
C VAL F 30 26.61 33.42 51.66
N THR F 31 27.75 33.54 52.32
CA THR F 31 27.84 34.06 53.71
C THR F 31 28.08 35.56 53.61
N VAL F 32 27.21 36.35 54.24
CA VAL F 32 27.25 37.83 54.19
C VAL F 32 27.64 38.30 55.60
N ARG F 33 28.77 38.98 55.72
CA ARG F 33 29.23 39.58 57.00
C ARG F 33 28.40 40.84 57.22
N ASP F 34 27.93 41.08 58.44
CA ASP F 34 27.27 42.35 58.82
C ASP F 34 27.93 42.85 60.10
N PRO F 35 29.06 43.58 60.00
CA PRO F 35 29.74 44.08 61.19
C PRO F 35 28.93 45.05 62.06
N TYR F 36 27.81 45.59 61.55
CA TYR F 36 26.98 46.60 62.25
C TYR F 36 25.62 46.03 62.65
N SER F 37 25.49 44.70 62.72
CA SER F 37 24.22 44.00 63.04
C SER F 37 23.67 44.44 64.41
N GLN F 38 24.54 44.84 65.37
CA GLN F 38 24.10 45.33 66.70
C GLN F 38 23.16 46.54 66.54
N LEU F 39 23.35 47.34 65.48
CA LEU F 39 22.55 48.58 65.27
C LEU F 39 21.13 48.25 64.79
N GLU F 40 20.81 46.95 64.58
CA GLU F 40 19.43 46.46 64.35
C GLU F 40 18.63 46.46 65.67
N VAL F 41 19.31 46.55 66.83
CA VAL F 41 18.60 46.62 68.14
C VAL F 41 18.14 48.06 68.34
N PRO F 42 16.84 48.29 68.63
CA PRO F 42 16.31 49.65 68.77
C PRO F 42 17.03 50.53 69.83
N PHE F 43 17.05 51.83 69.57
CA PHE F 43 17.62 52.91 70.42
C PHE F 43 17.28 52.65 71.90
N GLU F 44 15.99 52.42 72.20
CA GLU F 44 15.47 52.33 73.60
C GLU F 44 15.96 51.05 74.30
N ASP F 45 16.48 50.05 73.57
CA ASP F 45 16.80 48.69 74.08
C ASP F 45 18.32 48.44 74.13
N SER F 46 19.15 49.24 73.47
CA SER F 46 20.62 49.02 73.39
C SER F 46 21.37 50.30 73.78
N GLU F 47 22.29 50.19 74.75
CA GLU F 47 23.23 51.28 75.12
C GLU F 47 24.17 51.55 73.94
N GLU F 48 24.48 50.51 73.16
CA GLU F 48 25.36 50.59 71.96
C GLU F 48 24.65 51.43 70.89
N THR F 49 23.38 51.14 70.61
CA THR F 49 22.58 51.91 69.63
C THR F 49 22.45 53.36 70.14
N LYS F 50 22.19 53.54 71.44
CA LYS F 50 22.12 54.89 72.09
C LYS F 50 23.42 55.66 71.84
N ALA F 51 24.57 55.07 72.14
CA ALA F 51 25.90 55.71 72.00
C ALA F 51 26.15 56.10 70.53
N PHE F 52 25.76 55.22 69.59
CA PHE F 52 25.88 55.47 68.13
C PHE F 52 25.03 56.70 67.75
N VAL F 53 23.74 56.69 68.11
CA VAL F 53 22.77 57.77 67.75
C VAL F 53 23.26 59.10 68.33
N HIS F 54 23.60 59.14 69.62
CA HIS F 54 24.01 60.40 70.33
C HIS F 54 25.29 60.97 69.69
N SER F 55 26.31 60.12 69.46
CA SER F 55 27.62 60.56 68.89
C SER F 55 27.42 61.02 67.44
N GLN F 56 26.68 60.25 66.62
CA GLN F 56 26.43 60.59 65.21
C GLN F 56 25.61 61.89 65.13
N ARG F 57 24.60 62.03 65.98
CA ARG F 57 23.69 63.21 66.03
C ARG F 57 24.51 64.47 66.35
N LYS F 58 25.36 64.38 67.37
CA LYS F 58 26.19 65.52 67.87
C LYS F 58 27.18 65.94 66.77
N PHE F 59 27.76 64.96 66.08
CA PHE F 59 28.76 65.17 65.00
C PHE F 59 28.11 65.90 63.81
N ALA F 60 26.94 65.43 63.38
CA ALA F 60 26.17 66.04 62.27
C ALA F 60 25.79 67.48 62.65
N ARG F 61 25.26 67.69 63.86
CA ARG F 61 24.76 69.01 64.33
C ARG F 61 25.92 70.01 64.32
N THR F 62 27.11 69.60 64.80
CA THR F 62 28.31 70.47 64.84
C THR F 62 28.63 70.95 63.41
N TYR F 63 28.69 70.04 62.44
CA TYR F 63 29.02 70.37 61.04
C TYR F 63 27.95 71.31 60.46
N LEU F 64 26.67 70.93 60.59
CA LEU F 64 25.52 71.67 59.99
C LEU F 64 25.45 73.09 60.58
N ASP F 65 25.61 73.21 61.91
CA ASP F 65 25.46 74.49 62.66
C ASP F 65 26.67 75.38 62.47
N GLU F 66 27.83 74.84 62.08
CA GLU F 66 29.05 75.65 61.83
C GLU F 66 28.84 76.52 60.58
N ASN F 67 27.98 76.09 59.66
CA ASN F 67 27.67 76.80 58.39
C ASN F 67 26.66 77.94 58.66
N PRO F 68 27.03 79.22 58.48
CA PRO F 68 26.10 80.33 58.74
C PRO F 68 24.88 80.31 57.80
N ASP F 69 25.00 79.67 56.63
CA ASP F 69 23.90 79.52 55.64
C ASP F 69 22.76 78.67 56.23
N ARG F 70 23.01 77.92 57.31
CA ARG F 70 21.95 77.10 57.97
C ARG F 70 20.89 78.04 58.56
N GLU F 71 21.30 79.00 59.40
CA GLU F 71 20.39 80.01 60.00
C GLU F 71 19.80 80.91 58.91
N ALA F 72 20.58 81.27 57.90
CA ALA F 72 20.10 82.09 56.76
C ALA F 72 18.96 81.34 56.05
N TRP F 73 19.11 80.04 55.83
CA TRP F 73 18.07 79.20 55.18
C TRP F 73 16.84 79.12 56.09
N LEU F 74 17.03 78.91 57.40
CA LEU F 74 15.89 78.75 58.34
C LEU F 74 15.05 80.03 58.33
N GLU F 75 15.69 81.21 58.36
CA GLU F 75 15.00 82.52 58.35
C GLU F 75 14.24 82.70 57.03
N THR F 76 14.89 82.49 55.89
CA THR F 76 14.27 82.56 54.54
C THR F 76 13.02 81.65 54.49
N LEU F 77 13.17 80.40 54.96
CA LEU F 77 12.06 79.41 54.92
C LEU F 77 10.90 79.84 55.83
N LYS F 78 11.20 80.26 57.07
CA LYS F 78 10.19 80.71 58.07
C LYS F 78 9.32 81.81 57.46
N LYS F 79 9.96 82.84 56.89
CA LYS F 79 9.29 84.04 56.34
C LYS F 79 8.33 83.59 55.22
N SER F 80 8.81 82.79 54.27
CA SER F 80 8.09 82.44 53.03
C SER F 80 6.97 81.43 53.34
N TRP F 81 7.19 80.48 54.28
CA TRP F 81 6.22 79.40 54.61
C TRP F 81 5.02 79.95 55.39
N ASN F 82 5.10 81.21 55.86
CA ASN F 82 3.99 81.86 56.60
C ASN F 82 2.95 82.36 55.58
N TYR F 83 2.27 81.44 54.90
CA TYR F 83 1.21 81.71 53.90
C TYR F 83 0.02 80.79 54.18
N ARG F 84 -1.18 81.30 53.92
CA ARG F 84 -2.47 80.61 54.20
C ARG F 84 -2.64 79.45 53.22
N ARG F 85 -2.95 78.27 53.75
CA ARG F 85 -3.14 77.01 52.98
C ARG F 85 -4.52 76.45 53.31
N PHE F 86 -5.20 75.86 52.33
CA PHE F 86 -6.55 75.27 52.52
C PHE F 86 -6.78 74.17 51.48
N SER F 87 -7.67 73.24 51.82
CA SER F 87 -8.21 72.20 50.90
C SER F 87 -9.43 72.75 50.16
N ALA F 88 -9.90 71.99 49.17
CA ALA F 88 -11.22 72.13 48.53
C ALA F 88 -12.30 71.92 49.59
N LEU F 89 -13.45 72.56 49.43
CA LEU F 89 -14.63 72.35 50.30
C LEU F 89 -15.12 70.90 50.13
N LYS F 90 -15.42 70.24 51.23
CA LYS F 90 -15.88 68.83 51.28
C LYS F 90 -17.29 68.80 51.85
N PRO F 91 -18.32 68.43 51.06
CA PRO F 91 -19.70 68.41 51.55
C PRO F 91 -19.93 67.19 52.45
N GLU F 92 -20.59 67.37 53.58
CA GLU F 92 -20.85 66.30 54.58
C GLU F 92 -22.36 66.18 54.85
N SER F 93 -22.78 65.11 55.51
CA SER F 93 -24.20 64.72 55.73
C SER F 93 -24.89 65.66 56.72
N ASP F 94 -24.17 66.57 57.39
CA ASP F 94 -24.77 67.59 58.30
C ASP F 94 -25.08 68.91 57.53
N GLY F 95 -25.05 68.89 56.20
CA GLY F 95 -25.36 70.06 55.36
C GLY F 95 -24.33 71.19 55.50
N HIS F 96 -23.09 70.85 55.86
CA HIS F 96 -21.95 71.79 55.93
C HIS F 96 -20.88 71.33 54.94
N TYR F 97 -20.15 72.29 54.38
CA TYR F 97 -18.83 72.07 53.76
C TYR F 97 -17.78 72.11 54.86
N TYR F 98 -16.83 71.18 54.84
CA TYR F 98 -15.64 71.17 55.74
C TYR F 98 -14.40 71.43 54.88
N PHE F 99 -13.43 72.15 55.42
CA PHE F 99 -12.16 72.44 54.71
C PHE F 99 -11.02 72.54 55.70
N GLU F 100 -9.86 72.05 55.29
CA GLU F 100 -8.57 72.15 56.05
C GLU F 100 -8.03 73.57 55.87
N TYR F 101 -7.49 74.14 56.94
CA TYR F 101 -6.91 75.51 56.92
C TYR F 101 -5.68 75.57 57.81
N ASN F 102 -4.66 76.25 57.34
CA ASN F 102 -3.48 76.65 58.15
C ASN F 102 -3.19 78.13 57.88
N ASP F 103 -3.19 78.95 58.93
CA ASP F 103 -2.86 80.40 58.88
C ASP F 103 -1.48 80.62 58.25
N GLY F 104 -0.55 79.68 58.45
CA GLY F 104 0.84 79.76 57.90
C GLY F 104 1.77 78.84 58.65
N LEU F 105 1.95 79.09 59.96
CA LEU F 105 2.98 78.39 60.79
C LEU F 105 2.31 77.67 61.98
N GLN F 106 1.03 77.29 61.87
CA GLN F 106 0.41 76.35 62.85
C GLN F 106 1.02 74.96 62.62
N SER F 107 1.20 74.19 63.70
CA SER F 107 1.86 72.86 63.66
C SER F 107 1.11 71.93 62.70
N GLN F 108 -0.22 71.90 62.81
CA GLN F 108 -1.14 71.01 62.05
C GLN F 108 -2.24 71.86 61.39
N LEU F 109 -2.83 71.36 60.29
CA LEU F 109 -4.08 71.86 59.68
C LEU F 109 -5.20 71.82 60.71
N SER F 110 -6.06 72.85 60.71
CA SER F 110 -7.34 72.87 61.45
C SER F 110 -8.46 72.53 60.46
N LEU F 111 -9.57 71.97 60.97
CA LEU F 111 -10.77 71.71 60.16
C LEU F 111 -11.80 72.79 60.47
N TYR F 112 -12.21 73.55 59.45
CA TYR F 112 -13.29 74.56 59.49
C TYR F 112 -14.52 74.01 58.77
N ARG F 113 -15.69 74.60 59.02
CA ARG F 113 -16.93 74.24 58.29
C ARG F 113 -17.78 75.50 58.05
N VAL F 114 -18.65 75.41 57.07
CA VAL F 114 -19.60 76.50 56.69
C VAL F 114 -20.86 75.83 56.16
N ARG F 115 -22.02 76.37 56.56
CA ARG F 115 -23.34 75.92 56.06
C ARG F 115 -23.29 75.92 54.53
N MET F 116 -23.77 74.86 53.88
CA MET F 116 -23.88 74.84 52.40
C MET F 116 -24.76 76.03 51.99
N GLY F 117 -24.33 76.80 50.97
CA GLY F 117 -24.98 78.06 50.57
C GLY F 117 -24.28 79.29 51.10
N GLU F 118 -23.50 79.19 52.18
CA GLU F 118 -22.77 80.32 52.79
C GLU F 118 -21.28 80.25 52.44
N GLU F 119 -20.88 79.34 51.54
CA GLU F 119 -19.45 79.06 51.27
C GLU F 119 -18.76 80.29 50.66
N ASP F 120 -19.50 81.22 50.06
CA ASP F 120 -18.88 82.38 49.37
C ASP F 120 -18.30 83.35 50.41
N THR F 121 -18.56 83.15 51.71
CA THR F 121 -18.07 84.01 52.81
C THR F 121 -16.77 83.45 53.42
N VAL F 122 -16.25 82.28 53.00
CA VAL F 122 -15.02 81.69 53.61
C VAL F 122 -13.78 82.10 52.82
N LEU F 123 -12.60 81.98 53.44
CA LEU F 123 -11.27 82.16 52.81
C LEU F 123 -11.22 83.54 52.10
N THR F 124 -11.56 84.61 52.82
CA THR F 124 -11.43 86.01 52.35
C THR F 124 -10.36 86.69 53.21
N GLU F 125 -10.10 87.97 52.98
CA GLU F 125 -9.12 88.76 53.78
C GLU F 125 -9.64 88.89 55.22
N SER F 126 -10.95 88.78 55.44
CA SER F 126 -11.60 88.79 56.79
C SER F 126 -11.24 87.54 57.60
N GLY F 127 -10.71 86.48 56.95
CA GLY F 127 -10.16 85.28 57.63
C GLY F 127 -10.68 84.01 56.98
N PRO F 128 -10.46 82.81 57.57
CA PRO F 128 -10.97 81.55 57.03
C PRO F 128 -12.51 81.56 56.96
N GLY F 129 -13.15 82.27 57.89
CA GLY F 129 -14.61 82.42 57.95
C GLY F 129 -15.23 81.11 58.40
N GLY F 130 -16.52 80.92 58.14
CA GLY F 130 -17.30 79.80 58.69
C GLY F 130 -17.10 79.65 60.18
N GLU F 131 -16.92 78.42 60.65
CA GLU F 131 -16.79 78.06 62.08
C GLU F 131 -15.60 77.09 62.22
N LEU F 132 -14.73 77.28 63.20
CA LEU F 132 -13.72 76.23 63.53
C LEU F 132 -14.50 74.98 63.97
N PHE F 133 -14.16 73.80 63.45
CA PHE F 133 -14.75 72.52 63.92
C PHE F 133 -13.79 71.75 64.83
N PHE F 134 -12.53 71.59 64.37
CA PHE F 134 -11.52 70.77 65.08
C PHE F 134 -10.13 71.35 64.88
N ASN F 135 -9.46 71.64 65.99
CA ASN F 135 -8.08 72.22 66.01
C ASN F 135 -7.17 71.20 66.68
N PRO F 136 -6.47 70.36 65.89
CA PRO F 136 -5.56 69.35 66.45
C PRO F 136 -4.47 69.92 67.38
N ASN F 137 -4.08 71.18 67.14
CA ASN F 137 -3.02 71.88 67.90
C ASN F 137 -3.45 71.97 69.38
N LEU F 138 -4.75 71.98 69.68
CA LEU F 138 -5.30 72.11 71.05
C LEU F 138 -5.22 70.77 71.82
N LEU F 139 -5.03 69.63 71.12
CA LEU F 139 -5.20 68.29 71.73
C LEU F 139 -4.15 68.00 72.81
N SER F 140 -2.88 68.29 72.53
CA SER F 140 -1.73 67.97 73.43
C SER F 140 -1.01 69.28 73.81
N LEU F 141 -0.32 69.27 74.96
CA LEU F 141 0.47 70.42 75.45
C LEU F 141 1.67 70.65 74.54
N ASP F 142 2.21 69.58 73.93
CA ASP F 142 3.51 69.58 73.19
C ASP F 142 3.29 69.63 71.66
N GLY F 143 2.06 69.40 71.18
CA GLY F 143 1.74 69.43 69.73
C GLY F 143 2.14 68.15 69.01
N ASN F 144 2.17 67.02 69.75
CA ASN F 144 2.47 65.67 69.18
C ASN F 144 1.20 64.87 68.90
N ALA F 145 0.00 65.37 69.29
CA ALA F 145 -1.36 65.28 68.64
C ALA F 145 -1.45 64.60 67.27
N ALA F 146 -1.67 65.37 66.20
CA ALA F 146 -2.12 64.97 64.82
C ALA F 146 -3.44 64.16 64.71
N LEU F 147 -4.37 64.77 63.97
CA LEU F 147 -5.57 64.15 63.38
C LEU F 147 -5.09 63.20 62.27
N THR F 148 -5.37 61.91 62.37
CA THR F 148 -4.91 60.88 61.39
C THR F 148 -6.02 60.52 60.43
N GLY F 149 -7.23 61.01 60.64
CA GLY F 149 -8.40 60.67 59.79
C GLY F 149 -9.71 60.98 60.48
N PHE F 150 -10.81 61.08 59.73
CA PHE F 150 -12.15 61.34 60.27
C PHE F 150 -13.21 60.88 59.25
N VAL F 151 -14.36 60.46 59.75
CA VAL F 151 -15.55 60.07 58.93
C VAL F 151 -16.80 60.47 59.72
N MET F 152 -17.70 61.20 59.06
CA MET F 152 -18.99 61.63 59.65
C MET F 152 -19.99 60.47 59.53
N SER F 153 -20.82 60.27 60.55
CA SER F 153 -21.94 59.29 60.54
C SER F 153 -22.89 59.66 59.40
N PRO F 154 -23.54 58.67 58.75
CA PRO F 154 -24.53 58.96 57.70
C PRO F 154 -25.63 59.96 58.13
N CYS F 155 -26.03 59.92 59.41
CA CYS F 155 -27.09 60.80 60.00
C CYS F 155 -26.58 62.24 60.15
N GLY F 156 -25.26 62.44 60.17
CA GLY F 156 -24.63 63.78 60.29
C GLY F 156 -24.56 64.28 61.73
N ASN F 157 -24.88 63.44 62.72
CA ASN F 157 -24.81 63.84 64.16
C ASN F 157 -23.47 63.48 64.81
N TYR F 158 -22.72 62.53 64.23
CA TYR F 158 -21.50 61.97 64.86
C TYR F 158 -20.33 62.06 63.89
N TRP F 159 -19.13 62.17 64.46
CA TRP F 159 -17.84 62.37 63.76
C TRP F 159 -16.82 61.49 64.47
N ALA F 160 -16.40 60.40 63.81
CA ALA F 160 -15.34 59.47 64.29
C ALA F 160 -14.00 60.00 63.78
N TYR F 161 -12.98 60.05 64.64
CA TYR F 161 -11.67 60.61 64.23
C TYR F 161 -10.52 59.93 64.96
N GLY F 162 -9.37 59.89 64.31
CA GLY F 162 -8.13 59.30 64.82
C GLY F 162 -7.18 60.38 65.34
N VAL F 163 -6.59 60.15 66.50
CA VAL F 163 -5.52 61.03 67.06
C VAL F 163 -4.31 60.16 67.37
N SER F 164 -3.15 60.53 66.83
CA SER F 164 -1.84 59.88 67.05
C SER F 164 -1.36 60.08 68.49
N GLU F 165 -1.07 58.98 69.19
CA GLU F 165 -0.64 58.93 70.61
C GLU F 165 0.72 59.63 70.76
N HIS F 166 1.01 60.16 71.95
CA HIS F 166 2.10 61.13 72.22
C HIS F 166 3.49 60.48 72.20
N GLY F 167 3.60 59.16 72.02
CA GLY F 167 4.88 58.44 71.98
C GLY F 167 5.18 57.92 70.58
N SER F 168 4.14 57.61 69.75
CA SER F 168 4.24 56.59 68.67
C SER F 168 3.50 57.01 67.38
N ASP F 169 3.52 56.09 66.42
CA ASP F 169 2.81 56.11 65.11
C ASP F 169 1.51 55.31 65.24
N TRP F 170 1.12 54.95 66.47
CA TRP F 170 -0.18 54.34 66.82
C TRP F 170 -1.19 55.45 67.08
N MET F 171 -2.48 55.13 67.03
CA MET F 171 -3.58 56.11 67.24
C MET F 171 -4.71 55.46 68.03
N SER F 172 -5.60 56.32 68.53
CA SER F 172 -6.90 55.95 69.14
C SER F 172 -8.00 56.58 68.26
N ILE F 173 -9.14 55.89 68.13
CA ILE F 173 -10.35 56.45 67.47
C ILE F 173 -11.22 57.05 68.57
N TYR F 174 -11.66 58.29 68.35
CA TYR F 174 -12.61 59.00 69.24
C TYR F 174 -13.89 59.31 68.45
N VAL F 175 -14.94 59.70 69.16
CA VAL F 175 -16.22 60.13 68.56
C VAL F 175 -16.65 61.43 69.25
N ARG F 176 -17.15 62.38 68.49
CA ARG F 176 -17.78 63.60 69.05
C ARG F 176 -19.05 63.89 68.25
N LYS F 177 -19.99 64.63 68.86
CA LYS F 177 -21.17 65.17 68.16
C LYS F 177 -20.72 66.28 67.22
N THR F 178 -21.33 66.38 66.03
CA THR F 178 -21.10 67.50 65.07
C THR F 178 -21.62 68.81 65.69
N SER F 179 -22.44 68.74 66.75
CA SER F 179 -22.92 69.90 67.53
C SER F 179 -21.89 70.28 68.61
N SER F 180 -20.75 69.58 68.72
CA SER F 180 -19.66 69.86 69.70
C SER F 180 -18.37 70.23 68.97
N PRO F 181 -18.30 71.38 68.27
CA PRO F 181 -17.03 71.79 67.67
C PRO F 181 -16.04 72.20 68.77
N HIS F 182 -14.74 72.12 68.49
CA HIS F 182 -13.71 72.84 69.29
C HIS F 182 -14.07 74.34 69.24
N LEU F 183 -13.87 75.02 70.36
CA LEU F 183 -13.90 76.51 70.39
C LEU F 183 -12.46 77.02 70.30
N PRO F 184 -12.21 78.11 69.53
CA PRO F 184 -10.85 78.50 69.21
C PRO F 184 -9.98 78.83 70.44
N SER F 185 -10.58 79.18 71.59
CA SER F 185 -9.84 79.63 72.79
C SER F 185 -10.02 78.65 73.95
N GLN F 186 -10.38 77.39 73.69
CA GLN F 186 -10.55 76.38 74.76
C GLN F 186 -9.15 75.98 75.27
N GLU F 187 -9.06 75.48 76.51
CA GLU F 187 -7.75 75.22 77.20
C GLU F 187 -6.98 74.11 76.46
N ARG F 188 -5.72 74.37 76.10
CA ARG F 188 -4.88 73.44 75.27
C ARG F 188 -4.48 72.24 76.14
N GLY F 189 -4.30 71.06 75.56
CA GLY F 189 -3.84 69.87 76.29
C GLY F 189 -4.99 68.98 76.77
N LYS F 190 -6.24 69.35 76.46
CA LYS F 190 -7.40 68.44 76.53
C LYS F 190 -8.13 68.39 75.18
N ASP F 191 -8.98 67.38 75.00
CA ASP F 191 -10.02 67.31 73.94
C ASP F 191 -11.40 67.39 74.60
N PRO F 192 -11.94 68.58 74.90
CA PRO F 192 -13.04 68.69 75.88
C PRO F 192 -14.42 68.20 75.44
N GLY F 193 -14.94 68.43 74.23
CA GLY F 193 -16.35 68.15 73.91
C GLY F 193 -16.54 66.79 73.29
N ARG F 194 -15.64 65.82 73.50
CA ARG F 194 -15.74 64.48 72.88
C ARG F 194 -16.63 63.57 73.75
N MET F 195 -17.20 62.55 73.15
CA MET F 195 -17.96 61.47 73.84
C MET F 195 -16.96 60.50 74.50
N ASN F 196 -17.49 59.54 75.29
CA ASN F 196 -16.67 58.64 76.16
C ASN F 196 -15.88 57.63 75.31
N ASP F 197 -16.36 57.31 74.11
CA ASP F 197 -15.78 56.25 73.23
C ASP F 197 -14.27 56.48 73.07
N LYS F 198 -13.46 55.44 73.32
CA LYS F 198 -12.01 55.47 73.01
C LYS F 198 -11.62 54.10 72.47
N ILE F 199 -11.26 54.02 71.19
CA ILE F 199 -10.84 52.76 70.50
C ILE F 199 -9.31 52.78 70.40
N ARG F 200 -8.63 51.97 71.22
CA ARG F 200 -7.15 51.92 71.28
C ARG F 200 -6.58 50.87 70.32
N HIS F 201 -5.28 50.91 70.09
CA HIS F 201 -4.46 49.86 69.43
C HIS F 201 -4.71 49.87 67.92
N VAL F 202 -4.83 51.05 67.34
CA VAL F 202 -5.09 51.25 65.88
C VAL F 202 -3.79 51.78 65.25
N ARG F 203 -3.43 51.27 64.07
CA ARG F 203 -2.21 51.71 63.34
C ARG F 203 -2.55 52.34 61.99
N PHE F 204 -3.80 52.24 61.53
CA PHE F 204 -4.25 52.96 60.31
C PHE F 204 -5.76 53.20 60.44
N PHE F 205 -6.17 54.38 60.00
CA PHE F 205 -7.59 54.84 60.08
C PHE F 205 -8.34 54.36 58.84
N ILE F 206 -9.06 53.24 58.97
CA ILE F 206 -10.09 52.81 57.98
C ILE F 206 -11.36 52.50 58.76
N VAL F 207 -12.28 53.46 58.78
CA VAL F 207 -13.51 53.46 59.60
C VAL F 207 -14.71 53.52 58.64
N SER F 208 -15.68 52.63 58.83
CA SER F 208 -16.92 52.55 58.02
C SER F 208 -18.13 52.47 58.95
N TRP F 209 -18.98 53.50 58.93
CA TRP F 209 -20.24 53.55 59.70
C TRP F 209 -21.27 52.63 59.03
N THR F 210 -22.10 51.97 59.83
CA THR F 210 -23.34 51.31 59.35
C THR F 210 -24.38 52.41 59.04
N SER F 211 -25.33 52.11 58.15
CA SER F 211 -26.37 53.05 57.65
C SER F 211 -27.26 53.56 58.79
N ASP F 212 -27.33 52.82 59.90
CA ASP F 212 -28.14 53.16 61.10
C ASP F 212 -27.38 54.16 62.00
N SER F 213 -26.14 54.50 61.69
CA SER F 213 -25.29 55.43 62.51
C SER F 213 -25.10 54.90 63.95
N LYS F 214 -25.26 53.60 64.20
CA LYS F 214 -25.18 53.03 65.58
C LYS F 214 -23.74 52.57 65.86
N GLY F 215 -22.89 52.47 64.85
CA GLY F 215 -21.52 51.97 65.05
C GLY F 215 -20.70 52.00 63.78
N PHE F 216 -19.42 51.64 63.90
CA PHE F 216 -18.48 51.63 62.76
C PHE F 216 -17.52 50.45 62.88
N PHE F 217 -17.13 49.94 61.72
CA PHE F 217 -16.05 48.95 61.56
C PHE F 217 -14.71 49.69 61.61
N TYR F 218 -13.68 49.02 62.12
CA TYR F 218 -12.30 49.55 62.16
C TYR F 218 -11.34 48.36 62.23
N SER F 219 -10.08 48.63 61.90
CA SER F 219 -8.96 47.65 61.97
C SER F 219 -8.09 48.01 63.17
N ARG F 220 -7.70 47.02 63.96
CA ARG F 220 -6.80 47.24 65.13
C ARG F 220 -5.82 46.07 65.24
N TYR F 221 -4.88 46.20 66.17
CA TYR F 221 -3.78 45.26 66.43
C TYR F 221 -3.85 44.86 67.90
N PRO F 222 -3.09 43.84 68.35
CA PRO F 222 -2.98 43.55 69.78
C PRO F 222 -2.33 44.74 70.47
N PRO F 223 -2.49 44.91 71.79
CA PRO F 223 -1.87 46.03 72.51
C PRO F 223 -0.35 46.10 72.29
N GLU F 224 0.20 47.32 72.29
CA GLU F 224 1.63 47.57 71.96
C GLU F 224 2.52 47.10 73.12
N ASP F 225 3.49 46.22 72.81
CA ASP F 225 4.76 46.00 73.58
C ASP F 225 5.36 44.67 73.15
N ASN F 231 10.79 47.32 66.73
CA ASN F 231 11.43 46.89 65.47
C ASN F 231 10.72 45.68 64.85
N ALA F 232 10.04 44.87 65.67
CA ALA F 232 9.48 43.57 65.26
C ALA F 232 8.46 43.75 64.15
N PRO F 233 8.25 42.71 63.31
CA PRO F 233 7.20 42.75 62.30
C PRO F 233 5.85 43.17 62.91
N ALA F 234 5.09 43.98 62.18
CA ALA F 234 3.69 44.38 62.54
C ALA F 234 2.76 43.17 62.36
N MET F 235 2.04 42.73 63.38
CA MET F 235 1.37 41.40 63.34
C MET F 235 -0.06 41.45 63.91
N ASN F 236 -0.94 40.63 63.34
CA ASN F 236 -2.26 40.24 63.88
C ASN F 236 -3.24 41.42 63.76
N CYS F 237 -3.35 42.00 62.58
CA CYS F 237 -4.39 42.98 62.19
C CYS F 237 -5.77 42.28 62.31
N MET F 238 -6.71 42.91 63.00
CA MET F 238 -8.08 42.35 63.22
C MET F 238 -9.12 43.40 62.83
N VAL F 239 -10.28 42.97 62.33
CA VAL F 239 -11.44 43.88 62.07
C VAL F 239 -12.43 43.71 63.21
N TYR F 240 -12.82 44.83 63.82
CA TYR F 240 -13.83 44.90 64.90
C TYR F 240 -14.97 45.84 64.47
N TYR F 241 -16.11 45.71 65.17
CA TYR F 241 -17.27 46.63 65.06
C TYR F 241 -17.51 47.26 66.43
N HIS F 242 -17.47 48.59 66.48
CA HIS F 242 -17.74 49.39 67.71
C HIS F 242 -19.16 49.99 67.62
N ARG F 243 -19.97 49.74 68.63
CA ARG F 243 -21.28 50.42 68.84
C ARG F 243 -21.05 51.66 69.70
N ILE F 244 -21.52 52.82 69.23
CA ILE F 244 -21.37 54.13 69.93
C ILE F 244 -21.92 53.98 71.35
N GLY F 245 -21.23 54.54 72.34
CA GLY F 245 -21.66 54.55 73.76
C GLY F 245 -21.18 53.34 74.54
N GLU F 246 -20.70 52.28 73.87
CA GLU F 246 -20.13 51.07 74.54
C GLU F 246 -18.63 51.28 74.76
N ASP F 247 -18.04 50.50 75.67
CA ASP F 247 -16.58 50.45 75.91
C ASP F 247 -15.96 49.55 74.84
N GLN F 248 -14.68 49.77 74.48
CA GLN F 248 -13.96 48.98 73.44
C GLN F 248 -14.05 47.48 73.75
N GLU F 249 -14.07 47.10 75.03
CA GLU F 249 -14.09 45.68 75.49
C GLU F 249 -15.34 44.98 74.96
N SER F 250 -16.42 45.70 74.69
CA SER F 250 -17.69 45.15 74.13
C SER F 250 -17.64 45.04 72.61
N ASP F 251 -16.64 45.63 71.95
CA ASP F 251 -16.54 45.61 70.47
C ASP F 251 -16.55 44.16 70.00
N VAL F 252 -17.25 43.91 68.89
CA VAL F 252 -17.47 42.55 68.33
C VAL F 252 -16.36 42.29 67.31
N LEU F 253 -15.66 41.16 67.46
CA LEU F 253 -14.64 40.69 66.50
C LEU F 253 -15.35 40.31 65.21
N VAL F 254 -14.86 40.81 64.08
CA VAL F 254 -15.43 40.55 62.74
C VAL F 254 -14.50 39.61 61.97
N HIS F 255 -13.17 39.84 62.06
CA HIS F 255 -12.17 38.96 61.40
C HIS F 255 -10.82 39.02 62.10
N GLU F 256 -10.22 37.86 62.28
CA GLU F 256 -8.79 37.69 62.62
C GLU F 256 -8.27 36.51 61.80
N ASP F 257 -6.96 36.49 61.56
CA ASP F 257 -6.31 35.36 60.84
C ASP F 257 -4.98 35.08 61.54
N PRO F 258 -5.00 34.37 62.69
CA PRO F 258 -3.78 34.13 63.45
C PRO F 258 -2.71 33.32 62.69
N GLU F 259 -3.13 32.57 61.66
CA GLU F 259 -2.22 31.74 60.84
C GLU F 259 -1.29 32.66 60.02
N HIS F 260 -1.76 33.83 59.62
CA HIS F 260 -1.07 34.75 58.70
C HIS F 260 -0.94 36.12 59.36
N PRO F 261 -0.12 36.26 60.42
CA PRO F 261 -0.05 37.49 61.20
C PRO F 261 0.43 38.71 60.42
N PHE F 262 1.12 38.53 59.29
CA PHE F 262 1.70 39.66 58.49
C PHE F 262 0.60 40.27 57.63
N TRP F 263 -0.47 39.53 57.34
CA TRP F 263 -1.57 40.00 56.46
C TRP F 263 -2.24 41.21 57.11
N ILE F 264 -2.61 42.20 56.31
CA ILE F 264 -3.36 43.42 56.72
C ILE F 264 -4.79 43.28 56.20
N SER F 265 -5.78 43.62 57.01
CA SER F 265 -7.21 43.46 56.66
C SER F 265 -8.01 44.72 57.00
N SER F 266 -9.07 44.96 56.25
CA SER F 266 -10.03 46.08 56.47
C SER F 266 -11.36 45.74 55.79
N VAL F 267 -12.41 46.48 56.12
CA VAL F 267 -13.75 46.39 55.47
C VAL F 267 -14.12 47.78 54.94
N GLN F 268 -14.89 47.79 53.85
CA GLN F 268 -15.50 48.98 53.23
C GLN F 268 -16.99 48.65 53.03
N LEU F 269 -17.90 49.58 53.34
CA LEU F 269 -19.35 49.40 53.08
C LEU F 269 -19.72 50.15 51.80
N THR F 270 -20.66 49.65 51.02
CA THR F 270 -21.28 50.44 49.91
C THR F 270 -21.92 51.69 50.53
N PRO F 271 -22.06 52.80 49.78
CA PRO F 271 -22.75 53.99 50.28
C PRO F 271 -24.13 53.75 50.92
N SER F 272 -24.89 52.78 50.40
CA SER F 272 -26.22 52.37 50.93
C SER F 272 -26.07 51.67 52.30
N GLY F 273 -24.88 51.18 52.66
CA GLY F 273 -24.63 50.49 53.93
C GLY F 273 -25.10 49.04 53.90
N ARG F 274 -25.53 48.55 52.73
CA ARG F 274 -26.16 47.22 52.61
C ARG F 274 -25.10 46.12 52.52
N TYR F 275 -24.06 46.32 51.71
CA TYR F 275 -23.01 45.32 51.44
C TYR F 275 -21.69 45.71 52.10
N ILE F 276 -20.98 44.73 52.66
CA ILE F 276 -19.65 44.91 53.31
C ILE F 276 -18.62 44.14 52.48
N LEU F 277 -17.55 44.82 52.06
CA LEU F 277 -16.41 44.21 51.34
C LEU F 277 -15.27 44.02 52.33
N PHE F 278 -14.90 42.78 52.60
CA PHE F 278 -13.67 42.40 53.35
C PHE F 278 -12.52 42.31 52.34
N ALA F 279 -11.39 42.94 52.65
CA ALA F 279 -10.16 42.87 51.85
C ALA F 279 -8.97 42.54 52.77
N ALA F 280 -8.20 41.52 52.42
CA ALA F 280 -6.90 41.21 53.06
C ALA F 280 -5.79 41.44 52.04
N SER F 281 -4.65 41.96 52.52
CA SER F 281 -3.38 42.21 51.79
C SER F 281 -2.29 41.36 52.43
N ARG F 282 -1.47 40.66 51.63
CA ARG F 282 -0.34 39.83 52.15
C ARG F 282 1.01 40.43 51.73
N ASP F 283 1.00 41.51 50.95
CA ASP F 283 2.25 42.15 50.43
C ASP F 283 1.86 43.54 49.91
N ALA F 284 2.79 44.25 49.28
CA ALA F 284 2.58 45.64 48.79
C ALA F 284 1.93 45.62 47.41
N SER F 285 1.69 44.45 46.81
CA SER F 285 1.10 44.33 45.44
C SER F 285 -0.38 44.71 45.49
N HIS F 286 -0.93 45.13 44.35
CA HIS F 286 -2.34 45.57 44.19
C HIS F 286 -3.22 44.32 43.98
N THR F 287 -3.23 43.43 44.98
CA THR F 287 -3.97 42.15 44.97
C THR F 287 -4.52 41.92 46.36
N GLN F 288 -5.72 41.37 46.43
CA GLN F 288 -6.44 41.17 47.70
C GLN F 288 -7.08 39.78 47.69
N LEU F 289 -7.29 39.25 48.89
CA LEU F 289 -8.31 38.23 49.18
C LEU F 289 -9.57 39.02 49.56
N VAL F 290 -10.68 38.81 48.85
CA VAL F 290 -11.88 39.69 48.96
C VAL F 290 -13.10 38.80 49.20
N LYS F 291 -13.96 39.24 50.12
CA LYS F 291 -15.23 38.57 50.47
C LYS F 291 -16.32 39.65 50.60
N ILE F 292 -17.54 39.35 50.17
CA ILE F 292 -18.74 40.25 50.23
C ILE F 292 -19.77 39.60 51.13
N ALA F 293 -20.38 40.38 52.03
CA ALA F 293 -21.56 39.93 52.80
C ALA F 293 -22.67 40.98 52.63
N ASP F 294 -23.91 40.51 52.71
CA ASP F 294 -25.15 41.33 52.73
C ASP F 294 -25.51 41.54 54.20
N LEU F 295 -25.39 42.77 54.71
CA LEU F 295 -25.61 43.07 56.15
C LEU F 295 -27.09 42.86 56.54
N HIS F 296 -27.99 42.68 55.58
CA HIS F 296 -29.43 42.37 55.82
C HIS F 296 -29.65 40.86 56.03
N GLU F 297 -28.63 40.02 55.80
CA GLU F 297 -28.70 38.54 55.99
C GLU F 297 -28.09 38.11 57.34
N ASN F 298 -27.37 38.99 58.03
CA ASN F 298 -26.35 38.63 59.06
C ASN F 298 -26.41 39.56 60.27
N ASP F 299 -26.24 39.04 61.49
CA ASP F 299 -25.78 39.84 62.65
C ASP F 299 -24.29 40.14 62.47
N ILE F 300 -23.82 41.30 62.93
CA ILE F 300 -22.38 41.69 62.88
C ILE F 300 -21.62 40.74 63.82
N GLY F 301 -20.62 40.02 63.32
CA GLY F 301 -19.81 39.06 64.11
C GLY F 301 -18.98 38.17 63.22
N THR F 302 -18.44 37.07 63.77
CA THR F 302 -17.62 36.08 63.01
C THR F 302 -18.53 35.05 62.34
N ASN F 303 -19.85 35.14 62.56
CA ASN F 303 -20.88 34.22 61.99
C ASN F 303 -21.64 34.91 60.85
N MET F 304 -20.93 35.62 59.96
CA MET F 304 -21.53 36.33 58.79
C MET F 304 -21.33 35.44 57.55
N LYS F 305 -22.29 35.48 56.61
CA LYS F 305 -22.27 34.61 55.40
C LYS F 305 -21.43 35.29 54.32
N TRP F 306 -20.10 35.15 54.41
CA TRP F 306 -19.15 35.72 53.43
C TRP F 306 -19.21 34.93 52.12
N LYS F 307 -19.31 35.62 50.99
CA LYS F 307 -19.19 35.03 49.63
C LYS F 307 -17.94 35.58 48.96
N ASN F 308 -17.27 34.78 48.15
CA ASN F 308 -16.06 35.20 47.40
C ASN F 308 -16.49 36.14 46.26
N LEU F 309 -15.93 37.35 46.20
CA LEU F 309 -16.12 38.33 45.10
C LEU F 309 -15.37 37.84 43.86
N HIS F 310 -14.15 37.34 44.07
CA HIS F 310 -13.28 36.74 43.03
C HIS F 310 -12.24 35.84 43.72
N ASP F 311 -11.57 35.01 42.94
CA ASP F 311 -10.39 34.20 43.37
C ASP F 311 -9.40 35.12 44.05
N PRO F 312 -8.77 34.69 45.17
CA PRO F 312 -7.88 35.58 45.92
C PRO F 312 -6.57 35.88 45.18
N TRP F 313 -5.98 37.04 45.47
CA TRP F 313 -4.61 37.46 45.10
C TRP F 313 -4.49 37.72 43.59
N GLU F 314 -5.60 38.01 42.89
CA GLU F 314 -5.55 38.35 41.44
C GLU F 314 -5.73 39.87 41.25
N ALA F 315 -6.44 40.54 42.15
CA ALA F 315 -6.87 41.94 41.91
C ALA F 315 -7.23 42.65 43.20
N ARG F 316 -7.29 43.97 43.09
CA ARG F 316 -7.73 44.92 44.14
C ARG F 316 -9.13 45.43 43.74
N PHE F 317 -10.00 45.70 44.71
CA PHE F 317 -11.39 46.18 44.47
C PHE F 317 -11.68 47.33 45.42
N THR F 318 -12.04 48.49 44.86
CA THR F 318 -12.46 49.70 45.62
C THR F 318 -13.91 50.02 45.23
N ILE F 319 -14.80 50.11 46.21
CA ILE F 319 -16.23 50.48 46.01
C ILE F 319 -16.28 51.95 45.58
N VAL F 320 -16.97 52.24 44.48
CA VAL F 320 -17.17 53.59 43.87
C VAL F 320 -18.64 54.02 44.06
N GLY F 321 -19.56 53.08 44.19
CA GLY F 321 -20.99 53.37 44.42
C GLY F 321 -21.83 52.10 44.39
N ASP F 322 -23.16 52.26 44.54
CA ASP F 322 -24.11 51.13 44.48
C ASP F 322 -25.41 51.66 43.86
N GLU F 323 -26.20 50.75 43.28
CA GLU F 323 -27.58 50.98 42.81
C GLU F 323 -28.37 49.72 43.17
N GLY F 324 -28.98 49.72 44.37
CA GLY F 324 -29.57 48.52 44.97
C GLY F 324 -28.54 47.42 45.11
N SER F 325 -28.71 46.29 44.42
CA SER F 325 -27.83 45.09 44.52
C SER F 325 -26.61 45.27 43.60
N LYS F 326 -26.60 46.27 42.71
CA LYS F 326 -25.48 46.51 41.77
C LYS F 326 -24.41 47.35 42.47
N ILE F 327 -23.17 46.88 42.52
CA ILE F 327 -22.02 47.62 43.16
C ILE F 327 -21.05 48.04 42.05
N TYR F 328 -20.64 49.31 42.06
CA TYR F 328 -19.62 49.86 41.13
C TYR F 328 -18.24 49.72 41.79
N PHE F 329 -17.30 49.10 41.08
CA PHE F 329 -15.91 48.87 41.55
C PHE F 329 -14.91 49.55 40.62
N MET F 330 -13.92 50.23 41.21
CA MET F 330 -12.64 50.49 40.52
C MET F 330 -11.74 49.30 40.85
N THR F 331 -11.25 48.60 39.84
CA THR F 331 -10.52 47.32 40.02
C THR F 331 -9.47 47.18 38.93
N ASN F 332 -8.41 46.40 39.22
CA ASN F 332 -7.40 46.01 38.21
C ASN F 332 -7.65 44.55 37.79
N LEU F 333 -8.81 43.97 38.11
CA LEU F 333 -9.19 42.61 37.67
C LEU F 333 -9.13 42.55 36.15
N LYS F 334 -8.17 41.78 35.61
CA LYS F 334 -7.94 41.59 34.16
C LYS F 334 -7.74 42.95 33.49
N ALA F 335 -7.18 43.91 34.23
CA ALA F 335 -6.96 45.30 33.77
C ALA F 335 -5.86 45.95 34.63
N LYS F 336 -4.60 45.75 34.28
CA LYS F 336 -3.44 46.20 35.09
C LYS F 336 -3.47 47.73 35.27
N ASN F 337 -3.99 48.47 34.28
CA ASN F 337 -4.13 49.96 34.33
C ASN F 337 -5.45 50.38 35.00
N TYR F 338 -6.19 49.41 35.53
CA TYR F 338 -7.46 49.60 36.30
C TYR F 338 -8.60 49.96 35.35
N LYS F 339 -9.82 49.71 35.80
CA LYS F 339 -11.06 49.92 35.03
C LYS F 339 -12.21 50.11 36.01
N VAL F 340 -13.41 50.38 35.50
CA VAL F 340 -14.65 50.44 36.32
C VAL F 340 -15.51 49.26 35.88
N ALA F 341 -15.94 48.45 36.83
CA ALA F 341 -16.77 47.25 36.58
C ALA F 341 -17.89 47.20 37.63
N THR F 342 -18.97 46.51 37.29
CA THR F 342 -20.16 46.36 38.16
C THR F 342 -20.28 44.89 38.55
N PHE F 343 -20.77 44.66 39.76
CA PHE F 343 -21.09 43.34 40.32
C PHE F 343 -22.55 43.38 40.78
N ASP F 344 -23.35 42.38 40.40
CA ASP F 344 -24.75 42.26 40.89
C ASP F 344 -24.73 41.24 42.01
N ALA F 345 -24.87 41.69 43.27
CA ALA F 345 -24.88 40.83 44.47
C ALA F 345 -26.03 39.79 44.41
N ASN F 346 -27.06 40.02 43.58
CA ASN F 346 -28.19 39.06 43.38
C ASN F 346 -27.80 37.97 42.38
N HIS F 347 -26.74 38.16 41.59
CA HIS F 347 -26.23 37.17 40.61
C HIS F 347 -24.71 37.04 40.75
N PRO F 348 -24.20 36.56 41.91
CA PRO F 348 -22.75 36.54 42.16
C PRO F 348 -21.95 35.80 41.08
N ASP F 349 -22.45 34.64 40.65
CA ASP F 349 -21.82 33.73 39.66
C ASP F 349 -21.69 34.41 38.29
N GLU F 350 -22.35 35.54 38.05
CA GLU F 350 -22.24 36.28 36.76
C GLU F 350 -20.92 37.07 36.74
N GLY F 351 -20.30 37.27 37.90
CA GLY F 351 -18.99 37.93 38.04
C GLY F 351 -19.08 39.43 37.87
N LEU F 352 -18.02 40.05 37.37
CA LEU F 352 -17.90 41.51 37.16
C LEU F 352 -18.15 41.82 35.68
N THR F 353 -18.92 42.88 35.41
CA THR F 353 -19.21 43.39 34.05
C THR F 353 -18.46 44.71 33.88
N THR F 354 -17.73 44.86 32.78
CA THR F 354 -16.98 46.10 32.43
C THR F 354 -17.97 47.23 32.18
N LEU F 355 -17.81 48.35 32.88
CA LEU F 355 -18.53 49.61 32.57
C LEU F 355 -17.60 50.53 31.78
N ILE F 356 -16.40 50.78 32.32
CA ILE F 356 -15.33 51.55 31.63
C ILE F 356 -14.16 50.59 31.41
N ALA F 357 -13.85 50.30 30.15
CA ALA F 357 -12.76 49.37 29.78
C ALA F 357 -11.42 49.91 30.29
N GLU F 358 -10.48 49.02 30.54
CA GLU F 358 -9.07 49.41 30.80
C GLU F 358 -8.60 50.27 29.63
N ASP F 359 -7.93 51.40 29.91
CA ASP F 359 -7.18 52.14 28.88
C ASP F 359 -5.77 51.56 28.83
N PRO F 360 -5.34 50.92 27.73
CA PRO F 360 -4.00 50.32 27.69
C PRO F 360 -2.88 51.36 27.83
N ASN F 361 -3.17 52.66 27.61
CA ASN F 361 -2.12 53.71 27.56
C ASN F 361 -2.35 54.79 28.63
N ALA F 362 -3.16 54.50 29.65
CA ALA F 362 -3.45 55.46 30.74
C ALA F 362 -3.88 54.71 31.99
N PHE F 363 -3.17 54.97 33.07
CA PHE F 363 -3.45 54.42 34.42
C PHE F 363 -4.67 55.15 34.99
N LEU F 364 -5.73 54.44 35.36
CA LEU F 364 -6.91 55.03 36.02
C LEU F 364 -6.57 55.18 37.52
N VAL F 365 -6.51 56.43 37.98
CA VAL F 365 -6.12 56.81 39.37
C VAL F 365 -7.35 56.77 40.28
N SER F 366 -8.49 57.31 39.82
CA SER F 366 -9.73 57.34 40.63
C SER F 366 -10.95 57.40 39.73
N ALA F 367 -12.07 56.97 40.30
CA ALA F 367 -13.41 57.00 39.69
C ALA F 367 -14.37 57.38 40.82
N SER F 368 -15.22 58.37 40.57
CA SER F 368 -16.21 58.84 41.56
C SER F 368 -17.49 59.26 40.82
N ILE F 369 -18.63 59.15 41.49
CA ILE F 369 -19.96 59.45 40.89
C ILE F 369 -20.42 60.82 41.42
N HIS F 370 -20.97 61.65 40.55
CA HIS F 370 -21.39 63.05 40.83
C HIS F 370 -22.69 63.34 40.08
N ALA F 371 -23.48 64.29 40.59
CA ALA F 371 -24.70 64.78 39.91
C ALA F 371 -25.55 63.58 39.47
N GLN F 372 -25.70 62.60 40.37
CA GLN F 372 -26.56 61.39 40.23
C GLN F 372 -25.96 60.36 39.27
N ASP F 373 -25.59 60.74 38.04
CA ASP F 373 -25.24 59.76 36.98
C ASP F 373 -24.04 60.23 36.14
N LYS F 374 -23.17 61.06 36.69
CA LYS F 374 -21.92 61.48 36.02
C LYS F 374 -20.76 60.71 36.69
N LEU F 375 -20.02 59.94 35.90
CA LEU F 375 -18.83 59.17 36.36
C LEU F 375 -17.58 59.98 36.01
N LEU F 376 -16.86 60.44 37.03
CA LEU F 376 -15.63 61.28 36.85
C LEU F 376 -14.42 60.36 37.02
N LEU F 377 -13.60 60.28 35.97
CA LEU F 377 -12.37 59.45 35.94
C LEU F 377 -11.16 60.39 35.96
N VAL F 378 -10.21 60.12 36.84
CA VAL F 378 -8.86 60.77 36.82
C VAL F 378 -7.88 59.76 36.22
N TYR F 379 -7.34 60.08 35.04
CA TYR F 379 -6.32 59.28 34.33
C TYR F 379 -4.95 59.96 34.51
N LEU F 380 -3.92 59.13 34.56
CA LEU F 380 -2.50 59.55 34.49
C LEU F 380 -2.03 59.35 33.05
N ARG F 381 -1.69 60.45 32.36
CA ARG F 381 -1.16 60.45 30.98
C ARG F 381 -0.15 61.60 30.88
N ASN F 382 1.01 61.36 30.26
CA ASN F 382 2.14 62.33 30.23
C ASN F 382 2.52 62.74 31.65
N ALA F 383 2.46 61.80 32.61
CA ALA F 383 2.84 61.94 34.03
C ALA F 383 2.13 63.13 34.71
N SER F 384 0.91 63.47 34.26
CA SER F 384 -0.02 64.42 34.94
C SER F 384 -1.47 63.93 34.81
N HIS F 385 -2.39 64.55 35.55
CA HIS F 385 -3.78 64.08 35.68
C HIS F 385 -4.63 64.64 34.53
N GLU F 386 -5.54 63.83 34.02
CA GLU F 386 -6.63 64.24 33.11
C GLU F 386 -7.96 63.86 33.76
N ILE F 387 -8.96 64.74 33.70
CA ILE F 387 -10.34 64.43 34.18
C ILE F 387 -11.22 64.17 32.96
N HIS F 388 -11.78 62.96 32.89
CA HIS F 388 -12.77 62.52 31.88
C HIS F 388 -14.12 62.35 32.56
N ILE F 389 -15.19 62.80 31.91
CA ILE F 389 -16.59 62.60 32.38
C ILE F 389 -17.23 61.53 31.49
N ARG F 390 -17.88 60.55 32.13
CA ARG F 390 -18.61 59.44 31.46
C ARG F 390 -20.06 59.39 31.96
N ASP F 391 -20.96 58.87 31.14
CA ASP F 391 -22.35 58.55 31.56
C ASP F 391 -22.29 57.28 32.42
N LEU F 392 -22.78 57.36 33.65
CA LEU F 392 -22.77 56.21 34.60
C LEU F 392 -23.52 55.01 34.00
N THR F 393 -24.66 55.25 33.33
CA THR F 393 -25.56 54.16 32.86
C THR F 393 -24.90 53.39 31.72
N THR F 394 -24.46 54.08 30.67
CA THR F 394 -23.95 53.48 29.41
C THR F 394 -22.41 53.38 29.42
N GLY F 395 -21.72 54.26 30.16
CA GLY F 395 -20.25 54.38 30.12
C GLY F 395 -19.78 55.29 28.98
N LYS F 396 -20.70 55.84 28.20
CA LYS F 396 -20.42 56.68 27.01
C LYS F 396 -19.62 57.91 27.44
N PRO F 397 -18.62 58.35 26.64
CA PRO F 397 -17.86 59.57 26.95
C PRO F 397 -18.69 60.86 26.83
N LEU F 398 -18.60 61.75 27.81
CA LEU F 398 -19.28 63.08 27.84
C LEU F 398 -18.25 64.20 27.75
N GLY F 399 -16.96 63.86 27.59
CA GLY F 399 -15.89 64.82 27.30
C GLY F 399 -14.97 65.04 28.49
N ARG F 400 -14.12 66.04 28.37
CA ARG F 400 -13.00 66.37 29.29
C ARG F 400 -13.35 67.66 30.01
N ILE F 401 -12.85 67.84 31.23
CA ILE F 401 -12.91 69.15 31.95
C ILE F 401 -11.52 69.44 32.50
N PHE F 402 -11.21 70.73 32.65
CA PHE F 402 -9.91 71.24 33.15
C PHE F 402 -8.77 70.75 32.25
N GLU F 403 -9.04 70.57 30.95
CA GLU F 403 -8.06 70.11 29.93
C GLU F 403 -6.85 71.05 29.88
N ASP F 404 -7.06 72.34 30.17
CA ASP F 404 -6.05 73.43 30.04
C ASP F 404 -5.09 73.42 31.24
N LEU F 405 -5.43 72.70 32.32
CA LEU F 405 -4.61 72.67 33.57
C LEU F 405 -3.71 71.43 33.55
N LEU F 406 -2.40 71.64 33.71
CA LEU F 406 -1.38 70.57 33.67
C LEU F 406 -0.79 70.42 35.07
N GLY F 407 -1.13 69.32 35.74
CA GLY F 407 -0.82 69.10 37.16
C GLY F 407 -1.60 67.95 37.73
N GLN F 408 -1.99 68.07 38.99
CA GLN F 408 -2.74 67.00 39.71
C GLN F 408 -4.01 67.61 40.30
N PHE F 409 -5.04 66.77 40.49
CA PHE F 409 -6.38 67.18 40.97
C PHE F 409 -6.73 66.36 42.20
N MET F 410 -7.35 66.99 43.19
CA MET F 410 -8.12 66.32 44.26
C MET F 410 -9.58 66.75 44.09
N VAL F 411 -10.48 65.79 43.84
CA VAL F 411 -11.92 66.05 43.55
C VAL F 411 -12.73 65.80 44.81
N SER F 412 -13.54 66.77 45.26
CA SER F 412 -14.50 66.56 46.37
C SER F 412 -15.92 66.82 45.85
N GLY F 413 -16.87 66.05 46.38
CA GLY F 413 -18.29 66.08 45.97
C GLY F 413 -18.84 64.67 45.99
N ARG F 414 -20.15 64.52 46.23
CA ARG F 414 -20.79 63.21 46.39
C ARG F 414 -21.77 63.00 45.23
N ARG F 415 -22.27 61.78 45.10
CA ARG F 415 -23.23 61.39 44.04
C ARG F 415 -24.44 62.34 44.07
N GLN F 416 -24.89 62.73 45.26
CA GLN F 416 -26.13 63.52 45.48
C GLN F 416 -25.91 65.02 45.17
N ASP F 417 -24.67 65.48 45.01
CA ASP F 417 -24.36 66.92 44.76
C ASP F 417 -24.22 67.13 43.25
N ASN F 418 -24.72 68.26 42.74
CA ASN F 418 -24.63 68.61 41.30
C ASN F 418 -23.28 69.27 41.00
N ASP F 419 -22.54 69.67 42.05
CA ASP F 419 -21.25 70.39 41.90
C ASP F 419 -20.10 69.56 42.50
N ILE F 420 -18.88 69.85 42.03
CA ILE F 420 -17.60 69.37 42.63
C ILE F 420 -16.76 70.59 42.95
N PHE F 421 -15.93 70.49 43.98
CA PHE F 421 -14.78 71.38 44.24
C PHE F 421 -13.52 70.59 43.87
N VAL F 422 -12.66 71.18 43.04
CA VAL F 422 -11.43 70.55 42.48
C VAL F 422 -10.24 71.38 42.95
N LEU F 423 -9.37 70.79 43.77
CA LEU F 423 -8.05 71.38 44.14
C LEU F 423 -7.06 71.00 43.06
N PHE F 424 -6.61 71.98 42.28
CA PHE F 424 -5.54 71.83 41.26
C PHE F 424 -4.23 72.33 41.86
N SER F 425 -3.16 71.57 41.65
CA SER F 425 -1.79 71.94 42.06
C SER F 425 -0.79 71.41 41.03
N SER F 426 0.39 72.01 41.02
CA SER F 426 1.51 71.67 40.12
C SER F 426 2.80 72.13 40.78
N PHE F 427 3.93 72.05 40.08
CA PHE F 427 5.23 72.59 40.57
C PHE F 427 5.11 74.10 40.79
N LEU F 428 4.19 74.77 40.06
CA LEU F 428 4.09 76.26 40.01
C LEU F 428 2.80 76.76 40.66
N SER F 429 1.79 75.91 40.87
CA SER F 429 0.47 76.30 41.42
C SER F 429 0.31 75.66 42.79
N PRO F 430 0.36 76.46 43.89
CA PRO F 430 0.27 75.92 45.24
C PRO F 430 -1.08 75.28 45.60
N GLY F 431 -2.15 75.67 44.92
CA GLY F 431 -3.50 75.16 45.18
C GLY F 431 -4.55 76.15 44.75
N THR F 432 -5.24 75.85 43.65
CA THR F 432 -6.41 76.61 43.17
C THR F 432 -7.63 75.70 43.33
N VAL F 433 -8.64 76.16 44.07
CA VAL F 433 -9.93 75.45 44.23
C VAL F 433 -10.88 75.98 43.17
N TYR F 434 -11.26 75.12 42.21
CA TYR F 434 -12.29 75.40 41.19
C TYR F 434 -13.60 74.76 41.62
N ARG F 435 -14.70 75.43 41.33
CA ARG F 435 -16.05 74.84 41.40
C ARG F 435 -16.43 74.42 39.98
N TYR F 436 -16.94 73.21 39.80
CA TYR F 436 -17.53 72.76 38.51
C TYR F 436 -18.95 72.29 38.80
N THR F 437 -19.91 72.85 38.06
CA THR F 437 -21.35 72.54 38.16
C THR F 437 -21.75 71.76 36.89
N PHE F 438 -22.23 70.54 37.08
CA PHE F 438 -22.64 69.63 35.96
C PHE F 438 -23.94 70.17 35.37
N GLY F 439 -24.09 70.06 34.04
CA GLY F 439 -25.30 70.46 33.32
C GLY F 439 -25.82 69.34 32.43
N GLU F 440 -26.69 69.70 31.49
CA GLU F 440 -27.39 68.77 30.57
C GLU F 440 -26.41 68.38 29.46
N GLU F 441 -25.88 69.37 28.74
CA GLU F 441 -24.95 69.18 27.60
C GLU F 441 -23.52 69.55 28.01
N LYS F 442 -23.34 70.70 28.66
CA LYS F 442 -22.03 71.14 29.23
C LYS F 442 -22.24 71.66 30.65
N GLY F 443 -21.14 71.78 31.42
CA GLY F 443 -21.15 72.34 32.78
C GLY F 443 -20.51 73.71 32.79
N TYR F 444 -20.33 74.29 33.97
CA TYR F 444 -19.75 75.64 34.18
C TYR F 444 -18.70 75.56 35.29
N ARG F 445 -17.54 76.14 35.01
CA ARG F 445 -16.36 76.12 35.89
C ARG F 445 -16.14 77.55 36.40
N SER F 446 -15.91 77.71 37.69
CA SER F 446 -15.53 79.00 38.31
C SER F 446 -14.31 78.79 39.19
N LEU F 447 -13.40 79.76 39.22
CA LEU F 447 -12.29 79.83 40.20
C LEU F 447 -12.89 80.26 41.54
N PHE F 448 -12.87 79.39 42.54
CA PHE F 448 -13.42 79.67 43.88
C PHE F 448 -12.37 80.43 44.70
N ARG F 449 -11.23 79.79 44.99
CA ARG F 449 -10.16 80.42 45.81
C ARG F 449 -8.81 79.88 45.35
N ALA F 450 -7.78 80.73 45.42
CA ALA F 450 -6.39 80.37 45.05
C ALA F 450 -5.49 80.66 46.26
N ILE F 451 -4.59 79.73 46.56
CA ILE F 451 -3.50 79.98 47.54
C ILE F 451 -2.58 81.03 46.89
N SER F 452 -2.18 82.05 47.66
CA SER F 452 -1.14 83.02 47.26
C SER F 452 0.02 82.96 48.26
N ILE F 453 1.24 83.16 47.79
CA ILE F 453 2.47 83.09 48.65
C ILE F 453 3.11 84.48 48.63
N PRO F 454 3.02 85.25 49.73
CA PRO F 454 3.70 86.53 49.82
C PRO F 454 5.23 86.32 49.74
N GLY F 455 5.89 87.18 48.97
CA GLY F 455 7.37 87.17 48.86
C GLY F 455 7.90 86.02 48.02
N LEU F 456 7.03 85.30 47.28
CA LEU F 456 7.46 84.52 46.09
C LEU F 456 6.60 84.94 44.89
N ASN F 457 7.25 85.25 43.77
CA ASN F 457 6.57 85.57 42.49
C ASN F 457 6.57 84.30 41.63
N LEU F 458 5.45 83.59 41.56
CA LEU F 458 5.31 82.28 40.87
C LEU F 458 5.48 82.47 39.35
N ASP F 459 5.27 83.69 38.84
CA ASP F 459 5.44 84.01 37.39
C ASP F 459 6.94 84.01 37.01
N ASP F 460 7.85 83.99 37.99
CA ASP F 460 9.33 83.95 37.75
C ASP F 460 9.78 82.53 37.34
N PHE F 461 8.91 81.52 37.46
CA PHE F 461 9.27 80.08 37.29
C PHE F 461 8.53 79.48 36.10
N MET F 462 9.07 78.39 35.55
CA MET F 462 8.46 77.61 34.45
C MET F 462 8.79 76.13 34.65
N THR F 463 7.96 75.26 34.07
CA THR F 463 8.13 73.78 34.07
C THR F 463 8.21 73.31 32.62
N GLU F 464 9.30 72.66 32.23
CA GLU F 464 9.48 72.02 30.90
C GLU F 464 9.16 70.52 31.04
N SER F 465 8.77 69.88 29.94
CA SER F 465 8.70 68.41 29.76
C SER F 465 9.75 68.03 28.72
N VAL F 466 10.71 67.19 29.09
CA VAL F 466 11.73 66.63 28.14
C VAL F 466 11.67 65.10 28.20
N PHE F 467 12.26 64.44 27.19
CA PHE F 467 12.37 62.97 27.08
C PHE F 467 13.85 62.63 26.88
N TYR F 468 14.37 61.63 27.60
CA TYR F 468 15.77 61.20 27.50
C TYR F 468 15.86 59.68 27.40
N PRO F 469 16.87 59.15 26.66
CA PRO F 469 17.06 57.70 26.60
C PRO F 469 17.79 57.16 27.83
N SER F 470 17.28 56.08 28.40
CA SER F 470 17.96 55.30 29.47
C SER F 470 19.03 54.41 28.83
N LYS F 471 19.85 53.75 29.64
CA LYS F 471 20.95 52.85 29.18
C LYS F 471 20.42 51.89 28.11
N ASP F 472 19.24 51.30 28.31
CA ASP F 472 18.67 50.25 27.42
C ASP F 472 17.88 50.90 26.26
N GLY F 473 17.90 52.23 26.14
CA GLY F 473 17.30 52.94 25.01
C GLY F 473 15.86 53.37 25.28
N THR F 474 15.30 52.98 26.43
CA THR F 474 13.91 53.35 26.82
C THR F 474 13.81 54.87 26.95
N SER F 475 12.78 55.47 26.35
CA SER F 475 12.49 56.92 26.44
C SER F 475 11.80 57.21 27.78
N VAL F 476 12.39 58.09 28.58
CA VAL F 476 11.86 58.45 29.93
C VAL F 476 11.49 59.93 29.92
N HIS F 477 10.31 60.26 30.44
CA HIS F 477 9.84 61.66 30.61
C HIS F 477 10.51 62.27 31.84
N MET F 478 10.80 63.56 31.78
CA MET F 478 11.34 64.32 32.94
C MET F 478 10.72 65.72 32.97
N PHE F 479 10.26 66.14 34.13
CA PHE F 479 9.85 67.54 34.42
C PHE F 479 11.08 68.32 34.88
N ILE F 480 11.27 69.53 34.35
CA ILE F 480 12.33 70.47 34.79
C ILE F 480 11.67 71.80 35.17
N THR F 481 11.67 72.14 36.46
CA THR F 481 11.18 73.43 36.99
C THR F 481 12.39 74.32 37.28
N ARG F 482 12.35 75.58 36.84
CA ARG F 482 13.48 76.52 36.99
C ARG F 482 13.00 77.97 36.93
N PRO F 483 13.81 78.93 37.39
CA PRO F 483 13.55 80.34 37.10
C PRO F 483 13.69 80.53 35.58
N LYS F 484 12.78 81.32 35.00
CA LYS F 484 12.75 81.62 33.54
C LYS F 484 14.08 82.24 33.11
N ASP F 485 14.74 83.01 33.98
CA ASP F 485 15.94 83.82 33.65
C ASP F 485 17.24 83.05 33.92
N VAL F 486 17.18 81.80 34.40
CA VAL F 486 18.40 80.97 34.57
C VAL F 486 18.87 80.54 33.17
N LEU F 487 20.16 80.69 32.89
CA LEU F 487 20.76 80.34 31.57
C LEU F 487 21.07 78.85 31.55
N LEU F 488 20.75 78.16 30.45
CA LEU F 488 21.14 76.75 30.18
C LEU F 488 22.51 76.76 29.51
N ASP F 489 23.55 77.08 30.28
CA ASP F 489 24.95 77.22 29.81
C ASP F 489 25.85 76.23 30.55
N GLY F 490 25.25 75.20 31.18
CA GLY F 490 25.96 74.12 31.87
C GLY F 490 26.62 74.58 33.17
N THR F 491 26.05 75.57 33.85
CA THR F 491 26.58 76.11 35.13
C THR F 491 25.61 75.90 36.30
N SER F 492 24.31 75.71 36.03
CA SER F 492 23.25 75.68 37.08
C SER F 492 23.43 74.46 37.97
N PRO F 493 23.22 74.61 39.30
CA PRO F 493 23.02 73.46 40.17
C PRO F 493 21.69 72.77 39.84
N VAL F 494 21.56 71.49 40.20
CA VAL F 494 20.34 70.66 40.06
C VAL F 494 20.00 70.05 41.42
N LEU F 495 18.74 70.12 41.82
CA LEU F 495 18.15 69.22 42.84
C LEU F 495 17.25 68.23 42.08
N GLN F 496 17.64 66.96 42.07
CA GLN F 496 17.00 65.88 41.28
C GLN F 496 16.38 64.88 42.26
N TYR F 497 15.04 64.78 42.24
CA TYR F 497 14.24 63.97 43.19
C TYR F 497 13.68 62.75 42.45
N GLY F 498 13.77 61.58 43.06
CA GLY F 498 13.23 60.34 42.49
C GLY F 498 12.66 59.44 43.55
N TYR F 499 11.85 58.48 43.12
CA TYR F 499 11.29 57.41 43.99
C TYR F 499 11.52 56.10 43.25
N GLY F 500 10.73 55.83 42.20
CA GLY F 500 10.89 54.64 41.33
C GLY F 500 10.42 53.38 42.04
N GLY F 501 9.10 53.15 42.13
CA GLY F 501 8.57 51.90 42.71
C GLY F 501 7.12 51.99 43.12
N PHE F 502 6.53 50.82 43.39
CA PHE F 502 5.22 50.65 44.06
C PHE F 502 4.12 51.34 43.26
N SER F 503 4.31 51.48 41.94
CA SER F 503 3.31 52.09 41.02
C SER F 503 2.97 53.51 41.48
N LEU F 504 3.88 54.17 42.20
CA LEU F 504 3.69 55.56 42.70
C LEU F 504 4.26 56.52 41.65
N ALA F 505 3.41 57.34 41.04
CA ALA F 505 3.78 58.36 40.03
C ALA F 505 4.36 59.58 40.74
N MET F 506 5.42 60.17 40.18
CA MET F 506 5.95 61.49 40.62
C MET F 506 5.24 62.57 39.82
N LEU F 507 4.17 63.11 40.41
CA LEU F 507 3.26 64.08 39.74
C LEU F 507 3.81 65.48 39.93
N PRO F 508 3.43 66.46 39.07
CA PRO F 508 3.60 67.87 39.41
C PRO F 508 2.99 68.11 40.79
N THR F 509 3.82 68.58 41.71
CA THR F 509 3.50 68.69 43.16
C THR F 509 4.11 69.99 43.64
N PHE F 510 3.38 70.75 44.46
CA PHE F 510 3.87 72.07 44.92
C PHE F 510 4.73 71.88 46.17
N SER F 511 5.95 72.39 46.13
CA SER F 511 6.77 72.60 47.34
C SER F 511 7.38 74.00 47.28
N LEU F 512 7.00 74.88 48.21
CA LEU F 512 7.56 76.24 48.33
C LEU F 512 9.09 76.12 48.45
N SER F 513 9.55 75.19 49.29
CA SER F 513 10.99 75.02 49.62
C SER F 513 11.78 74.84 48.33
N THR F 514 11.32 73.97 47.44
CA THR F 514 12.00 73.64 46.17
C THR F 514 12.14 74.89 45.29
N LEU F 515 11.10 75.73 45.22
CA LEU F 515 11.15 76.98 44.41
C LEU F 515 12.13 77.97 45.04
N LEU F 516 12.20 78.04 46.37
CA LEU F 516 13.17 78.89 47.09
C LEU F 516 14.60 78.38 46.79
N PHE F 517 14.78 77.06 46.73
CA PHE F 517 16.08 76.45 46.34
C PHE F 517 16.44 76.97 44.94
N CYS F 518 15.50 76.88 44.00
CA CYS F 518 15.70 77.31 42.59
C CYS F 518 16.07 78.79 42.53
N LYS F 519 15.38 79.63 43.29
CA LYS F 519 15.56 81.10 43.27
C LYS F 519 16.91 81.46 43.90
N ILE F 520 17.15 80.98 45.12
CA ILE F 520 18.32 81.36 45.96
C ILE F 520 19.63 80.83 45.34
N TYR F 521 19.62 79.67 44.68
CA TYR F 521 20.85 79.05 44.11
C TYR F 521 20.82 79.07 42.58
N ARG F 522 19.84 79.73 41.97
CA ARG F 522 19.76 79.85 40.50
C ARG F 522 19.79 78.44 39.92
N ALA F 523 18.99 77.55 40.50
CA ALA F 523 19.07 76.09 40.31
C ALA F 523 17.82 75.59 39.56
N ILE F 524 17.91 74.37 39.08
CA ILE F 524 16.84 73.61 38.37
C ILE F 524 16.36 72.49 39.30
N TYR F 525 15.07 72.19 39.27
CA TYR F 525 14.43 71.08 40.04
C TYR F 525 13.94 70.04 39.03
N ALA F 526 14.60 68.89 38.99
CA ALA F 526 14.38 67.83 37.99
C ALA F 526 13.63 66.65 38.62
N ILE F 527 12.58 66.21 37.96
CA ILE F 527 11.75 65.03 38.37
C ILE F 527 11.71 64.08 37.17
N PRO F 528 12.68 63.15 37.05
CA PRO F 528 12.63 62.12 36.01
C PRO F 528 11.60 61.06 36.42
N ASN F 529 10.67 60.74 35.52
CA ASN F 529 9.56 59.78 35.77
C ASN F 529 10.08 58.37 35.47
N ILE F 530 11.03 57.93 36.29
CA ILE F 530 11.79 56.66 36.09
C ILE F 530 10.86 55.45 36.28
N ARG F 531 11.28 54.30 35.78
CA ARG F 531 10.51 53.04 35.92
C ARG F 531 10.33 52.72 37.40
N GLY F 532 9.36 51.86 37.73
CA GLY F 532 8.92 51.60 39.11
C GLY F 532 7.61 52.31 39.41
N GLY F 533 7.40 53.49 38.83
CA GLY F 533 6.18 54.29 39.00
C GLY F 533 5.10 53.84 38.03
N SER F 534 3.94 54.50 38.07
CA SER F 534 2.79 54.19 37.19
C SER F 534 2.65 55.22 36.07
N GLU F 535 3.66 56.06 35.82
CA GLU F 535 3.54 57.21 34.87
C GLU F 535 3.12 56.68 33.49
N TYR F 536 3.66 55.56 33.00
CA TYR F 536 3.28 54.98 31.70
C TYR F 536 2.55 53.64 31.94
N GLY F 537 1.70 53.62 32.96
CA GLY F 537 0.85 52.46 33.28
C GLY F 537 1.55 51.48 34.20
N GLU F 538 0.86 50.42 34.58
CA GLU F 538 1.37 49.37 35.48
C GLU F 538 2.60 48.69 34.88
N SER F 539 2.70 48.58 33.55
CA SER F 539 3.89 47.97 32.89
C SER F 539 5.17 48.77 33.22
N TRP F 540 5.03 50.08 33.49
CA TRP F 540 6.16 50.96 33.89
C TRP F 540 6.68 50.53 35.26
N HIS F 541 5.79 50.10 36.16
CA HIS F 541 6.12 49.51 37.48
C HIS F 541 6.81 48.15 37.29
N ARG F 542 6.23 47.28 36.46
CA ARG F 542 6.75 45.90 36.24
C ARG F 542 8.17 45.96 35.71
N GLU F 543 8.51 46.98 34.92
CA GLU F 543 9.85 47.14 34.28
C GLU F 543 10.85 47.77 35.27
N GLY F 544 10.46 48.01 36.51
CA GLY F 544 11.30 48.67 37.53
C GLY F 544 11.13 48.03 38.89
N MET F 545 10.96 46.71 38.94
CA MET F 545 10.82 45.94 40.20
C MET F 545 11.49 44.57 40.06
N LEU F 546 11.69 43.88 41.19
CA LEU F 546 12.26 42.50 41.25
C LEU F 546 13.62 42.50 40.50
N ASP F 547 13.81 41.60 39.53
CA ASP F 547 15.08 41.45 38.78
C ASP F 547 15.32 42.67 37.87
N LYS F 548 14.35 43.59 37.73
CA LYS F 548 14.50 44.79 36.85
C LYS F 548 14.58 46.06 37.70
N LYS F 549 14.74 45.95 39.02
CA LYS F 549 14.96 47.14 39.89
C LYS F 549 16.13 47.97 39.36
N GLN F 550 17.18 47.32 38.82
CA GLN F 550 18.37 47.99 38.26
C GLN F 550 17.96 49.04 37.21
N ASN F 551 16.87 48.80 36.47
CA ASN F 551 16.38 49.74 35.43
C ASN F 551 16.08 51.11 36.07
N VAL F 552 15.57 51.10 37.30
CA VAL F 552 15.19 52.34 38.05
C VAL F 552 16.44 53.19 38.23
N PHE F 553 17.53 52.58 38.71
CA PHE F 553 18.81 53.27 38.98
C PHE F 553 19.40 53.78 37.66
N ASP F 554 19.34 52.95 36.62
CA ASP F 554 19.86 53.29 35.27
C ASP F 554 19.08 54.50 34.73
N ASP F 555 17.75 54.51 34.89
CA ASP F 555 16.90 55.65 34.45
C ASP F 555 17.35 56.93 35.14
N PHE F 556 17.61 56.87 36.45
CA PHE F 556 17.91 58.05 37.29
C PHE F 556 19.28 58.61 36.90
N ASN F 557 20.27 57.70 36.74
CA ASN F 557 21.64 58.05 36.30
C ASN F 557 21.58 58.73 34.92
N ALA F 558 20.84 58.15 33.98
CA ALA F 558 20.71 58.65 32.59
C ALA F 558 20.07 60.06 32.60
N ALA F 559 19.17 60.34 33.53
CA ALA F 559 18.56 61.68 33.69
C ALA F 559 19.67 62.69 33.99
N THR F 560 20.53 62.40 34.96
CA THR F 560 21.66 63.26 35.35
C THR F 560 22.60 63.45 34.16
N GLU F 561 22.96 62.38 33.46
CA GLU F 561 23.89 62.43 32.29
C GLU F 561 23.27 63.32 31.21
N TRP F 562 21.96 63.24 31.02
CA TRP F 562 21.24 64.05 30.01
C TRP F 562 21.29 65.53 30.39
N LEU F 563 21.03 65.85 31.66
CA LEU F 563 21.02 67.26 32.17
C LEU F 563 22.39 67.89 31.92
N ILE F 564 23.48 67.14 32.17
CA ILE F 564 24.87 67.62 31.97
C ILE F 564 25.14 67.79 30.47
N ALA F 565 24.81 66.78 29.66
CA ALA F 565 25.11 66.73 28.21
C ALA F 565 24.39 67.86 27.46
N ASN F 566 23.18 68.24 27.91
CA ASN F 566 22.32 69.24 27.24
C ASN F 566 22.44 70.61 27.93
N LYS F 567 23.43 70.75 28.83
CA LYS F 567 23.87 72.04 29.43
C LYS F 567 22.76 72.64 30.31
N TYR F 568 21.86 71.81 30.85
CA TYR F 568 20.92 72.24 31.91
C TYR F 568 21.70 72.45 33.21
N ALA F 569 22.73 71.63 33.44
CA ALA F 569 23.38 71.51 34.77
C ALA F 569 24.90 71.37 34.62
N SER F 570 25.63 71.92 35.59
CA SER F 570 27.08 71.68 35.78
C SER F 570 27.30 70.23 36.25
N LYS F 571 28.26 69.52 35.64
CA LYS F 571 28.70 68.18 36.08
C LYS F 571 29.07 68.19 37.57
N ASP F 572 29.43 69.35 38.13
CA ASP F 572 29.96 69.46 39.51
C ASP F 572 28.89 69.88 40.51
N ARG F 573 27.62 70.04 40.10
CA ARG F 573 26.58 70.62 41.00
C ARG F 573 25.28 69.81 40.91
N ILE F 574 25.35 68.47 40.84
CA ILE F 574 24.14 67.60 40.87
C ILE F 574 23.91 67.16 42.33
N ALA F 575 22.78 67.58 42.90
CA ALA F 575 22.28 67.05 44.19
C ALA F 575 21.10 66.11 43.91
N ILE F 576 21.10 64.92 44.51
CA ILE F 576 19.97 63.95 44.39
C ILE F 576 19.32 63.73 45.75
N ARG F 577 18.04 63.38 45.70
CA ARG F 577 17.14 63.34 46.86
C ARG F 577 16.18 62.18 46.68
N GLY F 578 15.87 61.47 47.77
CA GLY F 578 14.94 60.34 47.77
C GLY F 578 14.60 59.93 49.18
N GLY F 579 13.41 59.38 49.38
CA GLY F 579 12.91 58.96 50.70
C GLY F 579 12.31 57.56 50.64
N ALA F 580 12.57 56.74 51.67
CA ALA F 580 12.01 55.38 51.84
C ALA F 580 12.48 54.50 50.67
N ASN F 581 11.59 54.07 49.78
CA ASN F 581 12.00 53.33 48.55
C ASN F 581 12.94 54.22 47.71
N GLY F 582 12.75 55.55 47.77
CA GLY F 582 13.63 56.53 47.11
C GLY F 582 15.04 56.52 47.71
N GLY F 583 15.20 56.06 48.95
CA GLY F 583 16.51 55.85 49.61
C GLY F 583 17.25 54.65 49.01
N VAL F 584 16.53 53.67 48.47
CA VAL F 584 17.18 52.56 47.71
C VAL F 584 17.84 53.21 46.49
N LEU F 585 17.10 54.10 45.82
CA LEU F 585 17.54 54.84 44.60
C LEU F 585 18.79 55.68 44.90
N THR F 586 18.76 56.51 45.94
CA THR F 586 19.85 57.47 46.23
C THR F 586 21.12 56.70 46.63
N THR F 587 20.99 55.68 47.49
CA THR F 587 22.15 54.89 47.99
C THR F 587 22.71 54.03 46.85
N ALA F 588 21.86 53.42 46.01
CA ALA F 588 22.32 52.59 44.88
C ALA F 588 23.03 53.47 43.84
N CYS F 589 22.46 54.61 43.48
CA CYS F 589 23.03 55.54 42.47
C CYS F 589 24.36 56.11 42.97
N ALA F 590 24.48 56.42 44.27
CA ALA F 590 25.73 56.89 44.88
C ALA F 590 26.80 55.80 44.75
N ASN F 591 26.42 54.54 44.98
CA ASN F 591 27.31 53.36 44.85
C ASN F 591 27.76 53.18 43.40
N GLN F 592 26.84 53.29 42.44
CA GLN F 592 27.08 52.80 41.05
C GLN F 592 27.63 53.90 40.16
N ALA F 593 27.46 55.18 40.51
CA ALA F 593 27.96 56.32 39.71
C ALA F 593 28.30 57.48 40.64
N PRO F 594 29.22 57.27 41.60
CA PRO F 594 29.52 58.30 42.60
C PRO F 594 30.00 59.61 41.97
N GLY F 595 30.66 59.52 40.80
CA GLY F 595 31.25 60.66 40.07
C GLY F 595 30.21 61.59 39.46
N LEU F 596 28.97 61.14 39.27
CA LEU F 596 27.87 61.99 38.70
C LEU F 596 27.40 63.01 39.73
N TYR F 597 27.44 62.68 41.00
CA TYR F 597 26.68 63.38 42.08
C TYR F 597 27.67 64.13 42.97
N ARG F 598 27.28 65.31 43.41
CA ARG F 598 28.05 66.13 44.35
C ARG F 598 27.38 66.13 45.73
N CYS F 599 26.11 65.76 45.82
CA CYS F 599 25.41 65.72 47.13
C CYS F 599 24.25 64.74 47.03
N VAL F 600 24.07 63.92 48.05
CA VAL F 600 23.03 62.87 48.11
C VAL F 600 22.28 63.03 49.42
N ILE F 601 20.97 63.29 49.32
CA ILE F 601 20.03 63.43 50.47
C ILE F 601 19.17 62.17 50.50
N THR F 602 19.21 61.43 51.60
CA THR F 602 18.39 60.21 51.83
C THR F 602 17.51 60.45 53.04
N ILE F 603 16.18 60.30 52.87
CA ILE F 603 15.16 60.48 53.94
C ILE F 603 14.62 59.11 54.29
N GLU F 604 14.77 58.67 55.55
CA GLU F 604 14.18 57.39 56.05
C GLU F 604 14.41 56.30 55.01
N GLY F 605 15.65 56.11 54.60
CA GLY F 605 16.00 55.22 53.48
C GLY F 605 15.82 53.74 53.82
N ILE F 606 15.36 52.98 52.85
CA ILE F 606 15.48 51.49 52.79
C ILE F 606 16.81 51.21 52.08
N ILE F 607 17.72 50.48 52.72
CA ILE F 607 19.14 50.37 52.26
C ILE F 607 19.63 48.93 52.36
N ASP F 608 19.35 48.22 53.46
CA ASP F 608 19.69 46.78 53.59
C ASP F 608 18.61 45.95 52.90
N MET F 609 18.85 45.53 51.66
CA MET F 609 17.86 44.83 50.82
C MET F 609 17.88 43.32 51.11
N LEU F 610 18.69 42.85 52.06
CA LEU F 610 18.67 41.43 52.53
C LEU F 610 17.85 41.33 53.82
N ARG F 611 17.92 42.31 54.70
CA ARG F 611 17.35 42.21 56.08
C ARG F 611 15.96 42.87 56.16
N PHE F 612 15.52 43.58 55.13
CA PHE F 612 14.31 44.45 55.20
C PHE F 612 13.08 43.67 55.67
N PRO F 613 12.85 42.38 55.31
CA PRO F 613 11.63 41.67 55.74
C PRO F 613 11.49 41.44 57.26
N LYS F 614 12.59 41.56 58.03
CA LYS F 614 12.61 41.15 59.46
C LYS F 614 12.03 42.26 60.34
N PHE F 615 11.72 43.44 59.80
CA PHE F 615 11.38 44.64 60.60
C PHE F 615 10.04 45.26 60.15
N THR F 616 9.22 45.63 61.14
CA THR F 616 7.88 46.30 61.04
C THR F 616 7.15 45.82 59.77
N PHE F 617 7.03 46.67 58.75
CA PHE F 617 6.16 46.44 57.57
C PHE F 617 6.97 45.92 56.38
N GLY F 618 8.26 45.62 56.61
CA GLY F 618 9.23 45.33 55.54
C GLY F 618 8.86 44.08 54.74
N ALA F 619 8.31 43.05 55.40
CA ALA F 619 7.97 41.77 54.75
C ALA F 619 7.04 42.03 53.55
N SER F 620 6.15 43.02 53.66
CA SER F 620 5.19 43.38 52.58
C SER F 620 5.94 43.82 51.31
N TRP F 621 7.18 44.33 51.43
CA TRP F 621 7.96 44.86 50.28
C TRP F 621 8.55 43.74 49.42
N ARG F 622 8.42 42.47 49.85
CA ARG F 622 8.98 41.32 49.10
C ARG F 622 8.35 41.21 47.71
N SER F 623 7.11 41.68 47.51
CA SER F 623 6.44 41.70 46.19
C SER F 623 7.19 42.65 45.24
N GLU F 624 7.83 43.68 45.79
CA GLU F 624 8.53 44.75 45.01
C GLU F 624 10.00 44.37 44.75
N TYR F 625 10.74 44.02 45.80
CA TYR F 625 12.21 43.83 45.76
C TYR F 625 12.58 42.37 45.52
N GLY F 626 11.67 41.45 45.87
CA GLY F 626 11.94 40.01 45.89
C GLY F 626 12.12 39.54 47.31
N ASP F 627 12.25 38.22 47.48
CA ASP F 627 12.44 37.58 48.80
C ASP F 627 13.93 37.26 48.93
N PRO F 628 14.69 37.96 49.80
CA PRO F 628 16.12 37.69 49.93
C PRO F 628 16.45 36.27 50.40
N GLU F 629 15.49 35.58 51.03
CA GLU F 629 15.63 34.17 51.49
C GLU F 629 15.22 33.18 50.39
N ASP F 630 14.87 33.65 49.20
CA ASP F 630 14.69 32.79 48.00
C ASP F 630 15.99 32.79 47.22
N PRO F 631 16.51 31.62 46.79
CA PRO F 631 17.81 31.53 46.15
C PRO F 631 17.95 32.34 44.85
N GLU F 632 16.92 32.34 44.00
CA GLU F 632 16.91 33.08 42.71
C GLU F 632 16.91 34.59 42.98
N ASP F 633 16.02 35.03 43.86
CA ASP F 633 15.83 36.45 44.24
C ASP F 633 17.12 36.98 44.89
N PHE F 634 17.75 36.17 45.75
CA PHE F 634 18.99 36.58 46.47
C PHE F 634 19.99 37.15 45.46
N ASP F 635 20.24 36.44 44.35
CA ASP F 635 21.33 36.77 43.39
C ASP F 635 21.08 38.16 42.81
N PHE F 636 19.86 38.48 42.35
CA PHE F 636 19.61 39.79 41.70
C PHE F 636 19.53 40.90 42.77
N ILE F 637 19.04 40.61 43.98
CA ILE F 637 18.98 41.60 45.09
C ILE F 637 20.41 41.95 45.51
N PHE F 638 21.25 40.93 45.72
CA PHE F 638 22.63 41.09 46.22
C PHE F 638 23.46 41.96 45.28
N LYS F 639 23.20 41.88 43.98
CA LYS F 639 23.92 42.68 42.94
C LYS F 639 23.81 44.19 43.22
N TYR F 640 22.68 44.71 43.72
CA TYR F 640 22.47 46.17 43.90
C TYR F 640 22.31 46.56 45.38
N SER F 641 21.94 45.64 46.28
CA SER F 641 21.65 45.98 47.69
C SER F 641 22.65 47.04 48.14
N PRO F 642 22.26 48.32 48.28
CA PRO F 642 23.25 49.37 48.49
C PRO F 642 24.12 49.15 49.73
N TYR F 643 23.57 48.57 50.80
CA TYR F 643 24.33 48.29 52.05
C TYR F 643 25.51 47.35 51.76
N HIS F 644 25.40 46.50 50.72
CA HIS F 644 26.38 45.43 50.41
C HIS F 644 27.25 45.80 49.20
N ASN F 645 27.11 47.01 48.63
CA ASN F 645 27.82 47.36 47.36
C ASN F 645 28.50 48.74 47.45
N ILE F 646 28.85 49.18 48.63
CA ILE F 646 29.66 50.43 48.80
C ILE F 646 30.95 50.27 48.00
N PRO F 647 31.33 51.20 47.12
CA PRO F 647 32.48 50.99 46.24
C PRO F 647 33.78 50.95 47.04
N PRO F 648 34.81 50.25 46.54
CA PRO F 648 36.18 50.46 47.00
C PRO F 648 36.59 51.94 46.93
N PRO F 649 37.35 52.46 47.92
CA PRO F 649 37.72 53.86 47.98
C PRO F 649 38.51 54.39 46.80
N GLY F 650 39.25 53.56 46.06
CA GLY F 650 40.24 54.03 45.07
C GLY F 650 39.61 54.65 43.84
N ASP F 651 38.77 53.85 43.15
CA ASP F 651 38.22 54.26 41.83
C ASP F 651 37.15 55.35 41.99
N THR F 652 36.89 55.82 43.22
CA THR F 652 35.62 56.48 43.61
C THR F 652 35.94 57.53 44.66
N VAL F 653 35.48 58.75 44.44
CA VAL F 653 35.31 59.82 45.46
C VAL F 653 33.80 59.86 45.75
N MET F 654 33.39 59.43 46.95
CA MET F 654 31.96 59.44 47.37
C MET F 654 31.48 60.88 47.44
N PRO F 655 30.27 61.19 46.93
CA PRO F 655 29.71 62.52 47.13
C PRO F 655 29.45 62.72 48.62
N ALA F 656 29.31 63.98 49.03
CA ALA F 656 28.78 64.35 50.36
C ALA F 656 27.39 63.72 50.49
N MET F 657 27.07 63.18 51.66
CA MET F 657 25.81 62.42 51.89
C MET F 657 25.22 62.84 53.23
N LEU F 658 23.94 63.18 53.23
CA LEU F 658 23.18 63.53 54.45
C LEU F 658 21.98 62.57 54.55
N PHE F 659 21.90 61.83 55.65
CA PHE F 659 20.81 60.88 55.93
C PHE F 659 19.93 61.47 57.03
N PHE F 660 18.63 61.62 56.74
CA PHE F 660 17.60 62.03 57.73
C PHE F 660 16.93 60.76 58.25
N THR F 661 16.79 60.65 59.56
CA THR F 661 15.97 59.58 60.20
C THR F 661 15.61 60.03 61.62
N ALA F 662 14.52 59.50 62.15
CA ALA F 662 14.18 59.50 63.59
C ALA F 662 14.96 58.36 64.26
N ALA F 663 15.10 58.38 65.59
CA ALA F 663 15.67 57.28 66.39
C ALA F 663 14.68 56.11 66.44
N TYR F 664 13.37 56.39 66.43
CA TYR F 664 12.25 55.41 66.34
C TYR F 664 11.41 55.77 65.11
N ASP F 665 11.12 54.81 64.24
CA ASP F 665 10.25 54.97 63.03
C ASP F 665 9.70 53.59 62.67
N ASP F 666 8.37 53.44 62.64
CA ASP F 666 7.67 52.17 62.28
C ASP F 666 7.68 51.97 60.76
N ARG F 667 7.60 53.06 60.00
CA ARG F 667 7.39 53.04 58.53
C ARG F 667 8.64 52.44 57.86
N VAL F 668 9.82 52.99 58.17
CA VAL F 668 11.14 52.39 57.80
C VAL F 668 12.03 52.37 59.03
N SER F 669 12.41 51.19 59.50
CA SER F 669 13.28 50.99 60.68
C SER F 669 14.58 51.78 60.47
N PRO F 670 14.95 52.66 61.42
CA PRO F 670 16.16 53.48 61.30
C PRO F 670 17.46 52.68 61.15
N LEU F 671 17.46 51.39 61.49
CA LEU F 671 18.64 50.49 61.36
C LEU F 671 19.19 50.55 59.93
N HIS F 672 18.33 50.75 58.92
CA HIS F 672 18.79 50.87 57.51
C HIS F 672 19.81 52.00 57.41
N THR F 673 19.47 53.18 57.92
CA THR F 673 20.33 54.39 57.94
C THR F 673 21.54 54.13 58.85
N PHE F 674 21.31 53.66 60.07
CA PHE F 674 22.36 53.45 61.10
C PHE F 674 23.52 52.65 60.50
N LYS F 675 23.21 51.49 59.93
CA LYS F 675 24.24 50.54 59.46
C LYS F 675 24.93 51.13 58.22
N HIS F 676 24.20 51.71 57.28
CA HIS F 676 24.80 52.23 56.02
C HIS F 676 25.71 53.42 56.34
N VAL F 677 25.33 54.29 57.27
CA VAL F 677 26.16 55.46 57.70
C VAL F 677 27.46 54.91 58.33
N ALA F 678 27.35 53.91 59.22
CA ALA F 678 28.51 53.24 59.86
C ALA F 678 29.43 52.70 58.76
N ALA F 679 28.89 51.96 57.80
CA ALA F 679 29.66 51.27 56.73
C ALA F 679 30.30 52.30 55.81
N LEU F 680 29.60 53.38 55.46
CA LEU F 680 30.16 54.44 54.58
C LEU F 680 31.34 55.14 55.30
N GLN F 681 31.18 55.46 56.58
CA GLN F 681 32.22 56.14 57.41
C GLN F 681 33.42 55.19 57.56
N HIS F 682 33.20 53.90 57.69
CA HIS F 682 34.26 52.88 57.79
C HIS F 682 35.02 52.78 56.47
N ASN F 683 34.31 52.75 55.35
CA ASN F 683 34.87 52.60 53.98
C ASN F 683 35.63 53.87 53.57
N PHE F 684 35.13 55.05 53.98
CA PHE F 684 35.66 56.38 53.59
C PHE F 684 35.94 57.20 54.84
N PRO F 685 36.90 56.77 55.69
CA PRO F 685 37.10 57.42 56.99
C PRO F 685 37.70 58.83 56.88
N LYS F 686 38.29 59.20 55.73
CA LYS F 686 38.91 60.55 55.55
C LYS F 686 38.09 61.38 54.55
N GLY F 687 36.88 60.95 54.21
CA GLY F 687 36.06 61.65 53.19
C GLY F 687 36.64 61.44 51.79
N PRO F 688 36.96 62.49 51.02
CA PRO F 688 37.01 63.88 51.52
C PRO F 688 35.65 64.57 51.78
N ASN F 689 34.54 63.97 51.32
CA ASN F 689 33.18 64.56 51.49
C ASN F 689 32.46 63.87 52.65
N PRO F 690 31.89 64.64 53.60
CA PRO F 690 31.32 64.04 54.80
C PRO F 690 30.04 63.22 54.52
N CYS F 691 29.88 62.16 55.31
CA CYS F 691 28.67 61.30 55.38
C CYS F 691 28.07 61.46 56.78
N LEU F 692 26.92 62.15 56.87
CA LEU F 692 26.34 62.61 58.15
C LEU F 692 24.96 61.98 58.34
N MET F 693 24.60 61.74 59.59
CA MET F 693 23.25 61.31 59.98
C MET F 693 22.62 62.43 60.83
N ARG F 694 21.56 63.03 60.30
CA ARG F 694 20.75 64.09 60.95
C ARG F 694 19.57 63.42 61.66
N ILE F 695 19.62 63.33 62.99
CA ILE F 695 18.66 62.56 63.83
C ILE F 695 17.68 63.52 64.53
N ASP F 696 16.38 63.26 64.40
CA ASP F 696 15.30 63.79 65.29
C ASP F 696 15.07 62.76 66.42
N LEU F 697 15.21 63.18 67.69
CA LEU F 697 14.99 62.31 68.87
C LEU F 697 13.50 62.29 69.29
N ASN F 698 12.63 63.05 68.62
CA ASN F 698 11.17 63.12 68.92
C ASN F 698 10.40 62.19 67.97
N GLY F 704 2.57 63.61 61.93
CA GLY F 704 2.30 64.71 62.88
C GLY F 704 3.55 65.54 63.17
N LYS F 705 4.42 65.73 62.17
CA LYS F 705 5.67 66.54 62.28
C LYS F 705 5.32 68.03 62.25
N SER F 706 5.75 68.79 63.25
CA SER F 706 5.47 70.24 63.38
C SER F 706 6.07 71.00 62.19
N THR F 707 5.45 72.13 61.83
CA THR F 707 5.95 73.06 60.79
C THR F 707 7.42 73.39 61.08
N GLN F 708 7.72 73.72 62.33
CA GLN F 708 9.06 74.21 62.77
C GLN F 708 10.10 73.12 62.52
N GLU F 709 9.80 71.84 62.80
CA GLU F 709 10.72 70.71 62.59
C GLU F 709 10.97 70.54 61.08
N MET F 710 9.92 70.64 60.26
CA MET F 710 10.01 70.52 58.78
C MET F 710 10.96 71.61 58.25
N LEU F 711 10.85 72.83 58.78
CA LEU F 711 11.69 73.98 58.35
C LEU F 711 13.16 73.75 58.73
N GLU F 712 13.40 73.28 59.96
CA GLU F 712 14.76 72.98 60.49
C GLU F 712 15.41 71.88 59.66
N GLU F 713 14.65 70.84 59.30
CA GLU F 713 15.14 69.73 58.44
C GLU F 713 15.50 70.28 57.07
N THR F 714 14.67 71.14 56.49
CA THR F 714 14.89 71.73 55.14
C THR F 714 16.10 72.66 55.17
N ALA F 715 16.28 73.43 56.24
CA ALA F 715 17.41 74.35 56.43
C ALA F 715 18.72 73.55 56.51
N ASP F 716 18.73 72.44 57.23
CA ASP F 716 19.86 71.48 57.30
C ASP F 716 20.14 70.93 55.89
N GLU F 717 19.11 70.49 55.17
CA GLU F 717 19.26 69.89 53.83
C GLU F 717 19.86 70.92 52.86
N TYR F 718 19.27 72.11 52.77
CA TYR F 718 19.66 73.10 51.74
C TYR F 718 21.04 73.68 52.06
N SER F 719 21.35 73.97 53.33
CA SER F 719 22.66 74.52 53.74
C SER F 719 23.75 73.48 53.49
N PHE F 720 23.46 72.20 53.74
CA PHE F 720 24.39 71.07 53.45
C PHE F 720 24.60 70.97 51.94
N ILE F 721 23.55 71.05 51.12
CA ILE F 721 23.71 70.99 49.63
C ILE F 721 24.58 72.18 49.21
N GLY F 722 24.27 73.38 49.71
CA GLY F 722 25.00 74.63 49.42
C GLY F 722 26.50 74.47 49.71
N LYS F 723 26.83 74.00 50.91
CA LYS F 723 28.24 73.79 51.34
C LYS F 723 28.88 72.72 50.44
N SER F 724 28.20 71.59 50.25
CA SER F 724 28.73 70.39 49.52
C SER F 724 29.05 70.75 48.06
N MET F 725 28.27 71.65 47.44
CA MET F 725 28.38 71.91 45.98
C MET F 725 29.01 73.28 45.73
N GLY F 726 29.48 73.98 46.77
CA GLY F 726 30.18 75.28 46.68
C GLY F 726 29.25 76.39 46.21
N LEU F 727 27.99 76.41 46.66
CA LEU F 727 26.98 77.41 46.21
C LEU F 727 26.95 78.59 47.17
N THR F 728 26.78 79.80 46.63
CA THR F 728 26.49 81.04 47.40
C THR F 728 24.99 81.36 47.31
N MET F 729 24.37 81.71 48.44
CA MET F 729 22.96 82.19 48.46
C MET F 729 22.87 83.58 47.82
N GLN F 730 21.99 83.76 46.83
CA GLN F 730 21.78 85.04 46.11
C GLN F 730 20.78 85.92 46.88
N PRO G 4 7.87 -81.93 -52.04
CA PRO G 4 6.63 -82.64 -52.37
C PRO G 4 6.48 -82.94 -53.89
N GLY G 5 5.67 -83.95 -54.21
CA GLY G 5 5.43 -84.48 -55.57
C GLY G 5 4.92 -83.44 -56.56
N TRP G 6 4.26 -82.37 -56.07
CA TRP G 6 3.68 -81.28 -56.92
C TRP G 6 4.74 -80.26 -57.36
N GLY G 7 5.89 -80.19 -56.67
CA GLY G 7 6.97 -79.24 -56.99
C GLY G 7 7.81 -79.73 -58.18
N PRO G 8 8.83 -78.95 -58.62
CA PRO G 8 9.15 -77.65 -58.03
C PRO G 8 8.30 -76.51 -58.61
N TYR G 9 8.33 -75.34 -57.95
CA TYR G 9 7.68 -74.11 -58.46
C TYR G 9 8.34 -73.72 -59.78
N PRO G 10 7.60 -73.07 -60.71
CA PRO G 10 8.21 -72.47 -61.89
C PRO G 10 9.19 -71.38 -61.46
N PRO G 11 10.30 -71.19 -62.21
CA PRO G 11 11.28 -70.17 -61.87
C PRO G 11 10.74 -68.76 -62.11
N VAL G 12 11.14 -67.81 -61.27
CA VAL G 12 10.83 -66.36 -61.42
C VAL G 12 12.13 -65.57 -61.30
N GLU G 13 12.49 -64.83 -62.35
CA GLU G 13 13.67 -63.93 -62.37
C GLU G 13 13.58 -62.93 -61.22
N ARG G 14 14.70 -62.69 -60.56
CA ARG G 14 14.84 -61.66 -59.49
C ARG G 14 15.73 -60.54 -59.99
N ASP G 15 15.40 -59.29 -59.67
CA ASP G 15 16.30 -58.11 -59.80
C ASP G 15 16.81 -57.77 -58.40
N GLU G 16 18.02 -58.23 -58.06
CA GLU G 16 18.60 -58.11 -56.70
C GLU G 16 18.95 -56.65 -56.38
N THR G 17 19.05 -55.79 -57.40
CA THR G 17 19.47 -54.36 -57.25
C THR G 17 18.24 -53.44 -57.08
N SER G 18 17.04 -53.89 -57.45
CA SER G 18 15.83 -53.02 -57.48
C SER G 18 15.43 -52.59 -56.06
N ALA G 19 15.41 -51.28 -55.78
CA ALA G 19 14.98 -50.73 -54.48
C ALA G 19 14.42 -49.32 -54.64
N ILE G 20 13.55 -48.92 -53.71
CA ILE G 20 13.00 -47.54 -53.58
C ILE G 20 13.26 -47.11 -52.13
N THR G 21 13.67 -45.86 -51.93
CA THR G 21 13.86 -45.27 -50.57
C THR G 21 12.60 -44.45 -50.25
N TYR G 22 12.06 -44.64 -49.06
CA TYR G 22 10.82 -43.99 -48.55
C TYR G 22 11.22 -43.15 -47.33
N SER G 23 10.69 -41.94 -47.24
CA SER G 23 10.82 -41.11 -46.01
C SER G 23 10.08 -41.84 -44.88
N SER G 24 10.61 -41.75 -43.66
CA SER G 24 10.09 -42.42 -42.44
C SER G 24 10.24 -41.49 -41.25
N LYS G 25 9.16 -41.27 -40.50
CA LYS G 25 9.16 -40.42 -39.29
C LYS G 25 10.10 -41.02 -38.25
N LEU G 26 10.09 -42.34 -38.08
CA LEU G 26 10.81 -43.04 -36.99
C LEU G 26 12.29 -43.26 -37.36
N HIS G 27 12.59 -43.52 -38.64
CA HIS G 27 13.92 -43.98 -39.12
C HIS G 27 14.60 -42.95 -40.06
N GLY G 28 13.94 -41.84 -40.37
CA GLY G 28 14.42 -40.84 -41.35
C GLY G 28 14.15 -41.31 -42.77
N SER G 29 14.83 -42.38 -43.20
CA SER G 29 14.59 -43.04 -44.51
C SER G 29 14.67 -44.56 -44.35
N VAL G 30 13.94 -45.29 -45.19
CA VAL G 30 13.99 -46.78 -45.24
C VAL G 30 14.07 -47.18 -46.72
N THR G 31 15.08 -47.98 -47.07
CA THR G 31 15.27 -48.50 -48.44
C THR G 31 14.58 -49.87 -48.49
N VAL G 32 13.66 -50.04 -49.42
CA VAL G 32 12.84 -51.28 -49.57
C VAL G 32 13.28 -51.95 -50.87
N ARG G 33 13.83 -53.16 -50.76
CA ARG G 33 14.22 -53.98 -51.94
C ARG G 33 12.94 -54.57 -52.53
N ASP G 34 12.80 -54.56 -53.85
CA ASP G 34 11.69 -55.24 -54.56
C ASP G 34 12.29 -56.08 -55.68
N PRO G 35 12.74 -57.32 -55.38
CA PRO G 35 13.31 -58.18 -56.42
C PRO G 35 12.36 -58.55 -57.57
N TYR G 36 11.05 -58.30 -57.43
CA TYR G 36 10.02 -58.70 -58.44
C TYR G 36 9.40 -57.46 -59.10
N SER G 37 10.08 -56.31 -59.04
CA SER G 37 9.58 -55.01 -59.60
C SER G 37 9.30 -55.15 -61.10
N GLN G 38 10.01 -56.02 -61.83
CA GLN G 38 9.80 -56.26 -63.29
C GLN G 38 8.35 -56.71 -63.53
N LEU G 39 7.72 -57.41 -62.58
CA LEU G 39 6.34 -57.94 -62.74
C LEU G 39 5.30 -56.82 -62.61
N GLU G 40 5.72 -55.57 -62.34
CA GLU G 40 4.88 -54.35 -62.44
C GLU G 40 4.65 -53.97 -63.90
N VAL G 41 5.47 -54.50 -64.83
CA VAL G 41 5.30 -54.24 -66.29
C VAL G 41 4.18 -55.16 -66.79
N PRO G 42 3.14 -54.60 -67.46
CA PRO G 42 2.01 -55.40 -67.93
C PRO G 42 2.37 -56.58 -68.83
N PHE G 43 1.56 -57.64 -68.75
CA PHE G 43 1.62 -58.88 -69.54
C PHE G 43 1.94 -58.56 -71.02
N GLU G 44 1.19 -57.64 -71.62
CA GLU G 44 1.25 -57.32 -73.08
C GLU G 44 2.57 -56.63 -73.45
N ASP G 45 3.32 -56.09 -72.48
CA ASP G 45 4.51 -55.22 -72.72
C ASP G 45 5.83 -55.91 -72.35
N SER G 46 5.81 -57.01 -71.58
CA SER G 46 7.03 -57.68 -71.08
C SER G 46 7.00 -59.17 -71.41
N GLU G 47 8.04 -59.67 -72.08
CA GLU G 47 8.23 -61.13 -72.32
C GLU G 47 8.45 -61.83 -70.98
N GLU G 48 9.07 -61.14 -70.02
CA GLU G 48 9.34 -61.65 -68.65
C GLU G 48 8.00 -61.85 -67.93
N THR G 49 7.12 -60.85 -67.96
CA THR G 49 5.77 -60.96 -67.34
C THR G 49 4.99 -62.08 -68.04
N LYS G 50 5.07 -62.15 -69.38
CA LYS G 50 4.42 -63.21 -70.20
C LYS G 50 4.88 -64.59 -69.72
N ALA G 51 6.20 -64.82 -69.63
CA ALA G 51 6.80 -66.11 -69.22
C ALA G 51 6.34 -66.47 -67.81
N PHE G 52 6.28 -65.50 -66.90
CA PHE G 52 5.81 -65.68 -65.50
C PHE G 52 4.35 -66.15 -65.51
N VAL G 53 3.47 -65.41 -66.21
CA VAL G 53 2.00 -65.69 -66.25
C VAL G 53 1.77 -67.08 -66.85
N HIS G 54 2.37 -67.39 -68.00
CA HIS G 54 2.17 -68.69 -68.72
C HIS G 54 2.64 -69.86 -67.84
N SER G 55 3.83 -69.76 -67.25
CA SER G 55 4.42 -70.85 -66.42
C SER G 55 3.59 -71.02 -65.14
N GLN G 56 3.24 -69.92 -64.44
CA GLN G 56 2.45 -69.98 -63.18
C GLN G 56 1.05 -70.54 -63.51
N ARG G 57 0.44 -70.10 -64.61
CA ARG G 57 -0.93 -70.53 -65.03
C ARG G 57 -0.94 -72.03 -65.28
N LYS G 58 0.06 -72.53 -66.02
CA LYS G 58 0.18 -73.97 -66.42
C LYS G 58 0.39 -74.81 -65.15
N PHE G 59 1.22 -74.32 -64.22
CA PHE G 59 1.56 -75.01 -62.95
C PHE G 59 0.30 -75.15 -62.07
N ALA G 60 -0.46 -74.07 -61.91
CA ALA G 60 -1.71 -74.05 -61.14
C ALA G 60 -2.70 -75.04 -61.77
N ARG G 61 -2.90 -74.95 -63.09
CA ARG G 61 -3.89 -75.78 -63.84
C ARG G 61 -3.57 -77.26 -63.63
N THR G 62 -2.28 -77.64 -63.72
CA THR G 62 -1.84 -79.06 -63.55
C THR G 62 -2.28 -79.55 -62.17
N TYR G 63 -1.99 -78.79 -61.10
CA TYR G 63 -2.32 -79.17 -59.72
C TYR G 63 -3.85 -79.27 -59.55
N LEU G 64 -4.58 -78.24 -59.98
CA LEU G 64 -6.05 -78.14 -59.79
C LEU G 64 -6.75 -79.28 -60.56
N ASP G 65 -6.31 -79.55 -61.80
CA ASP G 65 -6.93 -80.55 -62.71
C ASP G 65 -6.56 -81.98 -62.29
N GLU G 66 -5.47 -82.19 -61.55
CA GLU G 66 -5.06 -83.53 -61.07
C GLU G 66 -6.09 -84.03 -60.03
N ASN G 67 -6.79 -83.13 -59.34
CA ASN G 67 -7.80 -83.45 -58.31
C ASN G 67 -9.13 -83.81 -58.99
N PRO G 68 -9.63 -85.07 -58.87
CA PRO G 68 -10.89 -85.45 -59.52
C PRO G 68 -12.11 -84.67 -58.97
N ASP G 69 -12.00 -84.15 -57.74
CA ASP G 69 -13.05 -83.32 -57.08
C ASP G 69 -13.24 -82.01 -57.84
N ARG G 70 -12.32 -81.61 -58.71
CA ARG G 70 -12.46 -80.39 -59.52
C ARG G 70 -13.64 -80.57 -60.49
N GLU G 71 -13.62 -81.63 -61.29
CA GLU G 71 -14.72 -81.96 -62.25
C GLU G 71 -16.01 -82.28 -61.48
N ALA G 72 -15.91 -82.97 -60.34
CA ALA G 72 -17.08 -83.28 -59.48
C ALA G 72 -17.72 -81.95 -59.03
N TRP G 73 -16.92 -80.96 -58.62
CA TRP G 73 -17.42 -79.64 -58.19
C TRP G 73 -18.06 -78.91 -59.38
N LEU G 74 -17.43 -78.96 -60.56
CA LEU G 74 -17.94 -78.23 -61.74
C LEU G 74 -19.33 -78.78 -62.12
N GLU G 75 -19.51 -80.10 -62.08
CA GLU G 75 -20.80 -80.78 -62.38
C GLU G 75 -21.85 -80.39 -61.33
N THR G 76 -21.54 -80.49 -60.04
CA THR G 76 -22.42 -80.08 -58.92
C THR G 76 -22.86 -78.62 -59.12
N LEU G 77 -21.92 -77.73 -59.43
CA LEU G 77 -22.21 -76.28 -59.60
C LEU G 77 -23.11 -76.05 -60.83
N LYS G 78 -22.78 -76.67 -61.98
CA LYS G 78 -23.55 -76.56 -63.25
C LYS G 78 -25.02 -76.89 -63.00
N LYS G 79 -25.31 -77.99 -62.30
CA LYS G 79 -26.68 -78.45 -61.99
C LYS G 79 -27.49 -77.34 -61.28
N SER G 80 -26.94 -76.79 -60.19
CA SER G 80 -27.64 -75.81 -59.32
C SER G 80 -27.69 -74.41 -59.99
N TRP G 81 -26.66 -74.01 -60.72
CA TRP G 81 -26.42 -72.63 -61.25
C TRP G 81 -27.52 -72.12 -62.20
N ASN G 82 -28.18 -73.07 -62.86
CA ASN G 82 -29.02 -72.79 -64.07
C ASN G 82 -30.41 -72.37 -63.57
N TYR G 83 -30.55 -71.18 -62.94
CA TYR G 83 -31.81 -70.87 -62.20
C TYR G 83 -32.44 -69.53 -62.59
N ARG G 84 -33.75 -69.46 -62.55
CA ARG G 84 -34.57 -68.28 -62.94
C ARG G 84 -34.33 -67.14 -61.98
N ARG G 85 -33.98 -65.95 -62.49
CA ARG G 85 -33.69 -64.74 -61.68
C ARG G 85 -34.55 -63.58 -62.21
N PHE G 86 -34.98 -62.70 -61.31
CA PHE G 86 -35.73 -61.47 -61.67
C PHE G 86 -35.52 -60.41 -60.60
N SER G 87 -35.69 -59.14 -60.99
CA SER G 87 -35.74 -57.97 -60.09
C SER G 87 -37.18 -57.76 -59.59
N ALA G 88 -37.34 -56.88 -58.61
CA ALA G 88 -38.64 -56.30 -58.21
C ALA G 88 -39.22 -55.53 -59.39
N LEU G 89 -40.55 -55.45 -59.50
CA LEU G 89 -41.21 -54.62 -60.52
C LEU G 89 -40.85 -53.14 -60.29
N LYS G 90 -40.50 -52.44 -61.35
CA LYS G 90 -40.09 -51.01 -61.32
C LYS G 90 -41.11 -50.20 -62.11
N PRO G 91 -41.89 -49.31 -61.47
CA PRO G 91 -42.90 -48.52 -62.18
C PRO G 91 -42.23 -47.39 -62.98
N GLU G 92 -42.64 -47.20 -64.23
CA GLU G 92 -42.04 -46.19 -65.15
C GLU G 92 -43.17 -45.27 -65.65
N SER G 93 -42.75 -44.15 -66.25
CA SER G 93 -43.62 -43.02 -66.66
C SER G 93 -44.51 -43.39 -67.86
N ASP G 94 -44.32 -44.56 -68.49
CA ASP G 94 -45.20 -45.06 -69.59
C ASP G 94 -46.33 -45.95 -69.03
N GLY G 95 -46.58 -45.93 -67.72
CA GLY G 95 -47.63 -46.73 -67.08
C GLY G 95 -47.41 -48.24 -67.15
N HIS G 96 -46.14 -48.65 -67.26
CA HIS G 96 -45.73 -50.08 -67.21
C HIS G 96 -44.79 -50.30 -66.02
N TYR G 97 -44.85 -51.47 -65.43
CA TYR G 97 -43.78 -52.04 -64.58
C TYR G 97 -42.74 -52.68 -65.51
N TYR G 98 -41.45 -52.43 -65.24
CA TYR G 98 -40.31 -53.08 -65.93
C TYR G 98 -39.61 -53.98 -64.91
N PHE G 99 -39.13 -55.13 -65.36
CA PHE G 99 -38.42 -56.08 -64.48
C PHE G 99 -37.36 -56.81 -65.29
N GLU G 100 -36.22 -57.05 -64.64
CA GLU G 100 -35.10 -57.86 -65.18
C GLU G 100 -35.49 -59.33 -65.06
N TYR G 101 -35.16 -60.14 -66.06
CA TYR G 101 -35.42 -61.59 -66.06
C TYR G 101 -34.28 -62.35 -66.75
N ASN G 102 -33.90 -63.49 -66.19
CA ASN G 102 -33.01 -64.48 -66.88
C ASN G 102 -33.62 -65.86 -66.62
N ASP G 103 -33.94 -66.62 -67.68
CA ASP G 103 -34.44 -68.02 -67.62
C ASP G 103 -33.45 -68.91 -66.85
N GLY G 104 -32.15 -68.60 -66.87
CA GLY G 104 -31.07 -69.30 -66.17
C GLY G 104 -29.91 -69.70 -67.07
N LEU G 105 -30.18 -69.71 -68.38
CA LEU G 105 -29.25 -70.14 -69.45
C LEU G 105 -28.44 -68.94 -69.99
N GLN G 106 -29.07 -67.75 -69.98
CA GLN G 106 -28.63 -66.66 -70.86
C GLN G 106 -27.39 -66.06 -70.21
N SER G 107 -26.46 -65.54 -70.99
CA SER G 107 -25.33 -64.70 -70.49
C SER G 107 -25.90 -63.52 -69.68
N GLN G 108 -26.92 -62.83 -70.19
CA GLN G 108 -27.30 -61.47 -69.69
C GLN G 108 -28.80 -61.41 -69.37
N LEU G 109 -29.18 -60.64 -68.35
CA LEU G 109 -30.57 -60.29 -68.00
C LEU G 109 -31.27 -59.65 -69.21
N SER G 110 -32.53 -60.01 -69.44
CA SER G 110 -33.45 -59.31 -70.36
C SER G 110 -34.34 -58.36 -69.55
N LEU G 111 -34.86 -57.33 -70.19
CA LEU G 111 -35.83 -56.40 -69.57
C LEU G 111 -37.22 -56.71 -70.14
N TYR G 112 -38.15 -57.07 -69.26
CA TYR G 112 -39.59 -57.28 -69.60
C TYR G 112 -40.41 -56.12 -69.03
N ARG G 113 -41.64 -55.96 -69.53
CA ARG G 113 -42.59 -54.96 -68.96
C ARG G 113 -44.01 -55.53 -68.97
N VAL G 114 -44.85 -54.95 -68.13
CA VAL G 114 -46.29 -55.32 -68.02
C VAL G 114 -47.03 -54.03 -67.65
N ARG G 115 -48.18 -53.83 -68.28
CA ARG G 115 -49.10 -52.71 -67.97
C ARG G 115 -49.36 -52.72 -66.46
N MET G 116 -49.27 -51.56 -65.80
CA MET G 116 -49.64 -51.46 -64.37
C MET G 116 -51.11 -51.93 -64.24
N GLY G 117 -51.39 -52.78 -63.24
CA GLY G 117 -52.69 -53.45 -63.09
C GLY G 117 -52.72 -54.88 -63.62
N GLU G 118 -51.80 -55.26 -64.53
CA GLU G 118 -51.74 -56.62 -65.12
C GLU G 118 -50.57 -57.42 -64.52
N GLU G 119 -49.91 -56.89 -63.48
CA GLU G 119 -48.64 -57.46 -62.96
C GLU G 119 -48.84 -58.85 -62.37
N ASP G 120 -50.08 -59.21 -61.99
CA ASP G 120 -50.32 -60.52 -61.32
C ASP G 120 -50.19 -61.66 -62.34
N THR G 121 -50.06 -61.35 -63.64
CA THR G 121 -49.86 -62.36 -64.73
C THR G 121 -48.38 -62.62 -65.03
N VAL G 122 -47.42 -61.92 -64.41
CA VAL G 122 -45.96 -62.07 -64.77
C VAL G 122 -45.28 -63.06 -63.81
N LEU G 123 -44.13 -63.60 -64.23
CA LEU G 123 -43.22 -64.42 -63.40
C LEU G 123 -43.98 -65.60 -62.79
N THR G 124 -44.73 -66.35 -63.58
CA THR G 124 -45.40 -67.61 -63.15
C THR G 124 -44.68 -68.77 -63.83
N GLU G 125 -45.09 -70.01 -63.58
CA GLU G 125 -44.48 -71.20 -64.24
C GLU G 125 -44.78 -71.16 -65.74
N SER G 126 -45.85 -70.47 -66.15
CA SER G 126 -46.23 -70.24 -67.58
C SER G 126 -45.23 -69.33 -68.28
N GLY G 127 -44.37 -68.61 -67.57
CA GLY G 127 -43.21 -67.89 -68.14
C GLY G 127 -43.07 -66.51 -67.51
N PRO G 128 -42.13 -65.65 -67.98
CA PRO G 128 -41.97 -64.30 -67.45
C PRO G 128 -43.23 -63.45 -67.67
N GLY G 129 -43.95 -63.74 -68.77
CA GLY G 129 -45.22 -63.07 -69.10
C GLY G 129 -44.96 -61.65 -69.52
N GLY G 130 -45.96 -60.77 -69.43
CA GLY G 130 -45.85 -59.38 -69.92
C GLY G 130 -45.38 -59.35 -71.36
N GLU G 131 -44.45 -58.45 -71.68
CA GLU G 131 -43.89 -58.22 -73.02
C GLU G 131 -42.36 -58.12 -72.88
N LEU G 132 -41.58 -58.78 -73.73
CA LEU G 132 -40.12 -58.51 -73.79
C LEU G 132 -39.94 -57.06 -74.23
N PHE G 133 -39.09 -56.29 -73.56
CA PHE G 133 -38.77 -54.91 -73.99
C PHE G 133 -37.38 -54.85 -74.64
N PHE G 134 -36.37 -55.41 -73.98
CA PHE G 134 -34.96 -55.35 -74.43
C PHE G 134 -34.21 -56.63 -74.05
N ASN G 135 -33.63 -57.28 -75.06
CA ASN G 135 -32.85 -58.53 -74.90
C ASN G 135 -31.42 -58.24 -75.35
N PRO G 136 -30.50 -57.94 -74.41
CA PRO G 136 -29.11 -57.62 -74.76
C PRO G 136 -28.40 -58.73 -75.56
N ASN G 137 -28.83 -59.97 -75.36
CA ASN G 137 -28.26 -61.19 -76.00
C ASN G 137 -28.41 -61.06 -77.52
N LEU G 138 -29.42 -60.34 -78.02
CA LEU G 138 -29.71 -60.16 -79.47
C LEU G 138 -28.76 -59.13 -80.12
N LEU G 139 -28.07 -58.29 -79.32
CA LEU G 139 -27.33 -57.12 -79.83
C LEU G 139 -26.14 -57.52 -80.70
N SER G 140 -25.38 -58.54 -80.30
CA SER G 140 -24.19 -59.09 -81.01
C SER G 140 -24.44 -60.53 -81.45
N LEU G 141 -23.68 -60.99 -82.45
CA LEU G 141 -23.78 -62.39 -82.96
C LEU G 141 -23.24 -63.37 -81.91
N ASP G 142 -22.29 -62.94 -81.07
CA ASP G 142 -21.56 -63.82 -80.11
C ASP G 142 -22.11 -63.69 -78.68
N GLY G 143 -22.94 -62.69 -78.40
CA GLY G 143 -23.68 -62.52 -77.14
C GLY G 143 -22.81 -61.88 -76.07
N ASN G 144 -21.85 -61.03 -76.47
CA ASN G 144 -20.85 -60.41 -75.58
C ASN G 144 -21.29 -59.01 -75.11
N ALA G 145 -22.29 -58.39 -75.76
CA ALA G 145 -22.83 -57.07 -75.37
C ALA G 145 -23.62 -57.23 -74.07
N ALA G 146 -23.41 -56.29 -73.15
CA ALA G 146 -24.15 -56.17 -71.86
C ALA G 146 -24.84 -54.80 -71.76
N LEU G 147 -26.08 -54.81 -71.28
CA LEU G 147 -26.85 -53.63 -70.84
C LEU G 147 -26.20 -53.13 -69.53
N THR G 148 -25.68 -51.91 -69.50
CA THR G 148 -24.96 -51.37 -68.32
C THR G 148 -25.85 -50.45 -67.51
N GLY G 149 -27.05 -50.15 -68.00
CA GLY G 149 -27.96 -49.19 -67.35
C GLY G 149 -28.99 -48.66 -68.32
N PHE G 150 -30.07 -48.10 -67.80
CA PHE G 150 -31.18 -47.53 -68.60
C PHE G 150 -31.99 -46.56 -67.74
N VAL G 151 -32.57 -45.54 -68.36
CA VAL G 151 -33.45 -44.53 -67.71
C VAL G 151 -34.49 -44.08 -68.75
N MET G 152 -35.76 -44.11 -68.37
CA MET G 152 -36.88 -43.68 -69.25
C MET G 152 -37.03 -42.17 -69.16
N SER G 153 -37.36 -41.53 -70.27
CA SER G 153 -37.68 -40.08 -70.33
C SER G 153 -38.90 -39.81 -69.44
N PRO G 154 -38.98 -38.62 -68.79
CA PRO G 154 -40.16 -38.27 -67.99
C PRO G 154 -41.50 -38.42 -68.72
N CYS G 155 -41.52 -38.18 -70.04
CA CYS G 155 -42.74 -38.26 -70.89
C CYS G 155 -43.13 -39.73 -71.13
N GLY G 156 -42.21 -40.67 -70.95
CA GLY G 156 -42.48 -42.11 -71.13
C GLY G 156 -42.36 -42.57 -72.57
N ASN G 157 -41.92 -41.71 -73.49
CA ASN G 157 -41.80 -42.06 -74.94
C ASN G 157 -40.38 -42.56 -75.29
N TYR G 158 -39.37 -42.23 -74.49
CA TYR G 158 -37.94 -42.49 -74.83
C TYR G 158 -37.28 -43.26 -73.68
N TRP G 159 -36.25 -44.01 -74.04
CA TRP G 159 -35.50 -44.93 -73.15
C TRP G 159 -34.02 -44.82 -73.54
N ALA G 160 -33.20 -44.21 -72.66
CA ALA G 160 -31.75 -44.09 -72.82
C ALA G 160 -31.11 -45.32 -72.16
N TYR G 161 -30.14 -45.94 -72.83
CA TYR G 161 -29.51 -47.16 -72.28
C TYR G 161 -28.05 -47.28 -72.69
N GLY G 162 -27.27 -47.94 -71.84
CA GLY G 162 -25.83 -48.18 -72.05
C GLY G 162 -25.58 -49.60 -72.52
N VAL G 163 -24.70 -49.76 -73.52
CA VAL G 163 -24.23 -51.09 -73.99
C VAL G 163 -22.70 -51.11 -73.97
N SER G 164 -22.11 -52.03 -73.22
CA SER G 164 -20.64 -52.35 -73.28
C SER G 164 -20.52 -53.45 -74.32
N GLU G 165 -19.66 -53.26 -75.35
CA GLU G 165 -19.29 -54.34 -76.33
C GLU G 165 -17.99 -55.05 -75.88
N HIS G 166 -17.93 -56.36 -76.10
CA HIS G 166 -16.69 -57.17 -76.20
C HIS G 166 -16.06 -57.47 -74.85
N GLY G 167 -16.63 -56.99 -73.74
CA GLY G 167 -16.07 -57.15 -72.38
C GLY G 167 -15.44 -55.87 -71.85
N SER G 168 -15.05 -54.95 -72.76
CA SER G 168 -14.52 -53.60 -72.46
C SER G 168 -15.13 -53.05 -71.15
N ASP G 169 -14.46 -52.08 -70.53
CA ASP G 169 -14.99 -51.30 -69.36
C ASP G 169 -15.71 -50.03 -69.88
N TRP G 170 -15.62 -49.81 -71.21
CA TRP G 170 -16.23 -48.66 -71.90
C TRP G 170 -17.62 -49.05 -72.39
N MET G 171 -18.48 -48.06 -72.59
CA MET G 171 -19.86 -48.24 -73.12
C MET G 171 -20.22 -47.07 -74.02
N SER G 172 -21.28 -47.25 -74.79
CA SER G 172 -21.98 -46.21 -75.57
C SER G 172 -23.40 -46.07 -75.01
N ILE G 173 -23.93 -44.86 -75.00
CA ILE G 173 -25.34 -44.58 -74.64
C ILE G 173 -26.14 -44.54 -75.94
N TYR G 174 -27.26 -45.27 -75.98
CA TYR G 174 -28.22 -45.29 -77.11
C TYR G 174 -29.58 -44.76 -76.61
N VAL G 175 -30.48 -44.47 -77.55
CA VAL G 175 -31.88 -44.06 -77.25
C VAL G 175 -32.80 -44.86 -78.17
N ARG G 176 -33.92 -45.34 -77.65
CA ARG G 176 -34.99 -45.94 -78.46
C ARG G 176 -36.35 -45.44 -77.94
N LYS G 177 -37.37 -45.49 -78.78
CA LYS G 177 -38.78 -45.24 -78.38
C LYS G 177 -39.26 -46.42 -77.52
N THR G 178 -40.06 -46.14 -76.50
CA THR G 178 -40.75 -47.17 -75.67
C THR G 178 -41.76 -47.93 -76.53
N SER G 179 -42.13 -47.40 -77.71
CA SER G 179 -43.01 -48.08 -78.70
C SER G 179 -42.17 -48.98 -79.62
N SER G 180 -40.84 -49.08 -79.42
CA SER G 180 -39.94 -49.98 -80.20
C SER G 180 -39.30 -51.03 -79.31
N PRO G 181 -40.07 -51.98 -78.74
CA PRO G 181 -39.45 -53.05 -77.96
C PRO G 181 -38.71 -54.00 -78.92
N HIS G 182 -37.70 -54.72 -78.42
CA HIS G 182 -37.18 -55.93 -79.10
C HIS G 182 -38.34 -56.91 -79.25
N LEU G 183 -38.36 -57.65 -80.35
CA LEU G 183 -39.17 -58.91 -80.47
C LEU G 183 -38.28 -60.11 -80.17
N PRO G 184 -38.80 -61.15 -79.48
CA PRO G 184 -37.92 -62.21 -78.96
C PRO G 184 -37.14 -62.97 -80.05
N SER G 185 -37.61 -63.00 -81.28
CA SER G 185 -37.00 -63.79 -82.40
C SER G 185 -36.59 -62.84 -83.52
N GLN G 186 -36.27 -61.59 -83.23
CA GLN G 186 -35.74 -60.65 -84.24
C GLN G 186 -34.29 -61.08 -84.58
N GLU G 187 -33.77 -60.70 -85.74
CA GLU G 187 -32.45 -61.16 -86.27
C GLU G 187 -31.31 -60.72 -85.34
N ARG G 188 -30.48 -61.66 -84.88
CA ARG G 188 -29.41 -61.40 -83.88
C ARG G 188 -28.28 -60.59 -84.55
N GLY G 189 -27.68 -59.65 -83.83
CA GLY G 189 -26.66 -58.75 -84.41
C GLY G 189 -27.21 -57.40 -84.84
N LYS G 190 -28.54 -57.26 -84.98
CA LYS G 190 -29.18 -56.31 -85.93
C LYS G 190 -30.41 -55.73 -85.25
N ASP G 191 -30.32 -54.50 -84.76
CA ASP G 191 -31.38 -53.80 -83.98
C ASP G 191 -31.83 -52.58 -84.78
N PRO G 192 -32.82 -52.74 -85.71
CA PRO G 192 -33.33 -51.62 -86.48
C PRO G 192 -34.09 -50.59 -85.61
N GLY G 193 -34.51 -51.01 -84.41
CA GLY G 193 -35.53 -50.31 -83.60
C GLY G 193 -34.97 -49.16 -82.77
N ARG G 194 -33.66 -48.97 -82.71
CA ARG G 194 -33.05 -47.85 -81.95
C ARG G 194 -33.01 -46.60 -82.84
N MET G 195 -32.97 -45.44 -82.22
CA MET G 195 -32.79 -44.13 -82.89
C MET G 195 -31.30 -43.96 -83.23
N ASN G 196 -30.95 -42.90 -83.98
CA ASN G 196 -29.60 -42.65 -84.55
C ASN G 196 -28.58 -42.34 -83.44
N ASP G 197 -29.02 -41.82 -82.30
CA ASP G 197 -28.16 -41.33 -81.18
C ASP G 197 -27.14 -42.42 -80.82
N LYS G 198 -25.86 -42.06 -80.78
CA LYS G 198 -24.79 -42.92 -80.22
C LYS G 198 -23.82 -42.04 -79.44
N ILE G 199 -23.79 -42.17 -78.12
CA ILE G 199 -22.91 -41.36 -77.21
C ILE G 199 -21.74 -42.24 -76.81
N ARG G 200 -20.55 -41.99 -77.36
CA ARG G 200 -19.34 -42.81 -77.13
C ARG G 200 -18.52 -42.25 -75.97
N HIS G 201 -17.55 -43.02 -75.50
CA HIS G 201 -16.48 -42.59 -74.56
C HIS G 201 -17.04 -42.46 -73.15
N VAL G 202 -17.95 -43.35 -72.77
CA VAL G 202 -18.60 -43.38 -71.44
C VAL G 202 -18.03 -44.56 -70.67
N ARG G 203 -17.71 -44.39 -69.38
CA ARG G 203 -17.15 -45.45 -68.53
C ARG G 203 -18.09 -45.78 -67.36
N PHE G 204 -19.13 -44.98 -67.13
CA PHE G 204 -20.17 -45.30 -66.11
C PHE G 204 -21.48 -44.64 -66.52
N PHE G 205 -22.57 -45.35 -66.29
CA PHE G 205 -23.94 -44.95 -66.69
C PHE G 205 -24.55 -44.10 -65.58
N ILE G 206 -24.45 -42.78 -65.69
CA ILE G 206 -25.17 -41.82 -64.80
C ILE G 206 -25.78 -40.78 -65.73
N VAL G 207 -27.05 -41.02 -66.07
CA VAL G 207 -27.81 -40.33 -67.13
C VAL G 207 -29.05 -39.71 -66.47
N SER G 208 -29.31 -38.43 -66.72
CA SER G 208 -30.44 -37.68 -66.13
C SER G 208 -31.13 -36.87 -67.22
N TRP G 209 -32.38 -37.19 -67.51
CA TRP G 209 -33.24 -36.48 -68.50
C TRP G 209 -33.67 -35.14 -67.92
N THR G 210 -33.75 -34.11 -68.75
CA THR G 210 -34.47 -32.85 -68.42
C THR G 210 -35.97 -33.11 -68.45
N SER G 211 -36.76 -32.30 -67.72
CA SER G 211 -38.23 -32.44 -67.54
C SER G 211 -38.97 -32.33 -68.88
N ASP G 212 -38.36 -31.72 -69.89
CA ASP G 212 -38.94 -31.52 -71.25
C ASP G 212 -38.72 -32.77 -72.11
N SER G 213 -37.99 -33.78 -71.63
CA SER G 213 -37.68 -35.03 -72.37
C SER G 213 -36.91 -34.73 -73.67
N LYS G 214 -36.22 -33.60 -73.78
CA LYS G 214 -35.52 -33.19 -75.03
C LYS G 214 -34.07 -33.70 -75.00
N GLY G 215 -33.57 -34.10 -73.83
CA GLY G 215 -32.15 -34.50 -73.72
C GLY G 215 -31.81 -34.99 -72.34
N PHE G 216 -30.56 -35.42 -72.17
CA PHE G 216 -30.07 -35.98 -70.89
C PHE G 216 -28.61 -35.57 -70.68
N PHE G 217 -28.26 -35.39 -69.41
CA PHE G 217 -26.88 -35.22 -68.93
C PHE G 217 -26.22 -36.59 -68.83
N TYR G 218 -24.90 -36.63 -69.07
CA TYR G 218 -24.08 -37.85 -68.92
C TYR G 218 -22.64 -37.42 -68.66
N SER G 219 -21.85 -38.34 -68.13
CA SER G 219 -20.39 -38.20 -67.88
C SER G 219 -19.64 -39.00 -68.95
N ARG G 220 -18.60 -38.41 -69.52
CA ARG G 220 -17.74 -39.09 -70.52
C ARG G 220 -16.29 -38.69 -70.31
N TYR G 221 -15.42 -39.35 -71.07
CA TYR G 221 -13.95 -39.21 -71.01
C TYR G 221 -13.46 -38.86 -72.40
N PRO G 222 -12.18 -38.45 -72.57
CA PRO G 222 -11.62 -38.25 -73.89
C PRO G 222 -11.59 -39.60 -74.60
N PRO G 223 -11.55 -39.65 -75.96
CA PRO G 223 -11.51 -40.93 -76.66
C PRO G 223 -10.31 -41.79 -76.20
N GLU G 224 -10.46 -43.12 -76.25
CA GLU G 224 -9.46 -44.07 -75.71
C GLU G 224 -8.25 -44.13 -76.66
N ASP G 225 -7.05 -43.85 -76.14
CA ASP G 225 -5.85 -43.43 -76.94
C ASP G 225 -4.79 -44.53 -77.01
N ASP G 226 -4.20 -44.72 -78.19
CA ASP G 226 -2.87 -45.38 -78.37
C ASP G 226 -1.85 -44.63 -77.51
N PRO G 233 -4.50 -44.85 -65.20
CA PRO G 233 -5.56 -44.13 -64.44
C PRO G 233 -6.54 -43.45 -65.44
N ALA G 234 -7.83 -43.55 -65.17
CA ALA G 234 -8.93 -42.93 -65.93
C ALA G 234 -8.88 -41.41 -65.72
N MET G 235 -8.78 -40.62 -66.79
CA MET G 235 -8.53 -39.15 -66.62
C MET G 235 -9.49 -38.26 -67.42
N ASN G 236 -9.82 -37.10 -66.85
CA ASN G 236 -10.50 -35.97 -67.54
C ASN G 236 -11.98 -36.30 -67.76
N CYS G 237 -12.65 -36.70 -66.69
CA CYS G 237 -14.11 -36.91 -66.64
C CYS G 237 -14.83 -35.59 -66.93
N MET G 238 -15.77 -35.58 -67.86
CA MET G 238 -16.49 -34.36 -68.29
C MET G 238 -18.00 -34.62 -68.25
N VAL G 239 -18.78 -33.61 -67.89
CA VAL G 239 -20.27 -33.68 -67.97
C VAL G 239 -20.72 -32.98 -69.25
N TYR G 240 -21.51 -33.68 -70.06
CA TYR G 240 -22.12 -33.17 -71.31
C TYR G 240 -23.64 -33.28 -71.22
N TYR G 241 -24.32 -32.55 -72.11
CA TYR G 241 -25.78 -32.62 -72.33
C TYR G 241 -26.03 -33.02 -73.79
N HIS G 242 -26.74 -34.12 -73.99
CA HIS G 242 -27.14 -34.65 -75.31
C HIS G 242 -28.62 -34.33 -75.58
N ARG G 243 -28.91 -33.68 -76.71
CA ARG G 243 -30.30 -33.49 -77.22
C ARG G 243 -30.65 -34.68 -78.12
N ILE G 244 -31.78 -35.35 -77.84
CA ILE G 244 -32.23 -36.55 -78.59
C ILE G 244 -32.38 -36.17 -80.06
N GLY G 245 -31.96 -37.05 -80.97
CA GLY G 245 -32.07 -36.88 -82.43
C GLY G 245 -30.83 -36.22 -83.02
N GLU G 246 -29.98 -35.59 -82.20
CA GLU G 246 -28.72 -34.93 -82.66
C GLU G 246 -27.58 -35.94 -82.59
N ASP G 247 -26.46 -35.68 -83.26
CA ASP G 247 -25.22 -36.50 -83.12
C ASP G 247 -24.46 -36.04 -81.88
N GLN G 248 -23.63 -36.91 -81.31
CA GLN G 248 -22.74 -36.61 -80.15
C GLN G 248 -21.94 -35.33 -80.38
N GLU G 249 -21.54 -35.08 -81.64
CA GLU G 249 -20.71 -33.91 -82.05
C GLU G 249 -21.40 -32.60 -81.63
N SER G 250 -22.74 -32.58 -81.54
CA SER G 250 -23.54 -31.39 -81.15
C SER G 250 -23.63 -31.24 -79.62
N ASP G 251 -23.27 -32.28 -78.86
CA ASP G 251 -23.47 -32.28 -77.38
C ASP G 251 -22.76 -31.08 -76.75
N VAL G 252 -23.40 -30.46 -75.78
CA VAL G 252 -22.92 -29.21 -75.10
C VAL G 252 -22.14 -29.62 -73.85
N LEU G 253 -20.92 -29.11 -73.73
CA LEU G 253 -20.05 -29.29 -72.53
C LEU G 253 -20.70 -28.55 -71.35
N VAL G 254 -20.85 -29.23 -70.22
CA VAL G 254 -21.43 -28.67 -68.97
C VAL G 254 -20.32 -28.44 -67.94
N HIS G 255 -19.37 -29.37 -67.81
CA HIS G 255 -18.27 -29.25 -66.81
C HIS G 255 -17.05 -30.07 -67.26
N GLU G 256 -15.88 -29.47 -67.13
CA GLU G 256 -14.54 -30.13 -67.14
C GLU G 256 -13.67 -29.45 -66.09
N ASP G 257 -12.67 -30.16 -65.57
CA ASP G 257 -11.71 -29.63 -64.56
C ASP G 257 -10.35 -30.19 -64.92
N PRO G 258 -9.66 -29.57 -65.92
CA PRO G 258 -8.38 -30.10 -66.42
C PRO G 258 -7.28 -30.12 -65.35
N GLU G 259 -7.42 -29.32 -64.28
CA GLU G 259 -6.43 -29.26 -63.18
C GLU G 259 -6.40 -30.58 -62.43
N HIS G 260 -7.55 -31.27 -62.34
CA HIS G 260 -7.74 -32.47 -61.49
C HIS G 260 -8.25 -33.63 -62.35
N PRO G 261 -7.41 -34.18 -63.25
CA PRO G 261 -7.82 -35.25 -64.14
C PRO G 261 -8.27 -36.56 -63.46
N PHE G 262 -7.85 -36.82 -62.21
CA PHE G 262 -8.19 -38.08 -61.51
C PHE G 262 -9.60 -38.01 -60.95
N TRP G 263 -10.15 -36.79 -60.76
CA TRP G 263 -11.48 -36.63 -60.12
C TRP G 263 -12.55 -37.30 -60.97
N ILE G 264 -13.53 -37.94 -60.31
CA ILE G 264 -14.73 -38.51 -61.01
C ILE G 264 -15.91 -37.58 -60.75
N SER G 265 -16.68 -37.24 -61.79
CA SER G 265 -17.76 -36.23 -61.64
C SER G 265 -19.03 -36.70 -62.35
N SER G 266 -20.18 -36.28 -61.86
CA SER G 266 -21.50 -36.54 -62.48
C SER G 266 -22.50 -35.49 -62.03
N VAL G 267 -23.66 -35.47 -62.70
CA VAL G 267 -24.82 -34.65 -62.27
C VAL G 267 -26.02 -35.58 -61.99
N GLN G 268 -26.85 -35.16 -61.04
CA GLN G 268 -28.15 -35.77 -60.72
C GLN G 268 -29.19 -34.62 -60.74
N LEU G 269 -30.36 -34.85 -61.33
CA LEU G 269 -31.50 -33.90 -61.31
C LEU G 269 -32.45 -34.31 -60.19
N THR G 270 -33.09 -33.35 -59.53
CA THR G 270 -34.25 -33.60 -58.65
C THR G 270 -35.33 -34.30 -59.48
N PRO G 271 -36.22 -35.10 -58.87
CA PRO G 271 -37.33 -35.74 -59.61
C PRO G 271 -38.15 -34.79 -60.50
N SER G 272 -38.34 -33.53 -60.07
CA SER G 272 -39.05 -32.48 -60.85
C SER G 272 -38.25 -32.05 -62.09
N GLY G 273 -36.94 -32.32 -62.14
CA GLY G 273 -36.07 -31.91 -63.25
C GLY G 273 -35.69 -30.44 -63.19
N ARG G 274 -36.02 -29.76 -62.10
CA ARG G 274 -35.80 -28.30 -61.96
C ARG G 274 -34.33 -27.99 -61.59
N TYR G 275 -33.79 -28.73 -60.61
CA TYR G 275 -32.44 -28.47 -60.05
C TYR G 275 -31.46 -29.56 -60.47
N ILE G 276 -30.22 -29.15 -60.74
CA ILE G 276 -29.11 -30.06 -61.12
C ILE G 276 -28.06 -30.00 -60.01
N LEU G 277 -27.67 -31.16 -59.48
CA LEU G 277 -26.60 -31.32 -58.47
C LEU G 277 -25.35 -31.84 -59.20
N PHE G 278 -24.30 -31.03 -59.25
CA PHE G 278 -22.94 -31.45 -59.66
C PHE G 278 -22.22 -32.04 -58.45
N ALA G 279 -21.63 -33.22 -58.60
CA ALA G 279 -20.84 -33.87 -57.54
C ALA G 279 -19.52 -34.38 -58.13
N ALA G 280 -18.38 -34.00 -57.53
CA ALA G 280 -17.06 -34.59 -57.87
C ALA G 280 -16.52 -35.36 -56.67
N SER G 281 -15.82 -36.46 -56.97
CA SER G 281 -15.09 -37.34 -56.02
C SER G 281 -13.59 -37.32 -56.36
N ARG G 282 -12.71 -37.17 -55.35
CA ARG G 282 -11.24 -37.17 -55.55
C ARG G 282 -10.59 -38.36 -54.87
N ASP G 283 -11.31 -39.19 -54.10
CA ASP G 283 -10.65 -40.31 -53.36
C ASP G 283 -11.72 -41.32 -52.98
N ALA G 284 -11.42 -42.34 -52.16
CA ALA G 284 -12.42 -43.35 -51.79
C ALA G 284 -13.36 -42.87 -50.65
N SER G 285 -13.11 -41.70 -50.07
CA SER G 285 -13.86 -41.20 -48.89
C SER G 285 -15.26 -40.73 -49.30
N HIS G 286 -16.18 -40.68 -48.34
CA HIS G 286 -17.60 -40.25 -48.51
C HIS G 286 -17.69 -38.73 -48.41
N THR G 287 -16.98 -38.04 -49.32
CA THR G 287 -16.89 -36.56 -49.36
C THR G 287 -16.92 -36.14 -50.83
N GLN G 288 -17.55 -35.00 -51.10
CA GLN G 288 -17.74 -34.49 -52.48
C GLN G 288 -17.45 -32.99 -52.52
N LEU G 289 -17.09 -32.52 -53.71
CA LEU G 289 -17.27 -31.12 -54.13
C LEU G 289 -18.64 -31.06 -54.81
N VAL G 290 -19.55 -30.21 -54.32
CA VAL G 290 -20.97 -30.20 -54.77
C VAL G 290 -21.37 -28.78 -55.18
N LYS G 291 -22.14 -28.65 -56.25
CA LYS G 291 -22.71 -27.36 -56.73
C LYS G 291 -24.16 -27.62 -57.21
N ILE G 292 -25.06 -26.65 -57.00
CA ILE G 292 -26.50 -26.73 -57.40
C ILE G 292 -26.78 -25.61 -58.40
N ALA G 293 -27.48 -25.89 -59.49
CA ALA G 293 -28.02 -24.87 -60.42
C ALA G 293 -29.52 -25.10 -60.63
N ASP G 294 -30.23 -24.01 -60.91
CA ASP G 294 -31.67 -24.00 -61.29
C ASP G 294 -31.74 -24.02 -62.81
N LEU G 295 -32.21 -25.11 -63.42
CA LEU G 295 -32.20 -25.26 -64.90
C LEU G 295 -33.19 -24.27 -65.55
N HIS G 296 -34.04 -23.61 -64.77
CA HIS G 296 -35.00 -22.58 -65.26
C HIS G 296 -34.32 -21.21 -65.34
N GLU G 297 -33.10 -21.04 -64.79
CA GLU G 297 -32.39 -19.74 -64.69
C GLU G 297 -31.35 -19.59 -65.80
N ASN G 298 -30.97 -20.67 -66.50
CA ASN G 298 -30.08 -20.47 -67.70
C ASN G 298 -30.29 -21.55 -68.76
N ASP G 299 -29.59 -21.30 -69.87
CA ASP G 299 -29.37 -22.29 -70.96
C ASP G 299 -28.38 -23.33 -70.44
N ILE G 300 -28.54 -24.57 -70.89
CA ILE G 300 -27.59 -25.69 -70.58
C ILE G 300 -26.27 -25.36 -71.26
N GLY G 301 -25.19 -25.30 -70.48
CA GLY G 301 -23.83 -25.02 -70.99
C GLY G 301 -22.88 -24.73 -69.85
N THR G 302 -21.73 -24.13 -70.14
CA THR G 302 -20.70 -23.73 -69.14
C THR G 302 -21.04 -22.33 -68.59
N ASN G 303 -22.13 -21.71 -69.07
CA ASN G 303 -22.62 -20.37 -68.66
C ASN G 303 -23.82 -20.50 -67.69
N MET G 304 -23.81 -21.48 -66.78
CA MET G 304 -24.91 -21.72 -65.80
C MET G 304 -24.51 -21.12 -64.44
N LYS G 305 -25.49 -20.65 -63.67
CA LYS G 305 -25.27 -19.99 -62.35
C LYS G 305 -25.17 -21.07 -61.27
N TRP G 306 -24.00 -21.67 -61.11
CA TRP G 306 -23.72 -22.68 -60.05
C TRP G 306 -23.63 -21.99 -58.70
N LYS G 307 -24.33 -22.53 -57.69
CA LYS G 307 -24.21 -22.10 -56.27
C LYS G 307 -23.60 -23.27 -55.48
N ASN G 308 -22.76 -22.98 -54.50
CA ASN G 308 -22.18 -24.00 -53.59
C ASN G 308 -23.29 -24.49 -52.65
N LEU G 309 -23.50 -25.82 -52.62
CA LEU G 309 -24.40 -26.52 -51.66
C LEU G 309 -23.73 -26.50 -50.28
N HIS G 310 -22.42 -26.77 -50.24
CA HIS G 310 -21.59 -26.73 -49.02
C HIS G 310 -20.12 -26.63 -49.42
N ASP G 311 -19.26 -26.27 -48.47
CA ASP G 311 -17.78 -26.28 -48.60
C ASP G 311 -17.36 -27.66 -49.10
N PRO G 312 -16.38 -27.73 -50.03
CA PRO G 312 -16.02 -29.01 -50.65
C PRO G 312 -15.32 -29.95 -49.68
N TRP G 313 -15.46 -31.26 -49.92
CA TRP G 313 -14.68 -32.37 -49.30
C TRP G 313 -15.03 -32.54 -47.82
N GLU G 314 -16.22 -32.11 -47.38
CA GLU G 314 -16.67 -32.32 -45.98
C GLU G 314 -17.74 -33.41 -45.92
N ALA G 315 -18.51 -33.63 -46.98
CA ALA G 315 -19.69 -34.52 -46.93
C ALA G 315 -20.12 -34.97 -48.32
N ARG G 316 -20.96 -36.00 -48.36
CA ARG G 316 -21.63 -36.57 -49.54
C ARG G 316 -23.11 -36.16 -49.49
N PHE G 317 -23.74 -35.92 -50.64
CA PHE G 317 -25.15 -35.47 -50.75
C PHE G 317 -25.84 -36.27 -51.87
N THR G 318 -26.91 -36.98 -51.53
CA THR G 318 -27.76 -37.76 -52.46
C THR G 318 -29.16 -37.15 -52.43
N ILE G 319 -29.71 -36.78 -53.60
CA ILE G 319 -31.10 -36.26 -53.74
C ILE G 319 -32.07 -37.39 -53.44
N VAL G 320 -33.04 -37.14 -52.56
CA VAL G 320 -34.14 -38.06 -52.15
C VAL G 320 -35.47 -37.57 -52.72
N GLY G 321 -35.63 -36.26 -52.96
CA GLY G 321 -36.90 -35.69 -53.49
C GLY G 321 -36.84 -34.17 -53.54
N ASP G 322 -37.95 -33.53 -53.91
CA ASP G 322 -38.04 -32.06 -54.02
C ASP G 322 -39.50 -31.63 -53.75
N GLU G 323 -39.68 -30.39 -53.33
CA GLU G 323 -40.99 -29.72 -53.14
C GLU G 323 -40.77 -28.26 -53.53
N GLY G 324 -40.97 -27.92 -54.81
CA GLY G 324 -40.63 -26.60 -55.37
C GLY G 324 -39.15 -26.31 -55.20
N SER G 325 -38.78 -25.28 -54.41
CA SER G 325 -37.38 -24.87 -54.19
C SER G 325 -36.68 -25.74 -53.12
N LYS G 326 -37.46 -26.52 -52.38
CA LYS G 326 -36.96 -27.35 -51.25
C LYS G 326 -36.48 -28.69 -51.82
N ILE G 327 -35.22 -29.07 -51.56
CA ILE G 327 -34.64 -30.37 -51.99
C ILE G 327 -34.40 -31.23 -50.74
N TYR G 328 -34.80 -32.50 -50.78
CA TYR G 328 -34.52 -33.49 -49.71
C TYR G 328 -33.20 -34.19 -50.04
N PHE G 329 -32.27 -34.21 -49.08
CA PHE G 329 -30.93 -34.83 -49.22
C PHE G 329 -30.74 -35.90 -48.15
N MET G 330 -30.19 -37.04 -48.55
CA MET G 330 -29.50 -37.95 -47.62
C MET G 330 -28.03 -37.54 -47.62
N THR G 331 -27.48 -37.20 -46.47
CA THR G 331 -26.12 -36.61 -46.36
C THR G 331 -25.46 -37.06 -45.06
N ASN G 332 -24.12 -37.05 -45.03
CA ASN G 332 -23.33 -37.27 -43.79
C ASN G 332 -22.78 -35.93 -43.29
N LEU G 333 -23.28 -34.80 -43.79
CA LEU G 333 -22.86 -33.46 -43.32
C LEU G 333 -23.12 -33.34 -41.81
N LYS G 334 -22.05 -33.27 -41.02
CA LYS G 334 -22.05 -33.21 -39.53
C LYS G 334 -22.87 -34.37 -38.96
N ALA G 335 -22.89 -35.50 -39.67
CA ALA G 335 -23.67 -36.72 -39.30
C ALA G 335 -23.01 -37.92 -39.96
N LYS G 336 -21.99 -38.48 -39.31
CA LYS G 336 -21.15 -39.56 -39.92
C LYS G 336 -22.02 -40.79 -40.22
N ASN G 337 -23.07 -41.04 -39.44
CA ASN G 337 -24.02 -42.18 -39.68
C ASN G 337 -25.13 -41.79 -40.68
N TYR G 338 -25.04 -40.59 -41.26
CA TYR G 338 -25.93 -40.05 -42.31
C TYR G 338 -27.27 -39.63 -41.68
N LYS G 339 -27.97 -38.73 -42.37
CA LYS G 339 -29.25 -38.14 -41.93
C LYS G 339 -30.02 -37.69 -43.17
N VAL G 340 -31.26 -37.22 -42.98
CA VAL G 340 -32.08 -36.62 -44.05
C VAL G 340 -32.26 -35.15 -43.69
N ALA G 341 -31.92 -34.26 -44.62
CA ALA G 341 -31.94 -32.80 -44.42
C ALA G 341 -32.53 -32.17 -45.68
N THR G 342 -33.09 -30.98 -45.51
CA THR G 342 -33.70 -30.19 -46.60
C THR G 342 -32.84 -28.96 -46.83
N PHE G 343 -32.76 -28.57 -48.10
CA PHE G 343 -32.05 -27.38 -48.59
C PHE G 343 -33.04 -26.56 -49.40
N ASP G 344 -33.06 -25.26 -49.17
CA ASP G 344 -33.85 -24.31 -49.99
C ASP G 344 -32.91 -23.71 -51.04
N ALA G 345 -33.07 -24.13 -52.29
CA ALA G 345 -32.27 -23.63 -53.44
C ALA G 345 -32.41 -22.11 -53.59
N ASN G 346 -33.46 -21.49 -53.03
CA ASN G 346 -33.66 -20.01 -53.09
C ASN G 346 -32.84 -19.31 -51.99
N HIS G 347 -32.37 -20.05 -50.97
CA HIS G 347 -31.55 -19.52 -49.85
C HIS G 347 -30.35 -20.43 -49.60
N PRO G 348 -29.42 -20.58 -50.57
CA PRO G 348 -28.32 -21.54 -50.46
C PRO G 348 -27.49 -21.39 -49.17
N ASP G 349 -27.13 -20.15 -48.83
CA ASP G 349 -26.28 -19.80 -47.66
C ASP G 349 -26.95 -20.18 -46.34
N GLU G 350 -28.24 -20.51 -46.33
CA GLU G 350 -28.96 -20.93 -45.09
C GLU G 350 -28.61 -22.39 -44.77
N GLY G 351 -28.06 -23.13 -45.75
CA GLY G 351 -27.56 -24.50 -45.54
C GLY G 351 -28.69 -25.51 -45.41
N LEU G 352 -28.42 -26.63 -44.74
CA LEU G 352 -29.34 -27.79 -44.64
C LEU G 352 -30.05 -27.75 -43.28
N THR G 353 -31.36 -28.02 -43.28
CA THR G 353 -32.21 -28.20 -42.08
C THR G 353 -32.54 -29.68 -41.90
N THR G 354 -32.32 -30.19 -40.69
CA THR G 354 -32.53 -31.60 -40.32
C THR G 354 -34.02 -31.95 -40.45
N LEU G 355 -34.33 -32.99 -41.22
CA LEU G 355 -35.68 -33.62 -41.21
C LEU G 355 -35.63 -34.88 -40.32
N ILE G 356 -34.69 -35.78 -40.62
CA ILE G 356 -34.42 -37.00 -39.81
C ILE G 356 -33.01 -36.85 -39.24
N ALA G 357 -32.91 -36.74 -37.92
CA ALA G 357 -31.62 -36.56 -37.20
C ALA G 357 -30.73 -37.77 -37.46
N GLU G 358 -29.42 -37.60 -37.38
CA GLU G 358 -28.46 -38.72 -37.35
C GLU G 358 -28.87 -39.63 -36.20
N ASP G 359 -28.91 -40.95 -36.44
CA ASP G 359 -29.05 -41.95 -35.36
C ASP G 359 -27.65 -42.31 -34.93
N PRO G 360 -27.24 -42.02 -33.67
CA PRO G 360 -25.88 -42.32 -33.23
C PRO G 360 -25.58 -43.84 -33.23
N ASN G 361 -26.62 -44.69 -33.28
CA ASN G 361 -26.44 -46.18 -33.10
C ASN G 361 -26.95 -46.94 -34.32
N ALA G 362 -27.16 -46.26 -35.46
CA ALA G 362 -27.64 -46.91 -36.69
C ALA G 362 -27.21 -46.10 -37.90
N PHE G 363 -26.51 -46.75 -38.82
CA PHE G 363 -26.05 -46.19 -40.11
C PHE G 363 -27.26 -46.13 -41.04
N LEU G 364 -27.59 -44.94 -41.55
CA LEU G 364 -28.69 -44.76 -42.52
C LEU G 364 -28.14 -45.12 -43.90
N VAL G 365 -28.68 -46.17 -44.51
CA VAL G 365 -28.26 -46.73 -45.82
C VAL G 365 -28.98 -46.01 -46.94
N SER G 366 -30.30 -45.80 -46.82
CA SER G 366 -31.09 -45.14 -47.90
C SER G 366 -32.35 -44.48 -47.33
N ALA G 367 -32.85 -43.51 -48.10
CA ALA G 367 -34.09 -42.77 -47.84
C ALA G 367 -34.79 -42.61 -49.19
N SER G 368 -36.09 -42.89 -49.24
CA SER G 368 -36.91 -42.73 -50.47
C SER G 368 -38.33 -42.32 -50.07
N ILE G 369 -39.01 -41.58 -50.94
CA ILE G 369 -40.38 -41.08 -50.68
C ILE G 369 -41.39 -41.93 -51.46
N HIS G 370 -42.50 -42.28 -50.81
CA HIS G 370 -43.55 -43.18 -51.35
C HIS G 370 -44.93 -42.66 -50.92
N ALA G 371 -45.97 -42.98 -51.70
CA ALA G 371 -47.37 -42.68 -51.34
C ALA G 371 -47.48 -41.20 -50.93
N GLN G 372 -46.84 -40.32 -51.70
CA GLN G 372 -46.87 -38.83 -51.59
C GLN G 372 -46.04 -38.32 -50.42
N ASP G 373 -46.26 -38.82 -49.20
CA ASP G 373 -45.68 -38.21 -47.98
C ASP G 373 -45.19 -39.27 -46.99
N LYS G 374 -44.85 -40.47 -47.45
CA LYS G 374 -44.24 -41.52 -46.60
C LYS G 374 -42.73 -41.55 -46.92
N LEU G 375 -41.91 -41.34 -45.90
CA LEU G 375 -40.42 -41.41 -46.01
C LEU G 375 -39.98 -42.78 -45.50
N LEU G 376 -39.42 -43.59 -46.41
CA LEU G 376 -38.92 -44.95 -46.08
C LEU G 376 -37.41 -44.88 -45.85
N LEU G 377 -36.97 -45.24 -44.64
CA LEU G 377 -35.55 -45.25 -44.24
C LEU G 377 -35.11 -46.71 -44.11
N VAL G 378 -33.96 -47.04 -44.70
CA VAL G 378 -33.26 -48.34 -44.46
C VAL G 378 -32.09 -48.05 -43.53
N TYR G 379 -32.13 -48.62 -42.32
CA TYR G 379 -31.05 -48.56 -41.31
C TYR G 379 -30.29 -49.88 -41.28
N LEU G 380 -29.00 -49.80 -40.94
CA LEU G 380 -28.16 -50.97 -40.56
C LEU G 380 -28.17 -51.09 -39.03
N ARG G 381 -28.69 -52.21 -38.51
CA ARG G 381 -28.52 -52.61 -37.09
C ARG G 381 -28.34 -54.13 -37.03
N ASN G 382 -27.39 -54.60 -36.22
CA ASN G 382 -26.96 -56.04 -36.17
C ASN G 382 -26.53 -56.48 -37.58
N ALA G 383 -25.88 -55.60 -38.33
CA ALA G 383 -25.32 -55.79 -39.68
C ALA G 383 -26.34 -56.37 -40.66
N SER G 384 -27.63 -56.05 -40.48
CA SER G 384 -28.72 -56.30 -41.47
C SER G 384 -29.66 -55.09 -41.51
N HIS G 385 -30.53 -55.06 -42.51
CA HIS G 385 -31.35 -53.88 -42.86
C HIS G 385 -32.62 -53.90 -42.01
N GLU G 386 -33.03 -52.71 -41.56
CA GLU G 386 -34.35 -52.43 -40.95
C GLU G 386 -35.03 -51.37 -41.78
N ILE G 387 -36.32 -51.53 -42.05
CA ILE G 387 -37.12 -50.50 -42.77
C ILE G 387 -37.98 -49.77 -41.74
N HIS G 388 -37.77 -48.45 -41.62
CA HIS G 388 -38.58 -47.53 -40.78
C HIS G 388 -39.39 -46.64 -41.73
N ILE G 389 -40.66 -46.41 -41.39
CA ILE G 389 -41.55 -45.46 -42.12
C ILE G 389 -41.69 -44.21 -41.26
N ARG G 390 -41.51 -43.04 -41.89
CA ARG G 390 -41.59 -41.71 -41.25
C ARG G 390 -42.58 -40.83 -42.02
N ASP G 391 -43.20 -39.87 -41.34
CA ASP G 391 -44.00 -38.81 -42.01
C ASP G 391 -43.02 -37.84 -42.67
N LEU G 392 -43.15 -37.62 -43.99
CA LEU G 392 -42.28 -36.71 -44.76
C LEU G 392 -42.35 -35.30 -44.18
N THR G 393 -43.51 -34.80 -43.79
CA THR G 393 -43.73 -33.39 -43.37
C THR G 393 -43.03 -33.13 -42.04
N THR G 394 -43.30 -33.95 -41.02
CA THR G 394 -42.86 -33.75 -39.62
C THR G 394 -41.60 -34.55 -39.31
N GLY G 395 -41.37 -35.67 -40.00
CA GLY G 395 -40.28 -36.62 -39.68
C GLY G 395 -40.70 -37.63 -38.61
N LYS G 396 -41.91 -37.52 -38.10
CA LYS G 396 -42.44 -38.34 -36.97
C LYS G 396 -42.43 -39.82 -37.36
N PRO G 397 -42.06 -40.75 -36.44
CA PRO G 397 -42.10 -42.18 -36.74
C PRO G 397 -43.52 -42.74 -36.92
N LEU G 398 -43.73 -43.54 -37.97
CA LEU G 398 -45.01 -44.23 -38.28
C LEU G 398 -44.85 -45.75 -38.12
N GLY G 399 -43.66 -46.21 -37.70
CA GLY G 399 -43.41 -47.61 -37.31
C GLY G 399 -42.55 -48.34 -38.33
N ARG G 400 -42.49 -49.67 -38.17
CA ARG G 400 -41.56 -50.58 -38.88
C ARG G 400 -42.36 -51.43 -39.87
N ILE G 401 -41.74 -51.85 -40.96
CA ILE G 401 -42.30 -52.90 -41.85
C ILE G 401 -41.21 -53.93 -42.14
N PHE G 402 -41.61 -55.16 -42.42
CA PHE G 402 -40.70 -56.30 -42.73
C PHE G 402 -39.75 -56.55 -41.55
N GLU G 403 -40.19 -56.26 -40.31
CA GLU G 403 -39.42 -56.45 -39.05
C GLU G 403 -38.93 -57.90 -38.91
N ASP G 404 -39.74 -58.84 -39.41
CA ASP G 404 -39.56 -60.31 -39.24
C ASP G 404 -38.49 -60.84 -40.22
N LEU G 405 -38.12 -60.05 -41.24
CA LEU G 405 -37.16 -60.48 -42.29
C LEU G 405 -35.75 -60.00 -41.94
N LEU G 406 -34.80 -60.93 -41.91
CA LEU G 406 -33.40 -60.67 -41.48
C LEU G 406 -32.52 -60.82 -42.73
N GLY G 407 -32.02 -59.70 -43.26
CA GLY G 407 -31.37 -59.65 -44.55
C GLY G 407 -31.18 -58.24 -45.05
N GLN G 408 -31.19 -58.08 -46.36
CA GLN G 408 -31.05 -56.78 -47.05
C GLN G 408 -32.24 -56.55 -47.99
N PHE G 409 -32.57 -55.29 -48.24
CA PHE G 409 -33.76 -54.87 -49.03
C PHE G 409 -33.32 -53.93 -50.15
N MET G 410 -33.89 -54.11 -51.34
CA MET G 410 -33.85 -53.14 -52.45
C MET G 410 -35.30 -52.71 -52.70
N VAL G 411 -35.59 -51.42 -52.55
CA VAL G 411 -36.99 -50.88 -52.60
C VAL G 411 -37.22 -50.22 -53.95
N SER G 412 -38.27 -50.61 -54.67
CA SER G 412 -38.70 -49.95 -55.94
C SER G 412 -40.12 -49.37 -55.75
N GLY G 413 -40.36 -48.22 -56.35
CA GLY G 413 -41.59 -47.42 -56.19
C GLY G 413 -41.22 -45.95 -56.12
N ARG G 414 -42.11 -45.09 -56.58
CA ARG G 414 -41.86 -43.63 -56.67
C ARG G 414 -42.78 -42.92 -55.70
N ARG G 415 -42.53 -41.63 -55.51
CA ARG G 415 -43.32 -40.75 -54.61
C ARG G 415 -44.81 -40.84 -55.00
N GLN G 416 -45.13 -40.92 -56.29
CA GLN G 416 -46.52 -40.85 -56.81
C GLN G 416 -47.25 -42.20 -56.65
N ASP G 417 -46.55 -43.28 -56.33
CA ASP G 417 -47.16 -44.64 -56.24
C ASP G 417 -47.48 -44.92 -54.78
N ASN G 418 -48.62 -45.58 -54.52
CA ASN G 418 -49.05 -45.94 -53.16
C ASN G 418 -48.41 -47.28 -52.74
N ASP G 419 -47.81 -48.00 -53.69
CA ASP G 419 -47.21 -49.35 -53.49
C ASP G 419 -45.69 -49.30 -53.63
N ILE G 420 -45.01 -50.20 -52.93
CA ILE G 420 -43.57 -50.53 -53.19
C ILE G 420 -43.48 -52.02 -53.47
N PHE G 421 -42.53 -52.38 -54.33
CA PHE G 421 -42.02 -53.76 -54.48
C PHE G 421 -40.64 -53.80 -53.81
N VAL G 422 -40.44 -54.75 -52.92
CA VAL G 422 -39.23 -54.88 -52.05
C VAL G 422 -38.60 -56.22 -52.38
N LEU G 423 -37.38 -56.19 -52.94
CA LEU G 423 -36.53 -57.39 -53.14
C LEU G 423 -35.76 -57.63 -51.85
N PHE G 424 -36.12 -58.71 -51.16
CA PHE G 424 -35.48 -59.16 -49.90
C PHE G 424 -34.54 -60.29 -50.27
N SER G 425 -33.34 -60.27 -49.72
CA SER G 425 -32.31 -61.32 -49.95
C SER G 425 -31.47 -61.45 -48.68
N SER G 426 -30.84 -62.61 -48.53
CA SER G 426 -30.05 -62.99 -47.34
C SER G 426 -29.07 -64.09 -47.77
N PHE G 427 -28.37 -64.68 -46.82
CA PHE G 427 -27.49 -65.86 -47.08
C PHE G 427 -28.36 -67.01 -47.60
N LEU G 428 -29.65 -67.04 -47.27
CA LEU G 428 -30.56 -68.20 -47.44
C LEU G 428 -31.65 -67.86 -48.50
N SER G 429 -31.91 -66.58 -48.77
CA SER G 429 -32.99 -66.12 -49.68
C SER G 429 -32.36 -65.49 -50.92
N PRO G 430 -32.43 -66.14 -52.10
CA PRO G 430 -31.81 -65.59 -53.31
C PRO G 430 -32.51 -64.31 -53.84
N GLY G 431 -33.77 -64.06 -53.45
CA GLY G 431 -34.56 -62.90 -53.86
C GLY G 431 -36.04 -63.22 -53.77
N THR G 432 -36.70 -62.63 -52.81
CA THR G 432 -38.17 -62.67 -52.62
C THR G 432 -38.68 -61.24 -52.86
N VAL G 433 -39.59 -61.07 -53.81
CA VAL G 433 -40.25 -59.77 -54.10
C VAL G 433 -41.52 -59.70 -53.28
N TYR G 434 -41.59 -58.78 -52.31
CA TYR G 434 -42.80 -58.46 -51.53
C TYR G 434 -43.45 -57.20 -52.11
N ARG G 435 -44.78 -57.14 -52.08
CA ARG G 435 -45.53 -55.90 -52.33
C ARG G 435 -45.92 -55.35 -50.95
N TYR G 436 -45.72 -54.05 -50.73
CA TYR G 436 -46.32 -53.33 -49.58
C TYR G 436 -47.16 -52.17 -50.11
N THR G 437 -48.41 -52.12 -49.66
CA THR G 437 -49.41 -51.07 -50.01
C THR G 437 -49.61 -50.19 -48.78
N PHE G 438 -49.27 -48.90 -48.90
CA PHE G 438 -49.36 -47.90 -47.81
C PHE G 438 -50.84 -47.60 -47.56
N GLY G 439 -51.21 -47.39 -46.31
CA GLY G 439 -52.58 -47.00 -45.92
C GLY G 439 -52.59 -45.75 -45.06
N GLU G 440 -53.71 -45.53 -44.39
CA GLU G 440 -53.98 -44.36 -43.52
C GLU G 440 -53.26 -44.58 -42.20
N GLU G 441 -53.56 -45.68 -41.50
CA GLU G 441 -53.02 -46.04 -40.17
C GLU G 441 -52.00 -47.18 -40.33
N LYS G 442 -52.35 -48.24 -41.06
CA LYS G 442 -51.44 -49.37 -41.38
C LYS G 442 -51.54 -49.72 -42.87
N GLY G 443 -50.54 -50.46 -43.38
CA GLY G 443 -50.52 -50.93 -44.77
C GLY G 443 -50.75 -52.43 -44.82
N TYR G 444 -50.64 -53.05 -45.99
CA TYR G 444 -50.73 -54.51 -46.17
C TYR G 444 -49.56 -55.00 -47.02
N ARG G 445 -48.95 -56.10 -46.57
CA ARG G 445 -47.80 -56.76 -47.20
C ARG G 445 -48.27 -58.06 -47.83
N SER G 446 -47.86 -58.34 -49.06
CA SER G 446 -48.04 -59.66 -49.71
C SER G 446 -46.71 -60.14 -50.29
N LEU G 447 -46.45 -61.44 -50.24
CA LEU G 447 -45.34 -62.09 -51.01
C LEU G 447 -45.78 -62.15 -52.46
N PHE G 448 -45.10 -61.43 -53.36
CA PHE G 448 -45.42 -61.37 -54.79
C PHE G 448 -44.80 -62.58 -55.49
N ARG G 449 -43.47 -62.69 -55.52
CA ARG G 449 -42.76 -63.82 -56.22
C ARG G 449 -41.44 -64.10 -55.49
N ALA G 450 -40.98 -65.35 -55.51
CA ALA G 450 -39.70 -65.78 -54.89
C ALA G 450 -38.84 -66.50 -55.94
N ILE G 451 -37.56 -66.19 -55.98
CA ILE G 451 -36.56 -66.95 -56.79
C ILE G 451 -36.44 -68.34 -56.14
N SER G 452 -36.47 -69.40 -56.96
CA SER G 452 -36.16 -70.78 -56.54
C SER G 452 -34.92 -71.31 -57.30
N ILE G 453 -34.15 -72.14 -56.63
CA ILE G 453 -32.88 -72.73 -57.12
C ILE G 453 -33.06 -74.24 -57.30
N PRO G 454 -33.04 -74.73 -58.55
CA PRO G 454 -33.16 -76.15 -58.83
C PRO G 454 -32.00 -76.92 -58.17
N GLY G 455 -32.35 -78.05 -57.54
CA GLY G 455 -31.39 -78.98 -56.93
C GLY G 455 -30.81 -78.47 -55.63
N LEU G 456 -31.35 -77.39 -55.06
CA LEU G 456 -30.98 -76.94 -53.69
C LEU G 456 -32.28 -76.64 -52.93
N ASN G 457 -32.39 -77.15 -51.73
CA ASN G 457 -33.48 -76.87 -50.76
C ASN G 457 -32.99 -75.79 -49.79
N LEU G 458 -33.46 -74.56 -49.96
CA LEU G 458 -33.01 -73.38 -49.17
C LEU G 458 -33.46 -73.52 -47.71
N ASP G 459 -34.50 -74.33 -47.44
CA ASP G 459 -34.99 -74.60 -46.06
C ASP G 459 -33.98 -75.48 -45.29
N ASP G 460 -32.97 -76.05 -45.94
CA ASP G 460 -31.90 -76.87 -45.30
C ASP G 460 -30.89 -75.99 -44.59
N PHE G 461 -30.93 -74.66 -44.76
CA PHE G 461 -29.89 -73.72 -44.25
C PHE G 461 -30.47 -72.75 -43.23
N MET G 462 -29.62 -72.23 -42.35
CA MET G 462 -29.99 -71.25 -41.31
C MET G 462 -28.81 -70.30 -41.09
N THR G 463 -29.07 -69.11 -40.56
CA THR G 463 -28.05 -68.08 -40.23
C THR G 463 -28.16 -67.75 -38.73
N GLU G 464 -27.09 -67.89 -37.96
CA GLU G 464 -27.01 -67.45 -36.54
C GLU G 464 -26.33 -66.09 -36.48
N SER G 465 -26.61 -65.31 -35.44
CA SER G 465 -25.91 -64.05 -35.07
C SER G 465 -25.22 -64.29 -33.73
N VAL G 466 -23.91 -64.17 -33.69
CA VAL G 466 -23.10 -64.28 -32.43
C VAL G 466 -22.26 -63.01 -32.27
N PHE G 467 -21.75 -62.77 -31.07
CA PHE G 467 -20.86 -61.64 -30.74
C PHE G 467 -19.60 -62.20 -30.09
N TYR G 468 -18.43 -61.71 -30.47
CA TYR G 468 -17.13 -62.19 -29.93
C TYR G 468 -16.27 -60.98 -29.59
N PRO G 469 -15.43 -61.07 -28.53
CA PRO G 469 -14.45 -60.03 -28.23
C PRO G 469 -13.20 -60.14 -29.12
N SER G 470 -12.77 -59.02 -29.71
CA SER G 470 -11.50 -58.91 -30.46
C SER G 470 -10.35 -58.83 -29.46
N LYS G 471 -9.11 -58.84 -29.96
CA LYS G 471 -7.87 -58.72 -29.15
C LYS G 471 -8.00 -57.57 -28.15
N ASP G 472 -8.52 -56.40 -28.56
CA ASP G 472 -8.58 -55.17 -27.70
C ASP G 472 -9.88 -55.17 -26.88
N GLY G 473 -10.68 -56.22 -26.93
CA GLY G 473 -11.89 -56.38 -26.10
C GLY G 473 -13.15 -55.87 -26.78
N THR G 474 -13.02 -55.24 -27.95
CA THR G 474 -14.18 -54.73 -28.73
C THR G 474 -15.11 -55.89 -29.11
N SER G 475 -16.42 -55.72 -28.89
CA SER G 475 -17.46 -56.71 -29.28
C SER G 475 -17.73 -56.60 -30.78
N VAL G 476 -17.57 -57.71 -31.50
CA VAL G 476 -17.75 -57.78 -32.97
C VAL G 476 -18.90 -58.76 -33.23
N HIS G 477 -19.81 -58.39 -34.12
CA HIS G 477 -20.92 -59.26 -34.59
C HIS G 477 -20.38 -60.23 -35.64
N MET G 478 -20.91 -61.45 -35.69
CA MET G 478 -20.58 -62.43 -36.77
C MET G 478 -21.83 -63.20 -37.16
N PHE G 479 -22.06 -63.32 -38.46
CA PHE G 479 -23.07 -64.22 -39.07
C PHE G 479 -22.42 -65.59 -39.27
N ILE G 480 -23.15 -66.65 -38.91
CA ILE G 480 -22.75 -68.05 -39.20
C ILE G 480 -23.90 -68.73 -39.94
N THR G 481 -23.69 -69.03 -41.23
CA THR G 481 -24.66 -69.74 -42.10
C THR G 481 -24.20 -71.20 -42.20
N ARG G 482 -25.13 -72.14 -42.03
CA ARG G 482 -24.81 -73.59 -42.00
C ARG G 482 -26.04 -74.41 -42.37
N PRO G 483 -25.87 -75.70 -42.72
CA PRO G 483 -26.96 -76.64 -42.77
C PRO G 483 -27.53 -76.78 -41.34
N LYS G 484 -28.86 -76.82 -41.24
CA LYS G 484 -29.61 -76.96 -39.98
C LYS G 484 -29.16 -78.23 -39.22
N ASP G 485 -28.78 -79.29 -39.95
CA ASP G 485 -28.47 -80.62 -39.37
C ASP G 485 -26.98 -80.79 -39.04
N VAL G 486 -26.14 -79.79 -39.28
CA VAL G 486 -24.68 -79.88 -38.95
C VAL G 486 -24.51 -79.79 -37.43
N LEU G 487 -23.71 -80.68 -36.85
CA LEU G 487 -23.40 -80.70 -35.39
C LEU G 487 -22.26 -79.71 -35.09
N LEU G 488 -22.42 -78.91 -34.03
CA LEU G 488 -21.36 -77.99 -33.53
C LEU G 488 -20.51 -78.76 -32.51
N ASP G 489 -19.69 -79.67 -33.01
CA ASP G 489 -18.88 -80.61 -32.18
C ASP G 489 -17.39 -80.41 -32.46
N GLY G 490 -17.02 -79.25 -33.03
CA GLY G 490 -15.63 -78.87 -33.30
C GLY G 490 -14.95 -79.68 -34.39
N THR G 491 -15.73 -80.19 -35.37
CA THR G 491 -15.23 -81.02 -36.50
C THR G 491 -15.46 -80.31 -37.84
N SER G 492 -16.42 -79.37 -37.92
CA SER G 492 -16.88 -78.77 -39.19
C SER G 492 -15.74 -77.94 -39.80
N PRO G 493 -15.58 -77.98 -41.14
CA PRO G 493 -14.79 -76.98 -41.84
C PRO G 493 -15.50 -75.62 -41.78
N VAL G 494 -14.72 -74.54 -41.94
CA VAL G 494 -15.22 -73.14 -42.04
C VAL G 494 -14.68 -72.54 -43.35
N LEU G 495 -15.57 -71.86 -44.08
CA LEU G 495 -15.18 -70.84 -45.09
C LEU G 495 -15.52 -69.48 -44.49
N GLN G 496 -14.49 -68.69 -44.17
CA GLN G 496 -14.60 -67.41 -43.43
C GLN G 496 -14.20 -66.28 -44.39
N TYR G 497 -15.16 -65.41 -44.71
CA TYR G 497 -15.05 -64.35 -45.73
C TYR G 497 -14.99 -63.00 -45.00
N GLY G 498 -14.05 -62.16 -45.41
CA GLY G 498 -13.92 -60.81 -44.84
C GLY G 498 -13.56 -59.82 -45.91
N TYR G 499 -13.78 -58.56 -45.59
CA TYR G 499 -13.40 -57.41 -46.41
C TYR G 499 -12.68 -56.43 -45.48
N GLY G 500 -13.44 -55.72 -44.65
CA GLY G 500 -12.91 -54.80 -43.63
C GLY G 500 -12.37 -53.52 -44.27
N GLY G 501 -13.24 -52.59 -44.67
CA GLY G 501 -12.79 -51.32 -45.22
C GLY G 501 -13.87 -50.57 -46.00
N PHE G 502 -13.61 -49.30 -46.27
CA PHE G 502 -14.33 -48.44 -47.24
C PHE G 502 -15.79 -48.30 -46.81
N SER G 503 -16.09 -48.46 -45.52
CA SER G 503 -17.46 -48.32 -44.97
C SER G 503 -18.40 -49.32 -45.65
N LEU G 504 -17.87 -50.41 -46.20
CA LEU G 504 -18.65 -51.47 -46.89
C LEU G 504 -19.04 -52.50 -45.84
N ALA G 505 -20.34 -52.61 -45.56
CA ALA G 505 -20.93 -53.58 -44.62
C ALA G 505 -20.99 -54.93 -45.31
N MET G 506 -20.68 -56.01 -44.58
CA MET G 506 -20.89 -57.39 -45.06
C MET G 506 -22.28 -57.79 -44.57
N LEU G 507 -23.27 -57.60 -45.44
CA LEU G 507 -24.71 -57.83 -45.19
C LEU G 507 -24.99 -59.28 -45.51
N PRO G 508 -26.09 -59.86 -44.97
CA PRO G 508 -26.60 -61.12 -45.50
C PRO G 508 -26.79 -60.92 -47.02
N THR G 509 -26.11 -61.76 -47.80
CA THR G 509 -25.98 -61.64 -49.27
C THR G 509 -26.02 -63.06 -49.83
N PHE G 510 -26.75 -63.27 -50.92
CA PHE G 510 -26.95 -64.62 -51.46
C PHE G 510 -25.80 -65.01 -52.38
N SER G 511 -25.19 -66.16 -52.10
CA SER G 511 -24.30 -66.88 -53.04
C SER G 511 -24.69 -68.36 -53.05
N LEU G 512 -25.17 -68.85 -54.19
CA LEU G 512 -25.52 -70.28 -54.38
C LEU G 512 -24.30 -71.12 -54.01
N SER G 513 -23.13 -70.72 -54.51
CA SER G 513 -21.87 -71.46 -54.37
C SER G 513 -21.60 -71.74 -52.89
N THR G 514 -21.72 -70.72 -52.05
CA THR G 514 -21.40 -70.81 -50.61
C THR G 514 -22.32 -71.84 -49.94
N LEU G 515 -23.62 -71.87 -50.30
CA LEU G 515 -24.56 -72.84 -49.70
C LEU G 515 -24.20 -74.27 -50.17
N LEU G 516 -23.76 -74.44 -51.42
CA LEU G 516 -23.30 -75.74 -51.93
C LEU G 516 -22.03 -76.17 -51.17
N PHE G 517 -21.14 -75.22 -50.87
CA PHE G 517 -19.94 -75.50 -50.04
C PHE G 517 -20.40 -76.06 -48.69
N CYS G 518 -21.36 -75.39 -48.06
CA CYS G 518 -21.89 -75.75 -46.71
C CYS G 518 -22.50 -77.16 -46.79
N LYS G 519 -23.30 -77.45 -47.83
CA LYS G 519 -24.02 -78.73 -47.98
C LYS G 519 -23.01 -79.86 -48.23
N ILE G 520 -22.17 -79.69 -49.25
CA ILE G 520 -21.26 -80.75 -49.77
C ILE G 520 -20.17 -81.08 -48.72
N TYR G 521 -19.70 -80.11 -47.94
CA TYR G 521 -18.60 -80.32 -46.96
C TYR G 521 -19.11 -80.27 -45.50
N ARG G 522 -20.43 -80.17 -45.30
CA ARG G 522 -21.02 -80.13 -43.94
C ARG G 522 -20.34 -78.98 -43.19
N ALA G 523 -20.21 -77.83 -43.86
CA ALA G 523 -19.33 -76.72 -43.42
C ALA G 523 -20.18 -75.53 -42.99
N ILE G 524 -19.53 -74.61 -42.27
CA ILE G 524 -20.13 -73.32 -41.85
C ILE G 524 -19.50 -72.21 -42.70
N TYR G 525 -20.31 -71.19 -43.00
CA TYR G 525 -19.90 -69.98 -43.73
C TYR G 525 -19.98 -68.80 -42.74
N ALA G 526 -18.82 -68.27 -42.36
CA ALA G 526 -18.67 -67.27 -41.29
C ALA G 526 -18.36 -65.91 -41.91
N ILE G 527 -19.13 -64.90 -41.49
CA ILE G 527 -18.97 -63.49 -41.93
C ILE G 527 -18.83 -62.67 -40.66
N PRO G 528 -17.60 -62.48 -40.14
CA PRO G 528 -17.37 -61.57 -39.02
C PRO G 528 -17.42 -60.14 -39.54
N ASN G 529 -18.22 -59.30 -38.88
CA ASN G 529 -18.46 -57.89 -39.27
C ASN G 529 -17.35 -57.04 -38.68
N ILE G 530 -16.12 -57.27 -39.16
CA ILE G 530 -14.88 -56.69 -38.60
C ILE G 530 -14.85 -55.19 -38.89
N ARG G 531 -14.01 -54.47 -38.16
CA ARG G 531 -13.83 -53.01 -38.33
C ARG G 531 -13.39 -52.71 -39.77
N GLY G 532 -13.56 -51.48 -40.23
CA GLY G 532 -13.37 -51.07 -41.63
C GLY G 532 -14.69 -50.92 -42.35
N GLY G 533 -15.69 -51.73 -41.98
CA GLY G 533 -17.04 -51.66 -42.54
C GLY G 533 -17.88 -50.60 -41.84
N SER G 534 -19.14 -50.47 -42.24
CA SER G 534 -20.11 -49.50 -41.65
C SER G 534 -21.12 -50.21 -40.74
N GLU G 535 -20.90 -51.48 -40.37
CA GLU G 535 -21.90 -52.29 -39.63
C GLU G 535 -22.31 -51.57 -38.34
N TYR G 536 -21.38 -50.97 -37.60
CA TYR G 536 -21.71 -50.22 -36.35
C TYR G 536 -21.46 -48.72 -36.59
N GLY G 537 -21.81 -48.25 -37.77
CA GLY G 537 -21.71 -46.84 -38.12
C GLY G 537 -20.39 -46.48 -38.71
N GLU G 538 -20.23 -45.20 -39.04
CA GLU G 538 -19.01 -44.71 -39.75
C GLU G 538 -17.81 -44.84 -38.79
N SER G 539 -18.01 -44.75 -37.47
CA SER G 539 -16.95 -44.90 -36.46
C SER G 539 -16.31 -46.31 -36.58
N TRP G 540 -17.06 -47.30 -37.03
CA TRP G 540 -16.58 -48.71 -37.24
C TRP G 540 -15.57 -48.71 -38.38
N HIS G 541 -15.76 -47.89 -39.40
CA HIS G 541 -14.81 -47.67 -40.53
C HIS G 541 -13.56 -46.95 -40.01
N ARG G 542 -13.75 -45.87 -39.25
CA ARG G 542 -12.61 -45.04 -38.74
C ARG G 542 -11.69 -45.89 -37.86
N GLU G 543 -12.24 -46.86 -37.15
CA GLU G 543 -11.48 -47.74 -36.21
C GLU G 543 -10.80 -48.88 -36.98
N GLY G 544 -10.88 -48.92 -38.30
CA GLY G 544 -10.31 -50.00 -39.13
C GLY G 544 -9.72 -49.47 -40.41
N MET G 545 -9.08 -48.29 -40.35
CA MET G 545 -8.43 -47.66 -41.53
C MET G 545 -7.17 -46.92 -41.06
N LEU G 546 -6.32 -46.50 -42.02
CA LEU G 546 -5.11 -45.70 -41.74
C LEU G 546 -4.27 -46.45 -40.65
N ASP G 547 -3.89 -45.76 -39.57
CA ASP G 547 -3.04 -46.33 -38.50
C ASP G 547 -3.77 -47.43 -37.72
N LYS G 548 -5.08 -47.62 -37.95
CA LYS G 548 -5.88 -48.64 -37.20
C LYS G 548 -6.28 -49.79 -38.13
N LYS G 549 -5.72 -49.85 -39.34
CA LYS G 549 -5.98 -51.01 -40.24
C LYS G 549 -5.69 -52.35 -39.52
N GLN G 550 -4.69 -52.38 -38.65
CA GLN G 550 -4.30 -53.59 -37.88
C GLN G 550 -5.51 -54.14 -37.10
N ASN G 551 -6.43 -53.27 -36.66
CA ASN G 551 -7.66 -53.71 -35.93
C ASN G 551 -8.46 -54.69 -36.78
N VAL G 552 -8.50 -54.46 -38.09
CA VAL G 552 -9.27 -55.29 -39.06
C VAL G 552 -8.73 -56.72 -39.01
N PHE G 553 -7.41 -56.87 -39.09
CA PHE G 553 -6.72 -58.18 -39.09
C PHE G 553 -6.95 -58.87 -37.73
N ASP G 554 -6.83 -58.10 -36.64
CA ASP G 554 -7.02 -58.61 -35.26
C ASP G 554 -8.47 -59.11 -35.10
N ASP G 555 -9.45 -58.35 -35.62
CA ASP G 555 -10.87 -58.77 -35.57
C ASP G 555 -11.04 -60.11 -36.28
N PHE G 556 -10.42 -60.27 -37.46
CA PHE G 556 -10.61 -61.47 -38.32
C PHE G 556 -9.99 -62.69 -37.64
N ASN G 557 -8.78 -62.51 -37.10
CA ASN G 557 -8.03 -63.59 -36.38
C ASN G 557 -8.87 -64.02 -35.16
N ALA G 558 -9.39 -63.06 -34.38
CA ALA G 558 -10.19 -63.34 -33.16
C ALA G 558 -11.48 -64.11 -33.52
N ALA G 559 -12.06 -63.82 -34.69
CA ALA G 559 -13.25 -64.56 -35.19
C ALA G 559 -12.91 -66.05 -35.33
N THR G 560 -11.79 -66.35 -35.99
CA THR G 560 -11.32 -67.76 -36.19
C THR G 560 -11.11 -68.42 -34.82
N GLU G 561 -10.41 -67.74 -33.90
CA GLU G 561 -10.11 -68.30 -32.56
C GLU G 561 -11.41 -68.58 -31.81
N TRP G 562 -12.41 -67.71 -31.97
CA TRP G 562 -13.73 -67.87 -31.32
C TRP G 562 -14.45 -69.10 -31.89
N LEU G 563 -14.47 -69.27 -33.22
CA LEU G 563 -15.13 -70.40 -33.90
C LEU G 563 -14.55 -71.72 -33.39
N ILE G 564 -13.22 -71.79 -33.22
CA ILE G 564 -12.52 -73.01 -32.72
C ILE G 564 -12.88 -73.24 -31.25
N ALA G 565 -12.79 -72.19 -30.42
CA ALA G 565 -12.97 -72.27 -28.95
C ALA G 565 -14.41 -72.69 -28.60
N ASN G 566 -15.40 -72.29 -29.41
CA ASN G 566 -16.84 -72.54 -29.16
C ASN G 566 -17.33 -73.75 -29.98
N LYS G 567 -16.40 -74.50 -30.60
CA LYS G 567 -16.66 -75.81 -31.25
C LYS G 567 -17.58 -75.65 -32.46
N TYR G 568 -17.57 -74.48 -33.09
CA TYR G 568 -18.20 -74.31 -34.43
C TYR G 568 -17.34 -75.01 -35.48
N ALA G 569 -16.03 -74.99 -35.29
CA ALA G 569 -15.05 -75.37 -36.34
C ALA G 569 -13.88 -76.16 -35.77
N SER G 570 -13.36 -77.10 -36.55
CA SER G 570 -12.06 -77.78 -36.28
C SER G 570 -10.91 -76.77 -36.46
N LYS G 571 -9.96 -76.75 -35.51
CA LYS G 571 -8.70 -75.96 -35.61
C LYS G 571 -7.97 -76.26 -36.93
N ASP G 572 -8.21 -77.42 -37.55
CA ASP G 572 -7.44 -77.89 -38.72
C ASP G 572 -8.17 -77.60 -40.04
N ARG G 573 -9.35 -76.97 -40.01
CA ARG G 573 -10.19 -76.85 -41.23
C ARG G 573 -10.71 -75.42 -41.39
N ILE G 574 -9.88 -74.41 -41.12
CA ILE G 574 -10.25 -72.98 -41.35
C ILE G 574 -9.76 -72.57 -42.74
N ALA G 575 -10.69 -72.26 -43.64
CA ALA G 575 -10.38 -71.62 -44.94
C ALA G 575 -10.82 -70.16 -44.87
N ILE G 576 -9.96 -69.23 -45.30
CA ILE G 576 -10.32 -67.79 -45.36
C ILE G 576 -10.30 -67.30 -46.80
N ARG G 577 -11.10 -66.27 -47.06
CA ARG G 577 -11.45 -65.78 -48.40
C ARG G 577 -11.57 -64.27 -48.34
N GLY G 578 -11.08 -63.58 -49.37
CA GLY G 578 -11.17 -62.12 -49.49
C GLY G 578 -10.80 -61.68 -50.87
N GLY G 579 -11.36 -60.54 -51.30
CA GLY G 579 -11.13 -59.99 -52.65
C GLY G 579 -10.83 -58.50 -52.56
N ALA G 580 -9.87 -58.04 -53.38
CA ALA G 580 -9.48 -56.61 -53.52
C ALA G 580 -8.96 -56.10 -52.17
N ASN G 581 -9.66 -55.18 -51.49
CA ASN G 581 -9.28 -54.77 -50.12
C ASN G 581 -9.29 -55.98 -49.18
N GLY G 582 -10.16 -56.97 -49.45
CA GLY G 582 -10.21 -58.23 -48.71
C GLY G 582 -8.97 -59.07 -48.91
N GLY G 583 -8.23 -58.85 -50.00
CA GLY G 583 -6.90 -59.47 -50.26
C GLY G 583 -5.83 -58.91 -49.34
N VAL G 584 -5.98 -57.65 -48.88
CA VAL G 584 -5.07 -57.10 -47.85
C VAL G 584 -5.28 -57.95 -46.59
N LEU G 585 -6.55 -58.21 -46.26
CA LEU G 585 -6.97 -58.99 -45.06
C LEU G 585 -6.39 -60.42 -45.13
N THR G 586 -6.59 -61.13 -46.24
CA THR G 586 -6.21 -62.56 -46.34
C THR G 586 -4.67 -62.70 -46.29
N THR G 587 -3.95 -61.84 -47.02
CA THR G 587 -2.47 -61.90 -47.09
C THR G 587 -1.88 -61.44 -45.75
N ALA G 588 -2.42 -60.41 -45.09
CA ALA G 588 -1.91 -59.95 -43.78
C ALA G 588 -2.15 -61.02 -42.70
N CYS G 589 -3.35 -61.60 -42.66
CA CYS G 589 -3.71 -62.64 -41.63
C CYS G 589 -2.86 -63.90 -41.85
N ALA G 590 -2.58 -64.27 -43.10
CA ALA G 590 -1.71 -65.42 -43.45
C ALA G 590 -0.31 -65.14 -42.91
N ASN G 591 0.19 -63.91 -43.06
CA ASN G 591 1.52 -63.47 -42.56
C ASN G 591 1.54 -63.51 -41.04
N GLN G 592 0.51 -63.02 -40.36
CA GLN G 592 0.57 -62.71 -38.91
C GLN G 592 0.13 -63.90 -38.06
N ALA G 593 -0.62 -64.86 -38.61
CA ALA G 593 -1.11 -66.05 -37.86
C ALA G 593 -1.22 -67.23 -38.82
N PRO G 594 -0.12 -67.63 -39.48
CA PRO G 594 -0.18 -68.69 -40.49
C PRO G 594 -0.73 -70.01 -39.92
N GLY G 595 -0.49 -70.27 -38.63
CA GLY G 595 -0.89 -71.49 -37.91
C GLY G 595 -2.41 -71.61 -37.71
N LEU G 596 -3.17 -70.51 -37.79
CA LEU G 596 -4.65 -70.54 -37.61
C LEU G 596 -5.33 -71.14 -38.83
N TYR G 597 -4.74 -70.95 -40.01
CA TYR G 597 -5.45 -71.12 -41.31
C TYR G 597 -4.89 -72.35 -42.02
N ARG G 598 -5.79 -73.10 -42.65
CA ARG G 598 -5.41 -74.29 -43.45
C ARG G 598 -5.51 -73.98 -44.94
N CYS G 599 -6.23 -72.93 -45.33
CA CYS G 599 -6.37 -72.56 -46.75
C CYS G 599 -6.73 -71.07 -46.83
N VAL G 600 -6.09 -70.36 -47.76
CA VAL G 600 -6.28 -68.91 -47.98
C VAL G 600 -6.60 -68.68 -49.44
N ILE G 601 -7.78 -68.13 -49.73
CA ILE G 601 -8.24 -67.74 -51.08
C ILE G 601 -8.16 -66.21 -51.19
N THR G 602 -7.38 -65.71 -52.14
CA THR G 602 -7.26 -64.25 -52.42
C THR G 602 -7.73 -63.99 -53.85
N ILE G 603 -8.71 -63.10 -54.01
CA ILE G 603 -9.30 -62.73 -55.32
C ILE G 603 -8.85 -61.30 -55.63
N GLU G 604 -8.14 -61.09 -56.75
CA GLU G 604 -7.74 -59.74 -57.23
C GLU G 604 -7.25 -58.92 -56.04
N GLY G 605 -6.29 -59.46 -55.29
CA GLY G 605 -5.84 -58.86 -54.01
C GLY G 605 -5.06 -57.57 -54.21
N ILE G 606 -5.26 -56.62 -53.31
CA ILE G 606 -4.34 -55.48 -53.04
C ILE G 606 -3.36 -55.99 -51.98
N ILE G 607 -2.06 -55.98 -52.27
CA ILE G 607 -1.05 -56.68 -51.42
C ILE G 607 0.18 -55.79 -51.21
N ASP G 608 0.69 -55.12 -52.25
CA ASP G 608 1.80 -54.14 -52.10
C ASP G 608 1.22 -52.80 -51.63
N MET G 609 1.29 -52.54 -50.33
CA MET G 609 0.69 -51.33 -49.70
C MET G 609 1.62 -50.12 -49.78
N LEU G 610 2.79 -50.25 -50.41
CA LEU G 610 3.71 -49.11 -50.68
C LEU G 610 3.50 -48.61 -52.13
N ARG G 611 3.24 -49.51 -53.08
CA ARG G 611 3.25 -49.17 -54.53
C ARG G 611 1.81 -48.93 -55.05
N PHE G 612 0.78 -49.20 -54.26
CA PHE G 612 -0.63 -49.20 -54.73
C PHE G 612 -1.00 -47.87 -55.42
N PRO G 613 -0.54 -46.68 -54.97
CA PRO G 613 -0.97 -45.42 -55.62
C PRO G 613 -0.51 -45.23 -57.07
N LYS G 614 0.50 -45.99 -57.52
CA LYS G 614 1.16 -45.78 -58.83
C LYS G 614 0.35 -46.41 -59.96
N PHE G 615 -0.72 -47.16 -59.66
CA PHE G 615 -1.43 -48.00 -60.66
C PHE G 615 -2.92 -47.70 -60.68
N THR G 616 -3.47 -47.60 -61.90
CA THR G 616 -4.90 -47.32 -62.28
C THR G 616 -5.57 -46.45 -61.20
N PHE G 617 -6.45 -47.02 -60.35
CA PHE G 617 -7.33 -46.23 -59.45
C PHE G 617 -6.75 -46.20 -58.03
N GLY G 618 -5.53 -46.71 -57.85
CA GLY G 618 -4.94 -46.95 -56.51
C GLY G 618 -4.76 -45.68 -55.70
N ALA G 619 -4.43 -44.57 -56.33
CA ALA G 619 -4.18 -43.27 -55.66
C ALA G 619 -5.41 -42.88 -54.81
N SER G 620 -6.62 -43.20 -55.27
CA SER G 620 -7.88 -42.89 -54.55
C SER G 620 -7.94 -43.64 -53.20
N TRP G 621 -7.22 -44.76 -53.05
CA TRP G 621 -7.24 -45.59 -51.81
C TRP G 621 -6.40 -44.96 -50.72
N ARG G 622 -5.67 -43.87 -50.99
CA ARG G 622 -4.79 -43.22 -49.97
C ARG G 622 -5.62 -42.69 -48.81
N SER G 623 -6.91 -42.35 -49.03
CA SER G 623 -7.83 -41.92 -47.95
C SER G 623 -8.04 -43.07 -46.96
N GLU G 624 -7.97 -44.32 -47.43
CA GLU G 624 -8.23 -45.54 -46.63
C GLU G 624 -6.94 -46.06 -45.94
N TYR G 625 -5.89 -46.26 -46.70
CA TYR G 625 -4.65 -46.96 -46.24
C TYR G 625 -3.61 -45.96 -45.74
N GLY G 626 -3.67 -44.71 -46.22
CA GLY G 626 -2.65 -43.69 -45.96
C GLY G 626 -1.83 -43.47 -47.22
N ASP G 627 -0.93 -42.50 -47.17
CA ASP G 627 -0.01 -42.16 -48.29
C ASP G 627 1.34 -42.76 -47.97
N PRO G 628 1.79 -43.81 -48.68
CA PRO G 628 3.09 -44.44 -48.39
C PRO G 628 4.28 -43.47 -48.57
N GLU G 629 4.12 -42.40 -49.33
CA GLU G 629 5.17 -41.36 -49.55
C GLU G 629 5.08 -40.25 -48.49
N ASP G 630 4.19 -40.37 -47.51
CA ASP G 630 4.19 -39.51 -46.30
C ASP G 630 4.97 -40.23 -45.21
N PRO G 631 5.91 -39.55 -44.51
CA PRO G 631 6.79 -40.21 -43.53
C PRO G 631 6.05 -40.87 -42.34
N GLU G 632 5.00 -40.22 -41.82
CA GLU G 632 4.20 -40.76 -40.68
C GLU G 632 3.42 -42.00 -41.15
N ASP G 633 2.75 -41.89 -42.29
CA ASP G 633 1.91 -42.97 -42.88
C ASP G 633 2.80 -44.18 -43.23
N PHE G 634 3.98 -43.93 -43.77
CA PHE G 634 4.92 -45.01 -44.18
C PHE G 634 5.08 -46.01 -43.02
N ASP G 635 5.33 -45.51 -41.80
CA ASP G 635 5.71 -46.37 -40.65
C ASP G 635 4.56 -47.34 -40.33
N PHE G 636 3.32 -46.87 -40.27
CA PHE G 636 2.18 -47.76 -39.89
C PHE G 636 1.80 -48.65 -41.09
N ILE G 637 1.96 -48.20 -42.34
CA ILE G 637 1.67 -49.03 -43.54
C ILE G 637 2.71 -50.16 -43.61
N PHE G 638 3.98 -49.82 -43.44
CA PHE G 638 5.12 -50.77 -43.59
C PHE G 638 5.00 -51.91 -42.58
N LYS G 639 4.45 -51.64 -41.38
CA LYS G 639 4.28 -52.65 -40.31
C LYS G 639 3.42 -53.84 -40.80
N TYR G 640 2.40 -53.63 -41.63
CA TYR G 640 1.47 -54.72 -42.05
C TYR G 640 1.57 -55.03 -43.55
N SER G 641 2.05 -54.10 -44.39
CA SER G 641 2.06 -54.30 -45.86
C SER G 641 2.37 -55.76 -46.16
N PRO G 642 1.38 -56.59 -46.54
CA PRO G 642 1.61 -58.04 -46.63
C PRO G 642 2.79 -58.42 -47.54
N TYR G 643 2.99 -57.69 -48.65
CA TYR G 643 4.09 -57.96 -49.61
C TYR G 643 5.46 -57.84 -48.89
N HIS G 644 5.54 -57.03 -47.84
CA HIS G 644 6.82 -56.69 -47.14
C HIS G 644 6.93 -57.42 -45.79
N ASN G 645 6.01 -58.30 -45.44
CA ASN G 645 5.98 -58.93 -44.09
C ASN G 645 5.75 -60.45 -44.20
N ILE G 646 6.09 -61.07 -45.34
CA ILE G 646 6.10 -62.55 -45.48
C ILE G 646 6.99 -63.08 -44.36
N PRO G 647 6.55 -64.05 -43.52
CA PRO G 647 7.36 -64.47 -42.39
C PRO G 647 8.63 -65.18 -42.85
N PRO G 648 9.73 -65.09 -42.08
CA PRO G 648 10.93 -65.87 -42.38
C PRO G 648 10.62 -67.37 -42.46
N PRO G 649 11.21 -68.14 -43.41
CA PRO G 649 10.84 -69.53 -43.59
C PRO G 649 11.17 -70.44 -42.39
N GLY G 650 12.13 -70.03 -41.55
CA GLY G 650 12.73 -70.87 -40.49
C GLY G 650 11.76 -71.42 -39.47
N ASP G 651 10.73 -70.66 -39.06
CA ASP G 651 9.82 -71.04 -37.97
C ASP G 651 8.36 -70.76 -38.36
N THR G 652 8.02 -70.92 -39.65
CA THR G 652 6.65 -70.76 -40.17
C THR G 652 6.31 -71.87 -41.17
N VAL G 653 5.13 -72.47 -41.03
CA VAL G 653 4.47 -73.30 -42.08
C VAL G 653 3.34 -72.45 -42.68
N MET G 654 3.51 -71.98 -43.91
CA MET G 654 2.46 -71.19 -44.62
C MET G 654 1.29 -72.11 -44.94
N PRO G 655 0.03 -71.66 -44.76
CA PRO G 655 -1.12 -72.43 -45.24
C PRO G 655 -1.05 -72.56 -46.77
N ALA G 656 -1.78 -73.52 -47.32
CA ALA G 656 -2.07 -73.60 -48.78
C ALA G 656 -2.74 -72.29 -49.20
N MET G 657 -2.35 -71.73 -50.34
CA MET G 657 -2.82 -70.40 -50.79
C MET G 657 -3.14 -70.47 -52.29
N LEU G 658 -4.32 -69.99 -52.67
CA LEU G 658 -4.73 -69.87 -54.08
C LEU G 658 -5.08 -68.41 -54.36
N PHE G 659 -4.40 -67.82 -55.33
CA PHE G 659 -4.61 -66.43 -55.78
C PHE G 659 -5.31 -66.45 -57.14
N PHE G 660 -6.47 -65.80 -57.22
CA PHE G 660 -7.21 -65.57 -58.50
C PHE G 660 -6.84 -64.18 -59.00
N THR G 661 -6.50 -64.09 -60.29
CA THR G 661 -6.34 -62.79 -60.99
C THR G 661 -6.48 -63.01 -62.49
N ALA G 662 -6.88 -61.98 -63.21
CA ALA G 662 -6.74 -61.87 -64.68
C ALA G 662 -5.30 -61.41 -64.99
N ALA G 663 -4.87 -61.57 -66.24
CA ALA G 663 -3.56 -61.06 -66.74
C ALA G 663 -3.66 -59.54 -66.90
N TYR G 664 -4.84 -59.01 -67.26
CA TYR G 664 -5.19 -57.56 -67.33
C TYR G 664 -6.39 -57.32 -66.41
N ASP G 665 -6.30 -56.32 -65.54
CA ASP G 665 -7.41 -55.89 -64.63
C ASP G 665 -7.15 -54.43 -64.25
N ASP G 666 -8.09 -53.54 -64.56
CA ASP G 666 -8.03 -52.08 -64.29
C ASP G 666 -8.35 -51.81 -62.80
N ARG G 667 -9.24 -52.61 -62.21
CA ARG G 667 -9.79 -52.40 -60.84
C ARG G 667 -8.64 -52.58 -59.83
N VAL G 668 -7.96 -53.73 -59.89
CA VAL G 668 -6.73 -53.99 -59.08
C VAL G 668 -5.68 -54.58 -60.03
N SER G 669 -4.57 -53.85 -60.22
CA SER G 669 -3.46 -54.27 -61.10
C SER G 669 -2.96 -55.64 -60.67
N PRO G 670 -2.91 -56.62 -61.58
CA PRO G 670 -2.48 -57.98 -61.26
C PRO G 670 -1.08 -58.09 -60.64
N LEU G 671 -0.24 -57.07 -60.83
CA LEU G 671 1.14 -57.02 -60.26
C LEU G 671 1.11 -57.31 -58.77
N HIS G 672 0.05 -56.92 -58.05
CA HIS G 672 -0.07 -57.19 -56.59
C HIS G 672 0.07 -58.70 -56.36
N THR G 673 -0.73 -59.49 -57.07
CA THR G 673 -0.73 -60.98 -57.00
C THR G 673 0.60 -61.51 -57.53
N PHE G 674 1.03 -61.06 -58.72
CA PHE G 674 2.25 -61.56 -59.40
C PHE G 674 3.43 -61.55 -58.43
N LYS G 675 3.68 -60.38 -57.81
CA LYS G 675 4.88 -60.17 -56.97
C LYS G 675 4.76 -60.99 -55.69
N HIS G 676 3.59 -61.00 -55.05
CA HIS G 676 3.40 -61.71 -53.75
C HIS G 676 3.55 -63.23 -53.96
N VAL G 677 3.00 -63.76 -55.06
CA VAL G 677 3.11 -65.21 -55.39
C VAL G 677 4.60 -65.55 -55.61
N ALA G 678 5.32 -64.72 -56.37
CA ALA G 678 6.77 -64.89 -56.61
C ALA G 678 7.51 -64.94 -55.27
N ALA G 679 7.23 -63.96 -54.39
CA ALA G 679 7.95 -63.80 -53.10
C ALA G 679 7.60 -64.98 -52.18
N LEU G 680 6.35 -65.42 -52.13
CA LEU G 680 5.93 -66.57 -51.28
C LEU G 680 6.63 -67.84 -51.76
N GLN G 681 6.66 -68.09 -53.07
CA GLN G 681 7.29 -69.30 -53.68
C GLN G 681 8.81 -69.27 -53.45
N HIS G 682 9.42 -68.08 -53.49
CA HIS G 682 10.87 -67.90 -53.23
C HIS G 682 11.17 -68.19 -51.75
N ASN G 683 10.33 -67.69 -50.85
CA ASN G 683 10.51 -67.80 -49.39
C ASN G 683 10.26 -69.23 -48.92
N PHE G 684 9.31 -69.93 -49.55
CA PHE G 684 8.84 -71.28 -49.16
C PHE G 684 8.88 -72.22 -50.37
N PRO G 685 10.09 -72.47 -50.93
CA PRO G 685 10.18 -73.23 -52.18
C PRO G 685 9.78 -74.71 -52.07
N LYS G 686 9.74 -75.26 -50.85
CA LYS G 686 9.40 -76.67 -50.57
C LYS G 686 7.98 -76.81 -49.99
N GLY G 687 7.17 -75.75 -49.98
CA GLY G 687 5.85 -75.79 -49.31
C GLY G 687 6.01 -75.84 -47.79
N PRO G 688 5.45 -76.85 -47.08
CA PRO G 688 4.86 -78.05 -47.69
C PRO G 688 3.49 -77.85 -48.40
N ASN G 689 2.84 -76.72 -48.19
CA ASN G 689 1.49 -76.41 -48.75
C ASN G 689 1.66 -75.48 -49.96
N PRO G 690 1.08 -75.83 -51.12
CA PRO G 690 1.32 -75.07 -52.34
C PRO G 690 0.74 -73.65 -52.31
N CYS G 691 1.45 -72.73 -52.95
CA CYS G 691 1.03 -71.34 -53.23
C CYS G 691 0.86 -71.17 -54.74
N LEU G 692 -0.37 -71.05 -55.22
CA LEU G 692 -0.72 -71.16 -56.66
C LEU G 692 -1.37 -69.88 -57.14
N MET G 693 -1.14 -69.53 -58.41
CA MET G 693 -1.84 -68.42 -59.08
C MET G 693 -2.71 -68.99 -60.20
N ARG G 694 -4.02 -68.85 -60.04
CA ARG G 694 -5.06 -69.26 -61.01
C ARG G 694 -5.39 -68.06 -61.90
N ILE G 695 -4.92 -68.09 -63.16
CA ILE G 695 -4.99 -66.95 -64.13
C ILE G 695 -6.09 -67.18 -65.16
N ASP G 696 -6.97 -66.19 -65.35
CA ASP G 696 -7.86 -66.04 -66.53
C ASP G 696 -7.14 -65.16 -67.57
N LEU G 697 -6.92 -65.66 -68.79
CA LEU G 697 -6.31 -64.90 -69.90
C LEU G 697 -7.41 -64.18 -70.68
N SER G 706 -18.45 -64.45 -67.92
CA SER G 706 -19.48 -65.44 -68.34
C SER G 706 -19.82 -66.37 -67.17
N THR G 707 -21.04 -66.90 -67.15
CA THR G 707 -21.52 -67.90 -66.17
C THR G 707 -20.50 -69.05 -66.10
N GLN G 708 -20.05 -69.55 -67.25
CA GLN G 708 -19.19 -70.76 -67.35
C GLN G 708 -17.84 -70.48 -66.67
N GLU G 709 -17.28 -69.28 -66.87
CA GLU G 709 -15.98 -68.89 -66.25
C GLU G 709 -16.14 -68.81 -64.73
N MET G 710 -17.24 -68.24 -64.25
CA MET G 710 -17.54 -68.11 -62.81
C MET G 710 -17.60 -69.50 -62.17
N LEU G 711 -18.23 -70.46 -62.86
CA LEU G 711 -18.39 -71.86 -62.36
C LEU G 711 -17.01 -72.54 -62.29
N GLU G 712 -16.19 -72.39 -63.33
CA GLU G 712 -14.83 -72.99 -63.42
C GLU G 712 -13.95 -72.42 -62.31
N GLU G 713 -14.02 -71.11 -62.06
CA GLU G 713 -13.26 -70.44 -60.97
C GLU G 713 -13.71 -71.02 -59.62
N THR G 714 -15.01 -71.18 -59.41
CA THR G 714 -15.58 -71.70 -58.14
C THR G 714 -15.17 -73.17 -57.94
N ALA G 715 -15.17 -73.96 -59.00
CA ALA G 715 -14.79 -75.40 -58.98
C ALA G 715 -13.31 -75.52 -58.58
N ASP G 716 -12.45 -74.66 -59.14
CA ASP G 716 -11.02 -74.55 -58.77
C ASP G 716 -10.89 -74.17 -57.28
N GLU G 717 -11.64 -73.16 -56.83
CA GLU G 717 -11.57 -72.68 -55.43
C GLU G 717 -11.97 -73.80 -54.47
N TYR G 718 -13.12 -74.42 -54.68
CA TYR G 718 -13.71 -75.38 -53.72
C TYR G 718 -12.90 -76.68 -53.72
N SER G 719 -12.48 -77.17 -54.88
CA SER G 719 -11.66 -78.41 -54.99
C SER G 719 -10.31 -78.18 -54.30
N PHE G 720 -9.72 -77.01 -54.47
CA PHE G 720 -8.45 -76.62 -53.79
C PHE G 720 -8.67 -76.57 -52.27
N ILE G 721 -9.76 -75.97 -51.79
CA ILE G 721 -10.03 -75.92 -50.32
C ILE G 721 -10.18 -77.36 -49.82
N GLY G 722 -10.96 -78.18 -50.55
CA GLY G 722 -11.22 -79.59 -50.22
C GLY G 722 -9.93 -80.38 -50.09
N LYS G 723 -9.03 -80.27 -51.08
CA LYS G 723 -7.70 -80.94 -51.08
C LYS G 723 -6.89 -80.40 -49.90
N SER G 724 -6.80 -79.08 -49.74
CA SER G 724 -5.92 -78.40 -48.76
C SER G 724 -6.32 -78.80 -47.33
N MET G 725 -7.61 -79.02 -47.06
CA MET G 725 -8.10 -79.21 -45.68
C MET G 725 -8.53 -80.66 -45.45
N GLY G 726 -8.27 -81.56 -46.40
CA GLY G 726 -8.55 -83.01 -46.30
C GLY G 726 -10.04 -83.32 -46.24
N LEU G 727 -10.86 -82.61 -47.03
CA LEU G 727 -12.33 -82.78 -46.99
C LEU G 727 -12.78 -83.77 -48.06
N THR G 728 -13.80 -84.57 -47.74
CA THR G 728 -14.50 -85.47 -48.69
C THR G 728 -15.84 -84.83 -49.07
N MET G 729 -16.16 -84.82 -50.36
CA MET G 729 -17.48 -84.38 -50.87
C MET G 729 -18.54 -85.41 -50.46
N GLN G 730 -19.63 -84.94 -49.85
CA GLN G 730 -20.82 -85.75 -49.48
C GLN G 730 -21.74 -85.85 -50.70
N THR G 731 -22.06 -87.08 -51.15
CA THR G 731 -23.05 -87.37 -52.22
C THR G 731 -24.20 -88.16 -51.59
N PRO H 4 -36.82 6.06 79.62
CA PRO H 4 -35.94 5.24 80.45
C PRO H 4 -35.73 5.83 81.85
N GLY H 5 -35.60 4.97 82.87
CA GLY H 5 -35.47 5.32 84.30
C GLY H 5 -34.26 6.20 84.61
N TRP H 6 -33.22 6.18 83.77
CA TRP H 6 -31.96 6.95 83.96
C TRP H 6 -32.12 8.41 83.46
N GLY H 7 -33.12 8.69 82.63
CA GLY H 7 -33.39 10.03 82.07
C GLY H 7 -34.11 10.92 83.07
N PRO H 8 -34.38 12.21 82.73
CA PRO H 8 -33.97 12.77 81.45
C PRO H 8 -32.52 13.28 81.46
N TYR H 9 -31.98 13.58 80.29
CA TYR H 9 -30.66 14.22 80.11
C TYR H 9 -30.68 15.59 80.77
N PRO H 10 -29.53 16.07 81.30
CA PRO H 10 -29.42 17.46 81.74
C PRO H 10 -29.65 18.39 80.56
N PRO H 11 -30.27 19.57 80.77
CA PRO H 11 -30.51 20.51 79.68
C PRO H 11 -29.19 21.15 79.22
N VAL H 12 -29.09 21.46 77.93
CA VAL H 12 -27.95 22.18 77.30
C VAL H 12 -28.52 23.32 76.47
N GLU H 13 -28.11 24.56 76.78
CA GLU H 13 -28.52 25.78 76.02
C GLU H 13 -28.13 25.61 74.55
N ARG H 14 -29.03 26.00 73.64
CA ARG H 14 -28.78 26.01 72.19
C ARG H 14 -28.76 27.47 71.73
N ASP H 15 -27.86 27.79 70.80
CA ASP H 15 -27.90 29.04 70.01
C ASP H 15 -28.41 28.68 68.60
N GLU H 16 -29.69 28.89 68.35
CA GLU H 16 -30.37 28.47 67.09
C GLU H 16 -29.88 29.31 65.90
N THR H 17 -29.26 30.47 66.14
CA THR H 17 -28.82 31.44 65.11
C THR H 17 -27.36 31.21 64.74
N SER H 18 -26.56 30.50 65.55
CA SER H 18 -25.10 30.33 65.34
C SER H 18 -24.83 29.50 64.07
N ALA H 19 -24.13 30.08 63.09
CA ALA H 19 -23.76 29.39 61.84
C ALA H 19 -22.47 29.96 61.26
N ILE H 20 -21.76 29.14 60.49
CA ILE H 20 -20.55 29.52 59.70
C ILE H 20 -20.80 29.08 58.27
N THR H 21 -20.43 29.90 57.30
CA THR H 21 -20.54 29.59 55.85
C THR H 21 -19.16 29.15 55.38
N TYR H 22 -19.11 28.03 54.66
CA TYR H 22 -17.89 27.37 54.14
C TYR H 22 -17.96 27.39 52.63
N SER H 23 -16.87 27.70 51.94
CA SER H 23 -16.77 27.55 50.47
C SER H 23 -16.90 26.06 50.14
N SER H 24 -17.56 25.73 49.03
CA SER H 24 -17.82 24.34 48.58
C SER H 24 -17.69 24.27 47.06
N LYS H 25 -16.90 23.31 46.57
CA LYS H 25 -16.68 23.10 45.12
C LYS H 25 -18.00 22.73 44.46
N LEU H 26 -18.81 21.88 45.11
CA LEU H 26 -20.04 21.29 44.51
C LEU H 26 -21.21 22.27 44.62
N HIS H 27 -21.30 23.04 45.71
CA HIS H 27 -22.49 23.85 46.09
C HIS H 27 -22.18 25.36 46.08
N GLY H 28 -20.94 25.78 45.81
CA GLY H 28 -20.51 27.18 45.90
C GLY H 28 -20.24 27.59 47.34
N SER H 29 -21.27 27.59 48.18
CA SER H 29 -21.18 27.84 49.64
C SER H 29 -22.16 26.92 50.37
N VAL H 30 -21.83 26.56 51.61
CA VAL H 30 -22.73 25.76 52.51
C VAL H 30 -22.68 26.44 53.89
N THR H 31 -23.86 26.79 54.41
CA THR H 31 -24.02 27.38 55.76
C THR H 31 -24.28 26.22 56.72
N VAL H 32 -23.44 26.10 57.74
CA VAL H 32 -23.49 25.00 58.75
C VAL H 32 -23.92 25.61 60.07
N ARG H 33 -25.07 25.17 60.59
CA ARG H 33 -25.57 25.61 61.92
C ARG H 33 -24.73 24.88 62.99
N ASP H 34 -24.33 25.59 64.04
CA ASP H 34 -23.70 24.97 65.23
C ASP H 34 -24.40 25.50 66.47
N PRO H 35 -25.53 24.89 66.87
CA PRO H 35 -26.25 25.32 68.07
C PRO H 35 -25.45 25.25 69.38
N TYR H 36 -24.31 24.54 69.42
CA TYR H 36 -23.52 24.33 70.66
C TYR H 36 -22.17 25.06 70.57
N SER H 37 -22.05 26.06 69.70
CA SER H 37 -20.78 26.83 69.48
C SER H 37 -20.29 27.47 70.79
N GLN H 38 -21.17 27.81 71.73
CA GLN H 38 -20.76 28.41 73.04
C GLN H 38 -19.83 27.44 73.78
N LEU H 39 -19.99 26.13 73.58
CA LEU H 39 -19.19 25.10 74.30
C LEU H 39 -17.76 25.03 73.74
N GLU H 40 -17.43 25.84 72.73
CA GLU H 40 -16.03 26.07 72.26
C GLU H 40 -15.27 26.97 73.23
N VAL H 41 -15.98 27.71 74.11
CA VAL H 41 -15.33 28.55 75.16
C VAL H 41 -14.89 27.63 76.29
N PRO H 42 -13.60 27.67 76.69
CA PRO H 42 -13.06 26.77 77.71
C PRO H 42 -13.82 26.80 79.06
N PHE H 43 -13.84 25.65 79.73
CA PHE H 43 -14.44 25.43 81.07
C PHE H 43 -14.11 26.60 82.02
N GLU H 44 -12.83 26.96 82.10
CA GLU H 44 -12.29 27.95 83.07
C GLU H 44 -12.78 29.38 82.75
N ASP H 45 -13.30 29.64 81.54
CA ASP H 45 -13.62 31.00 81.03
C ASP H 45 -15.13 31.25 80.91
N SER H 46 -15.98 30.21 80.93
CA SER H 46 -17.44 30.33 80.66
C SER H 46 -18.23 29.65 81.77
N GLU H 47 -19.17 30.39 82.39
CA GLU H 47 -20.16 29.86 83.35
C GLU H 47 -21.08 28.87 82.64
N GLU H 48 -21.35 29.10 81.35
CA GLU H 48 -22.20 28.23 80.49
C GLU H 48 -21.49 26.88 80.30
N THR H 49 -20.21 26.91 79.94
CA THR H 49 -19.40 25.68 79.77
C THR H 49 -19.31 24.96 81.12
N LYS H 50 -19.08 25.71 82.20
CA LYS H 50 -19.04 25.18 83.59
C LYS H 50 -20.34 24.45 83.91
N ALA H 51 -21.50 25.07 83.70
CA ALA H 51 -22.83 24.48 84.01
C ALA H 51 -23.03 23.18 83.20
N PHE H 52 -22.63 23.19 81.92
CA PHE H 52 -22.69 21.99 81.03
C PHE H 52 -21.82 20.87 81.63
N VAL H 53 -20.55 21.15 81.92
CA VAL H 53 -19.57 20.13 82.39
C VAL H 53 -20.03 19.58 83.74
N HIS H 54 -20.39 20.42 84.70
CA HIS H 54 -20.82 19.98 86.06
C HIS H 54 -22.08 19.11 85.96
N SER H 55 -23.10 19.52 85.21
CA SER H 55 -24.38 18.76 85.08
C SER H 55 -24.11 17.44 84.34
N GLN H 56 -23.37 17.46 83.24
CA GLN H 56 -23.04 16.23 82.46
C GLN H 56 -22.21 15.28 83.31
N ARG H 57 -21.24 15.80 84.05
CA ARG H 57 -20.30 15.02 84.90
C ARG H 57 -21.12 14.31 85.99
N LYS H 58 -22.01 15.05 86.67
CA LYS H 58 -22.83 14.53 87.80
C LYS H 58 -23.77 13.44 87.27
N PHE H 59 -24.35 13.66 86.09
CA PHE H 59 -25.30 12.73 85.43
C PHE H 59 -24.60 11.40 85.09
N ALA H 60 -23.43 11.48 84.47
CA ALA H 60 -22.59 10.29 84.11
C ALA H 60 -22.21 9.53 85.39
N ARG H 61 -21.72 10.24 86.41
CA ARG H 61 -21.21 9.63 87.68
C ARG H 61 -22.36 8.88 88.35
N THR H 62 -23.57 9.45 88.38
CA THR H 62 -24.76 8.81 89.00
C THR H 62 -25.02 7.48 88.30
N TYR H 63 -25.06 7.45 86.98
CA TYR H 63 -25.34 6.23 86.18
C TYR H 63 -24.22 5.18 86.43
N LEU H 64 -22.95 5.60 86.29
CA LEU H 64 -21.78 4.69 86.40
C LEU H 64 -21.70 4.10 87.81
N ASP H 65 -21.91 4.92 88.84
CA ASP H 65 -21.78 4.53 90.28
C ASP H 65 -22.98 3.71 90.75
N GLU H 66 -24.12 3.80 90.07
CA GLU H 66 -25.33 3.01 90.41
C GLU H 66 -25.06 1.52 90.14
N ASN H 67 -24.16 1.22 89.19
CA ASN H 67 -23.81 -0.16 88.78
C ASN H 67 -22.82 -0.76 89.78
N PRO H 68 -23.19 -1.84 90.51
CA PRO H 68 -22.26 -2.45 91.48
C PRO H 68 -21.02 -3.05 90.82
N ASP H 69 -21.11 -3.39 89.53
CA ASP H 69 -19.98 -3.95 88.71
C ASP H 69 -18.86 -2.91 88.57
N ARG H 70 -19.15 -1.62 88.83
CA ARG H 70 -18.11 -0.56 88.75
C ARG H 70 -17.05 -0.82 89.84
N GLU H 71 -17.48 -0.94 91.09
CA GLU H 71 -16.58 -1.23 92.25
C GLU H 71 -15.96 -2.64 92.09
N ALA H 72 -16.73 -3.62 91.59
CA ALA H 72 -16.23 -4.98 91.34
C ALA H 72 -15.07 -4.92 90.33
N TRP H 73 -15.22 -4.12 89.26
CA TRP H 73 -14.17 -3.94 88.23
C TRP H 73 -12.95 -3.26 88.87
N LEU H 74 -13.16 -2.21 89.66
CA LEU H 74 -12.05 -1.43 90.25
C LEU H 74 -11.20 -2.35 91.14
N GLU H 75 -11.84 -3.19 91.96
CA GLU H 75 -11.16 -4.15 92.86
C GLU H 75 -10.36 -5.19 92.04
N THR H 76 -11.00 -5.82 91.04
CA THR H 76 -10.35 -6.78 90.12
C THR H 76 -9.11 -6.15 89.47
N LEU H 77 -9.26 -4.92 88.97
CA LEU H 77 -8.16 -4.20 88.27
C LEU H 77 -7.01 -3.89 89.25
N LYS H 78 -7.33 -3.36 90.44
CA LYS H 78 -6.33 -3.00 91.50
C LYS H 78 -5.45 -4.23 91.80
N LYS H 79 -6.09 -5.37 92.08
CA LYS H 79 -5.40 -6.63 92.48
C LYS H 79 -4.43 -7.05 91.37
N SER H 80 -4.91 -7.11 90.12
CA SER H 80 -4.16 -7.68 88.98
C SER H 80 -3.05 -6.72 88.53
N TRP H 81 -3.29 -5.40 88.57
CA TRP H 81 -2.33 -4.37 88.10
C TRP H 81 -1.13 -4.23 89.05
N ASN H 82 -1.21 -4.86 90.23
CA ASN H 82 -0.11 -4.81 91.23
C ASN H 82 0.97 -5.85 90.85
N TYR H 83 1.65 -5.63 89.72
CA TYR H 83 2.75 -6.47 89.20
C TYR H 83 3.91 -5.58 88.77
N ARG H 84 5.14 -6.09 88.93
CA ARG H 84 6.39 -5.34 88.69
C ARG H 84 6.57 -5.15 87.17
N ARG H 85 6.85 -3.93 86.75
CA ARG H 85 7.05 -3.52 85.33
C ARG H 85 8.41 -2.83 85.22
N PHE H 86 9.12 -3.01 84.12
CA PHE H 86 10.45 -2.37 83.90
C PHE H 86 10.72 -2.25 82.39
N SER H 87 11.57 -1.29 82.03
CA SER H 87 12.14 -1.10 80.68
C SER H 87 13.40 -1.95 80.53
N ALA H 88 13.92 -2.03 79.30
CA ALA H 88 15.27 -2.53 78.96
C ALA H 88 16.30 -1.60 79.63
N LEU H 89 17.46 -2.13 79.99
CA LEU H 89 18.58 -1.31 80.51
C LEU H 89 19.05 -0.33 79.42
N LYS H 90 19.26 0.93 79.79
CA LYS H 90 19.69 2.02 78.88
C LYS H 90 21.08 2.48 79.32
N PRO H 91 22.13 2.29 78.49
CA PRO H 91 23.49 2.70 78.87
C PRO H 91 23.63 4.22 78.73
N GLU H 92 24.26 4.86 79.72
CA GLU H 92 24.45 6.33 79.75
C GLU H 92 25.95 6.65 79.89
N SER H 93 26.31 7.91 79.66
CA SER H 93 27.71 8.41 79.56
C SER H 93 28.40 8.41 80.93
N ASP H 94 27.68 8.16 82.03
CA ASP H 94 28.27 8.06 83.40
C ASP H 94 28.63 6.60 83.72
N GLY H 95 28.66 5.70 82.72
CA GLY H 95 29.02 4.29 82.88
C GLY H 95 28.01 3.51 83.72
N HIS H 96 26.75 3.95 83.74
CA HIS H 96 25.63 3.25 84.42
C HIS H 96 24.57 2.88 83.38
N TYR H 97 23.91 1.74 83.59
CA TYR H 97 22.61 1.42 82.96
C TYR H 97 21.52 2.08 83.80
N TYR H 98 20.54 2.71 83.14
CA TYR H 98 19.32 3.29 83.76
C TYR H 98 18.14 2.46 83.26
N PHE H 99 17.16 2.24 84.13
CA PHE H 99 15.94 1.47 83.78
C PHE H 99 14.76 2.04 84.55
N GLU H 100 13.61 2.06 83.87
CA GLU H 100 12.30 2.42 84.46
C GLU H 100 11.80 1.22 85.24
N TYR H 101 11.20 1.48 86.40
CA TYR H 101 10.62 0.42 87.28
C TYR H 101 9.36 0.94 87.96
N ASN H 102 8.36 0.06 88.04
CA ASN H 102 7.16 0.29 88.88
C ASN H 102 6.90 -0.99 89.68
N ASP H 103 6.88 -0.88 91.01
CA ASP H 103 6.59 -2.01 91.94
C ASP H 103 5.22 -2.62 91.64
N GLY H 104 4.28 -1.82 91.14
CA GLY H 104 2.93 -2.27 90.76
C GLY H 104 1.95 -1.11 90.70
N LEU H 105 1.77 -0.40 91.79
CA LEU H 105 0.71 0.62 91.99
C LEU H 105 1.29 2.01 92.30
N GLN H 106 2.55 2.28 91.94
CA GLN H 106 3.09 3.67 91.97
C GLN H 106 2.44 4.45 90.83
N SER H 107 2.19 5.74 91.02
CA SER H 107 1.55 6.62 90.02
C SER H 107 2.35 6.63 88.72
N GLN H 108 3.66 6.80 88.83
CA GLN H 108 4.63 6.97 87.72
C GLN H 108 5.79 5.97 87.87
N LEU H 109 6.43 5.62 86.76
CA LEU H 109 7.70 4.86 86.69
C LEU H 109 8.79 5.62 87.45
N SER H 110 9.60 4.91 88.22
CA SER H 110 10.83 5.45 88.86
C SER H 110 12.04 5.05 88.00
N LEU H 111 13.10 5.86 88.05
CA LEU H 111 14.32 5.61 87.28
C LEU H 111 15.38 5.10 88.25
N TYR H 112 15.86 3.88 88.00
CA TYR H 112 16.94 3.21 88.77
C TYR H 112 18.18 3.15 87.90
N ARG H 113 19.34 2.96 88.52
CA ARG H 113 20.61 2.78 87.78
C ARG H 113 21.49 1.73 88.47
N VAL H 114 22.41 1.18 87.69
CA VAL H 114 23.40 0.17 88.15
C VAL H 114 24.65 0.37 87.31
N ARG H 115 25.83 0.29 87.94
CA ARG H 115 27.14 0.35 87.25
C ARG H 115 27.12 -0.69 86.12
N MET H 116 27.55 -0.31 84.92
CA MET H 116 27.73 -1.28 83.80
C MET H 116 28.68 -2.39 84.31
N GLY H 117 28.32 -3.66 84.08
CA GLY H 117 29.04 -4.83 84.64
C GLY H 117 28.38 -5.40 85.88
N GLU H 118 27.56 -4.64 86.60
CA GLU H 118 26.86 -5.11 87.85
C GLU H 118 25.38 -5.39 87.56
N GLU H 119 24.96 -5.34 86.29
CA GLU H 119 23.53 -5.38 85.90
C GLU H 119 22.88 -6.71 86.28
N ASP H 120 23.66 -7.77 86.51
CA ASP H 120 23.08 -9.11 86.81
C ASP H 120 22.46 -9.10 88.21
N THR H 121 22.68 -8.05 89.02
CA THR H 121 22.11 -7.90 90.39
C THR H 121 20.76 -7.15 90.41
N VAL H 122 20.27 -6.64 89.27
CA VAL H 122 19.01 -5.83 89.24
C VAL H 122 17.82 -6.72 88.86
N LEU H 123 16.60 -6.24 89.18
CA LEU H 123 15.32 -6.82 88.70
C LEU H 123 15.25 -8.31 89.08
N THR H 124 15.47 -8.64 90.34
CA THR H 124 15.30 -10.02 90.90
C THR H 124 14.07 -9.99 91.81
N GLU H 125 13.71 -11.13 92.41
CA GLU H 125 12.55 -11.23 93.34
C GLU H 125 12.83 -10.35 94.58
N SER H 126 14.12 -10.12 94.90
CA SER H 126 14.57 -9.28 96.03
C SER H 126 14.26 -7.79 95.78
N GLY H 127 13.95 -7.40 94.54
CA GLY H 127 13.47 -6.05 94.19
C GLY H 127 14.23 -5.50 92.99
N PRO H 128 14.08 -4.19 92.68
CA PRO H 128 14.75 -3.60 91.50
C PRO H 128 16.27 -3.66 91.59
N GLY H 129 16.82 -3.61 92.81
CA GLY H 129 18.26 -3.55 93.08
C GLY H 129 18.85 -2.24 92.56
N GLY H 130 20.15 -2.24 92.25
CA GLY H 130 20.88 -1.03 91.86
C GLY H 130 20.64 0.10 92.85
N GLU H 131 20.45 1.31 92.33
CA GLU H 131 20.27 2.55 93.12
C GLU H 131 19.07 3.31 92.54
N LEU H 132 18.13 3.78 93.36
CA LEU H 132 17.11 4.74 92.91
C LEU H 132 17.84 6.00 92.43
N PHE H 133 17.54 6.52 91.23
CA PHE H 133 18.10 7.82 90.79
C PHE H 133 17.05 8.93 90.88
N PHE H 134 15.85 8.67 90.34
CA PHE H 134 14.77 9.69 90.26
C PHE H 134 13.41 9.02 90.44
N ASN H 135 12.66 9.50 91.42
CA ASN H 135 11.28 9.06 91.73
C ASN H 135 10.34 10.23 91.45
N PRO H 136 9.70 10.26 90.25
CA PRO H 136 8.79 11.34 89.87
C PRO H 136 7.64 11.54 90.88
N ASN H 137 7.24 10.47 91.58
CA ASN H 137 6.13 10.48 92.55
C ASN H 137 6.45 11.50 93.67
N LEU H 138 7.73 11.73 93.96
CA LEU H 138 8.20 12.63 95.05
C LEU H 138 8.23 14.09 94.58
N LEU H 139 8.00 14.41 93.30
CA LEU H 139 8.23 15.77 92.75
C LEU H 139 7.36 16.85 93.41
N SER H 140 6.07 16.56 93.59
CA SER H 140 5.04 17.44 94.20
C SER H 140 4.51 16.83 95.50
N LEU H 141 3.90 17.64 96.36
CA LEU H 141 3.29 17.18 97.63
C LEU H 141 2.04 16.34 97.34
N ASP H 142 1.34 16.59 96.22
CA ASP H 142 0.04 15.95 95.86
C ASP H 142 0.21 14.78 94.87
N GLY H 143 1.38 14.65 94.24
CA GLY H 143 1.76 13.56 93.34
C GLY H 143 1.21 13.75 91.94
N ASN H 144 0.97 15.00 91.52
CA ASN H 144 0.38 15.34 90.19
C ASN H 144 1.50 15.78 89.24
N ALA H 145 2.67 16.18 89.78
CA ALA H 145 3.85 16.57 88.98
C ALA H 145 4.46 15.31 88.37
N ALA H 146 4.82 15.40 87.09
CA ALA H 146 5.34 14.30 86.25
C ALA H 146 6.69 14.69 85.63
N LEU H 147 7.60 13.72 85.57
CA LEU H 147 8.82 13.72 84.73
C LEU H 147 8.37 13.63 83.27
N THR H 148 8.68 14.63 82.44
CA THR H 148 8.20 14.69 81.04
C THR H 148 9.32 14.29 80.08
N GLY H 149 10.54 14.08 80.59
CA GLY H 149 11.71 13.74 79.75
C GLY H 149 13.02 13.99 80.46
N PHE H 150 14.12 13.42 79.98
CA PHE H 150 15.47 13.62 80.57
C PHE H 150 16.53 13.26 79.52
N VAL H 151 17.69 13.92 79.59
CA VAL H 151 18.89 13.64 78.74
C VAL H 151 20.12 13.94 79.58
N MET H 152 21.05 13.00 79.62
CA MET H 152 22.34 13.13 80.36
C MET H 152 23.32 13.92 79.48
N SER H 153 24.13 14.78 80.10
CA SER H 153 25.24 15.51 79.44
C SER H 153 26.21 14.50 78.86
N PRO H 154 26.88 14.78 77.72
CA PRO H 154 27.90 13.88 77.17
C PRO H 154 29.00 13.49 78.17
N CYS H 155 29.35 14.39 79.09
CA CYS H 155 30.41 14.18 80.12
C CYS H 155 29.90 13.21 81.21
N GLY H 156 28.60 13.05 81.34
CA GLY H 156 27.98 12.15 82.33
C GLY H 156 27.86 12.76 83.72
N ASN H 157 28.13 14.04 83.89
CA ASN H 157 28.05 14.73 85.21
C ASN H 157 26.68 15.40 85.42
N TYR H 158 25.96 15.70 84.34
CA TYR H 158 24.72 16.52 84.41
C TYR H 158 23.57 15.76 83.74
N TRP H 159 22.37 16.07 84.22
CA TRP H 159 21.11 15.40 83.85
C TRP H 159 20.05 16.50 83.73
N ALA H 160 19.65 16.82 82.51
CA ALA H 160 18.58 17.80 82.19
C ALA H 160 17.25 17.05 82.17
N TYR H 161 16.22 17.60 82.82
CA TYR H 161 14.93 16.89 82.91
C TYR H 161 13.77 17.88 82.94
N GLY H 162 12.62 17.42 82.44
CA GLY H 162 11.37 18.21 82.39
C GLY H 162 10.45 17.80 83.54
N VAL H 163 9.85 18.78 84.22
CA VAL H 163 8.78 18.54 85.22
C VAL H 163 7.58 19.39 84.83
N SER H 164 6.40 18.76 84.71
CA SER H 164 5.09 19.39 84.43
C SER H 164 4.64 20.33 85.57
N GLU H 165 4.37 21.59 85.25
CA GLU H 165 4.00 22.68 86.20
C GLU H 165 2.69 22.34 86.93
N HIS H 166 2.53 22.87 88.14
CA HIS H 166 1.35 22.64 89.02
C HIS H 166 0.10 23.36 88.48
N GLY H 167 -0.73 22.61 87.76
CA GLY H 167 -2.00 23.04 87.18
C GLY H 167 -1.95 23.17 85.67
N SER H 168 -0.98 22.55 84.99
CA SER H 168 -0.57 22.88 83.59
C SER H 168 -0.14 21.61 82.82
N ASP H 169 -0.27 21.63 81.50
CA ASP H 169 0.27 20.61 80.55
C ASP H 169 1.63 21.10 80.00
N TRP H 170 2.08 22.27 80.49
CA TRP H 170 3.38 22.92 80.19
C TRP H 170 4.40 22.42 81.22
N MET H 171 5.68 22.65 80.96
CA MET H 171 6.78 22.13 81.83
C MET H 171 7.90 23.15 81.95
N SER H 172 8.78 22.92 82.91
CA SER H 172 10.07 23.61 83.08
C SER H 172 11.19 22.57 82.92
N ILE H 173 12.32 22.97 82.37
CA ILE H 173 13.55 22.13 82.29
C ILE H 173 14.39 22.47 83.50
N TYR H 174 14.85 21.45 84.23
CA TYR H 174 15.77 21.56 85.38
C TYR H 174 17.06 20.80 85.05
N VAL H 175 18.10 21.02 85.85
CA VAL H 175 19.40 20.30 85.73
C VAL H 175 19.81 19.86 87.13
N ARG H 176 20.33 18.65 87.26
CA ARG H 176 20.95 18.17 88.51
C ARG H 176 22.23 17.39 88.15
N LYS H 177 23.15 17.27 89.11
CA LYS H 177 24.34 16.39 89.00
C LYS H 177 23.88 14.93 89.04
N THR H 178 24.54 14.06 88.26
CA THR H 178 24.33 12.59 88.30
C THR H 178 24.84 12.05 89.64
N SER H 179 25.62 12.83 90.41
CA SER H 179 26.43 12.33 91.55
C SER H 179 25.57 12.10 92.81
N SER H 180 24.29 12.47 92.81
CA SER H 180 23.36 12.40 93.98
C SER H 180 22.03 11.96 93.39
N PRO H 181 21.34 10.91 93.90
CA PRO H 181 19.97 10.63 93.46
C PRO H 181 19.02 11.72 93.98
N HIS H 182 17.92 11.94 93.27
CA HIS H 182 16.96 13.03 93.62
C HIS H 182 16.36 12.70 94.99
N LEU H 183 16.23 13.71 95.85
CA LEU H 183 15.56 13.62 97.16
C LEU H 183 14.19 14.27 96.99
N PRO H 184 13.19 13.92 97.83
CA PRO H 184 11.96 14.71 97.90
C PRO H 184 12.19 16.20 98.28
N SER H 185 11.48 17.07 97.56
CA SER H 185 11.47 18.55 97.81
C SER H 185 10.13 19.03 98.42
N ASP H 191 20.16 17.57 99.54
CA ASP H 191 20.32 17.19 98.11
C ASP H 191 21.39 18.05 97.48
N PRO H 192 22.69 17.65 97.57
CA PRO H 192 23.77 18.42 96.97
C PRO H 192 23.72 18.48 95.43
N GLY H 193 22.95 17.57 94.81
CA GLY H 193 22.94 17.38 93.34
C GLY H 193 22.01 18.33 92.61
N ARG H 194 21.25 19.19 93.30
CA ARG H 194 20.31 20.12 92.63
C ARG H 194 21.04 21.38 92.19
N MET H 195 20.52 22.03 91.14
CA MET H 195 21.18 23.20 90.51
C MET H 195 20.13 24.28 90.20
N ASN H 196 20.59 25.53 90.07
CA ASN H 196 19.74 26.74 90.06
C ASN H 196 18.91 26.81 88.76
N ASP H 197 19.40 26.20 87.69
CA ASP H 197 18.81 26.33 86.32
C ASP H 197 17.32 26.04 86.36
N LYS H 198 16.50 26.95 85.81
CA LYS H 198 15.05 26.70 85.58
C LYS H 198 14.67 27.32 84.22
N ILE H 199 14.33 26.48 83.25
CA ILE H 199 13.94 26.89 81.87
C ILE H 199 12.42 26.80 81.76
N ARG H 200 11.72 27.94 81.77
CA ARG H 200 10.23 27.99 81.74
C ARG H 200 9.70 28.07 80.32
N HIS H 201 8.39 27.86 80.16
CA HIS H 201 7.58 28.11 78.94
C HIS H 201 7.88 27.05 77.86
N VAL H 202 8.02 25.81 78.31
CA VAL H 202 8.32 24.65 77.41
C VAL H 202 7.04 23.81 77.35
N ARG H 203 6.65 23.29 76.21
CA ARG H 203 5.53 22.30 76.28
C ARG H 203 5.82 21.10 75.38
N PHE H 204 7.07 20.88 74.99
CA PHE H 204 7.56 19.52 74.63
C PHE H 204 9.05 19.47 74.93
N PHE H 205 9.50 18.35 75.47
CA PHE H 205 10.90 18.10 75.88
C PHE H 205 11.69 17.59 74.67
N ILE H 206 12.41 18.49 74.00
CA ILE H 206 13.42 18.11 72.98
C ILE H 206 14.70 18.89 73.31
N VAL H 207 15.60 18.22 74.01
CA VAL H 207 16.82 18.83 74.63
C VAL H 207 18.04 18.15 74.03
N SER H 208 18.99 18.92 73.52
CA SER H 208 20.26 18.45 72.91
C SER H 208 21.44 19.19 73.53
N TRP H 209 22.29 18.48 74.26
CA TRP H 209 23.54 19.01 74.87
C TRP H 209 24.58 19.21 73.78
N THR H 210 25.37 20.27 73.86
CA THR H 210 26.62 20.44 73.08
C THR H 210 27.68 19.46 73.65
N SER H 211 28.65 19.06 72.83
CA SER H 211 29.69 18.05 73.16
C SER H 211 30.55 18.51 74.35
N ASP H 212 30.60 19.82 74.62
CA ASP H 212 31.38 20.43 75.72
C ASP H 212 30.63 20.34 77.04
N SER H 213 29.38 19.85 77.04
CA SER H 213 28.52 19.75 78.25
C SER H 213 28.30 21.13 78.91
N LYS H 214 28.46 22.24 78.20
CA LYS H 214 28.34 23.60 78.77
C LYS H 214 26.89 24.10 78.64
N GLY H 215 26.07 23.45 77.82
CA GLY H 215 24.68 23.90 77.61
C GLY H 215 23.90 22.97 76.72
N PHE H 216 22.63 23.28 76.52
CA PHE H 216 21.70 22.46 75.69
C PHE H 216 20.74 23.37 74.93
N PHE H 217 20.37 22.91 73.74
CA PHE H 217 19.29 23.48 72.91
C PHE H 217 17.96 22.95 73.43
N TYR H 218 16.92 23.77 73.32
CA TYR H 218 15.53 23.41 73.68
C TYR H 218 14.58 24.27 72.86
N SER H 219 13.34 23.83 72.77
CA SER H 219 12.21 24.53 72.09
C SER H 219 11.31 25.09 73.19
N ARG H 220 10.88 26.34 73.05
CA ARG H 220 9.96 26.98 74.00
C ARG H 220 8.97 27.87 73.25
N TYR H 221 8.00 28.40 74.01
CA TYR H 221 6.90 29.23 73.47
C TYR H 221 6.93 30.56 74.23
N PRO H 222 6.15 31.58 73.80
CA PRO H 222 5.99 32.79 74.61
C PRO H 222 5.32 32.41 75.93
N PRO H 223 5.45 33.22 76.99
CA PRO H 223 4.93 32.88 78.32
C PRO H 223 3.46 32.47 78.31
N GLU H 224 3.09 31.50 79.17
CA GLU H 224 1.79 30.80 79.13
C GLU H 224 0.73 31.73 79.75
N ASP H 225 1.11 32.37 80.86
CA ASP H 225 0.20 33.06 81.81
C ASP H 225 -0.16 34.39 81.12
N ASP H 226 -1.15 34.28 80.23
CA ASP H 226 -1.43 35.15 79.05
C ASP H 226 -2.88 35.67 79.10
N GLU H 227 -3.20 36.54 78.14
CA GLU H 227 -4.58 37.06 77.92
C GLU H 227 -5.25 36.26 76.80
N GLY H 228 -4.49 35.48 76.02
CA GLY H 228 -5.06 34.55 75.00
C GLY H 228 -5.97 33.50 75.63
N LYS H 229 -6.91 32.95 74.85
CA LYS H 229 -7.90 31.93 75.33
C LYS H 229 -7.20 30.59 75.55
N GLY H 230 -7.71 29.79 76.50
CA GLY H 230 -7.16 28.49 76.93
C GLY H 230 -6.94 27.51 75.78
N ASN H 231 -7.71 27.65 74.68
CA ASN H 231 -7.83 26.65 73.57
C ASN H 231 -7.37 27.25 72.23
N ALA H 232 -6.76 28.44 72.22
CA ALA H 232 -6.22 29.11 71.02
C ALA H 232 -5.17 28.24 70.35
N PRO H 233 -4.94 28.41 69.03
CA PRO H 233 -3.86 27.71 68.35
C PRO H 233 -2.53 27.88 69.09
N ALA H 234 -1.72 26.83 69.16
CA ALA H 234 -0.35 26.86 69.73
C ALA H 234 0.55 27.63 68.76
N MET H 235 1.21 28.70 69.21
CA MET H 235 1.87 29.65 68.29
C MET H 235 3.25 30.05 68.79
N ASN H 236 4.17 30.27 67.83
CA ASN H 236 5.46 30.98 68.02
C ASN H 236 6.43 30.09 68.80
N CYS H 237 6.58 28.85 68.35
CA CYS H 237 7.64 27.90 68.81
C CYS H 237 9.01 28.51 68.48
N MET H 238 9.93 28.55 69.44
CA MET H 238 11.29 29.13 69.24
C MET H 238 12.34 28.13 69.74
N VAL H 239 13.51 28.10 69.10
CA VAL H 239 14.68 27.31 69.58
C VAL H 239 15.63 28.27 70.30
N TYR H 240 16.00 27.92 71.52
CA TYR H 240 16.99 28.64 72.37
C TYR H 240 18.14 27.70 72.75
N TYR H 241 19.26 28.31 73.19
CA TYR H 241 20.42 27.62 73.78
C TYR H 241 20.63 28.14 75.21
N HIS H 242 20.60 27.23 76.19
CA HIS H 242 20.85 27.52 77.62
C HIS H 242 22.27 27.06 78.00
N ARG H 243 23.06 27.97 78.57
CA ARG H 243 24.36 27.66 79.21
C ARG H 243 24.12 27.35 80.69
N ILE H 244 24.60 26.20 81.17
CA ILE H 244 24.44 25.74 82.58
C ILE H 244 24.95 26.85 83.50
N GLY H 245 24.23 27.12 84.60
CA GLY H 245 24.64 28.11 85.62
C GLY H 245 24.14 29.52 85.33
N GLU H 246 23.69 29.80 84.10
CA GLU H 246 23.12 31.12 83.72
C GLU H 246 21.61 31.12 83.98
N ASP H 247 21.03 32.32 84.09
CA ASP H 247 19.55 32.53 84.19
C ASP H 247 18.95 32.38 82.78
N GLN H 248 17.68 31.98 82.68
CA GLN H 248 16.99 31.78 81.37
C GLN H 248 17.05 33.06 80.54
N GLU H 249 17.04 34.23 81.20
CA GLU H 249 17.06 35.57 80.54
C GLU H 249 18.30 35.70 79.63
N SER H 250 19.40 35.01 79.96
CA SER H 250 20.67 35.03 79.18
C SER H 250 20.63 34.03 78.02
N ASP H 251 19.64 33.13 77.97
CA ASP H 251 19.56 32.10 76.89
C ASP H 251 19.56 32.81 75.54
N VAL H 252 20.28 32.23 74.58
CA VAL H 252 20.49 32.82 73.23
C VAL H 252 19.41 32.24 72.31
N LEU H 253 18.69 33.13 71.61
CA LEU H 253 17.71 32.77 70.57
C LEU H 253 18.46 32.16 69.39
N VAL H 254 18.02 31.00 68.94
CA VAL H 254 18.65 30.24 67.81
C VAL H 254 17.75 30.33 66.58
N HIS H 255 16.43 30.21 66.77
CA HIS H 255 15.45 30.33 65.66
C HIS H 255 14.07 30.75 66.16
N GLU H 256 13.49 31.70 65.46
CA GLU H 256 12.04 32.04 65.52
C GLU H 256 11.59 32.30 64.09
N ASP H 257 10.29 32.13 63.84
CA ASP H 257 9.69 32.40 62.52
C ASP H 257 8.33 33.04 62.76
N PRO H 258 8.28 34.35 63.08
CA PRO H 258 7.02 35.02 63.41
C PRO H 258 6.02 35.03 62.23
N GLU H 259 6.50 34.85 61.00
CA GLU H 259 5.64 34.82 59.79
C GLU H 259 4.74 33.58 59.83
N HIS H 260 5.21 32.49 60.40
CA HIS H 260 4.54 31.16 60.38
C HIS H 260 4.37 30.68 61.82
N PRO H 261 3.49 31.32 62.62
CA PRO H 261 3.39 30.99 64.06
C PRO H 261 2.90 29.56 64.35
N PHE H 262 2.25 28.89 63.40
CA PHE H 262 1.70 27.51 63.62
C PHE H 262 2.83 26.49 63.47
N TRP H 263 3.93 26.83 62.79
CA TRP H 263 5.06 25.89 62.55
C TRP H 263 5.68 25.51 63.89
N ILE H 264 6.06 24.23 64.02
CA ILE H 264 6.77 23.70 65.21
C ILE H 264 8.22 23.45 64.77
N SER H 265 9.18 23.81 65.63
CA SER H 265 10.63 23.71 65.31
C SER H 265 11.38 23.07 66.48
N SER H 266 12.48 22.39 66.14
CA SER H 266 13.41 21.78 67.11
C SER H 266 14.75 21.58 66.41
N VAL H 267 15.79 21.31 67.21
CA VAL H 267 17.14 20.93 66.71
C VAL H 267 17.51 19.58 67.31
N GLN H 268 18.28 18.80 66.54
CA GLN H 268 18.89 17.52 66.96
C GLN H 268 20.38 17.62 66.62
N LEU H 269 21.27 17.18 67.52
CA LEU H 269 22.73 17.14 67.25
C LEU H 269 23.11 15.73 66.83
N THR H 270 24.08 15.57 65.93
CA THR H 270 24.73 14.26 65.66
C THR H 270 25.34 13.76 66.98
N PRO H 271 25.51 12.43 67.17
CA PRO H 271 26.13 11.89 68.38
C PRO H 271 27.48 12.52 68.77
N SER H 272 28.29 12.91 67.78
CA SER H 272 29.60 13.61 67.99
C SER H 272 29.40 15.03 68.54
N GLY H 273 28.20 15.61 68.38
CA GLY H 273 27.92 16.99 68.82
C GLY H 273 28.43 18.02 67.84
N ARG H 274 28.93 17.59 66.67
CA ARG H 274 29.58 18.49 65.68
C ARG H 274 28.52 19.24 64.84
N TYR H 275 27.51 18.53 64.34
CA TYR H 275 26.48 19.09 63.42
C TYR H 275 25.15 19.23 64.15
N ILE H 276 24.45 20.34 63.86
CA ILE H 276 23.08 20.62 64.37
C ILE H 276 22.12 20.57 63.18
N LEU H 277 21.07 19.74 63.30
CA LEU H 277 19.98 19.66 62.30
C LEU H 277 18.79 20.47 62.83
N PHE H 278 18.44 21.56 62.13
CA PHE H 278 17.19 22.31 62.38
C PHE H 278 16.09 21.66 61.55
N ALA H 279 14.95 21.37 62.17
CA ALA H 279 13.76 20.83 61.49
C ALA H 279 12.55 21.67 61.89
N ALA H 280 11.80 22.15 60.90
CA ALA H 280 10.48 22.77 61.11
C ALA H 280 9.42 21.86 60.50
N SER H 281 8.29 21.80 61.21
CA SER H 281 7.05 21.07 60.82
C SER H 281 5.93 22.10 60.66
N ARG H 282 5.15 22.03 59.58
CA ARG H 282 4.00 22.94 59.35
C ARG H 282 2.68 22.15 59.40
N ASP H 283 2.76 20.83 59.56
CA ASP H 283 1.57 19.95 59.58
C ASP H 283 2.00 18.61 60.17
N ALA H 284 1.10 17.62 60.20
CA ALA H 284 1.35 16.30 60.82
C ALA H 284 2.05 15.37 59.82
N SER H 285 2.30 15.82 58.58
CA SER H 285 2.91 14.97 57.53
C SER H 285 4.41 14.78 57.84
N HIS H 286 5.00 13.72 57.29
CA HIS H 286 6.42 13.33 57.47
C HIS H 286 7.23 14.12 56.42
N THR H 287 7.23 15.45 56.56
CA THR H 287 7.93 16.39 55.67
C THR H 287 8.43 17.54 56.56
N GLN H 288 9.62 18.05 56.26
CA GLN H 288 10.27 19.07 57.09
C GLN H 288 10.90 20.13 56.18
N LEU H 289 11.05 21.31 56.74
CA LEU H 289 12.07 22.30 56.30
C LEU H 289 13.31 22.02 57.15
N VAL H 290 14.45 21.73 56.52
CA VAL H 290 15.65 21.23 57.23
C VAL H 290 16.86 22.10 56.87
N LYS H 291 17.69 22.42 57.87
CA LYS H 291 18.99 23.11 57.68
C LYS H 291 20.04 22.46 58.58
N ILE H 292 21.29 22.40 58.13
CA ILE H 292 22.44 21.79 58.87
C ILE H 292 23.46 22.91 59.12
N ALA H 293 24.00 22.99 60.34
CA ALA H 293 25.15 23.86 60.64
C ALA H 293 26.24 23.03 61.33
N ASP H 294 27.50 23.45 61.13
CA ASP H 294 28.70 22.89 61.78
C ASP H 294 28.98 23.74 63.02
N LEU H 295 28.79 23.19 64.22
CA LEU H 295 28.92 23.97 65.49
C LEU H 295 30.38 24.42 65.72
N HIS H 296 31.34 23.87 64.96
CA HIS H 296 32.77 24.24 65.03
C HIS H 296 33.06 25.48 64.18
N GLU H 297 32.10 25.92 63.33
CA GLU H 297 32.26 27.08 62.40
C GLU H 297 31.61 28.35 62.97
N ASN H 298 30.81 28.23 64.03
CA ASN H 298 29.80 29.24 64.44
C ASN H 298 29.78 29.45 65.95
N ASP H 299 29.55 30.68 66.41
CA ASP H 299 29.02 30.96 67.76
C ASP H 299 27.53 30.60 67.77
N ILE H 300 27.00 30.10 68.88
CA ILE H 300 25.55 29.75 69.02
C ILE H 300 24.76 31.06 68.98
N GLY H 301 23.82 31.20 68.05
CA GLY H 301 22.99 32.41 67.88
C GLY H 301 22.18 32.36 66.60
N THR H 302 21.61 33.49 66.17
CA THR H 302 20.85 33.62 64.89
C THR H 302 21.83 33.92 63.75
N ASN H 303 23.12 34.07 64.05
CA ASN H 303 24.22 34.34 63.07
C ASN H 303 25.04 33.06 62.85
N MET H 304 24.39 31.91 62.66
CA MET H 304 25.03 30.61 62.36
C MET H 304 24.95 30.38 60.84
N LYS H 305 25.94 29.69 60.26
CA LYS H 305 26.03 29.43 58.80
C LYS H 305 25.19 28.19 58.49
N TRP H 306 23.87 28.34 58.37
CA TRP H 306 22.94 27.25 58.01
C TRP H 306 23.11 26.92 56.53
N LYS H 307 23.23 25.63 56.22
CA LYS H 307 23.23 25.10 54.84
C LYS H 307 21.97 24.26 54.65
N ASN H 308 21.38 24.30 53.46
CA ASN H 308 20.17 23.51 53.10
C ASN H 308 20.57 22.04 52.95
N LEU H 309 19.90 21.15 53.70
CA LEU H 309 20.05 19.69 53.57
C LEU H 309 19.32 19.23 52.31
N HIS H 310 18.12 19.76 52.09
CA HIS H 310 17.25 19.41 50.93
C HIS H 310 16.17 20.50 50.79
N ASP H 311 15.53 20.56 49.63
CA ASP H 311 14.34 21.43 49.37
C ASP H 311 13.31 21.16 50.46
N PRO H 312 12.62 22.21 50.95
CA PRO H 312 11.70 22.06 52.07
C PRO H 312 10.43 21.28 51.69
N TRP H 313 9.83 20.60 52.67
CA TRP H 313 8.48 19.99 52.64
C TRP H 313 8.42 18.80 51.68
N GLU H 314 9.55 18.15 51.37
CA GLU H 314 9.56 16.94 50.51
C GLU H 314 9.79 15.69 51.36
N ALA H 315 10.47 15.79 52.49
CA ALA H 315 10.89 14.60 53.26
C ALA H 315 11.22 14.95 54.71
N ARG H 316 11.29 13.91 55.52
CA ARG H 316 11.70 13.95 56.93
C ARG H 316 13.11 13.33 57.02
N PHE H 317 13.94 13.84 57.92
CA PHE H 317 15.34 13.37 58.11
C PHE H 317 15.59 13.18 59.61
N THR H 318 15.95 11.96 60.01
CA THR H 318 16.29 11.60 61.40
C THR H 318 17.76 11.17 61.42
N ILE H 319 18.56 11.79 62.28
CA ILE H 319 20.01 11.45 62.45
C ILE H 319 20.11 10.06 63.08
N VAL H 320 20.89 9.18 62.47
CA VAL H 320 21.18 7.79 62.93
C VAL H 320 22.63 7.72 63.45
N GLY H 321 23.53 8.56 62.93
CA GLY H 321 24.93 8.62 63.38
C GLY H 321 25.76 9.54 62.51
N ASP H 322 27.07 9.54 62.72
CA ASP H 322 28.03 10.45 62.04
C ASP H 322 29.40 9.78 61.98
N GLU H 323 30.22 10.17 61.01
CA GLU H 323 31.60 9.69 60.80
C GLU H 323 32.35 10.87 60.23
N GLY H 324 32.93 11.71 61.09
CA GLY H 324 33.50 13.01 60.71
C GLY H 324 32.42 13.88 60.07
N SER H 325 32.60 14.23 58.80
CA SER H 325 31.69 15.11 58.01
C SER H 325 30.49 14.33 57.47
N LYS H 326 30.54 13.00 57.50
CA LYS H 326 29.47 12.12 56.96
C LYS H 326 28.37 11.94 58.02
N ILE H 327 27.12 12.25 57.69
CA ILE H 327 25.96 12.04 58.60
C ILE H 327 25.08 10.94 58.02
N TYR H 328 24.68 9.98 58.86
CA TYR H 328 23.73 8.89 58.52
C TYR H 328 22.31 9.37 58.84
N PHE H 329 21.41 9.29 57.87
CA PHE H 329 20.00 9.72 58.00
C PHE H 329 19.07 8.53 57.71
N MET H 330 18.05 8.37 58.54
CA MET H 330 16.81 7.64 58.17
C MET H 330 15.88 8.69 57.57
N THR H 331 15.45 8.48 56.34
CA THR H 331 14.68 9.50 55.57
C THR H 331 13.68 8.81 54.67
N ASN H 332 12.59 9.52 54.34
CA ASN H 332 11.61 9.06 53.32
C ASN H 332 11.83 9.84 52.01
N LEU H 333 12.96 10.54 51.85
CA LEU H 333 13.29 11.26 50.60
C LEU H 333 13.29 10.25 49.44
N LYS H 334 12.34 10.39 48.52
CA LYS H 334 12.15 9.49 47.35
C LYS H 334 12.03 8.02 47.81
N ALA H 335 11.50 7.80 49.01
CA ALA H 335 11.37 6.46 49.62
C ALA H 335 10.25 6.52 50.68
N LYS H 336 9.00 6.33 50.26
CA LYS H 336 7.84 6.52 51.18
C LYS H 336 7.90 5.51 52.34
N ASN H 337 8.49 4.33 52.13
CA ASN H 337 8.66 3.29 53.20
C ASN H 337 9.95 3.54 54.00
N TYR H 338 10.66 4.65 53.72
CA TYR H 338 11.87 5.12 54.42
C TYR H 338 13.08 4.26 54.00
N LYS H 339 14.27 4.84 54.18
CA LYS H 339 15.55 4.23 53.79
C LYS H 339 16.64 4.85 54.66
N VAL H 340 17.88 4.36 54.53
CA VAL H 340 19.07 4.96 55.20
C VAL H 340 19.94 5.56 54.10
N ALA H 341 20.30 6.82 54.25
CA ALA H 341 21.14 7.57 53.29
C ALA H 341 22.20 8.37 54.07
N THR H 342 23.29 8.71 53.40
CA THR H 342 24.41 9.48 53.99
C THR H 342 24.49 10.83 53.29
N PHE H 343 24.90 11.84 54.04
CA PHE H 343 25.16 13.22 53.57
C PHE H 343 26.58 13.60 53.99
N ASP H 344 27.37 14.14 53.08
CA ASP H 344 28.73 14.67 53.43
C ASP H 344 28.61 16.18 53.59
N ALA H 345 28.65 16.68 54.82
CA ALA H 345 28.55 18.11 55.17
C ALA H 345 29.66 18.93 54.49
N ASN H 346 30.75 18.30 54.05
CA ASN H 346 31.86 18.99 53.32
C ASN H 346 31.52 19.14 51.83
N HIS H 347 30.54 18.38 51.31
CA HIS H 347 30.08 18.42 49.89
C HIS H 347 28.56 18.47 49.85
N PRO H 348 27.92 19.53 50.38
CA PRO H 348 26.45 19.58 50.45
C PRO H 348 25.75 19.36 49.12
N ASP H 349 26.26 19.98 48.05
CA ASP H 349 25.71 19.95 46.66
C ASP H 349 25.73 18.51 46.10
N GLU H 350 26.46 17.57 46.72
CA GLU H 350 26.50 16.17 46.24
C GLU H 350 25.23 15.43 46.70
N GLY H 351 24.49 16.01 47.65
CA GLY H 351 23.17 15.49 48.09
C GLY H 351 23.31 14.27 48.98
N LEU H 352 22.27 13.43 49.01
CA LEU H 352 22.18 12.23 49.87
C LEU H 352 22.51 11.00 49.01
N THR H 353 23.32 10.08 49.56
CA THR H 353 23.67 8.80 48.92
C THR H 353 22.95 7.67 49.67
N THR H 354 22.27 6.79 48.95
CA THR H 354 21.56 5.61 49.50
C THR H 354 22.57 4.65 50.11
N LEU H 355 22.40 4.30 51.40
CA LEU H 355 23.17 3.22 52.07
C LEU H 355 22.30 1.95 52.09
N ILE H 356 21.07 2.07 52.61
CA ILE H 356 20.06 0.97 52.61
C ILE H 356 18.88 1.45 51.76
N ALA H 357 18.64 0.79 50.63
CA ALA H 357 17.54 1.12 49.69
C ALA H 357 16.20 0.98 50.41
N GLU H 358 15.18 1.73 49.97
CA GLU H 358 13.79 1.53 50.39
C GLU H 358 13.41 0.06 50.13
N ASP H 359 12.77 -0.58 51.10
CA ASP H 359 12.10 -1.88 50.89
C ASP H 359 10.68 -1.59 50.43
N PRO H 360 10.29 -1.96 49.18
CA PRO H 360 8.94 -1.68 48.69
C PRO H 360 7.86 -2.40 49.50
N ASN H 361 8.20 -3.43 50.28
CA ASN H 361 7.21 -4.31 50.96
C ASN H 361 7.39 -4.28 52.48
N ALA H 362 8.11 -3.29 53.01
CA ALA H 362 8.35 -3.19 54.46
C ALA H 362 8.68 -1.74 54.81
N PHE H 363 7.92 -1.20 55.77
CA PHE H 363 8.09 0.14 56.36
C PHE H 363 9.29 0.07 57.31
N LEU H 364 10.30 0.92 57.08
CA LEU H 364 11.47 1.01 58.01
C LEU H 364 11.05 1.89 59.18
N VAL H 365 11.01 1.32 60.38
CA VAL H 365 10.55 1.97 61.64
C VAL H 365 11.74 2.69 62.28
N SER H 366 12.91 2.05 62.36
CA SER H 366 14.10 2.65 62.99
C SER H 366 15.38 2.04 62.42
N ALA H 367 16.45 2.81 62.55
CA ALA H 367 17.83 2.44 62.18
C ALA H 367 18.72 2.99 63.29
N SER H 368 19.62 2.15 63.81
CA SER H 368 20.54 2.54 64.89
C SER H 368 21.87 1.80 64.69
N ILE H 369 22.96 2.39 65.14
CA ILE H 369 24.33 1.83 64.99
C ILE H 369 24.75 1.24 66.33
N HIS H 370 25.39 0.06 66.29
CA HIS H 370 25.80 -0.73 67.48
C HIS H 370 27.16 -1.38 67.19
N ALA H 371 27.93 -1.64 68.24
CA ALA H 371 29.21 -2.36 68.17
C ALA H 371 30.06 -1.76 67.03
N GLN H 372 30.12 -0.43 67.00
CA GLN H 372 30.97 0.41 66.10
C GLN H 372 30.43 0.43 64.67
N ASP H 373 30.16 -0.71 64.03
CA ASP H 373 29.87 -0.73 62.56
C ASP H 373 28.73 -1.71 62.22
N LYS H 374 27.83 -2.00 63.17
CA LYS H 374 26.62 -2.83 62.92
C LYS H 374 25.42 -1.88 62.83
N LEU H 375 24.73 -1.88 61.70
CA LEU H 375 23.49 -1.09 61.46
C LEU H 375 22.27 -2.00 61.71
N LEU H 376 21.50 -1.69 62.74
CA LEU H 376 20.30 -2.47 63.13
C LEU H 376 19.05 -1.74 62.58
N LEU H 377 18.30 -2.45 61.74
CA LEU H 377 17.05 -1.96 61.11
C LEU H 377 15.87 -2.68 61.75
N VAL H 378 14.84 -1.95 62.19
CA VAL H 378 13.52 -2.51 62.57
C VAL H 378 12.55 -2.24 61.42
N TYR H 379 12.08 -3.30 60.78
CA TYR H 379 11.06 -3.27 59.70
C TYR H 379 9.71 -3.72 60.26
N LEU H 380 8.63 -3.12 59.74
CA LEU H 380 7.23 -3.56 59.96
C LEU H 380 6.84 -4.39 58.73
N ARG H 381 6.62 -5.69 58.90
CA ARG H 381 6.17 -6.63 57.85
C ARG H 381 5.22 -7.64 58.50
N ASN H 382 4.08 -7.94 57.85
CA ASN H 382 3.04 -8.84 58.41
C ASN H 382 2.58 -8.32 59.78
N ALA H 383 2.47 -7.00 59.92
CA ALA H 383 1.97 -6.25 61.09
C ALA H 383 2.73 -6.62 62.37
N SER H 384 4.01 -7.01 62.25
CA SER H 384 4.95 -7.21 63.38
C SER H 384 6.35 -6.73 63.02
N HIS H 385 7.20 -6.59 64.04
CA HIS H 385 8.57 -6.03 63.88
C HIS H 385 9.53 -7.15 63.46
N GLU H 386 10.46 -6.83 62.58
CA GLU H 386 11.61 -7.67 62.19
C GLU H 386 12.88 -6.88 62.44
N ILE H 387 13.91 -7.52 63.02
CA ILE H 387 15.25 -6.88 63.24
C ILE H 387 16.21 -7.46 62.19
N HIS H 388 16.75 -6.60 61.33
CA HIS H 388 17.77 -6.92 60.32
C HIS H 388 19.09 -6.25 60.73
N ILE H 389 20.20 -6.97 60.60
CA ILE H 389 21.57 -6.43 60.86
C ILE H 389 22.25 -6.23 59.50
N ARG H 390 22.84 -5.05 59.31
CA ARG H 390 23.57 -4.64 58.08
C ARG H 390 24.99 -4.19 58.47
N ASP H 391 25.93 -4.32 57.54
CA ASP H 391 27.28 -3.72 57.69
C ASP H 391 27.13 -2.22 57.44
N LEU H 392 27.55 -1.39 58.41
CA LEU H 392 27.48 0.08 58.31
C LEU H 392 28.21 0.60 57.06
N THR H 393 29.39 0.05 56.76
CA THR H 393 30.28 0.59 55.70
C THR H 393 29.67 0.33 54.33
N THR H 394 29.31 -0.92 54.03
CA THR H 394 28.87 -1.38 52.69
C THR H 394 27.34 -1.41 52.58
N GLY H 395 26.63 -1.59 53.70
CA GLY H 395 25.16 -1.78 53.72
C GLY H 395 24.79 -3.23 53.50
N LYS H 396 25.78 -4.12 53.33
CA LYS H 396 25.58 -5.56 53.01
C LYS H 396 24.78 -6.21 54.15
N PRO H 397 23.82 -7.13 53.84
CA PRO H 397 23.09 -7.84 54.88
C PRO H 397 23.94 -8.83 55.67
N LEU H 398 23.83 -8.82 57.01
CA LEU H 398 24.53 -9.73 57.95
C LEU H 398 23.53 -10.67 58.62
N GLY H 399 22.26 -10.59 58.24
CA GLY H 399 21.22 -11.55 58.67
C GLY H 399 20.22 -10.95 59.63
N ARG H 400 19.40 -11.81 60.21
CA ARG H 400 18.24 -11.49 61.07
C ARG H 400 18.57 -11.90 62.50
N ILE H 401 17.99 -11.23 63.50
CA ILE H 401 18.02 -11.68 64.92
C ILE H 401 16.59 -11.59 65.47
N PHE H 402 16.27 -12.43 66.46
CA PHE H 402 14.95 -12.49 67.12
C PHE H 402 13.86 -12.80 66.09
N GLU H 403 14.19 -13.54 65.02
CA GLU H 403 13.27 -13.95 63.93
C GLU H 403 12.07 -14.72 64.50
N ASP H 404 12.28 -15.45 65.59
CA ASP H 404 11.31 -16.38 66.22
C ASP H 404 10.28 -15.60 67.05
N LEU H 405 10.54 -14.33 67.38
CA LEU H 405 9.63 -13.51 68.22
C LEU H 405 8.73 -12.66 67.33
N LEU H 406 7.41 -12.78 67.51
CA LEU H 406 6.38 -12.06 66.71
C LEU H 406 5.66 -11.09 67.63
N GLY H 407 5.93 -9.80 67.45
CA GLY H 407 5.37 -8.71 68.28
C GLY H 407 6.08 -7.41 67.94
N GLN H 408 6.40 -6.62 68.97
CA GLN H 408 7.14 -5.35 68.77
C GLN H 408 8.41 -5.36 69.64
N PHE H 409 9.40 -4.58 69.24
CA PHE H 409 10.71 -4.44 69.91
C PHE H 409 10.97 -2.97 70.24
N MET H 410 11.58 -2.74 71.40
CA MET H 410 12.28 -1.47 71.74
C MET H 410 13.75 -1.84 71.92
N VAL H 411 14.64 -1.26 71.12
CA VAL H 411 16.11 -1.56 71.13
C VAL H 411 16.82 -0.45 71.90
N SER H 412 17.64 -0.79 72.91
CA SER H 412 18.52 0.16 73.61
C SER H 412 19.97 -0.28 73.45
N GLY H 413 20.89 0.70 73.38
CA GLY H 413 22.33 0.49 73.15
C GLY H 413 22.87 1.53 72.19
N ARG H 414 24.15 1.89 72.32
CA ARG H 414 24.76 2.98 71.54
C ARG H 414 25.82 2.40 70.61
N ARG H 415 26.31 3.23 69.69
CA ARG H 415 27.35 2.84 68.71
C ARG H 415 28.56 2.26 69.43
N GLN H 416 28.91 2.81 70.59
CA GLN H 416 30.17 2.47 71.32
C GLN H 416 30.00 1.16 72.11
N ASP H 417 28.77 0.64 72.28
CA ASP H 417 28.50 -0.58 73.09
C ASP H 417 28.46 -1.79 72.15
N ASN H 418 29.00 -2.92 72.62
CA ASN H 418 29.01 -4.19 71.83
C ASN H 418 27.66 -4.92 72.01
N ASP H 419 26.87 -4.51 72.99
CA ASP H 419 25.61 -5.16 73.42
C ASP H 419 24.40 -4.27 73.13
N ILE H 420 23.23 -4.89 72.92
CA ILE H 420 21.91 -4.23 72.96
C ILE H 420 21.06 -4.96 74.00
N PHE H 421 20.16 -4.21 74.62
CA PHE H 421 19.00 -4.75 75.38
C PHE H 421 17.76 -4.52 74.53
N VAL H 422 16.96 -5.56 74.32
CA VAL H 422 15.77 -5.57 73.43
C VAL H 422 14.56 -5.93 74.30
N LEU H 423 13.62 -4.99 74.46
CA LEU H 423 12.30 -5.23 75.12
C LEU H 423 11.34 -5.74 74.06
N PHE H 424 10.95 -6.99 74.15
CA PHE H 424 9.96 -7.67 73.29
C PHE H 424 8.62 -7.71 74.02
N SER H 425 7.53 -7.39 73.32
CA SER H 425 6.15 -7.49 73.86
C SER H 425 5.17 -7.86 72.73
N SER H 426 4.01 -8.36 73.12
CA SER H 426 2.88 -8.70 72.23
C SER H 426 1.56 -8.63 73.02
N PHE H 427 0.45 -9.06 72.44
CA PHE H 427 -0.85 -9.14 73.15
C PHE H 427 -0.73 -10.08 74.36
N LEU H 428 0.18 -11.07 74.27
CA LEU H 428 0.30 -12.16 75.25
C LEU H 428 1.60 -12.10 76.06
N SER H 429 2.59 -11.30 75.65
CA SER H 429 3.91 -11.18 76.32
C SER H 429 4.03 -9.78 76.92
N PRO H 430 3.95 -9.64 78.26
CA PRO H 430 3.99 -8.33 78.91
C PRO H 430 5.31 -7.55 78.76
N GLY H 431 6.42 -8.24 78.50
CA GLY H 431 7.74 -7.57 78.38
C GLY H 431 8.87 -8.51 78.76
N THR H 432 9.60 -8.97 77.77
CA THR H 432 10.83 -9.77 77.96
C THR H 432 12.01 -8.93 77.48
N VAL H 433 12.99 -8.69 78.35
CA VAL H 433 14.27 -7.99 78.01
C VAL H 433 15.29 -9.06 77.63
N TYR H 434 15.70 -9.09 76.36
CA TYR H 434 16.80 -9.93 75.84
C TYR H 434 18.07 -9.08 75.75
N ARG H 435 19.22 -9.70 76.02
CA ARG H 435 20.54 -9.14 75.71
C ARG H 435 21.00 -9.78 74.40
N TYR H 436 21.50 -8.99 73.46
CA TYR H 436 22.24 -9.50 72.29
C TYR H 436 23.63 -8.88 72.25
N THR H 437 24.65 -9.72 72.17
CA THR H 437 26.08 -9.33 72.11
C THR H 437 26.58 -9.61 70.69
N PHE H 438 27.01 -8.56 69.98
CA PHE H 438 27.50 -8.63 68.57
C PHE H 438 28.87 -9.31 68.58
N GLY H 439 29.14 -10.11 67.55
CA GLY H 439 30.41 -10.83 67.38
C GLY H 439 31.02 -10.58 66.01
N GLU H 440 31.98 -11.43 65.64
CA GLU H 440 32.73 -11.39 64.37
C GLU H 440 31.82 -11.93 63.25
N GLU H 441 31.35 -13.17 63.39
CA GLU H 441 30.57 -13.90 62.35
C GLU H 441 29.10 -13.98 62.80
N LYS H 442 28.84 -14.37 64.05
CA LYS H 442 27.50 -14.34 64.70
C LYS H 442 27.62 -13.72 66.09
N GLY H 443 26.47 -13.37 66.69
CA GLY H 443 26.37 -12.86 68.07
C GLY H 443 25.77 -13.91 68.99
N TYR H 444 25.49 -13.55 70.24
CA TYR H 444 24.88 -14.42 71.27
C TYR H 444 23.73 -13.66 71.93
N ARG H 445 22.60 -14.35 72.05
CA ARG H 445 21.33 -13.83 72.61
C ARG H 445 21.10 -14.53 73.96
N SER H 446 20.76 -13.77 74.99
CA SER H 446 20.33 -14.33 76.30
C SER H 446 19.03 -13.63 76.72
N LEU H 447 18.12 -14.37 77.36
CA LEU H 447 16.94 -13.80 78.08
C LEU H 447 17.47 -13.18 79.38
N PHE H 448 17.39 -11.85 79.51
CA PHE H 448 17.89 -11.12 80.70
C PHE H 448 16.82 -11.18 81.79
N ARG H 449 15.64 -10.57 81.55
CA ARG H 449 14.54 -10.52 82.54
C ARG H 449 13.19 -10.52 81.82
N ALA H 450 12.20 -11.14 82.45
CA ALA H 450 10.81 -11.23 81.93
C ALA H 450 9.86 -10.65 82.99
N ILE H 451 8.92 -9.83 82.55
CA ILE H 451 7.80 -9.38 83.41
C ILE H 451 6.93 -10.62 83.69
N SER H 452 6.53 -10.83 84.94
CA SER H 452 5.50 -11.85 85.31
C SER H 452 4.29 -11.16 85.93
N ILE H 453 3.09 -11.69 85.68
CA ILE H 453 1.83 -11.13 86.25
C ILE H 453 1.21 -12.20 87.14
N PRO H 454 1.27 -12.03 88.48
CA PRO H 454 0.59 -12.97 89.38
C PRO H 454 -0.93 -12.90 89.16
N GLY H 455 -1.58 -14.06 89.12
CA GLY H 455 -3.05 -14.15 89.05
C GLY H 455 -3.57 -13.84 87.64
N LEU H 456 -2.71 -13.76 86.64
CA LEU H 456 -3.11 -13.98 85.22
C LEU H 456 -2.26 -15.12 84.64
N ASN H 457 -2.94 -16.11 84.07
CA ASN H 457 -2.31 -17.25 83.37
C ASN H 457 -2.35 -16.95 81.86
N LEU H 458 -1.22 -16.50 81.30
CA LEU H 458 -1.12 -16.06 79.88
C LEU H 458 -1.34 -17.26 78.94
N ASP H 459 -1.12 -18.48 79.42
CA ASP H 459 -1.33 -19.73 78.64
C ASP H 459 -2.82 -19.98 78.40
N ASP H 460 -3.72 -19.28 79.09
CA ASP H 460 -5.19 -19.40 78.91
C ASP H 460 -5.67 -18.69 77.64
N PHE H 461 -4.80 -17.89 76.99
CA PHE H 461 -5.17 -16.98 75.88
C PHE H 461 -4.42 -17.40 74.60
N MET H 462 -4.94 -16.94 73.46
CA MET H 462 -4.31 -17.10 72.13
C MET H 462 -4.58 -15.84 71.31
N THR H 463 -3.72 -15.58 70.33
CA THR H 463 -3.88 -14.49 69.33
C THR H 463 -3.92 -15.14 67.94
N GLU H 464 -5.00 -14.96 67.19
CA GLU H 464 -5.14 -15.39 65.78
C GLU H 464 -4.79 -14.21 64.86
N SER H 465 -4.33 -14.51 63.65
CA SER H 465 -4.21 -13.59 62.51
C SER H 465 -5.23 -14.02 61.46
N VAL H 466 -6.19 -13.16 61.11
CA VAL H 466 -7.15 -13.39 60.00
C VAL H 466 -7.04 -12.25 59.00
N PHE H 467 -7.56 -12.48 57.79
CA PHE H 467 -7.66 -11.48 56.71
C PHE H 467 -9.13 -11.41 56.28
N TYR H 468 -9.66 -10.19 56.13
CA TYR H 468 -11.09 -9.96 55.76
C TYR H 468 -11.16 -8.92 54.64
N PRO H 469 -12.14 -9.02 53.73
CA PRO H 469 -12.35 -7.99 52.72
C PRO H 469 -13.09 -6.76 53.26
N SER H 470 -12.59 -5.58 52.96
CA SER H 470 -13.26 -4.29 53.23
C SER H 470 -14.37 -4.07 52.19
N LYS H 471 -15.17 -3.02 52.38
CA LYS H 471 -16.24 -2.60 51.44
C LYS H 471 -15.71 -2.60 50.00
N ASP H 472 -14.51 -2.07 49.74
CA ASP H 472 -13.96 -1.92 48.36
C ASP H 472 -13.20 -3.19 47.94
N GLY H 473 -13.22 -4.24 48.75
CA GLY H 473 -12.63 -5.55 48.40
C GLY H 473 -11.19 -5.70 48.87
N THR H 474 -10.59 -4.63 49.41
CA THR H 474 -9.20 -4.65 49.93
C THR H 474 -9.09 -5.65 51.08
N SER H 475 -8.07 -6.50 51.07
CA SER H 475 -7.76 -7.47 52.14
C SER H 475 -7.10 -6.75 53.33
N VAL H 476 -7.70 -6.86 54.51
CA VAL H 476 -7.22 -6.21 55.75
C VAL H 476 -6.85 -7.31 56.74
N HIS H 477 -5.69 -7.17 57.39
CA HIS H 477 -5.24 -8.07 58.47
C HIS H 477 -5.96 -7.69 59.78
N MET H 478 -6.27 -8.68 60.61
CA MET H 478 -6.84 -8.43 61.95
C MET H 478 -6.25 -9.44 62.96
N PHE H 479 -5.82 -8.93 64.11
CA PHE H 479 -5.44 -9.72 65.29
C PHE H 479 -6.70 -9.97 66.13
N ILE H 480 -6.90 -11.21 66.57
CA ILE H 480 -8.01 -11.60 67.49
C ILE H 480 -7.39 -12.31 68.69
N THR H 481 -7.43 -11.68 69.87
CA THR H 481 -6.98 -12.27 71.15
C THR H 481 -8.22 -12.73 71.92
N ARG H 482 -8.18 -13.95 72.46
CA ARG H 482 -9.33 -14.53 73.21
C ARG H 482 -8.85 -15.64 74.14
N PRO H 483 -9.67 -16.02 75.14
CA PRO H 483 -9.42 -17.25 75.90
C PRO H 483 -9.55 -18.42 74.93
N LYS H 484 -8.65 -19.40 75.06
CA LYS H 484 -8.61 -20.62 74.19
C LYS H 484 -9.96 -21.35 74.25
N ASP H 485 -10.63 -21.33 75.40
CA ASP H 485 -11.83 -22.15 75.70
C ASP H 485 -13.12 -21.38 75.38
N VAL H 486 -13.05 -20.14 74.88
CA VAL H 486 -14.27 -19.42 74.42
C VAL H 486 -14.70 -20.06 73.09
N LEU H 487 -15.99 -20.37 72.95
CA LEU H 487 -16.55 -21.01 71.73
C LEU H 487 -16.85 -19.92 70.69
N LEU H 488 -16.52 -20.19 69.43
CA LEU H 488 -16.91 -19.35 68.27
C LEU H 488 -18.28 -19.83 67.77
N ASP H 489 -19.33 -19.55 68.56
CA ASP H 489 -20.72 -20.00 68.29
C ASP H 489 -21.63 -18.77 68.15
N GLY H 490 -21.05 -17.59 67.90
CA GLY H 490 -21.77 -16.35 67.67
C GLY H 490 -22.41 -15.78 68.93
N THR H 491 -21.85 -16.05 70.12
CA THR H 491 -22.40 -15.57 71.42
C THR H 491 -21.43 -14.62 72.14
N SER H 492 -20.14 -14.66 71.84
CA SER H 492 -19.08 -13.93 72.59
C SER H 492 -19.25 -12.42 72.40
N PRO H 493 -19.05 -11.62 73.46
CA PRO H 493 -18.85 -10.18 73.30
C PRO H 493 -17.50 -9.89 72.61
N VAL H 494 -17.39 -8.73 71.97
CA VAL H 494 -16.14 -8.21 71.34
C VAL H 494 -15.83 -6.83 71.90
N LEU H 495 -14.57 -6.58 72.26
CA LEU H 495 -13.98 -5.23 72.38
C LEU H 495 -13.06 -5.03 71.17
N GLN H 496 -13.45 -4.12 70.27
CA GLN H 496 -12.75 -3.86 68.99
C GLN H 496 -12.15 -2.45 69.03
N TYR H 497 -10.82 -2.37 68.97
CA TYR H 497 -10.03 -1.13 69.14
C TYR H 497 -9.45 -0.74 67.77
N GLY H 498 -9.55 0.53 67.41
CA GLY H 498 -8.99 1.06 66.16
C GLY H 498 -8.43 2.45 66.33
N TYR H 499 -7.60 2.87 65.38
CA TYR H 499 -7.06 4.25 65.29
C TYR H 499 -7.26 4.68 63.83
N GLY H 500 -6.43 4.16 62.92
CA GLY H 500 -6.52 4.41 61.47
C GLY H 500 -6.09 5.83 61.11
N GLY H 501 -4.79 6.08 61.03
CA GLY H 501 -4.28 7.40 60.60
C GLY H 501 -2.85 7.68 60.99
N PHE H 502 -2.27 8.71 60.38
CA PHE H 502 -0.99 9.34 60.77
C PHE H 502 0.13 8.31 60.68
N SER H 503 0.00 7.29 59.83
CA SER H 503 1.01 6.22 59.60
C SER H 503 1.33 5.51 60.91
N LEU H 504 0.41 5.51 61.88
CA LEU H 504 0.58 4.84 63.20
C LEU H 504 0.03 3.40 63.08
N ALA H 505 0.89 2.41 63.19
CA ALA H 505 0.54 0.97 63.12
C ALA H 505 -0.08 0.55 64.46
N MET H 506 -1.11 -0.31 64.43
CA MET H 506 -1.63 -1.00 65.65
C MET H 506 -0.87 -2.32 65.80
N LEU H 507 0.21 -2.30 66.56
CA LEU H 507 1.14 -3.43 66.77
C LEU H 507 0.62 -4.31 67.89
N PRO H 508 1.00 -5.60 67.94
CA PRO H 508 0.80 -6.41 69.14
C PRO H 508 1.37 -5.64 70.32
N THR H 509 0.53 -5.38 71.32
CA THR H 509 0.82 -4.48 72.45
C THR H 509 0.19 -5.13 73.67
N PHE H 510 0.88 -5.13 74.81
CA PHE H 510 0.38 -5.79 76.03
C PHE H 510 -0.50 -4.82 76.80
N SER H 511 -1.72 -5.23 77.10
CA SER H 511 -2.59 -4.53 78.09
C SER H 511 -3.23 -5.57 79.01
N LEU H 512 -2.84 -5.56 80.28
CA LEU H 512 -3.44 -6.42 81.30
C LEU H 512 -4.98 -6.22 81.30
N SER H 513 -5.44 -4.98 81.26
CA SER H 513 -6.89 -4.64 81.35
C SER H 513 -7.69 -5.41 80.30
N THR H 514 -7.20 -5.39 79.06
CA THR H 514 -7.88 -6.02 77.91
C THR H 514 -8.00 -7.54 78.14
N LEU H 515 -6.96 -8.20 78.67
CA LEU H 515 -6.99 -9.66 78.93
C LEU H 515 -7.99 -9.95 80.07
N LEU H 516 -8.07 -9.08 81.08
CA LEU H 516 -9.07 -9.21 82.18
C LEU H 516 -10.49 -9.06 81.59
N PHE H 517 -10.68 -8.15 80.64
CA PHE H 517 -11.97 -8.00 79.93
C PHE H 517 -12.31 -9.34 79.26
N CYS H 518 -11.35 -9.91 78.54
CA CYS H 518 -11.53 -11.20 77.80
C CYS H 518 -11.89 -12.32 78.78
N LYS H 519 -11.20 -12.39 79.93
CA LYS H 519 -11.37 -13.47 80.93
C LYS H 519 -12.74 -13.31 81.61
N ILE H 520 -13.00 -12.12 82.17
CA ILE H 520 -14.18 -11.84 83.03
C ILE H 520 -15.48 -11.91 82.21
N TYR H 521 -15.46 -11.52 80.93
CA TYR H 521 -16.69 -11.48 80.08
C TYR H 521 -16.63 -12.55 78.98
N ARG H 522 -15.64 -13.43 79.00
CA ARG H 522 -15.54 -14.55 78.01
C ARG H 522 -15.58 -13.91 76.62
N ALA H 523 -14.78 -12.85 76.44
CA ALA H 523 -14.88 -11.93 75.28
C ALA H 523 -13.63 -12.07 74.41
N ILE H 524 -13.72 -11.52 73.20
CA ILE H 524 -12.66 -11.45 72.16
C ILE H 524 -12.18 -9.99 72.08
N TYR H 525 -10.87 -9.78 71.88
CA TYR H 525 -10.23 -8.46 71.67
C TYR H 525 -9.72 -8.40 70.25
N ALA H 526 -10.37 -7.58 69.41
CA ALA H 526 -10.10 -7.49 67.96
C ALA H 526 -9.34 -6.20 67.64
N ILE H 527 -8.25 -6.34 66.88
CA ILE H 527 -7.42 -5.21 66.39
C ILE H 527 -7.33 -5.35 64.87
N PRO H 528 -8.28 -4.77 64.12
CA PRO H 528 -8.17 -4.72 62.65
C PRO H 528 -7.13 -3.66 62.26
N ASN H 529 -6.17 -4.05 61.42
CA ASN H 529 -5.07 -3.18 60.93
C ASN H 529 -5.57 -2.35 59.76
N ILE H 530 -6.52 -1.46 60.04
CA ILE H 530 -7.27 -0.68 59.02
C ILE H 530 -6.32 0.34 58.37
N ARG H 531 -6.72 0.83 57.19
CA ARG H 531 -5.96 1.86 56.45
C ARG H 531 -5.83 3.11 57.32
N GLY H 532 -4.89 3.97 56.97
CA GLY H 532 -4.47 5.14 57.77
C GLY H 532 -3.18 4.86 58.53
N GLY H 533 -2.96 3.60 58.92
CA GLY H 533 -1.74 3.13 59.57
C GLY H 533 -0.64 2.85 58.58
N SER H 534 0.52 2.42 59.08
CA SER H 534 1.70 2.06 58.26
C SER H 534 1.88 0.54 58.16
N GLU H 535 0.88 -0.25 58.56
CA GLU H 535 1.01 -1.74 58.61
C GLU H 535 1.51 -2.29 57.27
N TYR H 536 0.99 -1.81 56.13
CA TYR H 536 1.41 -2.29 54.79
C TYR H 536 2.12 -1.13 54.08
N GLY H 537 2.94 -0.38 54.81
CA GLY H 537 3.79 0.69 54.26
C GLY H 537 3.05 2.01 54.21
N GLU H 538 3.71 3.04 53.68
CA GLU H 538 3.16 4.42 53.69
C GLU H 538 1.92 4.47 52.77
N SER H 539 1.84 3.64 51.73
CA SER H 539 0.66 3.58 50.83
C SER H 539 -0.60 3.19 51.63
N TRP H 540 -0.46 2.45 52.73
CA TRP H 540 -1.58 2.06 53.61
C TRP H 540 -2.15 3.31 54.30
N HIS H 541 -1.29 4.26 54.65
CA HIS H 541 -1.67 5.60 55.20
C HIS H 541 -2.35 6.42 54.11
N ARG H 542 -1.76 6.50 52.91
CA ARG H 542 -2.27 7.34 51.79
C ARG H 542 -3.69 6.88 51.40
N GLU H 543 -3.99 5.58 51.55
CA GLU H 543 -5.30 5.00 51.18
C GLU H 543 -6.31 5.20 52.31
N GLY H 544 -5.97 5.89 53.38
CA GLY H 544 -6.82 6.11 54.57
C GLY H 544 -6.71 7.53 55.10
N MET H 545 -6.55 8.50 54.21
CA MET H 545 -6.45 9.94 54.59
C MET H 545 -7.15 10.81 53.54
N LEU H 546 -7.42 12.07 53.88
CA LEU H 546 -7.99 13.08 52.97
C LEU H 546 -9.31 12.54 52.39
N ASP H 547 -9.48 12.52 51.07
CA ASP H 547 -10.73 12.08 50.39
C ASP H 547 -10.92 10.56 50.57
N LYS H 548 -9.93 9.83 51.13
CA LYS H 548 -10.02 8.35 51.33
C LYS H 548 -10.11 8.03 52.83
N LYS H 549 -10.34 9.03 53.69
CA LYS H 549 -10.54 8.78 55.14
C LYS H 549 -11.70 7.80 55.31
N GLN H 550 -12.73 7.89 54.46
CA GLN H 550 -13.91 7.00 54.50
C GLN H 550 -13.47 5.54 54.48
N ASN H 551 -12.38 5.20 53.78
CA ASN H 551 -11.84 3.80 53.70
C ASN H 551 -11.56 3.27 55.11
N VAL H 552 -11.09 4.12 56.01
CA VAL H 552 -10.73 3.74 57.41
C VAL H 552 -12.00 3.25 58.11
N PHE H 553 -13.09 4.01 58.01
CA PHE H 553 -14.38 3.69 58.64
C PHE H 553 -14.94 2.40 58.02
N ASP H 554 -14.85 2.29 56.69
CA ASP H 554 -15.33 1.09 55.94
C ASP H 554 -14.53 -0.13 56.40
N ASP H 555 -13.21 -0.01 56.57
CA ASP H 555 -12.35 -1.13 57.04
C ASP H 555 -12.86 -1.58 58.42
N PHE H 556 -13.14 -0.64 59.31
CA PHE H 556 -13.50 -0.93 60.72
C PHE H 556 -14.87 -1.60 60.77
N ASN H 557 -15.84 -1.07 60.01
CA ASN H 557 -17.21 -1.61 59.90
C ASN H 557 -17.14 -3.04 59.36
N ALA H 558 -16.36 -3.27 58.30
CA ALA H 558 -16.20 -4.59 57.65
C ALA H 558 -15.60 -5.60 58.64
N ALA H 559 -14.71 -5.17 59.53
CA ALA H 559 -14.12 -6.02 60.58
C ALA H 559 -15.27 -6.55 61.46
N THR H 560 -16.13 -5.66 61.94
CA THR H 560 -17.28 -6.03 62.81
C THR H 560 -18.21 -6.99 62.05
N GLU H 561 -18.56 -6.68 60.80
CA GLU H 561 -19.48 -7.52 59.98
C GLU H 561 -18.85 -8.91 59.82
N TRP H 562 -17.53 -8.97 59.65
CA TRP H 562 -16.81 -10.25 59.49
C TRP H 562 -16.88 -11.07 60.79
N LEU H 563 -16.64 -10.44 61.94
CA LEU H 563 -16.67 -11.10 63.26
C LEU H 563 -18.05 -11.72 63.50
N ILE H 564 -19.13 -11.00 63.14
CA ILE H 564 -20.54 -11.48 63.30
C ILE H 564 -20.80 -12.63 62.32
N ALA H 565 -20.43 -12.46 61.04
CA ALA H 565 -20.73 -13.40 59.94
C ALA H 565 -20.01 -14.74 60.18
N ASN H 566 -18.82 -14.73 60.79
CA ASN H 566 -17.98 -15.93 61.00
C ASN H 566 -18.13 -16.43 62.44
N LYS H 567 -19.14 -15.92 63.17
CA LYS H 567 -19.62 -16.42 64.50
C LYS H 567 -18.52 -16.27 65.56
N TYR H 568 -17.60 -15.32 65.40
CA TYR H 568 -16.66 -14.93 66.48
C TYR H 568 -17.43 -14.19 67.57
N ALA H 569 -18.46 -13.42 67.17
CA ALA H 569 -19.13 -12.44 68.04
C ALA H 569 -20.64 -12.46 67.81
N SER H 570 -21.40 -12.20 68.88
CA SER H 570 -22.85 -11.90 68.82
C SER H 570 -23.07 -10.54 68.15
N LYS H 571 -24.00 -10.44 67.20
CA LYS H 571 -24.46 -9.16 66.59
C LYS H 571 -24.86 -8.15 67.69
N ASP H 572 -25.22 -8.61 68.88
CA ASP H 572 -25.78 -7.75 69.96
C ASP H 572 -24.71 -7.37 70.99
N ARG H 573 -23.45 -7.77 70.82
CA ARG H 573 -22.42 -7.55 71.88
C ARG H 573 -21.10 -7.04 71.29
N ILE H 574 -21.16 -6.11 70.32
CA ILE H 574 -19.95 -5.45 69.77
C ILE H 574 -19.72 -4.14 70.52
N ALA H 575 -18.61 -4.03 71.25
CA ALA H 575 -18.12 -2.76 71.82
C ALA H 575 -16.93 -2.27 70.99
N ILE H 576 -16.93 -0.99 70.62
CA ILE H 576 -15.79 -0.38 69.88
C ILE H 576 -15.17 0.73 70.73
N ARG H 577 -13.89 0.97 70.48
CA ARG H 577 -13.02 1.82 71.32
C ARG H 577 -12.04 2.56 70.42
N GLY H 578 -11.75 3.80 70.73
CA GLY H 578 -10.82 4.66 69.96
C GLY H 578 -10.54 5.94 70.71
N GLY H 579 -9.35 6.52 70.50
CA GLY H 579 -8.91 7.75 71.17
C GLY H 579 -8.31 8.73 70.18
N ALA H 580 -8.60 10.03 70.35
CA ALA H 580 -8.06 11.14 69.54
C ALA H 580 -8.48 10.96 68.08
N ASN H 581 -7.56 10.68 67.16
CA ASN H 581 -7.92 10.34 65.76
C ASN H 581 -8.83 9.10 65.75
N GLY H 582 -8.64 8.19 66.71
CA GLY H 582 -9.50 7.00 66.89
C GLY H 582 -10.93 7.39 67.28
N GLY H 583 -11.12 8.58 67.85
CA GLY H 583 -12.46 9.14 68.16
C GLY H 583 -13.19 9.59 66.90
N VAL H 584 -12.46 9.96 65.84
CA VAL H 584 -13.08 10.21 64.51
C VAL H 584 -13.70 8.89 64.06
N LEU H 585 -12.94 7.81 64.21
CA LEU H 585 -13.33 6.43 63.82
C LEU H 585 -14.59 5.99 64.58
N THR H 586 -14.60 6.11 65.91
CA THR H 586 -15.71 5.58 66.75
C THR H 586 -16.98 6.39 66.47
N THR H 587 -16.88 7.72 66.40
CA THR H 587 -18.06 8.61 66.19
C THR H 587 -18.58 8.45 64.76
N ALA H 588 -17.70 8.35 63.75
CA ALA H 588 -18.11 8.18 62.34
C ALA H 588 -18.80 6.81 62.17
N CYS H 589 -18.21 5.73 62.70
CA CYS H 589 -18.78 4.37 62.59
C CYS H 589 -20.12 4.28 63.30
N ALA H 590 -20.27 4.91 64.46
CA ALA H 590 -21.54 4.97 65.22
C ALA H 590 -22.61 5.66 64.35
N ASN H 591 -22.25 6.74 63.67
CA ASN H 591 -23.14 7.48 62.75
C ASN H 591 -23.54 6.62 61.54
N GLN H 592 -22.59 5.91 60.94
CA GLN H 592 -22.79 5.30 59.60
C GLN H 592 -23.34 3.88 59.71
N ALA H 593 -23.18 3.20 60.85
CA ALA H 593 -23.68 1.82 61.06
C ALA H 593 -24.04 1.64 62.53
N PRO H 594 -24.99 2.43 63.05
CA PRO H 594 -25.32 2.38 64.47
C PRO H 594 -25.81 0.99 64.90
N GLY H 595 -26.43 0.24 63.98
CA GLY H 595 -27.00 -1.11 64.21
C GLY H 595 -25.94 -2.18 64.44
N LEU H 596 -24.70 -1.96 64.04
CA LEU H 596 -23.59 -2.94 64.24
C LEU H 596 -23.13 -2.97 65.69
N TYR H 597 -23.22 -1.84 66.39
CA TYR H 597 -22.50 -1.60 67.67
C TYR H 597 -23.50 -1.57 68.80
N ARG H 598 -23.13 -2.12 69.94
CA ARG H 598 -23.93 -2.05 71.19
C ARG H 598 -23.29 -1.09 72.19
N CYS H 599 -22.02 -0.75 72.03
CA CYS H 599 -21.33 0.16 72.97
C CYS H 599 -20.15 0.81 72.24
N VAL H 600 -20.01 2.12 72.42
CA VAL H 600 -18.98 2.94 71.75
C VAL H 600 -18.25 3.73 72.83
N ILE H 601 -16.95 3.47 72.96
CA ILE H 601 -16.04 4.18 73.91
C ILE H 601 -15.17 5.14 73.08
N THR H 602 -15.27 6.43 73.37
CA THR H 602 -14.48 7.49 72.69
C THR H 602 -13.62 8.18 73.76
N ILE H 603 -12.31 8.20 73.54
CA ILE H 603 -11.32 8.83 74.47
C ILE H 603 -10.79 10.09 73.79
N GLU H 604 -10.99 11.27 74.39
CA GLU H 604 -10.42 12.55 73.90
C GLU H 604 -10.60 12.61 72.39
N GLY H 605 -11.86 12.44 71.93
CA GLY H 605 -12.16 12.30 70.50
C GLY H 605 -11.98 13.60 69.74
N ILE H 606 -11.47 13.49 68.51
CA ILE H 606 -11.61 14.54 67.46
C ILE H 606 -12.91 14.23 66.72
N ILE H 607 -13.85 15.17 66.68
CA ILE H 607 -15.25 14.90 66.25
C ILE H 607 -15.75 16.00 65.30
N ASP H 608 -15.51 17.28 65.62
CA ASP H 608 -15.85 18.41 64.72
C ASP H 608 -14.75 18.56 63.67
N MET H 609 -14.95 17.99 62.49
CA MET H 609 -13.93 17.97 61.41
C MET H 609 -13.96 19.24 60.57
N LEU H 610 -14.81 20.22 60.90
CA LEU H 610 -14.80 21.57 60.27
C LEU H 610 -14.02 22.55 61.14
N ARG H 611 -14.14 22.45 62.46
CA ARG H 611 -13.62 23.48 63.40
C ARG H 611 -12.25 23.09 63.98
N PHE H 612 -11.77 21.87 63.73
CA PHE H 612 -10.56 21.32 64.39
C PHE H 612 -9.36 22.26 64.23
N PRO H 613 -9.11 22.94 63.08
CA PRO H 613 -7.93 23.78 62.92
C PRO H 613 -7.84 25.01 63.85
N LYS H 614 -8.96 25.43 64.44
CA LYS H 614 -9.05 26.71 65.19
C LYS H 614 -8.53 26.54 66.62
N PHE H 615 -8.18 25.33 67.05
CA PHE H 615 -7.87 25.04 68.48
C PHE H 615 -6.52 24.30 68.60
N THR H 616 -5.72 24.75 69.58
CA THR H 616 -4.37 24.27 69.98
C THR H 616 -3.60 23.74 68.76
N PHE H 617 -3.43 22.43 68.61
CA PHE H 617 -2.51 21.81 67.62
C PHE H 617 -3.30 21.29 66.41
N GLY H 618 -4.60 21.62 66.35
CA GLY H 618 -5.51 21.04 65.34
C GLY H 618 -5.12 21.42 63.92
N ALA H 619 -4.59 22.62 63.68
CA ALA H 619 -4.25 23.10 62.32
C ALA H 619 -3.28 22.11 61.66
N SER H 620 -2.39 21.51 62.44
CA SER H 620 -1.39 20.52 61.94
C SER H 620 -2.10 19.30 61.32
N TRP H 621 -3.33 18.98 61.74
CA TRP H 621 -4.07 17.77 61.25
C TRP H 621 -4.62 17.97 59.84
N ARG H 622 -4.51 19.18 59.28
CA ARG H 622 -5.04 19.48 57.92
C ARG H 622 -4.36 18.61 56.85
N SER H 623 -3.12 18.18 57.06
CA SER H 623 -2.41 17.25 56.13
C SER H 623 -3.12 15.89 56.08
N GLU H 624 -3.79 15.50 57.18
CA GLU H 624 -4.42 14.17 57.33
C GLU H 624 -5.88 14.22 56.86
N TYR H 625 -6.66 15.18 57.38
CA TYR H 625 -8.13 15.26 57.19
C TYR H 625 -8.48 16.14 56.00
N GLY H 626 -7.60 17.08 55.65
CA GLY H 626 -7.88 18.12 54.65
C GLY H 626 -8.11 19.45 55.33
N ASP H 627 -8.22 20.51 54.54
CA ASP H 627 -8.46 21.89 55.05
C ASP H 627 -9.94 22.18 54.88
N PRO H 628 -10.72 22.26 55.97
CA PRO H 628 -12.16 22.51 55.86
C PRO H 628 -12.50 23.85 55.19
N GLU H 629 -11.58 24.80 55.16
CA GLU H 629 -11.75 26.13 54.50
C GLU H 629 -11.31 26.09 53.04
N ASP H 630 -10.91 24.92 52.52
CA ASP H 630 -10.66 24.72 51.08
C ASP H 630 -11.96 24.13 50.48
N PRO H 631 -12.44 24.66 49.34
CA PRO H 631 -13.72 24.24 48.79
C PRO H 631 -13.81 22.74 48.41
N GLU H 632 -12.74 22.19 47.84
CA GLU H 632 -12.68 20.76 47.42
C GLU H 632 -12.68 19.86 48.66
N ASP H 633 -11.83 20.19 49.63
CA ASP H 633 -11.67 19.43 50.90
C ASP H 633 -12.97 19.48 51.70
N PHE H 634 -13.64 20.63 51.74
CA PHE H 634 -14.90 20.79 52.50
C PHE H 634 -15.87 19.66 52.14
N ASP H 635 -16.07 19.39 50.85
CA ASP H 635 -17.12 18.46 50.36
C ASP H 635 -16.85 17.05 50.91
N PHE H 636 -15.61 16.55 50.84
CA PHE H 636 -15.32 15.16 51.30
C PHE H 636 -15.28 15.12 52.84
N ILE H 637 -14.84 16.19 53.52
CA ILE H 637 -14.83 16.24 55.01
C ILE H 637 -16.27 16.25 55.50
N PHE H 638 -17.11 17.09 54.92
CA PHE H 638 -18.52 17.29 55.36
C PHE H 638 -19.31 15.98 55.27
N LYS H 639 -19.00 15.13 54.30
CA LYS H 639 -19.65 13.81 54.10
C LYS H 639 -19.55 12.94 55.36
N TYR H 640 -18.44 12.95 56.11
CA TYR H 640 -18.24 12.04 57.27
C TYR H 640 -18.13 12.80 58.59
N SER H 641 -17.79 14.10 58.60
CA SER H 641 -17.56 14.86 59.86
C SER H 641 -18.58 14.38 60.89
N PRO H 642 -18.20 13.58 61.90
CA PRO H 642 -19.18 12.94 62.77
C PRO H 642 -20.12 13.93 63.46
N TYR H 643 -19.62 15.10 63.86
CA TYR H 643 -20.43 16.15 64.53
C TYR H 643 -21.58 16.60 63.62
N HIS H 644 -21.43 16.50 62.30
CA HIS H 644 -22.38 17.03 61.29
C HIS H 644 -23.20 15.91 60.65
N ASN H 645 -23.07 14.65 61.09
CA ASN H 645 -23.73 13.50 60.41
C ASN H 645 -24.39 12.57 61.43
N ILE H 646 -24.78 13.08 62.59
CA ILE H 646 -25.61 12.29 63.55
C ILE H 646 -26.86 11.85 62.80
N PRO H 647 -27.25 10.56 62.79
CA PRO H 647 -28.37 10.13 61.96
C PRO H 647 -29.68 10.72 62.46
N PRO H 648 -30.67 10.96 61.58
CA PRO H 648 -32.01 11.37 62.02
C PRO H 648 -32.60 10.35 63.00
N PRO H 649 -33.29 10.78 64.08
CA PRO H 649 -33.70 9.86 65.13
C PRO H 649 -34.74 8.81 64.67
N GLY H 650 -35.49 9.09 63.61
CA GLY H 650 -36.69 8.33 63.21
C GLY H 650 -36.46 6.85 62.93
N ASP H 651 -35.32 6.48 62.33
CA ASP H 651 -35.08 5.07 61.93
C ASP H 651 -33.65 4.65 62.31
N THR H 652 -33.18 5.12 63.45
CA THR H 652 -31.89 4.77 64.07
C THR H 652 -32.07 4.55 65.58
N VAL H 653 -31.51 3.45 66.08
CA VAL H 653 -31.26 3.22 67.53
C VAL H 653 -29.76 3.43 67.74
N MET H 654 -29.36 4.53 68.38
CA MET H 654 -27.93 4.82 68.68
C MET H 654 -27.45 3.82 69.71
N PRO H 655 -26.23 3.24 69.57
CA PRO H 655 -25.67 2.44 70.64
C PRO H 655 -25.46 3.30 71.88
N ALA H 656 -25.32 2.66 73.04
CA ALA H 656 -24.81 3.29 74.27
C ALA H 656 -23.42 3.87 73.97
N MET H 657 -23.15 5.09 74.45
CA MET H 657 -21.89 5.80 74.12
C MET H 657 -21.35 6.44 75.39
N LEU H 658 -20.06 6.22 75.65
CA LEU H 658 -19.35 6.83 76.79
C LEU H 658 -18.16 7.61 76.22
N PHE H 659 -18.12 8.91 76.51
CA PHE H 659 -17.03 9.81 76.08
C PHE H 659 -16.18 10.14 77.29
N PHE H 660 -14.88 9.86 77.21
CA PHE H 660 -13.86 10.26 78.22
C PHE H 660 -13.22 11.54 77.72
N THR H 661 -13.08 12.52 78.60
CA THR H 661 -12.29 13.75 78.34
C THR H 661 -11.92 14.36 79.69
N ALA H 662 -10.84 15.12 79.72
CA ALA H 662 -10.54 16.10 80.80
C ALA H 662 -11.30 17.40 80.47
N ALA H 663 -11.50 18.26 81.48
CA ALA H 663 -12.09 19.60 81.33
C ALA H 663 -11.09 20.51 80.60
N TYR H 664 -9.78 20.31 80.86
CA TYR H 664 -8.64 20.97 80.16
C TYR H 664 -7.78 19.90 79.49
N ASP H 665 -7.58 20.04 78.17
CA ASP H 665 -6.67 19.15 77.39
C ASP H 665 -6.16 19.94 76.19
N ASP H 666 -4.84 20.11 76.08
CA ASP H 666 -4.17 20.83 74.96
C ASP H 666 -4.11 19.96 73.71
N ARG H 667 -3.97 18.64 73.89
CA ARG H 667 -3.72 17.66 72.80
C ARG H 667 -4.98 17.61 71.89
N VAL H 668 -6.15 17.39 72.49
CA VAL H 668 -7.46 17.49 71.79
C VAL H 668 -8.40 18.32 72.67
N SER H 669 -8.80 19.50 72.17
CA SER H 669 -9.71 20.42 72.91
C SER H 669 -10.99 19.68 73.26
N PRO H 670 -11.39 19.67 74.55
CA PRO H 670 -12.59 18.96 74.99
C PRO H 670 -13.89 19.41 74.31
N LEU H 671 -13.89 20.59 73.68
CA LEU H 671 -15.08 21.11 72.93
C LEU H 671 -15.58 20.06 71.93
N HIS H 672 -14.69 19.24 71.36
CA HIS H 672 -15.10 18.18 70.40
C HIS H 672 -16.13 17.27 71.08
N THR H 673 -15.78 16.76 72.27
CA THR H 673 -16.66 15.90 73.09
C THR H 673 -17.90 16.68 73.55
N PHE H 674 -17.70 17.87 74.13
CA PHE H 674 -18.79 18.71 74.69
C PHE H 674 -19.94 18.85 73.67
N LYS H 675 -19.61 19.29 72.46
CA LYS H 675 -20.62 19.63 71.43
C LYS H 675 -21.29 18.33 70.94
N HIS H 676 -20.53 17.28 70.69
CA HIS H 676 -21.09 16.02 70.12
C HIS H 676 -22.01 15.36 71.15
N VAL H 677 -21.66 15.39 72.44
CA VAL H 677 -22.51 14.83 73.52
C VAL H 677 -23.82 15.62 73.57
N ALA H 678 -23.75 16.96 73.52
CA ALA H 678 -24.92 17.85 73.50
C ALA H 678 -25.83 17.46 72.31
N ALA H 679 -25.25 17.36 71.12
CA ALA H 679 -25.98 17.12 69.85
C ALA H 679 -26.60 15.71 69.87
N LEU H 680 -25.89 14.71 70.38
CA LEU H 680 -26.42 13.32 70.46
C LEU H 680 -27.61 13.27 71.41
N GLN H 681 -27.48 13.92 72.59
CA GLN H 681 -28.55 13.94 73.63
C GLN H 681 -29.77 14.71 73.09
N HIS H 682 -29.55 15.76 72.30
CA HIS H 682 -30.63 16.55 71.66
C HIS H 682 -31.36 15.69 70.61
N ASN H 683 -30.61 14.97 69.79
CA ASN H 683 -31.14 14.13 68.67
C ASN H 683 -31.89 12.91 69.23
N PHE H 684 -31.40 12.34 70.33
CA PHE H 684 -31.91 11.09 70.95
C PHE H 684 -32.22 11.33 72.42
N PRO H 685 -33.20 12.21 72.74
CA PRO H 685 -33.44 12.58 74.13
C PRO H 685 -34.03 11.47 75.00
N LYS H 686 -34.55 10.40 74.38
CA LYS H 686 -35.20 9.26 75.08
C LYS H 686 -34.30 8.02 75.05
N GLY H 687 -33.04 8.13 74.59
CA GLY H 687 -32.19 6.95 74.37
C GLY H 687 -32.70 6.11 73.18
N PRO H 688 -33.01 4.80 73.36
CA PRO H 688 -33.06 4.15 74.67
C PRO H 688 -31.71 3.88 75.37
N ASN H 689 -30.60 4.03 74.66
CA ASN H 689 -29.23 3.76 75.19
C ASN H 689 -28.55 5.08 75.54
N PRO H 690 -27.99 5.21 76.76
CA PRO H 690 -27.47 6.49 77.23
C PRO H 690 -26.21 6.93 76.49
N CYS H 691 -26.08 8.24 76.32
CA CYS H 691 -24.88 8.96 75.82
C CYS H 691 -24.32 9.82 76.96
N LEU H 692 -23.17 9.41 77.52
CA LEU H 692 -22.63 9.97 78.77
C LEU H 692 -21.26 10.60 78.52
N MET H 693 -20.93 11.64 79.27
CA MET H 693 -19.58 12.24 79.30
C MET H 693 -18.97 12.01 80.68
N ARG H 694 -17.89 11.23 80.71
CA ARG H 694 -17.09 10.92 81.92
C ARG H 694 -15.93 11.92 81.99
N ILE H 695 -16.00 12.89 82.89
CA ILE H 695 -15.10 14.08 82.96
C ILE H 695 -14.13 13.93 84.15
N ASP H 696 -12.84 14.14 83.91
CA ASP H 696 -11.81 14.46 84.95
C ASP H 696 -11.69 15.99 85.06
N LEU H 697 -11.93 16.56 86.25
CA LEU H 697 -11.84 18.03 86.48
C LEU H 697 -10.40 18.46 86.83
N ASN H 698 -9.44 17.51 86.98
CA ASN H 698 -8.13 17.80 87.63
C ASN H 698 -7.08 18.25 86.61
N SER H 699 -6.42 19.37 86.93
CA SER H 699 -5.35 20.06 86.15
C SER H 699 -4.01 19.35 86.37
N GLY H 700 -3.08 19.53 85.44
CA GLY H 700 -1.74 18.90 85.46
C GLY H 700 -1.54 17.99 84.25
N HIS H 701 -0.29 17.71 83.92
CA HIS H 701 0.13 16.82 82.79
C HIS H 701 -0.62 15.49 82.88
N PHE H 702 -0.94 14.89 81.72
CA PHE H 702 -1.46 13.49 81.60
C PHE H 702 -0.42 12.48 82.11
N ALA H 703 0.87 12.69 81.85
CA ALA H 703 1.99 11.85 82.34
C ALA H 703 1.96 11.73 83.88
N GLY H 704 1.45 12.75 84.58
CA GLY H 704 1.19 12.74 86.03
C GLY H 704 -0.22 12.27 86.40
N LYS H 705 -0.95 11.58 85.52
CA LYS H 705 -2.24 10.92 85.85
C LYS H 705 -1.97 9.63 86.64
N SER H 706 -2.49 9.53 87.86
CA SER H 706 -2.08 8.47 88.84
C SER H 706 -2.57 7.11 88.31
N THR H 707 -1.92 6.04 88.74
CA THR H 707 -2.38 4.64 88.50
C THR H 707 -3.84 4.50 88.93
N GLN H 708 -4.21 5.06 90.08
CA GLN H 708 -5.58 4.93 90.66
C GLN H 708 -6.61 5.57 89.73
N GLU H 709 -6.32 6.71 89.13
CA GLU H 709 -7.22 7.41 88.16
C GLU H 709 -7.36 6.57 86.89
N MET H 710 -6.28 5.99 86.40
CA MET H 710 -6.27 5.09 85.21
C MET H 710 -7.20 3.90 85.47
N LEU H 711 -7.14 3.33 86.68
CA LEU H 711 -7.95 2.15 87.09
C LEU H 711 -9.43 2.55 87.17
N GLU H 712 -9.73 3.71 87.75
CA GLU H 712 -11.12 4.26 87.90
C GLU H 712 -11.71 4.51 86.51
N GLU H 713 -10.94 5.05 85.57
CA GLU H 713 -11.37 5.25 84.16
C GLU H 713 -11.69 3.89 83.53
N THR H 714 -10.82 2.89 83.73
CA THR H 714 -10.99 1.54 83.13
C THR H 714 -12.22 0.85 83.75
N ALA H 715 -12.43 1.02 85.05
CA ALA H 715 -13.57 0.44 85.80
C ALA H 715 -14.89 1.06 85.27
N ASP H 716 -14.92 2.38 85.04
CA ASP H 716 -16.06 3.08 84.40
C ASP H 716 -16.28 2.51 83.00
N GLU H 717 -15.22 2.36 82.20
CA GLU H 717 -15.35 1.87 80.80
C GLU H 717 -15.92 0.45 80.79
N TYR H 718 -15.32 -0.47 81.56
CA TYR H 718 -15.67 -1.91 81.50
C TYR H 718 -17.07 -2.13 82.10
N SER H 719 -17.41 -1.48 83.22
CA SER H 719 -18.73 -1.62 83.89
C SER H 719 -19.83 -1.06 82.95
N PHE H 720 -19.54 0.04 82.26
CA PHE H 720 -20.46 0.66 81.27
C PHE H 720 -20.65 -0.31 80.09
N ILE H 721 -19.58 -0.91 79.58
CA ILE H 721 -19.71 -1.89 78.45
C ILE H 721 -20.56 -3.07 78.94
N GLY H 722 -20.25 -3.58 80.15
CA GLY H 722 -20.99 -4.70 80.77
C GLY H 722 -22.47 -4.42 80.87
N LYS H 723 -22.84 -3.27 81.43
CA LYS H 723 -24.25 -2.82 81.57
C LYS H 723 -24.88 -2.69 80.17
N SER H 724 -24.20 -1.98 79.25
CA SER H 724 -24.71 -1.64 77.89
C SER H 724 -25.00 -2.91 77.08
N MET H 725 -24.21 -3.97 77.26
CA MET H 725 -24.29 -5.17 76.38
C MET H 725 -24.89 -6.35 77.15
N GLY H 726 -25.39 -6.13 78.38
CA GLY H 726 -26.07 -7.16 79.20
C GLY H 726 -25.14 -8.26 79.67
N LEU H 727 -23.89 -7.96 80.01
CA LEU H 727 -22.87 -8.99 80.38
C LEU H 727 -22.85 -9.15 81.90
N THR H 728 -22.67 -10.39 82.37
CA THR H 728 -22.39 -10.73 83.78
C THR H 728 -20.90 -11.02 83.95
N MET H 729 -20.28 -10.49 85.01
CA MET H 729 -18.87 -10.79 85.37
C MET H 729 -18.77 -12.24 85.86
N GLN H 730 -17.86 -13.03 85.31
CA GLN H 730 -17.60 -14.44 85.69
C GLN H 730 -16.63 -14.51 86.86
N THR H 731 -16.80 -15.51 87.72
CA THR H 731 -15.78 -16.04 88.68
C THR H 731 -15.37 -17.47 88.26
NA NA I . 16.09 -13.87 -86.14
C1 GOL J . 11.45 24.69 14.20
O1 GOL J . 10.54 24.89 15.28
C2 GOL J . 11.82 23.23 14.03
O2 GOL J . 12.66 23.07 12.89
C3 GOL J . 12.54 22.65 15.23
O3 GOL J . 11.84 21.52 15.77
NA NA K . 19.25 24.31 9.13
NA NA L . 8.27 16.80 25.13
C1 GOL M . -13.55 -21.80 -15.48
O1 GOL M . -13.62 -20.53 -16.14
C2 GOL M . -13.38 -22.95 -16.44
O2 GOL M . -12.46 -22.62 -17.48
C3 GOL M . -12.92 -24.23 -15.77
O3 GOL M . -12.88 -25.32 -16.69
MG MG N . 12.56 -16.96 -14.75
MG MG O . -6.63 -32.52 -25.03
C1 GOL P . -28.39 -26.93 37.65
O1 GOL P . -27.22 -26.15 37.90
C2 GOL P . -29.21 -27.15 38.92
O2 GOL P . -29.88 -25.97 39.35
C3 GOL P . -30.23 -28.26 38.79
O3 GOL P . -30.95 -28.42 40.00
NA NA Q . 1.22 -31.81 45.40
NA NA R . -11.70 -45.49 21.56
N THR S . 21.89 -4.76 -15.46
CA THR S . 22.95 -3.72 -15.32
C THR S . 24.22 -4.38 -14.78
O THR S . 25.18 -4.56 -15.53
CB THR S . 22.45 -2.54 -14.47
OG1 THR S . 23.34 -1.44 -14.71
CG2 THR S . 22.36 -2.85 -13.00
C1 GOL T . 33.72 25.44 -36.87
O1 GOL T . 33.98 24.04 -36.76
C2 GOL T . 34.98 26.27 -37.09
O2 GOL T . 35.76 26.24 -35.89
C3 GOL T . 35.79 25.83 -38.29
O3 GOL T . 37.20 25.87 -38.05
C1 EDO U . 60.66 26.81 -32.83
O1 EDO U . 59.86 25.68 -32.57
C2 EDO U . 61.14 26.86 -34.24
O2 EDO U . 61.39 28.16 -34.75
NA NA V . 57.34 32.91 -17.34
NA NA W . 62.44 10.45 -36.67
NA NA X . 26.35 27.95 -47.51
N THR Y . 21.90 87.76 48.94
CA THR Y . 20.60 87.40 49.58
C THR Y . 19.46 88.25 48.97
O THR Y . 19.57 88.76 47.84
CB THR Y . 20.67 87.54 51.11
OG1 THR Y . 21.12 88.87 51.42
CG2 THR Y . 21.58 86.53 51.76
C TRS Z . 7.03 52.66 51.64
C1 TRS Z . 7.51 54.08 51.29
C2 TRS Z . 5.60 52.44 51.18
C3 TRS Z . 7.15 52.42 53.15
N TRS Z . 7.91 51.67 50.93
O1 TRS Z . 8.31 54.10 50.13
O2 TRS Z . 5.42 51.17 50.60
O3 TRS Z . 6.66 53.51 53.90
MG MG AA . 8.89 57.40 38.83
NA NA BA . 13.93 53.15 44.20
NA NA CA . 10.23 69.71 38.12
C1 EDO DA . -10.88 -51.53 -53.61
O1 EDO DA . -10.61 -51.27 -54.96
C2 EDO DA . -11.87 -52.61 -53.48
O2 EDO DA . -11.65 -53.36 -52.32
C TRS EA . -46.40 -46.71 -74.80
C1 TRS EA . -45.87 -47.61 -73.69
C2 TRS EA . -47.57 -47.39 -75.53
C3 TRS EA . -46.84 -45.36 -74.25
N TRS EA . -45.30 -46.48 -75.80
O1 TRS EA . -44.45 -47.60 -73.66
O2 TRS EA . -47.76 -48.74 -75.15
O3 TRS EA . -45.73 -44.48 -74.08
NA NA FA . -4.34 -66.68 -51.05
NA NA GA . 0.89 -63.64 -46.99
NA NA HA . 1.43 -58.58 -42.76
C1 GOL IA . -2.38 13.16 67.66
O1 GOL IA . -1.38 13.76 66.83
C2 GOL IA . -3.78 13.34 67.09
O2 GOL IA . -3.74 14.21 65.96
C3 GOL IA . -4.44 12.05 66.64
O3 GOL IA . -4.34 11.00 67.60
C1 B3P JA . -4.13 31.48 79.42
C2 B3P JA . -5.51 31.26 79.95
C3 B3P JA . -3.90 30.79 78.11
N1 B3P JA . -2.69 31.31 77.48
C4 B3P JA . -2.18 30.65 76.26
C5 B3P JA . -3.16 30.90 75.11
C6 B3P JA . -1.98 29.15 76.54
C7 B3P JA . -0.82 31.30 75.94
N2 B3P JA . -5.88 32.33 80.88
C8 B3P JA . -7.33 32.50 81.20
C9 B3P JA . -7.99 31.12 81.30
C10 B3P JA . -8.05 33.37 80.17
C11 B3P JA . -7.39 33.18 82.56
O1 B3P JA . -8.29 30.58 80.01
O2 B3P JA . -7.24 33.64 79.03
O3 B3P JA . -6.54 34.32 82.59
O4 B3P JA . -3.67 29.68 74.60
O5 B3P JA . -1.36 28.50 75.44
O6 B3P JA . -0.27 30.85 74.72
#